data_4UM3
#
_entry.id   4UM3
#
_cell.length_a   135.490
_cell.length_b   145.418
_cell.length_c   234.906
_cell.angle_alpha   90.00
_cell.angle_beta   101.29
_cell.angle_gamma   90.00
#
_symmetry.space_group_name_H-M   'P 1 21 1'
#
loop_
_entity.id
_entity.type
_entity.pdbx_description
1 polymer 'ACETYLCHOLINE BINDING PROTEIN'
2 polymer 'ACETYLCHOLINE BINDING PROTEIN'
3 polymer 'ACETYLCHOLINE BINDING PROTEIN'
4 non-polymer 1-(6-bromopyridin-3-yl)-1,4-diazepane
5 non-polymer 2-acetamido-2-deoxy-beta-D-glucopyranose
6 non-polymer 'SULFATE ION'
7 water water
#
loop_
_entity_poly.entity_id
_entity_poly.type
_entity_poly.pdbx_seq_one_letter_code
_entity_poly.pdbx_strand_id
1 'polypeptide(L)'
;MRRNIFCLACLWIVQACLSLDRADILYNIRQTSRPDVIPTQRDRPVAVSVSLKFINILEVNEITNEVDVVFWQQTTWSDR
TLAWNSSHSPDQVSVPISSLWVPDLAAYNAISKPEVLTPQLAHVVSDGEVQYTPSIRQRFSCDVSGVDTESGATCRIKIG
SWTHHSREISVDPTTENSDDSEYFSQYSRFEILDVTQKKNSVTYSCCPEAYEDVEVSLNFRKKGRSEIL
;
A,B,C,D,E,F,G,H,I,J,K,L,M,N,O,Q,R,T,U,V,W,X,Y,Z,a,b,c,d,e,f,g,h,i,j,k,l,m,n
2 'polypeptide(L)'
;MRRNIFCLACLWIVQACLSLDRADILYNIRQTSRPDVIPTQRRPVAVSVSLKFINILEVNEITNEVDVVFWQQTTWSDRT
LAWNSSHSPDQVSVPISSLWVPDLAAYNAISKPEVLTPQLAHVVSDGEVQYTPSIRQRFSCDVSGVDTESGATCRIKIGS
WTHHSREISVDPTTENSDDSEYFSQYSRFEILDVTQKKNSVTYSCCPEAYEDVEVSLNFRKKGRSEIL
;
P
3 'polypeptide(L)'
;MRRNIFCLACLWIVQACLSLDRADILYNIRQTSRPDVIPTQRDRPVAVSVSLKFINILEVNEITNEVDVVFWQQTTWSDR
TLAWNSSHSPDQVSVPISSLWVPDLAAYNAISKPEVLTPQLAHVVSDGEVQYTPSIRQRFSCDVSGVDTQSGATCRIKIG
SWTHHSREISVDPTTENSDDSEYFSQYSRFEILDVTQKKNSVTYSCCPEAYEDVEVSLNFRKKGRSEIL
;
S
#
# COMPACT_ATOMS: atom_id res chain seq x y z
N LEU A 20 29.30 -42.72 4.05
CA LEU A 20 28.75 -41.60 4.79
C LEU A 20 27.26 -41.72 4.98
N ASP A 21 26.79 -41.65 6.22
CA ASP A 21 25.37 -41.45 6.49
C ASP A 21 25.12 -40.05 7.05
N ARG A 22 23.85 -39.71 7.30
CA ARG A 22 23.49 -38.39 7.85
C ARG A 22 24.27 -38.03 9.12
N ALA A 23 24.34 -38.97 10.06
CA ALA A 23 25.07 -38.78 11.30
C ALA A 23 26.50 -38.29 11.05
N ASP A 24 27.20 -38.95 10.13
CA ASP A 24 28.58 -38.57 9.82
C ASP A 24 28.65 -37.18 9.20
N ILE A 25 27.77 -36.93 8.23
CA ILE A 25 27.77 -35.67 7.51
C ILE A 25 27.53 -34.51 8.46
N LEU A 26 26.57 -34.70 9.35
CA LEU A 26 26.23 -33.63 10.29
C LEU A 26 27.35 -33.46 11.30
N TYR A 27 27.97 -34.57 11.69
CA TYR A 27 29.13 -34.54 12.58
C TYR A 27 30.28 -33.72 11.96
N ASN A 28 30.62 -34.01 10.70
CA ASN A 28 31.67 -33.25 10.01
C ASN A 28 31.32 -31.76 9.93
N ILE A 29 30.07 -31.44 9.65
CA ILE A 29 29.66 -30.05 9.57
C ILE A 29 29.77 -29.28 10.88
N ARG A 30 29.30 -29.86 11.94
CA ARG A 30 29.37 -29.31 13.25
C ARG A 30 30.78 -29.11 13.72
N GLN A 31 31.66 -30.04 13.38
CA GLN A 31 33.08 -29.92 13.68
C GLN A 31 33.86 -28.95 12.86
N THR A 32 33.56 -28.87 11.58
CA THR A 32 34.46 -28.19 10.65
C THR A 32 33.91 -26.92 10.01
N SER A 33 32.59 -26.77 9.98
CA SER A 33 32.08 -25.54 9.40
C SER A 33 32.48 -24.38 10.31
N ARG A 34 32.67 -23.22 9.71
CA ARG A 34 33.12 -22.05 10.41
C ARG A 34 32.07 -20.96 10.25
N PRO A 35 31.10 -20.93 11.18
CA PRO A 35 29.93 -20.05 11.06
C PRO A 35 30.34 -18.58 10.95
N ASP A 36 31.48 -18.26 11.53
CA ASP A 36 32.02 -16.89 11.56
C ASP A 36 32.70 -16.52 10.25
N VAL A 37 32.86 -17.49 9.36
CA VAL A 37 33.74 -17.30 8.21
C VAL A 37 32.96 -17.36 6.89
N ILE A 38 32.90 -16.22 6.23
CA ILE A 38 32.21 -16.14 4.95
C ILE A 38 32.92 -17.04 3.94
N PRO A 39 32.16 -17.93 3.30
CA PRO A 39 32.73 -18.93 2.37
C PRO A 39 33.06 -18.31 1.02
N THR A 40 33.88 -17.30 1.03
CA THR A 40 34.35 -16.68 -0.20
C THR A 40 35.39 -17.52 -0.84
N GLN A 41 35.28 -17.69 -2.14
CA GLN A 41 36.22 -18.49 -2.86
C GLN A 41 36.84 -17.66 -3.95
N ARG A 42 38.11 -17.32 -3.85
CA ARG A 42 38.78 -16.60 -4.90
C ARG A 42 38.36 -15.15 -5.05
N ARG A 44 36.29 -12.84 -5.46
CA ARG A 44 35.04 -13.41 -5.92
C ARG A 44 33.96 -13.54 -4.89
N PRO A 45 32.89 -12.66 -4.98
CA PRO A 45 31.91 -12.75 -3.89
C PRO A 45 31.03 -13.97 -3.81
N VAL A 46 30.50 -14.24 -2.63
CA VAL A 46 29.45 -15.24 -2.45
C VAL A 46 28.21 -14.73 -3.07
N ALA A 47 27.60 -15.53 -3.91
CA ALA A 47 26.40 -15.14 -4.56
C ALA A 47 25.20 -15.55 -3.78
N VAL A 48 24.46 -14.60 -3.25
CA VAL A 48 23.27 -14.88 -2.45
C VAL A 48 21.97 -14.60 -3.21
N SER A 49 21.11 -15.61 -3.35
CA SER A 49 19.76 -15.46 -3.92
C SER A 49 18.79 -15.10 -2.84
N VAL A 50 17.99 -14.05 -3.08
CA VAL A 50 16.93 -13.68 -2.17
C VAL A 50 15.61 -13.64 -2.90
N SER A 51 14.62 -14.34 -2.35
CA SER A 51 13.30 -14.40 -2.95
C SER A 51 12.24 -14.42 -1.84
N LEU A 52 11.50 -13.31 -1.72
CA LEU A 52 10.42 -13.26 -0.74
C LEU A 52 9.14 -13.92 -1.28
N LYS A 53 8.60 -14.87 -0.52
CA LYS A 53 7.33 -15.51 -0.83
C LYS A 53 6.33 -14.99 0.18
N PHE A 54 5.45 -14.09 -0.25
CA PHE A 54 4.51 -13.48 0.70
C PHE A 54 3.41 -14.45 1.09
N ILE A 55 3.17 -14.50 2.40
CA ILE A 55 2.21 -15.44 3.00
C ILE A 55 0.98 -14.69 3.50
N ASN A 56 1.22 -13.55 4.14
CA ASN A 56 0.15 -12.71 4.67
C ASN A 56 0.49 -11.23 4.80
N ILE A 57 -0.54 -10.40 4.77
CA ILE A 57 -0.41 -8.97 5.11
C ILE A 57 -1.41 -8.73 6.19
N LEU A 58 -0.94 -8.25 7.35
CA LEU A 58 -1.74 -8.35 8.55
C LEU A 58 -2.29 -7.04 9.09
N GLU A 59 -1.46 -5.99 9.05
CA GLU A 59 -1.86 -4.75 9.69
C GLU A 59 -1.32 -3.55 8.94
N VAL A 60 -2.17 -3.01 8.07
CA VAL A 60 -1.81 -1.86 7.26
C VAL A 60 -2.26 -0.59 7.99
N ASN A 61 -1.42 0.44 7.93
CA ASN A 61 -1.77 1.75 8.47
C ASN A 61 -1.36 2.83 7.49
N GLU A 62 -2.34 3.36 6.75
CA GLU A 62 -2.11 4.34 5.69
C GLU A 62 -1.66 5.69 6.27
N ILE A 63 -2.06 5.96 7.51
CA ILE A 63 -1.62 7.17 8.17
C ILE A 63 -0.13 7.12 8.47
N THR A 64 0.27 6.12 9.26
CA THR A 64 1.65 5.99 9.70
C THR A 64 2.60 5.40 8.65
N ASN A 65 2.05 4.86 7.57
CA ASN A 65 2.84 4.25 6.50
C ASN A 65 3.65 3.06 6.98
N GLU A 66 2.96 2.16 7.68
CA GLU A 66 3.57 0.97 8.25
C GLU A 66 2.71 -0.25 7.90
N VAL A 67 3.37 -1.33 7.53
CA VAL A 67 2.70 -2.60 7.24
C VAL A 67 3.31 -3.75 8.01
N ASP A 68 2.49 -4.75 8.29
CA ASP A 68 2.91 -5.92 9.03
C ASP A 68 2.78 -7.09 8.06
N VAL A 69 3.91 -7.71 7.73
CA VAL A 69 3.95 -8.72 6.67
C VAL A 69 4.48 -10.06 7.19
N VAL A 70 3.91 -11.15 6.67
CA VAL A 70 4.46 -12.46 6.87
C VAL A 70 4.98 -12.98 5.55
N PHE A 71 6.22 -13.44 5.53
CA PHE A 71 6.81 -13.90 4.28
C PHE A 71 7.92 -14.94 4.49
N TRP A 72 8.08 -15.81 3.50
CA TRP A 72 9.21 -16.74 3.50
C TRP A 72 10.38 -16.01 2.87
N GLN A 73 11.46 -15.86 3.62
CA GLN A 73 12.67 -15.24 3.09
C GLN A 73 13.62 -16.31 2.55
N GLN A 74 13.34 -16.80 1.34
CA GLN A 74 14.11 -17.87 0.76
C GLN A 74 15.50 -17.37 0.37
N THR A 75 16.52 -17.85 1.08
CA THR A 75 17.88 -17.42 0.88
C THR A 75 18.75 -18.60 0.41
N THR A 76 19.50 -18.40 -0.65
CA THR A 76 20.29 -19.48 -1.23
C THR A 76 21.71 -19.05 -1.57
N TRP A 77 22.67 -19.87 -1.15
CA TRP A 77 24.07 -19.57 -1.47
C TRP A 77 24.91 -20.83 -1.47
N SER A 78 26.19 -20.68 -1.72
CA SER A 78 27.13 -21.79 -1.81
C SER A 78 28.24 -21.75 -0.80
N ASP A 79 28.44 -22.85 -0.10
CA ASP A 79 29.61 -23.13 0.71
C ASP A 79 30.14 -24.51 0.37
N ARG A 80 31.24 -24.55 -0.36
CA ARG A 80 31.91 -25.77 -0.83
C ARG A 80 32.60 -26.52 0.27
N THR A 81 32.84 -25.80 1.32
CA THR A 81 33.36 -26.25 2.54
C THR A 81 32.46 -27.34 3.07
N LEU A 82 31.18 -27.24 2.81
CA LEU A 82 30.24 -28.19 3.30
C LEU A 82 30.08 -29.42 2.44
N ALA A 83 30.60 -29.38 1.23
CA ALA A 83 30.37 -30.41 0.25
C ALA A 83 30.90 -31.77 0.61
N TRP A 84 30.28 -32.80 0.11
CA TRP A 84 30.71 -34.17 0.38
C TRP A 84 30.46 -35.07 -0.84
N ASN A 85 31.14 -36.22 -0.84
CA ASN A 85 30.98 -37.24 -1.87
C ASN A 85 29.66 -37.98 -1.67
N SER A 86 28.68 -37.71 -2.52
CA SER A 86 27.33 -38.25 -2.32
C SER A 86 27.09 -39.57 -3.03
N SER A 87 28.16 -40.28 -3.36
CA SER A 87 28.05 -41.55 -4.10
C SER A 87 27.10 -42.54 -3.41
N HIS A 88 27.38 -42.84 -2.15
CA HIS A 88 26.51 -43.75 -1.42
C HIS A 88 25.98 -43.05 -0.17
N SER A 89 25.64 -41.78 -0.34
CA SER A 89 25.31 -40.90 0.78
C SER A 89 24.02 -40.13 0.44
N PRO A 90 23.39 -39.54 1.46
CA PRO A 90 22.27 -38.61 1.22
C PRO A 90 22.72 -37.43 0.34
N ASP A 91 21.77 -36.85 -0.41
CA ASP A 91 22.06 -35.71 -1.27
C ASP A 91 21.90 -34.42 -0.53
N GLN A 92 21.21 -34.51 0.61
CA GLN A 92 20.78 -33.34 1.35
C GLN A 92 20.62 -33.63 2.84
N VAL A 93 21.01 -32.67 3.68
CA VAL A 93 20.71 -32.72 5.11
C VAL A 93 20.10 -31.41 5.62
N SER A 94 19.45 -31.49 6.78
CA SER A 94 18.99 -30.31 7.47
C SER A 94 19.91 -29.98 8.63
N VAL A 95 20.38 -28.73 8.65
CA VAL A 95 21.38 -28.32 9.61
C VAL A 95 20.88 -27.09 10.35
N PRO A 96 21.03 -27.07 11.67
CA PRO A 96 20.81 -25.84 12.45
C PRO A 96 21.68 -24.68 11.92
N ILE A 97 21.09 -23.53 11.64
CA ILE A 97 21.85 -22.41 11.10
C ILE A 97 22.93 -21.90 12.07
N SER A 98 22.81 -22.23 13.35
CA SER A 98 23.89 -21.90 14.29
C SER A 98 25.20 -22.67 13.99
N SER A 99 25.12 -23.73 13.16
CA SER A 99 26.26 -24.53 12.75
C SER A 99 26.76 -24.16 11.36
N LEU A 100 26.21 -23.12 10.77
CA LEU A 100 26.57 -22.73 9.40
C LEU A 100 26.84 -21.25 9.33
N TRP A 101 27.69 -20.87 8.39
CA TRP A 101 27.75 -19.44 8.08
C TRP A 101 26.47 -19.05 7.34
N VAL A 102 25.93 -17.91 7.72
CA VAL A 102 24.70 -17.43 7.11
C VAL A 102 24.93 -15.97 6.69
N PRO A 103 24.45 -15.60 5.50
CA PRO A 103 24.54 -14.17 5.09
C PRO A 103 23.87 -13.22 6.09
N ASP A 104 24.55 -12.12 6.45
CA ASP A 104 23.94 -11.09 7.33
C ASP A 104 22.91 -10.14 6.67
N LEU A 105 21.91 -10.72 6.01
CA LEU A 105 20.88 -9.92 5.36
C LEU A 105 20.06 -9.13 6.39
N ALA A 106 19.65 -7.94 6.02
CA ALA A 106 18.76 -7.15 6.88
C ALA A 106 17.82 -6.41 5.98
N ALA A 107 16.62 -6.15 6.48
CA ALA A 107 15.65 -5.28 5.80
C ALA A 107 15.88 -3.85 6.28
N TYR A 108 16.35 -3.00 5.36
CA TYR A 108 16.70 -1.63 5.71
C TYR A 108 15.56 -0.81 6.29
N ASN A 109 14.36 -1.06 5.79
CA ASN A 109 13.19 -0.28 6.20
C ASN A 109 12.27 -1.05 7.17
N ALA A 110 12.80 -2.13 7.74
CA ALA A 110 12.13 -2.83 8.84
C ALA A 110 12.16 -1.96 10.10
N ILE A 111 11.08 -2.00 10.87
CA ILE A 111 10.99 -1.17 12.08
C ILE A 111 10.67 -2.03 13.27
N SER A 112 10.65 -3.34 13.04
CA SER A 112 10.65 -4.31 14.14
C SER A 112 11.73 -5.34 13.86
N LYS A 113 12.20 -6.02 14.88
CA LYS A 113 13.14 -7.08 14.57
C LYS A 113 12.41 -8.27 13.95
N PRO A 114 13.10 -9.03 13.08
CA PRO A 114 12.39 -10.12 12.42
C PRO A 114 11.96 -11.21 13.41
N GLU A 115 10.66 -11.51 13.42
CA GLU A 115 10.14 -12.63 14.22
C GLU A 115 10.19 -13.89 13.35
N VAL A 116 11.11 -14.80 13.66
CA VAL A 116 11.21 -16.04 12.91
C VAL A 116 10.21 -17.05 13.46
N LEU A 117 9.33 -17.54 12.60
CA LEU A 117 8.18 -18.30 13.02
C LEU A 117 8.45 -19.79 12.92
N THR A 118 9.50 -20.14 12.20
CA THR A 118 9.74 -21.52 11.86
C THR A 118 11.04 -22.04 12.47
N PRO A 119 11.21 -23.38 12.52
CA PRO A 119 12.45 -23.97 13.03
C PRO A 119 13.65 -23.47 12.23
N GLN A 120 14.73 -23.08 12.92
CA GLN A 120 15.85 -22.47 12.24
C GLN A 120 16.86 -23.46 11.65
N LEU A 121 16.42 -24.15 10.60
CA LEU A 121 17.19 -25.18 9.93
C LEU A 121 17.39 -24.82 8.47
N ALA A 122 18.55 -25.17 7.94
CA ALA A 122 18.86 -24.94 6.54
C ALA A 122 19.09 -26.25 5.82
N HIS A 123 18.92 -26.21 4.50
CA HIS A 123 19.28 -27.32 3.63
CA HIS A 123 19.28 -27.33 3.65
C HIS A 123 20.72 -27.20 3.21
N VAL A 124 21.48 -28.27 3.40
CA VAL A 124 22.78 -28.32 2.78
C VAL A 124 22.75 -29.47 1.79
N VAL A 125 23.03 -29.17 0.53
CA VAL A 125 23.13 -30.19 -0.51
C VAL A 125 24.62 -30.64 -0.68
N SER A 126 24.82 -31.89 -1.08
CA SER A 126 26.16 -32.47 -1.17
C SER A 126 27.15 -31.63 -1.98
N ASP A 127 26.68 -30.92 -2.99
CA ASP A 127 27.54 -30.00 -3.73
C ASP A 127 27.96 -28.74 -2.95
N GLY A 128 27.34 -28.48 -1.81
CA GLY A 128 27.68 -27.30 -1.02
C GLY A 128 26.68 -26.17 -1.14
N GLU A 129 25.59 -26.39 -1.88
CA GLU A 129 24.49 -25.42 -1.99
CA GLU A 129 24.54 -25.39 -1.97
C GLU A 129 23.72 -25.38 -0.68
N VAL A 130 23.57 -24.19 -0.12
CA VAL A 130 22.81 -24.03 1.11
C VAL A 130 21.55 -23.21 0.84
N GLN A 131 20.43 -23.70 1.36
CA GLN A 131 19.20 -22.93 1.30
C GLN A 131 18.61 -22.77 2.70
N TYR A 132 18.21 -21.55 3.04
CA TYR A 132 17.54 -21.27 4.31
C TYR A 132 16.31 -20.44 4.01
N THR A 133 15.15 -20.95 4.44
CA THR A 133 13.87 -20.30 4.13
C THR A 133 12.98 -20.12 5.35
N PRO A 134 13.37 -19.19 6.24
CA PRO A 134 12.53 -18.99 7.43
C PRO A 134 11.25 -18.26 7.05
N SER A 135 10.19 -18.49 7.80
CA SER A 135 8.98 -17.69 7.65
C SER A 135 9.12 -16.58 8.65
N ILE A 136 9.10 -15.36 8.17
CA ILE A 136 9.26 -14.20 9.03
C ILE A 136 8.01 -13.29 9.10
N ARG A 137 7.68 -12.86 10.32
CA ARG A 137 6.72 -11.78 10.49
C ARG A 137 7.51 -10.52 10.88
N GLN A 138 7.28 -9.44 10.15
CA GLN A 138 8.03 -8.19 10.36
C GLN A 138 7.23 -6.93 9.97
N ARG A 139 7.48 -5.82 10.67
CA ARG A 139 6.81 -4.57 10.35
C ARG A 139 7.74 -3.62 9.56
N PHE A 140 7.22 -3.09 8.47
CA PHE A 140 8.00 -2.21 7.59
C PHE A 140 7.45 -0.81 7.46
N SER A 141 8.37 0.13 7.27
CA SER A 141 8.02 1.50 6.93
C SER A 141 8.11 1.62 5.43
N CYS A 142 6.96 1.84 4.79
CA CYS A 142 6.89 1.97 3.34
C CYS A 142 5.67 2.77 2.89
N ASP A 143 5.53 2.90 1.57
CA ASP A 143 4.46 3.67 1.00
C ASP A 143 3.19 2.85 0.94
N VAL A 144 2.24 3.21 1.81
CA VAL A 144 0.98 2.48 1.91
C VAL A 144 -0.17 3.24 1.20
N SER A 145 0.15 4.39 0.64
CA SER A 145 -0.84 5.23 -0.01
C SER A 145 -1.46 4.51 -1.21
N GLY A 146 -2.80 4.51 -1.27
CA GLY A 146 -3.52 3.91 -2.38
C GLY A 146 -3.94 2.48 -2.11
N VAL A 147 -3.69 2.03 -0.87
CA VAL A 147 -3.97 0.63 -0.51
C VAL A 147 -5.46 0.30 -0.70
N ASP A 148 -6.29 1.32 -0.59
CA ASP A 148 -7.72 1.12 -0.65
C ASP A 148 -8.28 1.43 -2.03
N THR A 149 -7.40 1.71 -2.99
CA THR A 149 -7.82 1.96 -4.37
C THR A 149 -7.66 0.72 -5.22
N GLU A 150 -7.95 0.83 -6.52
CA GLU A 150 -7.94 -0.37 -7.35
C GLU A 150 -6.53 -0.69 -7.82
N SER A 151 -5.73 0.36 -8.01
CA SER A 151 -4.34 0.19 -8.43
C SER A 151 -3.46 -0.26 -7.25
N GLY A 152 -3.95 -0.03 -6.05
CA GLY A 152 -3.32 -0.53 -4.84
C GLY A 152 -2.14 0.28 -4.36
N ALA A 153 -1.59 -0.11 -3.22
CA ALA A 153 -0.34 0.47 -2.72
C ALA A 153 0.87 -0.32 -3.25
N THR A 154 2.02 0.35 -3.34
CA THR A 154 3.27 -0.35 -3.66
C THR A 154 4.33 -0.20 -2.56
N CYS A 155 4.43 -1.22 -1.72
CA CYS A 155 5.39 -1.23 -0.64
C CYS A 155 6.74 -1.80 -1.10
N ARG A 156 7.80 -1.01 -0.92
CA ARG A 156 9.12 -1.38 -1.41
C ARG A 156 9.99 -1.87 -0.22
N ILE A 157 10.42 -3.14 -0.27
CA ILE A 157 11.22 -3.70 0.81
C ILE A 157 12.69 -3.92 0.39
N LYS A 158 13.60 -3.26 1.11
CA LYS A 158 15.02 -3.26 0.76
C LYS A 158 15.83 -4.24 1.61
N ILE A 159 16.32 -5.30 0.99
CA ILE A 159 17.11 -6.34 1.69
C ILE A 159 18.49 -6.47 1.11
N GLY A 160 19.50 -6.42 1.98
CA GLY A 160 20.89 -6.60 1.60
C GLY A 160 21.79 -6.99 2.78
N SER A 161 23.04 -7.32 2.48
CA SER A 161 23.98 -7.62 3.54
C SER A 161 24.20 -6.38 4.38
N TRP A 162 24.22 -6.53 5.69
CA TRP A 162 24.49 -5.39 6.57
C TRP A 162 25.97 -4.99 6.57
N THR A 163 26.87 -5.96 6.56
CA THR A 163 28.29 -5.62 6.74
C THR A 163 29.21 -6.09 5.64
N HIS A 164 28.68 -6.81 4.65
CA HIS A 164 29.57 -7.30 3.59
C HIS A 164 29.29 -6.53 2.31
N HIS A 165 30.36 -5.99 1.71
CA HIS A 165 30.22 -5.20 0.48
C HIS A 165 30.17 -6.09 -0.78
N SER A 166 30.06 -5.44 -1.94
CA SER A 166 29.77 -6.14 -3.19
C SER A 166 30.81 -7.17 -3.60
N ARG A 167 32.05 -7.00 -3.18
CA ARG A 167 33.09 -7.99 -3.49
C ARG A 167 33.13 -9.21 -2.52
N GLU A 168 32.41 -9.12 -1.39
CA GLU A 168 32.23 -10.20 -0.45
C GLU A 168 30.87 -10.88 -0.60
N ILE A 169 29.81 -10.08 -0.66
CA ILE A 169 28.46 -10.62 -0.89
C ILE A 169 27.76 -9.90 -2.03
N SER A 170 27.22 -10.67 -2.98
CA SER A 170 26.37 -10.10 -4.01
C SER A 170 24.98 -10.71 -3.88
N VAL A 171 23.96 -9.86 -3.92
CA VAL A 171 22.57 -10.31 -3.83
C VAL A 171 21.88 -10.26 -5.20
N ASP A 172 21.09 -11.28 -5.49
CA ASP A 172 20.34 -11.37 -6.74
C ASP A 172 18.93 -11.93 -6.52
N PRO A 173 17.97 -11.43 -7.30
CA PRO A 173 16.60 -11.97 -7.31
C PRO A 173 16.59 -13.36 -7.93
N THR A 174 15.49 -14.09 -7.76
CA THR A 174 15.38 -15.45 -8.28
C THR A 174 14.59 -15.49 -9.59
N ASP A 180 3.21 -15.01 -7.66
CA ASP A 180 3.46 -14.12 -6.53
C ASP A 180 2.58 -14.46 -5.35
N SER A 181 1.35 -14.77 -5.67
CA SER A 181 0.30 -14.93 -4.71
C SER A 181 0.19 -16.39 -4.34
N GLU A 182 1.19 -17.17 -4.70
CA GLU A 182 1.11 -18.63 -4.67
C GLU A 182 0.88 -19.26 -3.31
N TYR A 183 1.54 -18.74 -2.31
CA TYR A 183 1.40 -19.25 -0.99
C TYR A 183 0.70 -18.25 -0.12
N PHE A 184 0.18 -17.19 -0.74
CA PHE A 184 -0.47 -16.12 -0.01
C PHE A 184 -1.80 -16.55 0.53
N SER A 185 -2.15 -16.10 1.71
CA SER A 185 -3.36 -16.51 2.37
C SER A 185 -4.62 -15.95 1.75
N GLN A 186 -5.56 -16.80 1.44
CA GLN A 186 -6.82 -16.33 0.88
C GLN A 186 -7.67 -15.66 1.97
N TYR A 187 -7.23 -15.78 3.21
CA TYR A 187 -7.97 -15.21 4.33
C TYR A 187 -7.43 -13.87 4.79
N SER A 188 -6.42 -13.37 4.09
CA SER A 188 -6.00 -11.99 4.33
C SER A 188 -7.11 -10.99 3.91
N ARG A 189 -7.20 -9.85 4.61
CA ARG A 189 -8.01 -8.75 4.10
C ARG A 189 -7.32 -8.12 2.91
N PHE A 190 -6.08 -8.56 2.61
CA PHE A 190 -5.36 -8.03 1.46
C PHE A 190 -5.07 -9.06 0.37
N GLU A 191 -4.94 -8.58 -0.87
CA GLU A 191 -4.64 -9.43 -2.00
C GLU A 191 -3.53 -8.78 -2.80
N ILE A 192 -2.71 -9.62 -3.45
CA ILE A 192 -1.50 -9.16 -4.11
C ILE A 192 -1.71 -9.01 -5.60
N LEU A 193 -1.41 -7.83 -6.13
CA LEU A 193 -1.57 -7.55 -7.55
C LEU A 193 -0.32 -7.94 -8.33
N ASP A 194 0.83 -7.52 -7.82
CA ASP A 194 2.10 -7.81 -8.47
C ASP A 194 3.28 -7.78 -7.50
N VAL A 195 4.29 -8.60 -7.79
CA VAL A 195 5.56 -8.50 -7.06
C VAL A 195 6.72 -8.36 -8.04
N THR A 196 7.46 -7.25 -7.95
CA THR A 196 8.62 -7.06 -8.80
C THR A 196 9.87 -6.92 -7.94
N GLN A 197 11.00 -7.38 -8.49
CA GLN A 197 12.26 -7.35 -7.77
C GLN A 197 13.30 -6.55 -8.56
N LYS A 198 14.21 -5.89 -7.86
CA LYS A 198 15.19 -5.04 -8.52
C LYS A 198 16.47 -4.97 -7.67
N LYS A 199 17.59 -5.15 -8.33
CA LYS A 199 18.85 -5.20 -7.63
C LYS A 199 19.50 -3.83 -7.68
N ASN A 200 20.10 -3.42 -6.55
CA ASN A 200 20.81 -2.14 -6.47
C ASN A 200 22.18 -2.30 -5.88
N SER A 201 22.99 -1.27 -6.04
CA SER A 201 24.35 -1.25 -5.49
C SER A 201 24.62 0.15 -4.98
N VAL A 202 24.75 0.29 -3.66
CA VAL A 202 24.70 1.61 -3.03
C VAL A 202 25.96 1.86 -2.24
N THR A 203 26.48 3.08 -2.33
CA THR A 203 27.60 3.49 -1.48
C THR A 203 27.10 4.31 -0.29
N TYR A 204 27.64 4.03 0.88
CA TYR A 204 27.18 4.66 2.12
C TYR A 204 28.30 5.56 2.63
N SER A 205 27.94 6.52 3.46
CA SER A 205 28.89 7.52 3.95
C SER A 205 30.06 6.92 4.73
N CYS A 206 29.74 5.89 5.51
CA CYS A 206 30.69 5.27 6.40
C CYS A 206 31.86 4.62 5.65
N CYS A 207 31.58 4.01 4.49
CA CYS A 207 32.52 3.08 3.87
C CYS A 207 32.71 3.38 2.41
N PRO A 208 33.90 3.10 1.89
CA PRO A 208 34.24 3.42 0.49
C PRO A 208 33.65 2.41 -0.49
N GLU A 209 33.33 1.21 -0.05
CA GLU A 209 32.85 0.16 -0.97
C GLU A 209 31.36 0.23 -1.18
N ALA A 210 30.89 -0.50 -2.19
CA ALA A 210 29.46 -0.54 -2.50
C ALA A 210 28.81 -1.80 -1.93
N TYR A 211 27.62 -1.64 -1.35
CA TYR A 211 26.84 -2.73 -0.80
C TYR A 211 25.62 -2.97 -1.68
N GLU A 212 25.40 -4.23 -2.02
CA GLU A 212 24.27 -4.61 -2.86
C GLU A 212 23.04 -4.85 -2.01
N ASP A 213 21.88 -4.63 -2.63
CA ASP A 213 20.61 -4.92 -2.00
C ASP A 213 19.61 -5.37 -3.07
N VAL A 214 18.53 -5.98 -2.60
CA VAL A 214 17.42 -6.27 -3.49
C VAL A 214 16.21 -5.46 -3.01
N GLU A 215 15.56 -4.76 -3.92
CA GLU A 215 14.31 -4.08 -3.58
C GLU A 215 13.15 -4.86 -4.12
N VAL A 216 12.38 -5.46 -3.22
CA VAL A 216 11.16 -6.17 -3.57
C VAL A 216 9.99 -5.19 -3.48
N SER A 217 9.33 -4.96 -4.62
CA SER A 217 8.15 -4.10 -4.68
C SER A 217 6.85 -4.90 -4.62
N LEU A 218 6.15 -4.74 -3.49
CA LEU A 218 4.92 -5.47 -3.25
C LEU A 218 3.78 -4.55 -3.59
N ASN A 219 3.07 -4.88 -4.67
CA ASN A 219 1.90 -4.12 -5.05
C ASN A 219 0.69 -4.86 -4.56
N PHE A 220 -0.01 -4.27 -3.60
CA PHE A 220 -1.19 -4.93 -3.01
C PHE A 220 -2.32 -3.94 -2.75
N ARG A 221 -3.51 -4.46 -2.47
CA ARG A 221 -4.66 -3.64 -2.15
C ARG A 221 -5.62 -4.37 -1.22
N LYS A 222 -6.42 -3.61 -0.49
CA LYS A 222 -7.40 -4.20 0.41
C LYS A 222 -8.47 -4.86 -0.45
N LYS A 223 -8.81 -6.12 -0.17
CA LYS A 223 -10.04 -6.70 -0.74
C LYS A 223 -11.25 -5.83 -0.36
N GLY A 224 -12.38 -6.04 -1.03
CA GLY A 224 -13.58 -5.33 -0.66
C GLY A 224 -14.34 -6.14 0.37
N ARG A 225 -15.15 -5.45 1.19
CA ARG A 225 -16.19 -6.12 1.97
C ARG A 225 -16.91 -7.07 1.02
N SER A 226 -16.80 -8.37 1.32
CA SER A 226 -17.04 -9.52 0.40
C SER A 226 -15.71 -10.04 -0.21
N LEU B 20 47.99 -14.78 5.56
CA LEU B 20 46.77 -14.73 6.35
C LEU B 20 45.55 -14.61 5.47
N ASP B 21 44.58 -15.50 5.67
CA ASP B 21 43.27 -15.31 5.07
C ASP B 21 42.22 -15.03 6.14
N ARG B 22 40.97 -14.79 5.71
CA ARG B 22 39.91 -14.43 6.64
C ARG B 22 39.80 -15.45 7.77
N ALA B 23 39.73 -16.73 7.39
CA ALA B 23 39.63 -17.80 8.37
C ALA B 23 40.70 -17.67 9.47
N ASP B 24 41.95 -17.42 9.08
CA ASP B 24 43.04 -17.28 10.05
C ASP B 24 42.83 -16.07 10.96
N ILE B 25 42.50 -14.92 10.36
CA ILE B 25 42.29 -13.66 11.10
C ILE B 25 41.17 -13.78 12.12
N LEU B 26 40.07 -14.38 11.69
CA LEU B 26 38.95 -14.64 12.60
C LEU B 26 39.30 -15.61 13.69
N TYR B 27 40.03 -16.68 13.34
CA TYR B 27 40.51 -17.62 14.34
C TYR B 27 41.37 -16.90 15.41
N ASN B 28 42.36 -16.12 14.97
CA ASN B 28 43.19 -15.40 15.94
C ASN B 28 42.36 -14.47 16.81
N ILE B 29 41.43 -13.75 16.23
CA ILE B 29 40.58 -12.82 16.96
C ILE B 29 39.69 -13.46 17.99
N ARG B 30 39.10 -14.57 17.63
CA ARG B 30 38.35 -15.36 18.55
C ARG B 30 39.14 -16.00 19.67
N GLN B 31 40.31 -16.52 19.38
CA GLN B 31 41.18 -17.05 20.41
C GLN B 31 41.81 -16.07 21.33
N THR B 32 42.18 -14.91 20.83
CA THR B 32 43.03 -13.98 21.59
C THR B 32 42.41 -12.66 21.99
N SER B 33 41.29 -12.28 21.38
CA SER B 33 40.66 -11.03 21.80
C SER B 33 40.07 -11.28 23.18
N ARG B 34 40.01 -10.22 23.97
CA ARG B 34 39.55 -10.35 25.35
C ARG B 34 38.35 -9.43 25.54
N PRO B 35 37.14 -9.94 25.26
CA PRO B 35 35.90 -9.15 25.23
C PRO B 35 35.63 -8.43 26.54
N ASP B 36 36.18 -8.97 27.61
CA ASP B 36 36.02 -8.41 28.95
C ASP B 36 37.02 -7.29 29.22
N VAL B 37 37.98 -7.11 28.33
CA VAL B 37 39.12 -6.22 28.60
C VAL B 37 39.13 -4.99 27.72
N ILE B 38 38.98 -3.83 28.35
CA ILE B 38 38.99 -2.57 27.63
C ILE B 38 40.38 -2.31 27.05
N PRO B 39 40.44 -2.10 25.74
CA PRO B 39 41.74 -2.00 25.02
C PRO B 39 42.40 -0.65 25.27
N THR B 40 42.55 -0.30 26.54
CA THR B 40 43.16 0.96 26.92
C THR B 40 44.67 0.89 26.66
N GLN B 41 45.25 2.00 26.20
CA GLN B 41 46.62 2.00 25.71
C GLN B 41 47.57 2.77 26.64
N ASP B 43 48.47 4.93 29.45
CA ASP B 43 47.10 5.02 30.01
C ASP B 43 46.15 6.04 29.33
N ARG B 44 46.07 5.98 28.00
CA ARG B 44 45.08 6.73 27.26
C ARG B 44 43.71 6.13 27.50
N PRO B 45 42.69 6.97 27.56
CA PRO B 45 41.33 6.47 27.37
C PRO B 45 41.11 5.98 25.94
N VAL B 46 40.27 4.97 25.79
CA VAL B 46 39.83 4.58 24.46
C VAL B 46 38.91 5.67 23.90
N ALA B 47 39.28 6.16 22.73
CA ALA B 47 38.48 7.19 22.07
C ALA B 47 37.31 6.54 21.29
N VAL B 48 36.09 6.78 21.73
CA VAL B 48 34.91 6.22 21.08
C VAL B 48 34.12 7.30 20.34
N SER B 49 33.95 7.12 19.04
CA SER B 49 33.08 7.97 18.21
C SER B 49 31.64 7.44 18.26
N VAL B 50 30.70 8.35 18.49
CA VAL B 50 29.29 7.99 18.44
C VAL B 50 28.61 8.92 17.46
N SER B 51 27.86 8.34 16.54
CA SER B 51 27.12 9.10 15.55
C SER B 51 25.77 8.43 15.27
N LEU B 52 24.68 9.07 15.69
CA LEU B 52 23.35 8.54 15.41
C LEU B 52 22.89 8.94 14.00
N LYS B 53 22.49 7.96 13.19
CA LYS B 53 21.91 8.20 11.89
C LYS B 53 20.45 7.83 12.04
N PHE B 54 19.57 8.84 12.05
CA PHE B 54 18.16 8.56 12.26
C PHE B 54 17.49 7.98 11.05
N ILE B 55 16.70 6.93 11.27
CA ILE B 55 16.05 6.19 10.20
C ILE B 55 14.55 6.43 10.22
N ASN B 56 13.99 6.47 11.41
CA ASN B 56 12.56 6.67 11.54
C ASN B 56 12.15 7.19 12.91
N ILE B 57 11.04 7.94 12.92
CA ILE B 57 10.39 8.33 14.16
C ILE B 57 8.96 7.75 14.12
N LEU B 58 8.61 6.93 15.10
CA LEU B 58 7.46 6.05 14.95
C LEU B 58 6.31 6.39 15.83
N GLU B 59 6.60 6.75 17.07
CA GLU B 59 5.52 6.99 18.01
C GLU B 59 5.81 8.16 18.90
N VAL B 60 5.25 9.30 18.56
CA VAL B 60 5.41 10.49 19.38
C VAL B 60 4.21 10.60 20.32
N ASN B 61 4.46 10.98 21.56
CA ASN B 61 3.39 11.27 22.52
C ASN B 61 3.69 12.58 23.27
N GLU B 62 2.98 13.66 22.89
CA GLU B 62 3.28 15.01 23.42
C GLU B 62 2.81 15.15 24.86
N ILE B 63 1.82 14.34 25.23
CA ILE B 63 1.38 14.29 26.63
C ILE B 63 2.45 13.65 27.55
N THR B 64 2.81 12.41 27.26
CA THR B 64 3.75 11.67 28.11
C THR B 64 5.22 12.02 27.88
N ASN B 65 5.50 12.80 26.84
CA ASN B 65 6.87 13.18 26.51
C ASN B 65 7.74 11.96 26.22
N GLU B 66 7.26 11.11 25.31
CA GLU B 66 7.97 9.91 24.95
C GLU B 66 7.97 9.75 23.44
N VAL B 67 9.12 9.38 22.89
CA VAL B 67 9.24 9.10 21.46
C VAL B 67 9.87 7.71 21.18
N ASP B 68 9.49 7.14 20.04
CA ASP B 68 9.96 5.84 19.62
C ASP B 68 10.76 6.11 18.37
N VAL B 69 12.05 5.81 18.42
CA VAL B 69 12.98 6.16 17.36
C VAL B 69 13.70 4.94 16.83
N VAL B 70 13.94 4.93 15.51
CA VAL B 70 14.82 3.97 14.87
C VAL B 70 16.08 4.68 14.31
N PHE B 71 17.24 4.22 14.72
CA PHE B 71 18.46 4.91 14.34
C PHE B 71 19.64 3.93 14.31
N TRP B 72 20.61 4.22 13.45
CA TRP B 72 21.87 3.49 13.41
C TRP B 72 22.78 4.10 14.43
N GLN B 73 23.25 3.29 15.38
CA GLN B 73 24.17 3.79 16.40
C GLN B 73 25.60 3.49 15.95
N GLN B 74 26.10 4.28 15.02
CA GLN B 74 27.46 4.06 14.50
C GLN B 74 28.48 4.35 15.59
N THR B 75 29.17 3.28 16.01
CA THR B 75 30.16 3.35 17.07
C THR B 75 31.55 2.93 16.57
N THR B 76 32.55 3.78 16.81
CA THR B 76 33.88 3.54 16.27
C THR B 76 34.98 3.72 17.33
N TRP B 77 35.87 2.74 17.41
CA TRP B 77 36.96 2.82 18.37
C TRP B 77 38.14 2.03 17.86
N SER B 78 39.17 1.97 18.67
CA SER B 78 40.43 1.36 18.25
C SER B 78 40.87 0.30 19.26
N ASP B 79 41.19 -0.89 18.75
CA ASP B 79 41.75 -1.96 19.57
C ASP B 79 42.96 -2.57 18.85
N ARG B 80 44.16 -2.08 19.19
CA ARG B 80 45.40 -2.53 18.53
C ARG B 80 45.64 -4.03 18.65
N THR B 81 45.14 -4.65 19.73
CA THR B 81 45.36 -6.07 19.96
C THR B 81 44.68 -6.94 18.90
N LEU B 82 43.90 -6.30 18.02
CA LEU B 82 43.24 -7.02 16.94
C LEU B 82 43.96 -6.80 15.60
N ALA B 83 44.91 -5.88 15.59
CA ALA B 83 45.63 -5.55 14.37
C ALA B 83 46.42 -6.74 13.78
N TRP B 84 46.62 -6.69 12.47
CA TRP B 84 47.37 -7.73 11.76
C TRP B 84 48.08 -7.13 10.55
N ASN B 85 49.09 -7.86 10.05
CA ASN B 85 49.85 -7.46 8.88
C ASN B 85 49.03 -7.72 7.61
N SER B 86 48.53 -6.65 6.99
CA SER B 86 47.60 -6.78 5.86
C SER B 86 48.30 -6.80 4.50
N SER B 87 49.58 -7.12 4.48
CA SER B 87 50.37 -7.12 3.24
C SER B 87 49.72 -7.98 2.14
N HIS B 88 49.44 -9.23 2.46
CA HIS B 88 48.80 -10.14 1.51
C HIS B 88 47.56 -10.72 2.15
N SER B 89 46.83 -9.87 2.87
CA SER B 89 45.67 -10.28 3.65
C SER B 89 44.51 -9.31 3.38
N PRO B 90 43.29 -9.69 3.80
CA PRO B 90 42.17 -8.75 3.75
C PRO B 90 42.44 -7.54 4.62
N ASP B 91 41.84 -6.41 4.28
CA ASP B 91 41.99 -5.17 5.06
C ASP B 91 40.99 -5.13 6.19
N GLN B 92 39.97 -5.97 6.09
CA GLN B 92 38.81 -5.83 6.94
C GLN B 92 38.10 -7.14 7.07
N VAL B 93 37.54 -7.40 8.26
CA VAL B 93 36.69 -8.58 8.47
C VAL B 93 35.46 -8.18 9.26
N SER B 94 34.47 -9.05 9.24
CA SER B 94 33.26 -8.91 10.03
C SER B 94 33.30 -9.92 11.17
N VAL B 95 33.14 -9.41 12.38
CA VAL B 95 33.32 -10.23 13.57
C VAL B 95 32.09 -10.10 14.43
N PRO B 96 31.62 -11.23 14.99
CA PRO B 96 30.58 -11.19 16.02
C PRO B 96 31.02 -10.33 17.21
N ILE B 97 30.16 -9.42 17.66
CA ILE B 97 30.54 -8.57 18.79
C ILE B 97 30.77 -9.35 20.08
N SER B 98 30.23 -10.56 20.15
CA SER B 98 30.49 -11.40 21.32
C SER B 98 31.97 -11.83 21.41
N SER B 99 32.69 -11.71 20.29
CA SER B 99 34.11 -12.02 20.24
C SER B 99 34.98 -10.76 20.36
N LEU B 100 34.38 -9.62 20.66
CA LEU B 100 35.14 -8.37 20.73
C LEU B 100 34.79 -7.63 22.00
N TRP B 101 35.71 -6.81 22.49
CA TRP B 101 35.34 -5.87 23.51
C TRP B 101 34.57 -4.77 22.85
N VAL B 102 33.49 -4.37 23.49
CA VAL B 102 32.61 -3.34 22.97
C VAL B 102 32.38 -2.31 24.06
N PRO B 103 32.44 -1.02 23.71
CA PRO B 103 32.12 0.02 24.70
C PRO B 103 30.70 -0.16 25.31
N ASP B 104 30.60 0.04 26.64
CA ASP B 104 29.32 -0.12 27.35
C ASP B 104 28.42 1.12 27.27
N LEU B 105 28.14 1.57 26.05
CA LEU B 105 27.34 2.74 25.87
C LEU B 105 25.88 2.50 26.33
N ALA B 106 25.28 3.50 26.96
CA ALA B 106 23.86 3.46 27.24
C ALA B 106 23.20 4.82 27.00
N ALA B 107 21.92 4.78 26.62
CA ALA B 107 21.12 5.99 26.49
C ALA B 107 20.51 6.27 27.85
N TYR B 108 20.97 7.35 28.50
CA TYR B 108 20.50 7.72 29.85
C TYR B 108 19.01 7.94 29.97
N ASN B 109 18.39 8.50 28.93
CA ASN B 109 16.97 8.79 28.96
C ASN B 109 16.12 7.78 28.18
N ALA B 110 16.72 6.63 27.88
CA ALA B 110 15.97 5.52 27.28
C ALA B 110 15.04 4.92 28.33
N ILE B 111 13.86 4.49 27.91
CA ILE B 111 12.89 3.93 28.85
C ILE B 111 12.46 2.55 28.38
N SER B 112 13.12 2.06 27.35
CA SER B 112 12.99 0.69 26.93
C SER B 112 14.41 0.21 26.65
N LYS B 113 14.69 -1.07 26.85
CA LYS B 113 16.01 -1.58 26.45
C LYS B 113 16.11 -1.61 24.92
N PRO B 114 17.32 -1.37 24.39
CA PRO B 114 17.51 -1.24 22.94
C PRO B 114 17.16 -2.53 22.19
N GLU B 115 16.29 -2.41 21.21
CA GLU B 115 15.96 -3.52 20.33
C GLU B 115 16.93 -3.42 19.15
N VAL B 116 17.85 -4.37 19.08
CA VAL B 116 18.79 -4.40 17.96
C VAL B 116 18.16 -5.16 16.80
N LEU B 117 18.00 -4.47 15.68
CA LEU B 117 17.22 -4.97 14.55
C LEU B 117 18.11 -5.71 13.56
N THR B 118 19.41 -5.51 13.67
CA THR B 118 20.33 -6.00 12.65
C THR B 118 21.28 -7.08 13.20
N PRO B 119 21.92 -7.85 12.30
CA PRO B 119 22.95 -8.83 12.71
C PRO B 119 24.03 -8.16 13.55
N GLN B 120 24.37 -8.76 14.69
CA GLN B 120 25.32 -8.13 15.60
C GLN B 120 26.79 -8.40 15.23
N LEU B 121 27.22 -7.79 14.13
CA LEU B 121 28.56 -7.94 13.59
C LEU B 121 29.26 -6.59 13.52
N ALA B 122 30.57 -6.60 13.74
CA ALA B 122 31.37 -5.38 13.67
C ALA B 122 32.43 -5.49 12.55
N HIS B 123 32.90 -4.34 12.06
CA HIS B 123 34.02 -4.29 11.15
C HIS B 123 35.31 -4.19 11.99
N VAL B 124 36.26 -5.10 11.74
CA VAL B 124 37.62 -4.92 12.27
C VAL B 124 38.54 -4.68 11.10
N VAL B 125 39.22 -3.53 11.12
CA VAL B 125 40.17 -3.19 10.05
C VAL B 125 41.56 -3.63 10.51
N SER B 126 42.44 -3.95 9.57
CA SER B 126 43.77 -4.49 9.89
C SER B 126 44.59 -3.63 10.86
N ASP B 127 44.34 -2.31 10.87
CA ASP B 127 45.02 -1.42 11.80
C ASP B 127 44.47 -1.50 13.23
N GLY B 128 43.38 -2.25 13.44
CA GLY B 128 42.77 -2.33 14.75
C GLY B 128 41.57 -1.40 14.96
N GLU B 129 41.22 -0.63 13.93
CA GLU B 129 39.99 0.17 14.00
C GLU B 129 38.76 -0.74 13.97
N VAL B 130 37.86 -0.51 14.93
CA VAL B 130 36.62 -1.27 15.04
C VAL B 130 35.42 -0.35 14.85
N GLN B 131 34.50 -0.76 13.99
CA GLN B 131 33.25 -0.07 13.82
C GLN B 131 32.08 -1.03 14.03
N TYR B 132 31.11 -0.60 14.83
CA TYR B 132 29.90 -1.36 15.04
C TYR B 132 28.70 -0.41 14.86
N THR B 133 27.81 -0.76 13.93
CA THR B 133 26.68 0.12 13.58
C THR B 133 25.36 -0.64 13.57
N PRO B 134 24.88 -1.03 14.77
CA PRO B 134 23.57 -1.67 14.81
C PRO B 134 22.41 -0.65 14.51
N SER B 135 21.36 -1.14 13.86
CA SER B 135 20.14 -0.37 13.76
C SER B 135 19.33 -0.67 15.01
N ILE B 136 18.96 0.38 15.75
CA ILE B 136 18.26 0.21 17.01
C ILE B 136 16.88 0.89 17.02
N ARG B 137 15.90 0.17 17.55
CA ARG B 137 14.62 0.80 17.87
C ARG B 137 14.57 0.96 19.37
N GLN B 138 14.29 2.16 19.84
CA GLN B 138 14.28 2.45 21.27
C GLN B 138 13.34 3.59 21.66
N ARG B 139 12.83 3.51 22.89
CA ARG B 139 11.85 4.47 23.36
C ARG B 139 12.52 5.43 24.32
N PHE B 140 12.40 6.75 24.08
CA PHE B 140 13.06 7.76 24.93
C PHE B 140 12.08 8.70 25.65
N SER B 141 12.56 9.23 26.77
CA SER B 141 11.85 10.24 27.51
C SER B 141 12.58 11.54 27.18
N CYS B 142 11.88 12.42 26.47
CA CYS B 142 12.46 13.71 26.09
C CYS B 142 11.39 14.76 25.81
N ASP B 143 11.82 15.98 25.51
CA ASP B 143 10.91 17.10 25.30
C ASP B 143 10.27 17.02 23.92
N VAL B 144 8.97 16.70 23.89
CA VAL B 144 8.24 16.51 22.65
C VAL B 144 7.34 17.73 22.36
N SER B 145 7.41 18.72 23.24
CA SER B 145 6.63 19.95 23.07
C SER B 145 7.00 20.71 21.79
N GLY B 146 5.97 21.02 21.00
CA GLY B 146 6.15 21.81 19.78
C GLY B 146 6.31 20.94 18.54
N VAL B 147 6.10 19.65 18.71
CA VAL B 147 6.30 18.70 17.62
C VAL B 147 5.37 19.02 16.47
N ASP B 148 4.23 19.62 16.80
CA ASP B 148 3.22 19.93 15.79
C ASP B 148 3.26 21.36 15.26
N THR B 149 4.28 22.11 15.67
CA THR B 149 4.53 23.46 15.19
C THR B 149 5.56 23.44 14.05
N GLU B 150 5.89 24.60 13.50
CA GLU B 150 6.85 24.68 12.41
C GLU B 150 8.31 24.60 12.90
N SER B 151 8.56 25.14 14.09
CA SER B 151 9.89 25.14 14.63
C SER B 151 10.22 23.75 15.19
N GLY B 152 9.18 22.97 15.44
CA GLY B 152 9.34 21.56 15.80
C GLY B 152 9.67 21.30 17.26
N ALA B 153 9.75 20.02 17.62
CA ALA B 153 10.23 19.63 18.95
C ALA B 153 11.72 19.40 18.87
N THR B 154 12.40 19.52 20.02
CA THR B 154 13.82 19.16 20.10
C THR B 154 14.03 18.12 21.19
N CYS B 155 14.13 16.87 20.75
CA CYS B 155 14.41 15.75 21.64
C CYS B 155 15.92 15.55 21.82
N ARG B 156 16.36 15.59 23.08
CA ARG B 156 17.77 15.44 23.43
C ARG B 156 18.11 14.01 23.92
N ILE B 157 18.99 13.32 23.20
CA ILE B 157 19.37 11.93 23.55
C ILE B 157 20.78 11.83 24.14
N LYS B 158 20.88 11.35 25.37
CA LYS B 158 22.17 11.34 26.11
C LYS B 158 22.81 9.96 26.11
N ILE B 159 23.92 9.83 25.40
CA ILE B 159 24.61 8.53 25.28
C ILE B 159 26.04 8.61 25.80
N GLY B 160 26.37 7.70 26.72
CA GLY B 160 27.72 7.63 27.26
C GLY B 160 28.04 6.25 27.83
N SER B 161 29.31 6.06 28.24
CA SER B 161 29.71 4.83 28.89
C SER B 161 29.01 4.72 30.24
N TRP B 162 28.40 3.57 30.49
CA TRP B 162 27.73 3.38 31.77
C TRP B 162 28.73 3.22 32.93
N THR B 163 29.82 2.49 32.72
CA THR B 163 30.72 2.18 33.84
C THR B 163 32.15 2.66 33.67
N HIS B 164 32.52 3.18 32.51
CA HIS B 164 33.87 3.66 32.34
C HIS B 164 33.92 5.16 32.39
N HIS B 165 34.81 5.71 33.23
CA HIS B 165 34.95 7.16 33.34
C HIS B 165 35.87 7.75 32.25
N SER B 166 36.13 9.07 32.33
CA SER B 166 36.78 9.81 31.26
C SER B 166 38.20 9.35 30.95
N ARG B 167 38.86 8.71 31.90
CA ARG B 167 40.24 8.29 31.64
C ARG B 167 40.37 6.84 31.17
N GLU B 168 39.23 6.16 31.10
CA GLU B 168 39.11 4.88 30.42
C GLU B 168 38.34 5.01 29.08
N ILE B 169 37.21 5.70 29.07
CA ILE B 169 36.49 5.93 27.83
C ILE B 169 36.14 7.41 27.60
N SER B 170 36.55 7.95 26.45
CA SER B 170 36.08 9.26 26.04
C SER B 170 35.16 9.14 24.81
N VAL B 171 34.02 9.82 24.84
CA VAL B 171 33.09 9.82 23.70
C VAL B 171 33.19 11.13 22.93
N ASP B 172 33.08 11.04 21.62
CA ASP B 172 33.14 12.22 20.76
C ASP B 172 32.18 12.07 19.61
N PRO B 173 31.59 13.18 19.17
CA PRO B 173 30.76 13.20 17.96
C PRO B 173 31.60 13.00 16.69
N THR B 174 30.96 12.74 15.56
CA THR B 174 31.69 12.53 14.30
C THR B 174 31.69 13.78 13.42
N SER B 181 19.02 13.95 7.61
CA SER B 181 17.90 13.20 7.00
C SER B 181 18.42 12.25 5.93
N GLU B 182 19.71 11.98 5.97
CA GLU B 182 20.31 11.25 4.87
C GLU B 182 19.67 9.85 4.65
N TYR B 183 19.45 9.11 5.74
CA TYR B 183 18.80 7.81 5.65
C TYR B 183 17.40 7.84 6.26
N PHE B 184 16.92 9.03 6.59
CA PHE B 184 15.61 9.14 7.21
C PHE B 184 14.47 8.73 6.27
N SER B 185 13.54 7.94 6.77
CA SER B 185 12.45 7.43 5.95
C SER B 185 11.53 8.56 5.44
N GLN B 186 11.35 8.63 4.14
CA GLN B 186 10.38 9.57 3.58
C GLN B 186 8.94 9.20 3.96
N TYR B 187 8.73 8.01 4.53
CA TYR B 187 7.38 7.56 4.82
C TYR B 187 7.02 7.78 6.28
N SER B 188 7.93 8.40 7.02
CA SER B 188 7.60 8.77 8.38
C SER B 188 6.55 9.89 8.35
N ARG B 189 5.70 9.98 9.37
CA ARG B 189 4.77 11.11 9.42
C ARG B 189 5.58 12.33 9.82
N PHE B 190 6.81 12.10 10.26
CA PHE B 190 7.64 13.19 10.79
C PHE B 190 8.77 13.53 9.81
N GLU B 191 9.44 14.65 10.06
CA GLU B 191 10.55 15.13 9.22
C GLU B 191 11.61 15.77 10.10
N ILE B 192 12.88 15.65 9.71
CA ILE B 192 13.95 16.15 10.54
C ILE B 192 14.40 17.52 10.05
N LEU B 193 14.42 18.49 10.96
CA LEU B 193 14.83 19.83 10.63
C LEU B 193 16.33 19.95 10.84
N ASP B 194 16.82 19.50 11.99
CA ASP B 194 18.23 19.61 12.30
C ASP B 194 18.69 18.57 13.33
N VAL B 195 19.94 18.14 13.23
CA VAL B 195 20.56 17.31 14.26
C VAL B 195 21.86 17.94 14.71
N THR B 196 21.96 18.21 16.01
CA THR B 196 23.20 18.78 16.57
C THR B 196 23.70 17.88 17.66
N GLN B 197 25.01 17.81 17.80
CA GLN B 197 25.64 16.93 18.78
C GLN B 197 26.48 17.76 19.74
N LYS B 198 26.51 17.34 20.98
CA LYS B 198 27.25 18.06 22.00
C LYS B 198 27.88 17.09 23.04
N LYS B 199 29.17 17.29 23.29
CA LYS B 199 29.88 16.46 24.25
C LYS B 199 29.86 17.05 25.66
N ASN B 200 29.58 16.21 26.65
CA ASN B 200 29.61 16.63 28.05
C ASN B 200 30.48 15.75 28.91
N SER B 201 30.81 16.25 30.09
CA SER B 201 31.57 15.49 31.09
C SER B 201 30.94 15.73 32.45
N VAL B 202 30.34 14.68 33.02
CA VAL B 202 29.52 14.83 34.21
C VAL B 202 30.07 14.03 35.37
N THR B 203 29.97 14.59 36.57
CA THR B 203 30.30 13.86 37.79
C THR B 203 29.02 13.42 38.50
N TYR B 204 28.96 12.14 38.85
CA TYR B 204 27.81 11.57 39.52
C TYR B 204 28.11 11.32 41.01
N SER B 205 27.06 11.23 41.81
CA SER B 205 27.19 11.14 43.26
C SER B 205 27.98 9.92 43.69
N CYS B 206 27.80 8.83 42.95
CA CYS B 206 28.34 7.53 43.33
C CYS B 206 29.87 7.54 43.32
N CYS B 207 30.43 8.27 42.36
CA CYS B 207 31.82 8.08 41.98
C CYS B 207 32.54 9.43 41.87
N PRO B 208 33.85 9.43 42.16
CA PRO B 208 34.65 10.66 42.18
C PRO B 208 35.11 11.11 40.79
N GLU B 209 35.11 10.20 39.81
CA GLU B 209 35.55 10.56 38.45
C GLU B 209 34.42 11.14 37.57
N ALA B 210 34.81 11.72 36.45
CA ALA B 210 33.86 12.23 35.49
C ALA B 210 33.60 11.25 34.35
N TYR B 211 32.34 11.16 33.96
CA TYR B 211 31.94 10.28 32.87
C TYR B 211 31.51 11.14 31.69
N GLU B 212 32.00 10.81 30.50
CA GLU B 212 31.66 11.59 29.33
C GLU B 212 30.39 11.05 28.68
N ASP B 213 29.68 11.93 28.00
CA ASP B 213 28.52 11.53 27.23
C ASP B 213 28.42 12.37 25.98
N VAL B 214 27.62 11.92 25.02
CA VAL B 214 27.27 12.75 23.88
C VAL B 214 25.77 13.06 23.94
N GLU B 215 25.40 14.32 23.82
CA GLU B 215 23.99 14.68 23.70
C GLU B 215 23.65 15.01 22.26
N VAL B 216 22.81 14.19 21.67
CA VAL B 216 22.40 14.39 20.30
C VAL B 216 21.04 15.05 20.39
N SER B 217 20.92 16.24 19.81
CA SER B 217 19.65 16.95 19.81
C SER B 217 18.95 16.75 18.47
N LEU B 218 17.80 16.10 18.53
CA LEU B 218 17.03 15.82 17.34
C LEU B 218 15.89 16.82 17.23
N ASN B 219 16.02 17.73 16.26
CA ASN B 219 14.96 18.70 16.02
C ASN B 219 14.07 18.19 14.89
N PHE B 220 12.84 17.85 15.22
CA PHE B 220 11.92 17.27 14.26
C PHE B 220 10.50 17.80 14.46
N ARG B 221 9.65 17.60 13.45
CA ARG B 221 8.26 18.01 13.51
C ARG B 221 7.35 17.11 12.67
N LYS B 222 6.08 17.09 13.06
CA LYS B 222 5.03 16.42 12.29
C LYS B 222 4.91 17.08 10.91
N LYS B 223 4.70 16.26 9.88
CA LYS B 223 4.46 16.81 8.54
C LYS B 223 3.00 17.22 8.41
N GLY B 224 2.73 18.16 7.50
CA GLY B 224 1.37 18.56 7.19
C GLY B 224 0.61 17.52 6.38
N LEU C 20 50.58 -6.09 37.70
CA LEU C 20 49.25 -6.41 37.29
C LEU C 20 48.67 -5.31 36.42
N ASP C 21 48.14 -5.69 35.26
CA ASP C 21 47.31 -4.78 34.47
C ASP C 21 45.85 -5.24 34.45
N ARG C 22 44.97 -4.49 33.78
CA ARG C 22 43.54 -4.85 33.72
C ARG C 22 43.34 -6.28 33.23
N ALA C 23 44.02 -6.62 32.14
CA ALA C 23 43.90 -7.94 31.54
C ALA C 23 44.15 -9.03 32.58
N ASP C 24 45.20 -8.85 33.37
CA ASP C 24 45.52 -9.87 34.36
C ASP C 24 44.46 -9.96 35.45
N ILE C 25 44.05 -8.79 35.96
CA ILE C 25 43.04 -8.69 37.01
C ILE C 25 41.71 -9.34 36.59
N LEU C 26 41.26 -9.00 35.39
CA LEU C 26 40.03 -9.58 34.87
C LEU C 26 40.17 -11.10 34.65
N TYR C 27 41.33 -11.52 34.17
CA TYR C 27 41.62 -12.94 34.03
C TYR C 27 41.50 -13.68 35.36
N ASN C 28 42.06 -13.16 36.43
CA ASN C 28 41.92 -13.75 37.72
C ASN C 28 40.55 -13.81 38.33
N ILE C 29 39.77 -12.76 38.12
CA ILE C 29 38.39 -12.71 38.54
C ILE C 29 37.54 -13.73 37.81
N ARG C 30 37.72 -13.83 36.52
CA ARG C 30 37.02 -14.81 35.76
C ARG C 30 37.40 -16.21 36.16
N GLN C 31 38.67 -16.48 36.34
CA GLN C 31 39.11 -17.79 36.75
C GLN C 31 38.76 -18.22 38.12
N THR C 32 38.79 -17.31 39.05
CA THR C 32 38.70 -17.67 40.46
C THR C 32 37.50 -17.16 41.23
N SER C 33 36.78 -16.18 40.71
CA SER C 33 35.57 -15.77 41.42
C SER C 33 34.54 -16.88 41.32
N ARG C 34 33.71 -16.98 42.34
CA ARG C 34 32.76 -18.06 42.42
C ARG C 34 31.39 -17.41 42.52
N PRO C 35 30.76 -17.18 41.35
CA PRO C 35 29.50 -16.42 41.26
C PRO C 35 28.36 -17.08 42.06
N ASP C 36 28.47 -18.39 42.23
CA ASP C 36 27.51 -19.16 43.01
C ASP C 36 27.71 -19.03 44.53
N VAL C 37 28.84 -18.44 44.92
CA VAL C 37 29.27 -18.47 46.31
C VAL C 37 29.19 -17.11 47.00
N ILE C 38 28.28 -16.99 47.96
CA ILE C 38 28.18 -15.76 48.72
C ILE C 38 29.49 -15.53 49.52
N PRO C 39 30.10 -14.35 49.33
CA PRO C 39 31.39 -13.99 49.94
C PRO C 39 31.21 -13.64 51.42
N THR C 40 30.60 -14.55 52.16
CA THR C 40 30.42 -14.36 53.59
C THR C 40 31.77 -14.48 54.30
N GLN C 41 31.94 -13.66 55.33
CA GLN C 41 33.22 -13.50 56.00
C GLN C 41 33.13 -13.71 57.54
N ARG C 42 33.95 -14.61 58.07
CA ARG C 42 33.96 -14.94 59.51
C ARG C 42 32.56 -15.11 60.12
N ASP C 43 31.70 -15.88 59.46
CA ASP C 43 30.33 -16.12 59.93
C ASP C 43 29.53 -14.82 60.15
N ARG C 44 30.00 -13.74 59.52
CA ARG C 44 29.25 -12.49 59.48
C ARG C 44 28.62 -12.24 58.12
N PRO C 45 27.40 -11.72 58.13
CA PRO C 45 26.65 -11.45 56.90
C PRO C 45 27.37 -10.48 55.99
N VAL C 46 27.15 -10.64 54.69
CA VAL C 46 27.60 -9.69 53.71
C VAL C 46 26.71 -8.44 53.87
N ALA C 47 27.34 -7.30 54.09
CA ALA C 47 26.61 -6.05 54.21
C ALA C 47 26.33 -5.43 52.83
N VAL C 48 25.07 -5.44 52.43
CA VAL C 48 24.67 -4.89 51.14
C VAL C 48 23.97 -3.52 51.27
N SER C 49 24.57 -2.48 50.70
CA SER C 49 23.94 -1.16 50.55
C SER C 49 22.99 -1.12 49.37
N VAL C 50 21.78 -0.63 49.60
CA VAL C 50 20.81 -0.42 48.53
C VAL C 50 20.34 1.01 48.53
N SER C 51 20.44 1.66 47.37
CA SER C 51 20.05 3.06 47.22
C SER C 51 19.41 3.26 45.87
N LEU C 52 18.11 3.54 45.86
CA LEU C 52 17.40 3.78 44.60
C LEU C 52 17.53 5.26 44.19
N LYS C 53 17.98 5.48 42.96
CA LYS C 53 18.06 6.82 42.41
C LYS C 53 16.99 6.89 41.34
N PHE C 54 15.91 7.59 41.64
CA PHE C 54 14.78 7.64 40.72
C PHE C 54 15.09 8.52 39.53
N ILE C 55 14.82 7.99 38.34
CA ILE C 55 15.08 8.66 37.07
C ILE C 55 13.78 9.12 36.40
N ASN C 56 12.75 8.28 36.43
CA ASN C 56 11.45 8.64 35.87
C ASN C 56 10.27 7.89 36.46
N ILE C 57 9.11 8.53 36.44
CA ILE C 57 7.85 7.85 36.75
C ILE C 57 6.99 7.96 35.51
N LEU C 58 6.52 6.83 34.99
CA LEU C 58 6.06 6.80 33.61
C LEU C 58 4.56 6.61 33.46
N GLU C 59 4.01 5.77 34.30
CA GLU C 59 2.62 5.45 34.18
C GLU C 59 2.18 5.25 35.60
N VAL C 60 1.21 6.05 35.96
CA VAL C 60 0.56 5.89 37.23
C VAL C 60 -0.89 5.51 36.92
N ASN C 61 -1.44 4.63 37.75
CA ASN C 61 -2.85 4.25 37.66
C ASN C 61 -3.45 4.23 39.05
N GLU C 62 -4.21 5.26 39.36
CA GLU C 62 -4.77 5.42 40.70
C GLU C 62 -5.88 4.43 41.00
N ILE C 63 -6.55 3.94 39.95
CA ILE C 63 -7.56 2.89 40.12
C ILE C 63 -6.89 1.55 40.51
N THR C 64 -5.99 1.06 39.66
CA THR C 64 -5.36 -0.25 39.88
C THR C 64 -4.25 -0.23 40.93
N ASN C 65 -3.83 0.95 41.36
CA ASN C 65 -2.73 1.10 42.30
C ASN C 65 -1.40 0.53 41.78
N GLU C 66 -1.06 0.91 40.56
CA GLU C 66 0.13 0.40 39.90
C GLU C 66 0.94 1.56 39.35
N VAL C 67 2.26 1.51 39.50
CA VAL C 67 3.14 2.53 38.94
C VAL C 67 4.28 1.91 38.13
N ASP C 68 4.75 2.67 37.14
CA ASP C 68 5.83 2.24 36.27
C ASP C 68 6.99 3.20 36.53
N VAL C 69 8.07 2.67 37.09
CA VAL C 69 9.19 3.50 37.52
C VAL C 69 10.47 3.12 36.80
N VAL C 70 11.30 4.12 36.56
CA VAL C 70 12.67 3.90 36.10
C VAL C 70 13.60 4.41 37.20
N PHE C 71 14.54 3.58 37.61
CA PHE C 71 15.44 3.93 38.71
C PHE C 71 16.77 3.19 38.62
N TRP C 72 17.82 3.83 39.12
CA TRP C 72 19.10 3.18 39.28
C TRP C 72 19.07 2.43 40.60
N GLN C 73 19.33 1.13 40.54
CA GLN C 73 19.41 0.33 41.74
C GLN C 73 20.88 0.20 42.19
N GLN C 74 21.38 1.25 42.82
CA GLN C 74 22.78 1.24 43.26
C GLN C 74 23.04 0.24 44.41
N THR C 75 23.77 -0.83 44.09
CA THR C 75 23.98 -1.92 45.03
C THR C 75 25.47 -2.05 45.34
N THR C 76 25.81 -2.08 46.63
CA THR C 76 27.20 -2.06 47.02
C THR C 76 27.52 -3.07 48.11
N TRP C 77 28.53 -3.88 47.87
CA TRP C 77 28.92 -4.87 48.86
C TRP C 77 30.41 -5.17 48.80
N SER C 78 30.85 -6.13 49.61
CA SER C 78 32.28 -6.40 49.70
C SER C 78 32.57 -7.87 49.44
N ASP C 79 33.47 -8.15 48.52
CA ASP C 79 33.98 -9.49 48.34
C ASP C 79 35.51 -9.49 48.35
N ARG C 80 36.14 -10.00 49.39
CA ARG C 80 37.59 -9.98 49.59
C ARG C 80 38.29 -10.88 48.63
N THR C 81 37.55 -11.81 48.18
CA THR C 81 37.94 -12.82 47.28
C THR C 81 38.47 -12.12 46.05
N LEU C 82 37.92 -10.97 45.71
CA LEU C 82 38.27 -10.22 44.52
C LEU C 82 39.38 -9.21 44.65
N ALA C 83 39.89 -9.02 45.85
CA ALA C 83 40.90 -8.04 46.11
C ALA C 83 42.28 -8.30 45.50
N TRP C 84 43.02 -7.23 45.21
CA TRP C 84 44.36 -7.37 44.64
C TRP C 84 45.28 -6.25 45.11
N ASN C 85 46.58 -6.48 44.97
CA ASN C 85 47.60 -5.50 45.35
C ASN C 85 47.65 -4.39 44.29
N SER C 86 47.17 -3.21 44.65
CA SER C 86 47.02 -2.13 43.68
C SER C 86 48.21 -1.19 43.63
N SER C 87 49.36 -1.66 44.11
CA SER C 87 50.57 -0.83 44.15
C SER C 87 50.89 -0.20 42.79
N HIS C 88 51.02 -1.04 41.76
CA HIS C 88 51.32 -0.55 40.42
C HIS C 88 50.27 -1.09 39.48
N SER C 89 49.03 -1.05 39.94
CA SER C 89 47.91 -1.63 39.24
C SER C 89 46.75 -0.63 39.22
N PRO C 90 45.75 -0.86 38.36
CA PRO C 90 44.49 -0.09 38.43
C PRO C 90 43.79 -0.24 39.80
N ASP C 91 43.07 0.78 40.22
CA ASP C 91 42.34 0.71 41.48
C ASP C 91 40.99 0.03 41.30
N GLN C 92 40.55 -0.07 40.05
CA GLN C 92 39.16 -0.41 39.73
C GLN C 92 39.04 -1.00 38.34
N VAL C 93 38.19 -2.01 38.21
CA VAL C 93 37.88 -2.57 36.90
C VAL C 93 36.38 -2.74 36.74
N SER C 94 35.96 -2.93 35.49
CA SER C 94 34.55 -3.20 35.22
C SER C 94 34.43 -4.64 34.85
N VAL C 95 33.50 -5.33 35.49
CA VAL C 95 33.39 -6.79 35.35
C VAL C 95 31.97 -7.18 35.06
N PRO C 96 31.77 -8.05 34.06
CA PRO C 96 30.45 -8.61 33.79
C PRO C 96 29.89 -9.28 35.05
N ILE C 97 28.66 -8.95 35.44
CA ILE C 97 28.09 -9.54 36.66
C ILE C 97 27.96 -11.09 36.60
N SER C 98 27.94 -11.64 35.39
CA SER C 98 27.94 -13.09 35.25
C SER C 98 29.22 -13.73 35.78
N SER C 99 30.28 -12.94 35.91
CA SER C 99 31.55 -13.41 36.50
C SER C 99 31.70 -13.04 37.97
N LEU C 100 30.65 -12.54 38.61
CA LEU C 100 30.75 -12.15 40.01
C LEU C 100 29.60 -12.73 40.77
N TRP C 101 29.78 -12.93 42.07
CA TRP C 101 28.63 -13.17 42.91
C TRP C 101 27.86 -11.85 43.07
N VAL C 102 26.54 -11.94 43.02
CA VAL C 102 25.69 -10.78 43.12
C VAL C 102 24.56 -11.06 44.12
N PRO C 103 24.25 -10.11 45.01
CA PRO C 103 23.14 -10.35 45.95
C PRO C 103 21.79 -10.66 45.21
N ASP C 104 21.00 -11.67 45.62
CA ASP C 104 19.67 -11.92 45.09
C ASP C 104 18.57 -10.99 45.43
N LEU C 105 18.77 -9.70 45.25
CA LEU C 105 17.79 -8.73 45.65
C LEU C 105 16.53 -8.88 44.80
N ALA C 106 15.38 -8.73 45.43
CA ALA C 106 14.12 -8.66 44.68
C ALA C 106 13.17 -7.61 45.25
N ALA C 107 12.41 -6.96 44.39
CA ALA C 107 11.33 -6.06 44.85
C ALA C 107 10.08 -6.90 45.14
N TYR C 108 9.67 -6.94 46.40
CA TYR C 108 8.57 -7.80 46.84
C TYR C 108 7.24 -7.41 46.20
N ASN C 109 7.05 -6.12 45.95
CA ASN C 109 5.79 -5.64 45.40
C ASN C 109 5.89 -5.31 43.91
N ALA C 110 6.96 -5.78 43.28
CA ALA C 110 7.06 -5.70 41.83
C ALA C 110 6.00 -6.63 41.18
N ILE C 111 5.42 -6.19 40.06
CA ILE C 111 4.47 -7.03 39.35
C ILE C 111 4.89 -7.22 37.90
N SER C 112 6.08 -6.76 37.56
CA SER C 112 6.73 -7.16 36.32
C SER C 112 8.14 -7.57 36.68
N LYS C 113 8.78 -8.38 35.83
CA LYS C 113 10.18 -8.68 36.06
C LYS C 113 11.04 -7.46 35.70
N PRO C 114 12.12 -7.20 36.46
CA PRO C 114 12.92 -6.00 36.20
C PRO C 114 13.49 -5.98 34.77
N GLU C 115 13.21 -4.90 34.04
CA GLU C 115 13.85 -4.66 32.74
C GLU C 115 15.15 -3.87 32.96
N VAL C 116 16.29 -4.55 32.76
CA VAL C 116 17.60 -3.90 32.92
C VAL C 116 17.96 -3.18 31.65
N LEU C 117 18.11 -1.87 31.75
CA LEU C 117 18.22 -1.03 30.57
C LEU C 117 19.69 -0.84 30.17
N THR C 118 20.58 -1.10 31.12
CA THR C 118 21.98 -0.74 30.97
C THR C 118 22.91 -1.98 30.86
N PRO C 119 24.12 -1.78 30.30
CA PRO C 119 25.12 -2.87 30.28
C PRO C 119 25.34 -3.49 31.66
N GLN C 120 25.33 -4.80 31.75
CA GLN C 120 25.34 -5.45 33.04
C GLN C 120 26.76 -5.66 33.55
N LEU C 121 27.38 -4.55 33.94
CA LEU C 121 28.76 -4.51 34.40
C LEU C 121 28.80 -3.96 35.82
N ALA C 122 29.69 -4.51 36.64
CA ALA C 122 29.91 -3.97 37.97
C ALA C 122 31.33 -3.38 38.10
N HIS C 123 31.52 -2.52 39.10
CA HIS C 123 32.82 -2.01 39.46
C HIS C 123 33.39 -2.91 40.54
N VAL C 124 34.63 -3.32 40.37
CA VAL C 124 35.32 -3.99 41.45
C VAL C 124 36.53 -3.14 41.78
N VAL C 125 36.63 -2.74 43.05
CA VAL C 125 37.75 -1.93 43.51
C VAL C 125 38.81 -2.86 44.13
N SER C 126 40.07 -2.45 44.07
CA SER C 126 41.19 -3.30 44.51
C SER C 126 41.03 -3.88 45.92
N ASP C 127 40.34 -3.15 46.79
CA ASP C 127 40.05 -3.63 48.15
C ASP C 127 38.94 -4.68 48.22
N GLY C 128 38.29 -4.98 47.09
CA GLY C 128 37.21 -5.96 47.08
C GLY C 128 35.80 -5.35 47.18
N GLU C 129 35.72 -4.03 47.16
CA GLU C 129 34.44 -3.31 47.13
C GLU C 129 33.79 -3.49 45.76
N VAL C 130 32.55 -3.97 45.75
CA VAL C 130 31.83 -4.20 44.50
C VAL C 130 30.61 -3.31 44.45
N GLN C 131 30.44 -2.63 43.32
CA GLN C 131 29.27 -1.80 43.13
C GLN C 131 28.61 -2.18 41.81
N TYR C 132 27.30 -2.32 41.84
CA TYR C 132 26.53 -2.61 40.64
C TYR C 132 25.31 -1.67 40.63
N THR C 133 25.17 -0.88 39.57
CA THR C 133 24.13 0.12 39.49
C THR C 133 23.39 0.02 38.14
N PRO C 134 22.57 -1.00 37.98
CA PRO C 134 21.79 -1.05 36.74
C PRO C 134 20.66 -0.01 36.77
N SER C 135 20.29 0.49 35.60
CA SER C 135 19.08 1.28 35.47
C SER C 135 17.96 0.31 35.16
N ILE C 136 16.93 0.34 35.99
CA ILE C 136 15.82 -0.60 35.87
C ILE C 136 14.47 0.08 35.62
N ARG C 137 13.73 -0.45 34.65
CA ARG C 137 12.33 -0.11 34.52
C ARG C 137 11.46 -1.22 35.06
N GLN C 138 10.57 -0.88 36.00
CA GLN C 138 9.78 -1.93 36.63
C GLN C 138 8.43 -1.39 37.09
N ARG C 139 7.43 -2.25 37.05
CA ARG C 139 6.09 -1.91 37.56
C ARG C 139 5.89 -2.43 38.98
N PHE C 140 5.27 -1.60 39.81
CA PHE C 140 5.02 -1.93 41.21
C PHE C 140 3.58 -1.81 41.58
N SER C 141 3.21 -2.59 42.58
CA SER C 141 1.88 -2.49 43.19
C SER C 141 2.09 -1.73 44.49
N CYS C 142 1.53 -0.52 44.56
CA CYS C 142 1.69 0.31 45.75
C CYS C 142 0.59 1.34 45.87
N ASP C 143 0.63 2.11 46.95
CA ASP C 143 -0.41 3.10 47.22
C ASP C 143 -0.26 4.37 46.38
N VAL C 144 -1.14 4.53 45.40
CA VAL C 144 -1.05 5.64 44.44
C VAL C 144 -2.07 6.74 44.79
N SER C 145 -2.85 6.47 45.83
CA SER C 145 -3.87 7.40 46.27
C SER C 145 -3.27 8.77 46.68
N GLY C 146 -3.85 9.85 46.14
CA GLY C 146 -3.40 11.19 46.43
C GLY C 146 -2.34 11.71 45.47
N VAL C 147 -2.08 10.95 44.41
CA VAL C 147 -1.06 11.34 43.45
C VAL C 147 -1.36 12.69 42.82
N ASP C 148 -2.65 13.01 42.71
CA ASP C 148 -3.10 14.23 42.04
C ASP C 148 -3.36 15.37 43.02
N THR C 149 -3.04 15.15 44.29
CA THR C 149 -3.14 16.19 45.32
C THR C 149 -1.77 16.87 45.55
N GLU C 150 -1.69 17.79 46.51
CA GLU C 150 -0.45 18.53 46.73
C GLU C 150 0.48 17.75 47.69
N SER C 151 -0.13 16.99 48.59
CA SER C 151 0.67 16.20 49.48
C SER C 151 1.21 14.96 48.74
N GLY C 152 0.56 14.61 47.63
CA GLY C 152 1.04 13.57 46.74
C GLY C 152 0.76 12.16 47.23
N ALA C 153 1.16 11.17 46.43
CA ALA C 153 1.04 9.78 46.81
C ALA C 153 2.34 9.35 47.45
N THR C 154 2.28 8.32 48.28
CA THR C 154 3.51 7.72 48.83
C THR C 154 3.61 6.24 48.49
N CYS C 155 4.40 5.93 47.45
CA CYS C 155 4.59 4.55 47.02
C CYS C 155 5.77 3.92 47.80
N ARG C 156 5.50 2.78 48.42
CA ARG C 156 6.49 2.10 49.25
C ARG C 156 7.07 0.87 48.50
N ILE C 157 8.36 0.93 48.19
CA ILE C 157 9.01 -0.18 47.51
C ILE C 157 9.88 -1.05 48.45
N LYS C 158 9.60 -2.34 48.50
CA LYS C 158 10.26 -3.26 49.43
C LYS C 158 11.31 -4.15 48.72
N ILE C 159 12.58 -3.90 49.03
CA ILE C 159 13.68 -4.64 48.39
C ILE C 159 14.50 -5.38 49.43
N GLY C 160 14.65 -6.68 49.22
CA GLY C 160 15.57 -7.47 50.03
C GLY C 160 16.06 -8.73 49.35
N SER C 161 16.95 -9.45 50.03
CA SER C 161 17.42 -10.73 49.51
C SER C 161 16.28 -11.73 49.46
N TRP C 162 16.14 -12.40 48.33
CA TRP C 162 15.07 -13.41 48.18
C TRP C 162 15.35 -14.69 49.01
N THR C 163 16.59 -15.16 48.99
CA THR C 163 16.90 -16.44 49.62
C THR C 163 17.93 -16.40 50.76
N HIS C 164 18.55 -15.25 51.00
CA HIS C 164 19.52 -15.19 52.09
C HIS C 164 18.93 -14.47 53.30
N HIS C 165 19.02 -15.10 54.47
CA HIS C 165 18.51 -14.49 55.71
C HIS C 165 19.52 -13.51 56.34
N SER C 166 19.13 -12.93 57.48
CA SER C 166 19.89 -11.83 58.08
C SER C 166 21.32 -12.15 58.43
N ARG C 167 21.66 -13.43 58.56
CA ARG C 167 23.02 -13.76 58.95
C ARG C 167 23.92 -13.96 57.74
N GLU C 168 23.31 -14.20 56.59
CA GLU C 168 24.03 -14.28 55.33
C GLU C 168 24.05 -12.95 54.58
N ILE C 169 22.89 -12.31 54.45
CA ILE C 169 22.84 -10.96 53.86
C ILE C 169 22.09 -9.95 54.75
N SER C 170 22.75 -8.82 55.04
CA SER C 170 22.05 -7.69 55.66
C SER C 170 21.97 -6.51 54.68
N VAL C 171 20.79 -5.91 54.58
CA VAL C 171 20.64 -4.76 53.70
C VAL C 171 20.57 -3.47 54.50
N ASP C 172 21.16 -2.40 53.97
CA ASP C 172 21.14 -1.11 54.64
C ASP C 172 21.00 0.04 53.64
N PRO C 173 20.30 1.11 54.06
CA PRO C 173 20.19 2.31 53.21
C PRO C 173 21.53 3.03 53.11
N THR C 174 21.64 3.99 52.19
CA THR C 174 22.90 4.73 52.03
C THR C 174 22.87 6.10 52.71
N ASP C 180 17.28 13.46 46.17
CA ASP C 180 16.11 12.69 45.73
C ASP C 180 15.89 12.88 44.23
N SER C 181 15.52 14.10 43.86
CA SER C 181 15.26 14.45 42.46
C SER C 181 16.55 14.71 41.71
N GLU C 182 17.66 14.17 42.22
CA GLU C 182 18.97 14.53 41.68
C GLU C 182 19.13 14.17 40.20
N TYR C 183 18.69 12.96 39.83
CA TYR C 183 18.75 12.53 38.44
C TYR C 183 17.37 12.34 37.85
N PHE C 184 16.35 12.80 38.58
CA PHE C 184 14.99 12.66 38.11
C PHE C 184 14.72 13.53 36.87
N SER C 185 14.03 12.96 35.89
CA SER C 185 13.76 13.63 34.63
C SER C 185 12.82 14.82 34.82
N GLN C 186 13.24 15.97 34.31
CA GLN C 186 12.38 17.17 34.34
C GLN C 186 11.21 17.03 33.37
N TYR C 187 11.25 16.00 32.53
CA TYR C 187 10.23 15.80 31.50
C TYR C 187 9.18 14.77 31.89
N SER C 188 9.29 14.27 33.11
CA SER C 188 8.23 13.45 33.69
C SER C 188 6.99 14.30 33.98
N ARG C 189 5.84 13.64 34.00
CA ARG C 189 4.57 14.27 34.33
C ARG C 189 4.45 14.28 35.83
N PHE C 190 5.46 13.76 36.51
CA PHE C 190 5.41 13.70 37.96
C PHE C 190 6.63 14.40 38.54
N GLU C 191 6.56 14.71 39.82
CA GLU C 191 7.63 15.40 40.51
C GLU C 191 7.83 14.81 41.90
N ILE C 192 9.08 14.66 42.33
CA ILE C 192 9.33 13.98 43.59
C ILE C 192 9.39 14.96 44.74
N LEU C 193 8.55 14.71 45.75
CA LEU C 193 8.53 15.55 46.93
C LEU C 193 9.57 15.10 47.94
N ASP C 194 9.63 13.79 48.20
CA ASP C 194 10.53 13.27 49.22
C ASP C 194 10.79 11.77 49.02
N VAL C 195 12.01 11.35 49.38
CA VAL C 195 12.35 9.93 49.38
C VAL C 195 12.89 9.55 50.76
N THR C 196 12.23 8.63 51.44
CA THR C 196 12.74 8.15 52.73
C THR C 196 12.97 6.65 52.64
N GLN C 197 13.97 6.16 53.37
CA GLN C 197 14.31 4.75 53.38
C GLN C 197 14.25 4.20 54.81
N LYS C 198 13.94 2.92 54.93
CA LYS C 198 13.71 2.33 56.24
C LYS C 198 14.02 0.85 56.15
N LYS C 199 14.75 0.36 57.15
CA LYS C 199 15.20 -1.02 57.14
C LYS C 199 14.28 -1.87 58.01
N ASN C 200 13.95 -3.07 57.54
CA ASN C 200 13.12 -3.99 58.28
C ASN C 200 13.73 -5.38 58.34
N SER C 201 13.22 -6.17 59.28
CA SER C 201 13.66 -7.55 59.44
C SER C 201 12.41 -8.39 59.67
N VAL C 202 12.10 -9.25 58.70
CA VAL C 202 10.81 -9.96 58.70
C VAL C 202 11.02 -11.46 58.71
N THR C 203 10.21 -12.17 59.47
CA THR C 203 10.23 -13.62 59.41
C THR C 203 9.01 -14.12 58.65
N TYR C 204 9.26 -15.10 57.80
CA TYR C 204 8.23 -15.60 56.91
C TYR C 204 7.84 -17.00 57.34
N SER C 205 6.66 -17.42 56.92
CA SER C 205 6.08 -18.70 57.33
C SER C 205 6.95 -19.88 56.99
N CYS C 206 7.59 -19.80 55.82
CA CYS C 206 8.37 -20.90 55.28
C CYS C 206 9.61 -21.27 56.13
N CYS C 207 10.24 -20.26 56.73
CA CYS C 207 11.59 -20.39 57.26
C CYS C 207 11.68 -19.78 58.64
N PRO C 208 12.55 -20.34 59.49
CA PRO C 208 12.67 -19.91 60.89
C PRO C 208 13.48 -18.62 61.04
N GLU C 209 14.34 -18.30 60.07
CA GLU C 209 15.22 -17.13 60.16
C GLU C 209 14.56 -15.84 59.66
N ALA C 210 15.17 -14.72 60.01
CA ALA C 210 14.64 -13.42 59.60
C ALA C 210 15.37 -12.90 58.36
N TYR C 211 14.60 -12.36 57.43
CA TYR C 211 15.16 -11.79 56.21
C TYR C 211 15.05 -10.28 56.27
N GLU C 212 16.14 -9.62 55.94
CA GLU C 212 16.13 -8.15 55.93
C GLU C 212 15.64 -7.57 54.61
N ASP C 213 15.01 -6.40 54.68
CA ASP C 213 14.66 -5.65 53.48
C ASP C 213 14.86 -4.15 53.70
N VAL C 214 14.89 -3.40 52.61
CA VAL C 214 14.80 -1.96 52.70
C VAL C 214 13.48 -1.51 52.09
N GLU C 215 12.76 -0.65 52.81
CA GLU C 215 11.55 -0.04 52.26
C GLU C 215 11.85 1.38 51.86
N VAL C 216 11.84 1.63 50.56
CA VAL C 216 12.02 2.98 50.04
C VAL C 216 10.66 3.55 49.83
N SER C 217 10.37 4.67 50.52
CA SER C 217 9.11 5.40 50.35
C SER C 217 9.25 6.55 49.37
N LEU C 218 8.59 6.43 48.23
CA LEU C 218 8.62 7.46 47.19
C LEU C 218 7.40 8.35 47.29
N ASN C 219 7.61 9.58 47.74
CA ASN C 219 6.53 10.55 47.82
C ASN C 219 6.57 11.43 46.59
N PHE C 220 5.55 11.29 45.74
CA PHE C 220 5.54 11.99 44.46
C PHE C 220 4.13 12.46 44.15
N ARG C 221 4.02 13.39 43.21
CA ARG C 221 2.73 13.90 42.78
C ARG C 221 2.73 14.29 41.32
N LYS C 222 1.51 14.32 40.79
CA LYS C 222 1.30 14.69 39.40
C LYS C 222 1.49 16.19 39.23
N LYS C 223 2.39 16.57 38.31
CA LYS C 223 2.49 17.96 37.89
C LYS C 223 1.22 18.15 37.08
N GLY C 224 0.72 19.37 37.00
CA GLY C 224 -0.39 19.68 36.10
C GLY C 224 0.14 19.72 34.68
N ARG C 225 -0.72 19.52 33.68
CA ARG C 225 -0.29 19.56 32.28
C ARG C 225 0.09 21.00 31.85
N LEU D 20 33.70 -28.93 55.52
CA LEU D 20 32.92 -28.39 54.41
C LEU D 20 32.49 -26.95 54.67
N ASP D 21 32.78 -26.06 53.73
CA ASP D 21 32.15 -24.74 53.70
C ASP D 21 31.19 -24.59 52.50
N ARG D 22 30.53 -23.43 52.37
CA ARG D 22 29.60 -23.20 51.26
C ARG D 22 30.23 -23.49 49.91
N ALA D 23 31.42 -22.93 49.70
CA ALA D 23 32.13 -23.12 48.44
C ALA D 23 32.22 -24.60 48.09
N ASP D 24 32.58 -25.44 49.05
CA ASP D 24 32.76 -26.86 48.76
C ASP D 24 31.43 -27.52 48.44
N ILE D 25 30.41 -27.23 49.25
CA ILE D 25 29.08 -27.77 49.05
C ILE D 25 28.52 -27.42 47.66
N LEU D 26 28.67 -26.15 47.30
CA LEU D 26 28.17 -25.69 46.02
C LEU D 26 28.96 -26.32 44.86
N TYR D 27 30.25 -26.47 45.07
CA TYR D 27 31.10 -27.16 44.11
C TYR D 27 30.64 -28.59 43.89
N ASN D 28 30.44 -29.32 44.95
CA ASN D 28 30.03 -30.67 44.81
C ASN D 28 28.71 -30.75 44.13
N ILE D 29 27.80 -29.88 44.51
CA ILE D 29 26.47 -29.94 43.98
C ILE D 29 26.52 -29.69 42.50
N ARG D 30 27.32 -28.73 42.11
CA ARG D 30 27.46 -28.36 40.71
C ARG D 30 28.07 -29.46 39.88
N GLN D 31 29.09 -30.11 40.42
CA GLN D 31 29.70 -31.25 39.81
C GLN D 31 28.85 -32.50 39.71
N THR D 32 28.08 -32.79 40.72
CA THR D 32 27.45 -34.10 40.85
C THR D 32 25.93 -34.17 40.76
N SER D 33 25.24 -33.05 40.94
CA SER D 33 23.80 -33.12 40.79
C SER D 33 23.48 -33.36 39.31
N ARG D 34 22.38 -34.06 39.08
CA ARG D 34 21.99 -34.43 37.73
C ARG D 34 20.63 -33.82 37.45
N PRO D 35 20.61 -32.57 36.93
CA PRO D 35 19.38 -31.78 36.76
C PRO D 35 18.34 -32.50 35.89
N ASP D 36 18.83 -33.33 34.97
CA ASP D 36 18.01 -34.12 34.08
C ASP D 36 17.39 -35.36 34.76
N VAL D 37 17.84 -35.67 35.97
CA VAL D 37 17.51 -36.93 36.60
C VAL D 37 16.60 -36.72 37.80
N ILE D 38 15.37 -37.22 37.70
CA ILE D 38 14.43 -37.19 38.80
C ILE D 38 14.93 -38.03 39.98
N PRO D 39 15.01 -37.41 41.18
CA PRO D 39 15.61 -38.04 42.36
C PRO D 39 14.68 -39.05 42.98
N THR D 40 14.21 -39.98 42.18
CA THR D 40 13.27 -41.01 42.64
C THR D 40 14.00 -42.00 43.55
N GLN D 41 13.34 -42.37 44.64
CA GLN D 41 13.98 -43.14 45.70
C GLN D 41 13.38 -44.54 45.83
N ARG D 42 14.11 -45.54 45.33
CA ARG D 42 13.72 -46.95 45.41
C ARG D 42 12.34 -47.21 44.81
N ASP D 43 12.12 -46.64 43.62
CA ASP D 43 10.85 -46.76 42.89
C ASP D 43 9.64 -46.18 43.65
N ARG D 44 9.91 -45.27 44.57
CA ARG D 44 8.85 -44.53 45.23
C ARG D 44 8.86 -43.10 44.68
N PRO D 45 7.68 -42.56 44.34
CA PRO D 45 7.57 -41.23 43.74
C PRO D 45 8.17 -40.12 44.61
N VAL D 46 8.71 -39.10 43.94
CA VAL D 46 9.18 -37.92 44.63
C VAL D 46 7.96 -37.17 45.11
N ALA D 47 7.91 -36.90 46.41
CA ALA D 47 6.79 -36.17 47.00
C ALA D 47 7.01 -34.67 46.90
N VAL D 48 6.22 -34.02 46.03
CA VAL D 48 6.32 -32.58 45.82
C VAL D 48 5.18 -31.82 46.53
N SER D 49 5.53 -30.93 47.44
CA SER D 49 4.60 -29.98 48.05
C SER D 49 4.43 -28.72 47.22
N VAL D 50 3.19 -28.32 47.01
CA VAL D 50 2.90 -27.10 46.27
C VAL D 50 1.97 -26.25 47.09
N SER D 51 2.36 -24.99 47.24
CA SER D 51 1.58 -24.06 48.02
C SER D 51 1.65 -22.69 47.34
N LEU D 52 0.52 -22.20 46.84
CA LEU D 52 0.49 -20.85 46.24
C LEU D 52 0.24 -19.80 47.30
N LYS D 53 1.13 -18.81 47.38
CA LYS D 53 0.96 -17.67 48.26
C LYS D 53 0.62 -16.49 47.37
N PHE D 54 -0.65 -16.09 47.39
CA PHE D 54 -1.09 -15.03 46.49
C PHE D 54 -0.61 -13.68 46.99
N ILE D 55 -0.07 -12.91 46.07
CA ILE D 55 0.50 -11.60 46.35
C ILE D 55 -0.39 -10.50 45.77
N ASN D 56 -0.87 -10.73 44.56
CA ASN D 56 -1.72 -9.74 43.90
C ASN D 56 -2.63 -10.31 42.82
N ILE D 57 -3.75 -9.63 42.61
CA ILE D 57 -4.64 -9.91 41.49
C ILE D 57 -4.77 -8.62 40.71
N LEU D 58 -4.42 -8.67 39.42
CA LEU D 58 -4.10 -7.47 38.68
C LEU D 58 -5.10 -7.09 37.61
N GLU D 59 -5.54 -8.08 36.84
CA GLU D 59 -6.45 -7.83 35.72
C GLU D 59 -7.52 -8.89 35.67
N VAL D 60 -8.72 -8.51 36.05
CA VAL D 60 -9.83 -9.42 35.99
C VAL D 60 -10.67 -9.00 34.80
N ASN D 61 -11.17 -9.98 34.06
CA ASN D 61 -12.05 -9.74 32.92
C ASN D 61 -13.20 -10.75 32.95
N GLU D 62 -14.37 -10.28 33.38
CA GLU D 62 -15.50 -11.14 33.67
C GLU D 62 -16.12 -11.64 32.38
N ILE D 63 -15.88 -10.87 31.30
CA ILE D 63 -16.35 -11.26 29.97
C ILE D 63 -15.56 -12.43 29.43
N THR D 64 -14.24 -12.26 29.31
CA THR D 64 -13.39 -13.29 28.74
C THR D 64 -13.06 -14.43 29.70
N ASN D 65 -13.36 -14.24 31.00
CA ASN D 65 -13.02 -15.22 32.03
C ASN D 65 -11.48 -15.44 32.16
N GLU D 66 -10.78 -14.32 32.31
CA GLU D 66 -9.33 -14.38 32.41
C GLU D 66 -8.87 -13.51 33.58
N VAL D 67 -7.88 -13.99 34.33
CA VAL D 67 -7.33 -13.21 35.44
C VAL D 67 -5.82 -13.18 35.35
N ASP D 68 -5.24 -12.12 35.89
CA ASP D 68 -3.81 -11.93 35.94
C ASP D 68 -3.39 -11.95 37.42
N VAL D 69 -2.60 -12.96 37.80
CA VAL D 69 -2.28 -13.19 39.19
C VAL D 69 -0.78 -13.16 39.46
N VAL D 70 -0.40 -12.58 40.59
CA VAL D 70 0.97 -12.69 41.08
C VAL D 70 0.96 -13.54 42.34
N PHE D 71 1.81 -14.57 42.38
CA PHE D 71 1.83 -15.53 43.49
C PHE D 71 3.18 -16.18 43.65
N TRP D 72 3.52 -16.51 44.89
CA TRP D 72 4.71 -17.29 45.16
C TRP D 72 4.33 -18.75 44.97
N GLN D 73 5.03 -19.43 44.08
CA GLN D 73 4.81 -20.86 43.90
C GLN D 73 5.81 -21.65 44.76
N GLN D 74 5.50 -21.78 46.05
CA GLN D 74 6.37 -22.48 46.98
C GLN D 74 6.40 -23.98 46.69
N THR D 75 7.53 -24.46 46.19
CA THR D 75 7.63 -25.85 45.79
C THR D 75 8.67 -26.55 46.67
N THR D 76 8.31 -27.70 47.23
CA THR D 76 9.21 -28.38 48.15
C THR D 76 9.31 -29.88 47.83
N TRP D 77 10.54 -30.38 47.76
CA TRP D 77 10.73 -31.80 47.56
C TRP D 77 12.06 -32.28 48.15
N SER D 78 12.35 -33.54 47.94
CA SER D 78 13.52 -34.14 48.56
C SER D 78 14.45 -34.78 47.53
N ASP D 79 15.75 -34.48 47.62
CA ASP D 79 16.76 -35.08 46.76
C ASP D 79 17.98 -35.47 47.61
N ARG D 80 18.02 -36.73 48.04
CA ARG D 80 19.06 -37.21 48.95
C ARG D 80 20.46 -37.14 48.36
N THR D 81 20.57 -37.20 47.03
CA THR D 81 21.86 -37.10 46.35
C THR D 81 22.55 -35.75 46.59
N LEU D 82 21.83 -34.80 47.18
CA LEU D 82 22.39 -33.48 47.47
C LEU D 82 22.82 -33.37 48.94
N ALA D 83 22.43 -34.35 49.74
CA ALA D 83 22.66 -34.30 51.19
C ALA D 83 24.13 -34.29 51.54
N TRP D 84 24.45 -33.69 52.69
CA TRP D 84 25.81 -33.63 53.17
C TRP D 84 25.85 -33.67 54.70
N ASN D 85 27.04 -34.01 55.23
CA ASN D 85 27.28 -34.07 56.66
C ASN D 85 27.45 -32.65 57.21
N SER D 86 26.42 -32.17 57.92
CA SER D 86 26.36 -30.78 58.37
C SER D 86 26.96 -30.55 59.75
N SER D 87 27.81 -31.47 60.19
CA SER D 87 28.39 -31.39 61.53
C SER D 87 29.09 -30.06 61.79
N HIS D 88 30.01 -29.70 60.90
CA HIS D 88 30.72 -28.43 61.02
C HIS D 88 30.57 -27.65 59.73
N SER D 89 29.36 -27.68 59.19
CA SER D 89 29.06 -27.12 57.88
C SER D 89 27.78 -26.30 57.99
N PRO D 90 27.50 -25.46 56.97
CA PRO D 90 26.19 -24.78 56.86
C PRO D 90 25.03 -25.78 56.74
N ASP D 91 23.84 -25.40 57.20
CA ASP D 91 22.68 -26.28 57.18
C ASP D 91 21.96 -26.16 55.87
N GLN D 92 22.27 -25.08 55.17
CA GLN D 92 21.49 -24.64 54.01
C GLN D 92 22.32 -23.81 53.03
N VAL D 93 22.12 -24.04 51.74
CA VAL D 93 22.73 -23.18 50.73
C VAL D 93 21.70 -22.72 49.69
N SER D 94 22.05 -21.69 48.94
CA SER D 94 21.22 -21.26 47.84
C SER D 94 21.88 -21.70 46.55
N VAL D 95 21.11 -22.36 45.70
CA VAL D 95 21.68 -22.95 44.50
C VAL D 95 20.84 -22.51 43.32
N PRO D 96 21.50 -22.13 42.22
CA PRO D 96 20.79 -21.87 40.96
C PRO D 96 20.00 -23.09 40.51
N ILE D 97 18.72 -22.92 40.21
CA ILE D 97 17.91 -24.07 39.79
C ILE D 97 18.43 -24.79 38.54
N SER D 98 19.25 -24.10 37.74
CA SER D 98 19.86 -24.74 36.58
C SER D 98 20.84 -25.85 37.00
N SER D 99 21.28 -25.83 38.25
CA SER D 99 22.18 -26.85 38.77
C SER D 99 21.45 -27.94 39.55
N LEU D 100 20.12 -27.92 39.55
CA LEU D 100 19.35 -28.88 40.33
C LEU D 100 18.31 -29.49 39.45
N TRP D 101 17.87 -30.68 39.80
CA TRP D 101 16.64 -31.20 39.23
C TRP D 101 15.46 -30.46 39.86
N VAL D 102 14.52 -30.09 39.01
CA VAL D 102 13.33 -29.37 39.44
C VAL D 102 12.09 -30.05 38.88
N PRO D 103 11.05 -30.18 39.71
CA PRO D 103 9.80 -30.77 39.20
C PRO D 103 9.24 -29.96 38.03
N ASP D 104 8.72 -30.66 37.02
CA ASP D 104 8.20 -30.04 35.81
C ASP D 104 6.75 -29.61 35.98
N LEU D 105 6.48 -28.83 37.04
CA LEU D 105 5.12 -28.38 37.29
C LEU D 105 4.61 -27.42 36.21
N ALA D 106 3.33 -27.50 35.90
CA ALA D 106 2.71 -26.57 34.97
C ALA D 106 1.28 -26.25 35.41
N ALA D 107 0.85 -25.02 35.20
CA ALA D 107 -0.54 -24.65 35.42
C ALA D 107 -1.35 -24.99 34.15
N TYR D 108 -2.28 -25.94 34.27
CA TYR D 108 -3.03 -26.44 33.11
C TYR D 108 -3.90 -25.40 32.45
N ASN D 109 -4.39 -24.45 33.23
CA ASN D 109 -5.29 -23.45 32.69
C ASN D 109 -4.61 -22.09 32.56
N ALA D 110 -3.28 -22.10 32.59
CA ALA D 110 -2.50 -20.90 32.32
C ALA D 110 -2.60 -20.59 30.82
N ILE D 111 -2.70 -19.32 30.47
CA ILE D 111 -2.79 -18.92 29.06
C ILE D 111 -1.66 -17.97 28.67
N SER D 112 -0.74 -17.76 29.60
CA SER D 112 0.53 -17.08 29.32
C SER D 112 1.64 -17.93 29.96
N LYS D 113 2.85 -17.90 29.42
CA LYS D 113 3.95 -18.62 30.08
C LYS D 113 4.32 -17.89 31.35
N PRO D 114 4.79 -18.62 32.36
CA PRO D 114 5.02 -17.98 33.66
C PRO D 114 6.13 -16.94 33.58
N GLU D 115 5.83 -15.73 34.03
CA GLU D 115 6.86 -14.70 34.15
C GLU D 115 7.45 -14.82 35.56
N VAL D 116 8.71 -15.25 35.65
CA VAL D 116 9.38 -15.39 36.94
C VAL D 116 9.99 -14.06 37.31
N LEU D 117 9.54 -13.50 38.43
CA LEU D 117 9.91 -12.13 38.80
C LEU D 117 11.17 -12.08 39.64
N THR D 118 11.53 -13.23 40.23
CA THR D 118 12.55 -13.29 41.26
C THR D 118 13.78 -14.07 40.81
N PRO D 119 14.93 -13.86 41.50
CA PRO D 119 16.15 -14.64 41.20
C PRO D 119 15.86 -16.13 41.27
N GLN D 120 16.29 -16.89 40.26
CA GLN D 120 15.93 -18.31 40.23
C GLN D 120 16.89 -19.17 41.03
N LEU D 121 16.80 -19.08 42.35
CA LEU D 121 17.62 -19.82 43.31
C LEU D 121 16.75 -20.68 44.21
N ALA D 122 17.27 -21.84 44.60
CA ALA D 122 16.55 -22.73 45.48
C ALA D 122 17.33 -22.88 46.78
N HIS D 123 16.62 -23.33 47.83
CA HIS D 123 17.21 -23.72 49.07
C HIS D 123 17.55 -25.20 49.01
N VAL D 124 18.80 -25.55 49.29
CA VAL D 124 19.13 -26.94 49.58
C VAL D 124 19.56 -27.08 51.03
N VAL D 125 18.86 -27.94 51.78
CA VAL D 125 19.15 -28.17 53.18
C VAL D 125 20.01 -29.43 53.27
N SER D 126 20.86 -29.52 54.30
CA SER D 126 21.84 -30.61 54.44
C SER D 126 21.26 -32.03 54.38
N ASP D 127 19.98 -32.14 54.75
CA ASP D 127 19.28 -33.43 54.64
C ASP D 127 18.78 -33.76 53.22
N GLY D 128 18.97 -32.85 52.28
CA GLY D 128 18.56 -33.08 50.91
C GLY D 128 17.18 -32.51 50.58
N GLU D 129 16.63 -31.74 51.49
CA GLU D 129 15.35 -31.12 51.23
C GLU D 129 15.56 -29.86 50.39
N VAL D 130 14.79 -29.77 49.31
CA VAL D 130 14.91 -28.64 48.38
C VAL D 130 13.63 -27.81 48.38
N GLN D 131 13.78 -26.51 48.50
CA GLN D 131 12.65 -25.63 48.36
C GLN D 131 12.95 -24.58 47.31
N TYR D 132 12.01 -24.38 46.40
CA TYR D 132 12.08 -23.32 45.40
C TYR D 132 10.76 -22.52 45.42
N THR D 133 10.87 -21.20 45.62
CA THR D 133 9.70 -20.34 45.77
C THR D 133 9.80 -19.08 44.88
N PRO D 134 9.64 -19.27 43.57
CA PRO D 134 9.68 -18.11 42.70
C PRO D 134 8.40 -17.30 42.84
N SER D 135 8.48 -15.99 42.61
CA SER D 135 7.28 -15.17 42.53
C SER D 135 6.95 -15.13 41.08
N ILE D 136 5.74 -15.55 40.74
CA ILE D 136 5.30 -15.67 39.35
C ILE D 136 4.11 -14.77 39.02
N ARG D 137 4.19 -14.09 37.87
CA ARG D 137 3.02 -13.40 37.31
C ARG D 137 2.51 -14.20 36.12
N GLN D 138 1.24 -14.55 36.16
CA GLN D 138 0.70 -15.41 35.12
C GLN D 138 -0.79 -15.17 34.88
N ARG D 139 -1.23 -15.42 33.64
CA ARG D 139 -2.64 -15.22 33.29
C ARG D 139 -3.33 -16.59 33.23
N PHE D 140 -4.53 -16.65 33.82
CA PHE D 140 -5.30 -17.88 33.85
C PHE D 140 -6.66 -17.76 33.21
N SER D 141 -7.09 -18.88 32.65
CA SER D 141 -8.46 -19.02 32.20
C SER D 141 -9.22 -19.70 33.31
N CYS D 142 -10.16 -18.97 33.91
CA CYS D 142 -10.97 -19.54 35.00
C CYS D 142 -12.31 -18.81 35.20
N ASP D 143 -13.12 -19.32 36.13
CA ASP D 143 -14.43 -18.75 36.38
C ASP D 143 -14.35 -17.45 37.17
N VAL D 144 -14.57 -16.34 36.49
CA VAL D 144 -14.50 -15.03 37.10
C VAL D 144 -15.92 -14.49 37.43
N SER D 145 -16.94 -15.29 37.14
CA SER D 145 -18.32 -14.87 37.42
C SER D 145 -18.57 -14.63 38.93
N GLY D 146 -19.12 -13.45 39.24
CA GLY D 146 -19.49 -13.10 40.60
C GLY D 146 -18.39 -12.38 41.32
N VAL D 147 -17.37 -11.99 40.57
CA VAL D 147 -16.23 -11.26 41.16
C VAL D 147 -16.67 -9.96 41.85
N ASP D 148 -17.73 -9.36 41.31
CA ASP D 148 -18.23 -8.08 41.79
C ASP D 148 -19.38 -8.20 42.82
N THR D 149 -19.70 -9.43 43.22
CA THR D 149 -20.70 -9.69 44.25
C THR D 149 -20.04 -9.89 45.61
N GLU D 150 -20.86 -10.19 46.62
CA GLU D 150 -20.39 -10.32 48.01
C GLU D 150 -19.98 -11.75 48.38
N SER D 151 -20.24 -12.70 47.48
CA SER D 151 -19.74 -14.05 47.67
C SER D 151 -18.47 -14.28 46.85
N GLY D 152 -18.25 -13.39 45.87
CA GLY D 152 -17.02 -13.37 45.11
C GLY D 152 -16.96 -14.39 44.01
N ALA D 153 -15.91 -14.31 43.20
CA ALA D 153 -15.61 -15.33 42.19
C ALA D 153 -14.76 -16.43 42.82
N THR D 154 -14.82 -17.62 42.23
CA THR D 154 -13.91 -18.69 42.63
C THR D 154 -13.12 -19.18 41.42
N CYS D 155 -11.87 -18.72 41.33
CA CYS D 155 -10.97 -19.14 40.28
C CYS D 155 -10.17 -20.38 40.69
N ARG D 156 -10.27 -21.43 39.89
CA ARG D 156 -9.65 -22.71 40.21
C ARG D 156 -8.37 -22.89 39.38
N ILE D 157 -7.23 -23.00 40.05
CA ILE D 157 -5.95 -23.17 39.37
C ILE D 157 -5.40 -24.59 39.50
N LYS D 158 -5.15 -25.23 38.36
CA LYS D 158 -4.72 -26.62 38.35
C LYS D 158 -3.24 -26.77 38.05
N ILE D 159 -2.48 -27.23 39.05
CA ILE D 159 -1.04 -27.39 38.93
C ILE D 159 -0.61 -28.83 39.13
N GLY D 160 0.11 -29.39 38.16
CA GLY D 160 0.70 -30.72 38.29
C GLY D 160 1.96 -30.95 37.46
N SER D 161 2.56 -32.11 37.62
CA SER D 161 3.67 -32.45 36.74
C SER D 161 3.16 -32.61 35.30
N TRP D 162 3.87 -32.03 34.36
CA TRP D 162 3.49 -32.15 32.96
C TRP D 162 3.79 -33.54 32.39
N THR D 163 4.95 -34.12 32.75
CA THR D 163 5.39 -35.36 32.12
C THR D 163 5.59 -36.53 33.07
N HIS D 164 5.57 -36.29 34.37
CA HIS D 164 5.78 -37.39 35.32
C HIS D 164 4.46 -37.86 35.95
N HIS D 165 4.18 -39.16 35.84
CA HIS D 165 2.94 -39.71 36.40
C HIS D 165 3.05 -39.97 37.91
N SER D 166 2.00 -40.55 38.49
CA SER D 166 1.85 -40.64 39.94
C SER D 166 2.91 -41.47 40.65
N ARG D 167 3.54 -42.38 39.91
CA ARG D 167 4.57 -43.24 40.50
C ARG D 167 5.95 -42.60 40.47
N GLU D 168 6.09 -41.54 39.66
CA GLU D 168 7.31 -40.74 39.61
C GLU D 168 7.18 -39.43 40.41
N ILE D 169 6.09 -38.70 40.21
CA ILE D 169 5.84 -37.49 40.99
C ILE D 169 4.43 -37.46 41.59
N SER D 170 4.37 -37.26 42.91
CA SER D 170 3.10 -37.02 43.58
C SER D 170 3.05 -35.59 44.14
N VAL D 171 1.93 -34.91 43.95
CA VAL D 171 1.82 -33.54 44.42
C VAL D 171 0.85 -33.50 45.58
N ASP D 172 1.17 -32.67 46.56
CA ASP D 172 0.35 -32.54 47.77
C ASP D 172 0.31 -31.09 48.23
N PRO D 173 -0.85 -30.68 48.77
CA PRO D 173 -0.98 -29.34 49.36
C PRO D 173 -0.17 -29.26 50.66
N THR D 174 0.02 -28.06 51.19
CA THR D 174 0.78 -27.85 52.42
C THR D 174 -0.13 -27.69 53.64
N SER D 178 -2.20 -23.80 55.49
CA SER D 178 -1.55 -22.52 55.29
C SER D 178 -2.49 -21.48 54.73
N ASP D 179 -1.97 -20.29 54.48
CA ASP D 179 -2.74 -19.08 54.43
C ASP D 179 -2.51 -18.24 53.23
N ASP D 180 -3.35 -17.23 53.10
CA ASP D 180 -3.26 -16.14 52.14
C ASP D 180 -4.32 -15.11 52.40
N GLU D 182 -1.95 -13.92 53.01
CA GLU D 182 -1.28 -13.56 54.24
C GLU D 182 -0.24 -12.55 53.83
N TYR D 183 0.12 -12.64 52.56
CA TYR D 183 1.05 -11.74 51.91
C TYR D 183 0.43 -10.97 50.76
N PHE D 184 -0.87 -11.00 50.69
CA PHE D 184 -1.63 -10.36 49.66
C PHE D 184 -1.61 -8.84 49.79
N SER D 185 -1.45 -8.16 48.65
CA SER D 185 -1.26 -6.71 48.63
C SER D 185 -2.53 -6.02 49.11
N GLN D 186 -2.41 -5.13 50.07
CA GLN D 186 -3.54 -4.30 50.49
C GLN D 186 -3.90 -3.28 49.40
N TYR D 187 -3.04 -3.11 48.40
CA TYR D 187 -3.30 -2.12 47.37
C TYR D 187 -3.91 -2.70 46.10
N SER D 188 -4.20 -4.00 46.15
CA SER D 188 -5.00 -4.62 45.08
C SER D 188 -6.45 -4.08 45.12
N ARG D 189 -7.14 -4.08 43.99
CA ARG D 189 -8.52 -3.64 44.00
C ARG D 189 -9.36 -4.70 44.64
N PHE D 190 -8.78 -5.90 44.75
CA PHE D 190 -9.50 -7.05 45.29
C PHE D 190 -8.99 -7.42 46.68
N GLU D 191 -9.71 -8.36 47.30
CA GLU D 191 -9.29 -8.98 48.54
C GLU D 191 -9.73 -10.43 48.48
N ILE D 192 -9.05 -11.28 49.23
CA ILE D 192 -9.24 -12.70 49.12
C ILE D 192 -10.10 -13.15 50.26
N LEU D 193 -11.23 -13.73 49.91
CA LEU D 193 -12.08 -14.36 50.87
C LEU D 193 -11.55 -15.65 51.39
N ASP D 194 -11.11 -16.51 50.50
CA ASP D 194 -10.65 -17.81 50.91
C ASP D 194 -9.75 -18.50 49.94
N VAL D 195 -8.91 -19.40 50.44
CA VAL D 195 -8.18 -20.27 49.57
C VAL D 195 -8.34 -21.70 50.01
N THR D 196 -8.78 -22.58 49.12
CA THR D 196 -8.85 -24.00 49.42
C THR D 196 -8.04 -24.79 48.40
N GLN D 197 -7.45 -25.91 48.83
CA GLN D 197 -6.61 -26.72 47.96
C GLN D 197 -7.19 -28.13 47.89
N LYS D 198 -7.10 -28.76 46.73
CA LYS D 198 -7.63 -30.11 46.58
C LYS D 198 -6.81 -30.94 45.59
N LYS D 199 -6.38 -32.12 46.03
CA LYS D 199 -5.53 -32.98 45.24
C LYS D 199 -6.34 -33.89 44.34
N ASN D 200 -5.90 -34.06 43.10
CA ASN D 200 -6.55 -34.95 42.14
C ASN D 200 -5.58 -35.89 41.45
N SER D 201 -6.14 -36.92 40.84
CA SER D 201 -5.34 -37.88 40.07
C SER D 201 -6.13 -38.16 38.79
N VAL D 202 -5.58 -37.77 37.65
CA VAL D 202 -6.31 -37.80 36.40
C VAL D 202 -5.60 -38.65 35.37
N THR D 203 -6.38 -39.41 34.60
CA THR D 203 -5.83 -40.15 33.46
C THR D 203 -6.10 -39.39 32.17
N TYR D 204 -5.09 -39.29 31.33
CA TYR D 204 -5.20 -38.60 30.06
C TYR D 204 -5.15 -39.58 28.91
N SER D 205 -5.74 -39.18 27.78
CA SER D 205 -5.91 -40.03 26.60
C SER D 205 -4.60 -40.60 26.09
N CYS D 206 -3.56 -39.78 26.16
CA CYS D 206 -2.25 -40.12 25.60
C CYS D 206 -1.59 -41.32 26.30
N CYS D 207 -1.81 -41.42 27.60
CA CYS D 207 -0.98 -42.28 28.45
C CYS D 207 -1.84 -43.12 29.37
N PRO D 208 -1.34 -44.32 29.70
CA PRO D 208 -2.06 -45.26 30.56
C PRO D 208 -1.96 -44.93 32.06
N GLU D 209 -0.99 -44.13 32.46
CA GLU D 209 -0.82 -43.87 33.88
C GLU D 209 -1.60 -42.62 34.32
N ALA D 210 -1.74 -42.46 35.63
CA ALA D 210 -2.43 -41.28 36.17
C ALA D 210 -1.43 -40.23 36.62
N TYR D 211 -1.81 -38.98 36.32
CA TYR D 211 -1.01 -37.82 36.68
C TYR D 211 -1.70 -37.06 37.80
N GLU D 212 -0.94 -36.71 38.83
CA GLU D 212 -1.53 -35.99 39.96
C GLU D 212 -1.47 -34.50 39.71
N ASP D 213 -2.42 -33.77 40.29
CA ASP D 213 -2.40 -32.31 40.26
C ASP D 213 -2.95 -31.76 41.56
N VAL D 214 -2.70 -30.49 41.80
CA VAL D 214 -3.35 -29.81 42.90
C VAL D 214 -4.23 -28.74 42.30
N GLU D 215 -5.47 -28.68 42.74
CA GLU D 215 -6.37 -27.58 42.36
C GLU D 215 -6.49 -26.59 43.51
N VAL D 216 -5.93 -25.41 43.30
CA VAL D 216 -6.06 -24.32 44.24
C VAL D 216 -7.26 -23.46 43.85
N SER D 217 -8.25 -23.40 44.74
CA SER D 217 -9.44 -22.56 44.53
C SER D 217 -9.23 -21.22 45.21
N LEU D 218 -9.17 -20.18 44.41
CA LEU D 218 -9.01 -18.82 44.91
C LEU D 218 -10.36 -18.10 44.91
N ASN D 219 -10.93 -17.94 46.11
CA ASN D 219 -12.16 -17.20 46.24
C ASN D 219 -11.88 -15.72 46.55
N PHE D 220 -12.18 -14.85 45.59
CA PHE D 220 -11.85 -13.44 45.75
C PHE D 220 -13.01 -12.56 45.24
N ARG D 221 -12.99 -11.31 45.67
CA ARG D 221 -13.90 -10.31 45.18
C ARG D 221 -13.30 -8.92 45.26
N LYS D 222 -13.93 -7.99 44.58
CA LYS D 222 -13.62 -6.58 44.54
C LYS D 222 -13.92 -5.86 45.83
N LYS D 223 -13.00 -5.01 46.26
CA LYS D 223 -13.08 -4.24 47.48
C LYS D 223 -14.04 -3.06 47.47
N GLY D 224 -14.28 -2.53 48.64
CA GLY D 224 -15.01 -1.31 48.78
C GLY D 224 -14.14 -0.13 49.11
N LEU E 20 20.35 -51.07 34.83
CA LEU E 20 20.11 -49.70 34.40
C LEU E 20 19.09 -49.01 35.28
N ASP E 21 19.45 -47.85 35.82
CA ASP E 21 18.46 -46.99 36.45
C ASP E 21 18.29 -45.72 35.59
N ARG E 22 17.40 -44.82 36.03
CA ARG E 22 17.13 -43.60 35.30
C ARG E 22 18.41 -42.81 35.00
N ALA E 23 19.23 -42.61 36.03
CA ALA E 23 20.50 -41.87 35.91
C ALA E 23 21.34 -42.39 34.74
N ASP E 24 21.45 -43.71 34.64
CA ASP E 24 22.25 -44.30 33.56
C ASP E 24 21.61 -44.07 32.20
N ILE E 25 20.31 -44.31 32.10
CA ILE E 25 19.57 -44.14 30.84
C ILE E 25 19.65 -42.73 30.31
N LEU E 26 19.41 -41.76 31.19
CA LEU E 26 19.54 -40.35 30.85
C LEU E 26 20.97 -39.96 30.44
N TYR E 27 21.95 -40.52 31.16
CA TYR E 27 23.35 -40.31 30.83
C TYR E 27 23.66 -40.83 29.42
N ASN E 28 23.24 -42.06 29.13
CA ASN E 28 23.46 -42.60 27.79
C ASN E 28 22.79 -41.75 26.71
N ILE E 29 21.57 -41.32 26.98
CA ILE E 29 20.84 -40.51 26.04
C ILE E 29 21.51 -39.20 25.81
N ARG E 30 21.95 -38.57 26.85
CA ARG E 30 22.62 -37.32 26.76
C ARG E 30 23.91 -37.46 26.01
N GLN E 31 24.64 -38.53 26.27
CA GLN E 31 25.90 -38.78 25.60
C GLN E 31 25.85 -39.13 24.15
N THR E 32 24.85 -39.91 23.78
CA THR E 32 24.82 -40.59 22.48
C THR E 32 23.70 -40.20 21.51
N SER E 33 22.64 -39.58 22.01
CA SER E 33 21.60 -39.15 21.09
C SER E 33 22.17 -38.01 20.24
N ARG E 34 21.70 -37.96 19.01
CA ARG E 34 22.21 -36.99 18.07
C ARG E 34 21.03 -36.09 17.65
N PRO E 35 20.81 -35.02 18.41
CA PRO E 35 19.65 -34.14 18.21
C PRO E 35 19.60 -33.56 16.79
N ASP E 36 20.76 -33.45 16.16
CA ASP E 36 20.85 -32.91 14.82
C ASP E 36 20.53 -33.96 13.76
N VAL E 37 20.41 -35.20 14.18
CA VAL E 37 20.30 -36.32 13.24
C VAL E 37 18.90 -36.98 13.24
N ILE E 38 18.20 -36.85 12.12
CA ILE E 38 16.92 -37.48 11.98
C ILE E 38 17.08 -39.01 12.05
N PRO E 39 16.34 -39.66 12.97
CA PRO E 39 16.41 -41.10 13.19
C PRO E 39 15.67 -41.87 12.09
N THR E 40 16.07 -41.63 10.85
CA THR E 40 15.53 -42.38 9.72
C THR E 40 16.12 -43.81 9.70
N GLN E 41 15.32 -44.80 9.31
CA GLN E 41 15.74 -46.21 9.38
C GLN E 41 15.94 -46.87 8.00
N PRO E 45 10.97 -43.28 5.91
CA PRO E 45 10.69 -42.03 6.66
C PRO E 45 10.38 -42.30 8.13
N VAL E 46 10.70 -41.32 8.96
CA VAL E 46 10.21 -41.30 10.33
C VAL E 46 8.70 -40.98 10.35
N ALA E 47 7.92 -41.86 10.97
CA ALA E 47 6.48 -41.67 11.03
C ALA E 47 6.11 -40.80 12.22
N VAL E 48 5.63 -39.59 11.95
CA VAL E 48 5.29 -38.65 13.01
C VAL E 48 3.77 -38.52 13.16
N SER E 49 3.27 -38.81 14.36
CA SER E 49 1.87 -38.58 14.73
C SER E 49 1.69 -37.19 15.29
N VAL E 50 0.71 -36.47 14.76
CA VAL E 50 0.34 -35.16 15.24
C VAL E 50 -1.13 -35.13 15.62
N SER E 51 -1.40 -34.66 16.83
CA SER E 51 -2.75 -34.61 17.35
C SER E 51 -2.89 -33.36 18.21
N LEU E 52 -3.70 -32.41 17.76
CA LEU E 52 -3.96 -31.19 18.53
C LEU E 52 -5.10 -31.40 19.53
N LYS E 53 -4.83 -31.14 20.80
CA LYS E 53 -5.84 -31.20 21.84
C LYS E 53 -6.13 -29.76 22.22
N PHE E 54 -7.29 -29.25 21.81
CA PHE E 54 -7.58 -27.83 22.04
C PHE E 54 -7.95 -27.57 23.48
N ILE E 55 -7.41 -26.49 24.01
CA ILE E 55 -7.53 -26.21 25.43
C ILE E 55 -8.36 -24.97 25.59
N ASN E 56 -8.05 -23.98 24.75
CA ASN E 56 -8.77 -22.71 24.78
C ASN E 56 -8.74 -21.93 23.50
N ILE E 57 -9.76 -21.15 23.25
CA ILE E 57 -9.78 -20.26 22.14
C ILE E 57 -9.91 -18.91 22.75
N LEU E 58 -9.06 -17.96 22.40
CA LEU E 58 -8.94 -16.75 23.20
C LEU E 58 -9.37 -15.40 22.66
N GLU E 59 -9.00 -15.05 21.46
CA GLU E 59 -9.56 -13.87 20.83
C GLU E 59 -9.76 -14.21 19.38
N VAL E 60 -10.90 -13.85 18.83
CA VAL E 60 -11.24 -14.15 17.48
C VAL E 60 -11.44 -12.79 16.93
N ASN E 61 -11.02 -12.55 15.70
CA ASN E 61 -11.37 -11.36 15.00
C ASN E 61 -11.95 -11.81 13.72
N GLU E 62 -13.22 -11.61 13.56
CA GLU E 62 -13.89 -11.96 12.32
C GLU E 62 -13.53 -11.02 11.17
N ILE E 63 -13.16 -9.80 11.51
CA ILE E 63 -12.71 -8.86 10.52
C ILE E 63 -11.36 -9.32 9.94
N THR E 64 -10.36 -9.42 10.80
CA THR E 64 -8.99 -9.69 10.37
C THR E 64 -8.76 -11.15 10.02
N ASN E 65 -9.70 -12.02 10.40
CA ASN E 65 -9.56 -13.46 10.18
C ASN E 65 -8.33 -14.05 10.94
N GLU E 66 -8.27 -13.73 12.23
CA GLU E 66 -7.20 -14.19 13.08
C GLU E 66 -7.80 -14.75 14.34
N VAL E 67 -7.23 -15.86 14.81
CA VAL E 67 -7.64 -16.46 16.08
C VAL E 67 -6.41 -16.72 16.96
N ASP E 68 -6.65 -16.73 18.27
CA ASP E 68 -5.62 -17.01 19.25
C ASP E 68 -6.04 -18.31 19.93
N VAL E 69 -5.24 -19.35 19.75
CA VAL E 69 -5.60 -20.65 20.28
C VAL E 69 -4.57 -21.14 21.30
N VAL E 70 -5.06 -21.88 22.30
CA VAL E 70 -4.20 -22.68 23.18
C VAL E 70 -4.47 -24.16 22.93
N PHE E 71 -3.41 -24.92 22.67
CA PHE E 71 -3.59 -26.34 22.36
C PHE E 71 -2.37 -27.18 22.75
N TRP E 72 -2.61 -28.45 23.06
CA TRP E 72 -1.54 -29.40 23.26
C TRP E 72 -1.18 -29.93 21.89
N GLN E 73 0.09 -29.76 21.49
CA GLN E 73 0.56 -30.35 20.25
C GLN E 73 1.22 -31.69 20.53
N GLN E 74 0.39 -32.73 20.66
CA GLN E 74 0.86 -34.08 20.94
C GLN E 74 1.61 -34.66 19.74
N THR E 75 2.93 -34.79 19.87
CA THR E 75 3.76 -35.28 18.77
C THR E 75 4.38 -36.61 19.16
N THR E 76 4.29 -37.61 18.28
CA THR E 76 4.78 -38.94 18.61
C THR E 76 5.58 -39.56 17.46
N TRP E 77 6.79 -40.05 17.77
CA TRP E 77 7.60 -40.70 16.76
C TRP E 77 8.50 -41.75 17.38
N SER E 78 9.31 -42.37 16.53
CA SER E 78 10.17 -43.44 16.97
C SER E 78 11.65 -43.13 16.67
N ASP E 79 12.49 -43.35 17.68
CA ASP E 79 13.94 -43.25 17.53
C ASP E 79 14.62 -44.44 18.22
N ARG E 80 14.94 -45.47 17.43
CA ARG E 80 15.48 -46.73 17.96
C ARG E 80 16.82 -46.55 18.66
N THR E 81 17.58 -45.57 18.22
CA THR E 81 18.89 -45.26 18.84
C THR E 81 18.79 -44.85 20.32
N LEU E 82 17.56 -44.65 20.80
CA LEU E 82 17.34 -44.33 22.20
C LEU E 82 16.88 -45.53 23.00
N ALA E 83 16.60 -46.65 22.32
CA ALA E 83 16.06 -47.84 22.96
C ALA E 83 17.02 -48.45 23.99
N TRP E 84 16.46 -49.15 24.97
CA TRP E 84 17.27 -49.84 25.97
C TRP E 84 16.57 -51.11 26.47
N ASN E 85 17.35 -52.00 27.07
CA ASN E 85 16.82 -53.23 27.64
C ASN E 85 16.12 -52.93 28.97
N SER E 86 14.79 -53.00 28.97
CA SER E 86 13.99 -52.60 30.13
C SER E 86 13.67 -53.74 31.09
N SER E 87 14.47 -54.82 31.04
CA SER E 87 14.23 -55.99 31.88
C SER E 87 14.13 -55.62 33.36
N HIS E 88 15.14 -54.92 33.86
CA HIS E 88 15.17 -54.53 35.26
C HIS E 88 15.41 -53.02 35.34
N SER E 89 14.74 -52.30 34.45
CA SER E 89 14.93 -50.88 34.25
C SER E 89 13.57 -50.21 34.14
N PRO E 90 13.53 -48.87 34.26
CA PRO E 90 12.30 -48.12 33.97
C PRO E 90 11.84 -48.30 32.53
N ASP E 91 10.55 -48.19 32.27
CA ASP E 91 10.01 -48.35 30.92
C ASP E 91 10.06 -47.03 30.19
N GLN E 92 10.23 -45.95 30.96
CA GLN E 92 10.03 -44.61 30.45
C GLN E 92 10.86 -43.59 31.24
N VAL E 93 11.39 -42.60 30.54
CA VAL E 93 12.03 -41.45 31.19
C VAL E 93 11.56 -40.13 30.59
N SER E 94 11.79 -39.05 31.33
CA SER E 94 11.54 -37.71 30.81
C SER E 94 12.86 -37.07 30.43
N VAL E 95 12.94 -36.61 29.18
CA VAL E 95 14.19 -36.07 28.64
C VAL E 95 13.97 -34.67 28.09
N PRO E 96 14.86 -33.73 28.42
CA PRO E 96 14.84 -32.39 27.80
C PRO E 96 14.91 -32.53 26.28
N ILE E 97 14.05 -31.83 25.56
CA ILE E 97 14.05 -31.97 24.09
C ILE E 97 15.35 -31.50 23.46
N SER E 98 16.09 -30.66 24.18
CA SER E 98 17.39 -30.22 23.67
C SER E 98 18.38 -31.39 23.55
N SER E 99 18.10 -32.50 24.23
CA SER E 99 18.93 -33.70 24.17
C SER E 99 18.41 -34.75 23.20
N LEU E 100 17.37 -34.41 22.43
CA LEU E 100 16.76 -35.38 21.52
C LEU E 100 16.55 -34.77 20.17
N TRP E 101 16.51 -35.60 19.15
CA TRP E 101 16.07 -35.12 17.87
C TRP E 101 14.55 -34.95 17.92
N VAL E 102 14.09 -33.85 17.34
CA VAL E 102 12.69 -33.47 17.37
C VAL E 102 12.24 -33.09 15.94
N PRO E 103 11.09 -33.60 15.51
CA PRO E 103 10.60 -33.21 14.19
C PRO E 103 10.43 -31.66 14.06
N ASP E 104 10.83 -31.09 12.92
CA ASP E 104 10.76 -29.62 12.73
C ASP E 104 9.37 -29.19 12.27
N LEU E 105 8.36 -29.52 13.05
CA LEU E 105 6.98 -29.20 12.69
C LEU E 105 6.73 -27.68 12.75
N ALA E 106 5.93 -27.18 11.83
CA ALA E 106 5.55 -25.77 11.85
C ALA E 106 4.11 -25.64 11.39
N ALA E 107 3.41 -24.66 11.97
CA ALA E 107 2.06 -24.31 11.51
C ALA E 107 2.25 -23.30 10.38
N TYR E 108 1.81 -23.68 9.18
CA TYR E 108 2.03 -22.86 7.97
C TYR E 108 1.31 -21.55 8.03
N ASN E 109 0.14 -21.55 8.67
CA ASN E 109 -0.71 -20.35 8.75
C ASN E 109 -0.67 -19.68 10.14
N ALA E 110 0.37 -20.03 10.91
CA ALA E 110 0.64 -19.33 12.16
C ALA E 110 1.18 -17.94 11.79
N ILE E 111 0.81 -16.93 12.57
CA ILE E 111 1.28 -15.55 12.35
C ILE E 111 1.98 -15.01 13.60
N SER E 112 2.16 -15.87 14.60
CA SER E 112 3.03 -15.57 15.72
C SER E 112 3.89 -16.80 15.96
N LYS E 113 5.09 -16.64 16.51
CA LYS E 113 5.88 -17.84 16.78
C LYS E 113 5.20 -18.53 17.96
N PRO E 114 5.38 -19.86 18.07
CA PRO E 114 4.71 -20.62 19.13
C PRO E 114 5.21 -20.30 20.52
N GLU E 115 4.30 -19.90 21.39
CA GLU E 115 4.64 -19.67 22.79
C GLU E 115 4.42 -21.00 23.54
N VAL E 116 5.53 -21.66 23.90
CA VAL E 116 5.44 -22.94 24.64
C VAL E 116 5.22 -22.61 26.10
N LEU E 117 4.12 -23.10 26.64
CA LEU E 117 3.69 -22.77 28.00
C LEU E 117 4.21 -23.76 29.06
N THR E 118 4.69 -24.91 28.60
CA THR E 118 4.98 -26.02 29.49
C THR E 118 6.46 -26.37 29.48
N PRO E 119 6.94 -27.07 30.53
CA PRO E 119 8.33 -27.58 30.56
C PRO E 119 8.66 -28.41 29.32
N GLN E 120 9.76 -28.09 28.65
CA GLN E 120 10.07 -28.73 27.38
C GLN E 120 10.76 -30.10 27.56
N LEU E 121 9.97 -31.06 28.05
CA LEU E 121 10.42 -32.41 28.27
C LEU E 121 9.61 -33.38 27.43
N ALA E 122 10.28 -34.46 26.98
CA ALA E 122 9.62 -35.48 26.19
C ALA E 122 9.65 -36.81 26.93
N HIS E 123 8.74 -37.70 26.53
CA HIS E 123 8.76 -39.08 27.00
CA HIS E 123 8.78 -39.07 27.01
C HIS E 123 9.61 -39.92 26.07
N VAL E 124 10.52 -40.70 26.64
CA VAL E 124 11.21 -41.71 25.85
C VAL E 124 10.89 -43.04 26.49
N VAL E 125 10.31 -43.94 25.71
CA VAL E 125 9.95 -45.26 26.20
C VAL E 125 11.07 -46.20 25.79
N SER E 126 11.27 -47.29 26.55
CA SER E 126 12.41 -48.21 26.33
C SER E 126 12.53 -48.75 24.90
N ASP E 127 11.40 -48.90 24.21
CA ASP E 127 11.39 -49.34 22.81
C ASP E 127 11.83 -48.25 21.83
N GLY E 128 12.04 -47.03 22.31
CA GLY E 128 12.50 -45.96 21.44
C GLY E 128 11.38 -45.05 20.96
N GLU E 129 10.17 -45.26 21.47
CA GLU E 129 9.10 -44.38 21.07
C GLU E 129 9.21 -43.09 21.86
N VAL E 130 9.08 -41.97 21.16
CA VAL E 130 9.19 -40.65 21.78
C VAL E 130 7.88 -39.88 21.65
N GLN E 131 7.45 -39.29 22.75
CA GLN E 131 6.28 -38.42 22.71
C GLN E 131 6.61 -37.10 23.35
N TYR E 132 6.23 -36.03 22.67
CA TYR E 132 6.44 -34.66 23.15
C TYR E 132 5.11 -33.94 22.99
N THR E 133 4.61 -33.39 24.09
CA THR E 133 3.30 -32.74 24.10
C THR E 133 3.30 -31.36 24.78
N PRO E 134 3.88 -30.38 24.09
CA PRO E 134 3.87 -29.04 24.68
C PRO E 134 2.47 -28.39 24.60
N SER E 135 2.14 -27.57 25.58
CA SER E 135 0.97 -26.76 25.48
C SER E 135 1.40 -25.44 24.82
N ILE E 136 0.77 -25.12 23.70
CA ILE E 136 1.18 -23.96 22.90
C ILE E 136 0.09 -22.92 22.79
N ARG E 137 0.46 -21.66 22.99
CA ARG E 137 -0.43 -20.55 22.61
C ARG E 137 0.08 -19.93 21.33
N GLN E 138 -0.79 -19.83 20.33
CA GLN E 138 -0.36 -19.33 19.03
C GLN E 138 -1.50 -18.64 18.28
N ARG E 139 -1.14 -17.66 17.46
CA ARG E 139 -2.08 -16.97 16.57
C ARG E 139 -2.04 -17.48 15.14
N PHE E 140 -3.22 -17.77 14.63
CA PHE E 140 -3.38 -18.25 13.28
C PHE E 140 -4.22 -17.33 12.39
N SER E 141 -3.91 -17.36 11.11
CA SER E 141 -4.70 -16.73 10.08
C SER E 141 -5.54 -17.84 9.48
N CYS E 142 -6.86 -17.72 9.63
CA CYS E 142 -7.77 -18.73 9.12
C CYS E 142 -9.16 -18.14 8.99
N ASP E 143 -10.09 -18.96 8.48
CA ASP E 143 -11.46 -18.52 8.18
C ASP E 143 -12.28 -18.47 9.45
N VAL E 144 -12.60 -17.25 9.88
CA VAL E 144 -13.31 -17.04 11.14
C VAL E 144 -14.79 -16.68 10.85
N SER E 145 -15.15 -16.65 9.57
CA SER E 145 -16.49 -16.29 9.16
C SER E 145 -17.51 -17.31 9.66
N GLY E 146 -18.54 -16.82 10.34
CA GLY E 146 -19.62 -17.66 10.82
C GLY E 146 -19.47 -18.02 12.28
N VAL E 147 -18.47 -17.44 12.92
CA VAL E 147 -18.13 -17.79 14.30
C VAL E 147 -19.30 -17.52 15.22
N ASP E 148 -20.10 -16.53 14.85
CA ASP E 148 -21.22 -16.10 15.68
C ASP E 148 -22.56 -16.72 15.27
N THR E 149 -22.52 -17.65 14.32
CA THR E 149 -23.70 -18.38 13.90
C THR E 149 -23.77 -19.74 14.61
N GLU E 150 -24.80 -20.52 14.29
CA GLU E 150 -25.00 -21.80 14.97
C GLU E 150 -24.13 -22.91 14.36
N SER E 151 -23.87 -22.80 13.06
CA SER E 151 -23.03 -23.77 12.36
C SER E 151 -21.54 -23.47 12.64
N GLY E 152 -21.26 -22.24 13.09
CA GLY E 152 -19.94 -21.89 13.56
C GLY E 152 -18.93 -21.60 12.46
N ALA E 153 -17.72 -21.21 12.88
CA ALA E 153 -16.62 -21.03 11.94
C ALA E 153 -15.83 -22.34 11.84
N THR E 154 -15.09 -22.49 10.75
CA THR E 154 -14.19 -23.63 10.61
C THR E 154 -12.77 -23.16 10.30
N CYS E 155 -11.94 -23.17 11.33
CA CYS E 155 -10.57 -22.74 11.22
C CYS E 155 -9.67 -23.94 10.89
N ARG E 156 -8.94 -23.83 9.78
CA ARG E 156 -8.10 -24.91 9.28
C ARG E 156 -6.63 -24.64 9.62
N ILE E 157 -6.03 -25.52 10.42
CA ILE E 157 -4.64 -25.36 10.82
C ILE E 157 -3.72 -26.37 10.14
N LYS E 158 -2.74 -25.88 9.40
CA LYS E 158 -1.86 -26.72 8.59
C LYS E 158 -0.50 -26.93 9.27
N ILE E 159 -0.23 -28.17 9.67
CA ILE E 159 1.01 -28.51 10.38
C ILE E 159 1.80 -29.57 9.65
N GLY E 160 3.07 -29.30 9.40
CA GLY E 160 3.97 -30.28 8.77
C GLY E 160 5.44 -30.01 9.03
N SER E 161 6.29 -30.90 8.54
CA SER E 161 7.74 -30.67 8.61
C SER E 161 8.11 -29.50 7.73
N TRP E 162 8.87 -28.56 8.28
CA TRP E 162 9.34 -27.42 7.49
C TRP E 162 10.39 -27.82 6.45
N THR E 163 11.37 -28.64 6.86
CA THR E 163 12.50 -28.96 5.98
C THR E 163 12.68 -30.43 5.59
N HIS E 164 11.88 -31.34 6.17
CA HIS E 164 11.95 -32.74 5.73
C HIS E 164 10.79 -33.17 4.82
N HIS E 165 11.12 -33.69 3.62
CA HIS E 165 10.10 -34.16 2.66
C HIS E 165 9.55 -35.56 3.02
N SER E 166 8.64 -36.05 2.18
CA SER E 166 7.84 -37.24 2.52
C SER E 166 8.67 -38.51 2.77
N ARG E 167 9.91 -38.53 2.29
CA ARG E 167 10.73 -39.75 2.42
C ARG E 167 11.50 -39.70 3.74
N GLU E 168 11.69 -38.52 4.25
CA GLU E 168 12.35 -38.36 5.53
C GLU E 168 11.33 -38.28 6.68
N ILE E 169 10.29 -37.47 6.52
CA ILE E 169 9.24 -37.39 7.53
C ILE E 169 7.85 -37.51 6.93
N SER E 170 7.06 -38.41 7.50
CA SER E 170 5.66 -38.52 7.13
C SER E 170 4.79 -38.19 8.35
N VAL E 171 3.78 -37.34 8.14
CA VAL E 171 2.90 -36.97 9.25
C VAL E 171 1.54 -37.66 9.10
N ASP E 172 1.00 -38.09 10.23
CA ASP E 172 -0.29 -38.76 10.25
C ASP E 172 -1.13 -38.33 11.45
N PRO E 173 -2.46 -38.26 11.28
CA PRO E 173 -3.37 -37.98 12.38
C PRO E 173 -3.41 -39.17 13.34
N THR E 174 -3.99 -38.98 14.53
CA THR E 174 -4.08 -40.04 15.53
C THR E 174 -5.45 -40.72 15.53
N GLU E 182 -12.55 -31.78 24.62
CA GLU E 182 -12.33 -32.77 25.63
C GLU E 182 -11.60 -32.19 26.79
N TYR E 183 -10.48 -31.54 26.51
CA TYR E 183 -9.77 -30.78 27.52
C TYR E 183 -10.04 -29.31 27.34
N PHE E 184 -10.93 -28.98 26.45
CA PHE E 184 -11.28 -27.61 26.21
C PHE E 184 -11.83 -26.99 27.45
N SER E 185 -11.40 -25.77 27.73
CA SER E 185 -11.88 -24.98 28.86
C SER E 185 -13.39 -24.65 28.78
N GLN E 186 -14.11 -24.92 29.87
CA GLN E 186 -15.53 -24.57 29.95
C GLN E 186 -15.71 -23.08 30.16
N TYR E 187 -14.61 -22.37 30.41
CA TYR E 187 -14.68 -20.94 30.69
C TYR E 187 -14.34 -20.09 29.46
N SER E 188 -14.14 -20.74 28.33
CA SER E 188 -13.94 -20.03 27.07
C SER E 188 -15.27 -19.38 26.67
N ARG E 189 -15.20 -18.27 25.94
CA ARG E 189 -16.36 -17.66 25.30
C ARG E 189 -16.84 -18.54 24.15
N PHE E 190 -16.05 -19.55 23.85
CA PHE E 190 -16.28 -20.36 22.67
C PHE E 190 -16.47 -21.80 23.02
N GLU E 191 -17.10 -22.53 22.10
CA GLU E 191 -17.35 -23.95 22.23
C GLU E 191 -16.96 -24.67 20.95
N ILE E 192 -16.53 -25.92 21.07
CA ILE E 192 -16.08 -26.66 19.91
C ILE E 192 -17.16 -27.60 19.44
N LEU E 193 -17.50 -27.52 18.16
CA LEU E 193 -18.56 -28.36 17.60
C LEU E 193 -17.95 -29.64 17.07
N ASP E 194 -16.87 -29.50 16.31
CA ASP E 194 -16.22 -30.66 15.72
C ASP E 194 -14.72 -30.41 15.40
N VAL E 195 -13.92 -31.47 15.51
CA VAL E 195 -12.54 -31.41 15.04
C VAL E 195 -12.30 -32.54 14.05
N THR E 196 -11.96 -32.19 12.81
CA THR E 196 -11.57 -33.20 11.83
C THR E 196 -10.12 -33.01 11.37
N GLN E 197 -9.47 -34.11 11.04
CA GLN E 197 -8.08 -34.07 10.61
C GLN E 197 -7.96 -34.69 9.21
N LYS E 198 -7.08 -34.14 8.39
CA LYS E 198 -6.87 -34.67 7.05
C LYS E 198 -5.38 -34.57 6.74
N LYS E 199 -4.87 -35.54 6.01
CA LYS E 199 -3.47 -35.59 5.65
C LYS E 199 -3.28 -35.17 4.19
N ASN E 200 -2.26 -34.34 3.93
CA ASN E 200 -1.95 -33.88 2.59
C ASN E 200 -0.48 -34.06 2.24
N SER E 201 -0.20 -33.99 0.94
CA SER E 201 1.15 -34.12 0.44
C SER E 201 1.32 -33.09 -0.66
N VAL E 202 2.14 -32.08 -0.39
CA VAL E 202 2.20 -30.93 -1.28
C VAL E 202 3.60 -30.77 -1.86
N THR E 203 3.66 -30.38 -3.13
CA THR E 203 4.91 -30.00 -3.75
C THR E 203 5.03 -28.49 -3.79
N TYR E 204 6.21 -27.99 -3.41
CA TYR E 204 6.48 -26.55 -3.38
C TYR E 204 7.45 -26.16 -4.48
N SER E 205 7.40 -24.90 -4.91
CA SER E 205 8.20 -24.41 -6.04
C SER E 205 9.68 -24.65 -5.83
N CYS E 206 10.12 -24.46 -4.59
CA CYS E 206 11.55 -24.49 -4.23
C CYS E 206 12.20 -25.85 -4.52
N CYS E 207 11.45 -26.92 -4.28
CA CYS E 207 12.02 -28.25 -4.14
C CYS E 207 11.22 -29.26 -4.96
N PRO E 208 11.92 -30.31 -5.41
CA PRO E 208 11.31 -31.35 -6.26
C PRO E 208 10.49 -32.40 -5.51
N GLU E 209 10.72 -32.53 -4.21
CA GLU E 209 10.05 -33.56 -3.42
C GLU E 209 8.79 -33.04 -2.77
N ALA E 210 7.96 -33.97 -2.31
CA ALA E 210 6.68 -33.62 -1.70
C ALA E 210 6.82 -33.60 -0.18
N TYR E 211 6.22 -32.59 0.43
CA TYR E 211 6.21 -32.46 1.87
C TYR E 211 4.83 -32.75 2.39
N GLU E 212 4.77 -33.56 3.43
CA GLU E 212 3.48 -33.93 4.05
C GLU E 212 3.06 -32.94 5.12
N ASP E 213 1.75 -32.80 5.28
CA ASP E 213 1.18 -31.94 6.35
C ASP E 213 -0.12 -32.53 6.86
N VAL E 214 -0.51 -32.12 8.05
CA VAL E 214 -1.81 -32.47 8.56
C VAL E 214 -2.61 -31.18 8.62
N GLU E 215 -3.84 -31.22 8.10
CA GLU E 215 -4.76 -30.10 8.27
C GLU E 215 -5.79 -30.45 9.32
N VAL E 216 -5.68 -29.81 10.47
CA VAL E 216 -6.71 -29.94 11.49
C VAL E 216 -7.75 -28.86 11.29
N SER E 217 -9.00 -29.27 11.05
CA SER E 217 -10.13 -28.35 10.93
C SER E 217 -10.88 -28.20 12.24
N LEU E 218 -10.79 -27.00 12.81
CA LEU E 218 -11.46 -26.69 14.07
C LEU E 218 -12.79 -25.99 13.80
N ASN E 219 -13.88 -26.69 14.05
CA ASN E 219 -15.21 -26.11 13.90
C ASN E 219 -15.72 -25.64 15.26
N PHE E 220 -15.81 -24.32 15.42
CA PHE E 220 -16.18 -23.74 16.70
C PHE E 220 -17.13 -22.56 16.53
N ARG E 221 -17.75 -22.14 17.62
CA ARG E 221 -18.65 -20.98 17.60
C ARG E 221 -18.68 -20.28 18.94
N LYS E 222 -19.21 -19.05 18.91
CA LYS E 222 -19.36 -18.26 20.13
C LYS E 222 -20.56 -18.71 20.92
N LYS E 223 -20.38 -18.97 22.21
CA LYS E 223 -21.52 -19.35 23.06
C LYS E 223 -22.61 -18.28 23.12
N GLY E 224 -23.84 -18.71 23.43
CA GLY E 224 -24.95 -17.82 23.68
C GLY E 224 -25.59 -18.07 25.03
N LEU F 20 41.37 -24.36 -0.15
CA LEU F 20 41.95 -25.09 0.97
C LEU F 20 43.45 -24.89 1.04
N ASP F 21 43.95 -24.51 2.21
CA ASP F 21 45.39 -24.61 2.46
C ASP F 21 45.71 -25.72 3.50
N ARG F 22 46.99 -25.88 3.85
CA ARG F 22 47.41 -26.93 4.79
C ARG F 22 46.66 -26.80 6.09
N ALA F 23 46.62 -25.58 6.61
CA ALA F 23 45.95 -25.30 7.90
C ALA F 23 44.51 -25.83 7.92
N ASP F 24 43.76 -25.59 6.85
CA ASP F 24 42.38 -26.03 6.78
C ASP F 24 42.27 -27.55 6.73
N ILE F 25 43.10 -28.17 5.89
CA ILE F 25 43.12 -29.63 5.70
C ILE F 25 43.44 -30.36 7.00
N LEU F 26 44.45 -29.87 7.68
CA LEU F 26 44.83 -30.43 8.96
C LEU F 26 43.75 -30.23 10.01
N TYR F 27 43.14 -29.06 10.02
CA TYR F 27 42.01 -28.79 10.90
C TYR F 27 40.87 -29.77 10.65
N ASN F 28 40.47 -29.96 9.39
CA ASN F 28 39.38 -30.90 9.09
C ASN F 28 39.73 -32.31 9.52
N ILE F 29 40.94 -32.75 9.26
CA ILE F 29 41.39 -34.09 9.59
C ILE F 29 41.34 -34.31 11.07
N ARG F 30 41.83 -33.37 11.84
CA ARG F 30 41.88 -33.51 13.25
C ARG F 30 40.50 -33.53 13.87
N GLN F 31 39.64 -32.66 13.40
CA GLN F 31 38.26 -32.62 13.83
C GLN F 31 37.42 -33.82 13.44
N THR F 32 37.59 -34.31 12.25
CA THR F 32 36.67 -35.32 11.72
C THR F 32 37.21 -36.73 11.56
N SER F 33 38.53 -36.90 11.55
CA SER F 33 39.05 -38.25 11.42
C SER F 33 38.68 -38.97 12.70
N ARG F 34 38.45 -40.27 12.57
CA ARG F 34 38.06 -41.08 13.73
C ARG F 34 39.12 -42.16 13.94
N PRO F 35 40.16 -41.83 14.74
CA PRO F 35 41.35 -42.71 14.93
C PRO F 35 40.98 -44.09 15.43
N ASP F 36 39.88 -44.17 16.16
CA ASP F 36 39.37 -45.42 16.71
C ASP F 36 38.67 -46.29 15.66
N VAL F 37 38.40 -45.71 14.49
CA VAL F 37 37.48 -46.32 13.53
C VAL F 37 38.20 -46.78 12.27
N ILE F 38 38.20 -48.08 12.07
CA ILE F 38 38.83 -48.64 10.89
C ILE F 38 38.05 -48.18 9.65
N PRO F 39 38.77 -47.59 8.75
CA PRO F 39 38.20 -46.99 7.57
C PRO F 39 37.87 -48.09 6.64
N THR F 40 37.13 -49.06 7.13
CA THR F 40 36.75 -50.16 6.28
C THR F 40 35.70 -49.78 5.29
N GLN F 41 35.90 -50.18 4.04
CA GLN F 41 34.89 -49.99 3.01
C GLN F 41 33.77 -50.98 3.27
N ARG F 44 34.23 -54.47 3.30
CA ARG F 44 35.39 -55.06 2.63
C ARG F 44 36.64 -54.61 3.37
N PRO F 45 37.69 -55.41 3.27
CA PRO F 45 38.87 -55.14 4.11
C PRO F 45 39.73 -53.98 3.64
N VAL F 46 40.31 -53.28 4.61
CA VAL F 46 41.30 -52.25 4.32
C VAL F 46 42.55 -52.99 3.86
N ALA F 47 43.04 -52.63 2.68
CA ALA F 47 44.24 -53.20 2.13
C ALA F 47 45.49 -52.49 2.66
N VAL F 48 46.28 -53.20 3.47
CA VAL F 48 47.49 -52.64 4.08
C VAL F 48 48.74 -53.22 3.44
N SER F 49 49.54 -52.35 2.83
CA SER F 49 50.88 -52.68 2.33
C SER F 49 51.88 -52.58 3.46
N VAL F 50 52.72 -53.61 3.58
CA VAL F 50 53.82 -53.59 4.53
C VAL F 50 55.10 -53.91 3.77
N SER F 51 56.13 -53.10 4.00
CA SER F 51 57.41 -53.29 3.36
C SER F 51 58.50 -52.87 4.33
N LEU F 52 59.31 -53.81 4.78
CA LEU F 52 60.42 -53.50 5.70
C LEU F 52 61.65 -53.11 4.89
N LYS F 53 62.23 -51.97 5.22
CA LYS F 53 63.47 -51.52 4.60
C LYS F 53 64.53 -51.61 5.69
N PHE F 54 65.42 -52.58 5.56
CA PHE F 54 66.38 -52.82 6.62
C PHE F 54 67.47 -51.78 6.61
N ILE F 55 67.75 -51.22 7.78
CA ILE F 55 68.75 -50.18 7.91
C ILE F 55 70.00 -50.72 8.61
N ASN F 56 69.79 -51.53 9.64
CA ASN F 56 70.92 -52.08 10.38
C ASN F 56 70.61 -53.36 11.11
N ILE F 57 71.64 -54.16 11.33
CA ILE F 57 71.54 -55.35 12.18
C ILE F 57 72.58 -55.19 13.25
N LEU F 58 72.15 -55.22 14.51
CA LEU F 58 73.00 -54.71 15.57
C LEU F 58 73.59 -55.72 16.55
N GLU F 59 72.83 -56.73 16.96
CA GLU F 59 73.31 -57.50 18.10
C GLU F 59 73.03 -59.01 18.08
N VAL F 60 73.56 -59.71 17.07
CA VAL F 60 73.18 -61.09 16.80
C VAL F 60 73.64 -61.99 17.94
N ASN F 61 72.82 -63.00 18.29
CA ASN F 61 73.20 -64.01 19.28
C ASN F 61 72.77 -65.39 18.79
N GLU F 62 73.73 -66.14 18.28
CA GLU F 62 73.46 -67.44 17.68
C GLU F 62 73.06 -68.47 18.72
N ILE F 63 73.51 -68.27 19.96
CA ILE F 63 73.11 -69.15 21.07
C ILE F 63 71.64 -68.99 21.42
N THR F 64 71.26 -67.76 21.79
CA THR F 64 69.89 -67.47 22.20
C THR F 64 68.88 -67.33 21.02
N ASN F 65 69.38 -67.25 19.79
CA ASN F 65 68.52 -67.09 18.62
C ASN F 65 67.71 -65.77 18.68
N GLU F 66 68.44 -64.69 18.95
CA GLU F 66 67.86 -63.36 19.05
C GLU F 66 68.67 -62.36 18.21
N VAL F 67 67.96 -61.49 17.48
CA VAL F 67 68.62 -60.44 16.71
C VAL F 67 68.02 -59.07 17.05
N ASP F 68 68.83 -58.03 16.88
CA ASP F 68 68.40 -56.65 17.12
C ASP F 68 68.48 -55.97 15.77
N VAL F 69 67.33 -55.54 15.27
CA VAL F 69 67.26 -54.99 13.91
C VAL F 69 66.71 -53.56 13.91
N VAL F 70 67.24 -52.74 13.01
CA VAL F 70 66.70 -51.42 12.75
C VAL F 70 66.17 -51.40 11.33
N PHE F 71 64.90 -51.01 11.18
CA PHE F 71 64.21 -51.08 9.87
C PHE F 71 63.09 -50.07 9.78
N TRP F 72 62.87 -49.58 8.56
CA TRP F 72 61.73 -48.71 8.28
C TRP F 72 60.54 -49.60 8.03
N GLN F 73 59.50 -49.44 8.84
CA GLN F 73 58.28 -50.19 8.61
C GLN F 73 57.33 -49.37 7.75
N GLN F 74 57.58 -49.37 6.44
CA GLN F 74 56.71 -48.65 5.51
C GLN F 74 55.31 -49.26 5.42
N THR F 75 54.32 -48.54 5.93
CA THR F 75 52.95 -49.02 5.97
C THR F 75 52.01 -48.10 5.14
N THR F 76 51.23 -48.69 4.25
CA THR F 76 50.43 -47.90 3.35
C THR F 76 49.01 -48.44 3.28
N TRP F 77 48.05 -47.54 3.40
CA TRP F 77 46.65 -47.94 3.27
C TRP F 77 45.79 -46.77 2.80
N SER F 78 44.50 -46.98 2.75
CA SER F 78 43.60 -46.00 2.23
C SER F 78 42.50 -45.66 3.18
N ASP F 79 42.30 -44.37 3.46
CA ASP F 79 41.10 -43.87 4.11
C ASP F 79 40.53 -42.73 3.28
N ARG F 80 39.44 -42.93 2.57
CA ARG F 80 38.96 -41.93 1.63
C ARG F 80 38.13 -40.87 2.24
N THR F 81 37.79 -41.09 3.48
CA THR F 81 37.21 -40.07 4.29
C THR F 81 38.20 -38.99 4.65
N LEU F 82 39.47 -39.22 4.48
CA LEU F 82 40.45 -38.19 4.66
C LEU F 82 40.65 -37.38 3.40
N ALA F 83 40.00 -37.78 2.33
CA ALA F 83 40.24 -37.19 1.05
C ALA F 83 39.78 -35.78 0.96
N TRP F 84 40.33 -35.03 0.02
CA TRP F 84 39.90 -33.66 -0.22
C TRP F 84 40.12 -33.24 -1.67
N ASN F 85 39.40 -32.20 -2.07
CA ASN F 85 39.49 -31.66 -3.42
C ASN F 85 40.80 -30.89 -3.58
N SER F 86 41.75 -31.48 -4.32
CA SER F 86 43.09 -30.91 -4.40
C SER F 86 43.29 -29.95 -5.57
N SER F 87 42.19 -29.44 -6.11
CA SER F 87 42.25 -28.56 -7.27
C SER F 87 43.22 -27.39 -7.05
N HIS F 88 43.03 -26.63 -5.97
CA HIS F 88 43.91 -25.51 -5.68
C HIS F 88 44.47 -25.68 -4.28
N SER F 89 44.85 -26.89 -3.95
CA SER F 89 45.23 -27.24 -2.60
C SER F 89 46.47 -28.09 -2.71
N PRO F 90 47.16 -28.32 -1.57
CA PRO F 90 48.28 -29.27 -1.49
C PRO F 90 47.81 -30.69 -1.84
N ASP F 91 48.70 -31.51 -2.40
CA ASP F 91 48.38 -32.91 -2.72
C ASP F 91 48.60 -33.82 -1.52
N GLN F 92 49.32 -33.29 -0.53
CA GLN F 92 49.81 -34.12 0.57
C GLN F 92 50.02 -33.29 1.81
N VAL F 93 49.70 -33.85 2.97
CA VAL F 93 50.10 -33.24 4.25
C VAL F 93 50.74 -34.26 5.19
N SER F 94 51.37 -33.77 6.25
CA SER F 94 51.93 -34.63 7.27
C SER F 94 51.07 -34.50 8.47
N VAL F 95 50.63 -35.63 9.00
CA VAL F 95 49.68 -35.62 10.10
C VAL F 95 50.23 -36.50 11.22
N PRO F 96 50.10 -36.04 12.47
CA PRO F 96 50.44 -36.88 13.63
C PRO F 96 49.58 -38.14 13.65
N ILE F 97 50.18 -39.31 13.86
CA ILE F 97 49.40 -40.54 13.78
C ILE F 97 48.30 -40.62 14.85
N SER F 98 48.46 -39.88 15.94
CA SER F 98 47.42 -39.82 16.98
C SER F 98 46.12 -39.20 16.44
N SER F 99 46.20 -38.52 15.30
CA SER F 99 45.02 -37.94 14.67
C SER F 99 44.47 -38.82 13.55
N LEU F 100 45.04 -40.01 13.35
CA LEU F 100 44.59 -40.88 12.26
C LEU F 100 44.31 -42.27 12.76
N TRP F 101 43.49 -43.00 12.02
CA TRP F 101 43.40 -44.41 12.28
C TRP F 101 44.63 -45.09 11.68
N VAL F 102 45.16 -46.04 12.41
CA VAL F 102 46.39 -46.69 12.02
C VAL F 102 46.17 -48.18 12.21
N PRO F 103 46.62 -48.98 11.22
CA PRO F 103 46.53 -50.45 11.38
C PRO F 103 47.28 -50.94 12.61
N ASP F 104 46.67 -51.87 13.34
CA ASP F 104 47.26 -52.39 14.58
C ASP F 104 48.30 -53.50 14.32
N LEU F 105 49.31 -53.19 13.49
CA LEU F 105 50.30 -54.19 13.14
C LEU F 105 51.17 -54.58 14.33
N ALA F 106 51.53 -55.85 14.41
CA ALA F 106 52.50 -56.31 15.42
C ALA F 106 53.42 -57.35 14.83
N ALA F 107 54.66 -57.38 15.29
CA ALA F 107 55.60 -58.45 14.94
C ALA F 107 55.42 -59.58 15.95
N TYR F 108 54.94 -60.72 15.46
CA TYR F 108 54.59 -61.85 16.32
C TYR F 108 55.76 -62.38 17.10
N ASN F 109 56.94 -62.34 16.50
CA ASN F 109 58.16 -62.92 17.11
C ASN F 109 59.07 -61.84 17.68
N ALA F 110 58.53 -60.65 17.88
CA ALA F 110 59.24 -59.58 18.56
C ALA F 110 59.27 -59.90 20.05
N ILE F 111 60.37 -59.53 20.71
CA ILE F 111 60.54 -59.88 22.12
C ILE F 111 60.91 -58.64 22.88
N SER F 112 60.91 -57.51 22.19
CA SER F 112 60.92 -56.20 22.84
C SER F 112 59.80 -55.35 22.24
N LYS F 113 59.28 -54.38 22.98
CA LYS F 113 58.34 -53.47 22.31
C LYS F 113 59.06 -52.58 21.30
N PRO F 114 58.37 -52.22 20.20
CA PRO F 114 59.05 -51.47 19.14
C PRO F 114 59.51 -50.10 19.64
N GLU F 115 60.80 -49.79 19.46
CA GLU F 115 61.34 -48.49 19.77
C GLU F 115 61.24 -47.68 18.49
N VAL F 116 60.32 -46.71 18.47
CA VAL F 116 60.17 -45.82 17.31
C VAL F 116 61.19 -44.70 17.41
N LEU F 117 62.04 -44.61 16.40
CA LEU F 117 63.19 -43.71 16.42
C LEU F 117 62.90 -42.39 15.75
N THR F 118 61.82 -42.34 14.99
CA THR F 118 61.54 -41.17 14.17
C THR F 118 60.26 -40.46 14.61
N PRO F 119 60.09 -39.17 14.19
CA PRO F 119 58.84 -38.42 14.45
C PRO F 119 57.61 -39.21 13.96
N GLN F 120 56.60 -39.36 14.81
CA GLN F 120 55.43 -40.17 14.44
C GLN F 120 54.40 -39.40 13.62
N LEU F 121 54.77 -39.14 12.37
CA LEU F 121 53.95 -38.43 11.40
C LEU F 121 53.68 -39.33 10.18
N ALA F 122 52.49 -39.22 9.62
CA ALA F 122 52.17 -39.95 8.40
C ALA F 122 51.93 -38.99 7.24
N HIS F 123 52.03 -39.52 6.03
CA HIS F 123 51.59 -38.78 4.85
C HIS F 123 50.11 -39.07 4.60
N VAL F 124 49.34 -38.00 4.41
CA VAL F 124 48.00 -38.16 3.85
C VAL F 124 47.95 -37.47 2.49
N VAL F 125 47.63 -38.23 1.45
CA VAL F 125 47.51 -37.68 0.10
C VAL F 125 46.04 -37.34 -0.13
N SER F 126 45.78 -36.38 -1.02
CA SER F 126 44.42 -35.85 -1.25
C SER F 126 43.37 -36.91 -1.63
N ASP F 127 43.82 -38.00 -2.25
CA ASP F 127 42.94 -39.13 -2.56
C ASP F 127 42.60 -40.01 -1.35
N GLY F 128 43.24 -39.76 -0.21
CA GLY F 128 42.98 -40.52 0.99
C GLY F 128 43.99 -41.65 1.23
N GLU F 129 45.04 -41.69 0.41
CA GLU F 129 46.06 -42.69 0.64
C GLU F 129 46.91 -42.24 1.83
N VAL F 130 47.11 -43.15 2.78
CA VAL F 130 47.94 -42.87 3.94
C VAL F 130 49.22 -43.71 3.95
N GLN F 131 50.35 -43.04 4.16
CA GLN F 131 51.60 -43.77 4.34
C GLN F 131 52.24 -43.38 5.67
N TYR F 132 52.68 -44.37 6.42
CA TYR F 132 53.40 -44.14 7.67
C TYR F 132 54.65 -45.04 7.66
N THR F 133 55.83 -44.43 7.81
CA THR F 133 57.09 -45.15 7.72
C THR F 133 58.01 -44.82 8.88
N PRO F 134 57.69 -45.36 10.06
CA PRO F 134 58.59 -45.12 11.19
C PRO F 134 59.85 -45.99 11.06
N SER F 135 60.96 -45.44 11.57
CA SER F 135 62.16 -46.24 11.73
C SER F 135 62.09 -46.90 13.10
N ILE F 136 62.17 -48.23 13.11
CA ILE F 136 62.01 -48.99 14.33
C ILE F 136 63.26 -49.81 14.68
N ARG F 137 63.66 -49.75 15.94
CA ARG F 137 64.62 -50.72 16.46
C ARG F 137 63.87 -51.73 17.31
N GLN F 138 64.12 -53.01 17.05
CA GLN F 138 63.36 -54.05 17.74
C GLN F 138 64.11 -55.40 17.82
N ARG F 139 63.89 -56.15 18.90
CA ARG F 139 64.49 -57.47 19.02
CA ARG F 139 64.47 -57.48 19.08
C ARG F 139 63.52 -58.57 18.63
N PHE F 140 64.06 -59.54 17.89
CA PHE F 140 63.28 -60.65 17.42
C PHE F 140 63.87 -61.96 17.84
N SER F 141 62.98 -62.93 18.04
CA SER F 141 63.35 -64.31 18.24
C SER F 141 63.22 -64.99 16.88
N CYS F 142 64.34 -65.43 16.32
CA CYS F 142 64.29 -66.09 15.02
C CYS F 142 65.52 -66.97 14.80
N ASP F 143 65.57 -67.66 13.66
CA ASP F 143 66.65 -68.58 13.37
C ASP F 143 67.92 -67.87 12.94
N VAL F 144 68.93 -67.88 13.82
CA VAL F 144 70.19 -67.16 13.60
C VAL F 144 71.33 -68.15 13.23
N SER F 145 70.97 -69.42 13.15
CA SER F 145 71.94 -70.45 12.80
C SER F 145 72.51 -70.20 11.40
N GLY F 146 73.84 -70.25 11.30
CA GLY F 146 74.52 -70.11 10.02
C GLY F 146 74.91 -68.68 9.70
N VAL F 147 74.71 -67.80 10.66
CA VAL F 147 74.98 -66.38 10.45
C VAL F 147 76.44 -66.15 10.05
N ASP F 148 77.30 -67.05 10.53
CA ASP F 148 78.73 -66.92 10.34
C ASP F 148 79.23 -67.74 9.15
N THR F 149 78.31 -68.33 8.39
CA THR F 149 78.67 -69.07 7.19
C THR F 149 78.47 -68.22 5.95
N GLU F 150 78.77 -68.79 4.78
CA GLU F 150 78.69 -68.06 3.52
C GLU F 150 77.24 -67.97 2.99
N SER F 151 76.41 -68.95 3.35
CA SER F 151 75.01 -68.97 2.94
C SER F 151 74.15 -68.12 3.90
N GLY F 152 74.72 -67.85 5.08
CA GLY F 152 74.13 -66.95 6.04
C GLY F 152 72.98 -67.53 6.84
N ALA F 153 72.44 -66.73 7.76
CA ALA F 153 71.23 -67.08 8.50
C ALA F 153 69.99 -66.54 7.76
N THR F 154 68.84 -67.16 8.01
CA THR F 154 67.59 -66.62 7.48
C THR F 154 66.60 -66.35 8.60
N CYS F 155 66.50 -65.07 8.98
CA CYS F 155 65.59 -64.65 10.04
C CYS F 155 64.21 -64.28 9.47
N ARG F 156 63.18 -64.96 9.98
CA ARG F 156 61.82 -64.78 9.49
C ARG F 156 61.02 -63.87 10.45
N ILE F 157 60.54 -62.74 9.93
CA ILE F 157 59.78 -61.80 10.75
C ILE F 157 58.30 -61.76 10.36
N LYS F 158 57.43 -62.05 11.33
CA LYS F 158 56.01 -62.21 11.08
C LYS F 158 55.22 -60.98 11.54
N ILE F 159 54.65 -60.24 10.58
CA ILE F 159 53.93 -58.99 10.88
C ILE F 159 52.50 -59.06 10.38
N GLY F 160 51.55 -58.78 11.28
CA GLY F 160 50.14 -58.76 10.88
C GLY F 160 49.32 -57.93 11.84
N SER F 161 48.04 -57.73 11.50
CA SER F 161 47.10 -57.06 12.42
C SER F 161 46.90 -57.92 13.64
N TRP F 162 46.96 -57.30 14.80
CA TRP F 162 46.76 -58.05 16.05
C TRP F 162 45.29 -58.39 16.28
N THR F 163 44.39 -57.47 15.96
CA THR F 163 43.00 -57.69 16.32
C THR F 163 42.01 -57.70 15.16
N HIS F 164 42.49 -57.40 13.96
CA HIS F 164 41.55 -57.37 12.84
C HIS F 164 41.81 -58.58 11.93
N HIS F 165 40.73 -59.30 11.62
CA HIS F 165 40.81 -60.47 10.76
C HIS F 165 40.76 -60.11 9.27
N SER F 166 40.81 -61.12 8.41
CA SER F 166 41.05 -60.95 6.98
C SER F 166 39.98 -60.12 6.30
N ARG F 167 38.79 -60.08 6.89
CA ARG F 167 37.68 -59.33 6.31
C ARG F 167 37.70 -57.84 6.69
N GLU F 168 38.46 -57.53 7.74
CA GLU F 168 38.66 -56.15 8.16
C GLU F 168 40.01 -55.61 7.69
N ILE F 169 41.08 -56.39 7.87
CA ILE F 169 42.40 -55.98 7.40
C ILE F 169 43.08 -57.07 6.60
N SER F 170 43.54 -56.75 5.39
CA SER F 170 44.39 -57.65 4.64
C SER F 170 45.79 -57.03 4.49
N VAL F 171 46.82 -57.84 4.74
CA VAL F 171 48.20 -57.39 4.54
C VAL F 171 48.83 -57.96 3.26
N ASP F 172 49.60 -57.13 2.55
CA ASP F 172 50.25 -57.54 1.32
C ASP F 172 51.65 -56.95 1.27
N PRO F 173 52.58 -57.69 0.68
CA PRO F 173 53.93 -57.17 0.40
C PRO F 173 53.91 -56.10 -0.69
N THR F 174 54.99 -55.36 -0.85
CA THR F 174 55.06 -54.30 -1.88
C THR F 174 55.77 -54.75 -3.16
N GLU F 182 68.77 -51.73 0.55
CA GLU F 182 68.95 -50.51 -0.23
C GLU F 182 69.44 -49.36 0.58
N TYR F 183 68.92 -49.20 1.77
CA TYR F 183 69.34 -48.17 2.66
C TYR F 183 70.13 -48.71 3.83
N PHE F 184 70.61 -49.94 3.67
CA PHE F 184 71.31 -50.67 4.69
C PHE F 184 72.69 -50.13 5.00
N SER F 185 73.00 -50.02 6.28
CA SER F 185 74.26 -49.42 6.71
C SER F 185 75.48 -50.22 6.25
N GLN F 186 76.42 -49.55 5.60
CA GLN F 186 77.67 -50.19 5.22
C GLN F 186 78.54 -50.43 6.44
N TYR F 187 78.18 -49.82 7.57
CA TYR F 187 79.01 -49.93 8.77
C TYR F 187 78.55 -51.04 9.72
N SER F 188 77.54 -51.79 9.29
CA SER F 188 77.11 -52.93 10.08
C SER F 188 78.15 -54.04 9.98
N ARG F 189 78.17 -54.94 10.96
CA ARG F 189 79.08 -56.08 10.93
C ARG F 189 78.60 -57.10 9.92
N PHE F 190 77.36 -56.95 9.52
CA PHE F 190 76.68 -57.95 8.74
C PHE F 190 76.32 -57.33 7.43
N GLU F 191 75.82 -58.16 6.54
CA GLU F 191 75.43 -57.74 5.21
C GLU F 191 74.22 -58.58 4.80
N ILE F 192 73.40 -58.03 3.92
CA ILE F 192 72.19 -58.69 3.54
C ILE F 192 72.35 -59.40 2.19
N LEU F 193 72.02 -60.67 2.18
CA LEU F 193 72.14 -61.47 0.95
C LEU F 193 70.86 -61.42 0.15
N ASP F 194 69.75 -61.61 0.83
CA ASP F 194 68.44 -61.57 0.17
C ASP F 194 67.31 -61.27 1.14
N VAL F 195 66.26 -60.59 0.64
CA VAL F 195 65.03 -60.37 1.39
C VAL F 195 63.86 -60.88 0.57
N THR F 196 63.13 -61.84 1.13
CA THR F 196 61.92 -62.34 0.46
C THR F 196 60.72 -62.14 1.35
N GLN F 197 59.56 -61.93 0.76
CA GLN F 197 58.35 -61.68 1.53
C GLN F 197 57.32 -62.74 1.14
N LYS F 198 56.57 -63.25 2.11
CA LYS F 198 55.42 -64.10 1.75
C LYS F 198 54.19 -63.89 2.64
N LYS F 199 53.02 -63.85 2.01
CA LYS F 199 51.79 -63.57 2.73
C LYS F 199 51.12 -64.85 3.22
N ASN F 200 50.61 -64.81 4.44
CA ASN F 200 49.92 -65.96 5.03
C ASN F 200 48.57 -65.59 5.60
N SER F 201 47.77 -66.61 5.88
CA SER F 201 46.44 -66.44 6.46
C SER F 201 46.25 -67.54 7.47
N VAL F 202 46.20 -67.17 8.74
CA VAL F 202 46.24 -68.15 9.81
C VAL F 202 44.98 -68.07 10.67
N THR F 203 44.51 -69.22 11.13
CA THR F 203 43.42 -69.26 12.10
C THR F 203 43.97 -69.60 13.47
N TYR F 204 43.55 -68.83 14.46
CA TYR F 204 44.02 -69.00 15.83
C TYR F 204 42.92 -69.63 16.68
N SER F 205 43.30 -70.24 17.80
CA SER F 205 42.37 -70.97 18.67
C SER F 205 41.26 -70.08 19.20
N CYS F 206 41.61 -68.83 19.52
CA CYS F 206 40.68 -67.92 20.19
C CYS F 206 39.46 -67.60 19.34
N CYS F 207 39.66 -67.50 18.03
CA CYS F 207 38.73 -66.84 17.14
C CYS F 207 38.48 -67.70 15.90
N PRO F 208 37.26 -67.61 15.36
CA PRO F 208 36.86 -68.41 14.20
C PRO F 208 37.38 -67.87 12.86
N GLU F 209 37.72 -66.59 12.79
CA GLU F 209 38.15 -65.97 11.54
C GLU F 209 39.65 -66.10 11.32
N ALA F 210 40.07 -65.84 10.09
CA ALA F 210 41.48 -65.93 9.74
C ALA F 210 42.18 -64.57 9.78
N TYR F 211 43.35 -64.53 10.37
CA TYR F 211 44.14 -63.29 10.41
C TYR F 211 45.31 -63.35 9.44
N GLU F 212 45.51 -62.29 8.67
CA GLU F 212 46.55 -62.30 7.66
C GLU F 212 47.83 -61.81 8.30
N ASP F 213 48.97 -62.24 7.76
CA ASP F 213 50.29 -61.72 8.13
C ASP F 213 51.25 -61.71 6.92
N VAL F 214 52.31 -60.94 7.04
CA VAL F 214 53.37 -60.99 6.08
C VAL F 214 54.60 -61.57 6.79
N GLU F 215 55.26 -62.53 6.16
CA GLU F 215 56.50 -63.07 6.71
C GLU F 215 57.62 -62.58 5.83
N VAL F 216 58.45 -61.72 6.42
CA VAL F 216 59.63 -61.20 5.75
C VAL F 216 60.82 -62.06 6.14
N SER F 217 61.43 -62.70 5.16
CA SER F 217 62.61 -63.53 5.42
C SER F 217 63.86 -62.73 5.14
N LEU F 218 64.61 -62.46 6.20
CA LEU F 218 65.87 -61.72 6.08
C LEU F 218 67.05 -62.69 6.04
N ASN F 219 67.68 -62.81 4.87
CA ASN F 219 68.88 -63.65 4.73
C ASN F 219 70.13 -62.79 4.83
N PHE F 220 70.85 -63.00 5.92
CA PHE F 220 72.03 -62.17 6.19
C PHE F 220 73.18 -62.97 6.76
N ARG F 221 74.37 -62.41 6.69
CA ARG F 221 75.53 -63.03 7.27
C ARG F 221 76.53 -62.00 7.75
N LYS F 222 77.46 -62.43 8.59
CA LYS F 222 78.56 -61.57 9.05
C LYS F 222 79.59 -61.33 7.93
N LYS F 223 80.16 -60.13 7.89
CA LYS F 223 81.25 -59.82 6.96
C LYS F 223 82.57 -60.38 7.49
N GLY F 224 83.66 -60.18 6.74
CA GLY F 224 84.99 -60.48 7.23
C GLY F 224 85.48 -59.56 8.36
N LEU G 20 23.16 -49.17 12.70
CA LEU G 20 24.42 -49.00 13.39
C LEU G 20 25.58 -49.48 12.53
N ASP G 21 26.58 -48.61 12.35
CA ASP G 21 27.87 -49.04 11.80
C ASP G 21 28.96 -48.96 12.89
N ARG G 22 30.19 -49.35 12.52
CA ARG G 22 31.31 -49.30 13.47
C ARG G 22 31.47 -47.94 14.12
N ALA G 23 31.48 -46.88 13.30
CA ALA G 23 31.63 -45.51 13.77
C ALA G 23 30.65 -45.22 14.91
N ASP G 24 29.39 -45.60 14.71
CA ASP G 24 28.37 -45.32 15.73
C ASP G 24 28.62 -46.12 17.00
N ILE G 25 28.93 -47.41 16.83
CA ILE G 25 29.17 -48.28 17.97
C ILE G 25 30.34 -47.78 18.83
N LEU G 26 31.43 -47.41 18.15
CA LEU G 26 32.61 -46.91 18.82
C LEU G 26 32.32 -45.59 19.50
N TYR G 27 31.54 -44.75 18.85
CA TYR G 27 31.11 -43.48 19.42
C TYR G 27 30.32 -43.71 20.72
N ASN G 28 29.32 -44.59 20.68
CA ASN G 28 28.54 -44.86 21.87
C ASN G 28 29.42 -45.42 23.00
N ILE G 29 30.32 -46.33 22.67
CA ILE G 29 31.18 -46.97 23.64
C ILE G 29 32.06 -45.95 24.31
N ARG G 30 32.65 -45.09 23.53
CA ARG G 30 33.48 -44.05 24.06
C ARG G 30 32.72 -43.04 24.89
N GLN G 31 31.52 -42.72 24.46
CA GLN G 31 30.69 -41.81 25.18
C GLN G 31 30.18 -42.30 26.47
N THR G 32 29.84 -43.56 26.52
CA THR G 32 29.05 -44.13 27.62
C THR G 32 29.73 -45.19 28.48
N SER G 33 30.78 -45.82 27.97
CA SER G 33 31.43 -46.82 28.80
C SER G 33 32.10 -46.11 29.97
N ARG G 34 32.19 -46.79 31.10
CA ARG G 34 32.71 -46.18 32.30
C ARG G 34 33.89 -47.02 32.74
N PRO G 35 35.09 -46.66 32.25
CA PRO G 35 36.32 -47.46 32.44
C PRO G 35 36.68 -47.64 33.92
N ASP G 36 36.23 -46.70 34.74
CA ASP G 36 36.46 -46.73 36.16
C ASP G 36 35.47 -47.65 36.86
N VAL G 37 34.47 -48.13 36.14
CA VAL G 37 33.35 -48.83 36.79
C VAL G 37 33.31 -50.30 36.43
N ILE G 38 33.53 -51.15 37.42
CA ILE G 38 33.43 -52.57 37.22
C ILE G 38 31.98 -52.92 36.83
N PRO G 39 31.82 -53.64 35.72
CA PRO G 39 30.51 -54.04 35.18
C PRO G 39 29.92 -55.21 35.95
N THR G 40 29.79 -55.04 37.26
CA THR G 40 29.21 -56.06 38.10
C THR G 40 27.70 -56.05 37.90
N GLN G 41 27.08 -57.22 37.92
CA GLN G 41 25.63 -57.25 37.76
C GLN G 41 24.93 -57.67 39.05
N ARG G 42 24.40 -56.69 39.77
CA ARG G 42 23.67 -56.90 41.02
C ARG G 42 24.59 -57.39 42.16
N ASP G 43 25.77 -56.80 42.23
CA ASP G 43 26.76 -57.19 43.26
C ASP G 43 26.99 -58.71 43.25
N ARG G 44 27.30 -59.18 42.05
CA ARG G 44 27.53 -60.58 41.74
C ARG G 44 28.70 -60.51 40.77
N PRO G 45 29.69 -61.37 40.98
CA PRO G 45 31.02 -61.07 40.45
C PRO G 45 31.13 -61.12 38.93
N VAL G 46 32.00 -60.27 38.38
CA VAL G 46 32.37 -60.38 36.99
C VAL G 46 33.26 -61.61 36.81
N ALA G 47 32.86 -62.51 35.90
CA ALA G 47 33.60 -63.73 35.64
C ALA G 47 34.72 -63.46 34.63
N VAL G 48 35.96 -63.52 35.09
CA VAL G 48 37.10 -63.25 34.23
C VAL G 48 37.85 -64.53 33.87
N SER G 49 37.90 -64.88 32.59
CA SER G 49 38.76 -65.94 32.07
C SER G 49 40.21 -65.47 31.86
N VAL G 50 41.16 -66.25 32.38
CA VAL G 50 42.57 -66.01 32.15
C VAL G 50 43.24 -67.24 31.55
N SER G 51 43.95 -67.04 30.44
CA SER G 51 44.59 -68.12 29.75
C SER G 51 45.91 -67.61 29.17
N LEU G 52 47.03 -68.10 29.72
CA LEU G 52 48.33 -67.72 29.21
C LEU G 52 48.71 -68.59 28.01
N LYS G 53 49.04 -67.96 26.90
CA LYS G 53 49.58 -68.67 25.75
C LYS G 53 51.07 -68.32 25.66
N PHE G 54 51.93 -69.26 26.06
CA PHE G 54 53.36 -68.98 26.05
C PHE G 54 53.93 -68.91 24.65
N ILE G 55 54.70 -67.86 24.42
CA ILE G 55 55.30 -67.61 23.11
C ILE G 55 56.81 -67.86 23.15
N ASN G 56 57.43 -67.44 24.24
CA ASN G 56 58.87 -67.62 24.39
C ASN G 56 59.35 -67.64 25.84
N ILE G 57 60.48 -68.31 26.06
CA ILE G 57 61.21 -68.24 27.33
C ILE G 57 62.61 -67.77 26.99
N LEU G 58 63.02 -66.67 27.60
CA LEU G 58 64.17 -65.93 27.07
C LEU G 58 65.43 -66.00 27.93
N GLU G 59 65.28 -65.91 29.24
CA GLU G 59 66.43 -65.89 30.13
C GLU G 59 66.01 -66.65 31.34
N VAL G 60 66.65 -67.78 31.52
CA VAL G 60 66.48 -68.51 32.73
C VAL G 60 67.73 -68.29 33.60
N ASN G 61 67.54 -68.18 34.91
CA ASN G 61 68.67 -68.09 35.84
C ASN G 61 68.41 -69.00 37.03
N GLU G 62 69.08 -70.17 37.02
CA GLU G 62 68.82 -71.21 38.02
C GLU G 62 69.35 -70.83 39.40
N ILE G 63 70.39 -70.00 39.41
CA ILE G 63 70.89 -69.46 40.68
C ILE G 63 69.88 -68.53 41.34
N THR G 64 69.47 -67.49 40.61
CA THR G 64 68.62 -66.44 41.19
C THR G 64 67.15 -66.81 41.22
N ASN G 65 66.80 -67.89 40.52
CA ASN G 65 65.41 -68.33 40.41
C ASN G 65 64.52 -67.27 39.73
N GLU G 66 64.96 -66.80 38.58
CA GLU G 66 64.25 -65.80 37.80
C GLU G 66 64.13 -66.25 36.34
N VAL G 67 62.95 -66.06 35.75
CA VAL G 67 62.77 -66.33 34.32
C VAL G 67 62.17 -65.13 33.58
N ASP G 68 62.47 -65.03 32.29
CA ASP G 68 61.98 -63.97 31.44
C ASP G 68 61.08 -64.63 30.42
N VAL G 69 59.79 -64.32 30.47
CA VAL G 69 58.80 -65.00 29.64
C VAL G 69 58.06 -64.03 28.71
N VAL G 70 57.75 -64.51 27.51
CA VAL G 70 56.83 -63.82 26.63
C VAL G 70 55.57 -64.67 26.47
N PHE G 71 54.41 -64.06 26.70
CA PHE G 71 53.15 -64.81 26.67
C PHE G 71 51.97 -63.91 26.32
N TRP G 72 50.98 -64.50 25.67
CA TRP G 72 49.72 -63.81 25.45
C TRP G 72 48.89 -63.97 26.72
N GLN G 73 48.46 -62.86 27.29
CA GLN G 73 47.57 -62.94 28.43
C GLN G 73 46.12 -62.78 27.96
N GLN G 74 45.56 -63.84 27.41
CA GLN G 74 44.18 -63.80 26.94
C GLN G 74 43.22 -63.64 28.11
N THR G 75 42.59 -62.47 28.17
CA THR G 75 41.64 -62.14 29.23
C THR G 75 40.23 -61.93 28.63
N THR G 76 39.22 -62.57 29.25
CA THR G 76 37.87 -62.56 28.71
C THR G 76 36.87 -62.32 29.82
N TRP G 77 35.96 -61.38 29.59
CA TRP G 77 34.91 -61.08 30.54
C TRP G 77 33.69 -60.48 29.85
N SER G 78 32.69 -60.13 30.64
CA SER G 78 31.44 -59.67 30.09
C SER G 78 31.05 -58.30 30.64
N ASP G 79 30.67 -57.39 29.75
CA ASP G 79 30.18 -56.07 30.14
C ASP G 79 28.92 -55.73 29.32
N ARG G 80 27.75 -56.02 29.87
CA ARG G 80 26.49 -55.83 29.16
C ARG G 80 26.22 -54.38 28.75
N THR G 81 26.71 -53.43 29.52
CA THR G 81 26.55 -52.02 29.19
C THR G 81 27.19 -51.64 27.83
N LEU G 82 27.93 -52.58 27.23
CA LEU G 82 28.54 -52.33 25.92
C LEU G 82 27.77 -53.01 24.80
N ALA G 83 26.80 -53.84 25.17
CA ALA G 83 26.03 -54.60 24.19
C ALA G 83 25.25 -53.71 23.24
N TRP G 84 24.98 -54.24 22.03
CA TRP G 84 24.18 -53.52 21.04
C TRP G 84 23.40 -54.48 20.16
N ASN G 85 22.36 -53.97 19.51
CA ASN G 85 21.52 -54.74 18.61
C ASN G 85 22.28 -54.98 17.31
N SER G 86 22.75 -56.21 17.10
CA SER G 86 23.59 -56.53 15.94
C SER G 86 22.84 -56.99 14.69
N SER G 87 21.55 -56.68 14.62
CA SER G 87 20.71 -57.12 13.51
C SER G 87 21.29 -56.75 12.15
N HIS G 88 21.59 -55.47 11.96
CA HIS G 88 22.17 -55.01 10.71
C HIS G 88 23.45 -54.25 11.04
N SER G 89 24.20 -54.81 11.98
CA SER G 89 25.38 -54.16 12.52
C SER G 89 26.52 -55.17 12.54
N PRO G 90 27.77 -54.69 12.73
CA PRO G 90 28.91 -55.58 12.97
C PRO G 90 28.72 -56.39 14.27
N ASP G 91 29.30 -57.57 14.35
CA ASP G 91 29.15 -58.42 15.53
C ASP G 91 30.20 -58.06 16.55
N GLN G 92 31.23 -57.34 16.09
CA GLN G 92 32.46 -57.17 16.85
C GLN G 92 33.16 -55.89 16.45
N VAL G 93 33.76 -55.22 17.43
CA VAL G 93 34.64 -54.09 17.15
C VAL G 93 35.91 -54.17 17.99
N SER G 94 36.92 -53.41 17.57
CA SER G 94 38.15 -53.29 18.33
C SER G 94 38.17 -51.93 19.01
N VAL G 95 38.41 -51.97 20.32
CA VAL G 95 38.29 -50.77 21.14
C VAL G 95 39.57 -50.58 21.93
N PRO G 96 40.09 -49.34 21.96
CA PRO G 96 41.21 -49.04 22.86
C PRO G 96 40.81 -49.36 24.31
N ILE G 97 41.67 -50.06 25.04
CA ILE G 97 41.37 -50.43 26.41
C ILE G 97 41.22 -49.23 27.35
N SER G 98 41.75 -48.09 26.94
CA SER G 98 41.55 -46.87 27.73
C SER G 98 40.10 -46.42 27.74
N SER G 99 39.31 -46.93 26.78
CA SER G 99 37.87 -46.62 26.69
C SER G 99 37.00 -47.71 27.31
N LEU G 100 37.61 -48.70 27.95
CA LEU G 100 36.83 -49.80 28.52
C LEU G 100 37.25 -50.03 29.94
N TRP G 101 36.35 -50.59 30.74
CA TRP G 101 36.78 -51.12 32.01
C TRP G 101 37.58 -52.41 31.75
N VAL G 102 38.69 -52.53 32.45
CA VAL G 102 39.54 -53.70 32.30
C VAL G 102 39.83 -54.27 33.68
N PRO G 103 39.77 -55.61 33.83
CA PRO G 103 40.14 -56.23 35.12
C PRO G 103 41.59 -55.87 35.57
N ASP G 104 41.73 -55.53 36.85
CA ASP G 104 43.04 -55.14 37.39
C ASP G 104 43.92 -56.34 37.72
N LEU G 105 44.11 -57.23 36.74
CA LEU G 105 44.90 -58.41 36.97
C LEU G 105 46.40 -58.04 37.25
N ALA G 106 47.06 -58.84 38.09
CA ALA G 106 48.49 -58.68 38.33
C ALA G 106 49.13 -60.03 38.58
N ALA G 107 50.37 -60.21 38.13
CA ALA G 107 51.16 -61.39 38.47
C ALA G 107 51.84 -61.15 39.80
N TYR G 108 51.46 -61.95 40.79
CA TYR G 108 51.96 -61.73 42.16
C TYR G 108 53.48 -61.87 42.27
N ASN G 109 54.02 -62.80 41.49
CA ASN G 109 55.45 -63.11 41.57
C ASN G 109 56.25 -62.49 40.41
N ALA G 110 55.64 -61.51 39.75
CA ALA G 110 56.36 -60.74 38.74
C ALA G 110 57.35 -59.82 39.46
N ILE G 111 58.52 -59.63 38.87
CA ILE G 111 59.55 -58.78 39.48
C ILE G 111 59.97 -57.66 38.51
N SER G 112 59.25 -57.56 37.40
CA SER G 112 59.33 -56.42 36.50
C SER G 112 57.91 -56.03 36.15
N LYS G 113 57.66 -54.78 35.78
CA LYS G 113 56.30 -54.42 35.35
C LYS G 113 56.08 -55.01 33.96
N PRO G 114 54.82 -55.31 33.62
CA PRO G 114 54.58 -55.97 32.34
C PRO G 114 54.93 -55.09 31.17
N GLU G 115 55.75 -55.59 30.26
CA GLU G 115 56.01 -54.91 29.00
C GLU G 115 54.98 -55.37 27.95
N VAL G 116 54.02 -54.49 27.64
CA VAL G 116 53.04 -54.82 26.61
C VAL G 116 53.60 -54.61 25.21
N LEU G 117 53.70 -55.68 24.45
CA LEU G 117 54.37 -55.64 23.16
C LEU G 117 53.43 -55.28 22.03
N THR G 118 52.15 -55.37 22.28
CA THR G 118 51.17 -55.29 21.21
C THR G 118 50.23 -54.07 21.35
N PRO G 119 49.56 -53.68 20.24
CA PRO G 119 48.59 -52.58 20.30
C PRO G 119 47.53 -52.85 21.35
N GLN G 120 47.23 -51.86 22.18
CA GLN G 120 46.37 -52.10 23.33
C GLN G 120 44.89 -51.94 22.99
N LEU G 121 44.40 -52.87 22.18
CA LEU G 121 43.01 -52.92 21.75
C LEU G 121 42.34 -54.21 22.24
N ALA G 122 41.04 -54.11 22.51
CA ALA G 122 40.26 -55.27 22.92
C ALA G 122 39.17 -55.56 21.89
N HIS G 123 38.73 -56.81 21.89
CA HIS G 123 37.52 -57.20 21.17
C HIS G 123 36.25 -56.90 22.01
N VAL G 124 35.30 -56.19 21.44
CA VAL G 124 33.95 -56.13 22.07
C VAL G 124 32.95 -56.74 21.10
N VAL G 125 32.28 -57.79 21.55
CA VAL G 125 31.26 -58.46 20.76
C VAL G 125 29.88 -57.88 21.10
N SER G 126 28.94 -57.95 20.17
CA SER G 126 27.64 -57.29 20.33
C SER G 126 26.87 -57.70 21.57
N ASP G 127 27.12 -58.91 22.05
CA ASP G 127 26.52 -59.38 23.31
C ASP G 127 27.15 -58.79 24.57
N GLY G 128 28.24 -58.04 24.42
CA GLY G 128 28.92 -57.47 25.58
C GLY G 128 30.11 -58.28 26.09
N GLU G 129 30.46 -59.32 25.35
CA GLU G 129 31.61 -60.11 25.72
C GLU G 129 32.87 -59.34 25.28
N VAL G 130 33.82 -59.21 26.21
CA VAL G 130 35.05 -58.49 25.94
C VAL G 130 36.25 -59.44 26.06
N GLN G 131 37.13 -59.36 25.08
CA GLN G 131 38.38 -60.11 25.12
C GLN G 131 39.56 -59.18 24.88
N TYR G 132 40.57 -59.33 25.73
CA TYR G 132 41.80 -58.55 25.58
C TYR G 132 42.99 -59.53 25.70
N THR G 133 43.84 -59.55 24.68
CA THR G 133 44.92 -60.50 24.61
C THR G 133 46.25 -59.80 24.26
N PRO G 134 46.78 -59.05 25.22
CA PRO G 134 48.10 -58.45 24.95
C PRO G 134 49.21 -59.49 24.95
N SER G 135 50.24 -59.26 24.15
CA SER G 135 51.45 -60.06 24.27
C SER G 135 52.35 -59.35 25.27
N ILE G 136 52.72 -60.07 26.32
CA ILE G 136 53.50 -59.49 27.40
C ILE G 136 54.88 -60.14 27.56
N ARG G 137 55.91 -59.32 27.69
CA ARG G 137 57.17 -59.82 28.19
C ARG G 137 57.32 -59.43 29.66
N GLN G 138 57.60 -60.40 30.51
CA GLN G 138 57.70 -60.13 31.96
C GLN G 138 58.66 -61.05 32.69
N ARG G 139 59.21 -60.53 33.77
CA ARG G 139 60.12 -61.29 34.61
C ARG G 139 59.48 -61.83 35.89
N PHE G 140 59.70 -63.11 36.12
CA PHE G 140 59.10 -63.76 37.28
C PHE G 140 60.11 -64.40 38.23
N SER G 141 59.73 -64.40 39.50
CA SER G 141 60.49 -65.09 40.51
C SER G 141 59.77 -66.40 40.75
N CYS G 142 60.38 -67.50 40.37
CA CYS G 142 59.78 -68.83 40.52
C CYS G 142 60.83 -69.94 40.59
N ASP G 143 60.37 -71.19 40.74
CA ASP G 143 61.28 -72.31 40.91
C ASP G 143 61.83 -72.76 39.57
N VAL G 144 63.12 -72.50 39.37
CA VAL G 144 63.79 -72.80 38.10
C VAL G 144 64.62 -74.07 38.23
N SER G 145 64.63 -74.64 39.44
CA SER G 145 65.40 -75.84 39.70
C SER G 145 64.97 -77.02 38.80
N GLY G 146 65.95 -77.68 38.18
CA GLY G 146 65.70 -78.81 37.31
C GLY G 146 65.45 -78.45 35.85
N VAL G 147 65.66 -77.17 35.51
CA VAL G 147 65.45 -76.70 34.14
C VAL G 147 66.32 -77.45 33.13
N ASP G 148 67.48 -77.91 33.60
CA ASP G 148 68.44 -78.56 32.72
C ASP G 148 68.34 -80.08 32.77
N THR G 149 67.33 -80.58 33.46
CA THR G 149 67.07 -82.02 33.55
C THR G 149 66.00 -82.42 32.56
N GLU G 150 65.57 -83.67 32.58
CA GLU G 150 64.63 -84.13 31.56
C GLU G 150 63.21 -83.93 32.05
N SER G 151 63.02 -83.98 33.36
CA SER G 151 61.71 -83.71 33.95
C SER G 151 61.43 -82.21 33.94
N GLY G 152 62.49 -81.41 33.81
CA GLY G 152 62.36 -79.97 33.68
C GLY G 152 62.07 -79.21 34.96
N ALA G 153 62.03 -77.88 34.85
CA ALA G 153 61.59 -77.02 35.94
C ALA G 153 60.08 -76.76 35.85
N THR G 154 59.47 -76.43 36.99
CA THR G 154 58.06 -76.07 36.99
C THR G 154 57.85 -74.70 37.62
N CYS G 155 57.73 -73.70 36.75
CA CYS G 155 57.57 -72.32 37.19
C CYS G 155 56.08 -72.00 37.37
N ARG G 156 55.72 -71.57 38.56
CA ARG G 156 54.33 -71.32 38.92
C ARG G 156 54.03 -69.79 38.87
N ILE G 157 53.14 -69.39 37.98
CA ILE G 157 52.77 -67.97 37.85
C ILE G 157 51.37 -67.65 38.39
N LYS G 158 51.33 -66.78 39.39
CA LYS G 158 50.09 -66.46 40.10
C LYS G 158 49.47 -65.14 39.63
N ILE G 159 48.30 -65.26 39.00
CA ILE G 159 47.60 -64.09 38.45
C ILE G 159 46.20 -63.93 39.03
N GLY G 160 45.94 -62.75 39.58
CA GLY G 160 44.62 -62.45 40.12
C GLY G 160 44.31 -60.96 40.13
N SER G 161 43.09 -60.60 40.51
CA SER G 161 42.74 -59.19 40.66
C SER G 161 43.51 -58.64 41.83
N TRP G 162 44.06 -57.44 41.67
CA TRP G 162 44.84 -56.83 42.74
C TRP G 162 43.93 -56.23 43.81
N THR G 163 42.81 -55.61 43.40
CA THR G 163 41.97 -54.88 44.36
C THR G 163 40.53 -55.31 44.45
N HIS G 164 40.10 -56.25 43.60
CA HIS G 164 38.73 -56.73 43.67
C HIS G 164 38.65 -58.15 44.25
N HIS G 165 37.82 -58.33 45.27
CA HIS G 165 37.66 -59.62 45.94
C HIS G 165 36.68 -60.54 45.20
N SER G 166 36.49 -61.73 45.75
CA SER G 166 35.81 -62.83 45.07
C SER G 166 34.37 -62.52 44.70
N ARG G 167 33.77 -61.59 45.44
CA ARG G 167 32.39 -61.16 45.18
C ARG G 167 32.26 -60.16 44.03
N GLU G 168 33.36 -59.45 43.73
CA GLU G 168 33.44 -58.50 42.61
C GLU G 168 34.11 -59.09 41.35
N ILE G 169 35.24 -59.79 41.54
CA ILE G 169 35.91 -60.49 40.44
C ILE G 169 36.25 -61.93 40.77
N SER G 170 35.81 -62.85 39.91
CA SER G 170 36.23 -64.24 40.01
C SER G 170 37.03 -64.60 38.78
N VAL G 171 38.16 -65.28 38.99
CA VAL G 171 39.03 -65.69 37.90
C VAL G 171 38.89 -67.19 37.66
N ASP G 172 38.93 -67.59 36.39
CA ASP G 172 38.82 -69.00 36.03
C ASP G 172 39.68 -69.31 34.84
N PRO G 173 40.26 -70.52 34.83
CA PRO G 173 41.05 -71.02 33.68
C PRO G 173 40.15 -71.28 32.48
N THR G 174 40.73 -71.47 31.30
CA THR G 174 39.97 -71.71 30.08
C THR G 174 39.95 -73.19 29.73
N ASP G 180 49.54 -76.58 24.38
CA ASP G 180 50.45 -75.96 25.34
C ASP G 180 51.56 -75.20 24.62
N SER G 181 52.08 -75.80 23.59
CA SER G 181 53.18 -75.26 22.85
C SER G 181 52.67 -74.65 21.59
N GLU G 182 51.40 -74.38 21.52
CA GLU G 182 50.79 -74.14 20.25
C GLU G 182 51.38 -72.96 19.53
N TYR G 183 51.65 -71.88 20.24
CA TYR G 183 52.33 -70.76 19.62
C TYR G 183 53.75 -70.58 20.09
N PHE G 184 54.30 -71.55 20.81
CA PHE G 184 55.63 -71.44 21.32
C PHE G 184 56.65 -71.36 20.25
N SER G 185 57.64 -70.51 20.45
CA SER G 185 58.69 -70.36 19.45
C SER G 185 59.58 -71.60 19.39
N GLN G 186 59.75 -72.14 18.18
CA GLN G 186 60.65 -73.26 17.96
C GLN G 186 62.11 -72.82 18.09
N TYR G 187 62.34 -71.50 18.13
CA TYR G 187 63.71 -70.96 18.21
C TYR G 187 64.14 -70.60 19.62
N SER G 188 63.27 -70.84 20.59
CA SER G 188 63.67 -70.76 21.99
C SER G 188 64.73 -71.82 22.30
N ARG G 189 65.62 -71.49 23.22
CA ARG G 189 66.53 -72.45 23.77
C ARG G 189 65.82 -73.31 24.81
N PHE G 190 64.50 -73.33 24.76
CA PHE G 190 63.69 -74.08 25.72
C PHE G 190 62.58 -74.79 24.99
N GLU G 191 62.05 -75.83 25.63
CA GLU G 191 60.81 -76.44 25.18
C GLU G 191 59.80 -76.61 26.33
N ILE G 192 58.51 -76.55 26.01
CA ILE G 192 57.47 -76.75 27.02
C ILE G 192 56.96 -78.20 27.12
N LEU G 193 57.02 -78.76 28.32
CA LEU G 193 56.58 -80.13 28.53
C LEU G 193 55.10 -80.16 28.83
N ASP G 194 54.67 -79.28 29.72
CA ASP G 194 53.27 -79.25 30.14
C ASP G 194 52.87 -77.91 30.75
N VAL G 195 51.61 -77.53 30.57
CA VAL G 195 51.05 -76.35 31.23
C VAL G 195 49.76 -76.72 31.94
N THR G 196 49.74 -76.55 33.26
CA THR G 196 48.54 -76.84 34.05
C THR G 196 48.09 -75.57 34.75
N GLN G 197 46.78 -75.43 34.89
CA GLN G 197 46.20 -74.25 35.53
C GLN G 197 45.36 -74.62 36.76
N LYS G 198 45.31 -73.71 37.71
CA LYS G 198 44.71 -74.04 38.97
C LYS G 198 44.24 -72.79 39.68
N LYS G 199 42.95 -72.80 40.04
CA LYS G 199 42.31 -71.67 40.67
C LYS G 199 42.38 -71.74 42.20
N ASN G 200 42.66 -70.60 42.80
CA ASN G 200 42.74 -70.51 44.26
C ASN G 200 41.90 -69.35 44.77
N SER G 201 41.67 -69.36 46.08
CA SER G 201 40.99 -68.28 46.75
C SER G 201 41.73 -68.02 48.07
N VAL G 202 42.34 -66.85 48.18
CA VAL G 202 43.22 -66.56 49.30
C VAL G 202 42.72 -65.36 50.10
N THR G 203 42.88 -65.44 51.42
CA THR G 203 42.63 -64.32 52.31
C THR G 203 43.95 -63.68 52.71
N TYR G 204 44.01 -62.35 52.63
CA TYR G 204 45.21 -61.60 52.95
C TYR G 204 44.99 -60.82 54.26
N SER G 205 46.08 -60.46 54.92
CA SER G 205 46.02 -59.82 56.22
C SER G 205 45.26 -58.50 56.21
N CYS G 206 45.41 -57.76 55.13
CA CYS G 206 44.87 -56.41 55.01
C CYS G 206 43.35 -56.40 55.08
N CYS G 207 42.73 -57.41 54.47
CA CYS G 207 41.33 -57.35 54.13
C CYS G 207 40.62 -58.63 54.56
N PRO G 208 39.33 -58.50 54.95
CA PRO G 208 38.53 -59.62 55.43
C PRO G 208 38.03 -60.54 54.33
N GLU G 209 37.95 -60.06 53.08
CA GLU G 209 37.42 -60.86 51.98
C GLU G 209 38.49 -61.71 51.28
N ALA G 210 38.03 -62.64 50.45
CA ALA G 210 38.92 -63.55 49.75
C ALA G 210 39.12 -63.10 48.32
N TYR G 211 40.37 -63.15 47.88
CA TYR G 211 40.73 -62.77 46.53
C TYR G 211 41.08 -64.01 45.73
N GLU G 212 40.51 -64.12 44.54
CA GLU G 212 40.80 -65.26 43.69
C GLU G 212 42.06 -65.03 42.85
N ASP G 213 42.70 -66.12 42.49
CA ASP G 213 43.81 -66.05 41.54
C ASP G 213 43.85 -67.32 40.71
N VAL G 214 44.58 -67.27 39.61
CA VAL G 214 44.86 -68.46 38.85
C VAL G 214 46.36 -68.71 38.95
N GLU G 215 46.74 -69.95 39.28
CA GLU G 215 48.14 -70.35 39.24
C GLU G 215 48.41 -71.18 38.00
N VAL G 216 49.18 -70.62 37.07
CA VAL G 216 49.58 -71.34 35.87
C VAL G 216 50.94 -71.97 36.11
N SER G 217 51.01 -73.30 36.05
CA SER G 217 52.27 -74.01 36.23
C SER G 217 52.87 -74.32 34.88
N LEU G 218 53.99 -73.68 34.60
CA LEU G 218 54.74 -73.90 33.37
C LEU G 218 55.87 -74.92 33.59
N ASN G 219 55.70 -76.12 33.06
CA ASN G 219 56.74 -77.13 33.12
C ASN G 219 57.56 -77.11 31.83
N PHE G 220 58.83 -76.74 31.96
CA PHE G 220 59.66 -76.52 30.77
C PHE G 220 61.08 -76.97 31.06
N ARG G 221 61.88 -77.14 30.01
CA ARG G 221 63.27 -77.55 30.17
C ARG G 221 64.12 -77.00 29.04
N LYS G 222 65.43 -77.04 29.25
CA LYS G 222 66.37 -76.55 28.26
C LYS G 222 66.44 -77.55 27.11
N LYS G 223 66.76 -77.08 25.92
CA LYS G 223 66.97 -78.02 24.82
C LYS G 223 68.45 -78.40 24.88
N GLY G 224 68.92 -79.24 23.94
CA GLY G 224 70.32 -79.65 23.90
C GLY G 224 71.26 -78.54 23.42
N LEU H 20 22.52 -45.26 45.79
CA LEU H 20 23.86 -45.10 45.23
C LEU H 20 24.40 -46.44 44.77
N ASP H 21 24.84 -46.51 43.52
CA ASP H 21 25.61 -47.68 43.08
C ASP H 21 27.06 -47.28 42.81
N ARG H 22 27.90 -48.25 42.40
CA ARG H 22 29.33 -47.97 42.15
C ARG H 22 29.53 -46.82 41.17
N ALA H 23 28.81 -46.88 40.06
CA ALA H 23 28.88 -45.86 39.02
C ALA H 23 28.70 -44.46 39.62
N ASP H 24 27.71 -44.28 40.49
CA ASP H 24 27.44 -42.98 41.09
C ASP H 24 28.54 -42.55 42.05
N ILE H 25 28.95 -43.46 42.91
CA ILE H 25 30.05 -43.21 43.86
C ILE H 25 31.35 -42.77 43.17
N LEU H 26 31.72 -43.50 42.13
CA LEU H 26 32.94 -43.20 41.39
C LEU H 26 32.79 -41.87 40.67
N TYR H 27 31.58 -41.60 40.16
CA TYR H 27 31.32 -40.35 39.47
C TYR H 27 31.54 -39.22 40.46
N ASN H 28 30.96 -39.33 41.64
CA ASN H 28 31.07 -38.25 42.62
C ASN H 28 32.52 -38.04 43.00
N ILE H 29 33.25 -39.12 43.17
CA ILE H 29 34.65 -39.02 43.56
C ILE H 29 35.52 -38.34 42.53
N ARG H 30 35.35 -38.73 41.29
CA ARG H 30 36.08 -38.15 40.19
C ARG H 30 35.80 -36.68 39.98
N GLN H 31 34.54 -36.28 40.09
CA GLN H 31 34.15 -34.88 40.06
C GLN H 31 34.56 -34.01 41.22
N THR H 32 34.52 -34.53 42.43
CA THR H 32 34.62 -33.71 43.64
C THR H 32 35.84 -33.91 44.49
N SER H 33 36.52 -35.03 44.34
CA SER H 33 37.78 -35.20 45.08
C SER H 33 38.81 -34.23 44.54
N ARG H 34 39.70 -33.79 45.43
CA ARG H 34 40.66 -32.77 45.07
C ARG H 34 42.04 -33.35 45.32
N PRO H 35 42.59 -34.00 44.28
CA PRO H 35 43.84 -34.78 44.40
C PRO H 35 44.99 -33.92 44.90
N ASP H 36 44.91 -32.64 44.60
CA ASP H 36 45.92 -31.67 44.98
C ASP H 36 45.77 -31.24 46.44
N VAL H 37 44.70 -31.69 47.09
CA VAL H 37 44.36 -31.06 48.38
C VAL H 37 44.41 -32.06 49.50
N ILE H 38 45.36 -31.86 50.41
CA ILE H 38 45.52 -32.74 51.55
C ILE H 38 44.28 -32.66 52.45
N PRO H 39 43.69 -33.83 52.76
CA PRO H 39 42.42 -33.92 53.48
C PRO H 39 42.64 -33.72 54.97
N THR H 40 43.27 -32.61 55.31
CA THR H 40 43.55 -32.28 56.70
C THR H 40 42.24 -31.82 57.37
N GLN H 41 42.08 -32.15 58.65
CA GLN H 41 40.80 -32.00 59.34
C GLN H 41 40.89 -31.08 60.56
N PRO H 45 46.74 -33.20 61.69
CA PRO H 45 47.47 -33.92 60.63
C PRO H 45 46.75 -35.17 60.15
N VAL H 46 46.90 -35.47 58.86
CA VAL H 46 46.38 -36.71 58.33
C VAL H 46 47.24 -37.83 58.87
N ALA H 47 46.60 -38.82 59.50
CA ALA H 47 47.33 -39.98 60.03
C ALA H 47 47.55 -41.03 58.96
N VAL H 48 48.81 -41.22 58.56
CA VAL H 48 49.14 -42.18 57.50
C VAL H 48 49.81 -43.41 58.08
N SER H 49 49.19 -44.58 57.87
CA SER H 49 49.78 -45.87 58.21
C SER H 49 50.64 -46.39 57.08
N VAL H 50 51.87 -46.78 57.43
CA VAL H 50 52.78 -47.39 56.46
C VAL H 50 53.23 -48.75 56.97
N SER H 51 53.13 -49.75 56.11
CA SER H 51 53.49 -51.11 56.45
C SER H 51 54.07 -51.80 55.21
N LEU H 52 55.38 -52.06 55.25
CA LEU H 52 56.02 -52.79 54.16
C LEU H 52 55.83 -54.30 54.29
N LYS H 53 55.30 -54.93 53.23
CA LYS H 53 55.18 -56.38 53.18
C LYS H 53 56.21 -56.83 52.16
N PHE H 54 57.30 -57.42 52.64
CA PHE H 54 58.37 -57.84 51.75
C PHE H 54 58.00 -59.07 50.95
N ILE H 55 58.24 -59.01 49.65
CA ILE H 55 57.87 -60.08 48.73
C ILE H 55 59.13 -60.79 48.25
N ASN H 56 60.16 -60.01 47.97
CA ASN H 56 61.41 -60.58 47.46
C ASN H 56 62.64 -59.68 47.68
N ILE H 57 63.80 -60.31 47.78
CA ILE H 57 65.08 -59.62 47.80
C ILE H 57 65.89 -60.18 46.65
N LEU H 58 66.33 -59.32 45.74
CA LEU H 58 66.72 -59.78 44.41
C LEU H 58 68.19 -59.64 44.13
N GLU H 59 68.78 -58.55 44.57
CA GLU H 59 70.14 -58.29 44.13
C GLU H 59 70.92 -57.60 45.24
N VAL H 60 71.53 -58.40 46.10
CA VAL H 60 72.37 -57.85 47.16
C VAL H 60 73.81 -57.58 46.68
N ASN H 61 74.39 -56.46 47.11
CA ASN H 61 75.78 -56.19 46.83
C ASN H 61 76.47 -55.67 48.09
N GLU H 62 77.26 -56.55 48.72
CA GLU H 62 77.87 -56.25 50.02
C GLU H 62 79.00 -55.24 49.88
N ILE H 63 79.59 -55.17 48.69
CA ILE H 63 80.61 -54.18 48.41
C ILE H 63 80.01 -52.77 48.34
N THR H 64 79.05 -52.59 47.43
CA THR H 64 78.48 -51.29 47.18
C THR H 64 77.44 -50.89 48.23
N ASN H 65 76.99 -51.86 49.03
CA ASN H 65 75.96 -51.59 50.04
C ASN H 65 74.63 -51.18 49.41
N GLU H 66 74.20 -51.97 48.43
CA GLU H 66 72.95 -51.71 47.72
C GLU H 66 72.13 -53.00 47.64
N VAL H 67 70.82 -52.87 47.85
CA VAL H 67 69.92 -54.01 47.71
C VAL H 67 68.77 -53.68 46.78
N ASP H 68 68.24 -54.71 46.12
CA ASP H 68 67.09 -54.58 45.25
C ASP H 68 65.92 -55.35 45.91
N VAL H 69 64.86 -54.63 46.27
CA VAL H 69 63.78 -55.22 47.05
C VAL H 69 62.44 -55.09 46.32
N VAL H 70 61.60 -56.12 46.49
CA VAL H 70 60.22 -56.07 46.07
C VAL H 70 59.31 -56.12 47.28
N PHE H 71 58.40 -55.17 47.39
CA PHE H 71 57.58 -55.08 48.59
C PHE H 71 56.26 -54.38 48.33
N TRP H 72 55.25 -54.76 49.12
CA TRP H 72 53.96 -54.09 49.08
C TRP H 72 54.02 -52.91 50.00
N GLN H 73 53.83 -51.71 49.48
CA GLN H 73 53.82 -50.53 50.33
C GLN H 73 52.39 -50.20 50.75
N GLN H 74 51.89 -50.94 51.73
CA GLN H 74 50.53 -50.73 52.20
C GLN H 74 50.40 -49.39 52.90
N THR H 75 49.63 -48.49 52.29
CA THR H 75 49.46 -47.14 52.81
C THR H 75 47.97 -46.87 53.13
N THR H 76 47.69 -46.39 54.33
CA THR H 76 46.33 -46.21 54.75
C THR H 76 46.13 -44.84 55.38
N TRP H 77 45.05 -44.17 55.00
CA TRP H 77 44.73 -42.88 55.62
C TRP H 77 43.26 -42.59 55.46
N SER H 78 42.86 -41.43 55.96
CA SER H 78 41.46 -41.09 55.99
C SER H 78 41.18 -39.78 55.23
N ASP H 79 40.16 -39.82 54.39
CA ASP H 79 39.62 -38.63 53.73
C ASP H 79 38.11 -38.58 53.84
N ARG H 80 37.59 -37.64 54.58
CA ARG H 80 36.16 -37.50 54.80
C ARG H 80 35.35 -37.13 53.60
N THR H 81 36.00 -36.42 52.74
CA THR H 81 35.53 -35.90 51.52
C THR H 81 35.00 -37.01 50.65
N LEU H 82 35.55 -38.20 50.76
CA LEU H 82 35.13 -39.28 49.92
C LEU H 82 33.99 -40.05 50.49
N ALA H 83 33.55 -39.68 51.68
CA ALA H 83 32.56 -40.44 52.42
C ALA H 83 31.18 -40.50 51.82
N TRP H 84 30.48 -41.61 51.98
CA TRP H 84 29.12 -41.66 51.48
C TRP H 84 28.23 -42.52 52.36
N ASN H 85 26.92 -42.33 52.23
CA ASN H 85 25.91 -43.09 52.97
C ASN H 85 25.79 -44.49 52.38
N SER H 86 26.29 -45.50 53.10
CA SER H 86 26.38 -46.85 52.57
C SER H 86 25.18 -47.72 52.91
N SER H 87 24.06 -47.08 53.24
CA SER H 87 22.86 -47.80 53.66
C SER H 87 22.43 -48.86 52.64
N HIS H 88 22.25 -48.43 51.39
CA HIS H 88 21.90 -49.36 50.32
C HIS H 88 22.90 -49.25 49.20
N SER H 89 24.17 -49.16 49.58
CA SER H 89 25.25 -48.89 48.66
C SER H 89 26.39 -49.86 48.95
N PRO H 90 27.35 -49.99 48.03
CA PRO H 90 28.59 -50.72 48.30
C PRO H 90 29.36 -50.10 49.48
N ASP H 91 30.14 -50.91 50.20
CA ASP H 91 30.92 -50.41 51.32
C ASP H 91 32.26 -49.88 50.84
N GLN H 92 32.62 -50.23 49.62
CA GLN H 92 33.97 -50.06 49.14
C GLN H 92 34.01 -49.98 47.61
N VAL H 93 34.87 -49.11 47.10
CA VAL H 93 35.15 -49.07 45.68
C VAL H 93 36.66 -49.02 45.39
N SER H 94 37.01 -49.29 44.14
CA SER H 94 38.38 -49.19 43.69
C SER H 94 38.49 -47.96 42.82
N VAL H 95 39.44 -47.10 43.17
CA VAL H 95 39.56 -45.81 42.51
C VAL H 95 40.98 -45.63 42.01
N PRO H 96 41.11 -45.14 40.76
CA PRO H 96 42.43 -44.73 40.26
C PRO H 96 43.06 -43.66 41.17
N ILE H 97 44.31 -43.86 41.58
CA ILE H 97 44.97 -42.90 42.48
C ILE H 97 45.09 -41.52 41.86
N SER H 98 45.04 -41.43 40.55
CA SER H 98 45.03 -40.12 39.91
C SER H 98 43.78 -39.29 40.24
N SER H 99 42.73 -39.96 40.72
CA SER H 99 41.51 -39.27 41.13
C SER H 99 41.43 -39.03 42.62
N LEU H 100 42.51 -39.30 43.35
CA LEU H 100 42.49 -39.16 44.81
C LEU H 100 43.71 -38.39 45.27
N TRP H 101 43.60 -37.76 46.42
CA TRP H 101 44.80 -37.25 47.07
C TRP H 101 45.53 -38.44 47.66
N VAL H 102 46.85 -38.43 47.50
CA VAL H 102 47.71 -39.50 47.95
C VAL H 102 48.87 -38.90 48.73
N PRO H 103 49.19 -39.46 49.90
CA PRO H 103 50.37 -38.96 50.62
C PRO H 103 51.65 -39.01 49.76
N ASP H 104 52.47 -37.97 49.86
CA ASP H 104 53.71 -37.89 49.08
C ASP H 104 54.87 -38.62 49.74
N LEU H 105 54.67 -39.90 50.04
CA LEU H 105 55.72 -40.68 50.68
C LEU H 105 56.94 -40.89 49.77
N ALA H 106 58.12 -40.89 50.37
CA ALA H 106 59.32 -41.22 49.60
C ALA H 106 60.28 -42.02 50.48
N ALA H 107 61.05 -42.92 49.87
CA ALA H 107 62.11 -43.63 50.60
C ALA H 107 63.35 -42.81 50.49
N TYR H 108 63.84 -42.33 51.63
CA TYR H 108 64.97 -41.39 51.65
C TYR H 108 66.26 -41.98 51.11
N ASN H 109 66.43 -43.29 51.29
CA ASN H 109 67.68 -43.96 50.93
C ASN H 109 67.48 -44.81 49.67
N ALA H 110 66.40 -44.53 48.95
CA ALA H 110 66.15 -45.16 47.66
C ALA H 110 67.13 -44.56 46.65
N ILE H 111 67.68 -45.37 45.76
CA ILE H 111 68.62 -44.87 44.76
C ILE H 111 68.14 -45.17 43.34
N SER H 112 66.93 -45.68 43.24
CA SER H 112 66.24 -45.78 41.96
C SER H 112 64.81 -45.27 42.17
N LYS H 113 64.11 -44.93 41.10
CA LYS H 113 62.74 -44.49 41.34
C LYS H 113 61.89 -45.69 41.60
N PRO H 114 60.78 -45.52 42.29
CA PRO H 114 59.99 -46.72 42.56
C PRO H 114 59.38 -47.25 41.27
N GLU H 115 59.59 -48.54 41.01
CA GLU H 115 58.90 -49.22 39.90
C GLU H 115 57.62 -49.84 40.44
N VAL H 116 56.47 -49.25 40.06
CA VAL H 116 55.18 -49.77 40.50
C VAL H 116 54.71 -50.90 39.61
N LEU H 117 54.62 -52.09 40.19
CA LEU H 117 54.41 -53.31 39.42
C LEU H 117 52.94 -53.62 39.20
N THR H 118 52.09 -52.99 39.99
CA THR H 118 50.69 -53.33 40.04
C THR H 118 49.79 -52.19 39.55
N PRO H 119 48.53 -52.52 39.17
CA PRO H 119 47.54 -51.49 38.79
C PRO H 119 47.43 -50.42 39.85
N GLN H 120 47.47 -49.15 39.45
CA GLN H 120 47.49 -48.09 40.46
C GLN H 120 46.08 -47.69 40.91
N LEU H 121 45.47 -48.58 41.70
CA LEU H 121 44.12 -48.42 42.22
C LEU H 121 44.14 -48.42 43.74
N ALA H 122 43.26 -47.63 44.35
CA ALA H 122 43.16 -47.60 45.80
C ALA H 122 41.77 -48.08 46.24
N HIS H 123 41.66 -48.50 47.49
CA HIS H 123 40.38 -48.80 48.11
C HIS H 123 39.84 -47.53 48.77
N VAL H 124 38.58 -47.21 48.48
CA VAL H 124 37.91 -46.18 49.28
C VAL H 124 36.71 -46.83 49.93
N VAL H 125 36.66 -46.73 51.25
CA VAL H 125 35.59 -47.32 52.03
C VAL H 125 34.60 -46.22 52.32
N SER H 126 33.34 -46.57 52.51
CA SER H 126 32.27 -45.57 52.66
C SER H 126 32.51 -44.55 53.78
N ASP H 127 33.24 -44.95 54.83
CA ASP H 127 33.59 -44.02 55.90
C ASP H 127 34.69 -43.01 55.53
N GLY H 128 35.30 -43.17 54.36
CA GLY H 128 36.35 -42.28 53.93
C GLY H 128 37.77 -42.81 54.16
N GLU H 129 37.85 -44.06 54.59
CA GLU H 129 39.16 -44.68 54.78
C GLU H 129 39.73 -45.07 53.41
N VAL H 130 40.96 -44.66 53.15
CA VAL H 130 41.60 -44.98 51.90
C VAL H 130 42.79 -45.90 52.15
N GLN H 131 42.87 -46.98 51.37
CA GLN H 131 44.03 -47.84 51.38
C GLN H 131 44.62 -47.96 49.98
N TYR H 132 45.94 -47.84 49.88
CA TYR H 132 46.64 -48.02 48.62
C TYR H 132 47.84 -48.93 48.91
N THR H 133 47.94 -50.04 48.18
CA THR H 133 49.01 -51.02 48.44
C THR H 133 49.68 -51.46 47.14
N PRO H 134 50.50 -50.58 46.57
CA PRO H 134 51.18 -50.99 45.33
C PRO H 134 52.29 -52.00 45.65
N SER H 135 52.57 -52.88 44.70
CA SER H 135 53.79 -53.68 44.81
C SER H 135 54.91 -52.91 44.12
N ILE H 136 55.96 -52.62 44.88
CA ILE H 136 57.09 -51.83 44.36
C ILE H 136 58.40 -52.63 44.30
N ARG H 137 59.11 -52.49 43.19
CA ARG H 137 60.51 -52.88 43.11
C ARG H 137 61.38 -51.63 43.17
N GLN H 138 62.35 -51.62 44.07
CA GLN H 138 63.19 -50.45 44.26
C GLN H 138 64.57 -50.83 44.82
N ARG H 139 65.58 -50.07 44.46
CA ARG H 139 66.91 -50.29 45.02
C ARG H 139 67.30 -49.27 46.12
N PHE H 140 67.87 -49.80 47.19
CA PHE H 140 68.19 -49.00 48.35
C PHE H 140 69.65 -49.03 48.68
N SER H 141 70.11 -47.93 49.27
CA SER H 141 71.43 -47.82 49.83
C SER H 141 71.29 -48.04 51.33
N CYS H 142 71.79 -49.18 51.80
CA CYS H 142 71.72 -49.51 53.21
C CYS H 142 72.85 -50.49 53.62
N ASP H 143 72.91 -50.82 54.91
CA ASP H 143 73.95 -51.68 55.44
C ASP H 143 73.70 -53.13 55.09
N VAL H 144 74.52 -53.66 54.20
CA VAL H 144 74.36 -55.04 53.75
C VAL H 144 75.40 -55.95 54.39
N SER H 145 76.24 -55.37 55.24
CA SER H 145 77.28 -56.12 55.94
C SER H 145 76.71 -57.23 56.82
N GLY H 146 77.21 -58.45 56.65
CA GLY H 146 76.79 -59.55 57.47
C GLY H 146 75.71 -60.37 56.83
N VAL H 147 75.35 -60.03 55.59
CA VAL H 147 74.30 -60.74 54.86
C VAL H 147 74.57 -62.24 54.74
N ASP H 148 75.85 -62.60 54.69
CA ASP H 148 76.23 -63.98 54.47
C ASP H 148 76.57 -64.69 55.78
N THR H 149 76.31 -64.03 56.91
CA THR H 149 76.49 -64.64 58.22
C THR H 149 75.16 -65.18 58.75
N GLU H 150 75.21 -65.76 59.95
CA GLU H 150 74.01 -66.36 60.52
C GLU H 150 73.07 -65.28 61.11
N SER H 151 73.65 -64.22 61.68
CA SER H 151 72.88 -63.12 62.27
C SER H 151 72.28 -62.20 61.19
N GLY H 152 72.84 -62.29 59.98
CA GLY H 152 72.30 -61.58 58.83
C GLY H 152 72.66 -60.11 58.76
N ALA H 153 72.28 -59.48 57.65
CA ALA H 153 72.39 -58.02 57.53
C ALA H 153 71.11 -57.35 58.03
N THR H 154 71.22 -56.08 58.41
CA THR H 154 70.04 -55.30 58.79
C THR H 154 69.94 -54.04 57.95
N CYS H 155 69.08 -54.10 56.93
CA CYS H 155 68.85 -52.97 56.02
C CYS H 155 67.71 -52.06 56.52
N ARG H 156 68.04 -50.80 56.74
CA ARG H 156 67.10 -49.86 57.33
C ARG H 156 66.53 -48.96 56.22
N ILE H 157 65.20 -49.05 56.02
CA ILE H 157 64.51 -48.25 55.00
C ILE H 157 63.70 -47.10 55.61
N LYS H 158 64.03 -45.87 55.22
CA LYS H 158 63.40 -44.68 55.78
C LYS H 158 62.34 -44.09 54.84
N ILE H 159 61.07 -44.12 55.26
CA ILE H 159 59.95 -43.65 54.45
C ILE H 159 59.18 -42.57 55.18
N GLY H 160 59.00 -41.44 54.53
CA GLY H 160 58.22 -40.35 55.10
C GLY H 160 57.66 -39.43 54.06
N SER H 161 56.89 -38.44 54.50
CA SER H 161 56.34 -37.46 53.58
C SER H 161 57.47 -36.60 53.11
N TRP H 162 57.51 -36.34 51.80
CA TRP H 162 58.58 -35.50 51.26
C TRP H 162 58.36 -34.01 51.56
N THR H 163 57.12 -33.55 51.45
CA THR H 163 56.89 -32.11 51.58
C THR H 163 55.94 -31.72 52.71
N HIS H 164 55.31 -32.68 53.39
CA HIS H 164 54.39 -32.32 54.46
C HIS H 164 55.00 -32.59 55.84
N HIS H 165 55.02 -31.57 56.70
CA HIS H 165 55.57 -31.73 58.05
C HIS H 165 54.59 -32.39 59.03
N SER H 166 54.99 -32.50 60.29
CA SER H 166 54.28 -33.33 61.28
C SER H 166 52.88 -32.86 61.58
N ARG H 167 52.60 -31.57 61.38
CA ARG H 167 51.24 -31.04 61.61
C ARG H 167 50.29 -31.25 60.42
N GLU H 168 50.84 -31.61 59.26
CA GLU H 168 50.05 -31.92 58.08
C GLU H 168 49.98 -33.43 57.86
N ILE H 169 51.13 -34.11 57.95
CA ILE H 169 51.16 -35.57 57.82
C ILE H 169 51.93 -36.22 58.97
N SER H 170 51.32 -37.21 59.61
CA SER H 170 52.03 -38.03 60.58
C SER H 170 52.03 -39.48 60.09
N VAL H 171 53.20 -40.11 60.18
CA VAL H 171 53.31 -41.50 59.75
C VAL H 171 53.42 -42.40 60.96
N ASP H 172 52.79 -43.57 60.87
CA ASP H 172 52.82 -44.54 61.95
C ASP H 172 52.91 -45.97 61.38
N PRO H 173 53.64 -46.86 62.09
CA PRO H 173 53.68 -48.29 61.74
C PRO H 173 52.35 -48.97 62.00
N THR H 174 52.18 -50.20 61.49
CA THR H 174 50.91 -50.93 61.65
C THR H 174 51.01 -52.02 62.72
N ASP H 180 56.12 -61.29 59.07
CA ASP H 180 57.25 -60.75 58.31
C ASP H 180 57.39 -61.46 56.96
N SER H 181 57.73 -62.73 57.03
CA SER H 181 57.93 -63.56 55.85
C SER H 181 56.60 -64.05 55.30
N GLU H 182 55.52 -63.35 55.64
CA GLU H 182 54.19 -63.85 55.33
C GLU H 182 53.99 -64.05 53.82
N TYR H 183 54.34 -63.03 53.03
CA TYR H 183 54.24 -63.11 51.58
C TYR H 183 55.62 -63.20 50.90
N PHE H 184 56.66 -63.36 51.70
CA PHE H 184 58.00 -63.43 51.16
C PHE H 184 58.22 -64.68 50.29
N SER H 185 58.82 -64.48 49.11
CA SER H 185 59.03 -65.59 48.17
C SER H 185 59.95 -66.68 48.73
N GLN H 186 59.50 -67.93 48.68
CA GLN H 186 60.33 -69.04 49.09
C GLN H 186 61.47 -69.30 48.08
N TYR H 187 61.39 -68.65 46.93
CA TYR H 187 62.36 -68.88 45.87
C TYR H 187 63.44 -67.82 45.82
N SER H 188 63.38 -66.88 46.75
CA SER H 188 64.49 -65.94 46.94
C SER H 188 65.75 -66.67 47.44
N ARG H 189 66.94 -66.19 47.04
CA ARG H 189 68.18 -66.68 47.62
C ARG H 189 68.33 -66.12 49.03
N PHE H 190 67.29 -65.48 49.53
CA PHE H 190 67.36 -64.87 50.84
C PHE H 190 66.18 -65.27 51.70
N GLU H 191 66.37 -65.12 53.00
CA GLU H 191 65.32 -65.37 53.95
C GLU H 191 65.29 -64.21 54.94
N ILE H 192 64.11 -63.94 55.50
CA ILE H 192 63.93 -62.84 56.43
C ILE H 192 63.92 -63.37 57.85
N LEU H 193 64.75 -62.77 58.69
CA LEU H 193 64.87 -63.19 60.08
C LEU H 193 63.90 -62.36 60.92
N ASP H 194 63.93 -61.05 60.71
CA ASP H 194 63.07 -60.17 61.50
C ASP H 194 62.79 -58.85 60.79
N VAL H 195 61.60 -58.30 61.04
CA VAL H 195 61.25 -56.97 60.56
C VAL H 195 60.76 -56.11 61.74
N THR H 196 61.49 -55.03 62.03
CA THR H 196 61.07 -54.11 63.08
C THR H 196 60.84 -52.72 62.49
N GLN H 197 59.86 -52.01 63.05
CA GLN H 197 59.51 -50.68 62.56
C GLN H 197 59.73 -49.65 63.67
N LYS H 198 60.16 -48.45 63.30
CA LYS H 198 60.49 -47.43 64.27
C LYS H 198 60.14 -46.03 63.70
N LYS H 199 59.36 -45.25 64.44
CA LYS H 199 58.91 -43.93 63.98
C LYS H 199 59.87 -42.84 64.45
N ASN H 200 60.14 -41.89 63.57
CA ASN H 200 61.01 -40.77 63.89
C ASN H 200 60.42 -39.44 63.49
N SER H 201 61.00 -38.38 64.04
CA SER H 201 60.57 -37.03 63.74
C SER H 201 61.83 -36.20 63.61
N VAL H 202 62.13 -35.77 62.40
CA VAL H 202 63.41 -35.12 62.11
C VAL H 202 63.21 -33.69 61.64
N THR H 203 64.12 -32.80 62.06
CA THR H 203 64.15 -31.43 61.54
C THR H 203 65.27 -31.29 60.51
N TYR H 204 64.95 -30.68 59.38
CA TYR H 204 65.91 -30.54 58.30
C TYR H 204 66.33 -29.07 58.19
N SER H 205 67.50 -28.83 57.61
CA SER H 205 68.08 -27.50 57.51
C SER H 205 67.20 -26.50 56.78
N CYS H 206 66.49 -26.98 55.77
CA CYS H 206 65.70 -26.13 54.88
C CYS H 206 64.53 -25.46 55.60
N CYS H 207 63.93 -26.18 56.54
CA CYS H 207 62.63 -25.84 57.07
C CYS H 207 62.60 -25.94 58.59
N PRO H 208 61.78 -25.07 59.23
CA PRO H 208 61.70 -24.99 60.69
C PRO H 208 60.89 -26.11 61.33
N GLU H 209 59.98 -26.73 60.57
CA GLU H 209 59.12 -27.76 61.13
C GLU H 209 59.76 -29.15 61.12
N ALA H 210 59.16 -30.09 61.85
CA ALA H 210 59.65 -31.46 61.90
C ALA H 210 58.87 -32.35 60.95
N TYR H 211 59.58 -33.25 60.26
CA TYR H 211 58.96 -34.17 59.33
C TYR H 211 59.05 -35.54 59.93
N GLU H 212 57.94 -36.28 59.90
CA GLU H 212 57.96 -37.63 60.43
C GLU H 212 58.39 -38.65 59.38
N ASP H 213 58.98 -39.74 59.84
CA ASP H 213 59.29 -40.88 58.97
C ASP H 213 59.12 -42.21 59.72
N VAL H 214 59.01 -43.29 58.96
CA VAL H 214 59.08 -44.60 59.54
C VAL H 214 60.36 -45.27 59.05
N GLU H 215 61.13 -45.83 59.99
CA GLU H 215 62.28 -46.64 59.63
C GLU H 215 61.93 -48.10 59.78
N VAL H 216 61.86 -48.79 58.65
CA VAL H 216 61.66 -50.23 58.63
C VAL H 216 63.02 -50.93 58.58
N SER H 217 63.32 -51.71 59.61
CA SER H 217 64.57 -52.47 59.66
C SER H 217 64.37 -53.91 59.18
N LEU H 218 64.96 -54.22 58.04
CA LEU H 218 64.83 -55.53 57.45
C LEU H 218 66.07 -56.33 57.80
N ASN H 219 65.91 -57.32 58.67
CA ASN H 219 66.99 -58.22 59.02
C ASN H 219 66.86 -59.50 58.19
N PHE H 220 67.82 -59.71 57.30
CA PHE H 220 67.76 -60.83 56.36
C PHE H 220 69.14 -61.42 56.16
N ARG H 221 69.19 -62.63 55.59
CA ARG H 221 70.46 -63.28 55.30
C ARG H 221 70.35 -64.22 54.10
N LYS H 222 71.50 -64.57 53.54
CA LYS H 222 71.57 -65.55 52.47
C LYS H 222 71.18 -66.93 53.00
N LYS H 223 70.58 -67.74 52.13
CA LYS H 223 70.34 -69.15 52.41
C LYS H 223 71.62 -69.96 52.26
N GLY H 224 71.51 -71.28 52.47
CA GLY H 224 72.64 -72.18 52.32
C GLY H 224 72.81 -72.70 50.91
N LEU I 20 40.34 -17.90 53.90
CA LEU I 20 41.04 -18.79 52.99
C LEU I 20 41.52 -20.04 53.68
N ASP I 21 41.15 -21.19 53.15
CA ASP I 21 41.77 -22.45 53.58
C ASP I 21 42.63 -23.03 52.45
N ARG I 22 43.28 -24.18 52.71
CA ARG I 22 44.15 -24.82 51.72
C ARG I 22 43.46 -25.03 50.37
N ALA I 23 42.26 -25.60 50.43
CA ALA I 23 41.43 -25.86 49.26
C ALA I 23 41.25 -24.61 48.38
N ASP I 24 40.97 -23.47 49.00
CA ASP I 24 40.79 -22.22 48.24
C ASP I 24 42.13 -21.77 47.62
N ILE I 25 43.19 -21.77 48.43
CA ILE I 25 44.50 -21.35 47.97
C ILE I 25 45.00 -22.18 46.80
N LEU I 26 44.89 -23.50 46.92
CA LEU I 26 45.23 -24.40 45.83
C LEU I 26 44.36 -24.21 44.59
N TYR I 27 43.07 -23.98 44.79
CA TYR I 27 42.16 -23.68 43.70
C TYR I 27 42.60 -22.40 42.96
N ASN I 28 42.88 -21.33 43.69
CA ASN I 28 43.31 -20.07 43.05
C ASN I 28 44.62 -20.27 42.29
N ILE I 29 45.56 -21.02 42.84
CA ILE I 29 46.83 -21.29 42.18
C ILE I 29 46.70 -22.09 40.90
N ARG I 30 45.90 -23.11 40.93
CA ARG I 30 45.68 -23.91 39.77
C ARG I 30 45.00 -23.12 38.65
N GLN I 31 44.04 -22.30 39.02
CA GLN I 31 43.32 -21.45 38.10
C GLN I 31 44.09 -20.33 37.52
N THR I 32 44.89 -19.69 38.31
CA THR I 32 45.51 -18.43 37.90
C THR I 32 47.00 -18.42 37.70
N SER I 33 47.72 -19.38 38.27
CA SER I 33 49.18 -19.39 38.03
C SER I 33 49.39 -19.69 36.55
N ARG I 34 50.46 -19.14 36.01
CA ARG I 34 50.73 -19.35 34.61
C ARG I 34 52.07 -20.05 34.48
N PRO I 35 52.05 -21.39 34.42
CA PRO I 35 53.27 -22.22 34.44
C PRO I 35 54.23 -21.87 33.30
N ASP I 36 53.69 -21.38 32.20
CA ASP I 36 54.45 -21.02 31.03
C ASP I 36 55.10 -19.63 31.17
N VAL I 37 54.71 -18.90 32.21
CA VAL I 37 55.10 -17.51 32.33
C VAL I 37 56.08 -17.24 33.45
N ILE I 38 57.32 -16.90 33.07
CA ILE I 38 58.32 -16.53 34.06
C ILE I 38 57.85 -15.31 34.89
N PRO I 39 57.82 -15.45 36.23
CA PRO I 39 57.35 -14.43 37.14
C PRO I 39 58.35 -13.29 37.31
N THR I 40 58.76 -12.71 36.18
CA THR I 40 59.72 -11.61 36.19
C THR I 40 59.01 -10.34 36.66
N GLN I 41 59.77 -9.48 37.35
CA GLN I 41 59.18 -8.38 38.09
C GLN I 41 59.91 -7.08 37.77
N ARG I 42 59.23 -6.18 37.06
CA ARG I 42 59.78 -4.87 36.68
C ARG I 42 60.98 -4.99 35.74
N ASP I 43 60.86 -5.89 34.77
CA ASP I 43 61.97 -6.27 33.89
C ASP I 43 63.28 -6.43 34.65
N ARG I 44 63.19 -7.13 35.78
CA ARG I 44 64.35 -7.48 36.58
C ARG I 44 64.27 -8.98 36.81
N PRO I 45 65.43 -9.66 36.84
CA PRO I 45 65.50 -11.12 36.75
C PRO I 45 64.92 -11.82 37.99
N VAL I 46 64.36 -13.00 37.78
CA VAL I 46 63.96 -13.85 38.89
C VAL I 46 65.25 -14.40 39.53
N ALA I 47 65.41 -14.16 40.82
CA ALA I 47 66.56 -14.67 41.56
C ALA I 47 66.33 -16.11 42.00
N VAL I 48 67.08 -17.02 41.40
CA VAL I 48 66.95 -18.44 41.73
C VAL I 48 68.14 -18.92 42.59
N SER I 49 67.84 -19.42 43.79
CA SER I 49 68.82 -20.12 44.63
C SER I 49 68.93 -21.58 44.26
N VAL I 50 70.16 -22.05 44.08
CA VAL I 50 70.40 -23.48 43.85
C VAL I 50 71.39 -23.99 44.87
N SER I 51 71.04 -25.09 45.52
CA SER I 51 71.89 -25.69 46.55
C SER I 51 71.77 -27.20 46.48
N LEU I 52 72.84 -27.87 46.07
CA LEU I 52 72.80 -29.32 45.99
C LEU I 52 73.15 -29.93 47.36
N LYS I 53 72.28 -30.80 47.84
CA LYS I 53 72.55 -31.58 49.04
C LYS I 53 72.85 -33.01 48.63
N PHE I 54 74.12 -33.38 48.69
CA PHE I 54 74.51 -34.71 48.22
C PHE I 54 74.06 -35.79 49.18
N ILE I 55 73.49 -36.85 48.60
CA ILE I 55 72.92 -37.95 49.36
C ILE I 55 73.77 -39.20 49.17
N ASN I 56 74.18 -39.44 47.93
CA ASN I 56 74.96 -40.63 47.64
C ASN I 56 75.81 -40.50 46.39
N ILE I 57 76.94 -41.23 46.37
CA ILE I 57 77.75 -41.38 45.16
C ILE I 57 77.82 -42.87 44.84
N LEU I 58 77.39 -43.25 43.64
CA LEU I 58 77.02 -44.65 43.40
C LEU I 58 77.93 -45.39 42.44
N GLU I 59 78.33 -44.76 41.33
CA GLU I 59 79.03 -45.53 40.30
C GLU I 59 80.26 -44.88 39.63
N VAL I 60 81.30 -44.61 40.39
CA VAL I 60 82.46 -43.93 39.85
C VAL I 60 83.22 -44.75 38.78
N ASN I 61 83.62 -44.10 37.70
CA ASN I 61 84.46 -44.72 36.70
C ASN I 61 85.62 -43.78 36.33
N GLU I 62 86.81 -44.06 36.85
CA GLU I 62 87.97 -43.19 36.69
C GLU I 62 88.49 -43.25 35.26
N ILE I 63 88.22 -44.34 34.56
CA ILE I 63 88.62 -44.43 33.16
C ILE I 63 87.78 -43.50 32.28
N THR I 64 86.45 -43.69 32.34
CA THR I 64 85.56 -42.93 31.46
C THR I 64 85.26 -41.54 32.00
N ASN I 65 85.71 -41.25 33.23
CA ASN I 65 85.41 -39.97 33.86
C ASN I 65 83.89 -39.69 34.02
N GLU I 66 83.18 -40.69 34.55
CA GLU I 66 81.74 -40.57 34.77
C GLU I 66 81.38 -40.93 36.22
N VAL I 67 80.46 -40.17 36.81
CA VAL I 67 79.98 -40.49 38.14
C VAL I 67 78.47 -40.48 38.18
N ASP I 68 77.92 -41.31 39.08
CA ASP I 68 76.50 -41.44 39.29
C ASP I 68 76.21 -40.88 40.69
N VAL I 69 75.48 -39.79 40.74
CA VAL I 69 75.23 -39.07 41.99
C VAL I 69 73.73 -38.97 42.34
N VAL I 70 73.44 -39.07 43.63
CA VAL I 70 72.11 -38.81 44.13
C VAL I 70 72.18 -37.56 45.01
N PHE I 71 71.32 -36.59 44.75
CA PHE I 71 71.39 -35.30 45.43
C PHE I 71 70.04 -34.60 45.43
N TRP I 72 69.81 -33.82 46.48
CA TRP I 72 68.64 -32.97 46.55
C TRP I 72 68.99 -31.68 45.82
N GLN I 73 68.22 -31.34 44.80
CA GLN I 73 68.41 -30.09 44.09
C GLN I 73 67.44 -29.04 44.65
N GLN I 74 67.82 -28.48 45.80
CA GLN I 74 67.03 -27.45 46.44
C GLN I 74 67.00 -26.16 45.61
N THR I 75 65.83 -25.84 45.08
CA THR I 75 65.66 -24.69 44.21
C THR I 75 64.66 -23.71 44.82
N THR I 76 65.04 -22.44 44.90
CA THR I 76 64.21 -21.46 45.58
C THR I 76 64.11 -20.17 44.79
N TRP I 77 62.88 -19.69 44.64
CA TRP I 77 62.65 -18.45 43.92
C TRP I 77 61.37 -17.79 44.38
N SER I 78 61.00 -16.72 43.73
CA SER I 78 59.90 -15.90 44.14
C SER I 78 58.86 -15.76 43.06
N ASP I 79 57.60 -16.06 43.35
CA ASP I 79 56.51 -15.65 42.49
C ASP I 79 55.44 -14.93 43.28
N ARG I 80 55.36 -13.63 43.12
CA ARG I 80 54.47 -12.82 43.91
C ARG I 80 53.04 -13.00 43.50
N THR I 81 52.90 -13.55 42.32
CA THR I 81 51.66 -13.89 41.66
C THR I 81 50.89 -14.88 42.50
N LEU I 82 51.60 -15.72 43.21
CA LEU I 82 50.99 -16.74 44.00
C LEU I 82 50.70 -16.28 45.39
N ALA I 83 51.10 -15.07 45.75
CA ALA I 83 50.99 -14.62 47.14
C ALA I 83 49.52 -14.50 47.59
N TRP I 84 49.30 -14.66 48.90
CA TRP I 84 47.97 -14.47 49.46
C TRP I 84 48.03 -13.89 50.86
N ASN I 85 46.90 -13.36 51.32
CA ASN I 85 46.75 -12.80 52.65
C ASN I 85 46.66 -13.91 53.69
N SER I 86 47.73 -14.10 54.45
CA SER I 86 47.82 -15.25 55.37
C SER I 86 47.32 -14.94 56.77
N SER I 87 46.49 -13.91 56.92
CA SER I 87 46.00 -13.48 58.23
C SER I 87 45.33 -14.62 59.00
N HIS I 88 44.36 -15.26 58.36
CA HIS I 88 43.67 -16.39 58.97
C HIS I 88 43.73 -17.58 58.04
N SER I 89 44.91 -17.78 57.46
CA SER I 89 45.13 -18.76 56.41
C SER I 89 46.42 -19.50 56.71
N PRO I 90 46.64 -20.64 56.02
CA PRO I 90 47.93 -21.34 56.11
C PRO I 90 49.06 -20.45 55.59
N ASP I 91 50.27 -20.67 56.10
CA ASP I 91 51.44 -19.89 55.64
C ASP I 91 52.06 -20.53 54.40
N GLN I 92 51.71 -21.80 54.20
CA GLN I 92 52.39 -22.61 53.21
C GLN I 92 51.47 -23.71 52.68
N VAL I 93 51.61 -24.01 51.38
CA VAL I 93 50.93 -25.16 50.78
C VAL I 93 51.89 -25.93 49.86
N SER I 94 51.53 -27.16 49.54
CA SER I 94 52.32 -27.98 48.64
C SER I 94 51.54 -28.04 47.34
N VAL I 95 52.26 -27.76 46.27
CA VAL I 95 51.61 -27.64 44.98
C VAL I 95 52.35 -28.50 43.99
N PRO I 96 51.61 -29.19 43.13
CA PRO I 96 52.23 -29.91 42.01
C PRO I 96 53.00 -28.92 41.13
N ILE I 97 54.25 -29.22 40.80
CA ILE I 97 55.02 -28.32 39.95
C ILE I 97 54.39 -28.09 38.57
N SER I 98 53.53 -29.01 38.13
CA SER I 98 52.86 -28.84 36.85
C SER I 98 51.90 -27.65 36.90
N SER I 99 51.55 -27.21 38.11
CA SER I 99 50.68 -26.05 38.30
C SER I 99 51.43 -24.76 38.60
N LEU I 100 52.75 -24.76 38.44
CA LEU I 100 53.56 -23.61 38.80
C LEU I 100 54.57 -23.39 37.72
N TRP I 101 55.04 -22.16 37.60
CA TRP I 101 56.20 -21.90 36.78
C TRP I 101 57.40 -22.39 37.56
N VAL I 102 58.33 -23.04 36.86
CA VAL I 102 59.52 -23.58 37.47
C VAL I 102 60.70 -23.19 36.58
N PRO I 103 61.82 -22.78 37.21
CA PRO I 103 63.05 -22.46 36.46
C PRO I 103 63.53 -23.65 35.61
N ASP I 104 63.93 -23.36 34.36
CA ASP I 104 64.39 -24.42 33.42
C ASP I 104 65.86 -24.85 33.66
N LEU I 105 66.20 -25.14 34.91
CA LEU I 105 67.57 -25.49 35.23
C LEU I 105 68.01 -26.80 34.53
N ALA I 106 69.27 -26.83 34.13
CA ALA I 106 69.86 -28.03 33.55
C ALA I 106 71.30 -28.19 33.99
N ALA I 107 71.74 -29.44 34.13
CA ALA I 107 73.16 -29.70 34.43
C ALA I 107 73.82 -29.86 33.09
N TYR I 108 74.69 -28.90 32.77
CA TYR I 108 75.39 -28.93 31.48
C TYR I 108 76.20 -30.20 31.18
N ASN I 109 76.77 -30.79 32.23
CA ASN I 109 77.66 -31.92 32.05
C ASN I 109 76.99 -33.20 32.50
N ALA I 110 75.66 -33.17 32.56
CA ALA I 110 74.89 -34.40 32.80
C ALA I 110 74.88 -35.21 31.50
N ILE I 111 74.95 -36.53 31.62
CA ILE I 111 74.96 -37.39 30.44
C ILE I 111 73.84 -38.41 30.51
N SER I 112 72.93 -38.21 31.47
CA SER I 112 71.67 -38.95 31.52
C SER I 112 70.60 -37.93 31.87
N LYS I 113 69.35 -38.16 31.47
CA LYS I 113 68.28 -37.24 31.90
C LYS I 113 68.01 -37.46 33.38
N PRO I 114 67.69 -36.38 34.12
CA PRO I 114 67.53 -36.50 35.58
C PRO I 114 66.42 -37.48 35.95
N GLU I 115 66.74 -38.42 36.83
CA GLU I 115 65.73 -39.32 37.38
C GLU I 115 65.22 -38.71 38.68
N VAL I 116 63.98 -38.22 38.66
CA VAL I 116 63.38 -37.62 39.86
C VAL I 116 62.83 -38.74 40.72
N LEU I 117 63.31 -38.82 41.95
CA LEU I 117 63.01 -39.98 42.80
C LEU I 117 61.84 -39.68 43.73
N THR I 118 61.55 -38.40 43.91
CA THR I 118 60.55 -37.98 44.88
C THR I 118 59.29 -37.38 44.24
N PRO I 119 58.18 -37.32 45.02
CA PRO I 119 56.94 -36.67 44.54
C PRO I 119 57.23 -35.24 44.07
N GLN I 120 56.76 -34.90 42.88
CA GLN I 120 57.08 -33.60 42.32
C GLN I 120 56.13 -32.49 42.82
N LEU I 121 56.35 -32.13 44.09
CA LEU I 121 55.58 -31.09 44.78
C LEU I 121 56.52 -29.98 45.23
N ALA I 122 56.04 -28.73 45.19
CA ALA I 122 56.80 -27.58 45.66
C ALA I 122 56.14 -26.95 46.87
N HIS I 123 56.90 -26.19 47.64
CA HIS I 123 56.31 -25.32 48.65
C HIS I 123 55.99 -23.97 48.06
N VAL I 124 54.78 -23.48 48.32
CA VAL I 124 54.49 -22.09 48.09
C VAL I 124 54.16 -21.46 49.45
N VAL I 125 54.91 -20.42 49.81
CA VAL I 125 54.66 -19.69 51.03
C VAL I 125 53.79 -18.47 50.68
N SER I 126 53.01 -17.99 51.66
CA SER I 126 52.04 -16.91 51.43
C SER I 126 52.63 -15.63 50.82
N ASP I 127 53.91 -15.38 51.07
CA ASP I 127 54.58 -14.23 50.47
C ASP I 127 54.95 -14.44 48.99
N GLY I 128 54.74 -15.65 48.49
CA GLY I 128 55.06 -15.96 47.10
C GLY I 128 56.40 -16.64 46.91
N GLU I 129 57.04 -17.01 48.02
CA GLU I 129 58.32 -17.71 47.89
C GLU I 129 58.03 -19.15 47.54
N VAL I 130 58.72 -19.64 46.50
CA VAL I 130 58.57 -21.02 46.08
C VAL I 130 59.86 -21.82 46.31
N GLN I 131 59.70 -23.01 46.89
CA GLN I 131 60.83 -23.92 47.03
C GLN I 131 60.47 -25.27 46.43
N TYR I 132 61.38 -25.81 45.64
CA TYR I 132 61.23 -27.14 45.06
C TYR I 132 62.53 -27.93 45.30
N THR I 133 62.43 -29.06 45.96
CA THR I 133 63.61 -29.82 46.30
C THR I 133 63.44 -31.29 45.95
N PRO I 134 63.54 -31.62 44.65
CA PRO I 134 63.46 -33.03 44.24
C PRO I 134 64.74 -33.76 44.58
N SER I 135 64.63 -35.05 44.84
CA SER I 135 65.83 -35.89 44.98
C SER I 135 66.11 -36.49 43.61
N ILE I 136 67.32 -36.27 43.12
CA ILE I 136 67.64 -36.61 41.74
C ILE I 136 68.81 -37.58 41.68
N ARG I 137 68.67 -38.62 40.85
CA ARG I 137 69.80 -39.45 40.53
C ARG I 137 70.19 -39.14 39.09
N GLN I 138 71.47 -38.87 38.88
CA GLN I 138 71.95 -38.44 37.56
C GLN I 138 73.42 -38.80 37.33
N ARG I 139 73.79 -39.06 36.09
CA ARG I 139 75.17 -39.36 35.79
C ARG I 139 75.86 -38.18 35.08
N PHE I 140 77.03 -37.83 35.59
CA PHE I 140 77.79 -36.67 35.09
C PHE I 140 79.14 -37.04 34.49
N SER I 141 79.55 -36.20 33.56
CA SER I 141 80.86 -36.30 32.98
C SER I 141 81.68 -35.27 33.69
N CYS I 142 82.69 -35.71 34.44
CA CYS I 142 83.54 -34.80 35.20
C CYS I 142 84.85 -35.45 35.57
N ASP I 143 85.71 -34.68 36.23
CA ASP I 143 87.04 -35.14 36.53
C ASP I 143 87.04 -36.02 37.75
N VAL I 144 87.27 -37.32 37.52
CA VAL I 144 87.22 -38.36 38.55
C VAL I 144 88.64 -38.77 38.97
N SER I 145 89.64 -38.16 38.33
CA SER I 145 91.03 -38.47 38.61
C SER I 145 91.40 -38.16 40.07
N GLY I 146 92.01 -39.15 40.74
CA GLY I 146 92.44 -39.00 42.11
C GLY I 146 91.42 -39.46 43.12
N VAL I 147 90.33 -40.04 42.65
CA VAL I 147 89.23 -40.46 43.52
C VAL I 147 89.73 -41.46 44.58
N ASP I 148 90.76 -42.21 44.22
CA ASP I 148 91.32 -43.24 45.09
C ASP I 148 92.50 -42.77 45.95
N THR I 149 92.79 -41.47 45.90
CA THR I 149 93.86 -40.90 46.68
C THR I 149 93.29 -40.22 47.91
N GLU I 150 94.15 -39.67 48.76
CA GLU I 150 93.71 -39.04 50.00
CA GLU I 150 93.62 -39.07 49.98
C GLU I 150 93.16 -37.62 49.76
N SER I 151 93.64 -36.95 48.71
CA SER I 151 93.20 -35.61 48.41
C SER I 151 91.88 -35.68 47.61
N GLY I 152 91.62 -36.85 47.04
CA GLY I 152 90.35 -37.16 46.40
C GLY I 152 90.17 -36.57 45.00
N ALA I 153 89.05 -36.92 44.36
CA ALA I 153 88.68 -36.29 43.08
C ALA I 153 87.86 -35.02 43.32
N THR I 154 87.87 -34.11 42.36
CA THR I 154 86.98 -32.95 42.44
C THR I 154 86.11 -32.84 41.22
N CYS I 155 84.88 -33.32 41.36
CA CYS I 155 83.90 -33.32 40.27
C CYS I 155 83.08 -32.02 40.25
N ARG I 156 83.16 -31.31 39.12
CA ARG I 156 82.53 -29.99 38.98
C ARG I 156 81.19 -30.09 38.23
N ILE I 157 80.10 -29.74 38.90
CA ILE I 157 78.77 -29.82 38.30
C ILE I 157 78.19 -28.43 37.94
N LYS I 158 77.87 -28.24 36.65
CA LYS I 158 77.45 -26.93 36.13
C LYS I 158 75.94 -26.85 35.91
N ILE I 159 75.28 -26.06 36.75
CA ILE I 159 73.82 -25.93 36.68
C ILE I 159 73.39 -24.50 36.39
N GLY I 160 72.58 -24.32 35.35
CA GLY I 160 72.03 -23.00 35.04
C GLY I 160 70.74 -23.10 34.24
N SER I 161 70.11 -21.96 33.99
CA SER I 161 68.93 -21.92 33.14
C SER I 161 69.35 -22.30 31.73
N TRP I 162 68.55 -23.17 31.10
CA TRP I 162 68.81 -23.57 29.73
C TRP I 162 68.45 -22.46 28.72
N THR I 163 67.35 -21.75 28.96
CA THR I 163 66.87 -20.80 27.94
C THR I 163 66.67 -19.38 28.42
N HIS I 164 66.85 -19.12 29.71
CA HIS I 164 66.70 -17.75 30.18
C HIS I 164 68.05 -17.13 30.53
N HIS I 165 68.30 -15.95 29.98
CA HIS I 165 69.58 -15.25 30.17
C HIS I 165 69.55 -14.41 31.44
N SER I 166 70.65 -13.70 31.69
CA SER I 166 70.91 -13.15 33.02
C SER I 166 69.91 -12.09 33.46
N ARG I 167 69.23 -11.45 32.51
CA ARG I 167 68.21 -10.45 32.83
C ARG I 167 66.84 -11.05 33.10
N GLU I 168 66.65 -12.31 32.72
CA GLU I 168 65.44 -13.05 33.06
C GLU I 168 65.63 -13.98 34.28
N ILE I 169 66.72 -14.74 34.30
CA ILE I 169 67.05 -15.61 35.43
C ILE I 169 68.50 -15.44 35.92
N SER I 170 68.65 -15.17 37.20
CA SER I 170 69.98 -15.16 37.82
C SER I 170 70.05 -16.28 38.86
N VAL I 171 71.12 -17.06 38.82
CA VAL I 171 71.32 -18.14 39.76
C VAL I 171 72.35 -17.76 40.81
N ASP I 172 72.11 -18.18 42.04
CA ASP I 172 73.02 -17.89 43.14
C ASP I 172 73.11 -19.09 44.08
N PRO I 173 74.30 -19.30 44.67
CA PRO I 173 74.47 -20.32 45.71
C PRO I 173 73.76 -19.91 47.00
N THR I 174 73.61 -20.85 47.93
CA THR I 174 72.93 -20.59 49.20
C THR I 174 73.92 -20.33 50.33
N ASP I 180 76.43 -30.00 53.59
CA ASP I 180 77.63 -30.65 53.03
C ASP I 180 77.57 -32.17 53.03
N SER I 181 78.08 -32.77 54.07
CA SER I 181 77.96 -34.18 54.28
C SER I 181 76.73 -34.42 55.14
N GLU I 182 75.88 -33.42 55.26
CA GLU I 182 74.85 -33.44 56.27
C GLU I 182 73.92 -34.59 56.07
N TYR I 183 73.50 -34.83 54.85
CA TYR I 183 72.56 -35.88 54.59
C TYR I 183 73.14 -36.98 53.80
N PHE I 184 74.47 -37.01 53.68
CA PHE I 184 75.18 -38.00 52.89
C PHE I 184 75.20 -39.40 53.48
N SER I 185 74.95 -40.38 52.66
CA SER I 185 74.83 -41.74 53.15
C SER I 185 76.14 -42.28 53.73
N GLN I 186 76.08 -42.78 54.96
CA GLN I 186 77.26 -43.37 55.57
C GLN I 186 77.56 -44.72 54.94
N TYR I 187 76.64 -45.21 54.09
CA TYR I 187 76.79 -46.53 53.48
C TYR I 187 77.35 -46.45 52.06
N SER I 188 77.66 -45.25 51.62
CA SER I 188 78.36 -45.07 50.35
C SER I 188 79.80 -45.61 50.49
N ARG I 189 80.35 -46.13 49.40
CA ARG I 189 81.78 -46.46 49.30
C ARG I 189 82.62 -45.19 49.14
N PHE I 190 82.00 -44.02 49.18
CA PHE I 190 82.76 -42.78 49.05
C PHE I 190 82.51 -41.84 50.22
N GLU I 191 83.47 -40.94 50.48
CA GLU I 191 83.24 -39.87 51.44
C GLU I 191 83.45 -38.47 50.87
N ILE I 192 82.72 -37.49 51.41
CA ILE I 192 82.82 -36.13 50.91
C ILE I 192 83.79 -35.34 51.76
N LEU I 193 84.80 -34.76 51.11
CA LEU I 193 85.81 -33.97 51.79
C LEU I 193 85.36 -32.53 51.88
N ASP I 194 84.91 -32.00 50.74
CA ASP I 194 84.47 -30.61 50.69
C ASP I 194 83.47 -30.35 49.54
N VAL I 195 82.61 -29.36 49.74
CA VAL I 195 81.74 -28.87 48.65
C VAL I 195 81.87 -27.35 48.52
N THR I 196 82.31 -26.87 47.37
CA THR I 196 82.37 -25.44 47.14
C THR I 196 81.49 -25.04 45.96
N GLN I 197 80.92 -23.85 46.03
CA GLN I 197 80.02 -23.38 44.99
C GLN I 197 80.56 -22.08 44.42
N LYS I 198 80.27 -21.82 43.16
CA LYS I 198 80.82 -20.64 42.53
C LYS I 198 79.86 -20.24 41.42
N LYS I 199 79.69 -18.95 41.22
CA LYS I 199 78.73 -18.49 40.23
C LYS I 199 79.46 -17.99 38.99
N ASN I 200 78.94 -18.33 37.82
CA ASN I 200 79.48 -17.87 36.57
C ASN I 200 78.44 -17.20 35.68
N SER I 201 78.97 -16.43 34.72
CA SER I 201 78.15 -15.80 33.70
C SER I 201 78.82 -16.00 32.35
N VAL I 202 78.20 -16.79 31.47
CA VAL I 202 78.86 -17.22 30.24
C VAL I 202 78.08 -16.79 29.01
N THR I 203 78.80 -16.40 27.96
CA THR I 203 78.17 -16.09 26.68
C THR I 203 78.36 -17.26 25.75
N TYR I 204 77.30 -17.65 25.07
CA TYR I 204 77.32 -18.75 24.12
C TYR I 204 77.18 -18.21 22.68
N SER I 205 77.68 -18.99 21.73
CA SER I 205 77.76 -18.59 20.33
C SER I 205 76.40 -18.23 19.75
N CYS I 206 75.40 -18.99 20.17
CA CYS I 206 74.06 -18.87 19.62
C CYS I 206 73.43 -17.48 19.89
N CYS I 207 73.72 -16.91 21.06
CA CYS I 207 72.93 -15.82 21.58
C CYS I 207 73.84 -14.71 22.09
N PRO I 208 73.36 -13.47 22.00
CA PRO I 208 74.15 -12.31 22.39
C PRO I 208 74.15 -12.06 23.89
N GLU I 209 73.21 -12.62 24.65
CA GLU I 209 73.15 -12.34 26.07
C GLU I 209 73.96 -13.34 26.88
N ALA I 210 74.14 -13.05 28.16
CA ALA I 210 74.87 -13.94 29.04
C ALA I 210 73.95 -14.81 29.89
N TYR I 211 74.34 -16.07 30.03
CA TYR I 211 73.56 -17.00 30.85
C TYR I 211 74.33 -17.34 32.10
N GLU I 212 73.66 -17.30 33.24
CA GLU I 212 74.30 -17.57 34.52
C GLU I 212 74.23 -19.03 34.84
N ASP I 213 75.22 -19.49 35.58
CA ASP I 213 75.25 -20.86 36.07
C ASP I 213 75.86 -20.92 37.47
N VAL I 214 75.62 -22.02 38.15
CA VAL I 214 76.35 -22.29 39.37
C VAL I 214 77.21 -23.52 39.11
N GLU I 215 78.48 -23.44 39.47
CA GLU I 215 79.35 -24.62 39.44
C GLU I 215 79.55 -25.12 40.87
N VAL I 216 79.03 -26.31 41.14
CA VAL I 216 79.23 -26.97 42.42
C VAL I 216 80.41 -27.94 42.33
N SER I 217 81.46 -27.68 43.09
CA SER I 217 82.63 -28.57 43.11
C SER I 217 82.51 -29.58 44.24
N LEU I 218 82.39 -30.84 43.87
CA LEU I 218 82.26 -31.92 44.82
C LEU I 218 83.60 -32.60 44.97
N ASN I 219 84.25 -32.37 46.10
CA ASN I 219 85.52 -33.02 46.40
C ASN I 219 85.28 -34.26 47.25
N PHE I 220 85.52 -35.42 46.66
CA PHE I 220 85.21 -36.70 47.31
C PHE I 220 86.28 -37.75 47.04
N ARG I 221 86.26 -38.83 47.83
CA ARG I 221 87.22 -39.90 47.66
C ARG I 221 86.64 -41.24 48.10
N LYS I 222 87.20 -42.32 47.56
CA LYS I 222 86.91 -43.64 48.09
C LYS I 222 87.38 -43.74 49.54
N LYS I 223 86.60 -44.47 50.33
CA LYS I 223 86.93 -44.81 51.73
C LYS I 223 88.00 -45.91 51.88
N GLY I 224 88.81 -45.79 52.94
CA GLY I 224 89.75 -46.84 53.33
C GLY I 224 89.60 -47.29 54.78
N LEU J 20 51.77 -5.26 25.47
CA LEU J 20 52.03 -6.69 25.55
C LEU J 20 53.11 -7.01 26.57
N ASP J 21 52.80 -7.88 27.52
CA ASP J 21 53.84 -8.48 28.35
C ASP J 21 54.02 -9.96 28.01
N ARG J 22 54.92 -10.64 28.70
CA ARG J 22 55.16 -12.05 28.44
C ARG J 22 53.86 -12.86 28.52
N ALA J 23 53.10 -12.64 29.59
CA ALA J 23 51.88 -13.38 29.84
C ALA J 23 50.96 -13.32 28.62
N ASP J 24 50.83 -12.15 28.05
CA ASP J 24 49.93 -11.97 26.89
C ASP J 24 50.47 -12.67 25.65
N ILE J 25 51.77 -12.51 25.39
CA ILE J 25 52.43 -13.14 24.25
C ILE J 25 52.35 -14.66 24.30
N LEU J 26 52.60 -15.23 25.49
CA LEU J 26 52.51 -16.67 25.68
C LEU J 26 51.08 -17.15 25.54
N TYR J 27 50.14 -16.31 26.01
CA TYR J 27 48.74 -16.64 25.90
C TYR J 27 48.33 -16.70 24.42
N ASN J 28 48.76 -15.71 23.65
CA ASN J 28 48.40 -15.69 22.23
C ASN J 28 49.01 -16.86 21.49
N ILE J 29 50.24 -17.15 21.81
CA ILE J 29 50.93 -18.27 21.22
C ILE J 29 50.21 -19.56 21.57
N ARG J 30 49.81 -19.71 22.79
CA ARG J 30 49.12 -20.91 23.22
C ARG J 30 47.76 -21.13 22.58
N GLN J 31 46.99 -20.06 22.46
CA GLN J 31 45.74 -20.06 21.74
C GLN J 31 45.77 -20.20 20.24
N THR J 32 46.78 -19.66 19.59
CA THR J 32 46.71 -19.51 18.14
C THR J 32 47.77 -20.25 17.34
N SER J 33 48.88 -20.63 17.95
CA SER J 33 49.87 -21.39 17.19
C SER J 33 49.28 -22.77 16.85
N ARG J 34 49.71 -23.30 15.71
CA ARG J 34 49.13 -24.54 15.22
C ARG J 34 50.27 -25.52 15.09
N PRO J 35 50.56 -26.25 16.17
CA PRO J 35 51.75 -27.16 16.23
C PRO J 35 51.74 -28.19 15.10
N ASP J 36 50.56 -28.54 14.63
CA ASP J 36 50.39 -29.49 13.55
C ASP J 36 50.62 -28.89 12.16
N VAL J 37 50.80 -27.58 12.11
CA VAL J 37 50.80 -26.88 10.82
C VAL J 37 52.16 -26.26 10.49
N ILE J 38 52.79 -26.80 9.46
CA ILE J 38 54.06 -26.28 9.02
C ILE J 38 53.88 -24.83 8.53
N PRO J 39 54.67 -23.90 9.08
CA PRO J 39 54.55 -22.47 8.79
C PRO J 39 55.15 -22.12 7.45
N THR J 40 54.74 -22.85 6.43
CA THR J 40 55.18 -22.58 5.07
C THR J 40 54.63 -21.21 4.64
N GLN J 41 55.52 -20.31 4.23
CA GLN J 41 55.14 -18.95 3.80
C GLN J 41 55.28 -18.73 2.28
N ARG J 42 54.15 -18.47 1.63
CA ARG J 42 54.03 -18.35 0.16
C ARG J 42 54.35 -19.65 -0.57
N ASP J 43 54.02 -20.80 0.02
CA ASP J 43 54.37 -22.08 -0.57
C ASP J 43 55.87 -22.21 -0.90
N ARG J 44 56.67 -21.40 -0.21
CA ARG J 44 58.11 -21.51 -0.20
C ARG J 44 58.48 -22.34 1.03
N PRO J 45 59.49 -23.21 0.90
CA PRO J 45 59.87 -24.10 2.00
C PRO J 45 60.25 -23.32 3.24
N VAL J 46 59.99 -23.90 4.41
CA VAL J 46 60.56 -23.39 5.66
C VAL J 46 62.07 -23.69 5.67
N ALA J 47 62.86 -22.63 5.87
CA ALA J 47 64.30 -22.78 5.92
C ALA J 47 64.71 -23.16 7.34
N VAL J 48 65.24 -24.38 7.51
CA VAL J 48 65.67 -24.87 8.82
C VAL J 48 67.18 -24.95 8.90
N SER J 49 67.78 -24.19 9.84
CA SER J 49 69.20 -24.32 10.15
C SER J 49 69.43 -25.42 11.19
N VAL J 50 70.41 -26.27 10.90
CA VAL J 50 70.83 -27.33 11.82
C VAL J 50 72.33 -27.23 12.11
N SER J 51 72.67 -27.26 13.38
CA SER J 51 74.05 -27.10 13.79
C SER J 51 74.28 -27.96 15.05
N LEU J 52 75.07 -29.01 14.89
CA LEU J 52 75.39 -29.85 16.04
C LEU J 52 76.59 -29.29 16.82
N LYS J 53 76.41 -29.10 18.12
CA LYS J 53 77.49 -28.65 19.00
C LYS J 53 77.81 -29.84 19.86
N PHE J 54 78.91 -30.51 19.56
CA PHE J 54 79.29 -31.71 20.30
C PHE J 54 79.78 -31.42 21.71
N ILE J 55 79.22 -32.17 22.65
CA ILE J 55 79.49 -31.95 24.07
C ILE J 55 80.35 -33.10 24.59
N ASN J 56 80.02 -34.32 24.18
CA ASN J 56 80.76 -35.47 24.64
C ASN J 56 80.67 -36.68 23.71
N ILE J 57 81.69 -37.53 23.78
CA ILE J 57 81.67 -38.81 23.07
C ILE J 57 81.91 -39.83 24.16
N LEU J 58 81.02 -40.79 24.29
CA LEU J 58 80.95 -41.54 25.55
C LEU J 58 81.38 -42.98 25.45
N GLU J 59 80.98 -43.60 24.36
CA GLU J 59 81.29 -44.97 24.15
C GLU J 59 81.54 -45.01 22.67
N VAL J 60 82.63 -45.65 22.34
CA VAL J 60 82.95 -45.94 20.98
C VAL J 60 83.16 -47.46 20.94
N ASN J 61 82.74 -48.08 19.85
CA ASN J 61 82.96 -49.50 19.64
C ASN J 61 83.39 -49.72 18.20
N GLU J 62 84.70 -49.93 18.00
CA GLU J 62 85.28 -50.03 16.67
C GLU J 62 84.89 -51.33 15.99
N ILE J 63 84.54 -52.34 16.79
CA ILE J 63 84.06 -53.60 16.22
C ILE J 63 82.67 -53.39 15.61
N THR J 64 81.72 -52.99 16.44
CA THR J 64 80.33 -52.87 16.02
C THR J 64 80.05 -51.62 15.19
N ASN J 65 81.00 -50.70 15.16
CA ASN J 65 80.82 -49.42 14.44
C ASN J 65 79.67 -48.57 15.00
N GLU J 66 79.68 -48.42 16.32
CA GLU J 66 78.64 -47.68 17.02
C GLU J 66 79.30 -46.68 17.97
N VAL J 67 78.75 -45.46 18.02
CA VAL J 67 79.22 -44.44 18.95
C VAL J 67 78.04 -43.88 19.75
N ASP J 68 78.33 -43.40 20.95
CA ASP J 68 77.36 -42.78 21.83
C ASP J 68 77.80 -41.31 22.00
N VAL J 69 77.00 -40.39 21.50
CA VAL J 69 77.37 -38.99 21.45
C VAL J 69 76.39 -38.13 22.26
N VAL J 70 76.91 -37.06 22.86
CA VAL J 70 76.07 -36.03 23.44
C VAL J 70 76.30 -34.76 22.66
N PHE J 71 75.22 -34.13 22.23
CA PHE J 71 75.35 -32.94 21.39
C PHE J 71 74.14 -32.04 21.53
N TRP J 72 74.37 -30.73 21.35
CA TRP J 72 73.29 -29.78 21.28
C TRP J 72 72.84 -29.79 19.84
N GLN J 73 71.55 -30.05 19.63
CA GLN J 73 70.97 -29.97 18.29
C GLN J 73 70.34 -28.60 18.06
N GLN J 74 71.17 -27.60 17.78
CA GLN J 74 70.67 -26.23 17.55
C GLN J 74 69.85 -26.14 16.24
N THR J 75 68.55 -25.94 16.39
CA THR J 75 67.64 -25.90 15.25
C THR J 75 66.93 -24.52 15.19
N THR J 76 66.94 -23.92 13.99
CA THR J 76 66.45 -22.56 13.86
C THR J 76 65.63 -22.40 12.61
N TRP J 77 64.46 -21.81 12.80
CA TRP J 77 63.57 -21.59 11.66
C TRP J 77 62.67 -20.40 11.90
N SER J 78 61.79 -20.14 10.95
CA SER J 78 60.96 -18.95 11.03
C SER J 78 59.49 -19.32 10.96
N ASP J 79 58.69 -18.75 11.87
CA ASP J 79 57.24 -18.89 11.88
C ASP J 79 56.61 -17.51 12.12
N ARG J 80 56.22 -16.85 11.03
CA ARG J 80 55.69 -15.48 11.10
C ARG J 80 54.40 -15.39 11.91
N THR J 81 53.60 -16.45 11.89
CA THR J 81 52.34 -16.48 12.65
C THR J 81 52.54 -16.31 14.17
N LEU J 82 53.80 -16.30 14.63
CA LEU J 82 54.11 -16.14 16.05
C LEU J 82 54.65 -14.76 16.33
N ALA J 83 54.86 -13.98 15.27
CA ALA J 83 55.41 -12.64 15.39
C ALA J 83 54.49 -11.67 16.18
N TRP J 84 55.08 -10.68 16.81
CA TRP J 84 54.31 -9.66 17.52
C TRP J 84 55.03 -8.30 17.46
N ASN J 85 54.26 -7.24 17.72
CA ASN J 85 54.79 -5.88 17.78
C ASN J 85 55.60 -5.68 19.08
N SER J 86 56.93 -5.62 18.95
CA SER J 86 57.80 -5.58 20.13
C SER J 86 58.13 -4.17 20.60
N SER J 87 57.31 -3.20 20.22
CA SER J 87 57.59 -1.80 20.54
C SER J 87 57.80 -1.60 22.03
N HIS J 88 56.85 -2.09 22.82
CA HIS J 88 56.92 -1.92 24.27
C HIS J 88 56.74 -3.28 24.91
N SER J 89 57.35 -4.27 24.28
CA SER J 89 57.17 -5.67 24.61
C SER J 89 58.53 -6.34 24.70
N PRO J 90 58.59 -7.52 25.31
CA PRO J 90 59.80 -8.34 25.25
C PRO J 90 60.16 -8.70 23.81
N ASP J 91 61.45 -8.89 23.53
CA ASP J 91 61.91 -9.28 22.20
C ASP J 91 61.84 -10.78 22.00
N GLN J 92 61.71 -11.49 23.12
CA GLN J 92 61.94 -12.93 23.13
C GLN J 92 61.19 -13.60 24.27
N VAL J 93 60.62 -14.78 24.01
CA VAL J 93 60.03 -15.58 25.07
C VAL J 93 60.49 -17.02 24.95
N SER J 94 60.31 -17.77 26.05
CA SER J 94 60.55 -19.20 26.05
C SER J 94 59.23 -19.91 26.04
N VAL J 95 59.08 -20.84 25.11
CA VAL J 95 57.80 -21.50 24.88
C VAL J 95 58.04 -22.99 24.84
N PRO J 96 57.19 -23.76 25.53
CA PRO J 96 57.19 -25.22 25.44
C PRO J 96 57.02 -25.68 23.98
N ILE J 97 57.84 -26.61 23.51
CA ILE J 97 57.74 -27.02 22.11
C ILE J 97 56.42 -27.67 21.77
N SER J 98 55.73 -28.17 22.78
CA SER J 98 54.39 -28.74 22.55
C SER J 98 53.35 -27.69 22.11
N SER J 99 53.67 -26.42 22.33
CA SER J 99 52.83 -25.32 21.86
C SER J 99 53.30 -24.72 20.54
N LEU J 100 54.30 -25.32 19.89
CA LEU J 100 54.82 -24.74 18.64
C LEU J 100 54.91 -25.82 17.60
N TRP J 101 54.83 -25.46 16.34
CA TRP J 101 55.27 -26.37 15.31
C TRP J 101 56.81 -26.52 15.36
N VAL J 102 57.26 -27.75 15.20
CA VAL J 102 58.67 -28.07 15.25
C VAL J 102 59.04 -28.95 14.04
N PRO J 103 60.13 -28.62 13.34
CA PRO J 103 60.54 -29.47 12.21
C PRO J 103 60.76 -30.94 12.65
N ASP J 104 60.26 -31.88 11.84
CA ASP J 104 60.37 -33.33 12.15
C ASP J 104 61.76 -33.94 11.81
N LEU J 105 62.82 -33.34 12.33
CA LEU J 105 64.16 -33.80 12.02
C LEU J 105 64.38 -35.19 12.62
N ALA J 106 65.18 -36.01 11.93
CA ALA J 106 65.59 -37.32 12.46
C ALA J 106 66.99 -37.64 12.00
N ALA J 107 67.76 -38.33 12.84
CA ALA J 107 69.09 -38.82 12.45
C ALA J 107 68.90 -40.17 11.77
N TYR J 108 69.21 -40.23 10.48
CA TYR J 108 68.98 -41.44 9.68
C TYR J 108 69.75 -42.65 10.17
N ASN J 109 70.94 -42.41 10.70
CA ASN J 109 71.79 -43.49 11.16
C ASN J 109 71.81 -43.62 12.69
N ALA J 110 70.82 -43.02 13.35
CA ALA J 110 70.64 -43.22 14.77
C ALA J 110 70.10 -44.64 15.03
N ILE J 111 70.54 -45.25 16.12
CA ILE J 111 70.10 -46.61 16.43
C ILE J 111 69.54 -46.67 17.84
N SER J 112 69.47 -45.51 18.49
CA SER J 112 68.60 -45.36 19.67
C SER J 112 67.67 -44.13 19.48
N LYS J 113 66.52 -44.10 20.16
CA LYS J 113 65.70 -42.89 20.09
C LYS J 113 66.40 -41.81 20.87
N PRO J 114 66.26 -40.55 20.40
CA PRO J 114 66.99 -39.44 21.04
C PRO J 114 66.58 -39.27 22.51
N GLU J 115 67.56 -39.26 23.40
CA GLU J 115 67.33 -38.93 24.80
C GLU J 115 67.54 -37.44 25.01
N VAL J 116 66.44 -36.70 25.19
CA VAL J 116 66.51 -35.26 25.41
C VAL J 116 66.82 -34.99 26.88
N LEU J 117 67.97 -34.38 27.13
CA LEU J 117 68.48 -34.20 28.48
C LEU J 117 68.00 -32.91 29.11
N THR J 118 67.54 -31.98 28.28
CA THR J 118 67.26 -30.63 28.72
C THR J 118 65.77 -30.29 28.67
N PRO J 119 65.34 -29.24 29.41
CA PRO J 119 63.95 -28.76 29.36
C PRO J 119 63.52 -28.44 27.93
N GLN J 120 62.36 -28.93 27.51
CA GLN J 120 61.97 -28.81 26.12
C GLN J 120 61.27 -27.49 25.82
N LEU J 121 62.07 -26.41 25.82
CA LEU J 121 61.59 -25.06 25.58
C LEU J 121 62.30 -24.48 24.37
N ALA J 122 61.60 -23.67 23.59
CA ALA J 122 62.20 -22.97 22.45
C ALA J 122 62.21 -21.47 22.65
N HIS J 123 63.05 -20.80 21.90
CA HIS J 123 63.04 -19.35 21.86
C HIS J 123 62.11 -18.90 20.74
N VAL J 124 61.18 -18.03 21.07
CA VAL J 124 60.50 -17.31 20.01
C VAL J 124 60.86 -15.82 20.07
N VAL J 125 61.38 -15.30 18.96
CA VAL J 125 61.73 -13.88 18.90
C VAL J 125 60.58 -13.14 18.26
N SER J 126 60.43 -11.84 18.55
CA SER J 126 59.26 -11.06 18.12
C SER J 126 59.03 -11.01 16.61
N ASP J 127 60.11 -11.13 15.84
CA ASP J 127 60.02 -11.29 14.37
C ASP J 127 59.51 -12.67 13.88
N GLY J 128 59.39 -13.65 14.78
CA GLY J 128 58.91 -14.97 14.40
C GLY J 128 60.02 -15.98 14.21
N GLU J 129 61.23 -15.59 14.58
CA GLU J 129 62.37 -16.53 14.53
C GLU J 129 62.26 -17.50 15.72
N VAL J 130 62.35 -18.79 15.44
CA VAL J 130 62.28 -19.80 16.47
C VAL J 130 63.60 -20.57 16.57
N GLN J 131 64.10 -20.70 17.78
CA GLN J 131 65.27 -21.51 17.95
C GLN J 131 64.99 -22.56 19.02
N TYR J 132 65.39 -23.80 18.75
CA TYR J 132 65.24 -24.89 19.70
C TYR J 132 66.55 -25.68 19.77
N THR J 133 67.16 -25.73 20.97
CA THR J 133 68.48 -26.33 21.11
C THR J 133 68.49 -27.32 22.28
N PRO J 134 67.92 -28.50 22.04
CA PRO J 134 67.99 -29.53 23.09
C PRO J 134 69.38 -30.15 23.14
N SER J 135 69.79 -30.55 24.34
CA SER J 135 70.98 -31.39 24.44
C SER J 135 70.50 -32.82 24.31
N ILE J 136 71.10 -33.56 23.39
CA ILE J 136 70.69 -34.93 23.10
C ILE J 136 71.81 -35.95 23.30
N ARG J 137 71.48 -37.04 23.96
CA ARG J 137 72.38 -38.20 23.95
C ARG J 137 71.81 -39.27 23.05
N GLN J 138 72.59 -39.74 22.08
CA GLN J 138 72.07 -40.69 21.10
C GLN J 138 73.17 -41.62 20.58
N ARG J 139 72.74 -42.83 20.17
CA ARG J 139 73.66 -43.82 19.58
CA ARG J 139 73.61 -43.87 19.58
C ARG J 139 73.55 -43.87 18.06
N PHE J 140 74.70 -43.83 17.41
CA PHE J 140 74.78 -43.82 15.95
C PHE J 140 75.54 -45.00 15.40
N SER J 141 75.12 -45.45 14.23
CA SER J 141 75.89 -46.41 13.46
C SER J 141 76.69 -45.61 12.43
N CYS J 142 78.00 -45.62 12.59
CA CYS J 142 78.86 -44.93 11.66
C CYS J 142 80.28 -45.55 11.62
N ASP J 143 81.13 -44.99 10.76
CA ASP J 143 82.47 -45.50 10.58
C ASP J 143 83.37 -45.09 11.74
N VAL J 144 83.77 -46.06 12.56
CA VAL J 144 84.56 -45.76 13.75
C VAL J 144 86.03 -46.16 13.52
N SER J 145 86.29 -46.70 12.33
CA SER J 145 87.61 -47.20 12.00
C SER J 145 88.66 -46.07 12.04
N GLY J 146 89.74 -46.30 12.78
CA GLY J 146 90.82 -45.34 12.84
C GLY J 146 90.71 -44.43 14.03
N VAL J 147 89.73 -44.69 14.89
CA VAL J 147 89.53 -43.87 16.09
C VAL J 147 90.77 -43.83 16.98
N ASP J 148 91.55 -44.92 16.96
CA ASP J 148 92.72 -45.03 17.81
C ASP J 148 94.03 -44.60 17.12
N THR J 149 93.93 -44.08 15.91
CA THR J 149 95.10 -43.57 15.19
C THR J 149 95.21 -42.04 15.34
N GLU J 150 96.23 -41.45 14.70
CA GLU J 150 96.45 -40.00 14.74
C GLU J 150 95.47 -39.20 13.84
N SER J 151 95.09 -39.79 12.72
CA SER J 151 94.18 -39.11 11.81
C SER J 151 92.73 -39.26 12.28
N GLY J 152 92.49 -40.22 13.17
CA GLY J 152 91.20 -40.36 13.84
C GLY J 152 90.14 -41.04 13.00
N ALA J 153 88.96 -41.24 13.60
CA ALA J 153 87.80 -41.77 12.86
C ALA J 153 86.98 -40.60 12.34
N THR J 154 86.23 -40.83 11.27
CA THR J 154 85.27 -39.82 10.80
C THR J 154 83.84 -40.38 10.78
N CYS J 155 83.08 -40.02 11.80
CA CYS J 155 81.69 -40.44 11.91
C CYS J 155 80.76 -39.43 11.21
N ARG J 156 79.97 -39.92 10.27
CA ARG J 156 79.07 -39.09 9.48
C ARG J 156 77.63 -39.21 9.99
N ILE J 157 77.09 -38.10 10.46
CA ILE J 157 75.71 -38.09 10.99
C ILE J 157 74.73 -37.39 10.04
N LYS J 158 73.71 -38.12 9.60
CA LYS J 158 72.78 -37.62 8.60
C LYS J 158 71.45 -37.20 9.24
N ILE J 159 71.17 -35.89 9.19
CA ILE J 159 69.96 -35.32 9.79
C ILE J 159 69.12 -34.60 8.77
N GLY J 160 67.84 -34.94 8.70
CA GLY J 160 66.91 -34.23 7.82
C GLY J 160 65.47 -34.41 8.23
N SER J 161 64.56 -33.76 7.51
CA SER J 161 63.13 -33.93 7.80
C SER J 161 62.71 -35.35 7.43
N TRP J 162 61.98 -35.99 8.33
CA TRP J 162 61.50 -37.33 8.06
C TRP J 162 60.39 -37.35 7.03
N THR J 163 59.45 -36.40 7.12
CA THR J 163 58.25 -36.45 6.24
C THR J 163 58.05 -35.25 5.32
N HIS J 164 58.86 -34.21 5.44
CA HIS J 164 58.66 -33.05 4.57
C HIS J 164 59.76 -32.98 3.53
N HIS J 165 59.35 -32.82 2.27
CA HIS J 165 60.29 -32.80 1.15
C HIS J 165 60.80 -31.37 0.91
N SER J 166 61.66 -31.22 -0.09
CA SER J 166 62.46 -29.99 -0.29
C SER J 166 61.63 -28.70 -0.47
N ARG J 167 60.38 -28.83 -0.90
CA ARG J 167 59.52 -27.66 -1.11
C ARG J 167 58.73 -27.27 0.16
N GLU J 168 58.76 -28.16 1.13
CA GLU J 168 58.17 -27.81 2.41
C GLU J 168 59.26 -27.49 3.44
N ILE J 169 60.30 -28.33 3.51
CA ILE J 169 61.42 -28.07 4.43
C ILE J 169 62.75 -28.15 3.71
N SER J 170 63.56 -27.12 3.88
CA SER J 170 64.93 -27.17 3.41
C SER J 170 65.85 -27.07 4.63
N VAL J 171 66.86 -27.94 4.69
CA VAL J 171 67.84 -27.86 5.79
C VAL J 171 69.15 -27.27 5.31
N ASP J 172 69.78 -26.48 6.16
CA ASP J 172 71.05 -25.85 5.84
C ASP J 172 71.96 -25.81 7.06
N PRO J 173 73.28 -25.95 6.84
CA PRO J 173 74.27 -25.78 7.91
C PRO J 173 74.33 -24.32 8.37
N THR J 174 74.99 -24.08 9.50
CA THR J 174 75.17 -22.72 10.03
C THR J 174 76.54 -22.13 9.71
N ASP J 180 84.35 -25.99 16.87
CA ASP J 180 84.09 -27.43 16.93
C ASP J 180 84.11 -27.92 18.39
N SER J 181 85.29 -27.91 18.97
CA SER J 181 85.50 -28.34 20.35
C SER J 181 85.05 -27.27 21.35
N GLU J 182 84.20 -26.34 20.90
CA GLU J 182 83.91 -25.17 21.71
C GLU J 182 83.28 -25.54 23.07
N TYR J 183 82.28 -26.41 23.06
CA TYR J 183 81.67 -26.88 24.28
C TYR J 183 82.03 -28.34 24.62
N PHE J 184 82.97 -28.90 23.85
CA PHE J 184 83.32 -30.29 24.04
C PHE J 184 84.02 -30.54 25.37
N SER J 185 83.60 -31.58 26.07
CA SER J 185 84.12 -31.90 27.41
C SER J 185 85.61 -32.23 27.38
N GLN J 186 86.38 -31.52 28.20
CA GLN J 186 87.80 -31.86 28.34
C GLN J 186 88.01 -33.18 29.06
N TYR J 187 86.93 -33.72 29.65
CA TYR J 187 87.03 -34.98 30.40
C TYR J 187 86.61 -36.20 29.58
N SER J 188 86.32 -36.00 28.31
CA SER J 188 86.09 -37.11 27.43
C SER J 188 87.41 -37.89 27.20
N ARG J 189 87.28 -39.18 26.95
CA ARG J 189 88.37 -40.00 26.45
C ARG J 189 88.72 -39.66 25.03
N PHE J 190 88.06 -38.68 24.48
CA PHE J 190 88.26 -38.44 23.08
C PHE J 190 88.41 -36.97 22.86
N GLU J 191 88.94 -36.65 21.69
CA GLU J 191 89.09 -35.26 21.27
C GLU J 191 88.51 -35.06 19.87
N ILE J 192 88.14 -33.83 19.56
CA ILE J 192 87.65 -33.55 18.22
C ILE J 192 88.72 -32.88 17.37
N LEU J 193 88.98 -33.45 16.19
CA LEU J 193 89.98 -32.89 15.30
C LEU J 193 89.31 -31.89 14.37
N ASP J 194 88.16 -32.27 13.82
CA ASP J 194 87.46 -31.41 12.87
C ASP J 194 85.97 -31.76 12.74
N VAL J 195 85.14 -30.75 12.49
CA VAL J 195 83.74 -30.97 12.17
C VAL J 195 83.41 -30.28 10.87
N THR J 196 82.92 -31.04 9.88
CA THR J 196 82.52 -30.45 8.59
C THR J 196 81.09 -30.80 8.33
N GLN J 197 80.38 -29.91 7.65
CA GLN J 197 78.96 -30.11 7.39
C GLN J 197 78.72 -30.11 5.90
N LYS J 198 77.75 -30.89 5.47
CA LYS J 198 77.44 -30.96 4.05
C LYS J 198 75.93 -31.14 3.83
N LYS J 199 75.40 -30.41 2.85
CA LYS J 199 73.98 -30.48 2.56
C LYS J 199 73.70 -31.37 1.35
N ASN J 200 72.71 -32.26 1.48
CA ASN J 200 72.34 -33.16 0.42
C ASN J 200 70.86 -33.08 0.14
N SER J 201 70.47 -33.64 -1.01
CA SER J 201 69.09 -33.69 -1.44
C SER J 201 68.86 -35.03 -2.11
N VAL J 202 68.10 -35.90 -1.45
CA VAL J 202 68.01 -37.31 -1.85
C VAL J 202 66.58 -37.67 -2.26
N THR J 203 66.45 -38.52 -3.29
CA THR J 203 65.16 -39.09 -3.65
C THR J 203 65.07 -40.50 -3.17
N TYR J 204 63.96 -40.83 -2.52
CA TYR J 204 63.75 -42.16 -1.94
C TYR J 204 62.73 -42.92 -2.78
N SER J 205 62.76 -44.24 -2.67
CA SER J 205 61.90 -45.10 -3.46
C SER J 205 60.42 -44.79 -3.26
N CYS J 206 60.06 -44.47 -2.03
CA CYS J 206 58.66 -44.35 -1.65
C CYS J 206 57.97 -43.20 -2.37
N CYS J 207 58.73 -42.14 -2.61
CA CYS J 207 58.13 -40.85 -2.91
C CYS J 207 58.84 -40.20 -4.08
N PRO J 208 58.10 -39.44 -4.87
CA PRO J 208 58.65 -38.81 -6.08
C PRO J 208 59.49 -37.56 -5.79
N GLU J 209 59.28 -36.92 -4.63
CA GLU J 209 60.01 -35.68 -4.28
C GLU J 209 61.38 -35.91 -3.63
N ALA J 210 62.16 -34.84 -3.54
CA ALA J 210 63.48 -34.92 -2.93
C ALA J 210 63.43 -34.41 -1.50
N TYR J 211 64.12 -35.12 -0.61
CA TYR J 211 64.19 -34.73 0.78
C TYR J 211 65.60 -34.25 1.09
N GLU J 212 65.68 -33.12 1.76
CA GLU J 212 66.99 -32.57 2.11
C GLU J 212 67.53 -33.14 3.43
N ASP J 213 68.84 -33.20 3.56
CA ASP J 213 69.46 -33.58 4.81
C ASP J 213 70.78 -32.80 5.02
N VAL J 214 71.20 -32.69 6.25
CA VAL J 214 72.56 -32.27 6.51
C VAL J 214 73.42 -33.46 6.97
N GLU J 215 74.59 -33.61 6.38
CA GLU J 215 75.55 -34.61 6.87
C GLU J 215 76.64 -33.89 7.65
N VAL J 216 76.66 -34.13 8.95
CA VAL J 216 77.73 -33.64 9.79
C VAL J 216 78.80 -34.72 9.94
N SER J 217 80.01 -34.41 9.48
CA SER J 217 81.13 -35.33 9.64
C SER J 217 81.94 -34.96 10.89
N LEU J 218 81.92 -35.86 11.85
CA LEU J 218 82.67 -35.68 13.07
C LEU J 218 83.99 -36.47 12.96
N ASN J 219 85.10 -35.73 12.85
CA ASN J 219 86.44 -36.32 12.89
C ASN J 219 87.02 -36.27 14.31
N PHE J 220 87.11 -37.43 14.93
CA PHE J 220 87.56 -37.50 16.30
C PHE J 220 88.55 -38.68 16.53
N ARG J 221 89.28 -38.63 17.64
CA ARG J 221 90.19 -39.72 17.98
C ARG J 221 90.35 -39.90 19.49
N LYS J 222 90.81 -41.08 19.89
CA LYS J 222 91.15 -41.32 21.29
C LYS J 222 92.44 -40.57 21.72
N LYS J 223 92.41 -39.99 22.91
CA LYS J 223 93.55 -39.30 23.47
C LYS J 223 94.64 -40.28 23.92
N GLY J 224 95.88 -39.79 23.99
CA GLY J 224 97.02 -40.62 24.36
C GLY J 224 98.16 -39.82 24.96
N LEU K 20 34.33 -61.40 -61.40
CA LEU K 20 33.27 -61.01 -60.47
C LEU K 20 31.91 -61.04 -61.14
N ASP K 21 30.96 -61.75 -60.51
CA ASP K 21 29.55 -61.63 -60.89
C ASP K 21 28.74 -60.93 -59.77
N ARG K 22 27.43 -60.77 -60.00
CA ARG K 22 26.57 -60.10 -59.00
C ARG K 22 26.65 -60.74 -57.63
N ALA K 23 26.51 -62.07 -57.58
CA ALA K 23 26.60 -62.82 -56.33
C ALA K 23 27.87 -62.43 -55.55
N ASP K 24 29.01 -62.39 -56.22
CA ASP K 24 30.26 -62.08 -55.51
C ASP K 24 30.27 -60.66 -54.99
N ILE K 25 29.81 -59.73 -55.84
CA ILE K 25 29.79 -58.32 -55.50
C ILE K 25 28.93 -58.09 -54.27
N LEU K 26 27.75 -58.69 -54.29
CA LEU K 26 26.79 -58.55 -53.20
C LEU K 26 27.29 -59.21 -51.94
N TYR K 27 27.93 -60.36 -52.09
CA TYR K 27 28.60 -61.01 -50.97
C TYR K 27 29.67 -60.09 -50.34
N ASN K 28 30.55 -59.51 -51.16
CA ASN K 28 31.58 -58.60 -50.64
C ASN K 28 30.98 -57.41 -49.94
N ILE K 29 29.93 -56.83 -50.48
CA ILE K 29 29.30 -55.68 -49.89
C ILE K 29 28.72 -55.97 -48.52
N ARG K 30 28.07 -57.09 -48.38
CA ARG K 30 27.46 -57.48 -47.15
C ARG K 30 28.45 -57.77 -46.07
N GLN K 31 29.50 -58.44 -46.45
CA GLN K 31 30.60 -58.79 -45.58
C GLN K 31 31.40 -57.64 -45.12
N THR K 32 31.62 -56.67 -45.98
CA THR K 32 32.60 -55.62 -45.68
C THR K 32 32.06 -54.19 -45.58
N SER K 33 30.86 -53.92 -46.09
CA SER K 33 30.34 -52.57 -45.94
C SER K 33 30.01 -52.37 -44.47
N ARG K 34 30.15 -51.12 -44.02
CA ARG K 34 29.97 -50.78 -42.62
C ARG K 34 28.86 -49.77 -42.53
N PRO K 35 27.61 -50.24 -42.42
CA PRO K 35 26.41 -49.39 -42.49
C PRO K 35 26.42 -48.32 -41.40
N ASP K 36 27.13 -48.59 -40.31
CA ASP K 36 27.24 -47.68 -39.18
C ASP K 36 28.27 -46.58 -39.43
N VAL K 37 29.05 -46.76 -40.49
CA VAL K 37 30.23 -45.91 -40.70
C VAL K 37 30.09 -44.99 -41.89
N ILE K 38 30.04 -43.69 -41.63
CA ILE K 38 29.95 -42.70 -42.69
C ILE K 38 31.22 -42.73 -43.54
N PRO K 39 31.05 -42.86 -44.88
CA PRO K 39 32.15 -43.04 -45.83
C PRO K 39 32.88 -41.74 -46.09
N THR K 40 33.32 -41.08 -45.03
CA THR K 40 34.02 -39.82 -45.16
C THR K 40 35.44 -40.05 -45.68
N GLN K 41 35.93 -39.15 -46.53
CA GLN K 41 37.19 -39.35 -47.27
C GLN K 41 38.32 -38.42 -46.81
N PRO K 45 33.86 -33.89 -46.20
CA PRO K 45 32.46 -34.33 -46.05
C PRO K 45 31.95 -35.19 -47.18
N VAL K 46 31.00 -36.07 -46.88
CA VAL K 46 30.32 -36.83 -47.92
C VAL K 46 29.35 -35.89 -48.63
N ALA K 47 29.46 -35.79 -49.95
CA ALA K 47 28.59 -34.93 -50.73
C ALA K 47 27.27 -35.64 -51.09
N VAL K 48 26.17 -35.21 -50.47
CA VAL K 48 24.86 -35.84 -50.66
C VAL K 48 23.95 -35.00 -51.55
N SER K 49 23.55 -35.55 -52.70
CA SER K 49 22.56 -34.90 -53.57
C SER K 49 21.16 -35.25 -53.13
N VAL K 50 20.31 -34.24 -53.01
CA VAL K 50 18.89 -34.47 -52.69
C VAL K 50 18.01 -33.82 -53.75
N SER K 51 17.07 -34.58 -54.26
CA SER K 51 16.19 -34.08 -55.30
C SER K 51 14.83 -34.75 -55.11
N LEU K 52 13.84 -33.95 -54.74
CA LEU K 52 12.47 -34.43 -54.59
C LEU K 52 11.74 -34.42 -55.95
N LYS K 53 11.16 -35.56 -56.30
CA LYS K 53 10.35 -35.68 -57.50
C LYS K 53 8.93 -35.87 -57.02
N PHE K 54 8.13 -34.83 -57.08
CA PHE K 54 6.76 -34.90 -56.59
C PHE K 54 5.87 -35.78 -57.46
N ILE K 55 5.12 -36.65 -56.80
CA ILE K 55 4.27 -37.62 -57.49
C ILE K 55 2.80 -37.26 -57.26
N ASN K 56 2.48 -36.87 -56.03
CA ASN K 56 1.11 -36.52 -55.69
C ASN K 56 0.97 -35.60 -54.49
N ILE K 57 -0.10 -34.80 -54.50
CA ILE K 57 -0.47 -34.00 -53.33
C ILE K 57 -1.87 -34.44 -52.97
N LEU K 58 -2.05 -34.88 -51.73
CA LEU K 58 -3.22 -35.68 -51.41
C LEU K 58 -4.23 -35.00 -50.52
N GLU K 59 -3.75 -34.24 -49.55
CA GLU K 59 -4.62 -33.73 -48.50
C GLU K 59 -4.10 -32.40 -48.05
N VAL K 60 -4.64 -31.36 -48.64
CA VAL K 60 -4.31 -30.01 -48.22
C VAL K 60 -5.32 -29.52 -47.15
N ASN K 61 -4.83 -28.81 -46.14
CA ASN K 61 -5.67 -28.22 -45.12
C ASN K 61 -5.19 -26.80 -44.86
N GLU K 62 -5.94 -25.85 -45.41
CA GLU K 62 -5.54 -24.45 -45.37
C GLU K 62 -5.70 -23.87 -43.97
N ILE K 63 -6.57 -24.49 -43.18
CA ILE K 63 -6.76 -24.08 -41.79
C ILE K 63 -5.59 -24.45 -40.93
N THR K 64 -5.28 -25.73 -40.92
CA THR K 64 -4.21 -26.26 -40.07
C THR K 64 -2.83 -26.10 -40.66
N ASN K 65 -2.75 -25.72 -41.93
CA ASN K 65 -1.45 -25.54 -42.61
C ASN K 65 -0.65 -26.85 -42.71
N GLU K 66 -1.32 -27.89 -43.16
CA GLU K 66 -0.73 -29.20 -43.26
C GLU K 66 -1.00 -29.79 -44.64
N VAL K 67 0.01 -30.41 -45.24
CA VAL K 67 -0.15 -31.07 -46.53
C VAL K 67 0.34 -32.51 -46.49
N ASP K 68 -0.27 -33.34 -47.33
CA ASP K 68 0.07 -34.75 -47.45
C ASP K 68 0.66 -34.94 -48.85
N VAL K 69 1.94 -35.27 -48.91
CA VAL K 69 2.65 -35.33 -50.18
C VAL K 69 3.25 -36.72 -50.44
N VAL K 70 3.23 -37.13 -51.70
CA VAL K 70 3.95 -38.30 -52.16
C VAL K 70 5.07 -37.87 -53.10
N PHE K 71 6.28 -38.32 -52.82
CA PHE K 71 7.43 -37.88 -53.59
C PHE K 71 8.56 -38.89 -53.57
N TRP K 72 9.32 -38.90 -54.66
CA TRP K 72 10.54 -39.69 -54.72
C TRP K 72 11.64 -38.87 -54.09
N GLN K 73 12.27 -39.39 -53.04
CA GLN K 73 13.38 -38.71 -52.41
C GLN K 73 14.67 -39.27 -53.01
N GLN K 74 15.03 -38.77 -54.19
CA GLN K 74 16.24 -39.21 -54.85
C GLN K 74 17.49 -38.73 -54.09
N THR K 75 18.18 -39.69 -53.47
CA THR K 75 19.38 -39.39 -52.70
C THR K 75 20.64 -40.03 -53.32
N THR K 76 21.68 -39.23 -53.53
CA THR K 76 22.87 -39.73 -54.21
C THR K 76 24.15 -39.33 -53.48
N TRP K 77 25.06 -40.29 -53.31
CA TRP K 77 26.32 -40.03 -52.62
C TRP K 77 27.37 -41.02 -53.04
N SER K 78 28.56 -40.88 -52.49
CA SER K 78 29.67 -41.70 -52.91
C SER K 78 30.29 -42.45 -51.73
N ASP K 79 30.53 -43.74 -51.92
CA ASP K 79 31.18 -44.60 -50.92
C ASP K 79 32.20 -45.50 -51.64
N ARG K 80 33.45 -45.07 -51.63
CA ARG K 80 34.52 -45.74 -52.36
C ARG K 80 34.81 -47.15 -51.85
N THR K 81 34.53 -47.37 -50.56
CA THR K 81 34.71 -48.70 -49.98
C THR K 81 33.83 -49.79 -50.62
N LEU K 82 32.91 -49.38 -51.50
CA LEU K 82 32.02 -50.32 -52.16
C LEU K 82 32.45 -50.55 -53.59
N ALA K 83 33.46 -49.80 -54.03
CA ALA K 83 33.88 -49.84 -55.43
C ALA K 83 34.47 -51.18 -55.81
N TRP K 84 34.38 -51.53 -57.09
CA TRP K 84 34.98 -52.76 -57.58
C TRP K 84 35.48 -52.62 -59.01
N ASN K 85 36.35 -53.54 -59.42
CA ASN K 85 36.89 -53.57 -60.78
C ASN K 85 35.84 -54.10 -61.75
N SER K 86 35.25 -53.22 -62.56
CA SER K 86 34.12 -53.60 -63.42
C SER K 86 34.52 -54.05 -64.81
N SER K 87 35.77 -54.48 -64.97
CA SER K 87 36.29 -54.89 -66.28
C SER K 87 35.43 -55.97 -66.93
N HIS K 88 35.20 -57.06 -66.21
CA HIS K 88 34.36 -58.15 -66.71
C HIS K 88 33.26 -58.43 -65.71
N SER K 89 32.71 -57.35 -65.16
CA SER K 89 31.73 -57.40 -64.09
C SER K 89 30.57 -56.48 -64.41
N PRO K 90 29.45 -56.63 -63.69
CA PRO K 90 28.33 -55.68 -63.79
C PRO K 90 28.76 -54.27 -63.38
N ASP K 91 28.11 -53.25 -63.92
CA ASP K 91 28.47 -51.86 -63.61
C ASP K 91 27.71 -51.41 -62.38
N GLN K 92 26.67 -52.17 -62.05
CA GLN K 92 25.68 -51.74 -61.07
C GLN K 92 24.97 -52.92 -60.42
N VAL K 93 24.71 -52.80 -59.12
CA VAL K 93 23.88 -53.79 -58.40
C VAL K 93 22.84 -53.12 -57.53
N SER K 94 21.83 -53.88 -57.15
CA SER K 94 20.82 -53.38 -56.23
C SER K 94 21.08 -54.01 -54.88
N VAL K 95 21.18 -53.17 -53.86
CA VAL K 95 21.57 -53.62 -52.53
C VAL K 95 20.53 -53.15 -51.53
N PRO K 96 20.12 -54.04 -50.61
CA PRO K 96 19.27 -53.63 -49.49
C PRO K 96 19.97 -52.52 -48.69
N ILE K 97 19.27 -51.43 -48.39
CA ILE K 97 19.89 -50.32 -47.67
C ILE K 97 20.35 -50.70 -46.26
N SER K 98 19.81 -51.79 -45.72
CA SER K 98 20.27 -52.26 -44.43
C SER K 98 21.72 -52.77 -44.50
N SER K 99 22.20 -53.05 -45.71
CA SER K 99 23.57 -53.46 -45.94
C SER K 99 24.50 -52.32 -46.35
N LEU K 100 24.01 -51.09 -46.32
CA LEU K 100 24.81 -49.94 -46.74
C LEU K 100 24.72 -48.84 -45.72
N TRP K 101 25.73 -47.99 -45.69
CA TRP K 101 25.58 -46.74 -44.99
C TRP K 101 24.67 -45.81 -45.80
N VAL K 102 23.80 -45.11 -45.10
CA VAL K 102 22.84 -44.24 -45.73
C VAL K 102 22.82 -42.95 -44.93
N PRO K 103 22.78 -41.81 -45.64
CA PRO K 103 22.70 -40.50 -44.97
C PRO K 103 21.45 -40.42 -44.10
N ASP K 104 21.60 -39.89 -42.88
CA ASP K 104 20.51 -39.73 -41.93
C ASP K 104 19.63 -38.48 -42.21
N LEU K 105 19.12 -38.38 -43.44
CA LEU K 105 18.31 -37.24 -43.82
C LEU K 105 16.99 -37.23 -43.08
N ALA K 106 16.52 -36.04 -42.73
CA ALA K 106 15.18 -35.88 -42.14
C ALA K 106 14.51 -34.63 -42.68
N ALA K 107 13.18 -34.66 -42.77
CA ALA K 107 12.42 -33.45 -43.09
C ALA K 107 12.07 -32.75 -41.78
N TYR K 108 12.65 -31.58 -41.57
CA TYR K 108 12.49 -30.85 -40.31
C TYR K 108 11.04 -30.46 -39.98
N ASN K 109 10.25 -30.26 -41.03
CA ASN K 109 8.87 -29.82 -40.83
C ASN K 109 7.88 -30.92 -41.14
N ALA K 110 8.38 -32.15 -41.18
CA ALA K 110 7.50 -33.30 -41.27
C ALA K 110 6.77 -33.48 -39.92
N ILE K 111 5.52 -33.91 -39.98
CA ILE K 111 4.73 -34.13 -38.77
C ILE K 111 4.17 -35.56 -38.70
N SER K 112 4.59 -36.38 -39.67
CA SER K 112 4.40 -37.81 -39.61
C SER K 112 5.73 -38.47 -39.97
N LYS K 113 5.95 -39.70 -39.51
CA LYS K 113 7.17 -40.42 -39.91
C LYS K 113 7.03 -40.89 -41.33
N PRO K 114 8.12 -40.84 -42.10
CA PRO K 114 8.03 -41.13 -43.54
C PRO K 114 7.51 -42.55 -43.79
N GLU K 115 6.45 -42.64 -44.58
CA GLU K 115 5.93 -43.93 -45.03
C GLU K 115 6.63 -44.29 -46.34
N VAL K 116 7.54 -45.28 -46.27
CA VAL K 116 8.26 -45.73 -47.48
C VAL K 116 7.41 -46.72 -48.25
N LEU K 117 7.04 -46.35 -49.48
CA LEU K 117 6.07 -47.10 -50.26
C LEU K 117 6.76 -48.16 -51.13
N THR K 118 8.05 -47.99 -51.35
CA THR K 118 8.77 -48.81 -52.30
C THR K 118 9.78 -49.78 -51.63
N PRO K 119 10.18 -50.85 -52.35
CA PRO K 119 11.23 -51.76 -51.85
C PRO K 119 12.49 -50.97 -51.47
N GLN K 120 13.02 -51.22 -50.30
CA GLN K 120 14.12 -50.41 -49.83
C GLN K 120 15.48 -50.91 -50.33
N LEU K 121 15.72 -50.68 -51.62
CA LEU K 121 16.95 -51.08 -52.30
C LEU K 121 17.65 -49.85 -52.88
N ALA K 122 18.98 -49.87 -52.88
CA ALA K 122 19.78 -48.81 -53.47
C ALA K 122 20.58 -49.33 -54.65
N HIS K 123 21.02 -48.40 -55.51
CA HIS K 123 21.93 -48.73 -56.60
C HIS K 123 23.33 -48.47 -56.09
N VAL K 124 24.19 -49.46 -56.26
CA VAL K 124 25.62 -49.24 -56.10
C VAL K 124 26.28 -49.45 -57.45
N VAL K 125 26.96 -48.39 -57.93
CA VAL K 125 27.69 -48.46 -59.19
C VAL K 125 29.16 -48.81 -58.89
N SER K 126 29.83 -49.45 -59.84
CA SER K 126 31.19 -49.97 -59.63
C SER K 126 32.19 -48.92 -59.12
N ASP K 127 31.96 -47.66 -59.45
CA ASP K 127 32.85 -46.58 -58.97
C ASP K 127 32.56 -46.18 -57.51
N GLY K 128 31.49 -46.73 -56.92
CA GLY K 128 31.15 -46.44 -55.54
C GLY K 128 30.06 -45.39 -55.37
N GLU K 129 29.49 -44.97 -56.50
CA GLU K 129 28.34 -44.07 -56.47
C GLU K 129 27.11 -44.84 -55.99
N VAL K 130 26.44 -44.29 -54.98
CA VAL K 130 25.23 -44.91 -54.44
C VAL K 130 24.05 -44.00 -54.68
N GLN K 131 22.97 -44.59 -55.19
CA GLN K 131 21.72 -43.86 -55.32
C GLN K 131 20.62 -44.60 -54.60
N TYR K 132 19.82 -43.89 -53.81
CA TYR K 132 18.65 -44.45 -53.16
C TYR K 132 17.46 -43.54 -53.42
N THR K 133 16.40 -44.09 -54.01
CA THR K 133 15.24 -43.24 -54.38
C THR K 133 13.92 -43.88 -53.93
N PRO K 134 13.65 -43.82 -52.62
CA PRO K 134 12.35 -44.32 -52.14
C PRO K 134 11.20 -43.39 -52.54
N SER K 135 10.02 -43.97 -52.73
CA SER K 135 8.84 -43.15 -52.88
C SER K 135 8.27 -43.02 -51.47
N ILE K 136 8.11 -41.78 -51.01
CA ILE K 136 7.66 -41.53 -49.65
C ILE K 136 6.34 -40.78 -49.61
N ARG K 137 5.43 -41.23 -48.74
CA ARG K 137 4.24 -40.45 -48.38
C ARG K 137 4.43 -39.84 -47.01
N GLN K 138 4.30 -38.52 -46.92
CA GLN K 138 4.60 -37.85 -45.65
C GLN K 138 3.80 -36.54 -45.50
N ARG K 139 3.48 -36.21 -44.26
CA ARG K 139 2.72 -35.01 -43.93
CA ARG K 139 2.72 -35.01 -43.92
C ARG K 139 3.65 -33.91 -43.48
N PHE K 140 3.41 -32.71 -43.98
CA PHE K 140 4.26 -31.58 -43.59
C PHE K 140 3.46 -30.43 -43.03
N SER K 141 4.13 -29.68 -42.17
CA SER K 141 3.60 -28.43 -41.66
C SER K 141 4.24 -27.32 -42.48
N CYS K 142 3.47 -26.63 -43.30
CA CYS K 142 4.00 -25.56 -44.13
C CYS K 142 2.91 -24.58 -44.52
N ASP K 143 3.28 -23.55 -45.26
CA ASP K 143 2.37 -22.47 -45.62
C ASP K 143 1.49 -22.89 -46.78
N VAL K 144 0.22 -23.10 -46.49
CA VAL K 144 -0.75 -23.58 -47.47
C VAL K 144 -1.64 -22.43 -47.95
N SER K 145 -1.40 -21.24 -47.41
CA SER K 145 -2.18 -20.06 -47.77
C SER K 145 -2.05 -19.72 -49.25
N GLY K 146 -3.20 -19.55 -49.92
CA GLY K 146 -3.24 -19.19 -51.33
C GLY K 146 -3.33 -20.38 -52.26
N VAL K 147 -3.49 -21.57 -51.68
CA VAL K 147 -3.60 -22.80 -52.46
C VAL K 147 -4.73 -22.72 -53.48
N ASP K 148 -5.79 -21.98 -53.13
CA ASP K 148 -6.98 -21.91 -53.96
C ASP K 148 -6.98 -20.69 -54.88
N THR K 149 -5.88 -19.96 -54.90
CA THR K 149 -5.73 -18.82 -55.81
C THR K 149 -4.92 -19.22 -57.03
N GLU K 150 -4.53 -18.22 -57.80
CA GLU K 150 -3.97 -18.45 -59.13
C GLU K 150 -2.46 -18.46 -59.06
N SER K 151 -1.97 -17.78 -58.03
CA SER K 151 -0.54 -17.77 -57.78
C SER K 151 -0.15 -18.97 -56.93
N GLY K 152 -1.14 -19.57 -56.27
CA GLY K 152 -0.97 -20.81 -55.53
C GLY K 152 -0.31 -20.65 -54.18
N ALA K 153 -0.21 -21.77 -53.46
CA ALA K 153 0.54 -21.82 -52.20
C ALA K 153 2.00 -22.18 -52.47
N THR K 154 2.88 -21.79 -51.55
CA THR K 154 4.27 -22.22 -51.65
C THR K 154 4.70 -22.92 -50.36
N CYS K 155 4.73 -24.26 -50.42
CA CYS K 155 5.12 -25.08 -49.29
C CYS K 155 6.62 -25.34 -49.33
N ARG K 156 7.27 -24.97 -48.23
CA ARG K 156 8.72 -25.09 -48.11
C ARG K 156 9.13 -26.33 -47.27
N ILE K 157 9.83 -27.27 -47.91
CA ILE K 157 10.25 -28.50 -47.24
C ILE K 157 11.76 -28.52 -46.94
N LYS K 158 12.09 -28.68 -45.66
CA LYS K 158 13.47 -28.56 -45.20
C LYS K 158 14.07 -29.94 -44.90
N ILE K 159 15.04 -30.35 -45.71
CA ILE K 159 15.65 -31.66 -45.57
C ILE K 159 17.13 -31.54 -45.33
N GLY K 160 17.61 -32.18 -44.26
CA GLY K 160 19.04 -32.19 -43.97
C GLY K 160 19.45 -33.41 -43.14
N SER K 161 20.75 -33.60 -42.98
CA SER K 161 21.26 -34.61 -42.05
C SER K 161 20.83 -34.27 -40.62
N TRP K 162 20.30 -35.26 -39.90
CA TRP K 162 19.89 -35.04 -38.52
C TRP K 162 21.09 -34.91 -37.55
N THR K 163 22.12 -35.72 -37.76
CA THR K 163 23.19 -35.76 -36.79
C THR K 163 24.56 -35.42 -37.33
N HIS K 164 24.69 -35.29 -38.65
CA HIS K 164 26.01 -34.98 -39.22
C HIS K 164 26.12 -33.52 -39.66
N HIS K 165 27.16 -32.84 -39.19
CA HIS K 165 27.36 -31.43 -39.50
C HIS K 165 28.08 -31.24 -40.83
N SER K 166 28.28 -29.98 -41.21
CA SER K 166 28.72 -29.64 -42.57
C SER K 166 30.04 -30.25 -43.01
N ARG K 167 30.91 -30.59 -42.07
CA ARG K 167 32.21 -31.21 -42.39
C ARG K 167 32.10 -32.73 -42.57
N GLU K 168 31.03 -33.32 -42.06
CA GLU K 168 30.77 -34.75 -42.28
C GLU K 168 29.80 -34.98 -43.46
N ILE K 169 28.69 -34.24 -43.49
CA ILE K 169 27.72 -34.34 -44.59
C ILE K 169 27.37 -32.97 -45.15
N SER K 170 27.51 -32.82 -46.47
CA SER K 170 27.04 -31.62 -47.13
C SER K 170 25.92 -31.99 -48.08
N VAL K 171 24.84 -31.22 -48.07
CA VAL K 171 23.70 -31.48 -48.97
C VAL K 171 23.66 -30.49 -50.10
N ASP K 172 23.33 -30.96 -51.29
CA ASP K 172 23.23 -30.11 -52.47
C ASP K 172 22.04 -30.49 -53.35
N PRO K 173 21.40 -29.49 -53.97
CA PRO K 173 20.34 -29.74 -54.94
C PRO K 173 20.90 -30.37 -56.22
N THR K 174 20.05 -30.90 -57.08
CA THR K 174 20.49 -31.54 -58.33
C THR K 174 20.35 -30.60 -59.53
N ASP K 180 9.62 -30.50 -63.12
CA ASP K 180 8.86 -30.39 -61.87
C ASP K 180 7.69 -31.37 -61.86
N SER K 181 6.73 -31.13 -62.75
CA SER K 181 5.54 -31.96 -62.90
C SER K 181 5.83 -33.21 -63.72
N GLU K 182 7.10 -33.59 -63.79
CA GLU K 182 7.50 -34.65 -64.70
C GLU K 182 6.79 -35.96 -64.40
N TYR K 183 6.80 -36.36 -63.12
CA TYR K 183 6.10 -37.58 -62.70
C TYR K 183 4.87 -37.29 -61.88
N PHE K 184 4.46 -36.02 -61.82
CA PHE K 184 3.31 -35.65 -61.01
C PHE K 184 2.00 -36.20 -61.58
N SER K 185 1.16 -36.74 -60.71
CA SER K 185 -0.08 -37.38 -61.14
C SER K 185 -1.04 -36.39 -61.77
N GLN K 186 -1.54 -36.71 -62.95
CA GLN K 186 -2.55 -35.87 -63.60
C GLN K 186 -3.89 -36.01 -62.90
N TYR K 187 -4.00 -36.99 -62.01
CA TYR K 187 -5.26 -37.24 -61.31
C TYR K 187 -5.35 -36.59 -59.93
N SER K 188 -4.30 -35.86 -59.56
CA SER K 188 -4.34 -35.04 -58.35
C SER K 188 -5.35 -33.88 -58.51
N ARG K 189 -5.85 -33.40 -57.37
CA ARG K 189 -6.74 -32.24 -57.34
C ARG K 189 -5.90 -30.97 -57.46
N PHE K 190 -4.59 -31.18 -57.48
CA PHE K 190 -3.65 -30.07 -57.54
C PHE K 190 -2.78 -30.13 -58.78
N GLU K 191 -2.08 -29.04 -59.02
CA GLU K 191 -1.12 -29.03 -60.09
C GLU K 191 0.06 -28.25 -59.54
N ILE K 192 1.23 -28.50 -60.12
CA ILE K 192 2.45 -27.84 -59.66
C ILE K 192 2.83 -26.72 -60.61
N LEU K 193 3.03 -25.53 -60.04
CA LEU K 193 3.39 -24.38 -60.85
C LEU K 193 4.92 -24.30 -60.97
N ASP K 194 5.60 -24.45 -59.84
CA ASP K 194 7.06 -24.35 -59.84
C ASP K 194 7.70 -25.08 -58.65
N VAL K 195 8.91 -25.59 -58.85
CA VAL K 195 9.68 -26.15 -57.77
C VAL K 195 11.07 -25.53 -57.77
N THR K 196 11.42 -24.87 -56.66
CA THR K 196 12.75 -24.28 -56.52
C THR K 196 13.43 -24.89 -55.31
N GLN K 197 14.75 -25.02 -55.40
CA GLN K 197 15.54 -25.61 -54.33
C GLN K 197 16.60 -24.62 -53.86
N LYS K 198 16.98 -24.70 -52.59
CA LYS K 198 17.87 -23.69 -52.04
C LYS K 198 18.60 -24.24 -50.83
N LYS K 199 19.92 -24.18 -50.88
CA LYS K 199 20.78 -24.74 -49.85
C LYS K 199 21.04 -23.80 -48.68
N ASN K 200 20.95 -24.31 -47.46
CA ASN K 200 21.24 -23.51 -46.28
C ASN K 200 22.24 -24.20 -45.35
N SER K 201 22.76 -23.40 -44.43
CA SER K 201 23.70 -23.90 -43.44
C SER K 201 23.36 -23.24 -42.13
N VAL K 202 22.83 -24.02 -41.20
CA VAL K 202 22.27 -23.51 -39.95
C VAL K 202 23.03 -23.97 -38.71
N THR K 203 23.17 -23.07 -37.73
CA THR K 203 23.75 -23.46 -36.45
C THR K 203 22.63 -23.60 -35.43
N TYR K 204 22.66 -24.68 -34.67
CA TYR K 204 21.63 -24.96 -33.68
C TYR K 204 22.20 -24.81 -32.28
N SER K 205 21.30 -24.58 -31.31
CA SER K 205 21.70 -24.25 -29.94
C SER K 205 22.54 -25.36 -29.31
N CYS K 206 22.18 -26.59 -29.63
CA CYS K 206 22.78 -27.75 -29.01
C CYS K 206 24.29 -27.87 -29.31
N CYS K 207 24.66 -27.50 -30.53
CA CYS K 207 25.95 -27.87 -31.09
C CYS K 207 26.67 -26.67 -31.71
N PRO K 208 28.00 -26.67 -31.64
CA PRO K 208 28.82 -25.56 -32.16
C PRO K 208 28.95 -25.57 -33.69
N GLU K 209 28.78 -26.71 -34.34
CA GLU K 209 28.99 -26.80 -35.79
C GLU K 209 27.74 -26.44 -36.58
N ALA K 210 27.90 -26.22 -37.88
CA ALA K 210 26.78 -25.90 -38.76
C ALA K 210 26.28 -27.14 -39.49
N TYR K 211 24.96 -27.25 -39.58
CA TYR K 211 24.34 -28.36 -40.27
C TYR K 211 23.74 -27.85 -41.56
N GLU K 212 23.97 -28.57 -42.65
CA GLU K 212 23.41 -28.15 -43.93
C GLU K 212 22.00 -28.72 -44.16
N ASP K 213 21.22 -28.02 -44.96
CA ASP K 213 19.92 -28.54 -45.36
C ASP K 213 19.58 -28.04 -46.77
N VAL K 214 18.63 -28.70 -47.39
CA VAL K 214 18.07 -28.21 -48.63
C VAL K 214 16.63 -27.80 -48.35
N GLU K 215 16.24 -26.60 -48.79
CA GLU K 215 14.85 -26.20 -48.72
C GLU K 215 14.25 -26.30 -50.10
N VAL K 216 13.32 -27.24 -50.27
CA VAL K 216 12.60 -27.38 -51.52
C VAL K 216 11.29 -26.60 -51.43
N SER K 217 11.12 -25.60 -52.29
CA SER K 217 9.89 -24.81 -52.31
C SER K 217 8.93 -25.34 -53.35
N LEU K 218 7.79 -25.87 -52.88
CA LEU K 218 6.80 -26.44 -53.77
C LEU K 218 5.68 -25.43 -53.98
N ASN K 219 5.63 -24.85 -55.18
CA ASN K 219 4.57 -23.90 -55.53
C ASN K 219 3.46 -24.62 -56.30
N PHE K 220 2.30 -24.77 -55.66
CA PHE K 220 1.22 -25.55 -56.23
C PHE K 220 -0.10 -24.85 -55.96
N ARG K 221 -1.15 -25.27 -56.69
CA ARG K 221 -2.49 -24.74 -56.50
C ARG K 221 -3.55 -25.77 -56.88
N LYS K 222 -4.78 -25.52 -56.45
CA LYS K 222 -5.89 -26.39 -56.79
C LYS K 222 -6.25 -26.21 -58.27
N LYS K 223 -6.56 -27.33 -58.93
CA LYS K 223 -7.13 -27.32 -60.28
C LYS K 223 -8.56 -26.79 -60.24
N GLY K 224 -9.02 -26.23 -61.35
CA GLY K 224 -10.36 -25.66 -61.43
C GLY K 224 -11.07 -25.82 -62.76
N LEU L 20 43.16 -44.19 -34.28
CA LEU L 20 41.73 -44.48 -34.34
C LEU L 20 41.02 -43.63 -35.39
N ASP L 21 40.27 -44.27 -36.29
CA ASP L 21 39.33 -43.55 -37.14
C ASP L 21 37.89 -43.92 -36.73
N ARG L 22 36.90 -43.34 -37.43
CA ARG L 22 35.49 -43.60 -37.13
C ARG L 22 35.17 -45.09 -37.14
N ALA L 23 35.61 -45.77 -38.20
CA ALA L 23 35.37 -47.19 -38.37
C ALA L 23 35.80 -47.98 -37.11
N ASP L 24 36.96 -47.66 -36.57
CA ASP L 24 37.47 -48.38 -35.40
C ASP L 24 36.64 -48.04 -34.17
N ILE L 25 36.31 -46.77 -34.01
CA ILE L 25 35.54 -46.32 -32.84
C ILE L 25 34.15 -46.96 -32.80
N LEU L 26 33.49 -46.96 -33.95
CA LEU L 26 32.18 -47.59 -34.09
C LEU L 26 32.24 -49.11 -33.88
N TYR L 27 33.32 -49.72 -34.39
CA TYR L 27 33.54 -51.14 -34.19
C TYR L 27 33.67 -51.45 -32.70
N ASN L 28 34.52 -50.71 -32.00
CA ASN L 28 34.68 -50.91 -30.56
C ASN L 28 33.36 -50.74 -29.81
N ILE L 29 32.64 -49.68 -30.13
CA ILE L 29 31.40 -49.39 -29.48
C ILE L 29 30.42 -50.49 -29.75
N ARG L 30 30.37 -50.94 -30.97
CA ARG L 30 29.46 -51.99 -31.32
C ARG L 30 29.79 -53.32 -30.64
N GLN L 31 31.06 -53.65 -30.56
CA GLN L 31 31.54 -54.81 -29.83
C GLN L 31 31.43 -54.81 -28.33
N THR L 32 31.64 -53.67 -27.70
CA THR L 32 31.81 -53.61 -26.25
C THR L 32 30.75 -52.86 -25.46
N SER L 33 29.98 -51.99 -26.10
CA SER L 33 28.93 -51.30 -25.34
C SER L 33 27.89 -52.33 -24.92
N ARG L 34 27.29 -52.09 -23.77
CA ARG L 34 26.33 -53.02 -23.22
C ARG L 34 25.02 -52.28 -23.08
N PRO L 35 24.16 -52.37 -24.12
CA PRO L 35 22.91 -51.59 -24.22
C PRO L 35 21.98 -51.91 -23.07
N ASP L 36 22.08 -53.11 -22.55
CA ASP L 36 21.26 -53.57 -21.44
C ASP L 36 21.77 -53.04 -20.08
N VAL L 37 22.94 -52.43 -20.06
CA VAL L 37 23.61 -52.13 -18.81
C VAL L 37 23.72 -50.64 -18.54
N ILE L 38 23.02 -50.19 -17.53
CA ILE L 38 23.06 -48.78 -17.16
C ILE L 38 24.49 -48.40 -16.71
N PRO L 39 25.06 -47.35 -17.35
CA PRO L 39 26.45 -46.94 -17.11
C PRO L 39 26.59 -46.19 -15.80
N THR L 40 26.14 -46.83 -14.71
CA THR L 40 26.18 -46.21 -13.39
C THR L 40 27.58 -46.24 -12.81
N ARG L 44 27.32 -43.86 -9.85
CA ARG L 44 26.50 -43.04 -8.93
C ARG L 44 25.19 -42.99 -9.75
N PRO L 45 24.15 -42.21 -9.36
CA PRO L 45 23.14 -42.22 -10.45
C PRO L 45 23.68 -41.59 -11.75
N VAL L 46 23.23 -42.12 -12.88
CA VAL L 46 23.48 -41.50 -14.18
C VAL L 46 22.65 -40.21 -14.27
N ALA L 47 23.34 -39.09 -14.50
CA ALA L 47 22.68 -37.81 -14.60
C ALA L 47 22.14 -37.59 -16.01
N VAL L 48 20.82 -37.61 -16.15
CA VAL L 48 20.18 -37.45 -17.46
C VAL L 48 19.55 -36.06 -17.63
N SER L 49 20.01 -35.31 -18.62
CA SER L 49 19.41 -34.01 -18.98
C SER L 49 18.26 -34.22 -19.94
N VAL L 50 17.14 -33.57 -19.65
CA VAL L 50 15.99 -33.62 -20.55
C VAL L 50 15.56 -32.20 -20.91
N SER L 51 15.39 -31.95 -22.19
CA SER L 51 15.00 -30.62 -22.65
C SER L 51 14.13 -30.75 -23.90
N LEU L 52 12.84 -30.44 -23.75
CA LEU L 52 11.91 -30.48 -24.87
C LEU L 52 11.99 -29.19 -25.71
N LYS L 53 12.25 -29.34 -27.01
CA LYS L 53 12.21 -28.22 -27.93
C LYS L 53 10.97 -28.40 -28.79
N PHE L 54 9.95 -27.60 -28.50
CA PHE L 54 8.69 -27.76 -29.18
C PHE L 54 8.77 -27.28 -30.62
N ILE L 55 8.24 -28.10 -31.51
CA ILE L 55 8.30 -27.83 -32.95
C ILE L 55 6.93 -27.47 -33.47
N ASN L 56 5.90 -28.15 -32.97
CA ASN L 56 4.55 -27.92 -33.43
C ASN L 56 3.48 -28.40 -32.44
N ILE L 57 2.31 -27.79 -32.51
CA ILE L 57 1.13 -28.26 -31.78
C ILE L 57 0.03 -28.43 -32.81
N LEU L 58 -0.53 -29.63 -32.88
CA LEU L 58 -1.26 -30.03 -34.07
C LEU L 58 -2.75 -30.18 -33.88
N GLU L 59 -3.17 -30.74 -32.75
CA GLU L 59 -4.58 -31.10 -32.66
C GLU L 59 -5.12 -30.99 -31.25
N VAL L 60 -5.45 -29.76 -30.86
CA VAL L 60 -5.96 -29.47 -29.53
C VAL L 60 -7.45 -29.84 -29.44
N ASN L 61 -7.83 -30.43 -28.32
CA ASN L 61 -9.23 -30.71 -28.04
C ASN L 61 -9.57 -30.29 -26.60
N GLU L 62 -10.27 -29.17 -26.48
CA GLU L 62 -10.55 -28.58 -25.17
C GLU L 62 -11.57 -29.41 -24.39
N ILE L 63 -12.42 -30.12 -25.13
CA ILE L 63 -13.41 -30.99 -24.50
C ILE L 63 -12.74 -32.19 -23.86
N THR L 64 -11.99 -32.96 -24.65
CA THR L 64 -11.36 -34.20 -24.17
C THR L 64 -10.08 -33.97 -23.37
N ASN L 65 -9.55 -32.76 -23.42
CA ASN L 65 -8.31 -32.42 -22.74
C ASN L 65 -7.11 -33.20 -23.29
N GLU L 66 -7.00 -33.20 -24.62
CA GLU L 66 -5.95 -33.94 -25.30
C GLU L 66 -5.25 -33.03 -26.30
N VAL L 67 -3.91 -33.12 -26.37
CA VAL L 67 -3.15 -32.37 -27.36
C VAL L 67 -2.20 -33.28 -28.13
N ASP L 68 -1.90 -32.87 -29.36
CA ASP L 68 -1.00 -33.61 -30.20
C ASP L 68 0.21 -32.69 -30.41
N VAL L 69 1.37 -33.11 -29.91
CA VAL L 69 2.58 -32.28 -29.95
C VAL L 69 3.73 -32.93 -30.73
N VAL L 70 4.49 -32.09 -31.44
CA VAL L 70 5.75 -32.50 -32.05
C VAL L 70 6.88 -31.74 -31.37
N PHE L 71 7.87 -32.49 -30.88
CA PHE L 71 8.95 -31.92 -30.09
C PHE L 71 10.24 -32.73 -30.17
N TRP L 72 11.35 -32.01 -30.09
CA TRP L 72 12.66 -32.65 -29.96
C TRP L 72 12.89 -33.03 -28.51
N GLN L 73 13.11 -34.31 -28.26
CA GLN L 73 13.35 -34.74 -26.90
C GLN L 73 14.86 -34.86 -26.72
N GLN L 74 15.49 -33.72 -26.49
CA GLN L 74 16.93 -33.67 -26.33
C GLN L 74 17.37 -34.32 -25.00
N THR L 75 17.99 -35.50 -25.10
CA THR L 75 18.40 -36.28 -23.94
C THR L 75 19.94 -36.38 -23.89
N THR L 76 20.51 -36.07 -22.73
CA THR L 76 21.96 -36.07 -22.62
C THR L 76 22.39 -36.77 -21.34
N TRP L 77 23.35 -37.67 -21.48
CA TRP L 77 23.92 -38.35 -20.33
C TRP L 77 25.36 -38.75 -20.59
N SER L 78 25.94 -39.44 -19.61
CA SER L 78 27.35 -39.82 -19.69
C SER L 78 27.55 -41.34 -19.56
N ASP L 79 28.36 -41.88 -20.46
CA ASP L 79 28.76 -43.29 -20.39
C ASP L 79 30.27 -43.43 -20.66
N ARG L 80 31.06 -43.49 -19.58
CA ARG L 80 32.51 -43.49 -19.70
C ARG L 80 33.06 -44.70 -20.43
N THR L 81 32.34 -45.82 -20.38
CA THR L 81 32.73 -47.04 -21.08
C THR L 81 32.79 -46.87 -22.61
N LEU L 82 32.33 -45.72 -23.11
CA LEU L 82 32.35 -45.44 -24.55
C LEU L 82 33.47 -44.48 -24.90
N ALA L 83 34.12 -43.94 -23.87
CA ALA L 83 35.17 -42.93 -24.08
C ALA L 83 36.36 -43.49 -24.86
N TRP L 84 37.05 -42.60 -25.57
CA TRP L 84 38.27 -42.99 -26.26
C TRP L 84 39.29 -41.86 -26.28
N ASN L 85 40.56 -42.19 -26.54
CA ASN L 85 41.63 -41.21 -26.70
C ASN L 85 41.52 -40.46 -28.04
N SER L 86 41.08 -39.19 -27.97
CA SER L 86 40.77 -38.41 -29.18
C SER L 86 41.95 -37.61 -29.72
N SER L 87 43.16 -38.00 -29.34
CA SER L 87 44.38 -37.27 -29.74
C SER L 87 44.47 -37.09 -31.26
N HIS L 88 44.40 -38.19 -32.00
CA HIS L 88 44.43 -38.12 -33.45
C HIS L 88 43.21 -38.83 -34.00
N SER L 89 42.08 -38.58 -33.35
CA SER L 89 40.83 -39.25 -33.65
C SER L 89 39.69 -38.23 -33.74
N PRO L 90 38.55 -38.64 -34.30
CA PRO L 90 37.36 -37.80 -34.26
C PRO L 90 36.94 -37.53 -32.81
N ASP L 91 36.30 -36.38 -32.57
CA ASP L 91 35.84 -36.03 -31.24
C ASP L 91 34.47 -36.66 -30.97
N GLN L 92 33.80 -37.06 -32.05
CA GLN L 92 32.36 -37.37 -32.03
C GLN L 92 31.96 -38.33 -33.14
N VAL L 93 31.07 -39.26 -32.83
CA VAL L 93 30.52 -40.16 -33.84
C VAL L 93 29.02 -40.26 -33.67
N SER L 94 28.37 -40.75 -34.72
CA SER L 94 26.93 -41.00 -34.67
C SER L 94 26.73 -42.50 -34.57
N VAL L 95 25.94 -42.91 -33.58
CA VAL L 95 25.82 -44.34 -33.30
C VAL L 95 24.35 -44.67 -33.22
N PRO L 96 23.96 -45.79 -33.84
CA PRO L 96 22.59 -46.31 -33.69
C PRO L 96 22.26 -46.55 -32.22
N ILE L 97 21.14 -46.04 -31.73
CA ILE L 97 20.81 -46.21 -30.33
C ILE L 97 20.70 -47.68 -29.93
N SER L 98 20.41 -48.55 -30.92
CA SER L 98 20.34 -49.97 -30.62
C SER L 98 21.69 -50.54 -30.11
N SER L 99 22.77 -49.83 -30.40
CA SER L 99 24.10 -50.20 -29.97
C SER L 99 24.55 -49.49 -28.69
N LEU L 100 23.64 -48.74 -28.07
CA LEU L 100 23.98 -47.96 -26.86
C LEU L 100 22.98 -48.22 -25.77
N TRP L 101 23.41 -48.04 -24.54
CA TRP L 101 22.43 -47.96 -23.48
C TRP L 101 21.72 -46.59 -23.55
N VAL L 102 20.42 -46.63 -23.39
CA VAL L 102 19.61 -45.42 -23.46
C VAL L 102 18.72 -45.37 -22.22
N PRO L 103 18.61 -44.18 -21.61
CA PRO L 103 17.66 -44.04 -20.48
C PRO L 103 16.21 -44.40 -20.89
N ASP L 104 15.52 -45.14 -20.03
CA ASP L 104 14.13 -45.58 -20.27
C ASP L 104 13.09 -44.50 -19.96
N LEU L 105 13.25 -43.33 -20.57
CA LEU L 105 12.34 -42.22 -20.32
C LEU L 105 10.94 -42.50 -20.86
N ALA L 106 9.93 -42.02 -20.15
CA ALA L 106 8.55 -42.13 -20.61
C ALA L 106 7.74 -40.90 -20.20
N ALA L 107 6.80 -40.51 -21.04
CA ALA L 107 5.88 -39.42 -20.69
C ALA L 107 4.67 -40.01 -19.99
N TYR L 108 4.51 -39.68 -18.70
CA TYR L 108 3.53 -40.35 -17.86
C TYR L 108 2.10 -40.13 -18.35
N ASN L 109 1.89 -38.95 -18.95
CA ASN L 109 0.56 -38.54 -19.38
C ASN L 109 0.41 -38.62 -20.88
N ALA L 110 1.31 -39.36 -21.52
CA ALA L 110 1.15 -39.68 -22.93
C ALA L 110 0.06 -40.73 -23.10
N ILE L 111 -0.76 -40.56 -24.13
CA ILE L 111 -1.86 -41.50 -24.38
C ILE L 111 -1.71 -42.18 -25.74
N SER L 112 -0.61 -41.89 -26.42
CA SER L 112 -0.19 -42.65 -27.60
C SER L 112 1.27 -43.04 -27.41
N LYS L 113 1.72 -44.14 -28.02
CA LYS L 113 3.16 -44.49 -28.09
C LYS L 113 3.88 -43.39 -28.84
N PRO L 114 5.12 -43.07 -28.44
CA PRO L 114 5.85 -42.00 -29.14
C PRO L 114 6.16 -42.38 -30.58
N GLU L 115 5.80 -41.50 -31.52
CA GLU L 115 6.15 -41.69 -32.92
C GLU L 115 7.46 -40.97 -33.17
N VAL L 116 8.54 -41.74 -33.35
CA VAL L 116 9.85 -41.16 -33.65
C VAL L 116 9.94 -40.84 -35.14
N LEU L 117 10.12 -39.56 -35.45
CA LEU L 117 10.07 -39.09 -36.82
C LEU L 117 11.44 -39.08 -37.49
N THR L 118 12.48 -39.17 -36.67
CA THR L 118 13.85 -38.97 -37.15
C THR L 118 14.71 -40.24 -37.05
N PRO L 119 15.81 -40.30 -37.84
CA PRO L 119 16.74 -41.44 -37.76
C PRO L 119 17.20 -41.63 -36.30
N GLN L 120 17.16 -42.87 -35.81
CA GLN L 120 17.47 -43.12 -34.40
C GLN L 120 18.97 -43.29 -34.14
N LEU L 121 19.69 -42.18 -34.25
CA LEU L 121 21.13 -42.11 -34.05
C LEU L 121 21.45 -41.15 -32.91
N ALA L 122 22.48 -41.47 -32.13
CA ALA L 122 22.90 -40.60 -31.04
C ALA L 122 24.30 -40.05 -31.31
N HIS L 123 24.64 -38.98 -30.61
CA HIS L 123 25.97 -38.44 -30.59
C HIS L 123 26.77 -39.11 -29.47
N VAL L 124 27.94 -39.65 -29.79
CA VAL L 124 28.86 -40.04 -28.71
C VAL L 124 30.13 -39.22 -28.84
N VAL L 125 30.46 -38.49 -27.78
CA VAL L 125 31.66 -37.68 -27.78
C VAL L 125 32.79 -38.45 -27.09
N SER L 126 34.05 -38.17 -27.48
CA SER L 126 35.20 -38.95 -27.01
C SER L 126 35.31 -39.08 -25.49
N ASP L 127 34.79 -38.09 -24.77
CA ASP L 127 34.77 -38.14 -23.31
C ASP L 127 33.68 -39.07 -22.75
N GLY L 128 32.82 -39.60 -23.62
CA GLY L 128 31.76 -40.48 -23.15
C GLY L 128 30.40 -39.81 -22.98
N GLU L 129 30.34 -38.52 -23.32
CA GLU L 129 29.06 -37.80 -23.30
C GLU L 129 28.18 -38.30 -24.45
N VAL L 130 26.94 -38.68 -24.13
CA VAL L 130 26.00 -39.15 -25.15
C VAL L 130 24.81 -38.22 -25.23
N GLN L 131 24.47 -37.82 -26.46
CA GLN L 131 23.26 -37.04 -26.69
C GLN L 131 22.39 -37.73 -27.71
N TYR L 132 21.10 -37.82 -27.43
CA TYR L 132 20.12 -38.37 -28.34
C TYR L 132 18.93 -37.41 -28.39
N THR L 133 18.60 -36.94 -29.59
CA THR L 133 17.55 -35.93 -29.77
C THR L 133 16.61 -36.33 -30.89
N PRO L 134 15.76 -37.32 -30.63
CA PRO L 134 14.76 -37.66 -31.63
C PRO L 134 13.67 -36.59 -31.70
N SER L 135 13.10 -36.39 -32.87
CA SER L 135 11.88 -35.59 -33.00
C SER L 135 10.69 -36.54 -32.82
N ILE L 136 9.80 -36.20 -31.89
CA ILE L 136 8.71 -37.10 -31.54
C ILE L 136 7.37 -36.44 -31.75
N ARG L 137 6.44 -37.17 -32.34
CA ARG L 137 5.04 -36.74 -32.32
C ARG L 137 4.30 -37.62 -31.32
N GLN L 138 3.60 -36.99 -30.38
CA GLN L 138 2.90 -37.75 -29.35
C GLN L 138 1.67 -37.01 -28.81
N ARG L 139 0.73 -37.81 -28.31
CA ARG L 139 -0.54 -37.33 -27.82
CA ARG L 139 -0.51 -37.28 -27.81
C ARG L 139 -0.54 -37.34 -26.28
N PHE L 140 -0.91 -36.21 -25.68
CA PHE L 140 -0.93 -36.07 -24.23
C PHE L 140 -2.30 -35.78 -23.68
N SER L 141 -2.52 -36.24 -22.46
CA SER L 141 -3.69 -35.88 -21.67
C SER L 141 -3.25 -34.82 -20.69
N CYS L 142 -3.73 -33.59 -20.89
CA CYS L 142 -3.34 -32.48 -20.03
C CYS L 142 -4.42 -31.39 -20.02
N ASP L 143 -4.19 -30.34 -19.24
CA ASP L 143 -5.15 -29.25 -19.11
C ASP L 143 -5.10 -28.30 -20.30
N VAL L 144 -6.14 -28.36 -21.13
CA VAL L 144 -6.23 -27.58 -22.35
C VAL L 144 -7.15 -26.37 -22.17
N SER L 145 -7.68 -26.23 -20.96
CA SER L 145 -8.61 -25.15 -20.65
C SER L 145 -7.95 -23.78 -20.78
N GLY L 146 -8.59 -22.89 -21.53
CA GLY L 146 -8.10 -21.52 -21.72
C GLY L 146 -7.23 -21.38 -22.96
N VAL L 147 -7.17 -22.42 -23.77
CA VAL L 147 -6.33 -22.40 -24.95
C VAL L 147 -6.75 -21.26 -25.90
N ASP L 148 -8.02 -20.89 -25.85
CA ASP L 148 -8.56 -19.88 -26.75
C ASP L 148 -8.62 -18.50 -26.11
N THR L 149 -8.08 -18.37 -24.91
CA THR L 149 -7.97 -17.07 -24.23
C THR L 149 -6.59 -16.46 -24.43
N GLU L 150 -6.34 -15.30 -23.83
CA GLU L 150 -5.09 -14.61 -24.10
C GLU L 150 -3.98 -15.06 -23.12
N SER L 151 -4.39 -15.54 -21.96
CA SER L 151 -3.44 -16.12 -21.01
C SER L 151 -3.07 -17.56 -21.42
N GLY L 152 -3.92 -18.16 -22.26
CA GLY L 152 -3.64 -19.46 -22.88
C GLY L 152 -3.86 -20.65 -21.96
N ALA L 153 -3.63 -21.85 -22.51
CA ALA L 153 -3.66 -23.07 -21.70
C ALA L 153 -2.25 -23.40 -21.21
N THR L 154 -2.16 -24.15 -20.13
CA THR L 154 -0.86 -24.64 -19.65
C THR L 154 -0.87 -26.15 -19.54
N CYS L 155 -0.28 -26.79 -20.53
CA CYS L 155 -0.19 -28.25 -20.59
C CYS L 155 1.10 -28.74 -19.92
N ARG L 156 0.92 -29.58 -18.91
CA ARG L 156 2.04 -30.08 -18.11
C ARG L 156 2.45 -31.49 -18.59
N ILE L 157 3.68 -31.65 -19.05
CA ILE L 157 4.16 -32.96 -19.52
C ILE L 157 5.19 -33.55 -18.57
N LYS L 158 4.90 -34.74 -18.06
CA LYS L 158 5.72 -35.40 -17.04
C LYS L 158 6.60 -36.50 -17.65
N ILE L 159 7.91 -36.27 -17.66
CA ILE L 159 8.86 -37.24 -18.23
C ILE L 159 9.86 -37.69 -17.18
N GLY L 160 10.04 -39.01 -17.07
CA GLY L 160 11.02 -39.59 -16.16
C GLY L 160 11.34 -41.03 -16.53
N SER L 161 12.32 -41.60 -15.83
CA SER L 161 12.66 -43.02 -16.01
C SER L 161 11.52 -43.91 -15.58
N TRP L 162 11.17 -44.85 -16.42
CA TRP L 162 10.08 -45.75 -16.07
C TRP L 162 10.48 -46.76 -14.98
N THR L 163 11.69 -47.30 -15.05
CA THR L 163 12.07 -48.38 -14.13
C THR L 163 13.26 -48.10 -13.25
N HIS L 164 13.99 -47.01 -13.51
CA HIS L 164 15.16 -46.68 -12.65
C HIS L 164 14.87 -45.58 -11.63
N HIS L 165 15.17 -45.87 -10.38
CA HIS L 165 14.90 -44.91 -9.29
C HIS L 165 16.01 -43.90 -9.15
N SER L 166 15.88 -43.00 -8.18
CA SER L 166 16.72 -41.82 -8.07
C SER L 166 18.23 -42.13 -7.90
N ARG L 167 18.54 -43.33 -7.39
CA ARG L 167 19.93 -43.73 -7.14
C ARG L 167 20.57 -44.40 -8.36
N GLU L 168 19.75 -44.68 -9.36
CA GLU L 168 20.25 -45.17 -10.65
C GLU L 168 20.13 -44.10 -11.74
N ILE L 169 18.97 -43.44 -11.82
CA ILE L 169 18.78 -42.34 -12.79
C ILE L 169 18.22 -41.08 -12.14
N SER L 170 18.91 -39.96 -12.33
CA SER L 170 18.40 -38.66 -11.94
C SER L 170 18.15 -37.83 -13.20
N VAL L 171 16.99 -37.18 -13.27
CA VAL L 171 16.66 -36.30 -14.39
C VAL L 171 16.73 -34.82 -14.00
N ASP L 172 17.22 -34.00 -14.91
CA ASP L 172 17.38 -32.58 -14.64
C ASP L 172 17.07 -31.80 -15.90
N PRO L 173 16.48 -30.61 -15.74
CA PRO L 173 16.25 -29.69 -16.86
C PRO L 173 17.58 -29.12 -17.37
N THR L 174 17.57 -28.49 -18.53
CA THR L 174 18.78 -27.89 -19.11
C THR L 174 18.86 -26.39 -18.85
N SER L 181 10.08 -20.79 -28.23
CA SER L 181 9.57 -20.79 -29.60
C SER L 181 10.70 -20.82 -30.61
N GLU L 182 11.88 -21.25 -30.18
CA GLU L 182 13.06 -21.16 -31.02
C GLU L 182 12.92 -21.93 -32.33
N TYR L 183 12.45 -23.17 -32.26
CA TYR L 183 12.23 -23.98 -33.45
C TYR L 183 10.75 -24.22 -33.69
N PHE L 184 9.90 -23.49 -32.98
CA PHE L 184 8.46 -23.66 -33.14
C PHE L 184 7.98 -23.18 -34.51
N SER L 185 7.12 -23.98 -35.14
CA SER L 185 6.62 -23.68 -36.47
C SER L 185 5.75 -22.44 -36.50
N GLN L 186 6.08 -21.51 -37.38
CA GLN L 186 5.28 -20.30 -37.53
C GLN L 186 3.94 -20.63 -38.21
N TYR L 187 3.83 -21.86 -38.74
CA TYR L 187 2.62 -22.25 -39.45
C TYR L 187 1.63 -23.02 -38.59
N SER L 188 1.96 -23.19 -37.32
CA SER L 188 1.02 -23.75 -36.37
C SER L 188 -0.15 -22.78 -36.15
N ARG L 189 -1.32 -23.34 -35.82
CA ARG L 189 -2.46 -22.56 -35.36
C ARG L 189 -2.21 -22.05 -33.93
N PHE L 190 -1.10 -22.46 -33.34
CA PHE L 190 -0.81 -22.11 -31.95
C PHE L 190 0.51 -21.34 -31.85
N GLU L 191 0.73 -20.71 -30.71
CA GLU L 191 1.89 -19.86 -30.47
C GLU L 191 2.24 -20.05 -29.02
N ILE L 192 3.51 -20.17 -28.72
CA ILE L 192 3.95 -20.51 -27.37
C ILE L 192 4.23 -19.26 -26.57
N LEU L 193 3.63 -19.17 -25.40
CA LEU L 193 3.81 -17.99 -24.57
C LEU L 193 5.00 -18.19 -23.64
N ASP L 194 5.05 -19.36 -23.02
CA ASP L 194 6.13 -19.67 -22.09
C ASP L 194 6.34 -21.19 -21.90
N VAL L 195 7.59 -21.57 -21.64
CA VAL L 195 7.88 -22.95 -21.28
C VAL L 195 8.67 -22.91 -19.99
N THR L 196 8.17 -23.60 -18.97
CA THR L 196 8.90 -23.73 -17.69
C THR L 196 9.12 -25.20 -17.38
N GLN L 197 10.21 -25.49 -16.70
CA GLN L 197 10.53 -26.87 -16.37
C GLN L 197 10.65 -26.99 -14.84
N LYS L 198 10.09 -28.08 -14.30
CA LYS L 198 10.25 -28.38 -12.89
C LYS L 198 10.73 -29.85 -12.65
N LYS L 199 11.63 -30.03 -11.69
CA LYS L 199 12.05 -31.38 -11.36
C LYS L 199 11.29 -31.89 -10.14
N ASN L 200 10.87 -33.15 -10.17
CA ASN L 200 10.21 -33.78 -9.04
C ASN L 200 10.84 -35.12 -8.67
N SER L 201 10.48 -35.60 -7.48
CA SER L 201 10.92 -36.89 -7.01
C SER L 201 9.72 -37.52 -6.31
N VAL L 202 9.21 -38.62 -6.86
CA VAL L 202 7.93 -39.18 -6.42
C VAL L 202 8.12 -40.62 -5.98
N THR L 203 7.43 -40.99 -4.91
CA THR L 203 7.35 -42.37 -4.50
C THR L 203 6.04 -42.99 -4.94
N TYR L 204 6.14 -44.18 -5.54
CA TYR L 204 4.96 -44.90 -6.02
C TYR L 204 4.64 -46.09 -5.11
N SER L 205 3.40 -46.57 -5.19
CA SER L 205 2.92 -47.63 -4.31
C SER L 205 3.71 -48.93 -4.47
N CYS L 206 4.14 -49.21 -5.68
CA CYS L 206 4.75 -50.48 -6.03
C CYS L 206 6.11 -50.66 -5.33
N CYS L 207 6.83 -49.55 -5.18
CA CYS L 207 8.24 -49.60 -4.88
C CYS L 207 8.61 -48.65 -3.75
N PRO L 208 9.62 -49.03 -2.97
CA PRO L 208 10.02 -48.22 -1.81
C PRO L 208 10.88 -47.00 -2.17
N GLU L 209 11.56 -47.03 -3.33
CA GLU L 209 12.43 -45.93 -3.74
C GLU L 209 11.71 -44.80 -4.45
N ALA L 210 12.40 -43.67 -4.59
CA ALA L 210 11.84 -42.51 -5.25
C ALA L 210 12.30 -42.41 -6.72
N TYR L 211 11.38 -42.09 -7.61
CA TYR L 211 11.69 -41.95 -9.03
C TYR L 211 11.60 -40.49 -9.40
N GLU L 212 12.59 -40.01 -10.12
CA GLU L 212 12.63 -38.62 -10.51
C GLU L 212 11.91 -38.42 -11.85
N ASP L 213 11.37 -37.21 -12.04
CA ASP L 213 10.78 -36.85 -13.31
C ASP L 213 11.01 -35.36 -13.55
N VAL L 214 10.80 -34.93 -14.79
CA VAL L 214 10.79 -33.52 -15.07
C VAL L 214 9.39 -33.18 -15.55
N GLU L 215 8.84 -32.10 -15.05
CA GLU L 215 7.55 -31.62 -15.55
C GLU L 215 7.75 -30.36 -16.39
N VAL L 216 7.48 -30.50 -17.67
CA VAL L 216 7.62 -29.38 -18.59
C VAL L 216 6.25 -28.77 -18.75
N SER L 217 6.11 -27.50 -18.35
CA SER L 217 4.86 -26.79 -18.49
C SER L 217 4.89 -25.98 -19.76
N LEU L 218 3.99 -26.34 -20.67
CA LEU L 218 3.87 -25.67 -21.97
C LEU L 218 2.68 -24.72 -21.93
N ASN L 219 2.98 -23.42 -21.88
CA ASN L 219 1.93 -22.40 -21.91
C ASN L 219 1.74 -21.88 -23.32
N PHE L 220 0.58 -22.20 -23.91
CA PHE L 220 0.32 -21.89 -25.30
C PHE L 220 -1.10 -21.44 -25.53
N ARG L 221 -1.36 -20.81 -26.67
CA ARG L 221 -2.71 -20.37 -27.03
C ARG L 221 -2.95 -20.42 -28.52
N LYS L 222 -4.23 -20.51 -28.91
CA LYS L 222 -4.67 -20.36 -30.30
C LYS L 222 -4.39 -18.94 -30.76
N LYS L 223 -3.98 -18.77 -32.01
CA LYS L 223 -3.59 -17.45 -32.52
C LYS L 223 -4.84 -16.64 -32.89
N LEU M 20 29.61 -59.75 -7.72
CA LEU M 20 28.63 -59.53 -8.79
C LEU M 20 28.27 -58.06 -8.90
N ASP M 21 28.38 -57.51 -10.11
CA ASP M 21 27.78 -56.21 -10.40
C ASP M 21 26.62 -56.39 -11.40
N ARG M 22 25.95 -55.28 -11.75
CA ARG M 22 24.83 -55.32 -12.67
C ARG M 22 25.19 -56.03 -13.98
N ALA M 23 26.31 -55.63 -14.57
CA ALA M 23 26.79 -56.25 -15.81
C ALA M 23 26.79 -57.79 -15.77
N ASP M 24 27.33 -58.33 -14.68
CA ASP M 24 27.40 -59.77 -14.52
C ASP M 24 26.01 -60.40 -14.37
N ILE M 25 25.17 -59.77 -13.54
CA ILE M 25 23.82 -60.29 -13.28
C ILE M 25 22.99 -60.33 -14.55
N LEU M 26 23.05 -59.23 -15.31
CA LEU M 26 22.33 -59.15 -16.58
C LEU M 26 22.88 -60.15 -17.60
N TYR M 27 24.21 -60.31 -17.60
CA TYR M 27 24.82 -61.29 -18.47
C TYR M 27 24.29 -62.68 -18.16
N ASN M 28 24.30 -63.07 -16.88
CA ASN M 28 23.82 -64.41 -16.48
C ASN M 28 22.37 -64.60 -16.87
N ILE M 29 21.55 -63.60 -16.63
CA ILE M 29 20.15 -63.72 -16.90
C ILE M 29 19.88 -63.88 -18.38
N ARG M 30 20.56 -63.12 -19.20
CA ARG M 30 20.41 -63.25 -20.62
C ARG M 30 20.90 -64.57 -21.19
N GLN M 31 22.02 -65.05 -20.70
CA GLN M 31 22.53 -66.36 -21.04
C GLN M 31 21.72 -67.53 -20.58
N THR M 32 21.15 -67.48 -19.39
CA THR M 32 20.56 -68.66 -18.76
C THR M 32 19.04 -68.66 -18.54
N SER M 33 18.42 -67.49 -18.56
CA SER M 33 16.97 -67.48 -18.38
C SER M 33 16.35 -68.10 -19.63
N ARG M 34 15.22 -68.75 -19.44
CA ARG M 34 14.58 -69.49 -20.52
C ARG M 34 13.20 -68.88 -20.71
N PRO M 35 13.10 -67.86 -21.57
CA PRO M 35 11.87 -67.08 -21.76
C PRO M 35 10.68 -67.95 -22.18
N ASP M 36 10.97 -69.04 -22.88
CA ASP M 36 9.97 -70.01 -23.31
C ASP M 36 9.48 -70.94 -22.19
N VAL M 37 10.15 -70.90 -21.03
CA VAL M 37 9.94 -71.93 -19.98
C VAL M 37 9.31 -71.36 -18.74
N ILE M 38 8.09 -71.79 -18.45
CA ILE M 38 7.38 -71.33 -17.27
C ILE M 38 8.10 -71.81 -16.01
N PRO M 39 8.42 -70.88 -15.10
CA PRO M 39 9.22 -71.16 -13.91
C PRO M 39 8.37 -71.83 -12.85
N THR M 40 7.73 -72.93 -13.23
CA THR M 40 6.93 -73.72 -12.30
C THR M 40 7.86 -74.50 -11.36
N GLN M 41 7.44 -74.68 -10.11
CA GLN M 41 8.33 -75.28 -9.10
C GLN M 41 7.91 -76.66 -8.61
N ASP M 43 6.14 -79.12 -8.04
CA ASP M 43 5.41 -79.07 -9.30
C ASP M 43 4.08 -78.28 -9.19
N ARG M 44 4.18 -77.07 -8.65
CA ARG M 44 3.01 -76.27 -8.31
C ARG M 44 2.94 -74.97 -9.17
N PRO M 45 1.75 -74.35 -9.26
CA PRO M 45 1.57 -73.20 -10.17
C PRO M 45 2.37 -71.96 -9.81
N VAL M 46 2.75 -71.21 -10.84
CA VAL M 46 3.34 -69.88 -10.66
C VAL M 46 2.23 -68.93 -10.19
N ALA M 47 2.44 -68.30 -9.03
CA ALA M 47 1.47 -67.35 -8.51
C ALA M 47 1.70 -65.98 -9.12
N VAL M 48 0.76 -65.56 -9.95
CA VAL M 48 0.82 -64.26 -10.61
C VAL M 48 -0.14 -63.22 -9.98
N SER M 49 0.41 -62.12 -9.49
CA SER M 49 -0.38 -60.99 -9.01
C SER M 49 -0.71 -60.06 -10.16
N VAL M 50 -1.98 -59.67 -10.26
CA VAL M 50 -2.40 -58.70 -11.24
C VAL M 50 -3.13 -57.56 -10.55
N SER M 51 -2.72 -56.35 -10.87
CA SER M 51 -3.32 -55.17 -10.27
C SER M 51 -3.36 -54.04 -11.29
N LEU M 52 -4.55 -53.68 -11.73
CA LEU M 52 -4.68 -52.57 -12.69
C LEU M 52 -4.69 -51.22 -11.97
N LYS M 53 -3.78 -50.32 -12.35
CA LYS M 53 -3.80 -48.96 -11.84
C LYS M 53 -4.31 -48.06 -12.96
N PHE M 54 -5.55 -47.60 -12.84
CA PHE M 54 -6.15 -46.83 -13.93
C PHE M 54 -5.58 -45.42 -14.00
N ILE M 55 -5.21 -45.04 -15.22
CA ILE M 55 -4.55 -43.75 -15.44
C ILE M 55 -5.53 -42.80 -16.14
N ASN M 56 -6.28 -43.34 -17.10
CA ASN M 56 -7.19 -42.52 -17.88
C ASN M 56 -8.32 -43.32 -18.51
N ILE M 57 -9.45 -42.64 -18.71
CA ILE M 57 -10.57 -43.17 -19.50
C ILE M 57 -10.84 -42.18 -20.62
N LEU M 58 -10.79 -42.66 -21.87
CA LEU M 58 -10.58 -41.74 -22.98
C LEU M 58 -11.75 -41.60 -23.90
N GLU M 59 -12.41 -42.71 -24.21
CA GLU M 59 -13.42 -42.63 -25.26
C GLU M 59 -14.60 -43.56 -25.05
N VAL M 60 -15.51 -43.17 -24.18
CA VAL M 60 -16.66 -44.00 -23.84
C VAL M 60 -17.71 -43.92 -24.95
N ASN M 61 -18.36 -45.04 -25.24
CA ASN M 61 -19.48 -45.08 -26.18
C ASN M 61 -20.58 -45.95 -25.60
N GLU M 62 -21.62 -45.29 -25.10
CA GLU M 62 -22.72 -45.97 -24.42
C GLU M 62 -23.57 -46.79 -25.40
N ILE M 63 -23.61 -46.36 -26.65
CA ILE M 63 -24.34 -47.09 -27.68
C ILE M 63 -23.68 -48.45 -27.97
N THR M 64 -22.40 -48.40 -28.38
CA THR M 64 -21.66 -49.59 -28.78
C THR M 64 -21.13 -50.41 -27.60
N ASN M 65 -21.18 -49.84 -26.39
CA ASN M 65 -20.67 -50.49 -25.18
C ASN M 65 -19.15 -50.77 -25.24
N GLU M 66 -18.41 -49.73 -25.62
CA GLU M 66 -16.97 -49.85 -25.77
C GLU M 66 -16.28 -48.70 -25.03
N VAL M 67 -15.19 -49.01 -24.32
CA VAL M 67 -14.40 -47.98 -23.64
C VAL M 67 -12.93 -48.07 -24.00
N ASP M 68 -12.26 -46.93 -23.94
CA ASP M 68 -10.84 -46.82 -24.25
C ASP M 68 -10.15 -46.45 -22.95
N VAL M 69 -9.33 -47.37 -22.44
CA VAL M 69 -8.73 -47.18 -21.12
C VAL M 69 -7.21 -47.14 -21.19
N VAL M 70 -6.60 -46.32 -20.33
CA VAL M 70 -5.17 -46.35 -20.10
C VAL M 70 -4.91 -46.78 -18.66
N PHE M 71 -4.07 -47.80 -18.49
CA PHE M 71 -3.86 -48.38 -17.17
C PHE M 71 -2.49 -49.05 -17.06
N TRP M 72 -1.95 -49.06 -15.86
CA TRP M 72 -0.73 -49.78 -15.57
C TRP M 72 -1.14 -51.19 -15.23
N GLN M 73 -0.60 -52.16 -15.96
CA GLN M 73 -0.89 -53.56 -15.67
C GLN M 73 0.23 -54.10 -14.82
N GLN M 74 0.19 -53.83 -13.52
CA GLN M 74 1.22 -54.30 -12.61
C GLN M 74 1.15 -55.82 -12.45
N THR M 75 2.16 -56.51 -12.95
CA THR M 75 2.19 -57.97 -12.92
C THR M 75 3.40 -58.47 -12.11
N THR M 76 3.15 -59.38 -11.17
CA THR M 76 4.21 -59.80 -10.25
C THR M 76 4.21 -61.30 -10.11
N TRP M 77 5.38 -61.89 -10.23
CA TRP M 77 5.53 -63.32 -10.05
C TRP M 77 6.94 -63.66 -9.64
N SER M 78 7.20 -64.95 -9.46
CA SER M 78 8.46 -65.42 -8.92
C SER M 78 9.12 -66.38 -9.90
N ASP M 79 10.42 -66.17 -10.12
CA ASP M 79 11.24 -67.08 -10.93
C ASP M 79 12.58 -67.30 -10.25
N ARG M 80 12.70 -68.39 -9.51
CA ARG M 80 13.89 -68.64 -8.68
C ARG M 80 15.16 -68.82 -9.52
N THR M 81 15.01 -69.33 -10.73
CA THR M 81 16.15 -69.49 -11.64
C THR M 81 16.85 -68.17 -12.00
N LEU M 82 16.29 -67.05 -11.54
CA LEU M 82 16.91 -65.75 -11.78
C LEU M 82 17.58 -65.22 -10.53
N ALA M 83 17.35 -65.89 -9.41
CA ALA M 83 17.88 -65.43 -8.11
C ALA M 83 19.40 -65.39 -8.10
N TRP M 84 19.94 -64.53 -7.24
CA TRP M 84 21.39 -64.44 -7.06
C TRP M 84 21.74 -64.04 -5.64
N ASN M 85 22.99 -64.31 -5.24
CA ASN M 85 23.52 -63.93 -3.92
C ASN M 85 23.77 -62.42 -3.88
N SER M 86 22.91 -61.68 -3.17
CA SER M 86 22.97 -60.22 -3.16
C SER M 86 23.83 -59.65 -2.03
N SER M 87 24.74 -60.44 -1.48
CA SER M 87 25.59 -60.01 -0.38
C SER M 87 26.34 -58.71 -0.68
N HIS M 88 27.08 -58.69 -1.78
CA HIS M 88 27.80 -57.49 -2.19
C HIS M 88 27.42 -57.12 -3.61
N SER M 89 26.12 -57.23 -3.88
CA SER M 89 25.56 -57.07 -5.22
C SER M 89 24.32 -56.18 -5.13
N PRO M 90 23.85 -55.69 -6.29
CA PRO M 90 22.56 -54.97 -6.35
C PRO M 90 21.41 -55.87 -5.92
N ASP M 91 20.33 -55.30 -5.38
CA ASP M 91 19.18 -56.07 -4.94
C ASP M 91 18.21 -56.29 -6.09
N GLN M 92 18.37 -55.48 -7.13
CA GLN M 92 17.40 -55.35 -8.19
C GLN M 92 18.05 -54.90 -9.49
N VAL M 93 17.57 -55.45 -10.60
CA VAL M 93 18.01 -54.97 -11.92
C VAL M 93 16.80 -54.77 -12.81
N SER M 94 17.01 -54.03 -13.89
CA SER M 94 16.00 -53.87 -14.92
C SER M 94 16.36 -54.73 -16.14
N VAL M 95 15.42 -55.58 -16.55
CA VAL M 95 15.68 -56.53 -17.61
C VAL M 95 14.64 -56.39 -18.71
N PRO M 96 15.08 -56.41 -19.97
CA PRO M 96 14.14 -56.48 -21.10
C PRO M 96 13.29 -57.74 -20.96
N ILE M 97 11.97 -57.59 -21.10
CA ILE M 97 11.09 -58.76 -20.98
C ILE M 97 11.39 -59.84 -22.02
N SER M 98 11.99 -59.45 -23.14
CA SER M 98 12.34 -60.44 -24.14
C SER M 98 13.36 -61.45 -23.61
N SER M 99 14.06 -61.08 -22.53
CA SER M 99 15.03 -61.94 -21.87
C SER M 99 14.43 -62.71 -20.67
N LEU M 100 13.13 -62.61 -20.45
CA LEU M 100 12.52 -63.25 -19.30
C LEU M 100 11.30 -64.02 -19.71
N TRP M 101 10.95 -65.04 -18.95
CA TRP M 101 9.63 -65.62 -19.12
C TRP M 101 8.63 -64.65 -18.52
N VAL M 102 7.52 -64.49 -19.23
CA VAL M 102 6.48 -63.57 -18.82
C VAL M 102 5.17 -64.31 -18.92
N PRO M 103 4.30 -64.15 -17.92
CA PRO M 103 2.97 -64.77 -17.98
C PRO M 103 2.17 -64.31 -19.22
N ASP M 104 1.51 -65.26 -19.91
CA ASP M 104 0.72 -64.95 -21.10
C ASP M 104 -0.68 -64.40 -20.76
N LEU M 105 -0.72 -63.33 -19.98
CA LEU M 105 -2.00 -62.71 -19.63
C LEU M 105 -2.69 -62.06 -20.85
N ALA M 106 -4.02 -62.12 -20.87
CA ALA M 106 -4.80 -61.50 -21.92
C ALA M 106 -6.10 -60.99 -21.34
N ALA M 107 -6.59 -59.86 -21.87
CA ALA M 107 -7.88 -59.33 -21.48
C ALA M 107 -8.92 -59.96 -22.40
N TYR M 108 -9.80 -60.78 -21.83
CA TYR M 108 -10.75 -61.55 -22.64
C TYR M 108 -11.71 -60.67 -23.43
N ASN M 109 -12.04 -59.52 -22.86
CA ASN M 109 -13.03 -58.65 -23.49
C ASN M 109 -12.39 -57.44 -24.14
N ALA M 110 -11.10 -57.55 -24.40
CA ALA M 110 -10.40 -56.52 -25.15
C ALA M 110 -10.75 -56.71 -26.62
N ILE M 111 -10.90 -55.60 -27.33
CA ILE M 111 -11.27 -55.62 -28.74
C ILE M 111 -10.22 -54.91 -29.59
N SER M 112 -9.13 -54.52 -28.94
CA SER M 112 -7.96 -54.03 -29.66
C SER M 112 -6.73 -54.67 -29.04
N LYS M 113 -5.66 -54.79 -29.83
CA LYS M 113 -4.33 -55.17 -29.34
C LYS M 113 -3.86 -54.26 -28.21
N PRO M 114 -3.25 -54.84 -27.16
CA PRO M 114 -2.75 -53.87 -26.16
C PRO M 114 -1.65 -52.98 -26.75
N GLU M 115 -1.80 -51.66 -26.59
CA GLU M 115 -0.77 -50.71 -26.99
C GLU M 115 0.10 -50.43 -25.78
N VAL M 116 1.32 -50.96 -25.79
CA VAL M 116 2.25 -50.74 -24.68
C VAL M 116 2.96 -49.40 -24.86
N LEU M 117 2.75 -48.51 -23.90
CA LEU M 117 3.17 -47.13 -24.06
C LEU M 117 4.56 -46.93 -23.51
N THR M 118 4.98 -47.85 -22.65
CA THR M 118 6.21 -47.67 -21.88
C THR M 118 7.33 -48.64 -22.27
N PRO M 119 8.59 -48.30 -21.94
CA PRO M 119 9.72 -49.21 -22.21
C PRO M 119 9.46 -50.59 -21.62
N GLN M 120 9.68 -51.64 -22.42
CA GLN M 120 9.34 -52.98 -21.95
C GLN M 120 10.46 -53.64 -21.11
N LEU M 121 10.58 -53.14 -19.88
CA LEU M 121 11.55 -53.60 -18.92
C LEU M 121 10.85 -54.07 -17.66
N ALA M 122 11.40 -55.10 -17.03
CA ALA M 122 10.85 -55.62 -15.81
C ALA M 122 11.87 -55.47 -14.68
N HIS M 123 11.40 -55.55 -13.45
CA HIS M 123 12.28 -55.61 -12.29
C HIS M 123 12.53 -57.05 -11.92
N VAL M 124 13.79 -57.40 -11.77
CA VAL M 124 14.15 -58.68 -11.16
C VAL M 124 14.87 -58.40 -9.85
N VAL M 125 14.30 -58.89 -8.76
CA VAL M 125 14.92 -58.75 -7.44
C VAL M 125 15.76 -59.99 -7.16
N SER M 126 16.80 -59.84 -6.34
CA SER M 126 17.77 -60.91 -6.10
C SER M 126 17.15 -62.21 -5.64
N ASP M 127 16.02 -62.15 -4.95
CA ASP M 127 15.31 -63.36 -4.54
C ASP M 127 14.57 -64.10 -5.68
N GLY M 128 14.51 -63.48 -6.85
CA GLY M 128 13.80 -64.06 -8.00
C GLY M 128 12.39 -63.50 -8.20
N GLU M 129 12.04 -62.49 -7.41
CA GLU M 129 10.76 -61.81 -7.63
C GLU M 129 10.83 -60.96 -8.90
N VAL M 130 9.86 -61.15 -9.78
CA VAL M 130 9.81 -60.35 -10.99
C VAL M 130 8.56 -59.47 -11.01
N GLN M 131 8.76 -58.19 -11.32
CA GLN M 131 7.64 -57.30 -11.51
C GLN M 131 7.69 -56.65 -12.87
N TYR M 132 6.58 -56.64 -13.59
CA TYR M 132 6.48 -55.95 -14.88
C TYR M 132 5.22 -55.07 -14.85
N THR M 133 5.39 -53.78 -15.09
CA THR M 133 4.27 -52.86 -15.01
C THR M 133 4.23 -51.95 -16.24
N PRO M 134 3.82 -52.50 -17.39
CA PRO M 134 3.63 -51.64 -18.55
C PRO M 134 2.39 -50.72 -18.42
N SER M 135 2.49 -49.54 -19.02
CA SER M 135 1.31 -48.70 -19.18
C SER M 135 0.66 -49.09 -20.50
N ILE M 136 -0.59 -49.51 -20.43
CA ILE M 136 -1.28 -49.98 -21.61
C ILE M 136 -2.48 -49.11 -21.95
N ARG M 137 -2.64 -48.80 -23.24
CA ARG M 137 -3.89 -48.27 -23.76
C ARG M 137 -4.60 -49.35 -24.53
N GLN M 138 -5.87 -49.57 -24.22
CA GLN M 138 -6.63 -50.70 -24.79
C GLN M 138 -8.13 -50.44 -24.78
N ARG M 139 -8.80 -50.96 -25.80
CA ARG M 139 -10.24 -50.82 -25.92
CA ARG M 139 -10.25 -50.83 -25.96
C ARG M 139 -10.94 -52.09 -25.48
N PHE M 140 -11.99 -51.91 -24.68
CA PHE M 140 -12.74 -53.04 -24.14
C PHE M 140 -14.20 -53.00 -24.53
N SER M 141 -14.78 -54.18 -24.61
CA SER M 141 -16.23 -54.34 -24.74
C SER M 141 -16.76 -54.65 -23.34
N CYS M 142 -17.54 -53.73 -22.79
CA CYS M 142 -18.11 -53.91 -21.46
C CYS M 142 -19.37 -53.08 -21.27
N ASP M 143 -19.99 -53.20 -20.10
CA ASP M 143 -21.22 -52.49 -19.79
C ASP M 143 -20.98 -51.01 -19.46
N VAL M 144 -21.37 -50.13 -20.38
CA VAL M 144 -21.14 -48.70 -20.24
C VAL M 144 -22.43 -47.97 -19.82
N SER M 145 -23.50 -48.74 -19.66
CA SER M 145 -24.81 -48.19 -19.29
C SER M 145 -24.74 -47.53 -17.92
N GLY M 146 -25.24 -46.30 -17.85
CA GLY M 146 -25.28 -45.54 -16.61
C GLY M 146 -24.06 -44.65 -16.38
N VAL M 147 -23.20 -44.57 -17.38
CA VAL M 147 -21.96 -43.79 -17.28
C VAL M 147 -22.26 -42.31 -16.98
N ASP M 148 -23.43 -41.84 -17.46
CA ASP M 148 -23.80 -40.44 -17.31
C ASP M 148 -24.71 -40.18 -16.09
N THR M 149 -24.92 -41.21 -15.28
CA THR M 149 -25.70 -41.08 -14.04
C THR M 149 -24.76 -40.91 -12.84
N GLU M 150 -25.34 -40.77 -11.65
CA GLU M 150 -24.58 -40.56 -10.44
C GLU M 150 -23.89 -41.84 -10.01
N SER M 151 -24.63 -42.94 -10.11
CA SER M 151 -24.13 -44.25 -9.67
C SER M 151 -23.06 -44.78 -10.64
N GLY M 152 -23.08 -44.24 -11.86
CA GLY M 152 -22.06 -44.53 -12.84
C GLY M 152 -22.20 -45.86 -13.55
N ALA M 153 -21.31 -46.11 -14.51
CA ALA M 153 -21.24 -47.41 -15.17
C ALA M 153 -20.26 -48.32 -14.44
N THR M 154 -20.44 -49.63 -14.60
CA THR M 154 -19.49 -50.58 -14.05
C THR M 154 -18.92 -51.49 -15.15
N CYS M 155 -17.74 -51.13 -15.64
CA CYS M 155 -17.06 -51.91 -16.67
C CYS M 155 -16.20 -53.04 -16.05
N ARG M 156 -16.45 -54.27 -16.49
CA ARG M 156 -15.79 -55.43 -15.90
C ARG M 156 -14.72 -55.93 -16.86
N ILE M 157 -13.47 -55.93 -16.40
CA ILE M 157 -12.35 -56.37 -17.24
C ILE M 157 -11.79 -57.71 -16.79
N LYS M 158 -11.81 -58.69 -17.68
CA LYS M 158 -11.41 -60.06 -17.35
C LYS M 158 -9.99 -60.43 -17.87
N ILE M 159 -9.07 -60.62 -16.94
CA ILE M 159 -7.67 -60.87 -17.27
C ILE M 159 -7.19 -62.21 -16.73
N GLY M 160 -6.68 -63.06 -17.60
CA GLY M 160 -6.14 -64.33 -17.19
C GLY M 160 -5.08 -64.86 -18.14
N SER M 161 -4.46 -65.97 -17.76
CA SER M 161 -3.52 -66.65 -18.65
C SER M 161 -4.28 -67.20 -19.84
N TRP M 162 -3.76 -66.97 -21.04
CA TRP M 162 -4.42 -67.48 -22.24
C TRP M 162 -4.27 -68.99 -22.37
N THR M 163 -3.07 -69.50 -22.09
CA THR M 163 -2.78 -70.90 -22.39
C THR M 163 -2.38 -71.77 -21.20
N HIS M 164 -2.14 -71.18 -20.04
CA HIS M 164 -1.78 -71.96 -18.86
C HIS M 164 -2.97 -72.10 -17.89
N HIS M 165 -3.26 -73.33 -17.50
CA HIS M 165 -4.39 -73.60 -16.60
C HIS M 165 -3.99 -73.44 -15.12
N SER M 166 -4.94 -73.69 -14.23
CA SER M 166 -4.79 -73.35 -12.81
C SER M 166 -3.62 -74.03 -12.13
N ARG M 167 -3.20 -75.18 -12.67
CA ARG M 167 -2.09 -75.93 -12.11
C ARG M 167 -0.72 -75.36 -12.52
N GLU M 168 -0.71 -74.63 -13.64
CA GLU M 168 0.49 -73.96 -14.11
C GLU M 168 0.54 -72.46 -13.73
N ILE M 169 -0.56 -71.76 -13.93
CA ILE M 169 -0.63 -70.35 -13.53
C ILE M 169 -1.88 -70.07 -12.71
N SER M 170 -1.67 -69.47 -11.54
CA SER M 170 -2.77 -68.93 -10.74
C SER M 170 -2.69 -67.40 -10.66
N VAL M 171 -3.82 -66.74 -10.89
CA VAL M 171 -3.86 -65.28 -10.80
C VAL M 171 -4.55 -64.84 -9.54
N ASP M 172 -4.04 -63.78 -8.93
CA ASP M 172 -4.61 -63.26 -7.70
C ASP M 172 -4.54 -61.74 -7.70
N PRO M 173 -5.58 -61.09 -7.13
CA PRO M 173 -5.58 -59.63 -6.93
C PRO M 173 -4.53 -59.23 -5.88
N THR M 174 -4.24 -57.93 -5.80
CA THR M 174 -3.25 -57.41 -4.86
C THR M 174 -3.90 -56.82 -3.62
N ASP M 180 -7.59 -46.32 -5.69
CA ASP M 180 -8.23 -46.48 -6.98
C ASP M 180 -7.81 -45.34 -7.92
N SER M 181 -8.25 -44.15 -7.57
CA SER M 181 -7.98 -42.94 -8.35
C SER M 181 -6.57 -42.42 -8.06
N GLU M 182 -5.72 -43.28 -7.54
CA GLU M 182 -4.44 -42.82 -7.05
C GLU M 182 -3.61 -42.14 -8.14
N TYR M 183 -3.53 -42.75 -9.32
CA TYR M 183 -2.79 -42.18 -10.44
C TYR M 183 -3.71 -41.73 -11.56
N PHE M 184 -5.00 -41.76 -11.29
CA PHE M 184 -5.99 -41.38 -12.30
C PHE M 184 -5.90 -39.89 -12.65
N SER M 185 -5.94 -39.60 -13.95
CA SER M 185 -5.77 -38.24 -14.46
C SER M 185 -6.93 -37.36 -14.02
N GLN M 186 -6.60 -36.22 -13.41
CA GLN M 186 -7.64 -35.26 -13.05
C GLN M 186 -8.20 -34.57 -14.29
N TYR M 187 -7.57 -34.79 -15.46
CA TYR M 187 -8.00 -34.12 -16.69
C TYR M 187 -8.86 -35.01 -17.56
N SER M 188 -9.17 -36.20 -17.08
CA SER M 188 -10.13 -37.04 -17.74
C SER M 188 -11.51 -36.43 -17.66
N ARG M 189 -12.34 -36.76 -18.64
CA ARG M 189 -13.74 -36.37 -18.64
C ARG M 189 -14.51 -37.25 -17.67
N PHE M 190 -13.81 -38.22 -17.09
CA PHE M 190 -14.47 -39.17 -16.18
C PHE M 190 -13.82 -39.19 -14.82
N GLU M 191 -14.48 -39.83 -13.85
CA GLU M 191 -13.88 -39.96 -12.54
C GLU M 191 -14.20 -41.34 -12.06
N ILE M 192 -13.37 -41.86 -11.16
CA ILE M 192 -13.54 -43.22 -10.68
C ILE M 192 -14.24 -43.25 -9.33
N LEU M 193 -15.33 -44.00 -9.24
CA LEU M 193 -16.05 -44.12 -7.99
C LEU M 193 -15.48 -45.25 -7.15
N ASP M 194 -15.27 -46.41 -7.78
CA ASP M 194 -14.78 -47.58 -7.07
C ASP M 194 -14.11 -48.59 -8.00
N VAL M 195 -13.12 -49.31 -7.48
CA VAL M 195 -12.52 -50.43 -8.20
C VAL M 195 -12.52 -51.67 -7.32
N THR M 196 -13.18 -52.73 -7.78
CA THR M 196 -13.22 -53.99 -7.05
C THR M 196 -12.64 -55.10 -7.92
N GLN M 197 -11.99 -56.06 -7.28
CA GLN M 197 -11.37 -57.15 -8.00
C GLN M 197 -11.96 -58.49 -7.49
N LYS M 198 -12.14 -59.44 -8.39
CA LYS M 198 -12.70 -60.75 -8.06
C LYS M 198 -11.99 -61.86 -8.86
N LYS M 199 -11.55 -62.90 -8.16
CA LYS M 199 -10.87 -64.01 -8.82
C LYS M 199 -11.85 -65.09 -9.24
N ASN M 200 -11.69 -65.63 -10.45
CA ASN M 200 -12.52 -66.72 -10.94
C ASN M 200 -11.71 -67.86 -11.50
N SER M 201 -12.37 -69.00 -11.66
CA SER M 201 -11.76 -70.21 -12.21
C SER M 201 -12.78 -70.85 -13.15
N VAL M 202 -12.46 -70.85 -14.44
CA VAL M 202 -13.44 -71.19 -15.47
C VAL M 202 -12.96 -72.38 -16.28
N THR M 203 -13.89 -73.25 -16.64
CA THR M 203 -13.58 -74.35 -17.55
C THR M 203 -14.11 -74.01 -18.94
N TYR M 204 -13.28 -74.23 -19.95
CA TYR M 204 -13.65 -73.90 -21.32
C TYR M 204 -13.88 -75.19 -22.11
N SER M 205 -14.64 -75.10 -23.20
CA SER M 205 -15.04 -76.26 -24.01
C SER M 205 -13.86 -77.03 -24.57
N CYS M 206 -12.83 -76.30 -24.96
CA CYS M 206 -11.66 -76.86 -25.62
C CYS M 206 -10.91 -77.85 -24.72
N CYS M 207 -10.84 -77.54 -23.43
CA CYS M 207 -9.84 -78.15 -22.54
C CYS M 207 -10.49 -78.60 -21.24
N PRO M 208 -9.98 -79.71 -20.67
CA PRO M 208 -10.54 -80.30 -19.45
C PRO M 208 -10.17 -79.54 -18.18
N GLU M 209 -9.10 -78.74 -18.20
CA GLU M 209 -8.62 -78.08 -16.98
C GLU M 209 -9.28 -76.71 -16.80
N ALA M 210 -9.13 -76.15 -15.62
CA ALA M 210 -9.70 -74.83 -15.32
C ALA M 210 -8.65 -73.75 -15.44
N TYR M 211 -9.06 -72.61 -16.00
CA TYR M 211 -8.16 -71.49 -16.18
C TYR M 211 -8.61 -70.37 -15.27
N GLU M 212 -7.67 -69.77 -14.56
CA GLU M 212 -8.01 -68.71 -13.63
C GLU M 212 -8.00 -67.36 -14.33
N ASP M 213 -8.82 -66.45 -13.82
CA ASP M 213 -8.80 -65.06 -14.28
C ASP M 213 -9.08 -64.11 -13.12
N VAL M 214 -8.72 -62.85 -13.32
CA VAL M 214 -9.14 -61.80 -12.41
C VAL M 214 -10.15 -60.89 -13.14
N GLU M 215 -11.28 -60.63 -12.50
CA GLU M 215 -12.22 -59.65 -13.02
C GLU M 215 -12.10 -58.37 -12.23
N VAL M 216 -11.62 -57.33 -12.89
CA VAL M 216 -11.53 -56.01 -12.30
C VAL M 216 -12.77 -55.22 -12.71
N SER M 217 -13.58 -54.84 -11.73
CA SER M 217 -14.77 -54.02 -11.97
C SER M 217 -14.45 -52.53 -11.77
N LEU M 218 -14.51 -51.80 -12.86
CA LEU M 218 -14.25 -50.37 -12.82
C LEU M 218 -15.57 -49.61 -12.79
N ASN M 219 -15.89 -49.03 -11.63
CA ASN M 219 -17.08 -48.20 -11.49
C ASN M 219 -16.73 -46.74 -11.69
N PHE M 220 -17.19 -46.17 -12.79
CA PHE M 220 -16.83 -44.80 -13.15
C PHE M 220 -18.01 -44.02 -13.70
N ARG M 221 -17.87 -42.71 -13.77
CA ARG M 221 -18.95 -41.89 -14.35
C ARG M 221 -18.39 -40.63 -14.98
N LYS M 222 -19.15 -40.06 -15.92
CA LYS M 222 -18.84 -38.76 -16.50
C LYS M 222 -18.86 -37.67 -15.43
N LYS M 223 -18.09 -36.59 -15.64
CA LYS M 223 -18.08 -35.48 -14.70
C LYS M 223 -19.14 -34.45 -15.09
N LEU N 20 12.19 -86.32 -18.61
CA LEU N 20 11.90 -85.10 -19.34
C LEU N 20 11.08 -84.14 -18.51
N ASP N 21 11.55 -82.90 -18.39
CA ASP N 21 10.71 -81.82 -17.86
C ASP N 21 10.36 -80.78 -18.96
N ARG N 22 9.60 -79.74 -18.61
CA ARG N 22 9.20 -78.74 -19.60
C ARG N 22 10.39 -78.15 -20.34
N ALA N 23 11.40 -77.74 -19.57
CA ALA N 23 12.62 -77.16 -20.12
C ALA N 23 13.20 -78.00 -21.25
N ASP N 24 13.35 -79.30 -21.00
CA ASP N 24 13.90 -80.22 -21.99
C ASP N 24 13.00 -80.31 -23.24
N ILE N 25 11.69 -80.45 -23.01
CA ILE N 25 10.74 -80.63 -24.10
C ILE N 25 10.76 -79.42 -25.04
N LEU N 26 10.74 -78.25 -24.43
CA LEU N 26 10.77 -77.00 -25.17
C LEU N 26 12.11 -76.83 -25.88
N TYR N 27 13.18 -77.19 -25.20
CA TYR N 27 14.50 -77.20 -25.83
C TYR N 27 14.52 -78.08 -27.08
N ASN N 28 14.09 -79.34 -26.96
CA ASN N 28 14.03 -80.23 -28.14
C ASN N 28 13.17 -79.65 -29.26
N ILE N 29 12.02 -79.08 -28.96
CA ILE N 29 11.15 -78.58 -29.97
C ILE N 29 11.79 -77.46 -30.77
N ARG N 30 12.38 -76.54 -30.07
CA ARG N 30 13.02 -75.43 -30.66
C ARG N 30 14.22 -75.81 -31.49
N GLN N 31 15.00 -76.73 -31.00
CA GLN N 31 16.11 -77.25 -31.76
C GLN N 31 15.71 -78.03 -32.98
N THR N 32 14.65 -78.81 -32.90
CA THR N 32 14.37 -79.79 -33.94
C THR N 32 13.09 -79.59 -34.76
N SER N 33 12.16 -78.80 -34.26
CA SER N 33 10.95 -78.58 -35.06
C SER N 33 11.35 -77.77 -36.28
N ARG N 34 10.66 -78.04 -37.38
CA ARG N 34 10.99 -77.34 -38.60
C ARG N 34 9.79 -76.50 -39.05
N PRO N 35 9.74 -75.24 -38.60
CA PRO N 35 8.57 -74.39 -38.80
C PRO N 35 8.24 -74.20 -40.29
N ASP N 36 9.26 -74.34 -41.12
CA ASP N 36 9.12 -74.18 -42.56
C ASP N 36 8.55 -75.46 -43.21
N VAL N 37 8.48 -76.53 -42.44
CA VAL N 37 8.20 -77.87 -43.01
C VAL N 37 6.83 -78.44 -42.60
N ILE N 38 5.96 -78.61 -43.59
CA ILE N 38 4.63 -79.11 -43.31
C ILE N 38 4.72 -80.57 -42.86
N PRO N 39 4.15 -80.89 -41.70
CA PRO N 39 4.29 -82.21 -41.08
C PRO N 39 3.40 -83.25 -41.76
N THR N 40 3.54 -83.34 -43.07
CA THR N 40 2.78 -84.30 -43.84
C THR N 40 3.33 -85.71 -43.63
N GLN N 41 2.49 -86.72 -43.81
CA GLN N 41 2.96 -88.11 -43.71
C GLN N 41 3.21 -88.82 -45.05
N PRO N 45 -2.42 -85.84 -46.37
CA PRO N 45 -2.54 -84.44 -46.00
C PRO N 45 -2.64 -84.25 -44.50
N VAL N 46 -2.18 -83.10 -44.03
CA VAL N 46 -2.33 -82.74 -42.62
C VAL N 46 -3.78 -82.35 -42.44
N ALA N 47 -4.45 -83.00 -41.49
CA ALA N 47 -5.84 -82.73 -41.20
C ALA N 47 -5.96 -81.51 -40.24
N VAL N 48 -6.50 -80.40 -40.73
CA VAL N 48 -6.61 -79.20 -39.92
C VAL N 48 -8.05 -78.91 -39.54
N SER N 49 -8.33 -78.92 -38.24
CA SER N 49 -9.61 -78.48 -37.70
C SER N 49 -9.66 -76.98 -37.55
N VAL N 50 -10.74 -76.36 -38.05
CA VAL N 50 -10.99 -74.94 -37.87
C VAL N 50 -12.35 -74.73 -37.24
N SER N 51 -12.37 -73.96 -36.17
CA SER N 51 -13.61 -73.66 -35.46
C SER N 51 -13.60 -72.21 -34.96
N LEU N 52 -14.46 -71.37 -35.51
CA LEU N 52 -14.53 -70.00 -35.07
C LEU N 52 -15.44 -69.88 -33.85
N LYS N 53 -14.93 -69.30 -32.76
CA LYS N 53 -15.75 -68.99 -31.61
C LYS N 53 -15.96 -67.47 -31.56
N PHE N 54 -17.16 -67.02 -31.93
CA PHE N 54 -17.41 -65.59 -32.00
C PHE N 54 -17.52 -64.94 -30.64
N ILE N 55 -16.82 -63.81 -30.48
CA ILE N 55 -16.71 -63.14 -29.21
C ILE N 55 -17.47 -61.83 -29.32
N ASN N 56 -17.32 -61.15 -30.45
CA ASN N 56 -17.98 -59.86 -30.62
C ASN N 56 -18.19 -59.44 -32.08
N ILE N 57 -19.22 -58.63 -32.31
CA ILE N 57 -19.44 -58.04 -33.62
C ILE N 57 -19.52 -56.56 -33.37
N LEU N 58 -18.65 -55.80 -34.05
CA LEU N 58 -18.34 -54.45 -33.60
C LEU N 58 -18.85 -53.30 -34.48
N GLU N 59 -18.75 -53.43 -35.80
CA GLU N 59 -18.99 -52.25 -36.63
C GLU N 59 -19.65 -52.50 -38.00
N VAL N 60 -20.89 -53.00 -37.95
CA VAL N 60 -21.63 -53.41 -39.15
C VAL N 60 -21.91 -52.21 -40.06
N ASN N 61 -21.85 -52.42 -41.37
CA ASN N 61 -22.21 -51.37 -42.33
C ASN N 61 -23.00 -52.01 -43.45
N GLU N 62 -24.31 -51.79 -43.42
CA GLU N 62 -25.21 -52.44 -44.37
C GLU N 62 -25.05 -51.88 -45.78
N ILE N 63 -24.61 -50.62 -45.87
CA ILE N 63 -24.34 -50.00 -47.16
C ILE N 63 -23.14 -50.64 -47.87
N THR N 64 -22.00 -50.62 -47.20
CA THR N 64 -20.75 -51.11 -47.78
C THR N 64 -20.59 -52.62 -47.70
N ASN N 65 -21.44 -53.29 -46.92
CA ASN N 65 -21.37 -54.74 -46.78
C ASN N 65 -20.08 -55.21 -46.12
N GLU N 66 -19.76 -54.56 -45.00
CA GLU N 66 -18.55 -54.84 -44.26
C GLU N 66 -18.87 -55.00 -42.78
N VAL N 67 -18.27 -56.01 -42.14
CA VAL N 67 -18.43 -56.20 -40.71
C VAL N 67 -17.07 -56.32 -40.02
N ASP N 68 -17.05 -55.95 -38.75
CA ASP N 68 -15.84 -56.02 -37.94
C ASP N 68 -16.13 -57.07 -36.85
N VAL N 69 -15.39 -58.17 -36.89
CA VAL N 69 -15.66 -59.29 -35.99
C VAL N 69 -14.46 -59.61 -35.08
N VAL N 70 -14.77 -60.01 -33.84
CA VAL N 70 -13.78 -60.55 -32.95
C VAL N 70 -14.12 -62.01 -32.70
N PHE N 71 -13.15 -62.90 -32.94
CA PHE N 71 -13.39 -64.33 -32.81
C PHE N 71 -12.12 -65.13 -32.44
N TRP N 72 -12.31 -66.21 -31.70
CA TRP N 72 -11.24 -67.16 -31.50
C TRP N 72 -11.14 -68.06 -32.74
N GLN N 73 -9.95 -68.12 -33.34
CA GLN N 73 -9.77 -69.01 -34.47
C GLN N 73 -9.08 -70.27 -33.98
N GLN N 74 -9.86 -71.18 -33.44
CA GLN N 74 -9.35 -72.43 -32.88
C GLN N 74 -8.88 -73.35 -34.00
N THR N 75 -7.56 -73.57 -34.05
CA THR N 75 -6.96 -74.35 -35.11
C THR N 75 -6.28 -75.55 -34.50
N THR N 76 -6.59 -76.74 -35.02
CA THR N 76 -6.04 -77.97 -34.46
C THR N 76 -5.46 -78.89 -35.55
N TRP N 77 -4.25 -79.39 -35.31
CA TRP N 77 -3.64 -80.33 -36.23
C TRP N 77 -2.65 -81.24 -35.53
N SER N 78 -2.01 -82.08 -36.31
CA SER N 78 -1.10 -83.08 -35.76
C SER N 78 0.30 -83.00 -36.38
N ASP N 79 1.31 -83.00 -35.52
CA ASP N 79 2.71 -83.00 -35.94
C ASP N 79 3.50 -84.01 -35.08
N ARG N 80 3.64 -85.23 -35.59
CA ARG N 80 4.27 -86.31 -34.84
C ARG N 80 5.73 -86.04 -34.47
N THR N 81 6.40 -85.23 -35.27
CA THR N 81 7.80 -84.90 -35.02
C THR N 81 7.98 -84.10 -33.74
N LEU N 82 6.87 -83.72 -33.10
CA LEU N 82 6.93 -82.98 -31.83
C LEU N 82 6.61 -83.89 -30.66
N ALA N 83 6.22 -85.12 -30.97
CA ALA N 83 5.78 -86.06 -29.93
C ALA N 83 6.91 -86.42 -28.97
N TRP N 84 6.55 -86.82 -27.75
CA TRP N 84 7.54 -87.27 -26.77
C TRP N 84 6.91 -88.31 -25.84
N ASN N 85 7.79 -89.04 -25.12
CA ASN N 85 7.37 -90.06 -24.16
C ASN N 85 6.91 -89.39 -22.87
N SER N 86 5.59 -89.40 -22.62
CA SER N 86 5.02 -88.64 -21.50
C SER N 86 4.89 -89.46 -20.22
N SER N 87 5.66 -90.53 -20.11
CA SER N 87 5.58 -91.42 -18.96
C SER N 87 5.76 -90.67 -17.63
N HIS N 88 6.87 -89.94 -17.52
CA HIS N 88 7.13 -89.18 -16.31
C HIS N 88 7.39 -87.74 -16.71
N SER N 89 6.57 -87.25 -17.63
CA SER N 89 6.73 -85.93 -18.24
C SER N 89 5.39 -85.22 -18.29
N PRO N 90 5.41 -83.90 -18.52
CA PRO N 90 4.15 -83.17 -18.76
C PRO N 90 3.43 -83.71 -20.00
N ASP N 91 2.11 -83.57 -20.05
CA ASP N 91 1.32 -84.07 -21.18
C ASP N 91 1.24 -83.01 -22.26
N GLN N 92 1.57 -81.78 -21.88
CA GLN N 92 1.28 -80.60 -22.68
C GLN N 92 2.25 -79.47 -22.36
N VAL N 93 2.65 -78.73 -23.39
CA VAL N 93 3.43 -77.51 -23.19
C VAL N 93 2.87 -76.36 -24.04
N SER N 94 3.26 -75.14 -23.68
CA SER N 94 2.92 -73.98 -24.48
C SER N 94 4.14 -73.52 -25.26
N VAL N 95 4.00 -73.40 -26.57
CA VAL N 95 5.14 -73.12 -27.42
C VAL N 95 4.82 -71.91 -28.27
N PRO N 96 5.78 -70.98 -28.40
CA PRO N 96 5.65 -69.86 -29.35
C PRO N 96 5.45 -70.41 -30.76
N ILE N 97 4.47 -69.92 -31.48
CA ILE N 97 4.20 -70.42 -32.82
C ILE N 97 5.37 -70.20 -33.77
N SER N 98 6.25 -69.27 -33.44
CA SER N 98 7.43 -69.04 -34.28
C SER N 98 8.36 -70.26 -34.28
N SER N 99 8.20 -71.11 -33.27
CA SER N 99 8.98 -72.36 -33.15
C SER N 99 8.24 -73.59 -33.67
N LEU N 100 7.09 -73.39 -34.33
CA LEU N 100 6.29 -74.50 -34.82
C LEU N 100 5.88 -74.26 -36.24
N TRP N 101 5.61 -75.33 -36.96
CA TRP N 101 4.94 -75.18 -38.23
C TRP N 101 3.48 -74.90 -37.94
N VAL N 102 2.92 -73.97 -38.70
CA VAL N 102 1.55 -73.56 -38.49
C VAL N 102 0.90 -73.53 -39.87
N PRO N 103 -0.34 -74.04 -39.97
CA PRO N 103 -1.05 -73.98 -41.24
C PRO N 103 -1.25 -72.53 -41.75
N ASP N 104 -1.06 -72.33 -43.06
CA ASP N 104 -1.17 -71.00 -43.66
C ASP N 104 -2.65 -70.61 -43.99
N LEU N 105 -3.50 -70.65 -42.97
CA LEU N 105 -4.89 -70.30 -43.14
C LEU N 105 -5.08 -68.81 -43.42
N ALA N 106 -6.02 -68.52 -44.31
CA ALA N 106 -6.39 -67.12 -44.59
C ALA N 106 -7.87 -67.00 -44.78
N ALA N 107 -8.42 -65.87 -44.34
CA ALA N 107 -9.83 -65.57 -44.66
C ALA N 107 -9.90 -64.91 -46.04
N TYR N 108 -10.49 -65.60 -47.01
CA TYR N 108 -10.56 -65.11 -48.39
C TYR N 108 -11.28 -63.78 -48.56
N ASN N 109 -12.28 -63.53 -47.71
CA ASN N 109 -13.08 -62.31 -47.81
C ASN N 109 -12.74 -61.30 -46.73
N ALA N 110 -11.57 -61.46 -46.11
CA ALA N 110 -11.07 -60.50 -45.14
C ALA N 110 -10.52 -59.31 -45.91
N ILE N 111 -10.76 -58.10 -45.39
CA ILE N 111 -10.32 -56.87 -46.08
C ILE N 111 -9.37 -56.07 -45.20
N SER N 112 -9.07 -56.62 -44.03
CA SER N 112 -8.02 -56.07 -43.21
C SER N 112 -7.13 -57.25 -42.82
N LYS N 113 -5.90 -56.98 -42.42
CA LYS N 113 -5.05 -58.10 -41.99
C LYS N 113 -5.40 -58.48 -40.56
N PRO N 114 -5.36 -59.79 -40.26
CA PRO N 114 -5.83 -60.19 -38.94
C PRO N 114 -5.04 -59.51 -37.82
N GLU N 115 -5.74 -58.84 -36.90
CA GLU N 115 -5.14 -58.31 -35.67
C GLU N 115 -5.23 -59.39 -34.60
N VAL N 116 -4.07 -59.98 -34.26
CA VAL N 116 -4.01 -61.00 -33.22
C VAL N 116 -3.97 -60.31 -31.86
N LEU N 117 -5.01 -60.55 -31.06
CA LEU N 117 -5.13 -59.85 -29.79
C LEU N 117 -4.40 -60.54 -28.63
N THR N 118 -4.10 -61.81 -28.81
CA THR N 118 -3.61 -62.65 -27.72
C THR N 118 -2.15 -63.09 -27.90
N PRO N 119 -1.50 -63.51 -26.80
CA PRO N 119 -0.13 -64.08 -26.88
C PRO N 119 -0.07 -65.22 -27.90
N GLN N 120 0.91 -65.18 -28.79
CA GLN N 120 0.93 -66.15 -29.87
C GLN N 120 1.63 -67.46 -29.46
N LEU N 121 0.95 -68.21 -28.59
CA LEU N 121 1.43 -69.49 -28.11
C LEU N 121 0.47 -70.58 -28.51
N ALA N 122 0.99 -71.77 -28.75
CA ALA N 122 0.18 -72.93 -29.07
C ALA N 122 0.34 -74.04 -28.02
N HIS N 123 -0.62 -74.95 -27.97
CA HIS N 123 -0.52 -76.14 -27.15
C HIS N 123 0.12 -77.25 -27.97
N VAL N 124 1.16 -77.85 -27.43
CA VAL N 124 1.64 -79.10 -27.99
C VAL N 124 1.42 -80.22 -26.97
N VAL N 125 0.67 -81.24 -27.36
CA VAL N 125 0.40 -82.37 -26.49
C VAL N 125 1.43 -83.45 -26.80
N SER N 126 1.78 -84.28 -25.82
CA SER N 126 2.82 -85.29 -25.98
C SER N 126 2.65 -86.20 -27.21
N ASP N 127 1.40 -86.44 -27.63
CA ASP N 127 1.13 -87.25 -28.83
C ASP N 127 1.44 -86.52 -30.15
N GLY N 128 1.72 -85.23 -30.07
CA GLY N 128 2.03 -84.45 -31.25
C GLY N 128 0.85 -83.65 -31.75
N GLU N 129 -0.24 -83.63 -30.98
CA GLU N 129 -1.37 -82.83 -31.37
C GLU N 129 -1.10 -81.36 -31.01
N VAL N 130 -1.35 -80.48 -31.97
CA VAL N 130 -1.12 -79.06 -31.79
C VAL N 130 -2.43 -78.27 -31.87
N GLN N 131 -2.65 -77.36 -30.92
CA GLN N 131 -3.79 -76.48 -30.98
C GLN N 131 -3.32 -75.06 -30.80
N TYR N 132 -3.82 -74.17 -31.67
CA TYR N 132 -3.51 -72.74 -31.61
C TYR N 132 -4.84 -72.00 -31.70
N THR N 133 -5.14 -71.20 -30.69
CA THR N 133 -6.42 -70.48 -30.64
C THR N 133 -6.25 -68.98 -30.37
N PRO N 134 -5.74 -68.24 -31.38
CA PRO N 134 -5.60 -66.80 -31.15
C PRO N 134 -6.98 -66.14 -31.16
N SER N 135 -7.13 -65.05 -30.43
CA SER N 135 -8.31 -64.19 -30.59
C SER N 135 -7.97 -63.15 -31.66
N ILE N 136 -8.81 -63.09 -32.69
CA ILE N 136 -8.56 -62.21 -33.81
C ILE N 136 -9.67 -61.18 -34.01
N ARG N 137 -9.27 -59.93 -34.23
CA ARG N 137 -10.18 -58.93 -34.75
C ARG N 137 -9.92 -58.70 -36.22
N GLN N 138 -10.96 -58.81 -37.04
CA GLN N 138 -10.79 -58.68 -38.48
C GLN N 138 -12.05 -58.15 -39.21
N ARG N 139 -11.82 -57.45 -40.33
CA ARG N 139 -12.86 -56.91 -41.16
C ARG N 139 -13.15 -57.85 -42.31
N PHE N 140 -14.43 -58.08 -42.56
CA PHE N 140 -14.83 -58.92 -43.67
C PHE N 140 -15.79 -58.21 -44.63
N SER N 141 -15.72 -58.62 -45.88
CA SER N 141 -16.68 -58.23 -46.88
C SER N 141 -17.66 -59.39 -47.03
N CYS N 142 -18.89 -59.16 -46.60
CA CYS N 142 -19.92 -60.20 -46.67
C CYS N 142 -21.33 -59.59 -46.77
N ASP N 143 -22.33 -60.47 -46.86
CA ASP N 143 -23.71 -60.02 -46.99
C ASP N 143 -24.30 -59.57 -45.64
N VAL N 144 -24.47 -58.26 -45.49
CA VAL N 144 -24.95 -57.69 -44.23
C VAL N 144 -26.43 -57.33 -44.34
N SER N 145 -27.02 -57.59 -45.51
CA SER N 145 -28.42 -57.28 -45.73
C SER N 145 -29.35 -58.04 -44.78
N GLY N 146 -30.25 -57.32 -44.12
CA GLY N 146 -31.23 -57.92 -43.23
C GLY N 146 -30.79 -57.93 -41.79
N VAL N 147 -29.67 -57.27 -41.51
CA VAL N 147 -29.08 -57.29 -40.18
C VAL N 147 -30.05 -56.69 -39.17
N ASP N 148 -30.91 -55.79 -39.65
CA ASP N 148 -31.84 -55.08 -38.79
C ASP N 148 -33.23 -55.69 -38.78
N THR N 149 -33.39 -56.82 -39.45
CA THR N 149 -34.63 -57.58 -39.40
C THR N 149 -34.52 -58.68 -38.34
N GLU N 150 -35.54 -59.50 -38.14
CA GLU N 150 -35.39 -60.46 -37.08
C GLU N 150 -34.91 -61.85 -37.60
N SER N 151 -35.01 -62.06 -38.91
CA SER N 151 -34.34 -63.22 -39.50
C SER N 151 -32.82 -62.96 -39.57
N GLY N 152 -32.44 -61.69 -39.55
CA GLY N 152 -31.05 -61.29 -39.46
C GLY N 152 -30.26 -61.36 -40.75
N ALA N 153 -29.01 -60.93 -40.71
CA ALA N 153 -28.08 -61.09 -41.82
C ALA N 153 -27.32 -62.41 -41.70
N THR N 154 -26.83 -62.92 -42.82
CA THR N 154 -26.00 -64.12 -42.80
C THR N 154 -24.67 -63.84 -43.47
N CYS N 155 -23.66 -63.57 -42.65
CA CYS N 155 -22.31 -63.32 -43.13
C CYS N 155 -21.52 -64.63 -43.27
N ARG N 156 -21.02 -64.87 -44.48
CA ARG N 156 -20.28 -66.10 -44.79
C ARG N 156 -18.76 -65.83 -44.80
N ILE N 157 -18.03 -66.49 -43.89
CA ILE N 157 -16.58 -66.33 -43.82
C ILE N 157 -15.84 -67.56 -44.37
N LYS N 158 -14.96 -67.34 -45.35
CA LYS N 158 -14.28 -68.44 -46.06
C LYS N 158 -12.81 -68.56 -45.65
N ILE N 159 -12.50 -69.62 -44.93
CA ILE N 159 -11.15 -69.85 -44.40
C ILE N 159 -10.55 -71.13 -44.97
N GLY N 160 -9.33 -71.02 -45.49
CA GLY N 160 -8.61 -72.15 -46.05
C GLY N 160 -7.11 -71.91 -46.13
N SER N 161 -6.36 -72.96 -46.47
CA SER N 161 -4.93 -72.81 -46.66
C SER N 161 -4.69 -71.95 -47.89
N TRP N 162 -3.81 -70.97 -47.78
CA TRP N 162 -3.51 -70.11 -48.90
C TRP N 162 -2.70 -70.82 -49.98
N THR N 163 -1.68 -71.58 -49.57
CA THR N 163 -0.77 -72.18 -50.53
C THR N 163 -0.71 -73.72 -50.54
N HIS N 164 -1.38 -74.37 -49.61
CA HIS N 164 -1.39 -75.85 -49.64
C HIS N 164 -2.71 -76.41 -50.17
N HIS N 165 -2.61 -77.26 -51.20
CA HIS N 165 -3.79 -77.90 -51.80
C HIS N 165 -4.27 -79.14 -51.00
N SER N 166 -5.36 -79.72 -51.47
CA SER N 166 -6.10 -80.74 -50.71
C SER N 166 -5.25 -81.96 -50.32
N ARG N 167 -4.23 -82.24 -51.12
CA ARG N 167 -3.40 -83.37 -50.77
C ARG N 167 -2.32 -83.07 -49.72
N GLU N 168 -2.05 -81.79 -49.46
CA GLU N 168 -1.14 -81.37 -48.41
C GLU N 168 -1.88 -80.90 -47.15
N ILE N 169 -2.90 -80.07 -47.32
CA ILE N 169 -3.74 -79.65 -46.20
C ILE N 169 -5.25 -79.86 -46.46
N SER N 170 -5.92 -80.52 -45.53
CA SER N 170 -7.35 -80.65 -45.60
C SER N 170 -7.95 -79.95 -44.40
N VAL N 171 -9.00 -79.16 -44.62
CA VAL N 171 -9.64 -78.43 -43.53
C VAL N 171 -11.00 -79.03 -43.23
N ASP N 172 -11.33 -79.14 -41.95
CA ASP N 172 -12.64 -79.63 -41.56
CA ASP N 172 -12.64 -79.63 -41.56
C ASP N 172 -13.21 -78.86 -40.36
N PRO N 173 -14.55 -78.77 -40.29
CA PRO N 173 -15.22 -78.15 -39.15
C PRO N 173 -15.12 -79.03 -37.90
N THR N 174 -15.45 -78.47 -36.74
CA THR N 174 -15.36 -79.22 -35.49
C THR N 174 -16.74 -79.74 -35.06
N SER N 181 -23.24 -69.49 -30.02
CA SER N 181 -22.62 -68.30 -29.48
C SER N 181 -22.25 -68.45 -28.00
N GLU N 182 -21.42 -69.42 -27.71
CA GLU N 182 -21.10 -69.72 -26.34
C GLU N 182 -20.38 -68.63 -25.59
N TYR N 183 -19.40 -67.99 -26.21
CA TYR N 183 -18.56 -67.05 -25.52
C TYR N 183 -18.86 -65.66 -25.96
N PHE N 184 -19.93 -65.49 -26.70
CA PHE N 184 -20.26 -64.24 -27.34
C PHE N 184 -20.61 -63.17 -26.32
N SER N 185 -20.30 -61.93 -26.61
CA SER N 185 -20.45 -60.88 -25.63
C SER N 185 -21.88 -60.45 -25.47
N GLN N 186 -22.32 -60.32 -24.24
CA GLN N 186 -23.69 -59.84 -24.01
C GLN N 186 -23.77 -58.32 -24.20
N TYR N 187 -22.62 -57.66 -24.32
CA TYR N 187 -22.59 -56.21 -24.46
C TYR N 187 -22.47 -55.75 -25.91
N SER N 188 -22.48 -56.71 -26.83
CA SER N 188 -22.55 -56.33 -28.23
C SER N 188 -23.91 -55.71 -28.59
N ARG N 189 -23.88 -54.76 -29.52
CA ARG N 189 -25.11 -54.27 -30.14
C ARG N 189 -25.84 -55.36 -30.89
N PHE N 190 -25.24 -56.55 -30.96
CA PHE N 190 -25.78 -57.60 -31.80
C PHE N 190 -25.96 -58.92 -31.06
N GLU N 191 -26.62 -59.85 -31.74
CA GLU N 191 -26.89 -61.16 -31.17
C GLU N 191 -26.84 -62.24 -32.24
N ILE N 192 -26.29 -63.40 -31.87
CA ILE N 192 -26.11 -64.50 -32.82
C ILE N 192 -27.30 -65.45 -32.78
N LEU N 193 -27.89 -65.66 -33.96
CA LEU N 193 -29.02 -66.55 -34.09
C LEU N 193 -28.55 -67.97 -34.36
N ASP N 194 -27.60 -68.11 -35.28
CA ASP N 194 -27.11 -69.43 -35.65
C ASP N 194 -25.74 -69.34 -36.32
N VAL N 195 -24.92 -70.39 -36.11
CA VAL N 195 -23.65 -70.54 -36.80
C VAL N 195 -23.61 -71.91 -37.47
N THR N 196 -23.47 -71.92 -38.79
CA THR N 196 -23.32 -73.18 -39.50
C THR N 196 -21.99 -73.21 -40.25
N GLN N 197 -21.40 -74.39 -40.36
CA GLN N 197 -20.12 -74.55 -41.04
C GLN N 197 -20.31 -75.48 -42.24
N LYS N 198 -19.67 -75.14 -43.36
CA LYS N 198 -19.72 -75.92 -44.59
C LYS N 198 -18.30 -76.06 -45.20
N LYS N 199 -17.86 -77.28 -45.51
CA LYS N 199 -16.54 -77.54 -46.12
C LYS N 199 -16.64 -77.53 -47.66
N ASN N 200 -15.68 -76.86 -48.30
CA ASN N 200 -15.62 -76.84 -49.76
C ASN N 200 -14.27 -77.25 -50.32
N SER N 201 -14.25 -77.55 -51.61
CA SER N 201 -13.04 -77.90 -52.30
C SER N 201 -13.06 -77.16 -53.64
N VAL N 202 -12.18 -76.18 -53.80
CA VAL N 202 -12.25 -75.29 -54.96
C VAL N 202 -11.00 -75.36 -55.83
N THR N 203 -11.19 -75.32 -57.15
CA THR N 203 -10.06 -75.23 -58.07
C THR N 203 -9.93 -73.80 -58.57
N TYR N 204 -8.70 -73.29 -58.55
CA TYR N 204 -8.42 -71.93 -58.92
C TYR N 204 -7.68 -71.92 -60.26
N SER N 205 -7.74 -70.79 -60.97
CA SER N 205 -7.17 -70.67 -62.30
C SER N 205 -5.67 -70.92 -62.33
N CYS N 206 -4.99 -70.48 -61.29
CA CYS N 206 -3.55 -70.50 -61.23
C CYS N 206 -3.00 -71.92 -61.20
N CYS N 207 -3.73 -72.83 -60.56
CA CYS N 207 -3.19 -74.12 -60.13
C CYS N 207 -4.10 -75.28 -60.48
N PRO N 208 -3.51 -76.42 -60.81
CA PRO N 208 -4.31 -77.59 -61.24
C PRO N 208 -4.99 -78.32 -60.09
N GLU N 209 -4.48 -78.18 -58.88
CA GLU N 209 -5.00 -78.92 -57.73
C GLU N 209 -6.16 -78.19 -57.04
N ALA N 210 -6.86 -78.90 -56.17
CA ALA N 210 -7.98 -78.30 -55.45
C ALA N 210 -7.57 -77.90 -54.03
N TYR N 211 -8.08 -76.76 -53.60
CA TYR N 211 -7.76 -76.24 -52.28
C TYR N 211 -9.01 -76.31 -51.46
N GLU N 212 -8.87 -76.81 -50.24
CA GLU N 212 -10.02 -76.89 -49.35
C GLU N 212 -10.22 -75.62 -48.54
N ASP N 213 -11.46 -75.34 -48.21
CA ASP N 213 -11.80 -74.23 -47.31
C ASP N 213 -12.97 -74.60 -46.42
N VAL N 214 -13.15 -73.81 -45.37
CA VAL N 214 -14.34 -73.93 -44.55
C VAL N 214 -15.12 -72.63 -44.70
N GLU N 215 -16.41 -72.75 -44.98
CA GLU N 215 -17.27 -71.56 -44.96
C GLU N 215 -18.07 -71.55 -43.69
N VAL N 216 -17.79 -70.57 -42.82
CA VAL N 216 -18.56 -70.38 -41.60
C VAL N 216 -19.66 -69.33 -41.88
N SER N 217 -20.92 -69.75 -41.75
CA SER N 217 -22.04 -68.83 -41.92
C SER N 217 -22.53 -68.28 -40.58
N LEU N 218 -22.34 -66.98 -40.41
CA LEU N 218 -22.72 -66.34 -39.16
C LEU N 218 -24.06 -65.65 -39.37
N ASN N 219 -25.10 -66.19 -38.76
CA ASN N 219 -26.40 -65.57 -38.84
C ASN N 219 -26.65 -64.72 -37.60
N PHE N 220 -26.69 -63.40 -37.78
CA PHE N 220 -26.77 -62.48 -36.64
C PHE N 220 -27.71 -61.33 -36.94
N ARG N 221 -28.15 -60.63 -35.89
CA ARG N 221 -29.00 -59.46 -36.08
C ARG N 221 -28.79 -58.38 -35.02
N LYS N 222 -29.20 -57.17 -35.37
CA LYS N 222 -29.18 -56.04 -34.44
C LYS N 222 -30.19 -56.22 -33.31
N LYS N 223 -29.76 -56.05 -32.06
CA LYS N 223 -30.66 -56.08 -30.91
C LYS N 223 -31.51 -54.82 -30.87
N GLY N 224 -32.82 -54.99 -30.64
CA GLY N 224 -33.75 -53.88 -30.54
C GLY N 224 -33.80 -53.26 -29.15
N LEU O 20 15.31 -87.16 -51.57
CA LEU O 20 14.96 -85.85 -51.05
C LEU O 20 13.51 -85.80 -50.55
N ASP O 21 13.31 -85.34 -49.32
CA ASP O 21 11.97 -85.00 -48.88
C ASP O 21 11.84 -83.47 -48.72
N ARG O 22 10.65 -83.00 -48.33
CA ARG O 22 10.43 -81.57 -48.11
C ARG O 22 11.46 -80.95 -47.17
N ALA O 23 11.67 -81.61 -46.02
CA ALA O 23 12.64 -81.16 -45.02
C ALA O 23 13.99 -80.85 -45.67
N ASP O 24 14.45 -81.75 -46.53
CA ASP O 24 15.77 -81.57 -47.13
C ASP O 24 15.77 -80.43 -48.11
N ILE O 25 14.74 -80.36 -48.94
CA ILE O 25 14.64 -79.32 -49.96
C ILE O 25 14.58 -77.93 -49.31
N LEU O 26 13.77 -77.80 -48.27
CA LEU O 26 13.63 -76.54 -47.56
C LEU O 26 14.92 -76.17 -46.86
N TYR O 27 15.60 -77.19 -46.34
CA TYR O 27 16.91 -76.98 -45.73
C TYR O 27 17.92 -76.41 -46.75
N ASN O 28 17.97 -77.03 -47.92
CA ASN O 28 18.91 -76.58 -48.95
C ASN O 28 18.60 -75.17 -49.41
N ILE O 29 17.34 -74.89 -49.58
CA ILE O 29 16.92 -73.57 -49.97
C ILE O 29 17.30 -72.58 -48.92
N ARG O 30 17.07 -72.89 -47.67
CA ARG O 30 17.46 -71.99 -46.60
C ARG O 30 18.95 -71.78 -46.49
N GLN O 31 19.71 -72.84 -46.65
CA GLN O 31 21.15 -72.74 -46.67
C GLN O 31 21.79 -72.07 -47.86
N THR O 32 21.20 -72.14 -49.04
CA THR O 32 21.89 -71.75 -50.25
C THR O 32 21.22 -70.66 -51.09
N SER O 33 19.93 -70.43 -50.93
CA SER O 33 19.31 -69.38 -51.73
C SER O 33 19.88 -68.04 -51.27
N ARG O 34 19.98 -67.11 -52.21
CA ARG O 34 20.59 -65.82 -51.92
C ARG O 34 19.54 -64.75 -52.21
N PRO O 35 18.76 -64.39 -51.17
CA PRO O 35 17.58 -63.50 -51.31
C PRO O 35 17.99 -62.14 -51.87
N ASP O 36 19.22 -61.75 -51.61
CA ASP O 36 19.76 -60.48 -52.06
C ASP O 36 20.20 -60.53 -53.52
N VAL O 37 20.20 -61.73 -54.10
CA VAL O 37 20.83 -61.91 -55.41
C VAL O 37 19.85 -62.26 -56.51
N ILE O 38 19.70 -61.35 -57.47
CA ILE O 38 18.76 -61.55 -58.56
C ILE O 38 19.23 -62.72 -59.41
N PRO O 39 18.34 -63.69 -59.67
CA PRO O 39 18.70 -64.93 -60.35
C PRO O 39 18.76 -64.73 -61.84
N THR O 40 19.59 -63.79 -62.27
CA THR O 40 19.79 -63.49 -63.68
C THR O 40 20.67 -64.58 -64.30
N GLN O 41 20.39 -64.99 -65.54
CA GLN O 41 21.18 -66.06 -66.19
C GLN O 41 22.28 -65.51 -67.14
N PRO O 45 17.71 -61.01 -68.74
CA PRO O 45 16.81 -60.56 -67.66
C PRO O 45 15.93 -61.67 -67.11
N VAL O 46 15.58 -61.55 -65.84
CA VAL O 46 14.61 -62.45 -65.24
C VAL O 46 13.26 -62.04 -65.77
N ALA O 47 12.55 -62.98 -66.37
CA ALA O 47 11.22 -62.71 -66.88
C ALA O 47 10.18 -62.85 -65.76
N VAL O 48 9.61 -61.73 -65.34
CA VAL O 48 8.58 -61.75 -64.30
C VAL O 48 7.16 -61.57 -64.87
N SER O 49 6.28 -62.55 -64.62
CA SER O 49 4.84 -62.45 -64.91
C SER O 49 4.11 -61.75 -63.78
N VAL O 50 3.29 -60.77 -64.13
CA VAL O 50 2.43 -60.12 -63.16
C VAL O 50 1.00 -60.20 -63.66
N SER O 51 0.11 -60.62 -62.76
CA SER O 51 -1.31 -60.74 -63.07
C SER O 51 -2.11 -60.38 -61.82
N LEU O 52 -2.83 -59.27 -61.87
CA LEU O 52 -3.74 -58.88 -60.79
C LEU O 52 -5.10 -59.56 -60.91
N LYS O 53 -5.50 -60.25 -59.83
CA LYS O 53 -6.81 -60.87 -59.72
C LYS O 53 -7.57 -60.04 -58.70
N PHE O 54 -8.45 -59.18 -59.18
CA PHE O 54 -9.16 -58.29 -58.28
C PHE O 54 -10.21 -59.03 -57.46
N ILE O 55 -10.28 -58.66 -56.18
CA ILE O 55 -11.09 -59.39 -55.23
C ILE O 55 -12.17 -58.46 -54.73
N ASN O 56 -11.80 -57.21 -54.50
CA ASN O 56 -12.74 -56.23 -54.04
C ASN O 56 -12.38 -54.78 -54.39
N ILE O 57 -13.40 -53.94 -54.51
CA ILE O 57 -13.18 -52.49 -54.57
C ILE O 57 -13.95 -51.87 -53.40
N LEU O 58 -13.26 -51.13 -52.54
CA LEU O 58 -13.81 -50.83 -51.20
C LEU O 58 -14.23 -49.38 -50.96
N GLU O 59 -13.37 -48.47 -51.37
CA GLU O 59 -13.69 -47.07 -51.22
C GLU O 59 -13.30 -46.37 -52.49
N VAL O 60 -14.28 -45.79 -53.14
CA VAL O 60 -14.03 -44.96 -54.28
C VAL O 60 -14.30 -43.53 -53.85
N ASN O 61 -13.50 -42.61 -54.36
CA ASN O 61 -13.71 -41.18 -54.11
C ASN O 61 -13.49 -40.43 -55.41
N GLU O 62 -14.60 -40.03 -56.04
CA GLU O 62 -14.58 -39.39 -57.36
C GLU O 62 -14.03 -37.95 -57.31
N ILE O 63 -14.14 -37.32 -56.15
CA ILE O 63 -13.55 -36.02 -55.95
C ILE O 63 -12.02 -36.10 -55.91
N THR O 64 -11.49 -36.89 -54.96
CA THR O 64 -10.04 -36.98 -54.76
C THR O 64 -9.33 -37.87 -55.76
N ASN O 65 -10.09 -38.63 -56.54
CA ASN O 65 -9.51 -39.58 -57.50
C ASN O 65 -8.66 -40.69 -56.84
N GLU O 66 -9.22 -41.31 -55.80
CA GLU O 66 -8.50 -42.34 -55.06
C GLU O 66 -9.42 -43.55 -54.91
N VAL O 67 -8.85 -44.75 -55.05
CA VAL O 67 -9.60 -45.99 -54.87
C VAL O 67 -8.87 -46.91 -53.91
N ASP O 68 -9.64 -47.75 -53.23
CA ASP O 68 -9.11 -48.72 -52.28
C ASP O 68 -9.45 -50.10 -52.86
N VAL O 69 -8.41 -50.85 -53.22
CA VAL O 69 -8.59 -52.11 -53.92
C VAL O 69 -7.98 -53.30 -53.15
N VAL O 70 -8.63 -54.45 -53.25
CA VAL O 70 -8.08 -55.68 -52.77
C VAL O 70 -7.87 -56.58 -53.97
N PHE O 71 -6.65 -57.11 -54.12
CA PHE O 71 -6.32 -57.91 -55.29
C PHE O 71 -5.20 -58.89 -54.99
N TRP O 72 -5.21 -60.03 -55.69
CA TRP O 72 -4.11 -61.00 -55.62
C TRP O 72 -3.07 -60.57 -56.62
N GLN O 73 -1.86 -60.30 -56.14
CA GLN O 73 -0.77 -59.93 -57.03
C GLN O 73 0.04 -61.18 -57.39
N GLN O 74 -0.49 -61.95 -58.34
CA GLN O 74 0.15 -63.17 -58.78
C GLN O 74 1.46 -62.85 -59.53
N THR O 75 2.57 -63.18 -58.90
CA THR O 75 3.88 -62.93 -59.45
C THR O 75 4.63 -64.27 -59.73
N THR O 76 5.19 -64.40 -60.93
CA THR O 76 5.81 -65.65 -61.32
C THR O 76 7.16 -65.40 -62.01
N TRP O 77 8.18 -66.13 -61.58
CA TRP O 77 9.47 -66.03 -62.21
C TRP O 77 10.26 -67.28 -62.06
N SER O 78 11.49 -67.25 -62.53
CA SER O 78 12.32 -68.44 -62.56
C SER O 78 13.67 -68.25 -61.84
N ASP O 79 14.00 -69.17 -60.95
CA ASP O 79 15.27 -69.16 -60.25
C ASP O 79 15.86 -70.58 -60.23
N ARG O 80 16.73 -70.86 -61.22
CA ARG O 80 17.29 -72.21 -61.40
C ARG O 80 18.10 -72.68 -60.19
N THR O 81 18.70 -71.74 -59.46
CA THR O 81 19.50 -72.09 -58.31
C THR O 81 18.69 -72.79 -57.21
N LEU O 82 17.38 -72.87 -57.41
CA LEU O 82 16.49 -73.48 -56.42
C LEU O 82 15.98 -74.81 -56.92
N ALA O 83 16.34 -75.15 -58.15
CA ALA O 83 15.87 -76.39 -58.77
C ALA O 83 16.40 -77.62 -58.04
N TRP O 84 15.68 -78.73 -58.15
CA TRP O 84 16.14 -79.99 -57.59
C TRP O 84 15.66 -81.18 -58.42
N ASN O 85 16.32 -82.33 -58.24
CA ASN O 85 15.94 -83.58 -58.91
C ASN O 85 14.68 -84.15 -58.27
N SER O 86 13.55 -84.06 -58.99
CA SER O 86 12.25 -84.43 -58.41
C SER O 86 11.86 -85.88 -58.71
N SER O 87 12.84 -86.72 -59.02
CA SER O 87 12.59 -88.12 -59.34
C SER O 87 11.79 -88.83 -58.24
N HIS O 88 12.28 -88.79 -57.01
CA HIS O 88 11.56 -89.40 -55.90
C HIS O 88 11.35 -88.36 -54.83
N SER O 89 10.99 -87.16 -55.27
CA SER O 89 10.87 -85.99 -54.42
C SER O 89 9.53 -85.29 -54.69
N PRO O 90 9.11 -84.38 -53.79
CA PRO O 90 7.98 -83.49 -54.08
C PRO O 90 8.26 -82.62 -55.29
N ASP O 91 7.21 -82.22 -56.01
CA ASP O 91 7.35 -81.36 -57.19
C ASP O 91 7.37 -79.89 -56.79
N GLN O 92 6.92 -79.62 -55.57
CA GLN O 92 6.65 -78.27 -55.14
C GLN O 92 6.75 -78.15 -53.63
N VAL O 93 7.27 -77.01 -53.18
CA VAL O 93 7.26 -76.69 -51.75
C VAL O 93 6.78 -75.26 -51.51
N SER O 94 6.35 -74.98 -50.27
CA SER O 94 6.03 -73.60 -49.87
C SER O 94 7.16 -73.00 -49.05
N VAL O 95 7.63 -71.83 -49.45
CA VAL O 95 8.83 -71.28 -48.85
C VAL O 95 8.52 -69.88 -48.40
N PRO O 96 8.97 -69.52 -47.20
CA PRO O 96 8.90 -68.12 -46.76
C PRO O 96 9.64 -67.20 -47.74
N ILE O 97 9.01 -66.13 -48.19
CA ILE O 97 9.66 -65.24 -49.16
C ILE O 97 10.94 -64.64 -48.60
N SER O 98 11.07 -64.58 -47.27
CA SER O 98 12.30 -64.04 -46.66
C SER O 98 13.50 -64.93 -46.97
N SER O 99 13.25 -66.17 -47.38
CA SER O 99 14.30 -67.10 -47.78
C SER O 99 14.50 -67.16 -49.30
N LEU O 100 13.84 -66.27 -50.05
CA LEU O 100 13.94 -66.29 -51.51
C LEU O 100 14.23 -64.91 -52.02
N TRP O 101 14.83 -64.85 -53.20
CA TRP O 101 14.88 -63.60 -53.91
C TRP O 101 13.50 -63.33 -54.51
N VAL O 102 13.06 -62.09 -54.38
CA VAL O 102 11.75 -61.71 -54.84
C VAL O 102 11.89 -60.43 -55.65
N PRO O 103 11.21 -60.35 -56.80
CA PRO O 103 11.25 -59.12 -57.60
C PRO O 103 10.76 -57.91 -56.80
N ASP O 104 11.48 -56.80 -56.88
CA ASP O 104 11.13 -55.55 -56.20
C ASP O 104 10.03 -54.73 -56.91
N LEU O 105 8.90 -55.39 -57.18
CA LEU O 105 7.78 -54.76 -57.81
C LEU O 105 7.15 -53.67 -56.91
N ALA O 106 6.74 -52.57 -57.55
CA ALA O 106 6.03 -51.50 -56.85
C ALA O 106 4.90 -50.95 -57.73
N ALA O 107 3.85 -50.47 -57.09
CA ALA O 107 2.79 -49.80 -57.82
C ALA O 107 3.15 -48.33 -57.80
N TYR O 108 3.54 -47.80 -58.95
CA TYR O 108 3.88 -46.38 -59.08
C TYR O 108 2.85 -45.36 -58.58
N ASN O 109 1.57 -45.67 -58.74
CA ASN O 109 0.51 -44.73 -58.36
C ASN O 109 -0.20 -45.15 -57.07
N ALA O 110 0.48 -46.00 -56.31
CA ALA O 110 0.00 -46.39 -54.99
C ALA O 110 0.26 -45.23 -54.03
N ILE O 111 -0.66 -45.00 -53.10
CA ILE O 111 -0.52 -43.85 -52.18
C ILE O 111 -0.59 -44.35 -50.75
N SER O 112 -0.66 -45.67 -50.61
CA SER O 112 -0.47 -46.30 -49.32
C SER O 112 0.52 -47.45 -49.50
N LYS O 113 1.23 -47.82 -48.44
CA LYS O 113 2.01 -49.06 -48.36
C LYS O 113 1.12 -50.24 -48.71
N PRO O 114 1.64 -51.24 -49.44
CA PRO O 114 0.78 -52.43 -49.63
C PRO O 114 0.56 -53.21 -48.33
N GLU O 115 -0.70 -53.43 -47.99
CA GLU O 115 -1.05 -54.21 -46.83
C GLU O 115 -1.20 -55.66 -47.30
N VAL O 116 -0.25 -56.51 -46.91
CA VAL O 116 -0.30 -57.93 -47.27
C VAL O 116 -1.23 -58.67 -46.30
N LEU O 117 -2.32 -59.22 -46.84
CA LEU O 117 -3.34 -59.84 -46.00
C LEU O 117 -3.05 -61.32 -45.73
N THR O 118 -2.20 -61.92 -46.53
CA THR O 118 -2.06 -63.36 -46.52
C THR O 118 -0.66 -63.80 -46.04
N PRO O 119 -0.53 -65.07 -45.61
CA PRO O 119 0.79 -65.62 -45.22
C PRO O 119 1.79 -65.43 -46.36
N GLN O 120 2.98 -64.92 -46.03
CA GLN O 120 3.95 -64.57 -47.04
C GLN O 120 4.83 -65.76 -47.44
N LEU O 121 4.20 -66.69 -48.17
CA LEU O 121 4.83 -67.91 -48.66
C LEU O 121 4.75 -67.93 -50.16
N ALA O 122 5.74 -68.56 -50.80
CA ALA O 122 5.75 -68.71 -52.25
C ALA O 122 5.80 -70.17 -52.59
N HIS O 123 5.42 -70.51 -53.82
CA HIS O 123 5.63 -71.86 -54.35
C HIS O 123 6.95 -71.90 -55.08
N VAL O 124 7.75 -72.92 -54.75
CA VAL O 124 8.92 -73.22 -55.56
C VAL O 124 8.72 -74.61 -56.15
N VAL O 125 8.72 -74.67 -57.48
CA VAL O 125 8.59 -75.93 -58.21
C VAL O 125 9.98 -76.51 -58.52
N SER O 126 10.07 -77.83 -58.67
CA SER O 126 11.37 -78.50 -58.78
C SER O 126 12.24 -77.98 -59.92
N ASP O 127 11.60 -77.45 -60.96
CA ASP O 127 12.34 -76.85 -62.08
C ASP O 127 12.90 -75.46 -61.77
N GLY O 128 12.57 -74.91 -60.62
CA GLY O 128 13.05 -73.57 -60.29
C GLY O 128 12.04 -72.47 -60.53
N GLU O 129 10.84 -72.84 -60.94
CA GLU O 129 9.76 -71.88 -61.14
C GLU O 129 9.23 -71.44 -59.77
N VAL O 130 9.19 -70.13 -59.55
CA VAL O 130 8.66 -69.55 -58.33
C VAL O 130 7.37 -68.76 -58.60
N GLN O 131 6.40 -68.99 -57.73
CA GLN O 131 5.18 -68.19 -57.77
C GLN O 131 4.87 -67.64 -56.39
N TYR O 132 4.57 -66.35 -56.34
CA TYR O 132 4.14 -65.71 -55.10
C TYR O 132 2.85 -64.93 -55.38
N THR O 133 1.80 -65.22 -54.63
CA THR O 133 0.51 -64.58 -54.89
C THR O 133 -0.11 -64.02 -53.61
N PRO O 134 0.45 -62.90 -53.12
CA PRO O 134 -0.13 -62.33 -51.90
C PRO O 134 -1.47 -61.62 -52.22
N SER O 135 -2.40 -61.65 -51.27
CA SER O 135 -3.57 -60.80 -51.36
C SER O 135 -3.21 -59.46 -50.74
N ILE O 136 -3.40 -58.40 -51.51
CA ILE O 136 -3.01 -57.06 -51.09
C ILE O 136 -4.19 -56.08 -51.07
N ARG O 137 -4.24 -55.30 -49.99
CA ARG O 137 -5.14 -54.17 -49.94
C ARG O 137 -4.31 -52.91 -50.10
N GLN O 138 -4.66 -52.07 -51.07
CA GLN O 138 -3.87 -50.87 -51.35
C GLN O 138 -4.69 -49.69 -51.92
N ARG O 139 -4.32 -48.48 -51.53
CA ARG O 139 -4.92 -47.28 -52.12
C ARG O 139 -4.16 -46.76 -53.35
N PHE O 140 -4.91 -46.46 -54.40
CA PHE O 140 -4.31 -45.89 -55.62
C PHE O 140 -4.87 -44.51 -56.01
N SER O 141 -4.01 -43.73 -56.64
CA SER O 141 -4.39 -42.48 -57.24
C SER O 141 -4.60 -42.78 -58.69
N CYS O 142 -5.85 -42.69 -59.14
CA CYS O 142 -6.18 -42.96 -60.55
C CYS O 142 -7.48 -42.27 -60.99
N ASP O 143 -7.83 -42.43 -62.26
CA ASP O 143 -8.99 -41.76 -62.82
C ASP O 143 -10.28 -42.49 -62.43
N VAL O 144 -11.06 -41.86 -61.56
CA VAL O 144 -12.25 -42.46 -61.02
C VAL O 144 -13.49 -41.84 -61.69
N SER O 145 -13.25 -40.91 -62.60
CA SER O 145 -14.34 -40.22 -63.28
C SER O 145 -15.19 -41.19 -64.11
N GLY O 146 -16.50 -41.13 -63.90
CA GLY O 146 -17.42 -41.96 -64.66
C GLY O 146 -17.80 -43.23 -63.94
N VAL O 147 -17.34 -43.36 -62.70
CA VAL O 147 -17.59 -44.57 -61.90
C VAL O 147 -19.08 -44.83 -61.74
N ASP O 148 -19.87 -43.77 -61.75
CA ASP O 148 -21.30 -43.87 -61.49
C ASP O 148 -22.12 -43.90 -62.78
N THR O 149 -21.43 -43.98 -63.92
CA THR O 149 -22.08 -44.08 -65.22
C THR O 149 -22.10 -45.53 -65.68
N GLU O 150 -22.60 -45.77 -66.89
CA GLU O 150 -22.76 -47.14 -67.40
C GLU O 150 -21.46 -47.67 -67.98
N SER O 151 -20.71 -46.75 -68.59
CA SER O 151 -19.45 -47.10 -69.19
C SER O 151 -18.37 -47.27 -68.12
N GLY O 152 -18.62 -46.71 -66.95
CA GLY O 152 -17.77 -46.91 -65.79
C GLY O 152 -16.50 -46.08 -65.78
N ALA O 153 -15.74 -46.18 -64.68
CA ALA O 153 -14.43 -45.56 -64.61
C ALA O 153 -13.37 -46.55 -65.09
N THR O 154 -12.22 -46.03 -65.51
CA THR O 154 -11.08 -46.87 -65.88
C THR O 154 -9.81 -46.50 -65.10
N CYS O 155 -9.56 -47.25 -64.04
CA CYS O 155 -8.44 -47.00 -63.17
C CYS O 155 -7.19 -47.76 -63.66
N ARG O 156 -6.12 -47.02 -63.93
CA ARG O 156 -4.93 -47.59 -64.52
C ARG O 156 -3.85 -47.80 -63.45
N ILE O 157 -3.47 -49.05 -63.22
CA ILE O 157 -2.50 -49.38 -62.18
C ILE O 157 -1.13 -49.77 -62.76
N LYS O 158 -0.08 -49.02 -62.41
CA LYS O 158 1.25 -49.20 -63.01
C LYS O 158 2.18 -49.94 -62.07
N ILE O 159 2.54 -51.16 -62.46
CA ILE O 159 3.42 -52.02 -61.64
C ILE O 159 4.70 -52.40 -62.35
N GLY O 160 5.84 -52.11 -61.72
CA GLY O 160 7.12 -52.47 -62.31
C GLY O 160 8.20 -52.68 -61.27
N SER O 161 9.37 -53.15 -61.70
CA SER O 161 10.52 -53.17 -60.81
C SER O 161 10.90 -51.76 -60.42
N TRP O 162 11.13 -51.57 -59.12
CA TRP O 162 11.58 -50.27 -58.66
C TRP O 162 13.03 -49.96 -59.01
N THR O 163 13.92 -50.95 -58.91
CA THR O 163 15.36 -50.69 -59.07
C THR O 163 16.05 -51.48 -60.17
N HIS O 164 15.34 -52.43 -60.78
CA HIS O 164 15.98 -53.24 -61.82
C HIS O 164 15.48 -52.84 -63.23
N HIS O 165 16.43 -52.51 -64.11
CA HIS O 165 16.08 -52.11 -65.45
C HIS O 165 15.80 -53.28 -66.39
N SER O 166 15.49 -52.99 -67.65
CA SER O 166 14.92 -53.97 -68.59
C SER O 166 15.82 -55.16 -68.84
N ARG O 167 17.11 -54.96 -68.62
CA ARG O 167 18.08 -55.99 -68.87
C ARG O 167 18.24 -56.94 -67.67
N GLU O 168 17.82 -56.48 -66.49
CA GLU O 168 17.80 -57.30 -65.28
C GLU O 168 16.41 -57.89 -64.99
N ILE O 169 15.38 -57.06 -65.09
CA ILE O 169 14.01 -57.54 -64.92
C ILE O 169 13.11 -57.12 -66.07
N SER O 170 12.40 -58.07 -66.66
CA SER O 170 11.35 -57.74 -67.64
C SER O 170 10.01 -58.22 -67.10
N VAL O 171 9.01 -57.35 -67.16
CA VAL O 171 7.67 -57.70 -66.71
C VAL O 171 6.74 -57.96 -67.89
N ASP O 172 5.88 -58.96 -67.74
CA ASP O 172 4.94 -59.34 -68.78
C ASP O 172 3.59 -59.72 -68.18
N PRO O 173 2.49 -59.39 -68.89
CA PRO O 173 1.15 -59.83 -68.48
C PRO O 173 0.98 -61.33 -68.68
N THR O 174 -0.09 -61.90 -68.12
CA THR O 174 -0.33 -63.34 -68.22
C THR O 174 -1.34 -63.69 -69.31
N ASP O 180 -11.84 -61.96 -65.41
CA ASP O 180 -11.71 -60.67 -64.73
C ASP O 180 -12.38 -60.71 -63.36
N SER O 181 -13.70 -60.85 -63.40
CA SER O 181 -14.52 -60.91 -62.19
C SER O 181 -14.49 -62.30 -61.56
N GLU O 182 -13.45 -63.06 -61.87
CA GLU O 182 -13.45 -64.48 -61.52
C GLU O 182 -13.53 -64.70 -60.01
N TYR O 183 -12.72 -63.95 -59.26
CA TYR O 183 -12.74 -64.03 -57.80
C TYR O 183 -13.29 -62.76 -57.17
N PHE O 184 -13.84 -61.86 -57.99
CA PHE O 184 -14.36 -60.59 -57.49
C PHE O 184 -15.58 -60.79 -56.60
N SER O 185 -15.63 -60.07 -55.50
CA SER O 185 -16.69 -60.24 -54.50
C SER O 185 -18.04 -59.78 -55.03
N GLN O 186 -19.04 -60.65 -54.92
CA GLN O 186 -20.37 -60.26 -55.36
C GLN O 186 -21.00 -59.28 -54.38
N TYR O 187 -20.38 -59.05 -53.25
CA TYR O 187 -20.92 -58.14 -52.25
C TYR O 187 -20.36 -56.76 -52.26
N SER O 188 -19.52 -56.48 -53.22
CA SER O 188 -18.99 -55.18 -53.41
C SER O 188 -20.04 -54.25 -53.98
N ARG O 189 -19.85 -52.97 -53.78
CA ARG O 189 -20.76 -51.98 -54.28
C ARG O 189 -20.43 -51.63 -55.71
N PHE O 190 -19.47 -52.35 -56.28
CA PHE O 190 -18.99 -52.12 -57.61
C PHE O 190 -18.95 -53.42 -58.35
N GLU O 191 -18.85 -53.34 -59.67
CA GLU O 191 -18.71 -54.49 -60.52
C GLU O 191 -17.62 -54.21 -61.51
N ILE O 192 -17.00 -55.24 -62.03
CA ILE O 192 -15.97 -55.07 -63.02
C ILE O 192 -16.51 -55.28 -64.40
N LEU O 193 -16.25 -54.35 -65.29
CA LEU O 193 -16.68 -54.46 -66.69
C LEU O 193 -15.59 -55.14 -67.51
N ASP O 194 -14.36 -54.67 -67.36
CA ASP O 194 -13.27 -55.21 -68.14
C ASP O 194 -11.91 -54.97 -67.46
N VAL O 195 -10.98 -55.89 -67.69
CA VAL O 195 -9.61 -55.71 -67.26
C VAL O 195 -8.68 -55.93 -68.45
N THR O 196 -7.93 -54.89 -68.81
CA THR O 196 -6.91 -55.01 -69.85
C THR O 196 -5.51 -54.73 -69.29
N GLN O 197 -4.52 -55.37 -69.87
CA GLN O 197 -3.16 -55.22 -69.39
C GLN O 197 -2.30 -54.77 -70.56
N LYS O 198 -1.31 -53.93 -70.25
CA LYS O 198 -0.41 -53.41 -71.25
C LYS O 198 1.00 -53.38 -70.68
N LYS O 199 1.99 -53.62 -71.53
CA LYS O 199 3.36 -53.55 -71.08
C LYS O 199 4.03 -52.29 -71.62
N ASN O 200 4.81 -51.62 -70.77
CA ASN O 200 5.55 -50.45 -71.19
C ASN O 200 7.02 -50.51 -70.81
N SER O 201 7.81 -49.64 -71.42
CA SER O 201 9.23 -49.54 -71.12
C SER O 201 9.58 -48.05 -71.09
N VAL O 202 9.95 -47.56 -69.90
CA VAL O 202 10.06 -46.13 -69.68
C VAL O 202 11.47 -45.80 -69.25
N THR O 203 11.96 -44.66 -69.74
CA THR O 203 13.22 -44.11 -69.27
C THR O 203 12.97 -42.95 -68.31
N TYR O 204 13.67 -42.97 -67.19
CA TYR O 204 13.49 -41.95 -66.14
C TYR O 204 14.72 -41.06 -66.11
N SER O 205 14.57 -39.87 -65.54
CA SER O 205 15.64 -38.87 -65.52
C SER O 205 16.89 -39.32 -64.79
N CYS O 206 16.71 -40.05 -63.69
CA CYS O 206 17.81 -40.48 -62.85
C CYS O 206 18.80 -41.37 -63.59
N CYS O 207 18.28 -42.24 -64.45
CA CYS O 207 19.05 -43.37 -64.94
C CYS O 207 18.98 -43.47 -66.44
N PRO O 208 20.08 -43.95 -67.04
CA PRO O 208 20.13 -44.05 -68.50
C PRO O 208 19.32 -45.24 -69.03
N GLU O 209 19.03 -46.26 -68.21
CA GLU O 209 18.40 -47.50 -68.70
C GLU O 209 16.90 -47.39 -68.69
N ALA O 210 16.25 -48.32 -69.39
CA ALA O 210 14.78 -48.37 -69.41
C ALA O 210 14.26 -49.36 -68.39
N TYR O 211 13.19 -48.96 -67.73
CA TYR O 211 12.55 -49.82 -66.77
C TYR O 211 11.20 -50.24 -67.31
N GLU O 212 10.92 -51.54 -67.24
CA GLU O 212 9.64 -52.06 -67.69
C GLU O 212 8.55 -51.96 -66.62
N ASP O 213 7.32 -51.84 -67.07
CA ASP O 213 6.17 -51.90 -66.17
C ASP O 213 5.01 -52.61 -66.86
N VAL O 214 4.04 -53.02 -66.07
CA VAL O 214 2.76 -53.42 -66.61
C VAL O 214 1.71 -52.44 -66.13
N GLU O 215 0.89 -51.94 -67.06
CA GLU O 215 -0.26 -51.11 -66.70
C GLU O 215 -1.50 -51.96 -66.82
N VAL O 216 -2.10 -52.24 -65.67
CA VAL O 216 -3.39 -52.92 -65.61
C VAL O 216 -4.50 -51.86 -65.59
N SER O 217 -5.39 -51.93 -66.58
CA SER O 217 -6.53 -51.02 -66.66
C SER O 217 -7.77 -51.71 -66.13
N LEU O 218 -8.27 -51.20 -65.01
CA LEU O 218 -9.44 -51.76 -64.36
C LEU O 218 -10.64 -50.90 -64.73
N ASN O 219 -11.52 -51.45 -65.56
CA ASN O 219 -12.77 -50.78 -65.91
C ASN O 219 -13.92 -51.26 -65.02
N PHE O 220 -14.44 -50.36 -64.18
CA PHE O 220 -15.43 -50.76 -63.19
C PHE O 220 -16.47 -49.68 -63.04
N ARG O 221 -17.61 -50.03 -62.44
CA ARG O 221 -18.64 -49.05 -62.14
C ARG O 221 -19.40 -49.40 -60.89
N LYS O 222 -20.01 -48.37 -60.30
CA LYS O 222 -20.83 -48.55 -59.11
C LYS O 222 -22.12 -49.28 -59.51
N LYS O 223 -22.62 -50.14 -58.63
CA LYS O 223 -23.80 -50.94 -58.94
C LYS O 223 -25.05 -50.11 -58.76
N LEU P 20 -71.49 7.23 6.48
CA LEU P 20 -71.18 6.61 7.75
C LEU P 20 -69.73 6.84 8.09
N ASP P 21 -69.47 7.40 9.28
CA ASP P 21 -68.11 7.40 9.83
C ASP P 21 -67.99 6.43 11.02
N ARG P 22 -66.79 6.31 11.60
CA ARG P 22 -66.59 5.41 12.73
C ARG P 22 -67.58 5.65 13.87
N ALA P 23 -67.72 6.91 14.29
CA ALA P 23 -68.66 7.29 15.33
C ALA P 23 -70.07 6.72 15.10
N ASP P 24 -70.56 6.83 13.87
CA ASP P 24 -71.89 6.30 13.56
C ASP P 24 -71.98 4.79 13.67
N ILE P 25 -70.98 4.12 13.08
CA ILE P 25 -70.90 2.66 13.07
C ILE P 25 -70.81 2.10 14.49
N LEU P 26 -69.97 2.70 15.31
CA LEU P 26 -69.86 2.29 16.69
C LEU P 26 -71.13 2.59 17.47
N TYR P 27 -71.75 3.72 17.19
CA TYR P 27 -73.04 4.05 17.79
C TYR P 27 -74.10 3.00 17.44
N ASN P 28 -74.23 2.65 16.16
CA ASN P 28 -75.20 1.62 15.79
C ASN P 28 -74.91 0.30 16.47
N ILE P 29 -73.65 -0.08 16.52
CA ILE P 29 -73.30 -1.35 17.12
C ILE P 29 -73.65 -1.39 18.59
N ARG P 30 -73.35 -0.35 19.31
CA ARG P 30 -73.63 -0.31 20.70
C ARG P 30 -75.11 -0.35 20.97
N GLN P 31 -75.86 0.37 20.15
CA GLN P 31 -77.31 0.44 20.23
C GLN P 31 -78.06 -0.80 19.87
N THR P 32 -77.56 -1.56 18.91
CA THR P 32 -78.32 -2.65 18.30
C THR P 32 -77.72 -4.05 18.40
N SER P 33 -76.43 -4.16 18.68
CA SER P 33 -75.86 -5.49 18.83
C SER P 33 -76.43 -6.09 20.11
N ARG P 34 -76.59 -7.41 20.10
CA ARG P 34 -77.18 -8.10 21.22
C ARG P 34 -76.14 -9.09 21.73
N PRO P 35 -75.34 -8.67 22.70
CA PRO P 35 -74.20 -9.46 23.19
C PRO P 35 -74.65 -10.82 23.74
N ASP P 36 -75.88 -10.86 24.22
CA ASP P 36 -76.46 -12.07 24.80
C ASP P 36 -76.94 -13.05 23.73
N VAL P 37 -76.98 -12.60 22.48
CA VAL P 37 -77.65 -13.34 21.42
C VAL P 37 -76.67 -13.92 20.39
N ILE P 38 -76.61 -15.22 20.30
CA ILE P 38 -75.70 -15.82 19.37
C ILE P 38 -76.12 -15.57 17.96
N PRO P 39 -75.12 -15.10 17.14
CA PRO P 39 -75.61 -14.61 15.85
C PRO P 39 -75.77 -15.68 14.82
N THR P 40 -76.66 -16.59 15.12
CA THR P 40 -76.92 -17.73 14.27
C THR P 40 -77.66 -17.39 12.99
N GLN P 41 -77.35 -18.04 11.89
CA GLN P 41 -77.89 -17.64 10.61
C GLN P 41 -78.47 -18.82 9.81
N ARG P 42 -79.43 -19.54 10.35
CA ARG P 42 -80.00 -20.74 9.75
C ARG P 42 -79.16 -22.03 9.94
N ARG P 43 -78.03 -21.95 10.66
CA ARG P 43 -76.91 -22.91 10.63
C ARG P 43 -75.90 -22.53 11.70
N PRO P 44 -75.06 -23.41 12.21
CA PRO P 44 -74.24 -22.98 13.36
C PRO P 44 -73.30 -21.83 13.08
N VAL P 45 -72.92 -21.06 14.09
CA VAL P 45 -71.89 -20.05 13.90
C VAL P 45 -70.56 -20.76 13.72
N ALA P 46 -69.87 -20.46 12.63
CA ALA P 46 -68.56 -21.06 12.37
C ALA P 46 -67.45 -20.26 13.08
N VAL P 47 -66.84 -20.84 14.11
CA VAL P 47 -65.80 -20.15 14.86
C VAL P 47 -64.42 -20.74 14.57
N SER P 48 -63.50 -19.89 14.08
CA SER P 48 -62.09 -20.26 13.89
C SER P 48 -61.29 -20.01 15.15
N VAL P 49 -60.54 -21.02 15.57
CA VAL P 49 -59.65 -20.85 16.70
C VAL P 49 -58.24 -21.18 16.29
N SER P 50 -57.31 -20.30 16.63
CA SER P 50 -55.91 -20.46 16.26
C SER P 50 -55.02 -19.91 17.37
N LEU P 51 -54.33 -20.79 18.08
CA LEU P 51 -53.41 -20.35 19.14
C LEU P 51 -52.05 -19.98 18.55
N LYS P 52 -51.58 -18.76 18.86
CA LYS P 52 -50.26 -18.30 18.43
C LYS P 52 -49.45 -18.22 19.70
N PHE P 53 -48.52 -19.17 19.86
CA PHE P 53 -47.81 -19.25 21.12
C PHE P 53 -46.77 -18.17 21.22
N ILE P 54 -46.70 -17.52 22.37
CA ILE P 54 -45.80 -16.39 22.59
C ILE P 54 -44.68 -16.81 23.56
N ASN P 55 -45.07 -17.55 24.61
CA ASN P 55 -44.12 -17.94 25.60
C ASN P 55 -44.56 -19.16 26.41
N ILE P 56 -43.55 -19.90 26.91
CA ILE P 56 -43.77 -20.97 27.85
C ILE P 56 -42.94 -20.65 29.08
N LEU P 57 -43.61 -20.57 30.22
CA LEU P 57 -43.03 -19.87 31.35
C LEU P 57 -42.64 -20.76 32.51
N GLU P 58 -43.45 -21.75 32.79
CA GLU P 58 -43.18 -22.48 34.03
C GLU P 58 -43.65 -23.92 33.93
N VAL P 59 -42.72 -24.78 33.52
CA VAL P 59 -43.02 -26.19 33.30
C VAL P 59 -42.78 -26.92 34.60
N ASN P 60 -43.64 -27.89 34.90
CA ASN P 60 -43.41 -28.78 36.05
C ASN P 60 -43.69 -30.22 35.63
N GLU P 61 -42.63 -30.99 35.45
CA GLU P 61 -42.75 -32.36 34.93
C GLU P 61 -43.37 -33.31 35.97
N ILE P 62 -43.18 -32.96 37.24
CA ILE P 62 -43.78 -33.73 38.32
C ILE P 62 -45.29 -33.57 38.34
N THR P 63 -45.75 -32.33 38.48
CA THR P 63 -47.19 -32.06 38.60
C THR P 63 -47.93 -32.07 37.26
N ASN P 64 -47.19 -32.12 36.15
CA ASN P 64 -47.80 -32.11 34.81
C ASN P 64 -48.61 -30.82 34.53
N GLU P 65 -47.98 -29.68 34.82
CA GLU P 65 -48.62 -28.39 34.66
C GLU P 65 -47.69 -27.46 33.91
N VAL P 66 -48.27 -26.67 33.00
CA VAL P 66 -47.49 -25.69 32.25
C VAL P 66 -48.15 -24.32 32.31
N ASP P 67 -47.34 -23.28 32.20
CA ASP P 67 -47.83 -21.92 32.20
C ASP P 67 -47.50 -21.37 30.81
N VAL P 68 -48.53 -21.04 30.04
CA VAL P 68 -48.37 -20.63 28.65
C VAL P 68 -48.91 -19.21 28.39
N VAL P 69 -48.24 -18.49 27.50
CA VAL P 69 -48.75 -17.24 26.99
C VAL P 69 -49.00 -17.39 25.49
N PHE P 70 -50.19 -17.05 25.06
CA PHE P 70 -50.56 -17.28 23.68
C PHE P 70 -51.67 -16.29 23.23
N TRP P 71 -51.66 -15.98 21.93
CA TRP P 71 -52.75 -15.22 21.34
C TRP P 71 -53.83 -16.21 20.97
N GLN P 72 -55.04 -16.00 21.49
CA GLN P 72 -56.18 -16.83 21.15
C GLN P 72 -57.00 -16.17 20.04
N GLN P 73 -56.50 -16.30 18.82
CA GLN P 73 -57.13 -15.67 17.67
C GLN P 73 -58.46 -16.35 17.35
N THR P 74 -59.54 -15.63 17.58
CA THR P 74 -60.88 -16.17 17.41
C THR P 74 -61.61 -15.37 16.33
N THR P 75 -62.22 -16.07 15.39
CA THR P 75 -62.86 -15.42 14.26
C THR P 75 -64.25 -16.02 13.94
N TRP P 76 -65.24 -15.17 13.79
CA TRP P 76 -66.56 -15.64 13.45
C TRP P 76 -67.30 -14.57 12.69
N SER P 77 -68.55 -14.88 12.36
CA SER P 77 -69.35 -13.98 11.54
C SER P 77 -70.62 -13.57 12.26
N ASP P 78 -70.92 -12.27 12.25
CA ASP P 78 -72.16 -11.75 12.79
C ASP P 78 -72.74 -10.73 11.80
N ARG P 79 -73.67 -11.15 10.94
CA ARG P 79 -74.23 -10.29 9.88
C ARG P 79 -74.98 -9.08 10.40
N THR P 80 -75.56 -9.20 11.60
CA THR P 80 -76.29 -8.09 12.22
C THR P 80 -75.41 -6.87 12.51
N LEU P 81 -74.09 -7.02 12.31
CA LEU P 81 -73.16 -5.92 12.54
C LEU P 81 -72.71 -5.31 11.22
N ALA P 82 -73.10 -5.94 10.12
CA ALA P 82 -72.62 -5.50 8.81
C ALA P 82 -73.11 -4.08 8.46
N TRP P 83 -72.38 -3.40 7.58
CA TRP P 83 -72.80 -2.10 7.12
C TRP P 83 -72.31 -1.86 5.72
N ASN P 84 -72.93 -0.89 5.05
CA ASN P 84 -72.58 -0.47 3.70
C ASN P 84 -71.27 0.34 3.71
N SER P 85 -70.19 -0.27 3.24
CA SER P 85 -68.87 0.34 3.37
C SER P 85 -68.47 1.17 2.17
N SER P 86 -69.45 1.62 1.39
CA SER P 86 -69.17 2.38 0.18
C SER P 86 -68.30 3.62 0.44
N HIS P 87 -68.73 4.47 1.36
CA HIS P 87 -67.94 5.65 1.70
C HIS P 87 -67.67 5.65 3.21
N SER P 88 -67.36 4.46 3.72
CA SER P 88 -67.24 4.22 5.15
C SER P 88 -65.97 3.44 5.41
N PRO P 89 -65.53 3.38 6.68
CA PRO P 89 -64.42 2.50 7.07
C PRO P 89 -64.74 1.03 6.81
N ASP P 90 -63.71 0.20 6.56
CA ASP P 90 -63.93 -1.22 6.30
C ASP P 90 -63.96 -1.99 7.59
N GLN P 91 -63.42 -1.35 8.63
CA GLN P 91 -63.17 -2.01 9.90
C GLN P 91 -63.23 -1.06 11.09
N VAL P 92 -63.77 -1.53 12.22
CA VAL P 92 -63.69 -0.77 13.48
C VAL P 92 -63.22 -1.66 14.62
N SER P 93 -62.79 -1.01 15.70
CA SER P 93 -62.46 -1.74 16.91
C SER P 93 -63.56 -1.53 17.94
N VAL P 94 -64.05 -2.63 18.50
CA VAL P 94 -65.23 -2.56 19.35
C VAL P 94 -64.92 -3.30 20.62
N PRO P 95 -65.26 -2.69 21.76
CA PRO P 95 -65.19 -3.40 23.05
C PRO P 95 -66.01 -4.70 23.02
N ILE P 96 -65.44 -5.82 23.47
CA ILE P 96 -66.16 -7.08 23.39
C ILE P 96 -67.42 -7.09 24.25
N SER P 97 -67.48 -6.18 25.21
CA SER P 97 -68.70 -6.09 26.02
C SER P 97 -69.92 -5.59 25.20
N SER P 98 -69.64 -5.01 24.03
CA SER P 98 -70.68 -4.57 23.12
C SER P 98 -70.94 -5.57 22.00
N LEU P 99 -70.36 -6.75 22.07
CA LEU P 99 -70.51 -7.75 21.02
C LEU P 99 -70.85 -9.08 21.61
N TRP P 100 -71.53 -9.92 20.84
CA TRP P 100 -71.61 -11.31 21.21
C TRP P 100 -70.26 -11.93 20.93
N VAL P 101 -69.81 -12.77 21.88
CA VAL P 101 -68.54 -13.46 21.78
C VAL P 101 -68.75 -14.92 22.09
N PRO P 102 -68.07 -15.81 21.32
CA PRO P 102 -68.19 -17.26 21.57
C PRO P 102 -67.69 -17.61 22.97
N ASP P 103 -68.45 -18.45 23.69
CA ASP P 103 -68.11 -18.85 25.07
C ASP P 103 -67.02 -19.95 25.12
N LEU P 104 -65.91 -19.71 24.43
CA LEU P 104 -64.83 -20.68 24.41
C LEU P 104 -64.20 -20.91 25.79
N ALA P 105 -63.84 -22.15 26.07
CA ALA P 105 -63.10 -22.42 27.31
C ALA P 105 -62.06 -23.50 27.05
N ALA P 106 -60.92 -23.42 27.75
CA ALA P 106 -59.91 -24.49 27.72
C ALA P 106 -60.27 -25.50 28.78
N TYR P 107 -60.62 -26.70 28.33
CA TYR P 107 -61.12 -27.75 29.23
C TYR P 107 -60.12 -28.17 30.28
N ASN P 108 -58.84 -28.10 29.94
CA ASN P 108 -57.76 -28.56 30.83
C ASN P 108 -57.00 -27.39 31.45
N ALA P 109 -57.62 -26.22 31.42
CA ALA P 109 -57.05 -25.07 32.09
C ALA P 109 -57.31 -25.22 33.57
N ILE P 110 -56.34 -24.82 34.39
CA ILE P 110 -56.45 -24.95 35.84
C ILE P 110 -56.29 -23.60 36.53
N SER P 111 -56.21 -22.56 35.72
CA SER P 111 -56.33 -21.19 36.23
C SER P 111 -57.30 -20.46 35.31
N LYS P 112 -57.93 -19.41 35.79
CA LYS P 112 -58.80 -18.64 34.88
C LYS P 112 -57.94 -17.81 33.96
N PRO P 113 -58.36 -17.67 32.69
CA PRO P 113 -57.49 -16.97 31.71
C PRO P 113 -57.19 -15.54 32.14
N GLU P 114 -55.91 -15.18 32.19
CA GLU P 114 -55.50 -13.81 32.45
C GLU P 114 -55.36 -13.13 31.10
N VAL P 115 -56.27 -12.22 30.80
CA VAL P 115 -56.20 -11.47 29.54
C VAL P 115 -55.25 -10.30 29.67
N LEU P 116 -54.19 -10.31 28.87
CA LEU P 116 -53.09 -9.34 29.04
C LEU P 116 -53.27 -8.08 28.22
N THR P 117 -54.19 -8.14 27.26
CA THR P 117 -54.34 -7.09 26.27
C THR P 117 -55.70 -6.38 26.36
N PRO P 118 -55.81 -5.17 25.76
CA PRO P 118 -57.09 -4.47 25.70
C PRO P 118 -58.17 -5.34 25.05
N GLN P 119 -59.34 -5.43 25.68
CA GLN P 119 -60.38 -6.34 25.19
C GLN P 119 -61.24 -5.71 24.09
N LEU P 120 -60.62 -5.59 22.92
CA LEU P 120 -61.23 -5.02 21.73
C LEU P 120 -61.21 -6.02 20.59
N ALA P 121 -62.27 -6.02 19.78
CA ALA P 121 -62.35 -6.91 18.63
C ALA P 121 -62.46 -6.09 17.35
N HIS P 122 -62.11 -6.70 16.23
CA HIS P 122 -62.32 -6.08 14.94
C HIS P 122 -63.67 -6.48 14.43
N VAL P 123 -64.40 -5.51 13.94
CA VAL P 123 -65.58 -5.82 13.16
C VAL P 123 -65.34 -5.27 11.79
N VAL P 124 -65.37 -6.16 10.80
CA VAL P 124 -65.28 -5.76 9.40
C VAL P 124 -66.70 -5.49 8.82
N SER P 125 -66.80 -4.61 7.82
CA SER P 125 -68.10 -4.17 7.27
C SER P 125 -69.01 -5.31 6.83
N ASP P 126 -68.43 -6.43 6.40
CA ASP P 126 -69.21 -7.60 6.04
C ASP P 126 -69.79 -8.37 7.24
N GLY P 127 -69.38 -8.03 8.45
CA GLY P 127 -69.88 -8.71 9.64
C GLY P 127 -68.90 -9.74 10.21
N GLU P 128 -67.71 -9.79 9.64
CA GLU P 128 -66.63 -10.65 10.12
C GLU P 128 -66.06 -10.07 11.42
N VAL P 129 -66.06 -10.85 12.49
CA VAL P 129 -65.50 -10.40 13.75
C VAL P 129 -64.26 -11.21 14.11
N GLN P 130 -63.21 -10.49 14.49
CA GLN P 130 -62.01 -11.14 14.99
C GLN P 130 -61.62 -10.59 16.36
N TYR P 131 -61.35 -11.50 17.30
CA TYR P 131 -60.91 -11.15 18.65
C TYR P 131 -59.66 -11.96 18.99
N THR P 132 -58.58 -11.29 19.34
CA THR P 132 -57.32 -11.95 19.53
C THR P 132 -56.64 -11.49 20.80
N PRO P 133 -57.19 -11.87 21.95
CA PRO P 133 -56.53 -11.49 23.20
C PRO P 133 -55.22 -12.27 23.41
N SER P 134 -54.27 -11.64 24.09
CA SER P 134 -53.09 -12.38 24.55
C SER P 134 -53.42 -12.90 25.94
N ILE P 135 -53.35 -14.21 26.09
CA ILE P 135 -53.71 -14.86 27.34
C ILE P 135 -52.55 -15.58 28.03
N ARG P 136 -52.43 -15.37 29.34
CA ARG P 136 -51.57 -16.20 30.15
C ARG P 136 -52.44 -17.15 30.95
N GLN P 137 -52.16 -18.46 30.85
CA GLN P 137 -52.99 -19.47 31.51
C GLN P 137 -52.17 -20.72 31.89
N ARG P 138 -52.52 -21.32 33.03
CA ARG P 138 -51.87 -22.54 33.45
C ARG P 138 -52.70 -23.79 33.04
N PHE P 139 -52.07 -24.77 32.36
CA PHE P 139 -52.75 -25.99 31.91
C PHE P 139 -52.29 -27.28 32.57
N SER P 140 -53.21 -28.24 32.67
CA SER P 140 -52.89 -29.60 33.07
C SER P 140 -52.72 -30.45 31.82
N CYS P 141 -51.49 -30.89 31.56
CA CYS P 141 -51.20 -31.70 30.37
C CYS P 141 -49.94 -32.52 30.53
N ASP P 142 -49.65 -33.32 29.50
CA ASP P 142 -48.52 -34.23 29.51
C ASP P 142 -47.21 -33.51 29.27
N VAL P 143 -46.40 -33.37 30.31
CA VAL P 143 -45.16 -32.62 30.25
C VAL P 143 -43.96 -33.59 30.19
N SER P 144 -44.27 -34.88 30.19
CA SER P 144 -43.23 -35.89 30.14
C SER P 144 -42.40 -35.78 28.85
N GLY P 145 -41.08 -35.76 29.02
CA GLY P 145 -40.18 -35.74 27.88
C GLY P 145 -39.75 -34.33 27.50
N VAL P 146 -40.15 -33.36 28.31
CA VAL P 146 -39.86 -31.96 28.04
C VAL P 146 -38.36 -31.70 27.96
N ASP P 147 -37.59 -32.52 28.66
CA ASP P 147 -36.14 -32.33 28.71
C ASP P 147 -35.39 -33.24 27.72
N THR P 148 -36.13 -33.94 26.89
CA THR P 148 -35.54 -34.83 25.89
C THR P 148 -35.48 -34.15 24.54
N GLU P 149 -34.97 -34.85 23.54
CA GLU P 149 -34.81 -34.20 22.23
C GLU P 149 -36.12 -34.20 21.44
N SER P 150 -36.97 -35.19 21.68
CA SER P 150 -38.25 -35.28 20.98
C SER P 150 -39.29 -34.37 21.65
N GLY P 151 -39.01 -34.00 22.89
CA GLY P 151 -39.80 -33.02 23.63
C GLY P 151 -41.09 -33.56 24.23
N ALA P 152 -41.79 -32.69 24.95
CA ALA P 152 -43.10 -33.02 25.49
C ALA P 152 -44.17 -32.61 24.48
N THR P 153 -45.34 -33.23 24.55
CA THR P 153 -46.47 -32.81 23.72
C THR P 153 -47.68 -32.48 24.59
N CYS P 154 -47.88 -31.18 24.79
CA CYS P 154 -48.97 -30.69 25.61
C CYS P 154 -50.24 -30.45 24.75
N ARG P 155 -51.34 -31.10 25.12
CA ARG P 155 -52.57 -31.06 24.33
C ARG P 155 -53.60 -30.12 24.98
N ILE P 156 -53.95 -29.04 24.30
CA ILE P 156 -54.89 -28.05 24.84
C ILE P 156 -56.25 -28.14 24.14
N LYS P 157 -57.29 -28.37 24.94
CA LYS P 157 -58.64 -28.60 24.42
C LYS P 157 -59.56 -27.38 24.59
N ILE P 158 -59.93 -26.75 23.48
CA ILE P 158 -60.72 -25.51 23.50
C ILE P 158 -62.01 -25.67 22.69
N GLY P 159 -63.15 -25.36 23.32
CA GLY P 159 -64.43 -25.46 22.65
C GLY P 159 -65.45 -24.62 23.36
N SER P 160 -66.64 -24.51 22.78
CA SER P 160 -67.74 -23.77 23.41
C SER P 160 -68.16 -24.51 24.68
N TRP P 161 -68.28 -23.76 25.77
CA TRP P 161 -68.75 -24.37 27.01
C TRP P 161 -70.24 -24.75 26.97
N THR P 162 -71.09 -23.90 26.41
CA THR P 162 -72.54 -24.16 26.51
C THR P 162 -73.27 -24.29 25.17
N HIS P 163 -72.59 -24.05 24.06
CA HIS P 163 -73.24 -24.19 22.77
C HIS P 163 -72.80 -25.46 22.06
N HIS P 164 -73.78 -26.27 21.64
CA HIS P 164 -73.49 -27.53 20.97
C HIS P 164 -73.24 -27.35 19.47
N SER P 165 -72.98 -28.46 18.79
CA SER P 165 -72.50 -28.44 17.41
C SER P 165 -73.39 -27.73 16.41
N ARG P 166 -74.70 -27.68 16.68
CA ARG P 166 -75.67 -27.02 15.77
C ARG P 166 -75.79 -25.51 16.05
N GLU P 167 -75.22 -25.05 17.16
CA GLU P 167 -75.15 -23.64 17.50
C GLU P 167 -73.76 -23.07 17.27
N ILE P 168 -72.73 -23.76 17.74
CA ILE P 168 -71.34 -23.36 17.47
C ILE P 168 -70.50 -24.52 16.94
N SER P 169 -69.84 -24.30 15.82
CA SER P 169 -68.83 -25.25 15.34
C SER P 169 -67.45 -24.59 15.38
N VAL P 170 -66.46 -25.31 15.91
CA VAL P 170 -65.10 -24.80 15.97
C VAL P 170 -64.20 -25.47 14.93
N ASP P 171 -63.33 -24.68 14.30
CA ASP P 171 -62.43 -25.18 13.28
C ASP P 171 -61.03 -24.56 13.41
N PRO P 172 -60.00 -25.33 13.11
CA PRO P 172 -58.64 -24.79 13.07
C PRO P 172 -58.46 -23.83 11.88
N THR P 173 -57.37 -23.08 11.85
CA THR P 173 -57.11 -22.12 10.76
C THR P 173 -56.13 -22.70 9.74
N ASP P 178 -45.60 -19.63 11.40
CA ASP P 178 -46.54 -20.67 11.73
C ASP P 178 -46.49 -20.97 13.21
N ASP P 179 -45.70 -21.99 13.59
CA ASP P 179 -45.54 -22.40 14.97
C ASP P 179 -44.84 -21.44 15.88
N SER P 180 -43.76 -20.90 15.40
CA SER P 180 -42.89 -20.12 16.24
C SER P 180 -42.86 -18.72 15.79
N GLU P 181 -43.85 -18.29 15.05
CA GLU P 181 -43.72 -17.06 14.33
C GLU P 181 -43.48 -15.97 15.32
N TYR P 182 -44.19 -16.02 16.42
CA TYR P 182 -44.08 -14.99 17.41
C TYR P 182 -43.62 -15.47 18.74
N PHE P 183 -43.15 -16.69 18.81
CA PHE P 183 -42.65 -17.27 20.05
C PHE P 183 -41.38 -16.55 20.50
N SER P 184 -41.31 -16.27 21.80
CA SER P 184 -40.19 -15.55 22.40
C SER P 184 -38.87 -16.33 22.31
N GLN P 185 -37.84 -15.69 21.77
CA GLN P 185 -36.53 -16.31 21.70
C GLN P 185 -35.91 -16.35 23.08
N TYR P 186 -36.51 -15.65 24.05
CA TYR P 186 -35.96 -15.60 25.39
C TYR P 186 -36.61 -16.59 26.35
N SER P 187 -37.55 -17.38 25.85
CA SER P 187 -38.05 -18.50 26.62
C SER P 187 -36.96 -19.53 26.87
N ARG P 188 -37.13 -20.25 27.98
CA ARG P 188 -36.33 -21.44 28.26
C ARG P 188 -36.77 -22.60 27.35
N PHE P 189 -37.81 -22.41 26.55
CA PHE P 189 -38.29 -23.52 25.73
C PHE P 189 -38.31 -23.11 24.31
N GLU P 190 -38.32 -24.13 23.45
CA GLU P 190 -38.45 -23.90 22.03
C GLU P 190 -39.61 -24.76 21.59
N ILE P 191 -40.21 -24.40 20.45
CA ILE P 191 -41.34 -25.14 19.91
C ILE P 191 -40.89 -25.98 18.71
N LEU P 192 -41.19 -27.27 18.78
CA LEU P 192 -40.80 -28.16 17.69
C LEU P 192 -41.91 -28.22 16.66
N ASP P 193 -43.14 -28.41 17.13
CA ASP P 193 -44.28 -28.52 16.24
C ASP P 193 -45.61 -28.15 16.91
N VAL P 194 -46.52 -27.60 16.13
CA VAL P 194 -47.89 -27.38 16.59
C VAL P 194 -48.85 -28.01 15.61
N THR P 195 -49.66 -28.96 16.10
CA THR P 195 -50.71 -29.56 15.29
C THR P 195 -52.09 -29.31 15.92
N GLN P 196 -53.10 -29.19 15.06
CA GLN P 196 -54.45 -28.92 15.53
C GLN P 196 -55.38 -30.05 15.07
N LYS P 197 -56.40 -30.32 15.89
CA LYS P 197 -57.30 -31.45 15.67
C LYS P 197 -58.71 -31.08 16.11
N LYS P 198 -59.69 -31.33 15.25
CA LYS P 198 -61.08 -31.02 15.61
C LYS P 198 -61.81 -32.25 16.11
N ASN P 199 -62.52 -32.10 17.21
CA ASN P 199 -63.31 -33.21 17.76
C ASN P 199 -64.77 -32.83 17.99
N SER P 200 -65.58 -33.84 18.23
CA SER P 200 -66.99 -33.64 18.53
C SER P 200 -67.34 -34.64 19.60
N VAL P 201 -67.66 -34.14 20.79
CA VAL P 201 -67.82 -34.99 21.97
C VAL P 201 -69.22 -34.88 22.54
N THR P 202 -69.78 -36.01 22.98
CA THR P 202 -71.02 -36.01 23.72
C THR P 202 -70.73 -36.17 25.22
N TYR P 203 -71.37 -35.33 26.02
CA TYR P 203 -71.16 -35.36 27.46
C TYR P 203 -72.40 -35.94 28.15
N SER P 204 -72.22 -36.41 29.39
CA SER P 204 -73.29 -37.08 30.13
C SER P 204 -74.50 -36.22 30.36
N CYS P 205 -74.26 -34.93 30.62
CA CYS P 205 -75.33 -34.00 30.95
C CYS P 205 -76.37 -33.84 29.82
N CYS P 206 -75.89 -33.86 28.58
CA CYS P 206 -76.66 -33.33 27.46
C CYS P 206 -76.66 -34.31 26.30
N PRO P 207 -77.73 -34.31 25.51
CA PRO P 207 -77.89 -35.26 24.40
C PRO P 207 -77.11 -34.83 23.16
N GLU P 208 -76.81 -33.54 23.01
CA GLU P 208 -76.13 -33.05 21.80
C GLU P 208 -74.61 -33.17 21.88
N ALA P 209 -73.98 -32.98 20.72
CA ALA P 209 -72.53 -33.04 20.65
C ALA P 209 -71.91 -31.64 20.70
N TYR P 210 -70.81 -31.52 21.44
CA TYR P 210 -70.10 -30.27 21.52
C TYR P 210 -68.76 -30.39 20.83
N GLU P 211 -68.47 -29.44 19.96
CA GLU P 211 -67.21 -29.44 19.24
C GLU P 211 -66.06 -28.84 20.07
N ASP P 212 -64.84 -29.27 19.81
CA ASP P 212 -63.68 -28.64 20.40
C ASP P 212 -62.54 -28.69 19.41
N VAL P 213 -61.51 -27.90 19.67
CA VAL P 213 -60.26 -28.04 18.94
C VAL P 213 -59.20 -28.49 19.95
N GLU P 214 -58.41 -29.47 19.56
CA GLU P 214 -57.25 -29.88 20.38
C GLU P 214 -55.98 -29.41 19.71
N VAL P 215 -55.33 -28.44 20.34
CA VAL P 215 -54.06 -27.95 19.87
C VAL P 215 -52.95 -28.74 20.56
N SER P 216 -52.15 -29.45 19.79
CA SER P 216 -51.01 -30.20 20.34
C SER P 216 -49.72 -29.39 20.24
N LEU P 217 -49.19 -28.97 21.39
CA LEU P 217 -47.98 -28.17 21.44
C LEU P 217 -46.81 -29.08 21.74
N ASN P 218 -45.97 -29.30 20.74
CA ASN P 218 -44.76 -30.08 20.93
C ASN P 218 -43.59 -29.15 21.20
N PHE P 219 -43.09 -29.20 22.43
CA PHE P 219 -41.98 -28.32 22.82
C PHE P 219 -40.95 -29.04 23.68
N ARG P 220 -39.79 -28.41 23.86
CA ARG P 220 -38.75 -28.98 24.70
C ARG P 220 -37.87 -27.92 25.33
N LYS P 221 -37.22 -28.33 26.41
CA LYS P 221 -36.23 -27.50 27.06
C LYS P 221 -35.11 -27.30 26.08
N LYS P 222 -34.65 -26.05 25.95
CA LYS P 222 -33.55 -25.65 25.08
C LYS P 222 -32.28 -26.12 25.75
N GLY P 223 -31.30 -26.54 24.95
CA GLY P 223 -30.10 -27.20 25.43
C GLY P 223 -29.16 -26.39 26.30
N ARG P 224 -27.97 -26.95 26.54
CA ARG P 224 -26.99 -26.29 27.37
C ARG P 224 -25.98 -25.54 26.48
N LEU Q 20 -91.43 -17.39 18.11
CA LEU Q 20 -90.35 -17.03 19.01
C LEU Q 20 -89.01 -17.52 18.48
N ASP Q 21 -88.03 -16.62 18.40
CA ASP Q 21 -86.65 -17.03 18.16
C ASP Q 21 -85.78 -16.73 19.40
N ARG Q 22 -84.50 -17.08 19.34
CA ARG Q 22 -83.62 -16.91 20.49
C ARG Q 22 -83.65 -15.47 20.99
N ALA Q 23 -83.52 -14.53 20.06
CA ALA Q 23 -83.49 -13.11 20.39
C ALA Q 23 -84.70 -12.73 21.26
N ASP Q 24 -85.90 -13.15 20.86
CA ASP Q 24 -87.10 -12.86 21.62
C ASP Q 24 -87.06 -13.48 23.03
N ILE Q 25 -86.69 -14.78 23.09
CA ILE Q 25 -86.70 -15.54 24.34
C ILE Q 25 -85.74 -14.90 25.35
N LEU Q 26 -84.58 -14.53 24.84
CA LEU Q 26 -83.58 -13.91 25.69
C LEU Q 26 -84.04 -12.53 26.13
N TYR Q 27 -84.68 -11.79 25.22
CA TYR Q 27 -85.25 -10.51 25.56
C TYR Q 27 -86.32 -10.64 26.67
N ASN Q 28 -87.25 -11.58 26.52
CA ASN Q 28 -88.21 -11.80 27.60
C ASN Q 28 -87.58 -12.16 28.92
N ILE Q 29 -86.60 -13.05 28.89
CA ILE Q 29 -85.93 -13.52 30.10
C ILE Q 29 -85.27 -12.39 30.80
N ARG Q 30 -84.58 -11.58 30.05
CA ARG Q 30 -83.91 -10.43 30.60
C ARG Q 30 -84.79 -9.37 31.21
N GLN Q 31 -85.88 -9.06 30.54
CA GLN Q 31 -86.89 -8.15 31.03
C GLN Q 31 -87.67 -8.64 32.21
N THR Q 32 -88.01 -9.91 32.25
CA THR Q 32 -88.98 -10.39 33.21
C THR Q 32 -88.49 -11.38 34.27
N SER Q 33 -87.31 -11.94 34.09
CA SER Q 33 -86.80 -12.80 35.15
C SER Q 33 -86.42 -11.91 36.32
N ARG Q 34 -86.53 -12.47 37.52
CA ARG Q 34 -86.27 -11.71 38.72
C ARG Q 34 -85.15 -12.42 39.47
N PRO Q 35 -83.91 -12.04 39.19
CA PRO Q 35 -82.72 -12.73 39.70
C PRO Q 35 -82.68 -12.73 41.23
N ASP Q 36 -83.34 -11.76 41.84
CA ASP Q 36 -83.41 -11.60 43.28
C ASP Q 36 -84.49 -12.49 43.90
N VAL Q 37 -85.30 -13.10 43.06
CA VAL Q 37 -86.50 -13.80 43.53
C VAL Q 37 -86.44 -15.30 43.34
N ILE Q 38 -86.40 -16.01 44.46
CA ILE Q 38 -86.37 -17.46 44.41
C ILE Q 38 -87.67 -17.99 43.82
N PRO Q 39 -87.57 -18.79 42.74
CA PRO Q 39 -88.73 -19.28 42.00
C PRO Q 39 -89.44 -20.39 42.76
N THR Q 40 -89.86 -20.10 43.99
CA THR Q 40 -90.54 -21.08 44.83
C THR Q 40 -92.00 -21.19 44.44
N GLN Q 41 -92.62 -22.32 44.79
CA GLN Q 41 -94.05 -22.56 44.60
C GLN Q 41 -94.67 -23.09 45.90
N PRO Q 45 -90.48 -25.99 48.28
CA PRO Q 45 -89.08 -25.63 48.06
C PRO Q 45 -88.63 -25.86 46.63
N VAL Q 46 -87.68 -25.05 46.18
CA VAL Q 46 -87.01 -25.29 44.90
C VAL Q 46 -86.07 -26.47 45.06
N ALA Q 47 -86.25 -27.46 44.20
CA ALA Q 47 -85.43 -28.64 44.24
C ALA Q 47 -84.13 -28.40 43.46
N VAL Q 48 -83.00 -28.34 44.16
CA VAL Q 48 -81.72 -28.13 43.51
C VAL Q 48 -80.87 -29.42 43.48
N SER Q 49 -80.52 -29.87 42.27
CA SER Q 49 -79.56 -30.95 42.07
C SER Q 49 -78.14 -30.44 42.11
N VAL Q 50 -77.28 -31.07 42.90
CA VAL Q 50 -75.88 -30.75 42.88
C VAL Q 50 -75.11 -32.02 42.56
N SER Q 51 -74.18 -31.91 41.62
CA SER Q 51 -73.32 -33.03 41.21
C SER Q 51 -71.92 -32.52 40.87
N LEU Q 52 -70.94 -32.86 41.70
CA LEU Q 52 -69.55 -32.47 41.43
C LEU Q 52 -68.89 -33.44 40.44
N LYS Q 53 -68.35 -32.93 39.34
CA LYS Q 53 -67.56 -33.72 38.40
C LYS Q 53 -66.10 -33.32 38.56
N PHE Q 54 -65.34 -34.17 39.23
CA PHE Q 54 -63.93 -33.81 39.48
C PHE Q 54 -63.03 -33.85 38.24
N ILE Q 55 -62.25 -32.80 38.07
CA ILE Q 55 -61.46 -32.63 36.88
C ILE Q 55 -59.97 -32.77 37.23
N ASN Q 56 -59.62 -32.23 38.39
CA ASN Q 56 -58.23 -32.30 38.84
C ASN Q 56 -58.04 -32.10 40.34
N ILE Q 57 -56.97 -32.67 40.86
CA ILE Q 57 -56.55 -32.41 42.23
C ILE Q 57 -55.13 -31.88 42.14
N LEU Q 58 -54.88 -30.70 42.71
CA LEU Q 58 -53.69 -29.94 42.32
C LEU Q 58 -52.70 -29.78 43.41
N GLU Q 59 -53.18 -29.48 44.60
CA GLU Q 59 -52.25 -29.20 45.68
C GLU Q 59 -52.70 -29.80 47.01
N VAL Q 60 -52.19 -30.99 47.31
CA VAL Q 60 -52.49 -31.67 48.55
C VAL Q 60 -51.42 -31.31 49.59
N ASN Q 61 -51.88 -31.04 50.82
CA ASN Q 61 -51.00 -30.84 51.96
C ASN Q 61 -51.49 -31.66 53.17
N GLU Q 62 -50.79 -32.77 53.44
CA GLU Q 62 -51.23 -33.70 54.48
C GLU Q 62 -51.01 -33.10 55.87
N ILE Q 63 -50.08 -32.16 55.96
CA ILE Q 63 -49.79 -31.50 57.24
C ILE Q 63 -50.93 -30.56 57.62
N THR Q 64 -51.22 -29.61 56.72
CA THR Q 64 -52.23 -28.59 56.97
C THR Q 64 -53.67 -29.07 56.72
N ASN Q 65 -53.82 -30.25 56.12
CA ASN Q 65 -55.14 -30.77 55.77
C ASN Q 65 -55.92 -29.85 54.82
N GLU Q 66 -55.28 -29.50 53.71
CA GLU Q 66 -55.88 -28.63 52.71
C GLU Q 66 -55.63 -29.23 51.32
N VAL Q 67 -56.66 -29.17 50.48
CA VAL Q 67 -56.54 -29.62 49.09
C VAL Q 67 -57.04 -28.55 48.12
N ASP Q 68 -56.50 -28.60 46.91
CA ASP Q 68 -56.83 -27.66 45.86
C ASP Q 68 -57.48 -28.49 44.75
N VAL Q 69 -58.76 -28.26 44.50
CA VAL Q 69 -59.52 -29.11 43.61
C VAL Q 69 -60.13 -28.32 42.45
N VAL Q 70 -60.15 -28.95 41.27
CA VAL Q 70 -60.84 -28.40 40.12
C VAL Q 70 -62.00 -29.30 39.78
N PHE Q 71 -63.21 -28.75 39.75
CA PHE Q 71 -64.39 -29.59 39.53
C PHE Q 71 -65.51 -28.79 38.83
N TRP Q 72 -66.36 -29.51 38.09
CA TRP Q 72 -67.56 -28.92 37.54
C TRP Q 72 -68.65 -28.98 38.59
N GLN Q 73 -69.22 -27.84 38.95
CA GLN Q 73 -70.32 -27.83 39.90
C GLN Q 73 -71.63 -27.82 39.16
N GLN Q 74 -72.07 -28.99 38.70
CA GLN Q 74 -73.30 -29.08 37.92
C GLN Q 74 -74.51 -28.87 38.79
N THR Q 75 -75.18 -27.75 38.58
CA THR Q 75 -76.33 -27.36 39.39
C THR Q 75 -77.60 -27.26 38.54
N THR Q 76 -78.67 -27.87 39.00
CA THR Q 76 -79.88 -28.00 38.21
C THR Q 76 -81.15 -27.71 39.02
N TRP Q 77 -81.98 -26.82 38.50
CA TRP Q 77 -83.21 -26.52 39.19
C TRP Q 77 -84.28 -26.07 38.20
N SER Q 78 -85.43 -25.74 38.74
CA SER Q 78 -86.57 -25.41 37.89
C SER Q 78 -87.11 -24.00 38.20
N ASP Q 79 -87.33 -23.22 37.15
CA ASP Q 79 -87.93 -21.89 37.28
C ASP Q 79 -88.99 -21.71 36.19
N ARG Q 80 -90.25 -21.98 36.55
CA ARG Q 80 -91.35 -21.98 35.58
C ARG Q 80 -91.59 -20.62 34.94
N THR Q 81 -91.27 -19.55 35.67
CA THR Q 81 -91.40 -18.20 35.15
C THR Q 81 -90.55 -17.93 33.92
N LEU Q 82 -89.65 -18.86 33.59
CA LEU Q 82 -88.78 -18.74 32.41
C LEU Q 82 -89.30 -19.55 31.22
N ALA Q 83 -90.28 -20.41 31.49
CA ALA Q 83 -90.81 -21.32 30.47
C ALA Q 83 -91.43 -20.59 29.28
N TRP Q 84 -91.37 -21.24 28.12
CA TRP Q 84 -92.01 -20.69 26.93
C TRP Q 84 -92.58 -21.81 26.04
N ASN Q 85 -93.51 -21.43 25.17
CA ASN Q 85 -94.07 -22.34 24.18
C ASN Q 85 -93.05 -22.70 23.07
N SER Q 86 -92.53 -23.92 23.10
CA SER Q 86 -91.42 -24.30 22.22
C SER Q 86 -91.88 -24.94 20.90
N SER Q 87 -93.14 -24.70 20.53
CA SER Q 87 -93.73 -25.32 19.33
C SER Q 87 -92.90 -25.06 18.07
N HIS Q 88 -92.62 -23.78 17.81
CA HIS Q 88 -91.81 -23.40 16.67
C HIS Q 88 -90.66 -22.53 17.15
N SER Q 89 -90.08 -22.92 18.28
CA SER Q 89 -89.03 -22.16 18.94
C SER Q 89 -87.89 -23.10 19.30
N PRO Q 90 -86.74 -22.54 19.70
CA PRO Q 90 -85.65 -23.34 20.29
C PRO Q 90 -86.10 -24.03 21.59
N ASP Q 91 -85.49 -25.18 21.90
CA ASP Q 91 -85.82 -25.90 23.13
C ASP Q 91 -84.99 -25.35 24.30
N GLN Q 92 -83.94 -24.62 23.96
CA GLN Q 92 -82.91 -24.30 24.94
C GLN Q 92 -82.20 -23.03 24.53
N VAL Q 93 -81.81 -22.24 25.52
CA VAL Q 93 -80.95 -21.07 25.29
C VAL Q 93 -79.89 -21.00 26.35
N SER Q 94 -78.83 -20.24 26.05
CA SER Q 94 -77.79 -19.95 27.04
C SER Q 94 -77.98 -18.53 27.55
N VAL Q 95 -77.96 -18.37 28.87
CA VAL Q 95 -78.32 -17.10 29.46
C VAL Q 95 -77.24 -16.79 30.47
N PRO Q 96 -76.80 -15.52 30.49
CA PRO Q 96 -75.91 -15.04 31.56
C PRO Q 96 -76.57 -15.20 32.94
N ILE Q 97 -75.86 -15.78 33.90
CA ILE Q 97 -76.44 -16.04 35.22
C ILE Q 97 -76.85 -14.76 35.91
N SER Q 98 -76.27 -13.64 35.50
CA SER Q 98 -76.65 -12.36 36.10
C SER Q 98 -78.10 -12.00 35.78
N SER Q 99 -78.64 -12.65 34.75
CA SER Q 99 -80.03 -12.46 34.33
C SER Q 99 -80.99 -13.53 34.86
N LEU Q 100 -80.49 -14.39 35.75
CA LEU Q 100 -81.32 -15.46 36.28
C LEU Q 100 -81.21 -15.52 37.77
N TRP Q 101 -82.23 -16.05 38.43
CA TRP Q 101 -82.07 -16.41 39.82
C TRP Q 101 -81.18 -17.67 39.90
N VAL Q 102 -80.25 -17.67 40.83
CA VAL Q 102 -79.33 -18.77 40.98
C VAL Q 102 -79.30 -19.15 42.45
N PRO Q 103 -79.34 -20.47 42.74
CA PRO Q 103 -79.23 -20.90 44.15
C PRO Q 103 -77.93 -20.41 44.83
N ASP Q 104 -78.04 -19.95 46.08
CA ASP Q 104 -76.89 -19.41 46.81
C ASP Q 104 -76.05 -20.53 47.46
N LEU Q 105 -75.59 -21.47 46.65
CA LEU Q 105 -74.81 -22.57 47.16
C LEU Q 105 -73.44 -22.09 47.67
N ALA Q 106 -72.95 -22.73 48.72
CA ALA Q 106 -71.61 -22.46 49.24
C ALA Q 106 -70.99 -23.75 49.76
N ALA Q 107 -69.67 -23.87 49.59
CA ALA Q 107 -68.93 -24.97 50.19
C ALA Q 107 -68.52 -24.57 51.61
N TYR Q 108 -69.10 -25.23 52.60
CA TYR Q 108 -68.87 -24.88 54.00
C TYR Q 108 -67.43 -24.95 54.45
N ASN Q 109 -66.67 -25.86 53.85
CA ASN Q 109 -65.29 -26.08 54.28
C ASN Q 109 -64.30 -25.56 53.25
N ALA Q 110 -64.81 -24.71 52.35
CA ALA Q 110 -63.93 -23.99 51.42
C ALA Q 110 -63.16 -22.90 52.20
N ILE Q 111 -61.91 -22.67 51.82
CA ILE Q 111 -61.06 -21.73 52.53
C ILE Q 111 -60.51 -20.71 51.53
N SER Q 112 -60.92 -20.83 50.29
CA SER Q 112 -60.71 -19.77 49.34
C SER Q 112 -62.07 -19.52 48.65
N LYS Q 113 -62.29 -18.31 48.14
CA LYS Q 113 -63.53 -18.12 47.39
C LYS Q 113 -63.41 -18.86 46.07
N PRO Q 114 -64.54 -19.30 45.52
CA PRO Q 114 -64.50 -20.10 44.29
C PRO Q 114 -63.97 -19.29 43.12
N GLU Q 115 -62.94 -19.80 42.45
CA GLU Q 115 -62.46 -19.22 41.20
C GLU Q 115 -63.24 -19.90 40.06
N VAL Q 116 -64.10 -19.14 39.40
CA VAL Q 116 -64.87 -19.66 38.28
C VAL Q 116 -64.05 -19.55 37.01
N LEU Q 117 -63.77 -20.68 36.38
CA LEU Q 117 -62.83 -20.75 35.28
C LEU Q 117 -63.50 -20.58 33.94
N THR Q 118 -64.82 -20.77 33.92
CA THR Q 118 -65.57 -20.83 32.67
C THR Q 118 -66.54 -19.65 32.51
N PRO Q 119 -67.00 -19.41 31.26
CA PRO Q 119 -68.02 -18.38 31.00
C PRO Q 119 -69.26 -18.60 31.85
N GLN Q 120 -69.72 -17.56 32.53
CA GLN Q 120 -70.84 -17.73 33.46
C GLN Q 120 -72.22 -17.70 32.77
N LEU Q 121 -72.48 -18.76 32.02
CA LEU Q 121 -73.72 -18.93 31.30
C LEU Q 121 -74.47 -20.16 31.80
N ALA Q 122 -75.79 -20.11 31.80
CA ALA Q 122 -76.59 -21.27 32.16
C ALA Q 122 -77.46 -21.73 30.99
N HIS Q 123 -77.96 -22.95 31.10
CA HIS Q 123 -78.94 -23.48 30.16
CA HIS Q 123 -78.94 -23.46 30.15
C HIS Q 123 -80.35 -23.24 30.66
N VAL Q 124 -81.18 -22.62 29.83
CA VAL Q 124 -82.60 -22.57 30.17
C VAL Q 124 -83.35 -23.36 29.13
N VAL Q 125 -84.07 -24.38 29.57
CA VAL Q 125 -84.87 -25.21 28.67
C VAL Q 125 -86.29 -24.66 28.63
N SER Q 126 -87.01 -24.86 27.53
CA SER Q 126 -88.35 -24.28 27.36
C SER Q 126 -89.35 -24.62 28.48
N ASP Q 127 -89.17 -25.78 29.13
CA ASP Q 127 -89.98 -26.14 30.29
C ASP Q 127 -89.64 -25.40 31.58
N GLY Q 128 -88.54 -24.64 31.58
CA GLY Q 128 -88.16 -23.87 32.75
C GLY Q 128 -87.05 -24.52 33.54
N GLU Q 129 -86.54 -25.62 33.02
CA GLU Q 129 -85.41 -26.31 33.64
C GLU Q 129 -84.17 -25.45 33.44
N VAL Q 130 -83.47 -25.14 34.53
CA VAL Q 130 -82.21 -24.42 34.45
C VAL Q 130 -81.03 -25.30 34.89
N GLN Q 131 -79.98 -25.28 34.08
CA GLN Q 131 -78.73 -25.93 34.47
C GLN Q 131 -77.56 -24.97 34.40
N TYR Q 132 -76.76 -24.92 35.46
CA TYR Q 132 -75.53 -24.13 35.47
C TYR Q 132 -74.35 -25.01 35.93
N THR Q 133 -73.32 -25.09 35.11
CA THR Q 133 -72.21 -26.01 35.39
C THR Q 133 -70.85 -25.31 35.25
N PRO Q 134 -70.54 -24.43 36.20
CA PRO Q 134 -69.25 -23.75 36.09
C PRO Q 134 -68.13 -24.71 36.46
N SER Q 135 -66.96 -24.54 35.85
CA SER Q 135 -65.78 -25.26 36.32
C SER Q 135 -65.13 -24.39 37.38
N ILE Q 136 -64.97 -24.94 38.58
CA ILE Q 136 -64.44 -24.22 39.72
C ILE Q 136 -63.10 -24.77 40.20
N ARG Q 137 -62.16 -23.87 40.47
CA ARG Q 137 -60.99 -24.20 41.26
C ARG Q 137 -61.15 -23.61 42.66
N GLN Q 138 -61.01 -24.46 43.68
CA GLN Q 138 -61.20 -24.04 45.05
C GLN Q 138 -60.37 -24.86 46.06
N ARG Q 139 -59.95 -24.17 47.13
CA ARG Q 139 -59.23 -24.76 48.26
CA ARG Q 139 -59.25 -24.81 48.23
C ARG Q 139 -60.21 -25.22 49.33
N PHE Q 140 -59.99 -26.42 49.85
CA PHE Q 140 -60.81 -26.96 50.93
C PHE Q 140 -60.00 -27.42 52.14
N SER Q 141 -60.61 -27.30 53.29
CA SER Q 141 -60.10 -27.87 54.51
C SER Q 141 -60.81 -29.20 54.70
N CYS Q 142 -60.06 -30.30 54.64
CA CYS Q 142 -60.64 -31.62 54.81
C CYS Q 142 -59.59 -32.63 55.23
N ASP Q 143 -60.03 -33.87 55.49
CA ASP Q 143 -59.13 -34.93 55.94
C ASP Q 143 -58.29 -35.49 54.78
N VAL Q 144 -56.99 -35.21 54.82
CA VAL Q 144 -56.07 -35.58 53.75
C VAL Q 144 -55.19 -36.75 54.21
N SER Q 145 -55.42 -37.20 55.44
CA SER Q 145 -54.67 -38.31 56.00
C SER Q 145 -54.87 -39.60 55.20
N GLY Q 146 -53.77 -40.21 54.79
CA GLY Q 146 -53.82 -41.48 54.09
C GLY Q 146 -53.77 -41.30 52.59
N VAL Q 147 -53.54 -40.06 52.15
CA VAL Q 147 -53.49 -39.75 50.73
C VAL Q 147 -52.39 -40.55 50.01
N ASP Q 148 -51.34 -40.90 50.75
CA ASP Q 148 -50.20 -41.60 50.17
C ASP Q 148 -50.24 -43.12 50.39
N THR Q 149 -51.34 -43.61 50.94
CA THR Q 149 -51.56 -45.05 51.12
C THR Q 149 -52.39 -45.61 49.96
N GLU Q 150 -52.67 -46.91 49.96
CA GLU Q 150 -53.42 -47.50 48.87
C GLU Q 150 -54.93 -47.31 49.07
N SER Q 151 -55.36 -47.16 50.33
CA SER Q 151 -56.79 -46.98 50.60
C SER Q 151 -57.15 -45.52 50.39
N GLY Q 152 -56.13 -44.67 50.41
CA GLY Q 152 -56.28 -43.27 50.05
C GLY Q 152 -56.84 -42.38 51.15
N ALA Q 153 -56.91 -41.07 50.84
CA ALA Q 153 -57.57 -40.11 51.73
C ALA Q 153 -59.03 -39.97 51.30
N THR Q 154 -59.90 -39.61 52.25
CA THR Q 154 -61.29 -39.30 51.93
C THR Q 154 -61.64 -37.88 52.36
N CYS Q 155 -61.69 -36.99 51.36
CA CYS Q 155 -61.97 -35.58 51.58
C CYS Q 155 -63.48 -35.35 51.44
N ARG Q 156 -64.09 -34.78 52.46
CA ARG Q 156 -65.54 -34.59 52.49
C ARG Q 156 -65.90 -33.12 52.20
N ILE Q 157 -66.63 -32.87 51.11
CA ILE Q 157 -66.98 -31.50 50.74
C ILE Q 157 -68.45 -31.19 50.99
N LYS Q 158 -68.72 -30.18 51.81
CA LYS Q 158 -70.09 -29.87 52.22
C LYS Q 158 -70.69 -28.68 51.47
N ILE Q 159 -71.66 -28.94 50.60
CA ILE Q 159 -72.28 -27.87 49.80
C ILE Q 159 -73.79 -27.73 50.08
N GLY Q 160 -74.21 -26.51 50.38
CA GLY Q 160 -75.61 -26.22 50.62
C GLY Q 160 -75.96 -24.76 50.39
N SER Q 161 -77.25 -24.45 50.46
CA SER Q 161 -77.70 -23.06 50.38
C SER Q 161 -77.24 -22.31 51.62
N TRP Q 162 -76.63 -21.15 51.41
CA TRP Q 162 -76.14 -20.36 52.52
C TRP Q 162 -77.29 -19.74 53.33
N THR Q 163 -78.32 -19.23 52.65
CA THR Q 163 -79.36 -18.45 53.33
C THR Q 163 -80.77 -18.99 53.20
N HIS Q 164 -80.99 -20.03 52.38
CA HIS Q 164 -82.33 -20.58 52.23
C HIS Q 164 -82.45 -21.91 52.96
N HIS Q 165 -83.46 -22.02 53.83
CA HIS Q 165 -83.69 -23.24 54.59
C HIS Q 165 -84.45 -24.30 53.78
N SER Q 166 -84.73 -25.43 54.43
CA SER Q 166 -85.27 -26.62 53.74
C SER Q 166 -86.62 -26.42 53.06
N ARG Q 167 -87.42 -25.47 53.53
CA ARG Q 167 -88.72 -25.19 52.87
C ARG Q 167 -88.61 -24.30 51.63
N GLU Q 168 -87.46 -23.63 51.49
CA GLU Q 168 -87.19 -22.76 50.35
C GLU Q 168 -86.26 -23.42 49.34
N ILE Q 169 -85.16 -24.01 49.82
CA ILE Q 169 -84.29 -24.79 48.96
C ILE Q 169 -83.99 -26.17 49.54
N SER Q 170 -84.22 -27.20 48.73
CA SER Q 170 -83.77 -28.55 49.06
C SER Q 170 -82.68 -29.00 48.08
N VAL Q 171 -81.60 -29.60 48.60
CA VAL Q 171 -80.50 -30.06 47.75
C VAL Q 171 -80.50 -31.57 47.69
N ASP Q 172 -80.18 -32.11 46.51
CA ASP Q 172 -80.18 -33.55 46.31
C ASP Q 172 -79.06 -33.91 45.37
N PRO Q 173 -78.45 -35.08 45.60
CA PRO Q 173 -77.44 -35.62 44.69
C PRO Q 173 -78.08 -36.07 43.38
N THR Q 174 -77.25 -36.39 42.38
CA THR Q 174 -77.75 -36.81 41.07
C THR Q 174 -77.68 -38.32 40.89
N SER Q 181 -64.30 -40.69 37.87
CA SER Q 181 -63.08 -40.31 37.15
C SER Q 181 -63.38 -40.00 35.69
N GLU Q 182 -64.64 -39.74 35.38
CA GLU Q 182 -65.05 -39.68 34.00
C GLU Q 182 -64.32 -38.55 33.25
N TYR Q 183 -64.21 -37.39 33.88
CA TYR Q 183 -63.53 -36.28 33.27
C TYR Q 183 -62.28 -35.93 34.04
N PHE Q 184 -61.89 -36.81 34.97
CA PHE Q 184 -60.69 -36.55 35.77
C PHE Q 184 -59.40 -36.60 34.94
N SER Q 185 -58.53 -35.62 35.14
CA SER Q 185 -57.30 -35.52 34.35
C SER Q 185 -56.36 -36.73 34.60
N GLN Q 186 -55.95 -37.38 33.52
CA GLN Q 186 -54.99 -38.46 33.63
C GLN Q 186 -53.60 -37.91 33.98
N TYR Q 187 -53.42 -36.60 33.90
CA TYR Q 187 -52.13 -35.98 34.19
C TYR Q 187 -51.98 -35.46 35.62
N SER Q 188 -53.02 -35.65 36.43
CA SER Q 188 -52.92 -35.35 37.84
C SER Q 188 -51.95 -36.31 38.53
N ARG Q 189 -51.32 -35.83 39.60
CA ARG Q 189 -50.50 -36.66 40.47
C ARG Q 189 -51.37 -37.58 41.30
N PHE Q 190 -52.69 -37.49 41.15
CA PHE Q 190 -53.58 -38.31 41.96
C PHE Q 190 -54.57 -39.01 41.06
N GLU Q 191 -55.12 -40.10 41.56
CA GLU Q 191 -56.26 -40.75 40.95
C GLU Q 191 -57.44 -40.75 41.92
N ILE Q 192 -58.63 -41.05 41.40
CA ILE Q 192 -59.83 -41.13 42.22
C ILE Q 192 -60.26 -42.58 42.41
N LEU Q 193 -60.44 -42.98 43.65
CA LEU Q 193 -60.87 -44.33 43.93
C LEU Q 193 -62.38 -44.45 43.92
N ASP Q 194 -63.03 -43.51 44.61
CA ASP Q 194 -64.48 -43.52 44.71
C ASP Q 194 -65.05 -42.17 45.07
N VAL Q 195 -66.25 -41.87 44.57
CA VAL Q 195 -66.97 -40.68 44.98
C VAL Q 195 -68.35 -41.07 45.48
N THR Q 196 -68.65 -40.73 46.72
CA THR Q 196 -69.98 -40.97 47.27
C THR Q 196 -70.63 -39.66 47.71
N GLN Q 197 -71.95 -39.59 47.57
CA GLN Q 197 -72.67 -38.37 47.93
C GLN Q 197 -73.70 -38.68 49.03
N LYS Q 198 -73.86 -37.74 49.95
CA LYS Q 198 -74.78 -37.94 51.07
C LYS Q 198 -75.52 -36.63 51.47
N LYS Q 199 -76.85 -36.70 51.53
CA LYS Q 199 -77.66 -35.52 51.83
C LYS Q 199 -77.92 -35.38 53.33
N ASN Q 200 -77.76 -34.17 53.84
CA ASN Q 200 -78.01 -33.88 55.24
C ASN Q 200 -78.96 -32.73 55.44
N SER Q 201 -79.46 -32.60 56.66
CA SER Q 201 -80.33 -31.49 57.02
C SER Q 201 -79.94 -31.03 58.42
N VAL Q 202 -79.37 -29.84 58.51
CA VAL Q 202 -78.74 -29.39 59.76
C VAL Q 202 -79.41 -28.14 60.31
N THR Q 203 -79.55 -28.08 61.63
CA THR Q 203 -80.02 -26.87 62.29
C THR Q 203 -78.84 -26.11 62.86
N TYR Q 204 -78.83 -24.80 62.66
CA TYR Q 204 -77.74 -23.93 63.12
C TYR Q 204 -78.25 -23.05 64.25
N SER Q 205 -77.32 -22.57 65.08
CA SER Q 205 -77.66 -21.78 66.27
C SER Q 205 -78.45 -20.52 65.94
N CYS Q 206 -78.11 -19.90 64.82
CA CYS Q 206 -78.66 -18.60 64.45
C CYS Q 206 -80.16 -18.68 64.21
N CYS Q 207 -80.59 -19.79 63.62
CA CYS Q 207 -81.92 -19.87 62.99
C CYS Q 207 -82.67 -21.13 63.42
N PRO Q 208 -84.00 -21.03 63.50
CA PRO Q 208 -84.84 -22.15 63.95
C PRO Q 208 -85.08 -23.23 62.88
N GLU Q 209 -84.92 -22.89 61.60
CA GLU Q 209 -85.20 -23.84 60.54
C GLU Q 209 -83.99 -24.69 60.18
N ALA Q 210 -84.23 -25.77 59.43
CA ALA Q 210 -83.13 -26.63 58.99
C ALA Q 210 -82.67 -26.30 57.59
N TYR Q 211 -81.35 -26.31 57.41
CA TYR Q 211 -80.73 -26.09 56.12
C TYR Q 211 -80.19 -27.40 55.56
N GLU Q 212 -80.49 -27.66 54.29
CA GLU Q 212 -80.00 -28.88 53.67
C GLU Q 212 -78.63 -28.67 53.04
N ASP Q 213 -77.86 -29.74 53.00
CA ASP Q 213 -76.56 -29.73 52.33
C ASP Q 213 -76.27 -31.08 51.67
N VAL Q 214 -75.33 -31.09 50.73
CA VAL Q 214 -74.87 -32.35 50.18
C VAL Q 214 -73.41 -32.51 50.58
N GLU Q 215 -73.07 -33.67 51.12
CA GLU Q 215 -71.67 -33.98 51.41
C GLU Q 215 -71.14 -34.95 50.37
N VAL Q 216 -70.21 -34.46 49.57
CA VAL Q 216 -69.58 -35.27 48.56
C VAL Q 216 -68.30 -35.77 49.15
N SER Q 217 -68.16 -37.09 49.27
CA SER Q 217 -66.92 -37.70 49.79
C SER Q 217 -66.00 -38.14 48.66
N LEU Q 218 -64.85 -37.49 48.57
CA LEU Q 218 -63.89 -37.76 47.52
C LEU Q 218 -62.80 -38.66 48.09
N ASN Q 219 -62.82 -39.93 47.68
CA ASN Q 219 -61.77 -40.86 48.05
C ASN Q 219 -60.68 -40.93 46.97
N PHE Q 220 -59.50 -40.41 47.27
CA PHE Q 220 -58.44 -40.30 46.28
C PHE Q 220 -57.08 -40.64 46.90
N ARG Q 221 -56.09 -40.89 46.04
CA ARG Q 221 -54.74 -41.19 46.51
C ARG Q 221 -53.70 -40.74 45.50
N LYS Q 222 -52.48 -40.57 45.99
CA LYS Q 222 -51.34 -40.27 45.13
C LYS Q 222 -50.98 -41.52 44.28
N LYS Q 223 -50.98 -41.37 42.96
CA LYS Q 223 -50.50 -42.41 42.06
C LYS Q 223 -49.02 -42.75 42.33
N GLY Q 224 -48.50 -43.75 41.63
CA GLY Q 224 -47.08 -44.08 41.68
C GLY Q 224 -46.24 -43.46 40.58
N LEU R 20 -99.19 -10.09 49.74
CA LEU R 20 -97.77 -9.95 49.44
C LEU R 20 -97.12 -11.29 49.27
N ASP R 21 -96.45 -11.49 48.15
CA ASP R 21 -95.54 -12.64 48.03
C ASP R 21 -94.06 -12.19 48.02
N ARG R 22 -93.12 -13.14 47.93
CA ARG R 22 -91.69 -12.81 47.90
C ARG R 22 -91.36 -11.77 46.84
N ALA R 23 -91.82 -12.04 45.63
CA ALA R 23 -91.59 -11.15 44.49
C ALA R 23 -91.95 -9.72 44.84
N ASP R 24 -93.12 -9.51 45.43
CA ASP R 24 -93.54 -8.15 45.81
C ASP R 24 -92.63 -7.50 46.88
N ILE R 25 -92.32 -8.28 47.92
CA ILE R 25 -91.51 -7.83 49.03
C ILE R 25 -90.14 -7.43 48.54
N LEU R 26 -89.56 -8.25 47.67
CA LEU R 26 -88.22 -7.97 47.19
C LEU R 26 -88.25 -6.75 46.27
N TYR R 27 -89.32 -6.63 45.51
CA TYR R 27 -89.51 -5.48 44.64
C TYR R 27 -89.58 -4.21 45.46
N ASN R 28 -90.37 -4.22 46.54
CA ASN R 28 -90.49 -3.03 47.38
C ASN R 28 -89.17 -2.65 48.03
N ILE R 29 -88.44 -3.65 48.51
CA ILE R 29 -87.18 -3.43 49.16
C ILE R 29 -86.20 -2.83 48.21
N ARG R 30 -86.12 -3.35 47.01
CA ARG R 30 -85.24 -2.83 46.01
C ARG R 30 -85.60 -1.41 45.57
N GLN R 31 -86.87 -1.16 45.41
CA GLN R 31 -87.35 0.15 45.08
C GLN R 31 -87.16 1.19 46.14
N THR R 32 -87.31 0.81 47.37
CA THR R 32 -87.41 1.80 48.46
C THR R 32 -86.35 1.80 49.53
N SER R 33 -85.59 0.71 49.66
CA SER R 33 -84.53 0.72 50.65
C SER R 33 -83.46 1.71 50.19
N ARG R 34 -82.81 2.33 51.15
CA ARG R 34 -81.82 3.33 50.84
C ARG R 34 -80.49 2.86 51.42
N PRO R 35 -79.72 2.09 50.64
CA PRO R 35 -78.47 1.43 51.10
C PRO R 35 -77.45 2.43 51.66
N ASP R 36 -77.54 3.67 51.19
CA ASP R 36 -76.67 4.75 51.64
C ASP R 36 -77.10 5.34 52.98
N VAL R 37 -78.28 4.96 53.46
CA VAL R 37 -78.90 5.66 54.57
C VAL R 37 -78.99 4.77 55.80
N ILE R 38 -78.29 5.14 56.85
CA ILE R 38 -78.33 4.45 58.10
C ILE R 38 -79.67 4.52 58.77
N PRO R 39 -80.21 3.30 59.14
CA PRO R 39 -81.61 3.35 59.55
C PRO R 39 -81.78 3.67 61.00
N THR R 40 -81.39 4.86 61.34
CA THR R 40 -81.44 5.31 62.71
C THR R 40 -82.82 5.77 63.09
N GLN R 41 -83.23 5.40 64.27
CA GLN R 41 -84.59 5.50 64.68
C GLN R 41 -84.72 6.43 65.87
N ARG R 42 -85.58 7.43 65.78
CA ARG R 42 -85.66 8.48 66.78
C ARG R 42 -84.28 8.98 67.09
N ARG R 44 -81.48 7.64 67.57
CA ARG R 44 -80.86 6.66 68.42
C ARG R 44 -80.00 5.78 67.60
N PRO R 45 -78.94 5.24 68.30
CA PRO R 45 -78.05 4.43 67.50
C PRO R 45 -78.70 3.18 67.04
N VAL R 46 -78.37 2.75 65.83
CA VAL R 46 -78.72 1.45 65.41
C VAL R 46 -77.97 0.52 66.27
N ALA R 47 -78.65 -0.42 66.85
CA ALA R 47 -78.01 -1.46 67.66
C ALA R 47 -77.52 -2.64 66.81
N VAL R 48 -76.21 -2.78 66.67
CA VAL R 48 -75.63 -3.84 65.84
C VAL R 48 -75.03 -4.94 66.72
N SER R 49 -75.57 -6.17 66.60
CA SER R 49 -74.97 -7.37 67.22
C SER R 49 -73.87 -7.96 66.35
N VAL R 50 -72.73 -8.22 66.97
CA VAL R 50 -71.64 -8.90 66.28
C VAL R 50 -71.24 -10.15 67.04
N SER R 51 -71.15 -11.27 66.33
CA SER R 51 -70.81 -12.54 66.93
C SER R 51 -69.98 -13.34 65.92
N LEU R 52 -68.70 -13.52 66.22
CA LEU R 52 -67.82 -14.32 65.37
C LEU R 52 -67.96 -15.80 65.70
N LYS R 53 -68.27 -16.61 64.68
CA LYS R 53 -68.30 -18.06 64.82
C LYS R 53 -67.08 -18.63 64.10
N PHE R 54 -66.08 -19.05 64.87
CA PHE R 54 -64.84 -19.47 64.25
C PHE R 54 -64.99 -20.82 63.55
N ILE R 55 -64.48 -20.88 62.33
CA ILE R 55 -64.60 -22.07 61.51
C ILE R 55 -63.27 -22.76 61.35
N ASN R 56 -62.22 -21.95 61.15
CA ASN R 56 -60.87 -22.50 61.01
C ASN R 56 -59.74 -21.53 61.37
N ILE R 57 -58.60 -22.08 61.79
CA ILE R 57 -57.39 -21.30 61.95
C ILE R 57 -56.35 -21.95 61.05
N LEU R 58 -55.77 -21.19 60.13
CA LEU R 58 -55.12 -21.80 58.98
C LEU R 58 -53.61 -21.64 58.96
N GLU R 59 -53.15 -20.43 59.24
CA GLU R 59 -51.74 -20.23 59.42
C GLU R 59 -51.62 -19.47 60.70
N VAL R 60 -50.59 -19.85 61.41
CA VAL R 60 -50.15 -19.10 62.54
C VAL R 60 -48.64 -18.85 62.31
N ASN R 61 -48.20 -17.67 62.68
CA ASN R 61 -46.78 -17.32 62.62
C ASN R 61 -46.42 -16.61 63.92
N GLU R 62 -45.71 -17.34 64.78
CA GLU R 62 -45.40 -16.85 66.11
C GLU R 62 -44.30 -15.78 66.06
N ILE R 63 -43.53 -15.80 64.97
CA ILE R 63 -42.49 -14.79 64.79
C ILE R 63 -43.12 -13.45 64.42
N THR R 64 -43.88 -13.44 63.34
CA THR R 64 -44.48 -12.21 62.81
C THR R 64 -45.72 -11.74 63.57
N ASN R 65 -46.26 -12.63 64.42
CA ASN R 65 -47.49 -12.33 65.14
C ASN R 65 -48.71 -12.11 64.23
N GLU R 66 -48.90 -13.04 63.30
CA GLU R 66 -49.96 -12.96 62.31
C GLU R 66 -50.70 -14.29 62.26
N VAL R 67 -52.04 -14.23 62.20
CA VAL R 67 -52.86 -15.44 62.05
C VAL R 67 -53.80 -15.30 60.88
N ASP R 68 -54.15 -16.44 60.30
CA ASP R 68 -55.09 -16.51 59.18
C ASP R 68 -56.33 -17.26 59.68
N VAL R 69 -57.46 -16.58 59.73
CA VAL R 69 -58.65 -17.14 60.35
C VAL R 69 -59.81 -17.17 59.38
N VAL R 70 -60.62 -18.22 59.48
CA VAL R 70 -61.91 -18.29 58.80
C VAL R 70 -63.02 -18.27 59.84
N PHE R 71 -63.98 -17.36 59.66
CA PHE R 71 -65.05 -17.18 60.64
C PHE R 71 -66.33 -16.63 60.03
N TRP R 72 -67.46 -17.01 60.61
CA TRP R 72 -68.73 -16.39 60.28
C TRP R 72 -68.87 -15.09 61.06
N GLN R 73 -69.06 -13.99 60.34
CA GLN R 73 -69.26 -12.71 61.00
C GLN R 73 -70.76 -12.45 61.06
N GLN R 74 -71.42 -13.05 62.05
CA GLN R 74 -72.86 -12.90 62.19
C GLN R 74 -73.21 -11.49 62.67
N THR R 75 -73.83 -10.72 61.79
CA THR R 75 -74.15 -9.33 62.09
C THR R 75 -75.67 -9.13 62.08
N THR R 76 -76.20 -8.51 63.13
CA THR R 76 -77.65 -8.38 63.26
C THR R 76 -78.06 -6.99 63.69
N TRP R 77 -79.02 -6.42 62.97
CA TRP R 77 -79.51 -5.08 63.30
C TRP R 77 -80.93 -4.92 62.84
N SER R 78 -81.46 -3.71 63.03
CA SER R 78 -82.87 -3.47 62.75
C SER R 78 -83.04 -2.31 61.79
N ASP R 79 -83.89 -2.51 60.77
CA ASP R 79 -84.24 -1.47 59.82
C ASP R 79 -85.77 -1.50 59.57
N ARG R 80 -86.48 -0.65 60.30
CA ARG R 80 -87.95 -0.65 60.23
C ARG R 80 -88.51 -0.30 58.85
N THR R 81 -87.74 0.47 58.08
CA THR R 81 -88.18 0.87 56.76
C THR R 81 -88.33 -0.31 55.83
N LEU R 82 -87.90 -1.49 56.29
CA LEU R 82 -87.97 -2.71 55.47
C LEU R 82 -89.12 -3.60 55.90
N ALA R 83 -89.73 -3.24 57.02
CA ALA R 83 -90.80 -4.04 57.61
C ALA R 83 -92.03 -4.15 56.70
N TRP R 84 -92.77 -5.25 56.83
CA TRP R 84 -94.03 -5.43 56.09
C TRP R 84 -95.06 -6.21 56.89
N ASN R 85 -96.31 -6.14 56.46
CA ASN R 85 -97.39 -6.86 57.09
C ASN R 85 -97.34 -8.34 56.69
N SER R 86 -96.95 -9.20 57.63
CA SER R 86 -96.71 -10.61 57.34
C SER R 86 -97.92 -11.50 57.55
N SER R 87 -99.11 -10.91 57.57
CA SER R 87 -100.33 -11.66 57.83
C SER R 87 -100.48 -12.86 56.89
N HIS R 88 -100.43 -12.61 55.59
CA HIS R 88 -100.55 -13.68 54.60
C HIS R 88 -99.34 -13.63 53.69
N SER R 89 -98.19 -13.39 54.29
CA SER R 89 -96.94 -13.18 53.58
C SER R 89 -95.84 -14.02 54.21
N PRO R 90 -94.71 -14.17 53.52
CA PRO R 90 -93.51 -14.79 54.12
C PRO R 90 -93.02 -13.99 55.32
N ASP R 91 -92.37 -14.66 56.27
CA ASP R 91 -91.87 -13.99 57.47
C ASP R 91 -90.50 -13.43 57.21
N GLN R 92 -89.87 -13.93 56.15
CA GLN R 92 -88.45 -13.71 55.92
C GLN R 92 -88.12 -13.82 54.44
N VAL R 93 -87.22 -12.97 53.97
CA VAL R 93 -86.68 -13.10 52.61
C VAL R 93 -85.16 -12.98 52.61
N SER R 94 -84.54 -13.41 51.52
CA SER R 94 -83.09 -13.23 51.34
C SER R 94 -82.82 -12.12 50.34
N VAL R 95 -82.05 -11.15 50.77
CA VAL R 95 -81.84 -9.97 49.95
C VAL R 95 -80.36 -9.72 49.73
N PRO R 96 -79.98 -9.43 48.46
CA PRO R 96 -78.62 -9.01 48.17
C PRO R 96 -78.23 -7.80 49.04
N ILE R 97 -77.07 -7.86 49.71
CA ILE R 97 -76.66 -6.74 50.58
C ILE R 97 -76.48 -5.43 49.82
N SER R 98 -76.23 -5.52 48.51
CA SER R 98 -76.17 -4.30 47.69
C SER R 98 -77.49 -3.53 47.68
N SER R 99 -78.59 -4.19 48.02
CA SER R 99 -79.90 -3.54 48.09
C SER R 99 -80.32 -3.15 49.50
N LEU R 100 -79.39 -3.26 50.45
CA LEU R 100 -79.70 -2.92 51.85
C LEU R 100 -78.64 -2.02 52.42
N TRP R 101 -79.01 -1.25 53.43
CA TRP R 101 -77.97 -0.60 54.22
C TRP R 101 -77.32 -1.66 55.12
N VAL R 102 -76.00 -1.58 55.20
CA VAL R 102 -75.22 -2.53 55.98
C VAL R 102 -74.24 -1.76 56.85
N PRO R 103 -74.13 -2.14 58.12
CA PRO R 103 -73.16 -1.47 59.00
C PRO R 103 -71.71 -1.56 58.46
N ASP R 104 -70.98 -0.45 58.52
CA ASP R 104 -69.62 -0.37 57.97
C ASP R 104 -68.58 -0.94 58.92
N LEU R 105 -68.77 -2.19 59.35
CA LEU R 105 -67.87 -2.79 60.32
C LEU R 105 -66.49 -3.04 59.71
N ALA R 106 -65.45 -2.88 60.50
CA ALA R 106 -64.09 -3.24 60.08
C ALA R 106 -63.34 -3.88 61.23
N ALA R 107 -62.42 -4.79 60.90
CA ALA R 107 -61.48 -5.34 61.89
C ALA R 107 -60.25 -4.43 61.93
N TYR R 108 -60.06 -3.74 63.05
CA TYR R 108 -58.98 -2.75 63.19
C TYR R 108 -57.59 -3.33 62.99
N ASN R 109 -57.40 -4.57 63.43
CA ASN R 109 -56.10 -5.24 63.36
C ASN R 109 -56.01 -6.25 62.22
N ALA R 110 -56.92 -6.15 61.27
CA ALA R 110 -56.82 -6.94 60.05
C ALA R 110 -55.68 -6.40 59.20
N ILE R 111 -54.94 -7.29 58.56
CA ILE R 111 -53.86 -6.87 57.68
C ILE R 111 -54.04 -7.41 56.26
N SER R 112 -55.19 -8.01 56.00
CA SER R 112 -55.61 -8.30 54.65
C SER R 112 -57.04 -7.84 54.53
N LYS R 113 -57.52 -7.66 53.31
CA LYS R 113 -58.92 -7.28 53.20
C LYS R 113 -59.78 -8.49 53.35
N PRO R 114 -60.99 -8.33 53.87
CA PRO R 114 -61.80 -9.53 54.11
C PRO R 114 -62.13 -10.25 52.81
N GLU R 115 -61.82 -11.55 52.75
CA GLU R 115 -62.23 -12.39 51.64
C GLU R 115 -63.57 -13.02 52.02
N VAL R 116 -64.64 -12.54 51.37
CA VAL R 116 -65.98 -13.10 51.59
C VAL R 116 -66.18 -14.37 50.77
N LEU R 117 -66.39 -15.49 51.47
CA LEU R 117 -66.37 -16.79 50.83
C LEU R 117 -67.76 -17.21 50.40
N THR R 118 -68.77 -16.54 50.94
CA THR R 118 -70.15 -16.97 50.74
C THR R 118 -70.97 -15.98 49.92
N PRO R 119 -72.10 -16.44 49.35
CA PRO R 119 -73.03 -15.55 48.65
C PRO R 119 -73.42 -14.35 49.52
N GLN R 120 -73.31 -13.14 48.99
CA GLN R 120 -73.59 -11.97 49.82
C GLN R 120 -75.06 -11.60 49.92
N LEU R 121 -75.79 -12.40 50.69
CA LEU R 121 -77.23 -12.22 50.89
C LEU R 121 -77.49 -12.06 52.38
N ALA R 122 -78.51 -11.28 52.71
CA ALA R 122 -78.91 -11.10 54.09
C ALA R 122 -80.35 -11.62 54.29
N HIS R 123 -80.70 -11.91 55.54
CA HIS R 123 -82.07 -12.17 55.92
C HIS R 123 -82.76 -10.87 56.33
N VAL R 124 -83.93 -10.63 55.75
CA VAL R 124 -84.78 -9.57 56.27
C VAL R 124 -86.06 -10.23 56.78
N VAL R 125 -86.32 -10.05 58.07
CA VAL R 125 -87.54 -10.55 58.67
C VAL R 125 -88.62 -9.47 58.62
N SER R 126 -89.89 -9.89 58.62
CA SER R 126 -91.02 -8.96 58.39
C SER R 126 -91.04 -7.80 59.37
N ASP R 127 -90.49 -7.99 60.56
CA ASP R 127 -90.42 -6.92 61.56
C ASP R 127 -89.31 -5.90 61.29
N GLY R 128 -88.47 -6.16 60.28
CA GLY R 128 -87.39 -5.25 59.95
C GLY R 128 -86.04 -5.68 60.52
N GLU R 129 -86.01 -6.85 61.14
CA GLU R 129 -84.75 -7.38 61.65
C GLU R 129 -83.93 -7.88 60.47
N VAL R 130 -82.68 -7.45 60.40
CA VAL R 130 -81.77 -7.86 59.35
C VAL R 130 -80.60 -8.65 59.94
N GLN R 131 -80.29 -9.79 59.34
CA GLN R 131 -79.12 -10.54 59.71
C GLN R 131 -78.27 -10.81 58.49
N TYR R 132 -76.96 -10.60 58.61
CA TYR R 132 -76.02 -10.90 57.55
C TYR R 132 -74.86 -11.70 58.17
N THR R 133 -74.58 -12.87 57.63
CA THR R 133 -73.58 -13.76 58.19
C THR R 133 -72.67 -14.30 57.08
N PRO R 134 -71.81 -13.46 56.55
CA PRO R 134 -70.81 -13.97 55.61
C PRO R 134 -69.71 -14.84 56.30
N SER R 135 -69.20 -15.81 55.56
CA SER R 135 -68.03 -16.53 56.02
C SER R 135 -66.84 -15.76 55.47
N ILE R 136 -65.94 -15.38 56.36
CA ILE R 136 -64.80 -14.55 55.98
C ILE R 136 -63.45 -15.19 56.31
N ARG R 137 -62.55 -15.16 55.32
CA ARG R 137 -61.18 -15.50 55.60
C ARG R 137 -60.37 -14.22 55.65
N GLN R 138 -59.65 -14.02 56.76
CA GLN R 138 -58.89 -12.79 56.94
C GLN R 138 -57.61 -12.99 57.77
N ARG R 139 -56.59 -12.19 57.49
CA ARG R 139 -55.36 -12.21 58.27
C ARG R 139 -55.32 -11.08 59.31
N PHE R 140 -54.94 -11.45 60.53
CA PHE R 140 -54.87 -10.49 61.63
C PHE R 140 -53.48 -10.38 62.23
N SER R 141 -53.21 -9.19 62.75
CA SER R 141 -52.01 -8.95 63.55
C SER R 141 -52.47 -9.01 64.99
N CYS R 142 -51.98 -10.00 65.72
CA CYS R 142 -52.34 -10.16 67.12
C CYS R 142 -51.31 -10.99 67.87
N ASP R 143 -51.53 -11.17 69.16
CA ASP R 143 -50.58 -11.87 70.02
C ASP R 143 -50.67 -13.39 69.86
N VAL R 144 -49.67 -13.96 69.20
CA VAL R 144 -49.66 -15.39 68.90
C VAL R 144 -48.73 -16.15 69.87
N SER R 145 -48.12 -15.40 70.81
CA SER R 145 -47.19 -15.99 71.78
C SER R 145 -47.90 -17.00 72.68
N GLY R 146 -47.32 -18.20 72.77
CA GLY R 146 -47.86 -19.25 73.61
C GLY R 146 -48.77 -20.21 72.88
N VAL R 147 -48.86 -20.04 71.57
CA VAL R 147 -49.73 -20.87 70.74
C VAL R 147 -49.37 -22.36 70.89
N ASP R 148 -48.10 -22.64 71.15
CA ASP R 148 -47.62 -24.01 71.21
C ASP R 148 -47.55 -24.56 72.64
N THR R 149 -48.03 -23.77 73.60
CA THR R 149 -48.13 -24.20 75.00
C THR R 149 -49.54 -24.71 75.30
N GLU R 150 -49.81 -25.11 76.54
CA GLU R 150 -51.11 -25.72 76.82
C GLU R 150 -52.12 -24.69 77.39
N SER R 151 -51.64 -23.49 77.68
CA SER R 151 -52.53 -22.37 78.00
C SER R 151 -52.92 -21.64 76.69
N GLY R 152 -52.11 -21.85 75.66
CA GLY R 152 -52.44 -21.36 74.33
C GLY R 152 -52.15 -19.88 74.14
N ALA R 153 -52.38 -19.41 72.91
CA ALA R 153 -52.26 -17.99 72.61
C ALA R 153 -53.62 -17.35 72.76
N THR R 154 -53.65 -16.04 72.99
CA THR R 154 -54.92 -15.31 73.00
C THR R 154 -54.87 -14.18 71.99
N CYS R 155 -55.49 -14.42 70.85
CA CYS R 155 -55.56 -13.42 69.78
C CYS R 155 -56.79 -12.54 69.97
N ARG R 156 -56.57 -11.23 70.06
CA ARG R 156 -57.64 -10.27 70.29
C ARG R 156 -58.06 -9.56 68.96
N ILE R 157 -59.30 -9.80 68.53
CA ILE R 157 -59.81 -9.16 67.30
C ILE R 157 -60.77 -8.02 67.61
N LYS R 158 -60.47 -6.84 67.04
CA LYS R 158 -61.22 -5.61 67.33
C LYS R 158 -62.12 -5.22 66.16
N ILE R 159 -63.43 -5.29 66.35
CA ILE R 159 -64.38 -5.00 65.29
C ILE R 159 -65.33 -3.87 65.69
N GLY R 160 -65.41 -2.84 64.85
CA GLY R 160 -66.34 -1.75 65.07
C GLY R 160 -66.71 -1.00 63.79
N SER R 161 -67.65 -0.08 63.92
CA SER R 161 -67.97 0.77 62.79
C SER R 161 -66.76 1.63 62.44
N TRP R 162 -66.41 1.68 61.17
CA TRP R 162 -65.33 2.56 60.73
C TRP R 162 -65.69 4.08 60.79
N THR R 163 -66.92 4.43 60.38
CA THR R 163 -67.28 5.85 60.26
C THR R 163 -68.47 6.33 61.10
N HIS R 164 -69.14 5.44 61.79
CA HIS R 164 -70.28 5.87 62.59
C HIS R 164 -69.94 5.80 64.06
N HIS R 165 -70.18 6.91 64.77
CA HIS R 165 -69.86 6.98 66.20
C HIS R 165 -70.97 6.38 67.07
N SER R 166 -70.79 6.42 68.39
CA SER R 166 -71.66 5.72 69.33
C SER R 166 -73.14 6.13 69.27
N ARG R 167 -73.41 7.34 68.80
CA ARG R 167 -74.79 7.82 68.74
C ARG R 167 -75.49 7.43 67.44
N GLU R 168 -74.72 6.92 66.47
CA GLU R 168 -75.22 6.41 65.20
C GLU R 168 -75.21 4.88 65.16
N ILE R 169 -74.08 4.28 65.56
CA ILE R 169 -73.97 2.83 65.65
C ILE R 169 -73.41 2.40 67.00
N SER R 170 -74.12 1.49 67.67
CA SER R 170 -73.61 0.85 68.86
C SER R 170 -73.46 -0.64 68.59
N VAL R 171 -72.28 -1.19 68.91
CA VAL R 171 -72.04 -2.62 68.76
C VAL R 171 -72.14 -3.37 70.08
N ASP R 172 -72.68 -4.57 70.03
CA ASP R 172 -72.83 -5.40 71.22
C ASP R 172 -72.59 -6.88 70.90
N PRO R 173 -71.98 -7.60 71.86
CA PRO R 173 -71.81 -9.05 71.73
C PRO R 173 -73.16 -9.77 71.79
N THR R 174 -73.18 -11.05 71.44
CA THR R 174 -74.42 -11.83 71.46
C THR R 174 -74.51 -12.72 72.71
N ASP R 180 -68.33 -22.14 71.38
CA ASP R 180 -67.10 -21.61 70.79
C ASP R 180 -66.64 -22.46 69.60
N SER R 181 -66.33 -23.71 69.92
CA SER R 181 -65.85 -24.66 68.92
C SER R 181 -67.03 -25.28 68.19
N GLU R 182 -68.16 -24.62 68.21
CA GLU R 182 -69.38 -25.23 67.72
C GLU R 182 -69.28 -25.64 66.25
N TYR R 183 -68.77 -24.73 65.42
CA TYR R 183 -68.59 -24.99 63.99
C TYR R 183 -67.11 -25.08 63.60
N PHE R 184 -66.23 -25.09 64.60
CA PHE R 184 -64.82 -25.13 64.32
C PHE R 184 -64.42 -26.46 63.70
N SER R 185 -63.59 -26.38 62.67
CA SER R 185 -63.14 -27.57 61.96
C SER R 185 -62.28 -28.50 62.81
N GLN R 186 -62.64 -29.78 62.84
CA GLN R 186 -61.87 -30.77 63.58
C GLN R 186 -60.56 -31.08 62.85
N TYR R 187 -60.44 -30.59 61.62
CA TYR R 187 -59.27 -30.89 60.81
C TYR R 187 -58.24 -29.78 60.86
N SER R 188 -58.51 -28.75 61.65
CA SER R 188 -57.50 -27.71 61.88
C SER R 188 -56.34 -28.28 62.72
N ARG R 189 -55.16 -27.70 62.55
CA ARG R 189 -54.01 -28.06 63.38
C ARG R 189 -54.09 -27.32 64.71
N PHE R 190 -55.21 -26.61 64.88
CA PHE R 190 -55.47 -25.88 66.12
C PHE R 190 -56.82 -26.24 66.71
N GLU R 191 -56.97 -25.91 67.99
CA GLU R 191 -58.21 -26.12 68.72
C GLU R 191 -58.53 -24.90 69.57
N ILE R 192 -59.79 -24.70 69.85
CA ILE R 192 -60.15 -23.49 70.56
C ILE R 192 -60.42 -23.81 72.01
N LEU R 193 -59.71 -23.12 72.91
CA LEU R 193 -59.91 -23.29 74.34
C LEU R 193 -61.08 -22.44 74.83
N ASP R 194 -61.09 -21.17 74.45
CA ASP R 194 -62.12 -20.25 74.92
C ASP R 194 -62.28 -19.04 74.01
N VAL R 195 -63.51 -18.52 73.94
CA VAL R 195 -63.79 -17.29 73.23
C VAL R 195 -64.53 -16.34 74.17
N THR R 196 -63.95 -15.18 74.43
CA THR R 196 -64.60 -14.16 75.23
C THR R 196 -64.76 -12.88 74.42
N GLN R 197 -65.84 -12.15 74.69
CA GLN R 197 -66.15 -10.94 73.95
C GLN R 197 -66.26 -9.76 74.90
N LYS R 198 -65.88 -8.60 74.41
CA LYS R 198 -65.85 -7.41 75.24
C LYS R 198 -66.23 -6.21 74.40
N LYS R 199 -66.96 -5.29 75.02
CA LYS R 199 -67.35 -4.09 74.32
C LYS R 199 -66.53 -2.90 74.82
N ASN R 200 -66.07 -2.08 73.88
CA ASN R 200 -65.33 -0.87 74.21
C ASN R 200 -65.88 0.38 73.53
N SER R 201 -65.47 1.53 74.04
CA SER R 201 -65.88 2.79 73.47
C SER R 201 -64.66 3.70 73.45
N VAL R 202 -64.16 4.00 72.25
CA VAL R 202 -62.88 4.67 72.13
C VAL R 202 -63.02 6.02 71.43
N THR R 203 -62.26 7.00 71.87
CA THR R 203 -62.20 8.26 71.16
C THR R 203 -60.89 8.35 70.40
N TYR R 204 -60.99 8.78 69.15
CA TYR R 204 -59.85 8.87 68.27
C TYR R 204 -59.47 10.34 68.05
N SER R 205 -58.21 10.56 67.69
CA SER R 205 -57.66 11.91 67.51
C SER R 205 -58.43 12.75 66.51
N CYS R 206 -58.89 12.10 65.45
CA CYS R 206 -59.54 12.79 64.34
C CYS R 206 -60.85 13.47 64.72
N CYS R 207 -61.59 12.82 65.63
CA CYS R 207 -62.99 13.14 65.82
C CYS R 207 -63.32 13.26 67.31
N PRO R 208 -64.30 14.11 67.63
CA PRO R 208 -64.65 14.39 69.03
C PRO R 208 -65.52 13.31 69.67
N GLU R 209 -66.23 12.52 68.84
CA GLU R 209 -67.17 11.53 69.35
C GLU R 209 -66.50 10.20 69.62
N ALA R 210 -67.21 9.33 70.34
CA ALA R 210 -66.65 8.02 70.68
C ALA R 210 -67.21 6.95 69.73
N TYR R 211 -66.33 6.05 69.33
CA TYR R 211 -66.71 4.95 68.45
C TYR R 211 -66.66 3.67 69.23
N GLU R 212 -67.71 2.87 69.10
CA GLU R 212 -67.78 1.59 69.78
C GLU R 212 -67.11 0.46 68.98
N ASP R 213 -66.58 -0.52 69.71
CA ASP R 213 -66.06 -1.72 69.07
C ASP R 213 -66.34 -2.94 69.93
N VAL R 214 -66.22 -4.11 69.34
CA VAL R 214 -66.22 -5.33 70.10
C VAL R 214 -64.84 -5.95 69.97
N GLU R 215 -64.27 -6.36 71.10
CA GLU R 215 -63.02 -7.12 71.09
C GLU R 215 -63.32 -8.58 71.38
N VAL R 216 -63.12 -9.42 70.38
CA VAL R 216 -63.28 -10.85 70.54
C VAL R 216 -61.92 -11.42 70.85
N SER R 217 -61.79 -12.04 72.04
CA SER R 217 -60.55 -12.73 72.41
C SER R 217 -60.60 -14.20 72.09
N LEU R 218 -59.79 -14.62 71.13
CA LEU R 218 -59.71 -16.02 70.72
C LEU R 218 -58.54 -16.73 71.40
N ASN R 219 -58.87 -17.59 72.36
CA ASN R 219 -57.84 -18.37 73.05
C ASN R 219 -57.75 -19.74 72.40
N PHE R 220 -56.62 -19.99 71.75
CA PHE R 220 -56.43 -21.22 70.97
C PHE R 220 -55.01 -21.75 71.13
N ARG R 221 -54.82 -23.02 70.78
CA ARG R 221 -53.47 -23.59 70.83
C ARG R 221 -53.27 -24.64 69.76
N LYS R 222 -52.01 -24.91 69.48
CA LYS R 222 -51.63 -25.98 68.57
C LYS R 222 -51.94 -27.32 69.24
N LYS R 223 -52.43 -28.26 68.44
CA LYS R 223 -52.84 -29.58 68.90
C LYS R 223 -51.66 -30.49 69.30
N LEU S 20 -84.30 19.08 56.88
CA LEU S 20 -83.37 18.11 56.30
C LEU S 20 -83.04 17.00 57.27
N ASP S 21 -83.21 15.74 56.83
CA ASP S 21 -82.65 14.58 57.54
C ASP S 21 -81.54 13.93 56.70
N ARG S 22 -80.91 12.88 57.24
CA ARG S 22 -79.81 12.18 56.52
C ARG S 22 -80.20 11.76 55.12
N ALA S 23 -81.36 11.12 54.99
CA ALA S 23 -81.85 10.66 53.70
C ALA S 23 -81.84 11.80 52.68
N ASP S 24 -82.31 12.98 53.08
CA ASP S 24 -82.39 14.10 52.13
C ASP S 24 -81.00 14.58 51.74
N ILE S 25 -80.14 14.74 52.74
CA ILE S 25 -78.77 15.21 52.53
C ILE S 25 -78.01 14.27 51.59
N LEU S 26 -78.08 12.97 51.88
CA LEU S 26 -77.47 11.98 51.02
C LEU S 26 -78.06 11.97 49.60
N TYR S 27 -79.37 12.14 49.50
CA TYR S 27 -80.02 12.24 48.21
C TYR S 27 -79.44 13.42 47.44
N ASN S 28 -79.36 14.58 48.09
CA ASN S 28 -78.87 15.78 47.39
C ASN S 28 -77.43 15.57 46.92
N ILE S 29 -76.62 14.99 47.78
CA ILE S 29 -75.23 14.78 47.46
C ILE S 29 -75.08 13.86 46.28
N ARG S 30 -75.84 12.80 46.27
CA ARG S 30 -75.82 11.84 45.20
C ARG S 30 -76.28 12.45 43.89
N GLN S 31 -77.34 13.24 43.93
CA GLN S 31 -77.82 13.91 42.75
C GLN S 31 -76.93 14.99 42.20
N THR S 32 -76.31 15.75 43.08
CA THR S 32 -75.66 16.99 42.68
C THR S 32 -74.13 17.07 42.81
N SER S 33 -73.52 16.19 43.59
CA SER S 33 -72.06 16.23 43.68
C SER S 33 -71.52 15.78 42.34
N ARG S 34 -70.37 16.33 41.97
CA ARG S 34 -69.76 16.02 40.69
C ARG S 34 -68.39 15.41 40.94
N PRO S 35 -68.36 14.05 41.06
CA PRO S 35 -67.15 13.33 41.48
C PRO S 35 -65.98 13.60 40.54
N ASP S 36 -66.29 13.88 39.28
CA ASP S 36 -65.30 14.18 38.25
C ASP S 36 -64.76 15.62 38.35
N VAL S 37 -65.36 16.43 39.20
CA VAL S 37 -65.08 17.86 39.22
C VAL S 37 -64.37 18.32 40.49
N ILE S 38 -63.12 18.75 40.35
CA ILE S 38 -62.36 19.24 41.48
C ILE S 38 -62.99 20.51 42.03
N PRO S 39 -63.31 20.52 43.34
CA PRO S 39 -64.05 21.63 43.97
C PRO S 39 -63.16 22.84 44.19
N THR S 40 -62.53 23.29 43.12
CA THR S 40 -61.63 24.43 43.20
C THR S 40 -62.46 25.69 43.37
N GLN S 41 -61.97 26.64 44.13
CA GLN S 41 -62.78 27.82 44.36
C GLN S 41 -62.05 29.07 44.00
N ARG S 42 -62.72 29.93 43.26
CA ARG S 42 -62.16 31.22 42.92
C ARG S 42 -60.81 31.01 42.30
N ASP S 43 -60.69 29.98 41.49
CA ASP S 43 -59.43 29.79 40.77
C ASP S 43 -58.22 29.48 41.68
N ARG S 44 -58.50 29.22 42.95
CA ARG S 44 -57.48 28.84 43.95
C ARG S 44 -57.29 27.31 43.99
N PRO S 45 -56.30 26.83 44.75
CA PRO S 45 -56.17 25.38 44.91
C PRO S 45 -56.97 24.79 46.08
N VAL S 46 -57.43 23.56 45.92
CA VAL S 46 -58.03 22.81 47.01
C VAL S 46 -56.93 22.44 47.97
N ALA S 47 -57.11 22.81 49.24
CA ALA S 47 -56.12 22.49 50.26
C ALA S 47 -56.40 21.10 50.85
N VAL S 48 -55.51 20.15 50.54
CA VAL S 48 -55.65 18.78 51.02
C VAL S 48 -54.65 18.49 52.16
N SER S 49 -55.19 18.12 53.33
CA SER S 49 -54.39 17.57 54.43
C SER S 49 -54.14 16.08 54.28
N VAL S 50 -52.88 15.68 54.45
CA VAL S 50 -52.52 14.27 54.45
C VAL S 50 -51.77 13.93 55.74
N SER S 51 -52.24 12.90 56.41
CA SER S 51 -51.61 12.48 57.65
C SER S 51 -51.65 10.95 57.73
N LEU S 52 -50.48 10.31 57.64
CA LEU S 52 -50.42 8.84 57.77
C LEU S 52 -50.38 8.41 59.23
N LYS S 53 -51.29 7.53 59.62
CA LYS S 53 -51.30 6.97 60.96
C LYS S 53 -50.86 5.53 60.79
N PHE S 54 -49.63 5.24 61.17
CA PHE S 54 -49.10 3.88 60.98
C PHE S 54 -49.72 2.89 61.95
N ILE S 55 -50.14 1.75 61.40
CA ILE S 55 -50.82 0.72 62.17
C ILE S 55 -49.88 -0.48 62.35
N ASN S 56 -49.21 -0.85 61.26
CA ASN S 56 -48.33 -2.00 61.29
C ASN S 56 -47.25 -1.97 60.22
N ILE S 57 -46.13 -2.61 60.52
CA ILE S 57 -45.06 -2.84 59.55
C ILE S 57 -44.91 -4.34 59.51
N LEU S 58 -45.06 -4.92 58.32
CA LEU S 58 -45.27 -6.36 58.21
C LEU S 58 -44.11 -7.13 57.60
N GLU S 59 -43.46 -6.57 56.60
CA GLU S 59 -42.46 -7.35 55.89
C GLU S 59 -41.30 -6.52 55.36
N VAL S 60 -40.30 -6.39 56.19
CA VAL S 60 -39.11 -5.65 55.83
C VAL S 60 -38.10 -6.55 55.10
N ASN S 61 -37.47 -6.01 54.06
CA ASN S 61 -36.42 -6.72 53.34
C ASN S 61 -35.24 -5.76 53.09
N GLU S 62 -34.19 -5.94 53.89
CA GLU S 62 -33.06 -5.02 53.88
C GLU S 62 -32.23 -5.18 52.62
N ILE S 63 -32.33 -6.36 52.01
CA ILE S 63 -31.62 -6.62 50.77
C ILE S 63 -32.27 -5.84 49.64
N THR S 64 -33.55 -6.13 49.40
CA THR S 64 -34.30 -5.54 48.29
C THR S 64 -34.73 -4.09 48.54
N ASN S 65 -34.67 -3.64 49.81
CA ASN S 65 -35.10 -2.29 50.18
C ASN S 65 -36.62 -2.08 49.94
N GLU S 66 -37.40 -3.01 50.47
CA GLU S 66 -38.84 -2.99 50.31
C GLU S 66 -39.48 -3.21 51.67
N VAL S 67 -40.54 -2.46 51.96
CA VAL S 67 -41.30 -2.65 53.18
C VAL S 67 -42.79 -2.77 52.88
N ASP S 68 -43.49 -3.48 53.77
CA ASP S 68 -44.92 -3.71 53.66
C ASP S 68 -45.56 -3.02 54.87
N VAL S 69 -46.36 -1.98 54.60
CA VAL S 69 -46.88 -1.12 55.66
C VAL S 69 -48.41 -1.11 55.69
N VAL S 70 -48.97 -1.08 56.90
CA VAL S 70 -50.41 -0.82 57.05
C VAL S 70 -50.59 0.52 57.75
N PHE S 71 -51.36 1.42 57.13
CA PHE S 71 -51.51 2.77 57.65
C PHE S 71 -52.86 3.37 57.28
N TRP S 72 -53.37 4.23 58.15
CA TRP S 72 -54.54 5.01 57.83
C TRP S 72 -54.08 6.22 57.06
N GLN S 73 -54.61 6.39 55.86
CA GLN S 73 -54.32 7.58 55.07
C GLN S 73 -55.42 8.65 55.29
N GLN S 74 -55.31 9.38 56.39
CA GLN S 74 -56.29 10.41 56.73
C GLN S 74 -56.16 11.59 55.79
N THR S 75 -57.16 11.74 54.92
CA THR S 75 -57.16 12.78 53.91
C THR S 75 -58.30 13.77 54.19
N THR S 76 -58.00 15.06 54.18
CA THR S 76 -59.00 16.06 54.53
C THR S 76 -58.99 17.22 53.55
N TRP S 77 -60.15 17.67 53.11
CA TRP S 77 -60.26 18.72 52.14
C TRP S 77 -61.64 19.35 52.24
N SER S 78 -61.90 20.35 51.42
CA SER S 78 -63.15 21.03 51.49
C SER S 78 -63.89 21.13 50.17
N ASP S 79 -65.16 20.72 50.17
CA ASP S 79 -66.10 20.99 49.08
C ASP S 79 -67.34 21.71 49.61
N ARG S 80 -67.40 23.00 49.44
CA ARG S 80 -68.50 23.81 49.95
C ARG S 80 -69.81 23.49 49.29
N THR S 81 -69.74 23.06 48.06
CA THR S 81 -70.89 22.72 47.29
C THR S 81 -71.63 21.58 47.93
N LEU S 82 -71.00 20.88 48.84
CA LEU S 82 -71.68 19.86 49.58
C LEU S 82 -72.27 20.41 50.85
N ALA S 83 -72.03 21.65 51.14
CA ALA S 83 -72.43 22.23 52.41
C ALA S 83 -73.91 22.38 52.56
N TRP S 84 -74.40 22.29 53.78
CA TRP S 84 -75.81 22.38 54.01
C TRP S 84 -76.23 23.14 55.27
N ASN S 85 -77.46 23.67 55.28
CA ASN S 85 -77.94 24.38 56.46
C ASN S 85 -78.23 23.39 57.58
N SER S 86 -77.34 23.34 58.57
CA SER S 86 -77.40 22.32 59.64
C SER S 86 -78.22 22.75 60.86
N SER S 87 -79.09 23.74 60.68
CA SER S 87 -79.89 24.28 61.78
C SER S 87 -80.67 23.20 62.54
N HIS S 88 -81.46 22.42 61.80
CA HIS S 88 -82.21 21.33 62.38
C HIS S 88 -81.90 20.05 61.65
N SER S 89 -80.61 19.88 61.34
CA SER S 89 -80.14 18.77 60.51
C SER S 89 -78.92 18.15 61.17
N PRO S 90 -78.51 16.95 60.73
CA PRO S 90 -77.24 16.35 61.17
C PRO S 90 -76.04 17.21 60.77
N ASP S 91 -74.95 17.13 61.55
CA ASP S 91 -73.75 17.93 61.28
C ASP S 91 -72.84 17.24 60.30
N GLN S 92 -73.09 15.94 60.14
CA GLN S 92 -72.18 15.06 59.47
C GLN S 92 -72.91 13.84 58.90
N VAL S 93 -72.51 13.44 57.69
CA VAL S 93 -72.98 12.17 57.13
C VAL S 93 -71.81 11.32 56.59
N SER S 94 -72.09 10.03 56.38
CA SER S 94 -71.11 9.16 55.75
C SER S 94 -71.56 8.92 54.32
N VAL S 95 -70.65 9.11 53.39
CA VAL S 95 -70.98 9.06 51.99
C VAL S 95 -69.98 8.17 51.29
N PRO S 96 -70.47 7.34 50.37
CA PRO S 96 -69.58 6.51 49.54
C PRO S 96 -68.69 7.40 48.71
N ILE S 97 -67.38 7.17 48.72
CA ILE S 97 -66.47 8.02 47.95
C ILE S 97 -66.77 8.04 46.44
N SER S 98 -67.52 7.06 45.95
CA SER S 98 -67.87 7.02 44.55
C SER S 98 -68.86 8.14 44.23
N SER S 99 -69.49 8.68 45.27
CA SER S 99 -70.41 9.80 45.13
C SER S 99 -69.77 11.16 45.41
N LEU S 100 -68.46 11.18 45.60
CA LEU S 100 -67.76 12.42 45.94
C LEU S 100 -66.55 12.59 45.06
N TRP S 101 -66.14 13.85 44.89
CA TRP S 101 -64.82 14.07 44.32
C TRP S 101 -63.79 13.76 45.41
N VAL S 102 -62.73 13.10 44.99
CA VAL S 102 -61.69 12.70 45.90
C VAL S 102 -60.36 13.10 45.26
N PRO S 103 -59.44 13.65 46.06
CA PRO S 103 -58.10 13.95 45.55
C PRO S 103 -57.38 12.70 45.00
N ASP S 104 -56.71 12.85 43.85
CA ASP S 104 -56.05 11.73 43.19
C ASP S 104 -54.65 11.48 43.76
N LEU S 105 -54.58 11.25 45.08
CA LEU S 105 -53.29 11.06 45.75
C LEU S 105 -52.66 9.75 45.35
N ALA S 106 -51.34 9.75 45.21
CA ALA S 106 -50.59 8.51 44.96
C ALA S 106 -49.26 8.50 45.73
N ALA S 107 -48.86 7.32 46.17
CA ALA S 107 -47.53 7.15 46.74
C ALA S 107 -46.54 6.88 45.59
N TYR S 108 -45.59 7.80 45.40
CA TYR S 108 -44.65 7.75 44.29
C TYR S 108 -43.73 6.56 44.30
N ASN S 109 -43.44 6.07 45.50
CA ASN S 109 -42.50 4.98 45.66
C ASN S 109 -43.20 3.71 46.09
N ALA S 110 -44.51 3.68 45.90
CA ALA S 110 -45.29 2.45 46.11
C ALA S 110 -44.99 1.49 44.96
N ILE S 111 -44.90 0.19 45.26
CA ILE S 111 -44.59 -0.81 44.25
C ILE S 111 -45.66 -1.89 44.20
N SER S 112 -46.72 -1.70 44.98
CA SER S 112 -47.96 -2.45 44.82
C SER S 112 -49.12 -1.45 44.77
N LYS S 113 -50.25 -1.84 44.20
CA LYS S 113 -51.42 -0.94 44.29
C LYS S 113 -51.98 -0.95 45.69
N PRO S 114 -52.56 0.18 46.13
CA PRO S 114 -53.02 0.23 47.51
C PRO S 114 -54.16 -0.74 47.76
N GLU S 115 -53.99 -1.62 48.76
CA GLU S 115 -55.06 -2.50 49.18
C GLU S 115 -55.88 -1.77 50.26
N VAL S 116 -57.10 -1.38 49.93
CA VAL S 116 -57.95 -0.68 50.87
C VAL S 116 -58.66 -1.70 51.74
N LEU S 117 -58.42 -1.64 53.04
CA LEU S 117 -58.89 -2.69 53.94
C LEU S 117 -60.27 -2.38 54.49
N THR S 118 -60.66 -1.12 54.44
CA THR S 118 -61.83 -0.65 55.16
C THR S 118 -62.95 -0.23 54.20
N PRO S 119 -64.19 -0.11 54.72
CA PRO S 119 -65.33 0.39 53.89
C PRO S 119 -65.05 1.77 53.33
N GLN S 120 -65.26 1.96 52.03
CA GLN S 120 -64.84 3.20 51.36
C GLN S 120 -65.89 4.30 51.48
N LEU S 121 -65.96 4.86 52.70
CA LEU S 121 -66.90 5.92 53.05
C LEU S 121 -66.13 7.13 53.55
N ALA S 122 -66.63 8.32 53.26
CA ALA S 122 -66.04 9.54 53.76
C ALA S 122 -67.00 10.22 54.72
N HIS S 123 -66.49 11.13 55.54
CA HIS S 123 -67.28 12.06 56.34
C HIS S 123 -67.50 13.33 55.51
N VAL S 124 -68.76 13.75 55.39
CA VAL S 124 -69.04 15.10 54.93
C VAL S 124 -69.71 15.89 56.05
N VAL S 125 -69.07 16.98 56.45
CA VAL S 125 -69.60 17.83 57.51
C VAL S 125 -70.40 18.95 56.86
N SER S 126 -71.36 19.52 57.60
CA SER S 126 -72.33 20.47 57.01
C SER S 126 -71.68 21.71 56.37
N ASP S 127 -70.51 22.08 56.86
CA ASP S 127 -69.76 23.19 56.26
C ASP S 127 -69.06 22.83 54.93
N GLY S 128 -69.06 21.56 54.55
CA GLY S 128 -68.44 21.14 53.31
C GLY S 128 -67.07 20.53 53.50
N GLU S 129 -66.68 20.33 54.76
CA GLU S 129 -65.41 19.67 55.07
C GLU S 129 -65.57 18.16 54.82
N VAL S 130 -64.66 17.59 54.03
CA VAL S 130 -64.68 16.17 53.75
C VAL S 130 -63.45 15.49 54.32
N GLN S 131 -63.68 14.39 55.03
CA GLN S 131 -62.57 13.60 55.49
C GLN S 131 -62.72 12.17 55.00
N TYR S 132 -61.65 11.60 54.47
CA TYR S 132 -61.62 10.19 54.08
C TYR S 132 -60.37 9.55 54.68
N THR S 133 -60.55 8.47 55.43
CA THR S 133 -59.44 7.82 56.15
C THR S 133 -59.45 6.30 55.95
N PRO S 134 -59.06 5.87 54.74
CA PRO S 134 -58.98 4.41 54.55
C PRO S 134 -57.77 3.82 55.26
N SER S 135 -57.91 2.58 55.72
CA SER S 135 -56.76 1.81 56.17
C SER S 135 -56.18 1.10 54.95
N ILE S 136 -54.92 1.36 54.68
CA ILE S 136 -54.29 0.84 53.48
C ILE S 136 -53.13 -0.08 53.80
N ARG S 137 -53.06 -1.21 53.11
CA ARG S 137 -51.84 -2.03 53.09
C ARG S 137 -51.10 -1.86 51.77
N GLN S 138 -49.83 -1.49 51.85
CA GLN S 138 -49.09 -1.20 50.63
C GLN S 138 -47.59 -1.47 50.78
N ARG S 139 -46.95 -1.83 49.67
CA ARG S 139 -45.52 -2.05 49.66
C ARG S 139 -44.81 -0.84 49.06
N PHE S 140 -43.69 -0.49 49.69
CA PHE S 140 -42.91 0.64 49.25
C PHE S 140 -41.47 0.26 49.01
N SER S 141 -40.87 1.01 48.08
CA SER S 141 -39.45 0.95 47.83
C SER S 141 -38.84 2.13 48.58
N CYS S 142 -38.05 1.82 49.60
CA CYS S 142 -37.41 2.86 50.40
C CYS S 142 -36.15 2.34 51.11
N ASP S 143 -35.48 3.24 51.83
CA ASP S 143 -34.22 2.91 52.50
C ASP S 143 -34.45 2.13 53.79
N VAL S 144 -34.13 0.84 53.76
CA VAL S 144 -34.39 -0.03 54.88
C VAL S 144 -33.09 -0.29 55.67
N SER S 145 -31.99 0.29 55.19
CA SER S 145 -30.70 0.12 55.82
C SER S 145 -30.70 0.63 57.27
N GLY S 146 -30.24 -0.22 58.17
CA GLY S 146 -30.15 0.16 59.58
C GLY S 146 -31.35 -0.25 60.40
N VAL S 147 -32.26 -1.00 59.77
CA VAL S 147 -33.50 -1.40 60.44
C VAL S 147 -33.20 -2.22 61.68
N ASP S 148 -32.07 -2.92 61.67
CA ASP S 148 -31.73 -3.82 62.77
C ASP S 148 -30.78 -3.18 63.78
N THR S 149 -30.49 -1.89 63.59
CA THR S 149 -29.66 -1.13 64.53
C THR S 149 -30.55 -0.37 65.53
N GLN S 150 -29.95 0.36 66.46
CA GLN S 150 -30.73 1.07 67.49
C GLN S 150 -31.20 2.45 66.99
N SER S 151 -30.51 3.01 66.00
CA SER S 151 -30.96 4.26 65.38
C SER S 151 -32.08 4.00 64.35
N GLY S 152 -32.15 2.74 63.89
CA GLY S 152 -33.23 2.31 63.03
C GLY S 152 -33.06 2.69 61.58
N ALA S 153 -34.02 2.26 60.75
CA ALA S 153 -34.09 2.69 59.35
C ALA S 153 -34.98 3.91 59.25
N THR S 154 -34.77 4.71 58.20
CA THR S 154 -35.70 5.80 57.88
C THR S 154 -36.29 5.67 56.48
N CYS S 155 -37.50 5.12 56.42
CA CYS S 155 -38.24 4.96 55.18
C CYS S 155 -39.03 6.24 54.83
N ARG S 156 -38.76 6.79 53.65
CA ARG S 156 -39.37 8.04 53.22
C ARG S 156 -40.52 7.76 52.20
N ILE S 157 -41.74 8.14 52.56
CA ILE S 157 -42.89 7.89 51.70
C ILE S 157 -43.41 9.19 51.05
N LYS S 158 -43.42 9.21 49.73
CA LYS S 158 -43.78 10.40 48.99
C LYS S 158 -45.22 10.34 48.45
N ILE S 159 -46.10 11.18 48.99
CA ILE S 159 -47.50 11.22 48.59
C ILE S 159 -47.91 12.58 48.03
N GLY S 160 -48.51 12.59 46.83
CA GLY S 160 -49.00 13.81 46.22
C GLY S 160 -50.06 13.56 45.18
N SER S 161 -50.66 14.63 44.67
CA SER S 161 -51.62 14.50 43.59
C SER S 161 -50.91 14.00 42.34
N TRP S 162 -51.46 12.97 41.72
CA TRP S 162 -50.90 12.45 40.47
C TRP S 162 -51.04 13.43 39.29
N THR S 163 -52.23 14.01 39.13
CA THR S 163 -52.50 14.82 37.93
C THR S 163 -52.81 16.28 38.17
N HIS S 164 -52.95 16.69 39.42
CA HIS S 164 -53.26 18.10 39.69
C HIS S 164 -52.04 18.86 40.21
N HIS S 165 -51.69 19.94 39.53
CA HIS S 165 -50.54 20.76 39.97
C HIS S 165 -50.87 21.74 41.13
N SER S 166 -49.89 22.53 41.52
CA SER S 166 -49.95 23.27 42.79
C SER S 166 -51.06 24.30 42.85
N ARG S 167 -51.50 24.74 41.68
CA ARG S 167 -52.56 25.72 41.60
C ARG S 167 -53.97 25.11 41.61
N GLU S 168 -54.06 23.78 41.48
CA GLU S 168 -55.31 23.03 41.62
C GLU S 168 -55.36 22.27 42.94
N ILE S 169 -54.30 21.57 43.28
CA ILE S 169 -54.19 20.88 44.57
C ILE S 169 -52.90 21.22 45.32
N SER S 170 -53.06 21.62 46.58
CA SER S 170 -51.90 21.75 47.47
C SER S 170 -52.02 20.75 48.61
N VAL S 171 -50.93 20.07 48.93
CA VAL S 171 -50.92 19.11 50.02
C VAL S 171 -50.15 19.67 51.20
N ASP S 172 -50.67 19.43 52.40
CA ASP S 172 -50.03 19.88 53.62
C ASP S 172 -50.12 18.81 54.71
N PRO S 173 -49.07 18.73 55.56
CA PRO S 173 -49.11 17.86 56.74
C PRO S 173 -50.12 18.35 57.77
N THR S 174 -50.44 17.51 58.76
CA THR S 174 -51.37 17.89 59.82
C THR S 174 -50.67 18.35 61.10
N SER S 178 -48.93 14.65 63.55
CA SER S 178 -49.02 14.50 65.00
C SER S 178 -48.24 13.25 65.45
N ASP S 179 -48.93 12.34 66.11
CA ASP S 179 -48.30 11.15 66.66
C ASP S 179 -48.23 9.99 65.66
N SER S 181 -46.69 6.47 67.28
CA SER S 181 -47.02 5.08 67.62
C SER S 181 -48.42 5.00 68.23
N GLU S 182 -49.25 6.00 67.98
CA GLU S 182 -50.51 6.10 68.69
C GLU S 182 -51.41 4.88 68.45
N TYR S 183 -51.53 4.48 67.19
CA TYR S 183 -52.33 3.32 66.85
C TYR S 183 -51.46 2.16 66.36
N PHE S 184 -50.15 2.29 66.52
CA PHE S 184 -49.25 1.26 66.02
C PHE S 184 -49.37 -0.02 66.83
N SER S 185 -49.40 -1.16 66.13
CA SER S 185 -49.62 -2.46 66.76
C SER S 185 -48.46 -2.80 67.69
N GLN S 186 -48.78 -3.19 68.91
CA GLN S 186 -47.76 -3.65 69.85
C GLN S 186 -47.26 -5.04 69.45
N TYR S 187 -47.96 -5.67 68.52
CA TYR S 187 -47.59 -7.03 68.14
C TYR S 187 -46.76 -7.08 66.89
N SER S 188 -46.44 -5.92 66.33
CA SER S 188 -45.47 -5.85 65.24
C SER S 188 -44.06 -6.28 65.72
N ARG S 189 -43.22 -6.77 64.80
CA ARG S 189 -41.81 -7.05 65.12
C ARG S 189 -41.10 -5.74 65.17
N PHE S 190 -41.77 -4.69 64.72
CA PHE S 190 -41.13 -3.40 64.66
C PHE S 190 -41.72 -2.41 65.66
N GLU S 191 -40.95 -1.37 65.97
CA GLU S 191 -41.43 -0.25 66.77
C GLU S 191 -41.00 1.06 66.12
N ILE S 192 -41.84 2.07 66.25
CA ILE S 192 -41.60 3.36 65.60
C ILE S 192 -40.89 4.34 66.51
N LEU S 193 -39.77 4.86 66.04
CA LEU S 193 -38.97 5.78 66.82
C LEU S 193 -39.43 7.21 66.62
N ASP S 194 -39.66 7.56 65.36
CA ASP S 194 -40.11 8.91 65.03
C ASP S 194 -40.81 8.99 63.67
N VAL S 195 -41.78 9.89 63.55
CA VAL S 195 -42.39 10.19 62.28
C VAL S 195 -42.30 11.69 62.01
N THR S 196 -41.66 12.08 60.91
CA THR S 196 -41.58 13.49 60.52
C THR S 196 -42.18 13.65 59.15
N GLN S 197 -42.78 14.81 58.90
CA GLN S 197 -43.41 15.10 57.61
C GLN S 197 -42.81 16.36 57.00
N LYS S 198 -42.70 16.40 55.68
CA LYS S 198 -42.05 17.51 54.98
C LYS S 198 -42.64 17.74 53.59
N LYS S 199 -43.12 18.95 53.36
CA LYS S 199 -43.82 19.30 52.15
C LYS S 199 -42.83 19.68 51.05
N ASN S 200 -43.06 19.22 49.82
CA ASN S 200 -42.22 19.60 48.69
C ASN S 200 -43.04 20.06 47.51
N SER S 201 -42.36 20.68 46.55
CA SER S 201 -42.99 21.15 45.33
C SER S 201 -42.02 20.85 44.21
N VAL S 202 -42.42 19.96 43.32
CA VAL S 202 -41.50 19.43 42.32
C VAL S 202 -42.01 19.68 40.91
N THR S 203 -41.09 19.99 40.01
CA THR S 203 -41.40 20.10 38.59
C THR S 203 -40.96 18.83 37.87
N TYR S 204 -41.83 18.30 37.03
CA TYR S 204 -41.54 17.10 36.26
C TYR S 204 -41.38 17.42 34.79
N SER S 205 -40.66 16.56 34.09
CA SER S 205 -40.28 16.79 32.68
C SER S 205 -41.48 17.01 31.78
N CYS S 206 -42.54 16.26 32.06
CA CYS S 206 -43.73 16.23 31.22
C CYS S 206 -44.45 17.57 31.16
N CYS S 207 -44.43 18.31 32.28
CA CYS S 207 -45.33 19.43 32.48
C CYS S 207 -44.61 20.65 33.03
N PRO S 208 -45.09 21.83 32.66
CA PRO S 208 -44.46 23.08 33.08
C PRO S 208 -44.78 23.45 34.52
N GLU S 209 -45.84 22.93 35.10
CA GLU S 209 -46.26 23.38 36.43
C GLU S 209 -45.61 22.54 37.51
N ALA S 210 -45.68 23.01 38.75
CA ALA S 210 -45.13 22.29 39.90
C ALA S 210 -46.21 21.48 40.58
N TYR S 211 -45.82 20.29 41.03
CA TYR S 211 -46.74 19.39 41.73
C TYR S 211 -46.28 19.27 43.16
N GLU S 212 -47.19 19.43 44.10
CA GLU S 212 -46.83 19.30 45.50
C GLU S 212 -46.92 17.86 45.98
N ASP S 213 -46.12 17.54 47.00
CA ASP S 213 -46.17 16.25 47.65
C ASP S 213 -45.86 16.38 49.13
N VAL S 214 -46.21 15.37 49.89
CA VAL S 214 -45.75 15.30 51.26
C VAL S 214 -44.83 14.10 51.36
N GLU S 215 -43.65 14.32 51.95
CA GLU S 215 -42.76 13.21 52.30
C GLU S 215 -42.85 12.88 53.78
N VAL S 216 -43.44 11.73 54.07
CA VAL S 216 -43.50 11.20 55.43
C VAL S 216 -42.27 10.32 55.69
N SER S 217 -41.45 10.73 56.65
CA SER S 217 -40.28 9.94 57.04
C SER S 217 -40.64 9.05 58.22
N LEU S 218 -40.64 7.75 57.99
CA LEU S 218 -40.91 6.79 59.05
C LEU S 218 -39.60 6.23 59.56
N ASN S 219 -39.22 6.63 60.78
CA ASN S 219 -38.05 6.08 61.44
C ASN S 219 -38.47 4.94 62.35
N PHE S 220 -38.02 3.72 62.01
CA PHE S 220 -38.43 2.52 62.74
C PHE S 220 -37.28 1.52 62.86
N ARG S 221 -37.42 0.57 63.77
CA ARG S 221 -36.41 -0.48 63.94
C ARG S 221 -37.05 -1.78 64.44
N LYS S 222 -36.33 -2.90 64.26
CA LYS S 222 -36.79 -4.21 64.71
C LYS S 222 -36.73 -4.25 66.24
N LYS S 223 -37.71 -4.92 66.84
CA LYS S 223 -37.67 -5.20 68.28
C LYS S 223 -36.91 -6.53 68.48
N GLY S 224 -36.77 -6.95 69.73
CA GLY S 224 -36.06 -8.18 70.05
C GLY S 224 -36.79 -9.45 69.65
N LEU T 20 -66.98 29.44 30.68
CA LEU T 20 -66.75 28.03 30.98
C LEU T 20 -65.91 27.85 32.24
N ASP T 21 -66.38 27.06 33.19
CA ASP T 21 -65.55 26.65 34.31
C ASP T 21 -65.28 25.15 34.20
N ARG T 22 -64.49 24.60 35.13
CA ARG T 22 -64.18 23.17 35.12
C ARG T 22 -65.44 22.29 35.03
N ALA T 23 -66.43 22.58 35.89
CA ALA T 23 -67.70 21.86 35.94
C ALA T 23 -68.34 21.73 34.56
N ASP T 24 -68.36 22.83 33.83
CA ASP T 24 -68.97 22.81 32.50
C ASP T 24 -68.16 21.99 31.51
N ILE T 25 -66.84 22.19 31.52
CA ILE T 25 -65.93 21.47 30.62
C ILE T 25 -65.99 19.97 30.84
N LEU T 26 -65.99 19.55 32.10
CA LEU T 26 -66.09 18.15 32.42
C LEU T 26 -67.44 17.57 32.04
N TYR T 27 -68.48 18.39 32.22
CA TYR T 27 -69.83 18.00 31.85
C TYR T 27 -69.92 17.77 30.35
N ASN T 28 -69.37 18.69 29.56
CA ASN T 28 -69.38 18.53 28.10
C ASN T 28 -68.60 17.28 27.66
N ILE T 29 -67.45 17.07 28.26
CA ILE T 29 -66.60 15.97 27.88
C ILE T 29 -67.34 14.69 28.15
N ARG T 30 -67.97 14.62 29.29
CA ARG T 30 -68.66 13.42 29.68
C ARG T 30 -69.84 13.14 28.78
N GLN T 31 -70.61 14.16 28.47
CA GLN T 31 -71.73 13.99 27.58
C GLN T 31 -71.38 13.67 26.17
N THR T 32 -70.32 14.24 25.66
CA THR T 32 -70.04 14.20 24.22
C THR T 32 -68.83 13.43 23.73
N SER T 33 -67.86 13.15 24.61
CA SER T 33 -66.72 12.37 24.20
C SER T 33 -67.20 10.95 23.90
N ARG T 34 -66.55 10.33 22.95
CA ARG T 34 -66.95 9.01 22.52
C ARG T 34 -65.78 8.07 22.75
N PRO T 35 -65.69 7.49 23.96
CA PRO T 35 -64.52 6.69 24.39
C PRO T 35 -64.28 5.51 23.46
N ASP T 36 -65.34 5.04 22.79
CA ASP T 36 -65.25 3.93 21.85
C ASP T 36 -64.71 4.37 20.49
N VAL T 37 -64.60 5.68 20.28
CA VAL T 37 -64.33 6.24 18.95
C VAL T 37 -62.94 6.83 18.85
N ILE T 38 -62.11 6.22 18.01
CA ILE T 38 -60.78 6.76 17.79
C ILE T 38 -60.87 8.13 17.11
N PRO T 39 -60.28 9.16 17.72
CA PRO T 39 -60.33 10.55 17.21
C PRO T 39 -59.44 10.73 15.99
N THR T 40 -59.68 9.93 14.97
CA THR T 40 -58.91 10.03 13.75
C THR T 40 -59.39 11.26 12.98
N GLN T 41 -58.43 12.00 12.43
CA GLN T 41 -58.71 13.24 11.71
C GLN T 41 -58.26 13.12 10.26
N ARG T 42 -59.18 12.67 9.41
CA ARG T 42 -58.93 12.61 7.96
C ARG T 42 -57.77 11.68 7.61
N PRO T 45 -53.77 9.18 10.70
CA PRO T 45 -53.66 8.44 11.96
C PRO T 45 -53.54 9.35 13.17
N VAL T 46 -54.01 8.87 14.31
CA VAL T 46 -53.75 9.55 15.56
C VAL T 46 -52.26 9.33 15.96
N ALA T 47 -51.54 10.41 16.17
CA ALA T 47 -50.13 10.32 16.54
C ALA T 47 -50.02 10.17 18.06
N VAL T 48 -49.56 8.99 18.49
CA VAL T 48 -49.41 8.69 19.91
C VAL T 48 -47.92 8.69 20.31
N SER T 49 -47.57 9.53 21.28
CA SER T 49 -46.26 9.53 21.92
C SER T 49 -46.23 8.57 23.09
N VAL T 50 -45.19 7.73 23.11
CA VAL T 50 -44.97 6.81 24.20
C VAL T 50 -43.57 7.01 24.76
N SER T 51 -43.49 7.19 26.07
CA SER T 51 -42.24 7.44 26.77
C SER T 51 -42.26 6.77 28.14
N LEU T 52 -41.47 5.72 28.29
CA LEU T 52 -41.40 5.02 29.57
C LEU T 52 -40.42 5.71 30.51
N LYS T 53 -40.90 6.09 31.70
CA LYS T 53 -40.04 6.65 32.73
C LYS T 53 -39.88 5.57 33.78
N PHE T 54 -38.70 4.93 33.80
CA PHE T 54 -38.48 3.83 34.74
C PHE T 54 -38.33 4.32 36.16
N ILE T 55 -39.05 3.66 37.05
CA ILE T 55 -39.08 4.06 38.46
C ILE T 55 -38.32 3.02 39.28
N ASN T 56 -38.55 1.75 38.97
CA ASN T 56 -37.93 0.66 39.73
C ASN T 56 -37.81 -0.67 38.98
N ILE T 57 -36.78 -1.42 39.29
CA ILE T 57 -36.64 -2.78 38.84
C ILE T 57 -36.66 -3.63 40.07
N LEU T 58 -37.65 -4.48 40.20
CA LEU T 58 -37.88 -5.16 41.44
C LEU T 58 -37.28 -6.52 41.59
N GLU T 59 -37.32 -7.28 40.51
CA GLU T 59 -36.87 -8.62 40.58
C GLU T 59 -36.36 -9.01 39.24
N VAL T 60 -35.34 -9.82 39.20
CA VAL T 60 -34.77 -10.27 37.96
C VAL T 60 -34.47 -11.75 38.11
N ASN T 61 -34.82 -12.54 37.13
CA ASN T 61 -34.37 -13.90 37.09
C ASN T 61 -33.61 -14.05 35.84
N GLU T 62 -32.34 -14.28 35.95
CA GLU T 62 -31.48 -14.49 34.79
C GLU T 62 -31.73 -15.88 34.16
N ILE T 63 -32.25 -16.80 34.97
CA ILE T 63 -32.53 -18.15 34.49
C ILE T 63 -33.74 -18.12 33.59
N THR T 64 -34.85 -17.62 34.13
CA THR T 64 -36.11 -17.60 33.41
C THR T 64 -36.22 -16.49 32.36
N ASN T 65 -35.30 -15.53 32.41
CA ASN T 65 -35.37 -14.35 31.53
C ASN T 65 -36.65 -13.49 31.74
N GLU T 66 -36.92 -13.17 33.01
CA GLU T 66 -38.10 -12.43 33.40
C GLU T 66 -37.72 -11.30 34.34
N VAL T 67 -38.28 -10.11 34.10
CA VAL T 67 -38.04 -8.96 34.98
C VAL T 67 -39.33 -8.33 35.42
N ASP T 68 -39.28 -7.75 36.62
CA ASP T 68 -40.42 -7.05 37.20
C ASP T 68 -40.08 -5.56 37.25
N VAL T 69 -40.79 -4.76 36.49
CA VAL T 69 -40.45 -3.35 36.37
C VAL T 69 -41.62 -2.47 36.82
N VAL T 70 -41.27 -1.33 37.44
CA VAL T 70 -42.21 -0.25 37.69
C VAL T 70 -41.82 0.94 36.82
N PHE T 71 -42.78 1.47 36.07
CA PHE T 71 -42.51 2.58 35.17
C PHE T 71 -43.75 3.42 34.91
N TRP T 72 -43.53 4.71 34.62
CA TRP T 72 -44.57 5.60 34.17
C TRP T 72 -44.70 5.38 32.67
N GLN T 73 -45.91 5.06 32.23
CA GLN T 73 -46.18 4.95 30.81
C GLN T 73 -46.80 6.25 30.30
N GLN T 74 -45.94 7.24 30.05
CA GLN T 74 -46.41 8.54 29.60
C GLN T 74 -46.91 8.45 28.16
N THR T 75 -48.22 8.61 27.99
CA THR T 75 -48.87 8.49 26.69
C THR T 75 -49.52 9.83 26.32
N THR T 76 -49.29 10.29 25.11
CA THR T 76 -49.77 11.60 24.68
C THR T 76 -50.34 11.54 23.27
N TRP T 77 -51.53 12.11 23.10
CA TRP T 77 -52.16 12.17 21.79
C TRP T 77 -53.12 13.34 21.72
N SER T 78 -53.75 13.47 20.57
CA SER T 78 -54.60 14.61 20.32
C SER T 78 -56.01 14.15 19.97
N ASP T 79 -57.01 14.81 20.58
CA ASP T 79 -58.43 14.60 20.31
C ASP T 79 -59.13 15.95 20.24
N ARG T 80 -59.26 16.48 19.03
CA ARG T 80 -59.87 17.81 18.81
C ARG T 80 -61.31 17.93 19.31
N THR T 81 -62.04 16.81 19.31
CA THR T 81 -63.43 16.81 19.76
C THR T 81 -63.56 17.14 21.24
N LEU T 82 -62.43 17.23 21.93
CA LEU T 82 -62.42 17.61 23.34
C LEU T 82 -62.03 19.07 23.56
N ALA T 83 -61.59 19.73 22.49
CA ALA T 83 -61.09 21.11 22.58
C ALA T 83 -62.17 22.10 23.01
N TRP T 84 -61.74 23.19 23.65
CA TRP T 84 -62.66 24.24 24.05
C TRP T 84 -62.01 25.62 23.99
N ASN T 85 -62.84 26.66 23.97
CA ASN T 85 -62.36 28.03 23.96
C ASN T 85 -61.83 28.44 25.34
N HIS T 88 -61.55 32.54 28.79
CA HIS T 88 -61.78 32.83 30.19
C HIS T 88 -62.08 31.54 30.94
N SER T 89 -61.32 30.51 30.59
CA SER T 89 -61.55 29.16 31.08
C SER T 89 -60.22 28.57 31.51
N PRO T 90 -60.27 27.45 32.25
CA PRO T 90 -59.05 26.68 32.56
C PRO T 90 -58.37 26.16 31.28
N ASP T 91 -57.05 26.00 31.31
CA ASP T 91 -56.31 25.52 30.15
C ASP T 91 -56.30 24.00 30.13
N GLN T 92 -56.64 23.40 31.27
CA GLN T 92 -56.42 21.99 31.49
C GLN T 92 -57.41 21.45 32.51
N VAL T 93 -57.89 20.23 32.30
CA VAL T 93 -58.66 19.50 33.32
C VAL T 93 -58.16 18.05 33.47
N SER T 94 -58.53 17.43 34.59
CA SER T 94 -58.25 16.02 34.82
C SER T 94 -59.51 15.23 34.61
N VAL T 95 -59.44 14.25 33.74
CA VAL T 95 -60.62 13.49 33.33
C VAL T 95 -60.38 12.01 33.56
N PRO T 96 -61.35 11.32 34.16
CA PRO T 96 -61.30 9.86 34.23
C PRO T 96 -61.13 9.25 32.81
N ILE T 97 -60.19 8.33 32.66
CA ILE T 97 -59.97 7.74 31.33
C ILE T 97 -61.19 6.95 30.83
N SER T 98 -62.06 6.51 31.74
CA SER T 98 -63.32 5.89 31.30
C SER T 98 -64.24 6.85 30.52
N SER T 99 -63.98 8.15 30.63
CA SER T 99 -64.74 9.15 29.88
C SER T 99 -64.03 9.60 28.61
N LEU T 100 -62.93 8.97 28.25
CA LEU T 100 -62.15 9.42 27.12
C LEU T 100 -61.83 8.26 26.22
N TRP T 101 -61.61 8.52 24.95
CA TRP T 101 -60.96 7.50 24.15
C TRP T 101 -59.46 7.41 24.54
N VAL T 102 -58.97 6.19 24.63
CA VAL T 102 -57.58 5.94 25.02
C VAL T 102 -56.94 4.93 24.05
N PRO T 103 -55.72 5.20 23.60
CA PRO T 103 -55.05 4.24 22.72
C PRO T 103 -54.93 2.85 23.36
N ASP T 104 -55.23 1.81 22.58
CA ASP T 104 -55.17 0.43 23.08
C ASP T 104 -53.74 -0.12 23.07
N LEU T 105 -52.83 0.58 23.71
CA LEU T 105 -51.43 0.14 23.80
C LEU T 105 -51.26 -1.16 24.61
N ALA T 106 -50.35 -2.02 24.17
CA ALA T 106 -50.04 -3.23 24.91
C ALA T 106 -48.55 -3.56 24.80
N ALA T 107 -47.97 -4.11 25.86
CA ALA T 107 -46.57 -4.58 25.82
C ALA T 107 -46.58 -6.01 25.32
N TYR T 108 -46.03 -6.19 24.12
CA TYR T 108 -46.07 -7.50 23.44
C TYR T 108 -45.46 -8.63 24.22
N ASN T 109 -44.38 -8.31 24.97
CA ASN T 109 -43.61 -9.28 25.73
C ASN T 109 -43.90 -9.22 27.25
N ALA T 110 -45.01 -8.59 27.62
CA ALA T 110 -45.47 -8.64 29.00
C ALA T 110 -46.00 -10.03 29.25
N ILE T 111 -45.89 -10.51 30.49
CA ILE T 111 -46.32 -11.85 30.85
C ILE T 111 -47.19 -11.76 32.11
N SER T 112 -47.50 -10.54 32.51
CA SER T 112 -48.53 -10.29 33.49
C SER T 112 -49.38 -9.13 32.96
N LYS T 113 -50.65 -9.05 33.37
CA LYS T 113 -51.40 -7.88 32.91
C LYS T 113 -50.92 -6.69 33.72
N PRO T 114 -51.04 -5.49 33.15
CA PRO T 114 -50.48 -4.30 33.79
C PRO T 114 -51.23 -3.96 35.07
N GLU T 115 -50.50 -3.83 36.18
CA GLU T 115 -51.04 -3.36 37.45
C GLU T 115 -50.87 -1.84 37.48
N VAL T 116 -51.98 -1.13 37.36
CA VAL T 116 -51.97 0.33 37.39
C VAL T 116 -51.97 0.78 38.85
N LEU T 117 -50.96 1.53 39.22
CA LEU T 117 -50.74 1.85 40.63
C LEU T 117 -51.39 3.19 41.00
N THR T 118 -51.68 3.98 39.99
CA THR T 118 -52.06 5.37 40.21
C THR T 118 -53.52 5.63 39.80
N PRO T 119 -54.11 6.73 40.29
CA PRO T 119 -55.49 7.12 39.90
C PRO T 119 -55.60 7.25 38.39
N GLN T 120 -56.62 6.65 37.81
CA GLN T 120 -56.68 6.58 36.35
C GLN T 120 -57.32 7.82 35.76
N LEU T 121 -56.57 8.92 35.81
CA LEU T 121 -57.01 10.21 35.29
C LEU T 121 -56.06 10.66 34.19
N ALA T 122 -56.60 11.40 33.23
CA ALA T 122 -55.78 11.95 32.15
C ALA T 122 -55.85 13.48 32.17
N HIS T 123 -54.88 14.12 31.53
CA HIS T 123 -54.89 15.53 31.27
C HIS T 123 -55.58 15.78 29.96
N VAL T 124 -56.55 16.71 29.95
CA VAL T 124 -57.05 17.24 28.70
C VAL T 124 -56.75 18.72 28.67
N VAL T 125 -56.05 19.16 27.64
CA VAL T 125 -55.68 20.57 27.49
C VAL T 125 -56.65 21.19 26.52
N SER T 126 -56.91 22.49 26.64
CA SER T 126 -57.98 23.15 25.87
C SER T 126 -57.88 22.94 24.36
N ASP T 127 -56.65 22.75 23.86
CA ASP T 127 -56.41 22.50 22.43
C ASP T 127 -56.76 21.07 21.99
N GLY T 128 -57.07 20.20 22.95
CA GLY T 128 -57.44 18.84 22.64
C GLY T 128 -56.31 17.86 22.82
N GLU T 129 -55.19 18.32 23.36
CA GLU T 129 -54.07 17.40 23.63
C GLU T 129 -54.40 16.63 24.91
N VAL T 130 -54.22 15.32 24.82
CA VAL T 130 -54.48 14.45 25.96
C VAL T 130 -53.20 13.79 26.39
N GLN T 131 -52.96 13.77 27.70
CA GLN T 131 -51.83 13.03 28.26
C GLN T 131 -52.31 12.12 29.37
N TYR T 132 -51.86 10.87 29.34
CA TYR T 132 -52.20 9.89 30.37
C TYR T 132 -50.89 9.21 30.77
N THR T 133 -50.58 9.25 32.07
CA THR T 133 -49.29 8.75 32.57
C THR T 133 -49.49 7.89 33.82
N PRO T 134 -50.07 6.71 33.63
CA PRO T 134 -50.19 5.78 34.77
C PRO T 134 -48.83 5.19 35.21
N SER T 135 -48.72 4.92 36.50
CA SER T 135 -47.54 4.20 36.98
C SER T 135 -47.88 2.73 36.96
N ILE T 136 -47.07 1.96 36.27
CA ILE T 136 -47.39 0.56 36.03
C ILE T 136 -46.33 -0.40 36.60
N ARG T 137 -46.78 -1.41 37.33
CA ARG T 137 -45.92 -2.52 37.64
C ARG T 137 -46.26 -3.72 36.74
N GLN T 138 -45.26 -4.26 36.06
CA GLN T 138 -45.51 -5.33 35.09
C GLN T 138 -44.28 -6.25 34.95
N ARG T 139 -44.54 -7.54 34.71
CA ARG T 139 -43.50 -8.52 34.41
C ARG T 139 -43.30 -8.73 32.89
N PHE T 140 -42.04 -8.73 32.48
CA PHE T 140 -41.70 -8.92 31.08
C PHE T 140 -40.80 -10.10 30.85
N SER T 141 -40.94 -10.67 29.67
CA SER T 141 -40.04 -11.68 29.16
C SER T 141 -39.05 -11.00 28.25
N CYS T 142 -37.78 -10.95 28.67
CA CYS T 142 -36.74 -10.31 27.88
C CYS T 142 -35.36 -10.82 28.26
N ASP T 143 -34.34 -10.31 27.56
CA ASP T 143 -32.97 -10.79 27.73
C ASP T 143 -32.33 -10.21 28.97
N VAL T 144 -32.18 -11.06 29.99
CA VAL T 144 -31.64 -10.64 31.27
C VAL T 144 -30.15 -11.03 31.42
N SER T 145 -29.63 -11.66 30.37
CA SER T 145 -28.24 -12.11 30.37
C SER T 145 -27.24 -10.94 30.49
N GLY T 146 -26.38 -11.03 31.49
CA GLY T 146 -25.34 -10.03 31.65
C GLY T 146 -25.71 -9.01 32.69
N VAL T 147 -26.84 -9.23 33.36
CA VAL T 147 -27.35 -8.28 34.37
C VAL T 147 -26.34 -8.08 35.49
N ASP T 148 -25.52 -9.09 35.75
CA ASP T 148 -24.55 -9.05 36.83
C ASP T 148 -23.15 -8.64 36.39
N THR T 149 -22.99 -8.27 35.13
CA THR T 149 -21.73 -7.79 34.61
C THR T 149 -21.70 -6.26 34.61
N GLU T 150 -20.60 -5.69 34.14
CA GLU T 150 -20.39 -4.24 34.11
C GLU T 150 -21.12 -3.58 32.93
N SER T 151 -21.25 -4.30 31.82
CA SER T 151 -21.95 -3.80 30.64
C SER T 151 -23.48 -3.95 30.79
N GLY T 152 -23.88 -4.82 31.71
CA GLY T 152 -25.28 -4.97 32.07
C GLY T 152 -26.09 -5.81 31.10
N ALA T 153 -27.36 -6.03 31.48
CA ALA T 153 -28.34 -6.64 30.58
C ALA T 153 -29.03 -5.56 29.74
N THR T 154 -29.56 -5.97 28.59
CA THR T 154 -30.41 -5.06 27.79
C THR T 154 -31.80 -5.66 27.54
N CYS T 155 -32.76 -5.23 28.36
CA CYS T 155 -34.13 -5.68 28.24
C CYS T 155 -34.93 -4.82 27.24
N ARG T 156 -35.45 -5.45 26.19
CA ARG T 156 -36.16 -4.74 25.14
C ARG T 156 -37.67 -4.88 25.34
N ILE T 157 -38.37 -3.76 25.54
CA ILE T 157 -39.82 -3.75 25.74
C ILE T 157 -40.59 -3.19 24.53
N LYS T 158 -41.52 -4.00 24.01
CA LYS T 158 -42.21 -3.69 22.76
C LYS T 158 -43.65 -3.24 23.02
N ILE T 159 -43.91 -1.95 22.78
CA ILE T 159 -45.22 -1.37 23.02
C ILE T 159 -45.86 -0.80 21.75
N GLY T 160 -47.09 -1.20 21.47
CA GLY T 160 -47.80 -0.69 20.31
C GLY T 160 -49.30 -0.84 20.47
N SER T 161 -50.05 -0.30 19.51
CA SER T 161 -51.49 -0.54 19.48
C SER T 161 -51.75 -2.01 19.23
N TRP T 162 -52.62 -2.61 20.03
CA TRP T 162 -53.04 -3.98 19.80
C TRP T 162 -53.91 -4.15 18.54
N THR T 163 -54.88 -3.25 18.32
CA THR T 163 -55.87 -3.45 17.25
C THR T 163 -55.91 -2.39 16.16
N HIS T 164 -55.20 -1.28 16.37
CA HIS T 164 -55.16 -0.23 15.34
C HIS T 164 -53.87 -0.22 14.50
N HIS T 165 -53.99 -0.33 13.18
CA HIS T 165 -52.82 -0.34 12.29
C HIS T 165 -52.32 1.07 12.03
N SER T 166 -51.27 1.16 11.21
CA SER T 166 -50.48 2.39 11.07
C SER T 166 -51.30 3.60 10.57
N ARG T 167 -52.41 3.37 9.90
CA ARG T 167 -53.20 4.49 9.38
C ARG T 167 -54.18 5.03 10.42
N GLU T 168 -54.46 4.19 11.40
CA GLU T 168 -55.31 4.62 12.49
C GLU T 168 -54.47 5.12 13.68
N ILE T 169 -53.44 4.37 14.06
CA ILE T 169 -52.56 4.81 15.15
C ILE T 169 -51.07 4.68 14.80
N SER T 170 -50.35 5.77 14.99
CA SER T 170 -48.90 5.74 14.80
C SER T 170 -48.24 6.03 16.15
N VAL T 171 -47.27 5.21 16.53
CA VAL T 171 -46.55 5.46 17.78
C VAL T 171 -45.18 6.06 17.54
N ASP T 172 -44.79 7.00 18.39
CA ASP T 172 -43.50 7.65 18.27
C ASP T 172 -42.87 7.88 19.64
N PRO T 173 -41.53 7.76 19.72
CA PRO T 173 -40.79 8.07 20.96
C PRO T 173 -40.84 9.57 21.23
N THR T 174 -40.45 9.98 22.44
CA THR T 174 -40.47 11.39 22.82
C THR T 174 -39.09 12.04 22.70
N GLU T 182 -34.31 9.13 35.22
CA GLU T 182 -34.48 10.37 35.98
C GLU T 182 -35.29 10.19 37.24
N TYR T 183 -36.34 9.37 37.20
CA TYR T 183 -37.15 9.15 38.39
C TYR T 183 -36.91 7.82 39.04
N PHE T 184 -35.88 7.13 38.57
CA PHE T 184 -35.54 5.80 39.06
C PHE T 184 -35.14 5.84 40.48
N SER T 185 -35.60 4.89 41.24
CA SER T 185 -35.30 4.85 42.65
C SER T 185 -33.86 4.51 42.94
N GLN T 186 -33.27 5.24 43.87
CA GLN T 186 -31.90 5.00 44.34
C GLN T 186 -31.83 3.79 45.25
N TYR T 187 -32.98 3.25 45.65
CA TYR T 187 -33.03 2.12 46.58
C TYR T 187 -33.21 0.78 45.87
N SER T 188 -33.22 0.82 44.53
CA SER T 188 -33.23 -0.43 43.77
C SER T 188 -31.88 -1.12 43.92
N ARG T 189 -31.83 -2.44 43.74
CA ARG T 189 -30.55 -3.14 43.70
C ARG T 189 -29.89 -2.86 42.35
N PHE T 190 -30.68 -2.30 41.44
CA PHE T 190 -30.21 -2.14 40.08
C PHE T 190 -30.00 -0.66 39.80
N GLU T 191 -29.34 -0.40 38.69
CA GLU T 191 -29.10 0.95 38.25
C GLU T 191 -29.15 0.95 36.74
N ILE T 192 -29.58 2.07 36.18
CA ILE T 192 -29.81 2.14 34.74
C ILE T 192 -28.60 2.76 34.06
N LEU T 193 -28.09 2.06 33.04
CA LEU T 193 -26.94 2.57 32.32
C LEU T 193 -27.39 3.43 31.15
N ASP T 194 -28.37 2.93 30.42
CA ASP T 194 -28.89 3.64 29.26
C ASP T 194 -30.32 3.20 28.89
N VAL T 195 -31.08 4.14 28.32
CA VAL T 195 -32.38 3.84 27.74
C VAL T 195 -32.41 4.37 26.31
N THR T 196 -32.62 3.47 25.35
CA THR T 196 -32.81 3.87 23.96
C THR T 196 -34.18 3.42 23.43
N GLN T 197 -34.74 4.21 22.53
CA GLN T 197 -36.06 3.92 21.96
C GLN T 197 -35.97 3.86 20.45
N LYS T 198 -36.76 2.99 19.83
CA LYS T 198 -36.70 2.81 18.39
C LYS T 198 -38.05 2.35 17.91
N LYS T 199 -38.49 2.93 16.81
CA LYS T 199 -39.82 2.73 16.30
C LYS T 199 -39.79 1.67 15.22
N ASN T 200 -40.81 0.82 15.18
CA ASN T 200 -40.92 -0.22 14.17
C ASN T 200 -42.31 -0.29 13.56
N SER T 201 -42.40 -0.95 12.42
CA SER T 201 -43.65 -1.13 11.73
C SER T 201 -43.70 -2.55 11.23
N VAL T 202 -44.63 -3.34 11.79
CA VAL T 202 -44.60 -4.78 11.58
C VAL T 202 -45.89 -5.26 10.94
N THR T 203 -45.79 -6.20 10.01
CA THR T 203 -46.94 -6.87 9.48
C THR T 203 -47.10 -8.25 10.10
N TYR T 204 -48.32 -8.56 10.53
CA TYR T 204 -48.65 -9.81 11.20
C TYR T 204 -49.47 -10.70 10.28
N SER T 205 -49.45 -12.00 10.52
CA SER T 205 -50.07 -12.99 9.66
C SER T 205 -51.55 -12.74 9.49
N CYS T 206 -52.19 -12.35 10.59
CA CYS T 206 -53.65 -12.20 10.65
C CYS T 206 -54.16 -11.14 9.67
N CYS T 207 -53.39 -10.07 9.52
CA CYS T 207 -53.91 -8.84 8.92
C CYS T 207 -52.97 -8.27 7.85
N PRO T 208 -53.57 -7.63 6.85
CA PRO T 208 -52.81 -7.08 5.72
C PRO T 208 -52.05 -5.78 5.99
N GLU T 209 -52.48 -5.05 7.00
CA GLU T 209 -51.88 -3.76 7.31
C GLU T 209 -50.73 -3.87 8.28
N ALA T 210 -49.96 -2.80 8.37
CA ALA T 210 -48.82 -2.78 9.27
C ALA T 210 -49.18 -2.09 10.58
N TYR T 211 -48.73 -2.68 11.69
CA TYR T 211 -48.92 -2.09 13.00
C TYR T 211 -47.62 -1.54 13.55
N GLU T 212 -47.68 -0.33 14.07
CA GLU T 212 -46.50 0.31 14.60
C GLU T 212 -46.28 -0.06 16.05
N ASP T 213 -45.01 -0.06 16.47
CA ASP T 213 -44.65 -0.25 17.87
C ASP T 213 -43.43 0.60 18.22
N VAL T 214 -43.23 0.80 19.51
CA VAL T 214 -41.98 1.35 20.01
C VAL T 214 -41.26 0.27 20.82
N GLU T 215 -39.98 0.06 20.50
CA GLU T 215 -39.11 -0.80 21.32
C GLU T 215 -38.20 0.01 22.22
N VAL T 216 -38.46 -0.07 23.52
CA VAL T 216 -37.66 0.65 24.49
C VAL T 216 -36.61 -0.32 25.00
N SER T 217 -35.34 0.00 24.79
CA SER T 217 -34.25 -0.84 25.27
C SER T 217 -33.72 -0.33 26.61
N LEU T 218 -33.94 -1.10 27.65
CA LEU T 218 -33.51 -0.74 28.98
C LEU T 218 -32.21 -1.47 29.29
N ASN T 219 -31.11 -0.71 29.33
CA ASN T 219 -29.79 -1.26 29.66
C ASN T 219 -29.51 -1.02 31.15
N PHE T 220 -29.52 -2.09 31.93
CA PHE T 220 -29.39 -1.97 33.38
C PHE T 220 -28.46 -3.05 33.92
N ARG T 221 -28.02 -2.88 35.17
CA ARG T 221 -27.19 -3.90 35.82
C ARG T 221 -27.42 -3.89 37.32
N LYS T 222 -27.01 -5.00 37.95
CA LYS T 222 -27.05 -5.14 39.39
C LYS T 222 -25.93 -4.34 40.02
N LYS T 223 -26.21 -3.66 41.12
CA LYS T 223 -25.21 -2.86 41.77
C LYS T 223 -24.33 -3.77 42.59
N GLY T 224 -23.06 -3.37 42.79
CA GLY T 224 -22.14 -4.00 43.72
C GLY T 224 -21.59 -2.98 44.72
N LEU U 20 -41.88 52.96 4.43
CA LEU U 20 -41.17 52.93 5.71
C LEU U 20 -39.67 52.90 5.50
N ASP U 21 -38.96 53.84 6.12
CA ASP U 21 -37.51 53.74 6.21
C ASP U 21 -37.06 53.46 7.66
N ARG U 22 -35.75 53.31 7.88
CA ARG U 22 -35.21 53.07 9.22
C ARG U 22 -35.69 54.06 10.28
N ALA U 23 -35.56 55.34 9.97
CA ALA U 23 -36.08 56.43 10.82
C ALA U 23 -37.52 56.18 11.29
N ASP U 24 -38.41 55.81 10.37
CA ASP U 24 -39.82 55.60 10.74
C ASP U 24 -39.98 54.38 11.64
N ILE U 25 -39.31 53.29 11.28
CA ILE U 25 -39.39 52.04 12.03
C ILE U 25 -38.93 52.25 13.47
N LEU U 26 -37.77 52.88 13.61
CA LEU U 26 -37.20 53.17 14.92
C LEU U 26 -38.08 54.11 15.72
N TYR U 27 -38.67 55.09 15.04
CA TYR U 27 -39.61 56.00 15.68
C TYR U 27 -40.83 55.24 16.23
N ASN U 28 -41.44 54.39 15.40
CA ASN U 28 -42.59 53.61 15.87
C ASN U 28 -42.21 52.70 17.05
N ILE U 29 -41.04 52.09 16.99
CA ILE U 29 -40.61 51.21 18.05
C ILE U 29 -40.41 51.95 19.35
N ARG U 30 -39.81 53.10 19.29
CA ARG U 30 -39.58 53.87 20.49
C ARG U 30 -40.88 54.33 21.08
N GLN U 31 -41.77 54.77 20.22
CA GLN U 31 -43.06 55.26 20.64
C GLN U 31 -43.95 54.21 21.24
N THR U 32 -43.97 53.05 20.63
CA THR U 32 -44.99 52.04 20.92
C THR U 32 -44.53 50.74 21.59
N SER U 33 -43.24 50.44 21.55
CA SER U 33 -42.78 49.26 22.27
C SER U 33 -42.92 49.49 23.78
N ARG U 34 -43.18 48.42 24.51
CA ARG U 34 -43.43 48.55 25.92
C ARG U 34 -42.42 47.68 26.60
N PRO U 35 -41.27 48.28 26.95
CA PRO U 35 -40.13 47.54 27.49
C PRO U 35 -40.47 46.83 28.78
N ASP U 36 -41.47 47.32 29.49
CA ASP U 36 -41.91 46.75 30.76
C ASP U 36 -42.83 45.55 30.53
N VAL U 37 -43.24 45.33 29.29
CA VAL U 37 -44.35 44.40 29.02
C VAL U 37 -43.91 43.18 28.25
N ILE U 38 -43.93 42.03 28.92
CA ILE U 38 -43.53 40.79 28.27
C ILE U 38 -44.45 40.47 27.08
N PRO U 39 -43.88 40.28 25.89
CA PRO U 39 -44.65 40.08 24.66
C PRO U 39 -45.23 38.68 24.60
N THR U 40 -45.96 38.29 25.63
CA THR U 40 -46.60 37.00 25.68
C THR U 40 -47.80 37.00 24.71
N GLN U 41 -48.05 35.85 24.08
CA GLN U 41 -48.94 35.74 22.93
C GLN U 41 -50.00 34.70 23.24
N ARG U 42 -51.24 35.14 23.46
CA ARG U 42 -52.32 34.19 23.68
C ARG U 42 -52.02 33.31 24.90
N ARG U 44 -49.52 31.93 25.85
CA ARG U 44 -48.46 30.96 25.65
C ARG U 44 -47.11 31.68 25.88
N PRO U 45 -46.15 31.00 26.50
CA PRO U 45 -44.88 31.59 26.92
C PRO U 45 -44.06 32.14 25.78
N VAL U 46 -43.28 33.18 26.05
CA VAL U 46 -42.30 33.67 25.10
C VAL U 46 -41.15 32.66 25.05
N ALA U 47 -40.87 32.15 23.86
CA ALA U 47 -39.79 31.19 23.67
C ALA U 47 -38.46 31.93 23.51
N VAL U 48 -37.58 31.77 24.49
CA VAL U 48 -36.27 32.41 24.48
C VAL U 48 -35.14 31.40 24.19
N SER U 49 -34.41 31.60 23.09
CA SER U 49 -33.19 30.84 22.80
C SER U 49 -31.99 31.45 23.48
N VAL U 50 -31.23 30.62 24.17
CA VAL U 50 -29.98 31.07 24.77
C VAL U 50 -28.83 30.20 24.27
N SER U 51 -27.79 30.84 23.78
CA SER U 51 -26.61 30.13 23.28
C SER U 51 -25.37 30.92 23.65
N LEU U 52 -24.56 30.38 24.57
CA LEU U 52 -23.26 30.99 24.92
C LEU U 52 -22.15 30.64 23.90
N LYS U 53 -21.53 31.67 23.35
CA LYS U 53 -20.38 31.52 22.48
C LYS U 53 -19.16 31.97 23.29
N PHE U 54 -18.37 31.00 23.76
CA PHE U 54 -17.24 31.35 24.61
C PHE U 54 -16.12 32.00 23.81
N ILE U 55 -15.58 33.08 24.36
CA ILE U 55 -14.56 33.88 23.70
C ILE U 55 -13.22 33.71 24.44
N ASN U 56 -13.29 33.74 25.77
CA ASN U 56 -12.09 33.61 26.58
C ASN U 56 -12.32 33.11 28.00
N ILE U 57 -11.35 32.43 28.58
CA ILE U 57 -11.40 32.01 29.95
C ILE U 57 -10.22 32.63 30.61
N LEU U 58 -10.40 33.37 31.68
CA LEU U 58 -9.35 34.24 32.16
C LEU U 58 -8.59 33.88 33.42
N GLU U 59 -9.28 33.38 34.42
CA GLU U 59 -8.63 33.02 35.64
C GLU U 59 -9.39 31.95 36.22
N VAL U 60 -8.73 30.85 36.49
CA VAL U 60 -9.34 29.75 37.09
C VAL U 60 -8.69 29.78 38.41
N ASN U 61 -9.43 29.43 39.42
CA ASN U 61 -8.86 29.04 40.67
C ASN U 61 -9.42 27.70 41.11
N GLU U 62 -8.57 26.69 41.15
CA GLU U 62 -8.97 25.37 41.61
C GLU U 62 -9.17 25.30 43.10
N ILE U 63 -8.60 26.23 43.80
CA ILE U 63 -8.85 26.23 45.23
C ILE U 63 -10.24 26.76 45.55
N THR U 64 -10.54 27.98 45.08
CA THR U 64 -11.78 28.66 45.40
C THR U 64 -12.94 28.19 44.52
N ASN U 65 -12.63 27.47 43.45
CA ASN U 65 -13.66 27.03 42.51
C ASN U 65 -14.38 28.17 41.81
N GLU U 66 -13.59 29.11 41.28
CA GLU U 66 -14.12 30.28 40.60
C GLU U 66 -13.44 30.44 39.25
N VAL U 67 -14.20 30.79 38.23
CA VAL U 67 -13.61 31.09 36.92
C VAL U 67 -14.12 32.45 36.40
N ASP U 68 -13.30 33.05 35.54
CA ASP U 68 -13.60 34.34 34.94
C ASP U 68 -13.73 34.07 33.44
N VAL U 69 -14.94 34.26 32.90
CA VAL U 69 -15.23 33.90 31.52
C VAL U 69 -15.72 35.10 30.70
N VAL U 70 -15.33 35.12 29.43
CA VAL U 70 -15.86 36.07 28.48
C VAL U 70 -16.62 35.29 27.41
N PHE U 71 -17.86 35.69 27.17
CA PHE U 71 -18.71 34.93 26.28
C PHE U 71 -19.81 35.80 25.66
N TRP U 72 -20.24 35.43 24.45
CA TRP U 72 -21.36 36.11 23.83
C TRP U 72 -22.61 35.42 24.32
N GLN U 73 -23.51 36.17 24.95
CA GLN U 73 -24.78 35.61 25.38
C GLN U 73 -25.83 35.85 24.31
N GLN U 74 -25.80 35.02 23.26
CA GLN U 74 -26.76 35.16 22.18
C GLN U 74 -28.17 34.80 22.63
N THR U 75 -29.03 35.81 22.67
CA THR U 75 -30.40 35.65 23.15
C THR U 75 -31.40 35.98 22.04
N THR U 76 -32.35 35.08 21.80
CA THR U 76 -33.28 35.27 20.69
C THR U 76 -34.70 34.96 21.13
N TRP U 77 -35.61 35.86 20.75
CA TRP U 77 -37.02 35.71 21.06
C TRP U 77 -37.89 36.48 20.05
N SER U 78 -39.19 36.43 20.27
CA SER U 78 -40.12 36.97 19.31
C SER U 78 -41.05 37.97 19.99
N ASP U 79 -41.18 39.15 19.38
CA ASP U 79 -42.13 40.17 19.85
C ASP U 79 -42.89 40.72 18.65
N ARG U 80 -44.10 40.28 18.37
CA ARG U 80 -44.80 40.68 17.14
C ARG U 80 -45.35 42.08 17.09
N THR U 81 -45.38 42.69 18.24
CA THR U 81 -45.77 44.04 18.48
C THR U 81 -44.85 44.93 17.69
N LEU U 82 -43.63 44.47 17.47
CA LEU U 82 -42.63 45.22 16.78
C LEU U 82 -42.59 44.98 15.28
N ALA U 83 -43.37 44.03 14.79
CA ALA U 83 -43.34 43.68 13.39
C ALA U 83 -43.80 44.79 12.49
N TRP U 84 -43.30 44.78 11.27
CA TRP U 84 -43.72 45.74 10.26
C TRP U 84 -43.75 45.14 8.87
N ASN U 85 -44.48 45.82 7.98
CA ASN U 85 -44.57 45.44 6.56
C ASN U 85 -43.27 45.77 5.82
N SER U 86 -42.47 44.75 5.51
CA SER U 86 -41.13 44.96 4.96
C SER U 86 -41.10 45.00 3.45
N SER U 87 -42.25 45.25 2.82
CA SER U 87 -42.35 45.22 1.36
C SER U 87 -41.32 46.13 0.68
N HIS U 88 -41.29 47.39 1.08
CA HIS U 88 -40.34 48.34 0.52
C HIS U 88 -39.57 48.98 1.66
N SER U 89 -39.20 48.15 2.63
CA SER U 89 -38.61 48.63 3.89
C SER U 89 -37.44 47.75 4.20
N PRO U 90 -36.57 48.18 5.13
CA PRO U 90 -35.50 47.32 5.66
C PRO U 90 -36.07 46.06 6.33
N ASP U 91 -35.31 44.96 6.31
CA ASP U 91 -35.74 43.71 6.93
C ASP U 91 -35.37 43.67 8.41
N GLN U 92 -34.48 44.59 8.80
CA GLN U 92 -33.82 44.55 10.09
C GLN U 92 -33.34 45.94 10.52
N VAL U 93 -33.47 46.24 11.81
CA VAL U 93 -32.88 47.43 12.41
C VAL U 93 -32.16 47.10 13.71
N SER U 94 -31.31 48.02 14.14
CA SER U 94 -30.63 47.89 15.43
C SER U 94 -31.26 48.89 16.41
N VAL U 95 -31.68 48.35 17.53
CA VAL U 95 -32.44 49.13 18.47
C VAL U 95 -31.77 49.03 19.84
N PRO U 96 -31.64 50.16 20.54
CA PRO U 96 -31.19 50.18 21.93
C PRO U 96 -32.09 49.27 22.79
N ILE U 97 -31.49 48.38 23.58
CA ILE U 97 -32.32 47.48 24.38
C ILE U 97 -33.22 48.24 25.39
N SER U 98 -32.84 49.46 25.72
CA SER U 98 -33.66 50.28 26.63
C SER U 98 -35.04 50.60 26.00
N SER U 99 -35.11 50.47 24.67
CA SER U 99 -36.36 50.66 23.95
C SER U 99 -37.11 49.37 23.64
N LEU U 100 -36.67 48.25 24.20
CA LEU U 100 -37.30 46.98 23.91
C LEU U 100 -37.55 46.25 25.20
N TRP U 101 -38.53 45.36 25.20
CA TRP U 101 -38.62 44.37 26.27
C TRP U 101 -37.50 43.36 26.07
N VAL U 102 -36.87 42.98 27.17
CA VAL U 102 -35.76 42.04 27.14
C VAL U 102 -35.96 41.00 28.24
N PRO U 103 -35.74 39.72 27.90
CA PRO U 103 -35.89 38.66 28.92
C PRO U 103 -34.94 38.90 30.13
N ASP U 104 -35.44 38.66 31.35
CA ASP U 104 -34.68 38.95 32.57
C ASP U 104 -33.76 37.77 32.96
N LEU U 105 -32.94 37.35 32.01
CA LEU U 105 -32.05 36.22 32.22
C LEU U 105 -31.01 36.53 33.28
N ALA U 106 -30.66 35.52 34.08
CA ALA U 106 -29.59 35.63 35.09
C ALA U 106 -28.79 34.33 35.20
N ALA U 107 -27.50 34.47 35.42
CA ALA U 107 -26.68 33.28 35.68
C ALA U 107 -26.73 33.03 37.17
N TYR U 108 -27.32 31.89 37.56
CA TYR U 108 -27.57 31.58 38.97
C TYR U 108 -26.32 31.48 39.79
N ASN U 109 -25.23 31.06 39.15
CA ASN U 109 -23.99 30.78 39.86
C ASN U 109 -22.95 31.84 39.54
N ALA U 110 -23.41 32.95 38.98
CA ALA U 110 -22.53 34.11 38.82
C ALA U 110 -22.25 34.71 40.20
N ILE U 111 -21.04 35.22 40.38
CA ILE U 111 -20.67 35.81 41.67
C ILE U 111 -20.16 37.23 41.46
N SER U 112 -20.25 37.72 40.22
CA SER U 112 -20.04 39.13 39.91
C SER U 112 -21.21 39.56 39.01
N LYS U 113 -21.52 40.85 38.97
CA LYS U 113 -22.58 41.28 38.06
C LYS U 113 -22.02 41.31 36.66
N PRO U 114 -22.86 41.01 35.66
CA PRO U 114 -22.32 40.89 34.29
C PRO U 114 -21.73 42.20 33.81
N GLU U 115 -20.48 42.16 33.34
CA GLU U 115 -19.86 43.30 32.69
C GLU U 115 -20.14 43.18 31.20
N VAL U 116 -21.00 44.08 30.68
CA VAL U 116 -21.33 44.11 29.25
C VAL U 116 -20.26 44.90 28.51
N LEU U 117 -19.60 44.22 27.58
CA LEU U 117 -18.41 44.79 26.95
C LEU U 117 -18.76 45.53 25.67
N THR U 118 -19.93 45.23 25.13
CA THR U 118 -20.31 45.68 23.80
C THR U 118 -21.49 46.68 23.85
N PRO U 119 -21.67 47.45 22.74
CA PRO U 119 -22.83 48.38 22.61
C PRO U 119 -24.14 47.64 22.83
N GLN U 120 -24.99 48.18 23.70
CA GLN U 120 -26.22 47.45 24.05
C GLN U 120 -27.35 47.64 23.03
N LEU U 121 -27.16 47.04 21.85
CA LEU U 121 -28.12 47.15 20.76
C LEU U 121 -28.61 45.76 20.42
N ALA U 122 -29.89 45.65 20.02
CA ALA U 122 -30.46 44.39 19.59
C ALA U 122 -30.85 44.44 18.11
N HIS U 123 -30.95 43.28 17.48
CA HIS U 123 -31.56 43.20 16.16
C HIS U 123 -33.09 43.06 16.26
N VAL U 124 -33.81 43.86 15.49
CA VAL U 124 -35.22 43.56 15.33
C VAL U 124 -35.47 43.31 13.86
N VAL U 125 -36.01 42.13 13.56
CA VAL U 125 -36.34 41.76 12.18
C VAL U 125 -37.81 42.09 11.95
N SER U 126 -38.17 42.37 10.69
CA SER U 126 -39.53 42.82 10.33
C SER U 126 -40.66 41.88 10.79
N ASP U 127 -40.34 40.59 10.94
CA ASP U 127 -41.31 39.62 11.47
C ASP U 127 -41.49 39.69 12.99
N GLY U 128 -40.62 40.46 13.66
CA GLY U 128 -40.72 40.63 15.09
C GLY U 128 -39.73 39.80 15.87
N GLU U 129 -38.84 39.12 15.15
CA GLU U 129 -37.83 38.31 15.83
C GLU U 129 -36.77 39.27 16.35
N VAL U 130 -36.44 39.11 17.63
CA VAL U 130 -35.44 39.94 18.28
C VAL U 130 -34.21 39.10 18.68
N GLN U 131 -33.03 39.59 18.34
CA GLN U 131 -31.81 38.98 18.81
C GLN U 131 -30.95 40.00 19.55
N TYR U 132 -30.41 39.59 20.69
CA TYR U 132 -29.50 40.42 21.47
C TYR U 132 -28.28 39.56 21.87
N THR U 133 -27.09 39.99 21.50
CA THR U 133 -25.93 39.19 21.71
C THR U 133 -24.80 40.04 22.32
N PRO U 134 -24.93 40.38 23.61
CA PRO U 134 -23.86 41.13 24.25
C PRO U 134 -22.66 40.24 24.57
N SER U 135 -21.45 40.80 24.51
CA SER U 135 -20.28 40.10 24.98
C SER U 135 -20.16 40.45 26.45
N ILE U 136 -20.13 39.41 27.28
CA ILE U 136 -20.12 39.56 28.72
C ILE U 136 -18.89 38.95 29.38
N ARG U 137 -18.31 39.69 30.31
CA ARG U 137 -17.26 39.16 31.17
C ARG U 137 -17.88 38.96 32.55
N GLN U 138 -17.75 37.76 33.10
CA GLN U 138 -18.41 37.43 34.36
C GLN U 138 -17.66 36.36 35.15
N ARG U 139 -17.70 36.45 36.47
CA ARG U 139 -17.18 35.36 37.32
C ARG U 139 -18.24 34.36 37.73
N PHE U 140 -17.84 33.10 37.75
CA PHE U 140 -18.76 32.06 38.16
C PHE U 140 -18.18 31.18 39.26
N SER U 141 -19.09 30.65 40.07
CA SER U 141 -18.77 29.63 41.03
C SER U 141 -19.15 28.28 40.43
N CYS U 142 -18.16 27.46 40.13
CA CYS U 142 -18.43 26.17 39.52
C CYS U 142 -17.29 25.20 39.81
N ASP U 143 -17.42 23.98 39.30
CA ASP U 143 -16.44 22.94 39.54
C ASP U 143 -15.22 23.06 38.61
N VAL U 144 -14.09 23.47 39.19
CA VAL U 144 -12.87 23.72 38.43
C VAL U 144 -11.87 22.57 38.59
N SER U 145 -12.24 21.59 39.40
CA SER U 145 -11.40 20.41 39.65
C SER U 145 -11.07 19.64 38.36
N GLY U 146 -9.77 19.40 38.17
CA GLY U 146 -9.25 18.66 37.03
C GLY U 146 -8.96 19.53 35.84
N VAL U 147 -8.98 20.85 36.05
CA VAL U 147 -8.67 21.80 34.98
C VAL U 147 -7.28 21.59 34.40
N ASP U 148 -6.35 21.08 35.23
CA ASP U 148 -4.97 20.82 34.82
C ASP U 148 -4.69 19.38 34.36
N THR U 149 -5.73 18.56 34.30
CA THR U 149 -5.63 17.22 33.74
C THR U 149 -6.04 17.19 32.26
N GLU U 150 -6.00 16.00 31.66
CA GLU U 150 -6.26 15.86 30.24
C GLU U 150 -7.76 15.85 29.96
N SER U 151 -8.53 15.32 30.89
CA SER U 151 -9.96 15.23 30.71
C SER U 151 -10.60 16.59 31.01
N GLY U 152 -9.86 17.45 31.72
CA GLY U 152 -10.25 18.81 31.96
C GLY U 152 -11.26 19.00 33.08
N ALA U 153 -11.58 20.26 33.39
CA ALA U 153 -12.68 20.58 34.29
C ALA U 153 -13.99 20.70 33.50
N THR U 154 -15.11 20.52 34.19
CA THR U 154 -16.41 20.80 33.57
C THR U 154 -17.19 21.80 34.40
N CYS U 155 -17.23 23.04 33.91
CA CYS U 155 -17.89 24.13 34.59
C CYS U 155 -19.34 24.30 34.09
N ARG U 156 -20.29 24.21 35.00
CA ARG U 156 -21.71 24.21 34.64
C ARG U 156 -22.31 25.60 34.93
N ILE U 157 -22.81 26.26 33.88
CA ILE U 157 -23.38 27.58 34.03
C ILE U 157 -24.90 27.55 33.88
N LYS U 158 -25.61 27.99 34.92
CA LYS U 158 -27.08 27.93 34.92
C LYS U 158 -27.71 29.29 34.60
N ILE U 159 -28.38 29.38 33.46
CA ILE U 159 -29.01 30.62 33.02
C ILE U 159 -30.52 30.43 32.84
N GLY U 160 -31.30 31.31 33.47
CA GLY U 160 -32.75 31.31 33.30
C GLY U 160 -33.38 32.64 33.64
N SER U 161 -34.68 32.77 33.36
CA SER U 161 -35.41 33.98 33.75
C SER U 161 -35.46 34.10 35.27
N TRP U 162 -35.18 35.30 35.77
CA TRP U 162 -35.18 35.49 37.21
C TRP U 162 -36.59 35.52 37.79
N THR U 163 -37.51 36.17 37.11
CA THR U 163 -38.86 36.39 37.68
C THR U 163 -40.01 35.83 36.86
N HIS U 164 -39.77 35.32 35.66
CA HIS U 164 -40.87 34.77 34.87
C HIS U 164 -40.81 33.26 34.85
N HIS U 165 -41.95 32.63 35.15
CA HIS U 165 -42.03 31.17 35.24
C HIS U 165 -42.29 30.54 33.88
N SER U 166 -42.47 29.22 33.85
CA SER U 166 -42.44 28.47 32.59
C SER U 166 -43.57 28.83 31.63
N ARG U 167 -44.66 29.38 32.18
CA ARG U 167 -45.80 29.74 31.37
C ARG U 167 -45.59 31.10 30.69
N GLU U 168 -44.70 31.91 31.27
CA GLU U 168 -44.38 33.24 30.75
C GLU U 168 -43.14 33.23 29.90
N ILE U 169 -42.08 32.60 30.41
CA ILE U 169 -40.83 32.45 29.64
C ILE U 169 -40.36 31.02 29.65
N SER U 170 -40.13 30.46 28.45
CA SER U 170 -39.44 29.18 28.31
C SER U 170 -38.06 29.36 27.64
N VAL U 171 -37.03 28.75 28.22
CA VAL U 171 -35.68 28.84 27.65
C VAL U 171 -35.30 27.55 26.95
N ASP U 172 -34.65 27.70 25.80
CA ASP U 172 -34.20 26.55 25.02
C ASP U 172 -32.79 26.76 24.46
N PRO U 173 -32.01 25.67 24.37
CA PRO U 173 -30.70 25.73 23.70
C PRO U 173 -30.87 25.91 22.20
N THR U 174 -29.77 26.23 21.50
CA THR U 174 -29.83 26.45 20.05
C THR U 174 -29.32 25.23 19.29
N GLU U 182 -15.32 28.15 18.67
CA GLU U 182 -15.37 28.76 17.35
C GLU U 182 -14.98 30.23 17.29
N TYR U 183 -15.34 30.98 18.31
CA TYR U 183 -14.91 32.34 18.44
C TYR U 183 -13.95 32.47 19.60
N PHE U 184 -13.53 31.33 20.13
CA PHE U 184 -12.63 31.25 21.27
C PHE U 184 -11.22 31.69 20.98
N SER U 185 -10.66 32.45 21.90
CA SER U 185 -9.32 33.01 21.72
C SER U 185 -8.22 31.95 21.70
N GLN U 186 -7.38 31.99 20.68
CA GLN U 186 -6.26 31.08 20.61
C GLN U 186 -5.18 31.50 21.61
N TYR U 187 -5.31 32.70 22.17
CA TYR U 187 -4.31 33.23 23.10
C TYR U 187 -4.68 33.03 24.57
N SER U 188 -5.80 32.37 24.82
CA SER U 188 -6.13 31.91 26.16
C SER U 188 -5.14 30.82 26.63
N ARG U 189 -4.95 30.73 27.95
CA ARG U 189 -4.15 29.65 28.52
C ARG U 189 -5.01 28.40 28.71
N PHE U 190 -6.23 28.47 28.19
CA PHE U 190 -7.13 27.34 28.28
C PHE U 190 -7.64 27.03 26.89
N GLU U 191 -7.98 25.76 26.69
CA GLU U 191 -8.64 25.30 25.48
C GLU U 191 -9.97 24.64 25.86
N ILE U 192 -10.91 24.67 24.92
CA ILE U 192 -12.21 24.07 25.14
C ILE U 192 -12.29 22.68 24.51
N LEU U 193 -12.68 21.69 25.31
CA LEU U 193 -12.78 20.33 24.84
C LEU U 193 -14.18 20.06 24.30
N ASP U 194 -15.19 20.54 25.04
CA ASP U 194 -16.57 20.30 24.65
C ASP U 194 -17.52 21.27 25.35
N VAL U 195 -18.61 21.61 24.68
CA VAL U 195 -19.70 22.40 25.28
C VAL U 195 -21.02 21.66 25.09
N THR U 196 -21.68 21.32 26.18
CA THR U 196 -23.00 20.69 26.08
C THR U 196 -24.04 21.58 26.79
N GLN U 197 -25.27 21.53 26.28
CA GLN U 197 -26.33 22.34 26.86
C GLN U 197 -27.47 21.43 27.29
N LYS U 198 -28.10 21.80 28.40
CA LYS U 198 -29.20 20.99 28.91
C LYS U 198 -30.30 21.90 29.50
N LYS U 199 -31.55 21.57 29.23
CA LYS U 199 -32.67 22.39 29.70
C LYS U 199 -33.29 21.79 30.96
N ASN U 200 -33.59 22.64 31.94
CA ASN U 200 -34.20 22.18 33.17
C ASN U 200 -35.43 23.00 33.51
N SER U 201 -36.22 22.46 34.44
CA SER U 201 -37.39 23.13 34.94
C SER U 201 -37.42 22.89 36.45
N VAL U 202 -37.24 23.95 37.22
CA VAL U 202 -37.06 23.84 38.67
C VAL U 202 -38.15 24.61 39.46
N THR U 203 -38.60 24.00 40.55
CA THR U 203 -39.51 24.69 41.46
C THR U 203 -38.72 25.22 42.64
N TYR U 204 -38.97 26.47 43.00
CA TYR U 204 -38.30 27.11 44.13
C TYR U 204 -39.28 27.32 45.26
N SER U 205 -38.74 27.50 46.47
CA SER U 205 -39.54 27.50 47.69
C SER U 205 -40.53 28.63 47.73
N CYS U 206 -40.10 29.75 47.17
CA CYS U 206 -40.84 30.99 47.21
C CYS U 206 -42.17 30.88 46.46
N CYS U 207 -42.20 30.12 45.37
CA CYS U 207 -43.26 30.25 44.38
C CYS U 207 -43.75 28.89 43.96
N PRO U 208 -45.03 28.79 43.62
CA PRO U 208 -45.65 27.51 43.22
C PRO U 208 -45.34 27.07 41.80
N GLU U 209 -44.93 27.98 40.92
CA GLU U 209 -44.71 27.65 39.52
C GLU U 209 -43.28 27.22 39.27
N ALA U 210 -43.05 26.65 38.08
CA ALA U 210 -41.73 26.17 37.71
C ALA U 210 -41.02 27.18 36.82
N TYR U 211 -39.73 27.35 37.10
CA TYR U 211 -38.90 28.25 36.32
C TYR U 211 -37.91 27.45 35.47
N GLU U 212 -37.84 27.80 34.20
CA GLU U 212 -36.93 27.10 33.31
C GLU U 212 -35.54 27.70 33.34
N ASP U 213 -34.54 26.86 33.07
CA ASP U 213 -33.17 27.33 32.91
C ASP U 213 -32.45 26.50 31.87
N VAL U 214 -31.34 27.02 31.39
CA VAL U 214 -30.44 26.24 30.57
C VAL U 214 -29.18 26.06 31.36
N GLU U 215 -28.67 24.84 31.42
CA GLU U 215 -27.35 24.58 31.99
C GLU U 215 -26.38 24.34 30.86
N VAL U 216 -25.44 25.26 30.72
CA VAL U 216 -24.35 25.11 29.77
C VAL U 216 -23.13 24.50 30.47
N SER U 217 -22.72 23.31 30.03
CA SER U 217 -21.55 22.65 30.60
C SER U 217 -20.33 22.93 29.74
N LEU U 218 -19.39 23.67 30.31
CA LEU U 218 -18.17 24.04 29.63
C LEU U 218 -17.03 23.10 30.07
N ASN U 219 -16.62 22.21 29.19
CA ASN U 219 -15.52 21.29 29.47
C ASN U 219 -14.23 21.85 28.89
N PHE U 220 -13.32 22.23 29.78
CA PHE U 220 -12.12 22.95 29.35
C PHE U 220 -10.90 22.52 30.16
N ARG U 221 -9.72 22.83 29.67
CA ARG U 221 -8.49 22.48 30.40
C ARG U 221 -7.37 23.48 30.14
N LYS U 222 -6.52 23.64 31.15
CA LYS U 222 -5.35 24.50 30.99
C LYS U 222 -4.45 23.96 29.90
N LYS U 223 -3.80 24.87 29.18
CA LYS U 223 -2.83 24.54 28.15
C LYS U 223 -1.46 24.17 28.73
N GLY U 224 -0.55 23.73 27.85
CA GLY U 224 0.85 23.52 28.21
C GLY U 224 1.66 24.80 28.47
N LEU V 20 -58.49 43.59 31.47
CA LEU V 20 -57.11 43.97 31.76
C LEU V 20 -56.12 42.95 31.27
N ASP V 21 -55.14 43.38 30.48
CA ASP V 21 -53.99 42.54 30.18
C ASP V 21 -52.75 43.09 30.89
N ARG V 22 -51.61 42.42 30.70
CA ARG V 22 -50.36 42.86 31.33
C ARG V 22 -50.07 44.32 30.99
N ALA V 23 -50.14 44.64 29.70
CA ALA V 23 -49.83 45.99 29.24
C ALA V 23 -50.59 47.04 30.05
N ASP V 24 -51.87 46.80 30.27
CA ASP V 24 -52.70 47.76 30.99
C ASP V 24 -52.32 47.85 32.45
N ILE V 25 -52.13 46.69 33.08
CA ILE V 25 -51.73 46.63 34.48
C ILE V 25 -50.40 47.35 34.73
N LEU V 26 -49.43 47.12 33.86
CA LEU V 26 -48.13 47.76 34.00
C LEU V 26 -48.25 49.26 33.75
N TYR V 27 -49.09 49.63 32.80
CA TYR V 27 -49.33 51.03 32.51
C TYR V 27 -49.93 51.75 33.73
N ASN V 28 -50.92 51.14 34.36
CA ASN V 28 -51.53 51.73 35.54
C ASN V 28 -50.53 51.86 36.66
N ILE V 29 -49.75 50.82 36.89
CA ILE V 29 -48.77 50.82 37.93
C ILE V 29 -47.76 51.90 37.70
N ARG V 30 -47.29 52.06 36.49
CA ARG V 30 -46.34 53.09 36.16
C ARG V 30 -46.84 54.51 36.27
N GLN V 31 -48.06 54.75 35.84
CA GLN V 31 -48.73 56.01 36.05
C GLN V 31 -49.06 56.36 37.46
N THR V 32 -49.46 55.39 38.25
CA THR V 32 -50.09 55.70 39.54
C THR V 32 -49.34 55.25 40.81
N SER V 33 -48.40 54.33 40.69
CA SER V 33 -47.66 53.94 41.89
C SER V 33 -46.74 55.11 42.30
N ARG V 34 -46.53 55.23 43.60
CA ARG V 34 -45.82 56.36 44.14
C ARG V 34 -44.59 55.82 44.89
N PRO V 35 -43.50 55.64 44.15
CA PRO V 35 -42.28 54.95 44.67
C PRO V 35 -41.72 55.61 45.91
N ASP V 36 -42.02 56.89 46.07
CA ASP V 36 -41.57 57.69 47.20
C ASP V 36 -42.49 57.52 48.41
N VAL V 37 -43.61 56.85 48.22
CA VAL V 37 -44.65 56.84 49.24
C VAL V 37 -44.85 55.47 49.84
N ILE V 38 -44.47 55.34 51.11
CA ILE V 38 -44.66 54.10 51.85
C ILE V 38 -46.16 53.77 51.94
N PRO V 39 -46.52 52.56 51.50
CA PRO V 39 -47.92 52.12 51.39
C PRO V 39 -48.50 51.75 52.75
N THR V 40 -48.43 52.68 53.69
CA THR V 40 -48.88 52.43 55.04
C THR V 40 -50.41 52.48 54.98
N GLN V 41 -51.07 51.51 55.61
CA GLN V 41 -52.53 51.37 55.53
C GLN V 41 -53.25 51.56 56.89
N ARG V 42 -54.16 52.54 56.96
CA ARG V 42 -54.78 53.00 58.22
C ARG V 42 -53.77 53.26 59.34
N ASP V 43 -52.64 53.85 59.00
CA ASP V 43 -51.56 54.11 59.97
C ASP V 43 -51.02 52.86 60.66
N ARG V 44 -51.14 51.73 59.96
CA ARG V 44 -50.52 50.50 60.40
C ARG V 44 -49.17 50.38 59.74
N PRO V 45 -48.21 49.80 60.47
CA PRO V 45 -46.94 49.61 59.76
C PRO V 45 -47.09 48.65 58.58
N VAL V 46 -46.33 48.92 57.52
CA VAL V 46 -46.15 47.92 56.48
C VAL V 46 -45.35 46.71 57.03
N ALA V 47 -45.93 45.53 56.90
CA ALA V 47 -45.26 44.31 57.36
C ALA V 47 -44.33 43.81 56.27
N VAL V 48 -43.02 43.87 56.54
CA VAL V 48 -42.03 43.38 55.60
C VAL V 48 -41.43 42.05 56.05
N SER V 49 -41.54 41.01 55.21
CA SER V 49 -40.86 39.72 55.41
C SER V 49 -39.47 39.74 54.80
N VAL V 50 -38.49 39.31 55.57
CA VAL V 50 -37.11 39.18 55.07
C VAL V 50 -36.62 37.78 55.31
N SER V 51 -36.06 37.18 54.27
CA SER V 51 -35.57 35.82 54.34
C SER V 51 -34.32 35.69 53.46
N LEU V 52 -33.18 35.47 54.09
CA LEU V 52 -31.95 35.32 53.32
C LEU V 52 -31.76 33.88 52.88
N LYS V 53 -31.62 33.65 51.57
CA LYS V 53 -31.31 32.33 51.02
C LYS V 53 -29.84 32.39 50.60
N PHE V 54 -28.99 31.74 51.39
CA PHE V 54 -27.56 31.76 51.11
C PHE V 54 -27.20 30.89 49.90
N ILE V 55 -26.43 31.49 48.99
CA ILE V 55 -26.06 30.83 47.75
C ILE V 55 -24.59 30.44 47.81
N ASN V 56 -23.76 31.35 48.31
CA ASN V 56 -22.32 31.11 48.42
C ASN V 56 -21.62 31.89 49.52
N ILE V 57 -20.54 31.34 50.05
CA ILE V 57 -19.70 32.07 50.93
C ILE V 57 -18.39 32.06 50.21
N LEU V 58 -17.80 33.21 49.98
CA LEU V 58 -16.68 33.31 49.06
C LEU V 58 -15.32 33.50 49.61
N GLU V 59 -15.19 34.28 50.66
CA GLU V 59 -13.91 34.57 51.19
C GLU V 59 -14.10 34.79 52.62
N VAL V 60 -13.25 34.25 53.44
CA VAL V 60 -13.38 34.41 54.84
C VAL V 60 -12.03 34.86 55.33
N ASN V 61 -11.97 35.84 56.20
CA ASN V 61 -10.75 36.17 56.86
C ASN V 61 -11.01 36.15 58.30
N GLU V 62 -10.42 35.18 58.96
CA GLU V 62 -10.56 34.99 60.41
C GLU V 62 -9.77 36.02 61.20
N ILE V 63 -8.75 36.61 60.57
CA ILE V 63 -8.03 37.68 61.21
C ILE V 63 -8.85 38.95 61.25
N THR V 64 -9.26 39.43 60.09
CA THR V 64 -10.00 40.70 59.99
C THR V 64 -11.47 40.60 60.39
N ASN V 65 -11.99 39.38 60.52
CA ASN V 65 -13.41 39.16 60.84
C ASN V 65 -14.39 39.68 59.76
N GLU V 66 -14.10 39.29 58.51
CA GLU V 66 -14.86 39.77 57.37
C GLU V 66 -15.18 38.57 56.48
N VAL V 67 -16.42 38.55 55.98
CA VAL V 67 -16.86 37.49 55.09
C VAL V 67 -17.50 38.09 53.86
N ASP V 68 -17.42 37.34 52.76
CA ASP V 68 -18.00 37.74 51.48
C ASP V 68 -19.07 36.72 51.19
N VAL V 69 -20.32 37.18 51.13
CA VAL V 69 -21.47 36.30 51.00
C VAL V 69 -22.29 36.62 49.75
N VAL V 70 -22.84 35.59 49.14
CA VAL V 70 -23.82 35.72 48.09
C VAL V 70 -25.13 35.12 48.59
N PHE V 71 -26.21 35.89 48.51
CA PHE V 71 -27.47 35.45 49.07
C PHE V 71 -28.61 36.12 48.36
N TRP V 72 -29.74 35.43 48.29
CA TRP V 72 -30.99 36.00 47.79
C TRP V 72 -31.61 36.73 48.96
N GLN V 73 -31.84 38.01 48.78
CA GLN V 73 -32.58 38.77 49.80
C GLN V 73 -34.09 38.79 49.52
N GLN V 74 -34.77 37.70 49.84
CA GLN V 74 -36.23 37.61 49.56
C GLN V 74 -37.00 38.56 50.45
N THR V 75 -37.59 39.59 49.84
CA THR V 75 -38.32 40.62 50.57
C THR V 75 -39.78 40.68 50.13
N THR V 76 -40.69 40.63 51.09
CA THR V 76 -42.12 40.53 50.77
C THR V 76 -42.93 41.51 51.59
N TRP V 77 -43.80 42.25 50.91
CA TRP V 77 -44.68 43.17 51.61
C TRP V 77 -45.95 43.40 50.82
N SER V 78 -46.81 44.27 51.34
CA SER V 78 -48.09 44.50 50.73
C SER V 78 -48.28 45.98 50.35
N ASP V 79 -48.76 46.22 49.13
CA ASP V 79 -49.13 47.55 48.69
C ASP V 79 -50.47 47.49 47.97
N ARG V 80 -51.56 47.76 48.64
CA ARG V 80 -52.89 47.57 48.08
C ARG V 80 -53.21 48.48 46.90
N THR V 81 -52.41 49.49 46.79
CA THR V 81 -52.40 50.49 45.76
C THR V 81 -52.21 49.85 44.39
N LEU V 82 -51.44 48.79 44.34
CA LEU V 82 -51.11 48.11 43.11
C LEU V 82 -52.09 47.06 42.74
N ALA V 83 -53.03 46.78 43.61
CA ALA V 83 -54.03 45.73 43.39
C ALA V 83 -55.04 45.96 42.28
N TRP V 84 -55.49 44.89 41.67
CA TRP V 84 -56.40 44.99 40.55
C TRP V 84 -57.38 43.82 40.55
N ASN V 85 -58.47 43.97 39.80
CA ASN V 85 -59.46 42.91 39.64
C ASN V 85 -58.94 41.84 38.67
N SER V 86 -58.58 40.67 39.20
CA SER V 86 -57.92 39.63 38.41
C SER V 86 -58.89 38.64 37.80
N SER V 87 -60.16 39.02 37.66
CA SER V 87 -61.18 38.12 37.14
C SER V 87 -60.80 37.53 35.80
N HIS V 88 -60.48 38.39 34.84
CA HIS V 88 -60.07 37.93 33.51
C HIS V 88 -58.72 38.54 33.17
N SER V 89 -57.86 38.56 34.18
CA SER V 89 -56.57 39.23 34.10
C SER V 89 -55.49 38.31 34.63
N PRO V 90 -54.22 38.63 34.35
CA PRO V 90 -53.11 37.91 34.97
C PRO V 90 -53.16 38.06 36.50
N ASP V 91 -52.65 37.07 37.22
CA ASP V 91 -52.59 37.13 38.69
C ASP V 91 -51.36 37.88 39.18
N GLN V 92 -50.39 38.04 38.28
CA GLN V 92 -49.05 38.46 38.65
C GLN V 92 -48.32 39.12 37.50
N VAL V 93 -47.55 40.16 37.82
CA VAL V 93 -46.72 40.80 36.81
C VAL V 93 -45.34 41.06 37.38
N SER V 94 -44.39 41.31 36.48
CA SER V 94 -43.05 41.68 36.88
C SER V 94 -42.87 43.15 36.59
N VAL V 95 -42.45 43.89 37.62
CA VAL V 95 -42.35 45.32 37.54
C VAL V 95 -40.96 45.77 37.97
N PRO V 96 -40.35 46.69 37.20
CA PRO V 96 -39.08 47.34 37.59
C PRO V 96 -39.20 48.00 38.95
N ILE V 97 -38.28 47.76 39.88
CA ILE V 97 -38.43 48.29 41.24
C ILE V 97 -38.40 49.81 41.25
N SER V 98 -37.85 50.40 40.20
CA SER V 98 -37.88 51.87 40.07
C SER V 98 -39.31 52.43 39.93
N SER V 99 -40.26 51.56 39.59
CA SER V 99 -41.66 51.95 39.47
C SER V 99 -42.47 51.60 40.72
N LEU V 100 -41.82 51.10 41.77
CA LEU V 100 -42.56 50.66 42.95
C LEU V 100 -41.95 51.29 44.17
N TRP V 101 -42.71 51.40 45.24
CA TRP V 101 -42.10 51.72 46.51
C TRP V 101 -41.44 50.42 47.04
N VAL V 102 -40.23 50.58 47.58
CA VAL V 102 -39.46 49.45 48.07
C VAL V 102 -38.99 49.77 49.47
N PRO V 103 -39.09 48.82 50.39
CA PRO V 103 -38.56 49.06 51.75
C PRO V 103 -37.06 49.39 51.77
N ASP V 104 -36.66 50.37 52.58
CA ASP V 104 -35.27 50.85 52.59
C ASP V 104 -34.39 49.97 53.52
N LEU V 105 -34.41 48.66 53.30
CA LEU V 105 -33.62 47.74 54.13
C LEU V 105 -32.11 47.98 53.95
N ALA V 106 -31.37 47.78 55.03
CA ALA V 106 -29.91 47.88 54.98
C ALA V 106 -29.28 46.87 55.95
N ALA V 107 -28.15 46.32 55.55
CA ALA V 107 -27.41 45.44 56.47
C ALA V 107 -26.49 46.32 57.30
N TYR V 108 -26.76 46.40 58.60
CA TYR V 108 -26.04 47.27 59.51
C TYR V 108 -24.53 46.99 59.59
N ASN V 109 -24.17 45.72 59.43
CA ASN V 109 -22.78 45.33 59.54
C ASN V 109 -22.16 45.03 58.18
N ALA V 110 -22.83 45.48 57.12
CA ALA V 110 -22.23 45.37 55.80
C ALA V 110 -21.10 46.41 55.69
N ILE V 111 -20.02 46.07 54.98
CA ILE V 111 -18.87 46.97 54.86
C ILE V 111 -18.55 47.21 53.41
N SER V 112 -19.41 46.71 52.54
CA SER V 112 -19.38 47.09 51.13
C SER V 112 -20.82 47.38 50.76
N LYS V 113 -21.05 48.23 49.77
CA LYS V 113 -22.42 48.39 49.30
C LYS V 113 -22.90 47.09 48.65
N PRO V 114 -24.22 46.89 48.60
CA PRO V 114 -24.69 45.64 48.01
C PRO V 114 -24.49 45.63 46.51
N GLU V 115 -23.88 44.57 46.00
CA GLU V 115 -23.78 44.32 44.57
C GLU V 115 -24.98 43.47 44.12
N VAL V 116 -25.91 44.08 43.39
CA VAL V 116 -27.09 43.36 42.96
C VAL V 116 -26.74 42.65 41.67
N LEU V 117 -26.83 41.33 41.68
CA LEU V 117 -26.34 40.52 40.57
C LEU V 117 -27.43 40.25 39.55
N THR V 118 -28.69 40.44 39.94
CA THR V 118 -29.83 40.01 39.13
C THR V 118 -30.64 41.19 38.60
N PRO V 119 -31.46 40.96 37.55
CA PRO V 119 -32.35 42.00 37.03
C PRO V 119 -33.23 42.56 38.15
N GLN V 120 -33.33 43.88 38.25
CA GLN V 120 -34.06 44.46 39.37
C GLN V 120 -35.57 44.55 39.13
N LEU V 121 -36.22 43.38 39.12
CA LEU V 121 -37.66 43.29 38.91
C LEU V 121 -38.34 42.71 40.14
N ALA V 122 -39.56 43.14 40.42
CA ALA V 122 -40.34 42.59 41.53
C ALA V 122 -41.59 41.91 41.00
N HIS V 123 -42.12 40.99 41.79
CA HIS V 123 -43.44 40.43 41.57
C HIS V 123 -44.52 41.32 42.18
N VAL V 124 -45.49 41.72 41.37
CA VAL V 124 -46.73 42.25 41.95
C VAL V 124 -47.89 41.28 41.68
N VAL V 125 -48.53 40.83 42.76
CA VAL V 125 -49.70 39.95 42.64
C VAL V 125 -50.97 40.79 42.70
N SER V 126 -52.05 40.31 42.07
CA SER V 126 -53.28 41.12 41.93
C SER V 126 -53.84 41.64 43.25
N ASP V 127 -53.57 40.93 44.36
CA ASP V 127 -54.01 41.38 45.69
C ASP V 127 -53.13 42.49 46.28
N GLY V 128 -52.07 42.85 45.59
CA GLY V 128 -51.20 43.89 46.08
C GLY V 128 -49.96 43.39 46.82
N GLU V 129 -49.77 42.08 46.82
CA GLU V 129 -48.60 41.54 47.47
C GLU V 129 -47.41 41.73 46.54
N VAL V 130 -46.32 42.24 47.12
CA VAL V 130 -45.10 42.50 46.36
C VAL V 130 -43.95 41.67 46.89
N GLN V 131 -43.24 41.02 45.98
CA GLN V 131 -42.07 40.26 46.39
C GLN V 131 -40.90 40.68 45.53
N TYR V 132 -39.76 40.90 46.17
CA TYR V 132 -38.53 41.32 45.49
C TYR V 132 -37.37 40.48 46.03
N THR V 133 -36.70 39.73 45.15
CA THR V 133 -35.70 38.78 45.58
C THR V 133 -34.43 38.93 44.76
N PRO V 134 -33.69 40.03 45.03
CA PRO V 134 -32.41 40.19 44.32
C PRO V 134 -31.36 39.21 44.84
N SER V 135 -30.47 38.77 43.95
CA SER V 135 -29.28 38.04 44.42
C SER V 135 -28.18 39.06 44.72
N ILE V 136 -27.71 39.06 45.95
CA ILE V 136 -26.73 40.04 46.37
C ILE V 136 -25.36 39.43 46.77
N ARG V 137 -24.29 40.03 46.30
CA ARG V 137 -22.99 39.74 46.87
C ARG V 137 -22.57 40.92 47.74
N GLN V 138 -22.20 40.64 48.99
CA GLN V 138 -21.87 41.71 49.92
C GLN V 138 -20.84 41.24 50.96
N ARG V 139 -19.97 42.17 51.40
CA ARG V 139 -19.03 41.90 52.48
C ARG V 139 -19.53 42.37 53.87
N PHE V 140 -19.39 41.49 54.86
CA PHE V 140 -19.87 41.77 56.20
C PHE V 140 -18.76 41.69 57.25
N SER V 141 -18.90 42.51 58.28
CA SER V 141 -18.07 42.43 59.45
C SER V 141 -18.84 41.64 60.48
N CYS V 142 -18.34 40.46 60.80
CA CYS V 142 -18.97 39.59 61.79
C CYS V 142 -17.96 38.61 62.39
N ASP V 143 -18.45 37.79 63.33
CA ASP V 143 -17.60 36.86 64.07
C ASP V 143 -17.27 35.64 63.24
N VAL V 144 -16.01 35.55 62.81
CA VAL V 144 -15.57 34.48 61.93
C VAL V 144 -14.76 33.42 62.73
N SER V 145 -14.60 33.67 64.01
CA SER V 145 -13.83 32.77 64.86
C SER V 145 -14.49 31.39 64.94
N GLY V 146 -13.68 30.35 64.71
CA GLY V 146 -14.13 28.98 64.80
C GLY V 146 -14.55 28.42 63.45
N VAL V 147 -14.36 29.22 62.39
CA VAL V 147 -14.75 28.81 61.03
C VAL V 147 -14.10 27.49 60.62
N ASP V 148 -12.90 27.24 61.13
CA ASP V 148 -12.13 26.07 60.75
C ASP V 148 -12.29 24.91 61.73
N THR V 149 -13.16 25.07 62.71
CA THR V 149 -13.46 23.98 63.66
C THR V 149 -14.70 23.20 63.21
N GLU V 150 -15.02 22.13 63.93
CA GLU V 150 -16.23 21.35 63.64
C GLU V 150 -17.58 22.03 64.03
N SER V 151 -17.57 22.92 65.03
CA SER V 151 -18.80 23.60 65.45
C SER V 151 -19.02 24.84 64.58
N GLY V 152 -17.96 25.30 63.93
CA GLY V 152 -18.07 26.35 62.93
C GLY V 152 -18.10 27.76 63.48
N ALA V 153 -18.09 28.74 62.58
CA ALA V 153 -18.29 30.12 62.95
C ALA V 153 -19.80 30.47 62.92
N THR V 154 -20.20 31.50 63.64
CA THR V 154 -21.58 31.99 63.56
C THR V 154 -21.56 33.47 63.25
N CYS V 155 -21.82 33.79 61.98
CA CYS V 155 -21.85 35.15 61.51
C CYS V 155 -23.30 35.72 61.59
N ARG V 156 -23.45 36.82 62.32
CA ARG V 156 -24.74 37.39 62.57
C ARG V 156 -24.96 38.62 61.67
N ILE V 157 -25.94 38.53 60.78
CA ILE V 157 -26.24 39.63 59.85
C ILE V 157 -27.53 40.42 60.24
N LYS V 158 -27.36 41.72 60.47
CA LYS V 158 -28.47 42.55 60.97
C LYS V 158 -29.11 43.39 59.86
N ILE V 159 -30.36 43.09 59.54
CA ILE V 159 -31.07 43.76 58.44
C ILE V 159 -32.35 44.41 58.93
N GLY V 160 -32.52 45.70 58.64
CA GLY V 160 -33.74 46.43 58.98
C GLY V 160 -33.91 47.68 58.16
N SER V 161 -35.03 48.37 58.36
CA SER V 161 -35.25 49.63 57.67
C SER V 161 -34.27 50.65 58.21
N TRP V 162 -33.63 51.36 57.29
CA TRP V 162 -32.73 52.44 57.65
C TRP V 162 -33.46 53.65 58.24
N THR V 163 -34.59 54.05 57.65
CA THR V 163 -35.23 55.33 58.03
C THR V 163 -36.64 55.22 58.52
N HIS V 164 -37.25 54.05 58.44
CA HIS V 164 -38.61 53.90 58.93
C HIS V 164 -38.65 53.16 60.25
N HIS V 165 -39.36 53.72 61.23
CA HIS V 165 -39.43 53.10 62.56
C HIS V 165 -40.58 52.07 62.64
N SER V 166 -40.76 51.50 63.83
CA SER V 166 -41.62 50.33 64.01
C SER V 166 -43.08 50.54 63.62
N ARG V 167 -43.53 51.80 63.63
CA ARG V 167 -44.94 52.12 63.33
C ARG V 167 -45.16 52.37 61.84
N GLU V 168 -44.05 52.47 61.11
CA GLU V 168 -44.08 52.59 59.66
C GLU V 168 -43.65 51.28 58.98
N ILE V 169 -42.54 50.70 59.44
CA ILE V 169 -42.08 49.41 58.94
C ILE V 169 -41.79 48.41 60.05
N SER V 170 -42.36 47.21 59.94
CA SER V 170 -42.03 46.14 60.84
C SER V 170 -41.45 45.03 60.00
N VAL V 171 -40.33 44.47 60.47
CA VAL V 171 -39.68 43.34 59.78
C VAL V 171 -39.87 42.05 60.53
N ASP V 172 -40.05 40.96 59.78
CA ASP V 172 -40.29 39.66 60.36
C ASP V 172 -39.60 38.59 59.53
N PRO V 173 -39.12 37.53 60.20
CA PRO V 173 -38.59 36.35 59.51
C PRO V 173 -39.71 35.57 58.80
N THR V 174 -39.33 34.63 57.94
CA THR V 174 -40.29 33.83 57.20
C THR V 174 -40.49 32.45 57.84
N SER V 181 -29.35 25.20 53.49
CA SER V 181 -28.42 24.87 52.40
C SER V 181 -29.17 24.56 51.10
N GLU V 182 -30.42 25.01 51.03
CA GLU V 182 -31.29 24.58 49.94
C GLU V 182 -30.72 24.98 48.57
N TYR V 183 -30.27 26.23 48.46
CA TYR V 183 -29.68 26.70 47.21
C TYR V 183 -28.20 26.96 47.36
N PHE V 184 -27.63 26.55 48.49
CA PHE V 184 -26.22 26.79 48.73
C PHE V 184 -25.30 25.98 47.78
N SER V 185 -24.28 26.64 47.24
CA SER V 185 -23.40 26.02 46.26
C SER V 185 -22.59 24.88 46.84
N GLN V 186 -22.67 23.71 46.21
CA GLN V 186 -21.87 22.57 46.63
C GLN V 186 -20.39 22.80 46.33
N TYR V 187 -20.08 23.82 45.54
CA TYR V 187 -18.70 24.11 45.14
C TYR V 187 -18.03 25.18 46.01
N SER V 188 -18.71 25.60 47.07
CA SER V 188 -18.10 26.52 48.02
C SER V 188 -17.07 25.75 48.84
N ARG V 189 -16.05 26.44 49.32
CA ARG V 189 -15.12 25.87 50.27
C ARG V 189 -15.75 25.70 51.63
N PHE V 190 -16.93 26.27 51.80
CA PHE V 190 -17.55 26.24 53.10
C PHE V 190 -18.85 25.50 52.99
N GLU V 191 -19.42 25.13 54.14
CA GLU V 191 -20.76 24.56 54.18
C GLU V 191 -21.61 25.17 55.30
N ILE V 192 -22.93 24.97 55.22
CA ILE V 192 -23.79 25.59 56.20
C ILE V 192 -24.29 24.55 57.19
N LEU V 193 -24.10 24.81 58.48
CA LEU V 193 -24.57 23.93 59.52
C LEU V 193 -26.00 24.31 59.93
N ASP V 194 -26.22 25.60 60.13
CA ASP V 194 -27.53 26.06 60.58
C ASP V 194 -27.79 27.54 60.27
N VAL V 195 -29.04 27.89 60.03
CA VAL V 195 -29.43 29.28 59.91
C VAL V 195 -30.55 29.56 60.87
N THR V 196 -30.35 30.50 61.79
CA THR V 196 -31.44 30.92 62.68
C THR V 196 -31.71 32.40 62.49
N GLN V 197 -32.96 32.81 62.68
CA GLN V 197 -33.36 34.20 62.48
C GLN V 197 -33.96 34.73 63.78
N LYS V 198 -33.70 35.98 64.07
CA LYS V 198 -34.27 36.55 65.27
C LYS V 198 -34.71 37.99 64.95
N LYS V 199 -35.81 38.41 65.55
CA LYS V 199 -36.34 39.77 65.36
C LYS V 199 -36.08 40.67 66.57
N ASN V 200 -35.66 41.90 66.32
CA ASN V 200 -35.29 42.83 67.38
C ASN V 200 -35.95 44.15 67.14
N SER V 201 -35.98 44.96 68.19
CA SER V 201 -36.51 46.31 68.11
C SER V 201 -35.58 47.20 68.93
N VAL V 202 -34.92 48.15 68.27
CA VAL V 202 -33.86 48.86 68.91
C VAL V 202 -34.15 50.36 68.87
N THR V 203 -33.78 51.07 69.93
CA THR V 203 -33.85 52.52 69.95
C THR V 203 -32.46 53.07 69.79
N TYR V 204 -32.33 54.09 68.94
CA TYR V 204 -31.05 54.69 68.60
C TYR V 204 -31.01 56.09 69.19
N SER V 205 -29.80 56.61 69.41
CA SER V 205 -29.60 57.92 70.03
C SER V 205 -30.32 59.04 69.26
N CYS V 206 -30.29 58.95 67.94
CA CYS V 206 -30.74 60.03 67.09
C CYS V 206 -32.24 60.30 67.27
N CYS V 207 -32.98 59.23 67.50
CA CYS V 207 -34.43 59.28 67.32
C CYS V 207 -35.14 58.65 68.49
N PRO V 208 -36.33 59.15 68.81
CA PRO V 208 -37.11 58.65 69.95
C PRO V 208 -37.83 57.34 69.69
N GLU V 209 -38.09 57.02 68.42
CA GLU V 209 -38.81 55.78 68.08
C GLU V 209 -37.92 54.53 67.99
N ALA V 210 -38.56 53.37 67.97
CA ALA V 210 -37.83 52.11 67.86
C ALA V 210 -37.82 51.64 66.40
N TYR V 211 -36.67 51.13 65.97
CA TYR V 211 -36.52 50.57 64.62
C TYR V 211 -36.36 49.06 64.71
N GLU V 212 -37.11 48.37 63.87
CA GLU V 212 -37.03 46.91 63.87
C GLU V 212 -35.93 46.38 62.95
N ASP V 213 -35.41 45.22 63.27
CA ASP V 213 -34.43 44.56 62.43
C ASP V 213 -34.61 43.03 62.52
N VAL V 214 -34.05 42.33 61.54
CA VAL V 214 -33.94 40.92 61.67
C VAL V 214 -32.45 40.59 61.76
N GLU V 215 -32.07 39.75 62.73
CA GLU V 215 -30.71 39.21 62.81
C GLU V 215 -30.71 37.76 62.32
N VAL V 216 -30.08 37.54 61.19
CA VAL V 216 -29.90 36.21 60.65
C VAL V 216 -28.55 35.69 61.10
N SER V 217 -28.58 34.57 61.84
CA SER V 217 -27.33 33.95 62.29
C SER V 217 -26.94 32.81 61.35
N LEU V 218 -25.82 33.00 60.68
CA LEU V 218 -25.31 32.01 59.74
C LEU V 218 -24.21 31.21 60.43
N ASN V 219 -24.53 29.96 60.76
CA ASN V 219 -23.54 29.03 61.30
C ASN V 219 -22.91 28.18 60.20
N PHE V 220 -21.65 28.43 59.91
CA PHE V 220 -20.99 27.75 58.81
C PHE V 220 -19.54 27.35 59.17
N ARG V 221 -18.97 26.47 58.37
CA ARG V 221 -17.59 26.04 58.58
C ARG V 221 -16.91 25.67 57.27
N LYS V 222 -15.58 25.73 57.28
CA LYS V 222 -14.78 25.19 56.19
C LYS V 222 -14.93 23.66 56.12
N LYS V 223 -14.99 23.15 54.90
CA LYS V 223 -15.09 21.73 54.64
C LYS V 223 -13.78 21.02 54.97
N GLY V 224 -13.87 19.71 55.25
CA GLY V 224 -12.67 18.92 55.47
C GLY V 224 -11.87 18.82 54.19
N LEU W 20 -53.74 66.46 55.42
CA LEU W 20 -52.50 66.01 54.79
C LEU W 20 -52.14 64.59 55.20
N ASP W 21 -51.92 63.73 54.22
CA ASP W 21 -51.24 62.46 54.50
C ASP W 21 -49.82 62.43 53.90
N ARG W 22 -49.11 61.31 54.08
CA ARG W 22 -47.75 61.17 53.55
C ARG W 22 -47.66 61.49 52.06
N ALA W 23 -48.55 60.87 51.28
CA ALA W 23 -48.62 61.07 49.82
C ALA W 23 -48.65 62.56 49.45
N ASP W 24 -49.51 63.32 50.11
CA ASP W 24 -49.60 64.76 49.86
C ASP W 24 -48.32 65.51 50.24
N ILE W 25 -47.79 65.20 51.43
CA ILE W 25 -46.57 65.85 51.91
C ILE W 25 -45.42 65.63 50.96
N LEU W 26 -45.25 64.39 50.54
CA LEU W 26 -44.13 64.01 49.66
C LEU W 26 -44.31 64.63 48.29
N TYR W 27 -45.56 64.71 47.87
CA TYR W 27 -45.90 65.38 46.60
C TYR W 27 -45.50 66.85 46.66
N ASN W 28 -45.87 67.54 47.74
CA ASN W 28 -45.51 68.96 47.87
C ASN W 28 -43.98 69.13 47.91
N ILE W 29 -43.30 68.27 48.64
CA ILE W 29 -41.87 68.35 48.75
C ILE W 29 -41.21 68.12 47.42
N ARG W 30 -41.67 67.16 46.66
CA ARG W 30 -41.06 66.85 45.41
C ARG W 30 -41.23 68.01 44.46
N GLN W 31 -42.42 68.56 44.45
CA GLN W 31 -42.81 69.68 43.60
C GLN W 31 -42.21 71.02 43.88
N THR W 32 -42.05 71.31 45.13
CA THR W 32 -41.66 72.66 45.54
C THR W 32 -40.29 72.83 46.18
N SER W 33 -39.72 71.74 46.71
CA SER W 33 -38.40 71.87 47.29
C SER W 33 -37.42 72.21 46.15
N ARG W 34 -36.40 72.98 46.47
CA ARG W 34 -35.47 73.42 45.46
C ARG W 34 -34.07 72.92 45.84
N PRO W 35 -33.72 71.70 45.38
CA PRO W 35 -32.51 70.98 45.80
C PRO W 35 -31.25 71.79 45.54
N ASP W 36 -31.31 72.64 44.52
CA ASP W 36 -30.19 73.49 44.13
C ASP W 36 -30.05 74.71 45.07
N VAL W 37 -31.04 74.92 45.92
CA VAL W 37 -31.14 76.19 46.64
C VAL W 37 -30.91 76.05 48.14
N ILE W 38 -29.83 76.63 48.62
CA ILE W 38 -29.53 76.55 50.04
C ILE W 38 -30.60 77.31 50.80
N PRO W 39 -31.21 76.65 51.79
CA PRO W 39 -32.32 77.21 52.58
C PRO W 39 -31.82 78.19 53.60
N THR W 40 -31.08 79.19 53.14
CA THR W 40 -30.56 80.22 54.01
C THR W 40 -31.69 81.15 54.47
N GLN W 41 -31.58 81.57 55.74
CA GLN W 41 -32.58 82.38 56.41
C GLN W 41 -32.32 83.87 56.20
N ARG W 44 -28.47 84.83 56.68
CA ARG W 44 -27.89 84.12 57.82
C ARG W 44 -27.67 82.64 57.56
N PRO W 45 -26.58 82.07 58.12
CA PRO W 45 -26.14 80.74 57.69
C PRO W 45 -27.06 79.58 58.14
N VAL W 46 -27.15 78.56 57.29
CA VAL W 46 -27.78 77.32 57.68
C VAL W 46 -26.85 76.63 58.68
N ALA W 47 -27.42 76.25 59.83
CA ALA W 47 -26.67 75.57 60.88
C ALA W 47 -26.70 74.07 60.65
N VAL W 48 -25.54 73.52 60.30
CA VAL W 48 -25.41 72.09 60.03
C VAL W 48 -24.68 71.36 61.17
N SER W 49 -25.36 70.40 61.80
CA SER W 49 -24.77 69.49 62.77
C SER W 49 -24.15 68.31 62.08
N VAL W 50 -22.90 68.00 62.45
CA VAL W 50 -22.22 66.82 61.95
C VAL W 50 -21.74 65.98 63.12
N SER W 51 -22.04 64.70 63.05
CA SER W 51 -21.69 63.78 64.11
C SER W 51 -21.35 62.43 63.48
N LEU W 52 -20.09 62.05 63.52
CA LEU W 52 -19.67 60.71 63.04
C LEU W 52 -19.88 59.63 64.11
N LYS W 53 -20.63 58.59 63.75
CA LYS W 53 -20.80 57.41 64.59
C LYS W 53 -19.98 56.31 63.93
N PHE W 54 -18.85 55.98 64.54
CA PHE W 54 -17.97 54.99 63.94
C PHE W 54 -18.54 53.59 64.10
N ILE W 55 -18.49 52.80 63.03
CA ILE W 55 -19.07 51.49 63.01
C ILE W 55 -17.94 50.48 62.88
N ASN W 56 -16.95 50.80 62.05
CA ASN W 56 -15.83 49.89 61.86
C ASN W 56 -14.54 50.53 61.39
N ILE W 57 -13.41 49.89 61.72
CA ILE W 57 -12.11 50.30 61.19
C ILE W 57 -11.54 49.08 60.51
N LEU W 58 -11.24 49.18 59.23
CA LEU W 58 -11.06 47.99 58.40
C LEU W 58 -9.62 47.69 57.93
N GLU W 59 -8.91 48.70 57.44
CA GLU W 59 -7.60 48.46 56.82
C GLU W 59 -6.61 49.55 57.19
N VAL W 60 -5.99 49.42 58.36
CA VAL W 60 -4.96 50.36 58.79
C VAL W 60 -3.60 50.05 58.12
N ASN W 61 -2.91 51.11 57.69
CA ASN W 61 -1.56 50.98 57.16
C ASN W 61 -0.64 52.04 57.79
N GLU W 62 0.18 51.61 58.73
CA GLU W 62 1.03 52.53 59.50
C GLU W 62 2.17 53.12 58.65
N ILE W 63 2.53 52.40 57.59
CA ILE W 63 3.55 52.88 56.66
C ILE W 63 3.01 54.03 55.83
N THR W 64 1.92 53.77 55.12
CA THR W 64 1.34 54.75 54.18
C THR W 64 0.48 55.80 54.88
N ASN W 65 0.18 55.61 56.17
CA ASN W 65 -0.66 56.55 56.90
C ASN W 65 -2.10 56.69 56.30
N GLU W 66 -2.68 55.52 56.04
CA GLU W 66 -4.01 55.45 55.47
C GLU W 66 -4.89 54.49 56.29
N VAL W 67 -6.15 54.90 56.50
CA VAL W 67 -7.13 54.08 57.19
C VAL W 67 -8.42 53.95 56.39
N ASP W 68 -9.07 52.81 56.56
CA ASP W 68 -10.34 52.55 55.91
C ASP W 68 -11.37 52.51 57.03
N VAL W 69 -12.31 53.42 57.00
CA VAL W 69 -13.30 53.54 58.09
C VAL W 69 -14.73 53.41 57.58
N VAL W 70 -15.57 52.77 58.39
CA VAL W 70 -17.01 52.78 58.14
C VAL W 70 -17.68 53.57 59.26
N PHE W 71 -18.50 54.55 58.90
CA PHE W 71 -19.14 55.46 59.87
C PHE W 71 -20.47 56.01 59.37
N TRP W 72 -21.37 56.29 60.31
CA TRP W 72 -22.62 56.98 60.00
C TRP W 72 -22.30 58.46 60.02
N GLN W 73 -22.52 59.13 58.90
CA GLN W 73 -22.32 60.56 58.89
C GLN W 73 -23.66 61.29 59.19
N GLN W 74 -24.00 61.36 60.47
CA GLN W 74 -25.26 61.99 60.87
C GLN W 74 -25.22 63.51 60.62
N THR W 75 -25.99 63.96 59.65
CA THR W 75 -26.06 65.36 59.27
C THR W 75 -27.48 65.94 59.53
N THR W 76 -27.53 67.09 60.21
CA THR W 76 -28.82 67.65 60.60
C THR W 76 -28.84 69.13 60.35
N TRP W 77 -29.91 69.59 59.72
CA TRP W 77 -30.10 71.01 59.46
C TRP W 77 -31.58 71.36 59.32
N SER W 78 -31.84 72.61 58.99
CA SER W 78 -33.19 73.10 58.99
C SER W 78 -33.53 73.74 57.64
N ASP W 79 -34.69 73.37 57.10
CA ASP W 79 -35.19 73.96 55.88
C ASP W 79 -36.70 74.24 56.05
N ARG W 80 -37.06 75.41 56.53
CA ARG W 80 -38.40 75.63 57.05
C ARG W 80 -39.43 75.72 55.98
N THR W 81 -38.97 75.81 54.75
CA THR W 81 -39.81 75.74 53.59
C THR W 81 -40.51 74.41 53.40
N LEU W 82 -39.92 73.33 53.89
CA LEU W 82 -40.52 72.03 53.76
C LEU W 82 -41.45 71.82 54.89
N ALA W 83 -41.51 72.78 55.77
CA ALA W 83 -42.41 72.65 56.93
C ALA W 83 -43.87 72.47 56.53
N TRP W 84 -44.64 71.82 57.40
CA TRP W 84 -46.08 71.69 57.18
C TRP W 84 -46.86 71.65 58.49
N ASN W 85 -48.15 71.93 58.39
CA ASN W 85 -49.06 71.88 59.54
C ASN W 85 -49.34 70.44 59.94
N SER W 86 -48.76 69.99 61.05
CA SER W 86 -48.82 68.59 61.43
C SER W 86 -49.99 68.27 62.37
N SER W 87 -51.01 69.12 62.37
CA SER W 87 -52.16 68.95 63.25
C SER W 87 -52.79 67.55 63.12
N HIS W 88 -53.15 67.17 61.90
CA HIS W 88 -53.74 65.86 61.68
C HIS W 88 -52.95 65.16 60.60
N SER W 89 -51.63 65.27 60.70
CA SER W 89 -50.72 64.79 59.69
C SER W 89 -49.58 64.04 60.37
N PRO W 90 -48.77 63.30 59.60
CA PRO W 90 -47.53 62.71 60.11
C PRO W 90 -46.57 63.76 60.59
N ASP W 91 -45.72 63.43 61.57
CA ASP W 91 -44.72 64.38 62.09
C ASP W 91 -43.44 64.35 61.27
N GLN W 92 -43.30 63.28 60.49
CA GLN W 92 -42.05 62.97 59.85
C GLN W 92 -42.29 62.16 58.58
N VAL W 93 -41.48 62.42 57.55
CA VAL W 93 -41.46 61.56 56.36
C VAL W 93 -40.03 61.22 55.93
N SER W 94 -39.92 60.22 55.08
CA SER W 94 -38.63 59.85 54.52
C SER W 94 -38.62 60.27 53.08
N VAL W 95 -37.60 61.05 52.71
CA VAL W 95 -37.55 61.66 51.39
C VAL W 95 -36.22 61.30 50.76
N PRO W 96 -36.23 60.94 49.49
CA PRO W 96 -34.99 60.76 48.72
C PRO W 96 -34.18 62.04 48.72
N ILE W 97 -32.87 61.97 48.97
CA ILE W 97 -32.09 63.20 49.05
C ILE W 97 -32.04 63.97 47.71
N SER W 98 -32.27 63.27 46.62
CA SER W 98 -32.32 63.93 45.31
C SER W 98 -33.47 64.94 45.20
N SER W 99 -34.45 64.83 46.09
CA SER W 99 -35.56 65.79 46.15
C SER W 99 -35.36 66.88 47.23
N LEU W 100 -34.18 66.95 47.85
CA LEU W 100 -33.94 67.90 48.91
C LEU W 100 -32.65 68.65 48.67
N TRP W 101 -32.54 69.84 49.25
CA TRP W 101 -31.23 70.45 49.30
C TRP W 101 -30.43 69.76 50.41
N VAL W 102 -29.17 69.50 50.11
CA VAL W 102 -28.30 68.82 51.05
C VAL W 102 -26.98 69.58 51.14
N PRO W 103 -26.50 69.79 52.37
CA PRO W 103 -25.17 70.45 52.52
C PRO W 103 -24.06 69.75 51.75
N ASP W 104 -23.21 70.52 51.06
CA ASP W 104 -22.13 69.93 50.27
C ASP W 104 -20.88 69.55 51.10
N LEU W 105 -21.08 68.74 52.14
CA LEU W 105 -19.99 68.36 53.03
C LEU W 105 -18.96 67.48 52.29
N ALA W 106 -17.70 67.67 52.62
CA ALA W 106 -16.63 66.80 52.12
C ALA W 106 -15.62 66.54 53.21
N ALA W 107 -15.03 65.35 53.21
CA ALA W 107 -13.89 65.07 54.07
C ALA W 107 -12.62 65.51 53.33
N TYR W 108 -11.94 66.52 53.86
CA TYR W 108 -10.76 67.11 53.21
C TYR W 108 -9.62 66.14 53.02
N ASN W 109 -9.47 65.20 53.95
CA ASN W 109 -8.35 64.26 53.92
C ASN W 109 -8.78 62.87 53.49
N ALA W 110 -9.94 62.79 52.84
CA ALA W 110 -10.41 61.55 52.23
C ALA W 110 -9.63 61.32 50.94
N ILE W 111 -9.32 60.07 50.63
CA ILE W 111 -8.50 59.78 49.46
C ILE W 111 -9.21 58.79 48.60
N SER W 112 -10.42 58.46 48.99
CA SER W 112 -11.34 57.74 48.11
C SER W 112 -12.68 58.49 48.11
N LYS W 113 -13.49 58.35 47.07
CA LYS W 113 -14.82 58.99 47.12
C LYS W 113 -15.72 58.19 48.06
N PRO W 114 -16.62 58.88 48.78
CA PRO W 114 -17.43 58.17 49.79
C PRO W 114 -18.31 57.11 49.18
N GLU W 115 -18.20 55.88 49.70
CA GLU W 115 -19.08 54.79 49.31
C GLU W 115 -20.27 54.81 50.26
N VAL W 116 -21.43 55.21 49.75
CA VAL W 116 -22.64 55.22 50.55
C VAL W 116 -23.25 53.84 50.56
N LEU W 117 -23.39 53.27 51.75
CA LEU W 117 -23.75 51.85 51.90
C LEU W 117 -25.24 51.70 52.08
N THR W 118 -25.90 52.78 52.45
CA THR W 118 -27.29 52.72 52.83
C THR W 118 -28.21 53.43 51.81
N PRO W 119 -29.52 53.12 51.84
CA PRO W 119 -30.51 53.87 51.05
C PRO W 119 -30.41 55.39 51.29
N GLN W 120 -30.38 56.16 50.22
CA GLN W 120 -30.15 57.60 50.36
C GLN W 120 -31.44 58.37 50.61
N LEU W 121 -31.97 58.20 51.82
CA LEU W 121 -33.21 58.84 52.26
C LEU W 121 -32.92 59.69 53.48
N ALA W 122 -33.63 60.81 53.59
CA ALA W 122 -33.49 61.70 54.74
C ALA W 122 -34.81 61.75 55.52
N HIS W 123 -34.76 62.15 56.80
CA HIS W 123 -35.97 62.48 57.54
C HIS W 123 -36.25 63.95 57.33
N VAL W 124 -37.51 64.24 57.01
CA VAL W 124 -37.98 65.60 57.14
C VAL W 124 -39.07 65.60 58.21
N VAL W 125 -38.88 66.45 59.22
CA VAL W 125 -39.85 66.61 60.30
C VAL W 125 -40.74 67.80 59.96
N SER W 126 -41.98 67.80 60.45
CA SER W 126 -42.97 68.83 60.10
C SER W 126 -42.51 70.28 60.33
N ASP W 127 -41.61 70.47 61.30
CA ASP W 127 -41.05 71.80 61.57
C ASP W 127 -39.97 72.23 60.57
N GLY W 128 -39.58 71.35 59.67
CA GLY W 128 -38.58 71.68 58.66
C GLY W 128 -37.19 71.18 58.99
N GLU W 129 -37.09 70.44 60.09
CA GLU W 129 -35.82 69.83 60.47
C GLU W 129 -35.50 68.65 59.55
N VAL W 130 -34.29 68.65 58.99
CA VAL W 130 -33.86 67.58 58.11
C VAL W 130 -32.69 66.83 58.69
N GLN W 131 -32.81 65.51 58.73
CA GLN W 131 -31.69 64.68 59.13
C GLN W 131 -31.35 63.71 58.02
N TYR W 132 -30.07 63.57 57.73
CA TYR W 132 -29.61 62.56 56.78
C TYR W 132 -28.41 61.82 57.41
N THR W 133 -28.48 60.51 57.49
CA THR W 133 -27.45 59.75 58.18
C THR W 133 -27.07 58.52 57.35
N PRO W 134 -26.31 58.76 56.28
CA PRO W 134 -25.81 57.62 55.49
C PRO W 134 -24.67 56.89 56.22
N SER W 135 -24.59 55.59 55.97
CA SER W 135 -23.45 54.82 56.46
C SER W 135 -22.43 54.88 55.33
N ILE W 136 -21.22 55.33 55.66
CA ILE W 136 -20.20 55.55 54.64
C ILE W 136 -18.94 54.76 54.91
N ARG W 137 -18.43 54.12 53.86
CA ARG W 137 -17.09 53.53 53.91
C ARG W 137 -16.16 54.41 53.12
N GLN W 138 -15.07 54.85 53.73
CA GLN W 138 -14.17 55.78 53.06
C GLN W 138 -12.73 55.66 53.57
N ARG W 139 -11.77 55.92 52.69
CA ARG W 139 -10.37 55.85 53.06
C ARG W 139 -9.78 57.25 53.28
N PHE W 140 -9.03 57.38 54.38
CA PHE W 140 -8.48 58.66 54.82
C PHE W 140 -6.98 58.64 54.93
N SER W 141 -6.40 59.81 54.71
CA SER W 141 -4.98 60.04 54.95
C SER W 141 -4.85 60.76 56.29
N CYS W 142 -4.24 60.09 57.26
CA CYS W 142 -4.15 60.64 58.61
C CYS W 142 -3.05 59.95 59.40
N ASP W 143 -2.82 60.45 60.62
CA ASP W 143 -1.74 59.95 61.46
C ASP W 143 -2.10 58.62 62.11
N VAL W 144 -1.48 57.55 61.61
CA VAL W 144 -1.74 56.19 62.08
C VAL W 144 -0.64 55.70 63.05
N SER W 145 0.34 56.56 63.28
CA SER W 145 1.46 56.21 64.15
C SER W 145 0.97 55.93 65.58
N GLY W 146 1.38 54.78 66.11
CA GLY W 146 1.09 54.43 67.49
C GLY W 146 -0.14 53.54 67.59
N VAL W 147 -0.67 53.15 66.43
CA VAL W 147 -1.89 52.34 66.38
C VAL W 147 -1.73 51.06 67.18
N ASP W 148 -0.50 50.53 67.20
CA ASP W 148 -0.19 49.26 67.87
C ASP W 148 0.33 49.42 69.30
N THR W 149 0.31 50.64 69.83
CA THR W 149 0.68 50.90 71.22
C THR W 149 -0.59 51.00 72.09
N GLU W 150 -0.40 51.23 73.39
CA GLU W 150 -1.57 51.25 74.26
C GLU W 150 -2.21 52.66 74.45
N SER W 151 -1.54 53.68 73.93
CA SER W 151 -2.13 55.01 73.87
C SER W 151 -2.83 55.20 72.53
N GLY W 152 -2.47 54.35 71.57
CA GLY W 152 -3.17 54.29 70.29
C GLY W 152 -2.80 55.37 69.30
N ALA W 153 -3.38 55.28 68.11
CA ALA W 153 -3.21 56.34 67.11
C ALA W 153 -4.34 57.34 67.24
N THR W 154 -4.11 58.55 66.75
CA THR W 154 -5.18 59.55 66.71
C THR W 154 -5.37 60.09 65.29
N CYS W 155 -6.35 59.54 64.60
CA CYS W 155 -6.67 59.96 63.25
C CYS W 155 -7.66 61.13 63.26
N ARG W 156 -7.26 62.22 62.61
CA ARG W 156 -8.04 63.43 62.58
C ARG W 156 -8.78 63.55 61.22
N ILE W 157 -10.10 63.56 61.27
CA ILE W 157 -10.92 63.70 60.05
C ILE W 157 -11.59 65.09 59.92
N LYS W 158 -11.36 65.75 58.79
CA LYS W 158 -11.75 67.13 58.60
C LYS W 158 -12.93 67.22 57.64
N ILE W 159 -14.09 67.64 58.16
CA ILE W 159 -15.31 67.67 57.38
C ILE W 159 -15.90 69.07 57.40
N GLY W 160 -16.19 69.60 56.22
CA GLY W 160 -16.81 70.90 56.08
C GLY W 160 -17.47 71.09 54.72
N SER W 161 -18.17 72.21 54.58
CA SER W 161 -18.77 72.54 53.29
C SER W 161 -17.69 72.81 52.27
N TRP W 162 -17.83 72.21 51.10
CA TRP W 162 -16.84 72.43 50.06
C TRP W 162 -16.96 73.84 49.46
N THR W 163 -18.18 74.30 49.19
CA THR W 163 -18.34 75.55 48.45
C THR W 163 -19.07 76.66 49.20
N HIS W 164 -19.56 76.39 50.38
CA HIS W 164 -20.29 77.43 51.10
C HIS W 164 -19.49 77.93 52.29
N HIS W 165 -19.30 79.25 52.35
CA HIS W 165 -18.51 79.84 53.44
C HIS W 165 -19.34 80.04 54.71
N SER W 166 -18.70 80.59 55.75
CA SER W 166 -19.28 80.67 57.10
C SER W 166 -20.65 81.38 57.21
N ARG W 167 -20.91 82.34 56.32
CA ARG W 167 -22.16 83.09 56.33
C ARG W 167 -23.32 82.32 55.65
N GLU W 168 -22.95 81.34 54.82
CA GLU W 168 -23.91 80.45 54.19
C GLU W 168 -24.09 79.13 54.93
N ILE W 169 -22.98 78.51 55.33
CA ILE W 169 -23.05 77.25 56.08
C ILE W 169 -22.12 77.30 57.29
N SER W 170 -22.67 77.04 58.48
CA SER W 170 -21.84 76.84 59.65
C SER W 170 -21.98 75.38 60.13
N VAL W 171 -20.85 74.74 60.42
CA VAL W 171 -20.86 73.37 60.93
C VAL W 171 -20.57 73.34 62.42
N ASP W 172 -21.24 72.44 63.13
CA ASP W 172 -21.09 72.32 64.57
C ASP W 172 -21.16 70.84 64.96
N PRO W 173 -20.38 70.45 65.96
CA PRO W 173 -20.46 69.11 66.56
C PRO W 173 -21.79 68.92 67.32
N THR W 174 -22.13 67.68 67.66
CA THR W 174 -23.38 67.39 68.38
C THR W 174 -23.17 67.23 69.87
N SER W 181 -17.90 54.31 71.08
CA SER W 181 -17.95 52.91 70.67
C SER W 181 -19.38 52.40 70.68
N GLU W 182 -20.35 53.31 70.66
CA GLU W 182 -21.73 52.90 70.85
C GLU W 182 -22.22 51.91 69.80
N TYR W 183 -21.94 52.18 68.53
CA TYR W 183 -22.29 51.25 67.46
C TYR W 183 -21.07 50.60 66.84
N PHE W 184 -19.91 50.78 67.46
CA PHE W 184 -18.69 50.21 66.91
C PHE W 184 -18.68 48.67 66.97
N SER W 185 -18.28 48.04 65.87
CA SER W 185 -18.28 46.59 65.76
C SER W 185 -17.31 45.98 66.75
N GLN W 186 -17.81 45.00 67.52
CA GLN W 186 -16.94 44.25 68.44
C GLN W 186 -16.02 43.30 67.68
N TYR W 187 -16.26 43.12 66.38
CA TYR W 187 -15.50 42.18 65.58
C TYR W 187 -14.40 42.85 64.80
N SER W 188 -14.26 44.15 64.99
CA SER W 188 -13.12 44.87 64.43
C SER W 188 -11.84 44.37 65.12
N ARG W 189 -10.70 44.42 64.43
CA ARG W 189 -9.41 44.19 65.11
C ARG W 189 -9.03 45.44 65.89
N PHE W 190 -9.91 46.44 65.88
CA PHE W 190 -9.63 47.68 66.57
C PHE W 190 -10.70 48.06 67.56
N GLU W 191 -10.28 48.92 68.48
CA GLU W 191 -11.10 49.38 69.58
C GLU W 191 -10.91 50.88 69.72
N ILE W 192 -11.99 51.57 70.00
CA ILE W 192 -11.94 53.01 70.08
C ILE W 192 -11.70 53.44 71.51
N LEU W 193 -10.67 54.26 71.72
CA LEU W 193 -10.35 54.75 73.06
C LEU W 193 -11.10 56.03 73.36
N ASP W 194 -11.11 56.96 72.39
CA ASP W 194 -11.79 58.22 72.57
C ASP W 194 -12.12 58.88 71.24
N VAL W 195 -13.23 59.63 71.22
CA VAL W 195 -13.58 60.47 70.07
C VAL W 195 -13.81 61.92 70.51
N THR W 196 -13.01 62.84 69.98
CA THR W 196 -13.20 64.25 70.30
C THR W 196 -13.46 65.05 69.03
N GLN W 197 -14.25 66.10 69.16
CA GLN W 197 -14.66 66.89 68.01
C GLN W 197 -14.25 68.34 68.25
N LYS W 198 -13.92 69.02 67.16
CA LYS W 198 -13.33 70.34 67.24
C LYS W 198 -13.80 71.17 66.03
N LYS W 199 -14.29 72.38 66.26
CA LYS W 199 -14.75 73.21 65.16
C LYS W 199 -13.69 74.22 64.76
N ASN W 200 -13.48 74.38 63.45
CA ASN W 200 -12.54 75.36 62.94
C ASN W 200 -13.16 76.26 61.91
N SER W 201 -12.45 77.34 61.61
CA SER W 201 -12.86 78.30 60.61
C SER W 201 -11.61 78.73 59.85
N VAL W 202 -11.51 78.34 58.59
CA VAL W 202 -10.27 78.48 57.84
C VAL W 202 -10.47 79.38 56.62
N THR W 203 -9.47 80.20 56.32
CA THR W 203 -9.46 80.97 55.08
C THR W 203 -8.52 80.32 54.08
N TYR W 204 -8.97 80.20 52.84
CA TYR W 204 -8.21 79.54 51.81
C TYR W 204 -7.75 80.57 50.80
N SER W 205 -6.74 80.23 50.02
CA SER W 205 -6.10 81.18 49.09
C SER W 205 -7.04 81.70 48.02
N CYS W 206 -7.93 80.82 47.58
CA CYS W 206 -8.82 81.09 46.45
C CYS W 206 -9.84 82.19 46.76
N CYS W 207 -10.27 82.26 48.01
CA CYS W 207 -11.47 83.01 48.36
C CYS W 207 -11.22 83.86 49.60
N PRO W 208 -11.89 85.00 49.68
CA PRO W 208 -11.73 85.94 50.79
C PRO W 208 -12.48 85.55 52.05
N GLU W 209 -13.53 84.72 51.94
CA GLU W 209 -14.33 84.34 53.11
C GLU W 209 -13.77 83.12 53.84
N ALA W 210 -14.24 82.92 55.07
CA ALA W 210 -13.82 81.75 55.86
C ALA W 210 -14.81 80.59 55.74
N TYR W 211 -14.25 79.39 55.63
CA TYR W 211 -15.06 78.18 55.54
C TYR W 211 -14.92 77.41 56.84
N GLU W 212 -16.06 76.98 57.38
CA GLU W 212 -16.05 76.22 58.63
C GLU W 212 -15.83 74.73 58.36
N ASP W 213 -15.23 74.04 59.33
CA ASP W 213 -15.11 72.58 59.27
C ASP W 213 -15.21 71.98 60.68
N VAL W 214 -15.49 70.71 60.74
CA VAL W 214 -15.39 70.00 61.99
C VAL W 214 -14.21 69.01 61.89
N GLU W 215 -13.34 69.00 62.89
CA GLU W 215 -12.29 67.99 62.94
C GLU W 215 -12.64 66.97 64.00
N VAL W 216 -12.95 65.76 63.54
CA VAL W 216 -13.22 64.65 64.44
C VAL W 216 -11.94 63.88 64.67
N SER W 217 -11.50 63.82 65.93
CA SER W 217 -10.28 63.08 66.28
C SER W 217 -10.65 61.69 66.76
N LEU W 218 -10.28 60.69 65.98
CA LEU W 218 -10.54 59.30 66.34
C LEU W 218 -9.29 58.68 67.00
N ASN W 219 -9.38 58.45 68.30
CA ASN W 219 -8.29 57.78 69.01
C ASN W 219 -8.58 56.28 69.14
N PHE W 220 -7.80 55.49 68.43
CA PHE W 220 -8.04 54.05 68.36
C PHE W 220 -6.74 53.25 68.42
N ARG W 221 -6.85 51.97 68.74
CA ARG W 221 -5.69 51.10 68.75
C ARG W 221 -6.04 49.66 68.39
N LYS W 222 -5.02 48.89 68.08
CA LYS W 222 -5.19 47.50 67.76
C LYS W 222 -5.46 46.78 69.07
N LYS W 223 -6.19 45.68 69.01
CA LYS W 223 -6.42 44.88 70.18
C LYS W 223 -5.30 43.84 70.25
N GLY W 224 -5.35 42.93 71.23
CA GLY W 224 -4.41 41.81 71.28
C GLY W 224 -4.70 40.67 70.30
N LEU X 20 -33.73 90.27 43.46
CA LEU X 20 -33.26 88.92 43.21
C LEU X 20 -32.75 88.25 44.47
N ASP X 21 -33.24 87.05 44.76
CA ASP X 21 -32.62 86.23 45.79
C ASP X 21 -31.98 85.00 45.16
N ARG X 22 -31.32 84.18 45.98
CA ARG X 22 -30.67 82.97 45.48
C ARG X 22 -31.60 82.11 44.63
N ALA X 23 -32.79 81.83 45.17
CA ALA X 23 -33.79 81.03 44.48
C ALA X 23 -34.02 81.52 43.03
N ASP X 24 -34.18 82.83 42.88
CA ASP X 24 -34.42 83.40 41.55
C ASP X 24 -33.20 83.24 40.64
N ILE X 25 -32.01 83.53 41.18
CA ILE X 25 -30.78 83.45 40.42
C ILE X 25 -30.55 82.04 39.89
N LEU X 26 -30.70 81.07 40.79
CA LEU X 26 -30.53 79.66 40.45
C LEU X 26 -31.59 79.19 39.45
N TYR X 27 -32.81 79.69 39.61
CA TYR X 27 -33.87 79.43 38.65
C TYR X 27 -33.51 79.94 37.24
N ASN X 28 -33.08 81.19 37.15
CA ASN X 28 -32.67 81.73 35.86
C ASN X 28 -31.52 80.95 35.24
N ILE X 29 -30.54 80.59 36.07
CA ILE X 29 -29.38 79.86 35.60
C ILE X 29 -29.78 78.52 35.04
N ARG X 30 -30.66 77.85 35.74
CA ARG X 30 -31.16 76.56 35.31
C ARG X 30 -31.95 76.55 34.02
N GLN X 31 -32.83 77.53 33.90
CA GLN X 31 -33.62 77.74 32.71
C GLN X 31 -32.89 78.23 31.52
N THR X 32 -31.86 79.03 31.72
CA THR X 32 -31.27 79.74 30.58
C THR X 32 -29.81 79.40 30.25
N SER X 33 -29.07 78.87 31.20
CA SER X 33 -27.68 78.53 30.88
C SER X 33 -27.73 77.39 29.87
N ARG X 34 -26.72 77.34 29.01
CA ARG X 34 -26.68 76.37 27.95
C ARG X 34 -25.40 75.57 28.12
N PRO X 35 -25.49 74.46 28.87
CA PRO X 35 -24.30 73.69 29.28
C PRO X 35 -23.52 73.15 28.09
N ASP X 36 -24.23 72.97 26.98
CA ASP X 36 -23.65 72.48 25.75
C ASP X 36 -22.93 73.58 24.97
N VAL X 37 -23.10 74.82 25.41
CA VAL X 37 -22.66 75.96 24.61
C VAL X 37 -21.48 76.68 25.25
N ILE X 38 -20.34 76.65 24.57
CA ILE X 38 -19.17 77.39 25.03
C ILE X 38 -19.46 78.91 25.01
N PRO X 39 -19.26 79.57 26.17
CA PRO X 39 -19.58 81.00 26.32
C PRO X 39 -18.51 81.88 25.66
N THR X 40 -18.27 81.64 24.37
CA THR X 40 -17.27 82.39 23.63
C THR X 40 -17.82 83.76 23.28
N GLN X 41 -16.96 84.76 23.17
CA GLN X 41 -17.41 86.12 22.87
C GLN X 41 -16.85 86.62 21.54
N ARG X 42 -17.72 86.76 20.54
CA ARG X 42 -17.31 87.20 19.21
C ARG X 42 -16.17 86.35 18.66
N ASP X 43 -16.34 85.04 18.68
CA ASP X 43 -15.32 84.10 18.19
C ASP X 43 -13.88 84.40 18.71
N ARG X 44 -13.82 84.85 19.97
CA ARG X 44 -12.59 85.05 20.72
C ARG X 44 -12.61 84.19 21.99
N PRO X 45 -11.46 83.58 22.31
CA PRO X 45 -11.48 82.39 23.19
C PRO X 45 -11.92 82.65 24.61
N VAL X 46 -12.53 81.65 25.23
CA VAL X 46 -12.75 81.67 26.67
C VAL X 46 -11.43 81.42 27.38
N ALA X 47 -11.08 82.33 28.28
CA ALA X 47 -9.82 82.26 29.02
C ALA X 47 -10.00 81.40 30.26
N VAL X 48 -9.42 80.20 30.26
CA VAL X 48 -9.52 79.29 31.39
C VAL X 48 -8.24 79.24 32.25
N SER X 49 -8.36 79.61 33.54
CA SER X 49 -7.29 79.43 34.51
C SER X 49 -7.28 78.02 35.08
N VAL X 50 -6.10 77.40 35.07
CA VAL X 50 -5.92 76.10 35.70
C VAL X 50 -4.81 76.18 36.75
N SER X 51 -5.11 75.67 37.94
CA SER X 51 -4.18 75.72 39.05
C SER X 51 -4.36 74.50 39.92
N LEU X 52 -3.38 73.59 39.87
CA LEU X 52 -3.42 72.37 40.69
C LEU X 52 -2.92 72.68 42.09
N LYS X 53 -3.73 72.37 43.10
CA LYS X 53 -3.29 72.43 44.49
C LYS X 53 -3.12 70.98 44.98
N PHE X 54 -1.87 70.55 45.11
CA PHE X 54 -1.63 69.16 45.50
C PHE X 54 -1.96 68.90 46.97
N ILE X 55 -2.70 67.81 47.18
CA ILE X 55 -3.18 67.47 48.52
C ILE X 55 -2.41 66.27 49.04
N ASN X 56 -2.17 65.31 48.16
CA ASN X 56 -1.50 64.08 48.55
C ASN X 56 -0.83 63.35 47.38
N ILE X 57 0.19 62.56 47.70
CA ILE X 57 0.80 61.65 46.76
C ILE X 57 0.76 60.29 47.40
N LEU X 58 0.15 59.32 46.73
CA LEU X 58 -0.30 58.11 47.41
C LEU X 58 0.44 56.82 47.06
N GLU X 59 0.76 56.61 45.79
CA GLU X 59 1.26 55.28 45.40
C GLU X 59 2.27 55.30 44.26
N VAL X 60 3.48 55.76 44.57
CA VAL X 60 4.53 55.92 43.58
C VAL X 60 5.08 54.56 43.16
N ASN X 61 5.37 54.41 41.88
CA ASN X 61 6.01 53.20 41.36
C ASN X 61 7.12 53.58 40.37
N GLU X 62 8.36 53.50 40.86
CA GLU X 62 9.52 53.95 40.09
C GLU X 62 9.81 53.01 38.91
N ILE X 63 9.40 51.75 39.04
CA ILE X 63 9.56 50.78 37.96
C ILE X 63 8.62 51.08 36.82
N THR X 64 7.32 51.17 37.12
CA THR X 64 6.31 51.39 36.08
C THR X 64 6.15 52.84 35.68
N ASN X 65 6.79 53.75 36.42
CA ASN X 65 6.65 55.19 36.16
C ASN X 65 5.17 55.68 36.25
N GLU X 66 4.54 55.34 37.37
CA GLU X 66 3.17 55.69 37.60
C GLU X 66 3.04 56.29 39.01
N VAL X 67 2.25 57.36 39.13
CA VAL X 67 1.96 57.95 40.43
C VAL X 67 0.44 58.12 40.62
N ASP X 68 0.03 58.10 41.89
CA ASP X 68 -1.36 58.28 42.28
C ASP X 68 -1.40 59.60 43.08
N VAL X 69 -2.10 60.58 42.54
CA VAL X 69 -2.11 61.92 43.12
C VAL X 69 -3.53 62.40 43.50
N VAL X 70 -3.62 63.12 44.62
CA VAL X 70 -4.82 63.80 44.99
C VAL X 70 -4.55 65.30 44.92
N PHE X 71 -5.41 66.01 44.20
CA PHE X 71 -5.21 67.44 43.97
C PHE X 71 -6.53 68.17 43.71
N TRP X 72 -6.57 69.44 44.10
CA TRP X 72 -7.65 70.32 43.73
C TRP X 72 -7.38 70.86 42.35
N GLN X 73 -8.33 70.68 41.44
CA GLN X 73 -8.17 71.21 40.10
C GLN X 73 -8.94 72.50 39.99
N GLN X 74 -8.38 73.57 40.55
CA GLN X 74 -9.03 74.87 40.51
C GLN X 74 -9.14 75.43 39.10
N THR X 75 -10.36 75.45 38.58
CA THR X 75 -10.61 75.91 37.22
C THR X 75 -11.47 77.17 37.26
N THR X 76 -11.03 78.21 36.54
CA THR X 76 -11.70 79.51 36.55
C THR X 76 -11.89 80.07 35.15
N TRP X 77 -13.12 80.47 34.85
CA TRP X 77 -13.40 81.10 33.56
C TRP X 77 -14.56 82.07 33.68
N SER X 78 -14.97 82.62 32.54
CA SER X 78 -15.97 83.67 32.54
C SER X 78 -17.11 83.33 31.60
N ASP X 79 -18.34 83.42 32.10
CA ASP X 79 -19.55 83.23 31.28
C ASP X 79 -20.55 84.36 31.54
N ARG X 80 -20.53 85.38 30.70
CA ARG X 80 -21.34 86.59 30.90
C ARG X 80 -22.83 86.32 30.90
N THR X 81 -23.27 85.31 30.13
CA THR X 81 -24.68 84.93 30.06
C THR X 81 -25.26 84.52 31.43
N LEU X 82 -24.40 84.36 32.44
CA LEU X 82 -24.83 84.01 33.78
C LEU X 82 -24.88 85.24 34.68
N ALA X 83 -24.38 86.36 34.20
CA ALA X 83 -24.26 87.56 35.02
C ALA X 83 -25.60 88.08 35.46
N TRP X 84 -25.62 88.76 36.60
CA TRP X 84 -26.85 89.40 37.10
C TRP X 84 -26.56 90.70 37.86
N ASN X 85 -27.58 91.54 37.99
CA ASN X 85 -27.49 92.79 38.74
C ASN X 85 -27.46 92.52 40.24
N SER X 86 -26.30 92.66 40.85
CA SER X 86 -26.12 92.28 42.25
C SER X 86 -26.39 93.40 43.25
N SER X 87 -27.13 94.42 42.81
CA SER X 87 -27.39 95.59 43.65
C SER X 87 -27.97 95.21 45.03
N HIS X 88 -29.06 94.45 45.02
CA HIS X 88 -29.68 94.00 46.26
C HIS X 88 -29.82 92.49 46.22
N SER X 89 -28.76 91.85 45.74
CA SER X 89 -28.74 90.41 45.48
C SER X 89 -27.45 89.84 46.03
N PRO X 90 -27.38 88.50 46.17
CA PRO X 90 -26.12 87.82 46.50
C PRO X 90 -25.07 88.05 45.43
N ASP X 91 -23.79 88.03 45.84
CA ASP X 91 -22.69 88.25 44.91
C ASP X 91 -22.29 86.95 44.24
N GLN X 92 -22.71 85.84 44.85
CA GLN X 92 -22.20 84.54 44.49
C GLN X 92 -23.23 83.46 44.82
N VAL X 93 -23.32 82.45 43.95
CA VAL X 93 -24.10 81.27 44.25
C VAL X 93 -23.31 80.00 43.91
N SER X 94 -23.75 78.88 44.49
CA SER X 94 -23.20 77.58 44.16
C SER X 94 -24.16 76.84 43.22
N VAL X 95 -23.64 76.43 42.07
CA VAL X 95 -24.45 75.82 41.04
C VAL X 95 -23.91 74.42 40.71
N PRO X 96 -24.82 73.44 40.58
CA PRO X 96 -24.42 72.13 40.03
C PRO X 96 -23.78 72.29 38.64
N ILE X 97 -22.58 71.77 38.42
CA ILE X 97 -21.91 71.87 37.14
C ILE X 97 -22.73 71.31 35.98
N SER X 98 -23.66 70.41 36.28
CA SER X 98 -24.54 69.88 35.24
C SER X 98 -25.45 70.97 34.67
N SER X 99 -25.60 72.07 35.41
CA SER X 99 -26.38 73.23 34.93
C SER X 99 -25.53 74.31 34.30
N LEU X 100 -24.23 74.06 34.13
CA LEU X 100 -23.34 75.08 33.58
C LEU X 100 -22.54 74.51 32.46
N TRP X 101 -22.09 75.37 31.55
CA TRP X 101 -21.04 74.93 30.65
C TRP X 101 -19.73 74.82 31.42
N VAL X 102 -19.00 73.74 31.16
CA VAL X 102 -17.72 73.51 31.83
C VAL X 102 -16.65 73.19 30.79
N PRO X 103 -15.45 73.77 30.97
CA PRO X 103 -14.38 73.46 30.01
C PRO X 103 -14.06 71.95 30.00
N ASP X 104 -13.90 71.38 28.80
CA ASP X 104 -13.60 69.96 28.65
C ASP X 104 -12.09 69.63 28.87
N LEU X 105 -11.59 69.97 30.05
CA LEU X 105 -10.21 69.75 30.38
C LEU X 105 -9.92 68.25 30.57
N ALA X 106 -8.75 67.81 30.14
CA ALA X 106 -8.30 66.42 30.33
C ALA X 106 -6.80 66.39 30.62
N ALA X 107 -6.41 65.48 31.49
CA ALA X 107 -4.99 65.22 31.73
C ALA X 107 -4.54 64.22 30.67
N TYR X 108 -3.65 64.66 29.77
CA TYR X 108 -3.21 63.83 28.65
C TYR X 108 -2.50 62.56 29.08
N ASN X 109 -1.78 62.64 30.22
CA ASN X 109 -0.97 61.54 30.67
C ASN X 109 -1.61 60.81 31.87
N ALA X 110 -2.89 61.06 32.08
CA ALA X 110 -3.69 60.31 33.05
C ALA X 110 -3.94 58.90 32.52
N ILE X 111 -3.87 57.91 33.41
CA ILE X 111 -4.09 56.53 32.98
C ILE X 111 -5.24 55.90 33.72
N SER X 112 -5.93 56.72 34.51
CA SER X 112 -7.20 56.36 35.12
C SER X 112 -8.14 57.54 34.89
N LYS X 113 -9.44 57.28 34.82
CA LYS X 113 -10.38 58.38 34.75
C LYS X 113 -10.38 59.11 36.08
N PRO X 114 -10.62 60.44 36.05
CA PRO X 114 -10.57 61.23 37.29
C PRO X 114 -11.66 60.83 38.28
N GLU X 115 -11.24 60.51 39.51
CA GLU X 115 -12.18 60.24 40.58
C GLU X 115 -12.44 61.58 41.26
N VAL X 116 -13.65 62.12 41.08
CA VAL X 116 -14.05 63.34 41.78
C VAL X 116 -14.52 63.03 43.19
N LEU X 117 -13.82 63.59 44.17
CA LEU X 117 -14.05 63.23 45.57
C LEU X 117 -15.05 64.17 46.22
N THR X 118 -15.29 65.30 45.59
CA THR X 118 -16.05 66.36 46.23
C THR X 118 -17.39 66.63 45.52
N PRO X 119 -18.36 67.24 46.25
CA PRO X 119 -19.64 67.63 45.60
C PRO X 119 -19.40 68.48 44.34
N GLN X 120 -20.10 68.15 43.26
CA GLN X 120 -19.79 68.77 41.98
C GLN X 120 -20.55 70.09 41.78
N LEU X 121 -20.11 71.10 42.54
CA LEU X 121 -20.73 72.43 42.52
C LEU X 121 -19.70 73.47 42.13
N ALA X 122 -20.14 74.52 41.44
CA ALA X 122 -19.24 75.59 41.05
C ALA X 122 -19.70 76.91 41.68
N HIS X 123 -18.78 77.87 41.76
CA HIS X 123 -19.10 79.24 42.15
C HIS X 123 -19.51 80.02 40.89
N VAL X 124 -20.67 80.66 40.92
CA VAL X 124 -20.92 81.68 39.92
C VAL X 124 -21.03 83.01 40.63
N VAL X 125 -20.16 83.94 40.23
CA VAL X 125 -20.19 85.31 40.76
C VAL X 125 -21.05 86.21 39.84
N SER X 126 -21.66 87.25 40.42
CA SER X 126 -22.64 88.08 39.70
C SER X 126 -22.12 88.65 38.38
N ASP X 127 -20.80 88.84 38.30
CA ASP X 127 -20.17 89.34 37.06
C ASP X 127 -20.05 88.25 35.97
N GLY X 128 -20.40 87.01 36.33
CA GLY X 128 -20.28 85.90 35.39
C GLY X 128 -18.97 85.11 35.47
N GLU X 129 -18.17 85.39 36.48
CA GLU X 129 -16.97 84.60 36.71
C GLU X 129 -17.40 83.29 37.32
N VAL X 130 -16.94 82.19 36.72
CA VAL X 130 -17.19 80.85 37.23
C VAL X 130 -15.92 80.15 37.72
N GLN X 131 -15.99 79.59 38.93
CA GLN X 131 -14.88 78.82 39.47
C GLN X 131 -15.38 77.43 39.86
N TYR X 132 -14.63 76.40 39.46
CA TYR X 132 -14.94 75.02 39.84
C TYR X 132 -13.65 74.38 40.33
N THR X 133 -13.66 73.86 41.56
CA THR X 133 -12.47 73.31 42.19
C THR X 133 -12.76 71.95 42.80
N PRO X 134 -12.93 70.94 41.94
CA PRO X 134 -13.12 69.59 42.49
C PRO X 134 -11.78 69.05 43.06
N SER X 135 -11.87 68.21 44.10
CA SER X 135 -10.72 67.46 44.54
C SER X 135 -10.73 66.16 43.76
N ILE X 136 -9.62 65.90 43.08
CA ILE X 136 -9.53 64.72 42.22
C ILE X 136 -8.41 63.78 42.65
N ARG X 137 -8.71 62.48 42.65
CA ARG X 137 -7.69 61.45 42.76
C ARG X 137 -7.51 60.81 41.41
N GLN X 138 -6.27 60.78 40.92
CA GLN X 138 -6.01 60.28 39.58
C GLN X 138 -4.62 59.66 39.42
N ARG X 139 -4.52 58.64 38.56
CA ARG X 139 -3.22 58.01 38.26
C ARG X 139 -2.62 58.54 36.96
N PHE X 140 -1.33 58.88 37.04
CA PHE X 140 -0.58 59.45 35.94
C PHE X 140 0.62 58.63 35.54
N SER X 141 0.92 58.70 34.25
CA SER X 141 2.15 58.13 33.73
C SER X 141 3.12 59.29 33.58
N CYS X 142 4.18 59.28 34.38
CA CYS X 142 5.19 60.32 34.33
C CYS X 142 6.55 59.84 34.84
N ASP X 143 7.55 60.72 34.80
CA ASP X 143 8.91 60.37 35.18
C ASP X 143 9.07 60.36 36.71
N VAL X 144 9.18 59.17 37.28
CA VAL X 144 9.24 58.99 38.72
C VAL X 144 10.70 58.75 39.15
N SER X 145 11.61 58.78 38.17
CA SER X 145 13.01 58.52 38.45
C SER X 145 13.61 59.57 39.39
N GLY X 146 14.26 59.10 40.45
CA GLY X 146 14.92 59.97 41.41
C GLY X 146 14.05 60.35 42.59
N VAL X 147 12.89 59.72 42.68
CA VAL X 147 11.94 60.00 43.75
C VAL X 147 12.57 59.75 45.13
N ASP X 148 13.54 58.85 45.18
CA ASP X 148 14.14 58.47 46.44
C ASP X 148 15.47 59.18 46.70
N THR X 149 15.80 60.14 45.85
CA THR X 149 17.02 60.94 46.00
C THR X 149 16.68 62.25 46.69
N GLU X 150 17.71 63.05 46.95
CA GLU X 150 17.49 64.35 47.57
C GLU X 150 16.89 65.39 46.58
N SER X 151 17.27 65.33 45.30
CA SER X 151 16.77 66.27 44.29
C SER X 151 15.35 65.90 43.85
N GLY X 152 14.97 64.66 44.13
CA GLY X 152 13.62 64.18 43.90
C GLY X 152 13.27 63.87 42.45
N ALA X 153 12.04 63.38 42.24
CA ALA X 153 11.49 63.16 40.89
C ALA X 153 10.71 64.41 40.43
N THR X 154 10.59 64.58 39.12
CA THR X 154 9.80 65.66 38.57
C THR X 154 8.76 65.09 37.62
N CYS X 155 7.54 65.01 38.13
CA CYS X 155 6.42 64.46 37.38
C CYS X 155 5.68 65.59 36.67
N ARG X 156 5.57 65.47 35.35
CA ARG X 156 5.00 66.52 34.51
C ARG X 156 3.55 66.18 34.14
N ILE X 157 2.60 66.99 34.56
CA ILE X 157 1.19 66.74 34.24
C ILE X 157 0.62 67.71 33.20
N LYS X 158 0.12 67.15 32.09
CA LYS X 158 -0.33 67.94 30.96
C LYS X 158 -1.85 68.03 30.92
N ILE X 159 -2.37 69.24 31.14
CA ILE X 159 -3.82 69.46 31.15
C ILE X 159 -4.22 70.50 30.12
N GLY X 160 -5.18 70.16 29.26
CA GLY X 160 -5.73 71.11 28.30
C GLY X 160 -7.12 70.72 27.83
N SER X 161 -7.73 71.57 27.01
CA SER X 161 -9.04 71.24 26.45
C SER X 161 -8.90 70.08 25.50
N TRP X 162 -9.80 69.10 25.62
CA TRP X 162 -9.75 67.95 24.73
C TRP X 162 -10.21 68.27 23.30
N THR X 163 -11.27 69.06 23.18
CA THR X 163 -11.86 69.29 21.86
C THR X 163 -11.88 70.75 21.40
N HIS X 164 -11.53 71.68 22.26
CA HIS X 164 -11.54 73.07 21.83
C HIS X 164 -10.13 73.59 21.58
N HIS X 165 -9.91 74.15 20.39
CA HIS X 165 -8.60 74.72 20.03
C HIS X 165 -8.36 76.13 20.59
N SER X 166 -7.21 76.69 20.25
CA SER X 166 -6.73 77.92 20.92
C SER X 166 -7.63 79.13 20.73
N ARG X 167 -8.38 79.15 19.64
CA ARG X 167 -9.33 80.23 19.35
C ARG X 167 -10.63 80.13 20.14
N GLU X 168 -10.96 78.91 20.61
CA GLU X 168 -12.15 78.69 21.45
C GLU X 168 -11.80 78.63 22.94
N ILE X 169 -10.75 77.89 23.29
CA ILE X 169 -10.29 77.84 24.67
C ILE X 169 -8.78 78.09 24.79
N SER X 170 -8.42 79.04 25.65
CA SER X 170 -7.03 79.25 26.02
C SER X 170 -6.84 78.94 27.50
N VAL X 171 -5.80 78.19 27.82
CA VAL X 171 -5.52 77.84 29.21
C VAL X 171 -4.34 78.62 29.70
N ASP X 172 -4.39 79.03 30.97
CA ASP X 172 -3.29 79.78 31.56
C ASP X 172 -3.10 79.40 33.01
N PRO X 173 -1.84 79.39 33.48
CA PRO X 173 -1.53 79.20 34.89
C PRO X 173 -2.00 80.37 35.73
N THR X 174 -2.05 80.19 37.05
CA THR X 174 -2.50 81.25 37.97
C THR X 174 -1.32 81.98 38.61
N SER X 178 1.49 82.30 44.99
CA SER X 178 0.90 81.49 46.06
C SER X 178 1.87 80.46 46.67
N ASP X 179 1.37 79.25 46.89
CA ASP X 179 2.12 78.23 47.62
C ASP X 179 1.87 76.76 47.17
N ASP X 180 2.97 76.02 47.01
CA ASP X 180 2.93 74.61 46.59
C ASP X 180 2.39 73.56 47.55
N SER X 181 2.79 73.66 48.79
CA SER X 181 2.45 72.65 49.74
C SER X 181 1.42 73.17 50.65
N GLU X 182 0.68 74.17 50.23
CA GLU X 182 -0.15 74.91 51.12
C GLU X 182 -1.11 73.95 51.75
N TYR X 183 -1.67 73.07 50.95
CA TYR X 183 -2.59 72.09 51.48
C TYR X 183 -2.09 70.71 51.42
N PHE X 184 -0.83 70.54 51.14
CA PHE X 184 -0.28 69.21 51.03
C PHE X 184 -0.27 68.47 52.38
N SER X 185 -0.70 67.22 52.36
CA SER X 185 -0.78 66.42 53.59
C SER X 185 0.58 66.21 54.24
N GLN X 186 0.68 66.54 55.52
CA GLN X 186 1.91 66.27 56.27
C GLN X 186 2.04 64.77 56.53
N TYR X 187 1.00 63.99 56.24
CA TYR X 187 1.02 62.55 56.53
C TYR X 187 1.30 61.70 55.30
N SER X 188 1.52 62.37 54.18
CA SER X 188 2.03 61.67 53.01
C SER X 188 3.43 61.11 53.30
N ARG X 189 3.70 59.98 52.67
CA ARG X 189 5.07 59.48 52.61
C ARG X 189 5.97 60.43 51.80
N PHE X 190 5.39 61.46 51.19
CA PHE X 190 6.17 62.32 50.32
C PHE X 190 6.11 63.78 50.74
N GLU X 191 7.07 64.53 50.24
CA GLU X 191 7.10 65.97 50.42
C GLU X 191 7.24 66.64 49.05
N ILE X 192 6.76 67.88 48.92
CA ILE X 192 6.89 68.62 47.68
C ILE X 192 8.04 69.64 47.73
N LEU X 193 8.95 69.57 46.77
CA LEU X 193 10.08 70.49 46.74
C LEU X 193 9.69 71.74 45.97
N ASP X 194 9.07 71.56 44.81
CA ASP X 194 8.70 72.69 43.96
C ASP X 194 7.58 72.34 42.99
N VAL X 195 6.76 73.32 42.66
CA VAL X 195 5.77 73.18 41.61
C VAL X 195 5.93 74.33 40.63
N THR X 196 6.16 74.01 39.35
CA THR X 196 6.28 75.01 38.30
C THR X 196 5.25 74.70 37.25
N GLN X 197 4.73 75.76 36.63
CA GLN X 197 3.71 75.61 35.60
C GLN X 197 4.19 76.26 34.31
N LYS X 198 3.73 75.73 33.19
CA LYS X 198 4.06 76.38 31.94
C LYS X 198 2.96 76.09 30.95
N LYS X 199 2.84 77.00 30.00
CA LYS X 199 1.81 76.92 29.00
C LYS X 199 2.37 76.54 27.65
N ASN X 200 1.70 75.63 26.96
CA ASN X 200 2.11 75.22 25.63
C ASN X 200 0.97 75.33 24.64
N SER X 201 1.33 75.28 23.35
CA SER X 201 0.37 75.30 22.27
C SER X 201 0.81 74.27 21.24
N VAL X 202 0.02 73.22 21.06
CA VAL X 202 0.45 72.08 20.29
C VAL X 202 -0.50 71.86 19.12
N THR X 203 0.07 71.50 17.97
CA THR X 203 -0.73 71.01 16.84
C THR X 203 -0.69 69.47 16.78
N TYR X 204 -1.86 68.89 16.55
CA TYR X 204 -2.02 67.44 16.49
C TYR X 204 -2.35 67.04 15.06
N SER X 205 -2.06 65.78 14.73
CA SER X 205 -2.20 65.26 13.37
C SER X 205 -3.61 65.38 12.84
N CYS X 206 -4.58 65.16 13.72
CA CYS X 206 -5.99 65.09 13.36
C CYS X 206 -6.53 66.42 12.81
N CYS X 207 -6.04 67.52 13.38
CA CYS X 207 -6.67 68.81 13.20
C CYS X 207 -5.63 69.88 12.85
N PRO X 208 -6.05 70.88 12.06
CA PRO X 208 -5.18 71.95 11.58
C PRO X 208 -4.90 73.03 12.64
N GLU X 209 -5.76 73.15 13.64
CA GLU X 209 -5.62 74.20 14.66
C GLU X 209 -4.74 73.77 15.84
N ALA X 210 -4.33 74.76 16.63
CA ALA X 210 -3.47 74.52 17.77
C ALA X 210 -4.29 74.45 19.05
N TYR X 211 -3.96 73.47 19.90
CA TYR X 211 -4.64 73.29 21.18
C TYR X 211 -3.70 73.63 22.30
N GLU X 212 -4.17 74.43 23.24
CA GLU X 212 -3.34 74.85 24.35
C GLU X 212 -3.43 73.86 25.51
N ASP X 213 -2.34 73.79 26.27
CA ASP X 213 -2.33 73.00 27.48
C ASP X 213 -1.49 73.68 28.55
N VAL X 214 -1.66 73.23 29.79
CA VAL X 214 -0.75 73.65 30.84
C VAL X 214 0.02 72.42 31.32
N GLU X 215 1.34 72.55 31.41
CA GLU X 215 2.15 71.50 31.99
C GLU X 215 2.55 71.91 33.39
N VAL X 216 2.03 71.18 34.37
CA VAL X 216 2.40 71.39 35.77
C VAL X 216 3.51 70.39 36.11
N SER X 217 4.67 70.91 36.49
CA SER X 217 5.79 70.08 36.91
C SER X 217 5.81 69.94 38.44
N LEU X 218 5.54 68.73 38.90
CA LEU X 218 5.56 68.44 40.32
C LEU X 218 6.92 67.82 40.69
N ASN X 219 7.73 68.58 41.43
CA ASN X 219 9.00 68.10 41.93
C ASN X 219 8.83 67.63 43.38
N PHE X 220 8.91 66.33 43.57
CA PHE X 220 8.67 65.76 44.89
C PHE X 220 9.67 64.65 45.19
N ARG X 221 9.77 64.25 46.46
CA ARG X 221 10.64 63.15 46.86
C ARG X 221 10.11 62.43 48.07
N LYS X 222 10.60 61.21 48.27
CA LYS X 222 10.29 60.42 49.44
C LYS X 222 10.90 61.14 50.65
N LYS X 223 10.14 61.24 51.74
CA LYS X 223 10.69 61.80 52.98
C LYS X 223 11.65 60.78 53.62
N GLY X 224 12.43 61.23 54.61
CA GLY X 224 13.39 60.37 55.30
C GLY X 224 13.60 60.66 56.78
N LEU Y 20 -26.62 82.11 12.02
CA LEU Y 20 -26.47 80.98 12.94
C LEU Y 20 -25.25 81.18 13.82
N ASP Y 21 -25.43 81.12 15.13
CA ASP Y 21 -24.29 80.99 16.04
C ASP Y 21 -24.23 79.58 16.67
N ARG Y 22 -23.25 79.35 17.56
CA ARG Y 22 -23.07 78.02 18.17
C ARG Y 22 -24.32 77.56 18.90
N ALA Y 23 -24.88 78.45 19.70
CA ALA Y 23 -26.10 78.18 20.44
C ALA Y 23 -27.21 77.63 19.52
N ASP Y 24 -27.42 78.25 18.37
CA ASP Y 24 -28.46 77.80 17.44
C ASP Y 24 -28.13 76.43 16.85
N ILE Y 25 -26.90 76.26 16.42
CA ILE Y 25 -26.47 75.00 15.81
C ILE Y 25 -26.62 73.82 16.76
N LEU Y 26 -26.17 74.02 18.00
CA LEU Y 26 -26.28 73.02 19.04
C LEU Y 26 -27.74 72.74 19.37
N TYR Y 27 -28.56 73.79 19.39
CA TYR Y 27 -30.00 73.64 19.62
C TYR Y 27 -30.63 72.78 18.53
N ASN Y 28 -30.32 73.08 17.28
CA ASN Y 28 -30.88 72.30 16.18
C ASN Y 28 -30.45 70.84 16.26
N ILE Y 29 -29.20 70.63 16.59
CA ILE Y 29 -28.65 69.30 16.66
C ILE Y 29 -29.33 68.48 17.72
N ARG Y 30 -29.53 69.09 18.86
CA ARG Y 30 -30.18 68.48 19.98
C ARG Y 30 -31.63 68.18 19.77
N GLN Y 31 -32.35 69.07 19.14
CA GLN Y 31 -33.71 68.81 18.74
C GLN Y 31 -33.90 67.82 17.64
N THR Y 32 -33.04 67.80 16.67
CA THR Y 32 -33.30 67.06 15.43
C THR Y 32 -32.42 65.87 15.14
N SER Y 33 -31.26 65.77 15.75
CA SER Y 33 -30.43 64.59 15.48
C SER Y 33 -31.13 63.38 16.08
N ARG Y 34 -30.92 62.22 15.45
CA ARG Y 34 -31.59 61.00 15.89
C ARG Y 34 -30.51 59.99 16.26
N PRO Y 35 -30.11 59.99 17.55
CA PRO Y 35 -28.96 59.21 18.01
C PRO Y 35 -29.17 57.72 17.75
N ASP Y 36 -30.42 57.32 17.70
CA ASP Y 36 -30.81 55.93 17.48
C ASP Y 36 -30.76 55.56 16.01
N VAL Y 37 -30.56 56.56 15.15
CA VAL Y 37 -30.75 56.34 13.72
C VAL Y 37 -29.48 56.43 12.92
N ILE Y 38 -29.03 55.32 12.36
CA ILE Y 38 -27.82 55.30 11.55
C ILE Y 38 -27.99 56.16 10.29
N PRO Y 39 -27.07 57.12 10.09
CA PRO Y 39 -27.19 58.11 9.03
C PRO Y 39 -26.80 57.52 7.69
N THR Y 40 -27.45 56.42 7.33
CA THR Y 40 -27.18 55.75 6.08
C THR Y 40 -27.81 56.51 4.90
N GLN Y 41 -27.26 56.33 3.69
CA GLN Y 41 -27.82 56.88 2.45
C GLN Y 41 -28.25 55.80 1.45
N PRO Y 45 -23.64 52.23 2.74
CA PRO Y 45 -23.12 52.16 4.10
C PRO Y 45 -22.42 53.43 4.59
N VAL Y 46 -22.56 53.71 5.87
CA VAL Y 46 -21.80 54.77 6.48
C VAL Y 46 -20.34 54.37 6.50
N ALA Y 47 -19.49 55.21 5.94
CA ALA Y 47 -18.05 54.96 5.94
C ALA Y 47 -17.41 55.46 7.24
N VAL Y 48 -16.95 54.53 8.07
CA VAL Y 48 -16.34 54.86 9.35
C VAL Y 48 -14.81 54.67 9.31
N SER Y 49 -14.06 55.73 9.56
CA SER Y 49 -12.60 55.66 9.71
C SER Y 49 -12.25 55.35 11.15
N VAL Y 50 -11.34 54.41 11.33
CA VAL Y 50 -10.84 54.08 12.66
C VAL Y 50 -9.32 54.15 12.64
N SER Y 51 -8.77 54.87 13.60
CA SER Y 51 -7.33 55.04 13.70
C SER Y 51 -6.93 55.08 15.18
N LEU Y 52 -6.24 54.03 15.63
CA LEU Y 52 -5.74 53.99 17.01
C LEU Y 52 -4.40 54.74 17.16
N LYS Y 53 -4.38 55.73 18.05
CA LYS Y 53 -3.16 56.45 18.40
C LYS Y 53 -2.73 55.98 19.78
N PHE Y 54 -1.70 55.14 19.83
CA PHE Y 54 -1.30 54.56 21.08
C PHE Y 54 -0.59 55.59 21.95
N ILE Y 55 -0.99 55.62 23.21
CA ILE Y 55 -0.49 56.59 24.17
C ILE Y 55 0.40 55.87 25.18
N ASN Y 56 -0.03 54.67 25.60
CA ASN Y 56 0.69 53.94 26.63
C ASN Y 56 0.42 52.45 26.63
N ILE Y 57 1.40 51.70 27.10
CA ILE Y 57 1.25 50.27 27.33
C ILE Y 57 1.63 50.04 28.77
N LEU Y 58 0.71 49.47 29.55
CA LEU Y 58 0.81 49.60 31.00
C LEU Y 58 1.13 48.33 31.75
N GLU Y 59 0.50 47.22 31.36
CA GLU Y 59 0.67 46.01 32.14
C GLU Y 59 0.68 44.74 31.32
N VAL Y 60 1.83 44.41 30.76
CA VAL Y 60 1.96 43.23 29.93
C VAL Y 60 2.07 41.95 30.79
N ASN Y 61 1.45 40.87 30.33
CA ASN Y 61 1.58 39.58 31.00
C ASN Y 61 1.79 38.51 29.93
N GLU Y 62 3.03 38.04 29.83
CA GLU Y 62 3.38 37.12 28.77
C GLU Y 62 2.83 35.72 29.03
N ILE Y 63 2.58 35.41 30.30
CA ILE Y 63 1.96 34.14 30.68
C ILE Y 63 0.49 34.10 30.25
N THR Y 64 -0.27 35.08 30.73
CA THR Y 64 -1.72 35.11 30.47
C THR Y 64 -2.08 35.64 29.09
N ASN Y 65 -1.10 36.20 28.40
CA ASN Y 65 -1.37 36.80 27.09
C ASN Y 65 -2.38 37.95 27.16
N GLU Y 66 -2.15 38.86 28.08
CA GLU Y 66 -3.03 40.00 28.29
C GLU Y 66 -2.21 41.28 28.36
N VAL Y 67 -2.70 42.33 27.68
CA VAL Y 67 -2.06 43.65 27.76
C VAL Y 67 -3.07 44.73 28.17
N ASP Y 68 -2.56 45.77 28.82
CA ASP Y 68 -3.34 46.92 29.23
C ASP Y 68 -2.86 48.13 28.41
N VAL Y 69 -3.73 48.67 27.57
CA VAL Y 69 -3.32 49.70 26.63
C VAL Y 69 -4.13 50.98 26.83
N VAL Y 70 -3.46 52.12 26.64
CA VAL Y 70 -4.12 53.40 26.54
C VAL Y 70 -3.98 53.91 25.12
N PHE Y 71 -5.08 54.28 24.49
CA PHE Y 71 -5.02 54.73 23.11
C PHE Y 71 -6.16 55.67 22.79
N TRP Y 72 -5.94 56.56 21.82
CA TRP Y 72 -6.99 57.41 21.28
C TRP Y 72 -7.70 56.64 20.20
N GLN Y 73 -9.00 56.47 20.34
CA GLN Y 73 -9.75 55.77 19.30
C GLN Y 73 -10.38 56.80 18.37
N GLN Y 74 -9.58 57.34 17.45
CA GLN Y 74 -10.08 58.36 16.54
C GLN Y 74 -11.06 57.74 15.57
N THR Y 75 -12.31 58.20 15.67
CA THR Y 75 -13.40 57.68 14.85
C THR Y 75 -14.04 58.81 14.02
N THR Y 76 -14.16 58.58 12.71
CA THR Y 76 -14.65 59.61 11.83
C THR Y 76 -15.71 59.06 10.89
N TRP Y 77 -16.79 59.80 10.71
CA TRP Y 77 -17.83 59.39 9.79
C TRP Y 77 -18.64 60.59 9.36
N SER Y 78 -19.64 60.35 8.55
CA SER Y 78 -20.40 61.45 7.98
C SER Y 78 -21.90 61.31 8.28
N ASP Y 79 -22.50 62.42 8.73
CA ASP Y 79 -23.93 62.49 8.99
C ASP Y 79 -24.51 63.79 8.43
N ARG Y 80 -25.00 63.78 7.20
CA ARG Y 80 -25.39 65.03 6.53
C ARG Y 80 -26.58 65.69 7.16
N THR Y 81 -27.22 64.90 7.97
CA THR Y 81 -28.38 65.23 8.72
C THR Y 81 -28.01 66.37 9.63
N LEU Y 82 -26.74 66.51 9.94
CA LEU Y 82 -26.30 67.52 10.86
C LEU Y 82 -25.69 68.71 10.19
N ALA Y 83 -25.70 68.72 8.87
CA ALA Y 83 -25.05 69.79 8.15
C ALA Y 83 -25.74 71.14 8.25
N TRP Y 84 -24.97 72.21 8.15
CA TRP Y 84 -25.58 73.52 8.16
C TRP Y 84 -24.84 74.48 7.22
N ASN Y 85 -25.50 75.58 6.88
CA ASN Y 85 -24.94 76.63 6.04
C ASN Y 85 -23.93 77.48 6.84
N SER Y 86 -22.65 77.28 6.56
CA SER Y 86 -21.60 77.89 7.39
C SER Y 86 -21.13 79.25 6.87
N SER Y 87 -21.95 79.89 6.04
CA SER Y 87 -21.59 81.18 5.43
C SER Y 87 -21.16 82.22 6.46
N HIS Y 88 -22.01 82.45 7.46
CA HIS Y 88 -21.68 83.39 8.53
C HIS Y 88 -21.81 82.71 9.88
N SER Y 89 -21.32 81.47 9.92
CA SER Y 89 -21.49 80.60 11.06
C SER Y 89 -20.15 79.93 11.38
N PRO Y 90 -20.02 79.34 12.57
CA PRO Y 90 -18.85 78.50 12.88
C PRO Y 90 -18.76 77.30 11.93
N ASP Y 91 -17.55 76.82 11.68
CA ASP Y 91 -17.33 75.67 10.81
C ASP Y 91 -17.50 74.36 11.57
N GLN Y 92 -17.45 74.46 12.89
CA GLN Y 92 -17.32 73.30 13.76
C GLN Y 92 -17.88 73.56 15.14
N VAL Y 93 -18.51 72.54 15.72
CA VAL Y 93 -18.93 72.60 17.12
C VAL Y 93 -18.56 71.32 17.86
N SER Y 94 -18.57 71.41 19.18
CA SER Y 94 -18.39 70.24 20.03
C SER Y 94 -19.72 69.79 20.60
N VAL Y 95 -20.04 68.53 20.40
CA VAL Y 95 -21.36 68.02 20.76
C VAL Y 95 -21.20 66.80 21.63
N PRO Y 96 -21.98 66.74 22.72
CA PRO Y 96 -22.06 65.51 23.52
C PRO Y 96 -22.50 64.33 22.66
N ILE Y 97 -21.80 63.19 22.76
CA ILE Y 97 -22.09 62.04 21.91
C ILE Y 97 -23.46 61.45 22.23
N SER Y 98 -23.98 61.73 23.42
CA SER Y 98 -25.34 61.34 23.73
C SER Y 98 -26.37 62.00 22.79
N SER Y 99 -26.00 63.12 22.15
CA SER Y 99 -26.90 63.83 21.25
C SER Y 99 -26.64 63.48 19.77
N LEU Y 100 -25.76 62.52 19.51
CA LEU Y 100 -25.44 62.16 18.14
C LEU Y 100 -25.58 60.68 17.95
N TRP Y 101 -25.80 60.26 16.71
CA TRP Y 101 -25.60 58.83 16.42
C TRP Y 101 -24.11 58.54 16.37
N VAL Y 102 -23.72 57.41 16.95
CA VAL Y 102 -22.32 57.02 17.04
C VAL Y 102 -22.23 55.58 16.57
N PRO Y 103 -21.23 55.26 15.74
CA PRO Y 103 -21.02 53.85 15.35
C PRO Y 103 -20.79 52.95 16.57
N ASP Y 104 -21.41 51.77 16.54
CA ASP Y 104 -21.34 50.81 17.63
C ASP Y 104 -20.08 49.93 17.56
N LEU Y 105 -18.91 50.59 17.55
CA LEU Y 105 -17.65 49.87 17.43
C LEU Y 105 -17.36 49.11 18.72
N ALA Y 106 -16.79 47.91 18.58
CA ALA Y 106 -16.31 47.15 19.74
C ALA Y 106 -14.99 46.46 19.43
N ALA Y 107 -14.14 46.31 20.44
CA ALA Y 107 -12.92 45.52 20.29
C ALA Y 107 -13.25 44.07 20.62
N TYR Y 108 -13.21 43.22 19.61
CA TYR Y 108 -13.59 41.80 19.76
C TYR Y 108 -12.78 41.03 20.81
N ASN Y 109 -11.50 41.38 20.96
CA ASN Y 109 -10.61 40.68 21.89
C ASN Y 109 -10.35 41.48 23.18
N ALA Y 110 -11.19 42.49 23.41
CA ALA Y 110 -11.12 43.22 24.67
C ALA Y 110 -11.67 42.32 25.77
N ILE Y 111 -11.05 42.37 26.94
CA ILE Y 111 -11.52 41.56 28.06
C ILE Y 111 -11.86 42.43 29.27
N SER Y 112 -11.84 43.74 29.07
CA SER Y 112 -12.45 44.65 30.03
C SER Y 112 -13.29 45.63 29.24
N LYS Y 113 -14.32 46.23 29.86
CA LYS Y 113 -15.05 47.26 29.10
C LYS Y 113 -14.17 48.48 28.94
N PRO Y 114 -14.42 49.25 27.88
CA PRO Y 114 -13.54 50.40 27.65
C PRO Y 114 -13.74 51.44 28.73
N GLU Y 115 -12.62 51.87 29.33
CA GLU Y 115 -12.61 53.00 30.27
C GLU Y 115 -12.33 54.28 29.47
N VAL Y 116 -13.37 55.10 29.29
CA VAL Y 116 -13.20 56.37 28.59
C VAL Y 116 -12.65 57.42 29.55
N LEU Y 117 -11.45 57.90 29.25
CA LEU Y 117 -10.71 58.77 30.15
C LEU Y 117 -11.02 60.24 29.91
N THR Y 118 -11.58 60.54 28.74
CA THR Y 118 -11.76 61.92 28.32
C THR Y 118 -13.23 62.34 28.24
N PRO Y 119 -13.49 63.67 28.21
CA PRO Y 119 -14.86 64.20 28.02
C PRO Y 119 -15.50 63.62 26.75
N GLN Y 120 -16.73 63.12 26.87
CA GLN Y 120 -17.34 62.45 25.73
C GLN Y 120 -18.02 63.42 24.75
N LEU Y 121 -17.18 64.19 24.06
CA LEU Y 121 -17.61 65.20 23.08
C LEU Y 121 -17.08 64.84 21.71
N ALA Y 122 -17.88 65.13 20.68
CA ALA Y 122 -17.45 64.90 19.30
C ALA Y 122 -17.38 66.23 18.56
N HIS Y 123 -16.64 66.24 17.45
CA HIS Y 123 -16.61 67.36 16.54
C HIS Y 123 -17.69 67.15 15.49
N VAL Y 124 -18.51 68.16 15.28
CA VAL Y 124 -19.36 68.15 14.10
C VAL Y 124 -18.96 69.34 13.23
N VAL Y 125 -18.61 69.06 11.98
CA VAL Y 125 -18.22 70.10 11.03
C VAL Y 125 -19.43 70.44 10.18
N SER Y 126 -19.51 71.68 9.72
CA SER Y 126 -20.69 72.16 8.99
C SER Y 126 -21.14 71.26 7.82
N ASP Y 127 -20.20 70.56 7.18
CA ASP Y 127 -20.54 69.64 6.09
C ASP Y 127 -21.16 68.33 6.57
N GLY Y 128 -21.18 68.11 7.88
CA GLY Y 128 -21.75 66.89 8.44
C GLY Y 128 -20.71 65.82 8.82
N GLU Y 129 -19.45 66.20 8.73
CA GLU Y 129 -18.37 65.30 9.12
C GLU Y 129 -18.34 65.26 10.63
N VAL Y 130 -18.36 64.05 11.18
CA VAL Y 130 -18.28 63.88 12.63
C VAL Y 130 -16.98 63.17 13.00
N GLN Y 131 -16.28 63.71 13.98
CA GLN Y 131 -15.11 63.04 14.52
C GLN Y 131 -15.27 62.88 16.03
N TYR Y 132 -14.98 61.68 16.53
CA TYR Y 132 -14.99 61.39 17.96
C TYR Y 132 -13.67 60.66 18.30
N THR Y 133 -12.92 61.22 19.24
CA THR Y 133 -11.60 60.67 19.59
C THR Y 133 -11.43 60.55 21.10
N PRO Y 134 -12.10 59.55 21.70
CA PRO Y 134 -11.91 59.35 23.15
C PRO Y 134 -10.56 58.71 23.43
N SER Y 135 -10.00 59.03 24.59
CA SER Y 135 -8.82 58.31 25.04
C SER Y 135 -9.33 57.15 25.89
N ILE Y 136 -8.94 55.94 25.52
CA ILE Y 136 -9.45 54.74 26.16
C ILE Y 136 -8.37 53.89 26.82
N ARG Y 137 -8.62 53.48 28.05
CA ARG Y 137 -7.80 52.45 28.64
C ARG Y 137 -8.56 51.15 28.59
N GLN Y 138 -7.93 50.09 28.11
CA GLN Y 138 -8.60 48.81 27.94
C GLN Y 138 -7.61 47.62 27.98
N ARG Y 139 -8.00 46.50 28.55
CA ARG Y 139 -7.17 45.29 28.48
C ARG Y 139 -7.60 44.39 27.33
N PHE Y 140 -6.61 43.79 26.69
CA PHE Y 140 -6.84 42.92 25.55
C PHE Y 140 -6.23 41.54 25.73
N SER Y 141 -6.86 40.55 25.11
CA SER Y 141 -6.31 39.23 24.99
C SER Y 141 -5.63 39.14 23.63
N CYS Y 142 -4.32 39.00 23.63
CA CYS Y 142 -3.58 38.96 22.37
C CYS Y 142 -2.23 38.30 22.56
N ASP Y 143 -1.49 38.13 21.46
CA ASP Y 143 -0.19 37.44 21.50
C ASP Y 143 0.89 38.34 22.04
N VAL Y 144 1.31 38.05 23.26
CA VAL Y 144 2.34 38.86 23.94
C VAL Y 144 3.72 38.16 23.90
N SER Y 145 3.78 36.99 23.27
CA SER Y 145 5.03 36.26 23.10
C SER Y 145 6.11 37.05 22.34
N GLY Y 146 7.30 37.13 22.92
CA GLY Y 146 8.42 37.82 22.31
C GLY Y 146 8.53 39.28 22.70
N VAL Y 147 7.70 39.71 23.65
CA VAL Y 147 7.69 41.10 24.12
C VAL Y 147 9.05 41.52 24.65
N ASP Y 148 9.78 40.55 25.21
CA ASP Y 148 11.06 40.84 25.82
C ASP Y 148 12.24 40.56 24.88
N THR Y 149 11.95 40.32 23.61
CA THR Y 149 12.98 40.13 22.60
C THR Y 149 13.17 41.41 21.81
N GLU Y 150 14.08 41.36 20.84
CA GLU Y 150 14.43 42.52 20.02
C GLU Y 150 13.36 42.76 18.93
N SER Y 151 12.80 41.68 18.40
CA SER Y 151 11.79 41.77 17.36
C SER Y 151 10.43 42.13 17.96
N GLY Y 152 10.29 41.93 19.27
CA GLY Y 152 9.10 42.34 20.01
C GLY Y 152 7.88 41.42 19.86
N ALA Y 153 6.82 41.75 20.59
CA ALA Y 153 5.54 41.05 20.44
C ALA Y 153 4.69 41.80 19.42
N THR Y 154 3.73 41.09 18.83
CA THR Y 154 2.78 41.72 17.93
C THR Y 154 1.36 41.44 18.40
N CYS Y 155 0.78 42.44 19.06
CA CYS Y 155 -0.59 42.34 19.57
C CYS Y 155 -1.59 42.83 18.54
N ARG Y 156 -2.54 41.97 18.18
CA ARG Y 156 -3.49 42.28 17.12
C ARG Y 156 -4.85 42.67 17.73
N ILE Y 157 -5.27 43.91 17.50
CA ILE Y 157 -6.54 44.39 18.05
C ILE Y 157 -7.62 44.48 16.97
N LYS Y 158 -8.73 43.77 17.19
CA LYS Y 158 -9.81 43.69 16.20
C LYS Y 158 -10.99 44.60 16.55
N ILE Y 159 -11.22 45.63 15.73
CA ILE Y 159 -12.30 46.58 15.99
C ILE Y 159 -13.28 46.63 14.83
N GLY Y 160 -14.57 46.48 15.13
CA GLY Y 160 -15.61 46.60 14.13
C GLY Y 160 -16.96 46.89 14.73
N SER Y 161 -17.94 47.13 13.86
CA SER Y 161 -19.32 47.36 14.32
C SER Y 161 -19.89 46.09 14.91
N TRP Y 162 -20.54 46.20 16.06
CA TRP Y 162 -21.05 45.02 16.72
C TRP Y 162 -22.32 44.52 16.04
N THR Y 163 -23.18 45.45 15.63
CA THR Y 163 -24.48 45.02 15.12
C THR Y 163 -24.77 45.45 13.68
N HIS Y 164 -23.92 46.27 13.10
CA HIS Y 164 -24.18 46.69 11.72
C HIS Y 164 -23.28 45.97 10.74
N HIS Y 165 -23.89 45.36 9.71
CA HIS Y 165 -23.13 44.64 8.68
C HIS Y 165 -22.57 45.58 7.59
N SER Y 166 -21.87 44.98 6.62
CA SER Y 166 -21.08 45.74 5.66
C SER Y 166 -21.87 46.73 4.80
N ARG Y 167 -23.16 46.48 4.59
CA ARG Y 167 -23.97 47.40 3.83
C ARG Y 167 -24.48 48.60 4.65
N GLU Y 168 -24.46 48.46 5.98
CA GLU Y 168 -24.82 49.55 6.90
C GLU Y 168 -23.61 50.29 7.41
N ILE Y 169 -22.58 49.54 7.83
CA ILE Y 169 -21.33 50.16 8.29
C ILE Y 169 -20.10 49.53 7.63
N SER Y 170 -19.24 50.35 7.04
CA SER Y 170 -17.96 49.85 6.56
C SER Y 170 -16.86 50.56 7.32
N VAL Y 171 -15.89 49.79 7.80
CA VAL Y 171 -14.74 50.37 8.51
C VAL Y 171 -13.50 50.42 7.62
N ASP Y 172 -12.71 51.47 7.78
CA ASP Y 172 -11.50 51.64 7.00
C ASP Y 172 -10.42 52.29 7.84
N PRO Y 173 -9.14 51.88 7.63
CA PRO Y 173 -7.98 52.50 8.29
C PRO Y 173 -7.74 53.92 7.75
N THR Y 174 -6.91 54.68 8.43
CA THR Y 174 -6.64 56.06 8.04
C THR Y 174 -5.29 56.17 7.30
N ASP Y 180 3.38 56.43 14.42
CA ASP Y 180 3.04 55.35 15.35
C ASP Y 180 3.26 55.82 16.78
N SER Y 181 4.53 56.07 17.10
CA SER Y 181 4.94 56.50 18.44
C SER Y 181 4.73 57.99 18.61
N GLU Y 182 3.87 58.56 17.78
CA GLU Y 182 3.76 60.01 17.76
C GLU Y 182 3.34 60.59 19.12
N TYR Y 183 2.32 60.03 19.74
CA TYR Y 183 1.87 60.47 21.06
C TYR Y 183 2.19 59.45 22.15
N PHE Y 184 2.96 58.43 21.80
CA PHE Y 184 3.32 57.40 22.75
C PHE Y 184 4.18 57.95 23.89
N SER Y 185 3.86 57.54 25.12
CA SER Y 185 4.56 58.03 26.30
C SER Y 185 6.02 57.56 26.33
N GLN Y 186 6.94 58.49 26.51
CA GLN Y 186 8.34 58.14 26.62
C GLN Y 186 8.63 57.49 27.98
N TYR Y 187 7.64 57.52 28.88
CA TYR Y 187 7.84 56.99 30.22
C TYR Y 187 7.26 55.60 30.41
N SER Y 188 6.75 55.03 29.33
CA SER Y 188 6.34 53.62 29.32
C SER Y 188 7.58 52.72 29.43
N ARG Y 189 7.42 51.55 30.03
CA ARG Y 189 8.48 50.53 30.02
C ARG Y 189 8.48 49.87 28.66
N PHE Y 190 7.70 50.39 27.75
CA PHE Y 190 7.63 49.79 26.46
C PHE Y 190 7.84 50.85 25.41
N GLU Y 191 8.18 50.38 24.22
CA GLU Y 191 8.34 51.23 23.06
C GLU Y 191 7.64 50.55 21.88
N ILE Y 192 7.25 51.33 20.88
CA ILE Y 192 6.55 50.79 19.73
C ILE Y 192 7.47 50.70 18.53
N LEU Y 193 7.50 49.53 17.91
CA LEU Y 193 8.37 49.30 16.76
C LEU Y 193 7.60 49.65 15.49
N ASP Y 194 6.37 49.14 15.41
CA ASP Y 194 5.58 49.35 14.21
C ASP Y 194 4.08 49.17 14.47
N VAL Y 195 3.28 49.89 13.71
CA VAL Y 195 1.83 49.72 13.76
C VAL Y 195 1.31 49.54 12.34
N THR Y 196 0.66 48.41 12.08
CA THR Y 196 0.07 48.18 10.78
C THR Y 196 -1.40 47.93 10.94
N GLN Y 197 -2.18 48.32 9.94
CA GLN Y 197 -3.63 48.17 9.98
C GLN Y 197 -4.09 47.32 8.78
N LYS Y 198 -5.10 46.48 8.97
CA LYS Y 198 -5.62 45.66 7.88
C LYS Y 198 -7.11 45.42 8.06
N LYS Y 199 -7.86 45.68 6.99
CA LYS Y 199 -9.31 45.60 6.99
C LYS Y 199 -9.78 44.19 6.63
N ASN Y 200 -10.78 43.72 7.35
CA ASN Y 200 -11.36 42.40 7.08
C ASN Y 200 -12.87 42.45 6.93
N SER Y 201 -13.41 41.36 6.38
CA SER Y 201 -14.85 41.23 6.23
C SER Y 201 -15.22 39.79 6.59
N VAL Y 202 -15.91 39.62 7.71
CA VAL Y 202 -16.14 38.31 8.28
C VAL Y 202 -17.62 37.95 8.34
N THR Y 203 -17.93 36.69 8.06
CA THR Y 203 -19.29 36.19 8.25
C THR Y 203 -19.36 35.38 9.54
N TYR Y 204 -20.38 35.63 10.33
CA TYR Y 204 -20.56 34.95 11.61
C TYR Y 204 -21.76 34.01 11.53
N SER Y 205 -21.77 33.01 12.41
CA SER Y 205 -22.78 31.95 12.38
C SER Y 205 -24.20 32.46 12.56
N CYS Y 206 -24.35 33.49 13.37
CA CYS Y 206 -25.67 34.02 13.70
C CYS Y 206 -26.40 34.60 12.49
N CYS Y 207 -25.64 35.25 11.59
CA CYS Y 207 -26.21 36.15 10.62
C CYS Y 207 -25.65 35.88 9.24
N PRO Y 208 -26.47 36.12 8.20
CA PRO Y 208 -26.09 35.83 6.80
C PRO Y 208 -25.17 36.87 6.18
N GLU Y 209 -25.15 38.09 6.72
CA GLU Y 209 -24.38 39.17 6.13
C GLU Y 209 -22.95 39.21 6.67
N ALA Y 210 -22.10 40.01 6.03
CA ALA Y 210 -20.71 40.11 6.45
C ALA Y 210 -20.50 41.37 7.28
N TYR Y 211 -19.71 41.25 8.34
CA TYR Y 211 -19.39 42.39 9.18
C TYR Y 211 -17.94 42.77 8.96
N GLU Y 212 -17.69 44.06 8.79
CA GLU Y 212 -16.32 44.49 8.58
C GLU Y 212 -15.63 44.77 9.92
N ASP Y 213 -14.32 44.58 9.94
CA ASP Y 213 -13.52 45.02 11.08
C ASP Y 213 -12.17 45.57 10.62
N VAL Y 214 -11.49 46.29 11.52
CA VAL Y 214 -10.11 46.66 11.29
C VAL Y 214 -9.27 45.91 12.31
N GLU Y 215 -8.20 45.28 11.84
CA GLU Y 215 -7.20 44.68 12.72
C GLU Y 215 -5.96 45.55 12.79
N VAL Y 216 -5.76 46.15 13.95
CA VAL Y 216 -4.58 46.95 14.19
C VAL Y 216 -3.51 46.06 14.83
N SER Y 217 -2.39 45.91 14.14
CA SER Y 217 -1.27 45.14 14.68
C SER Y 217 -0.26 46.05 15.36
N LEU Y 218 -0.17 45.92 16.68
CA LEU Y 218 0.76 46.68 17.47
C LEU Y 218 2.00 45.85 17.74
N ASN Y 219 3.11 46.19 17.09
CA ASN Y 219 4.38 45.54 17.33
C ASN Y 219 5.16 46.39 18.33
N PHE Y 220 5.40 45.83 19.50
CA PHE Y 220 6.04 46.55 20.59
C PHE Y 220 6.97 45.62 21.37
N ARG Y 221 7.87 46.21 22.16
CA ARG Y 221 8.78 45.44 22.98
C ARG Y 221 9.15 46.17 24.25
N LYS Y 222 9.62 45.40 25.21
CA LYS Y 222 10.07 46.01 26.43
C LYS Y 222 11.28 46.86 26.08
N LYS Y 223 11.40 47.98 26.78
CA LYS Y 223 12.59 48.80 26.67
C LYS Y 223 13.78 48.11 27.34
N GLY Y 224 14.94 48.76 27.32
CA GLY Y 224 16.14 48.19 27.95
C GLY Y 224 16.13 48.14 29.48
N LEU Z 20 -65.16 -7.91 -59.89
CA LEU Z 20 -64.32 -7.74 -58.73
C LEU Z 20 -62.84 -7.94 -59.08
N ASP Z 21 -62.01 -6.96 -58.71
CA ASP Z 21 -60.56 -7.17 -58.74
C ASP Z 21 -59.98 -7.19 -57.32
N ARG Z 22 -58.66 -7.38 -57.22
CA ARG Z 22 -58.02 -7.48 -55.91
C ARG Z 22 -58.34 -6.27 -55.04
N ALA Z 23 -58.20 -5.08 -55.63
CA ALA Z 23 -58.45 -3.82 -54.91
C ALA Z 23 -59.82 -3.83 -54.25
N ASP Z 24 -60.83 -4.27 -54.98
CA ASP Z 24 -62.20 -4.28 -54.42
C ASP Z 24 -62.32 -5.30 -53.29
N ILE Z 25 -61.80 -6.50 -53.53
CA ILE Z 25 -61.87 -7.57 -52.55
C ILE Z 25 -61.19 -7.15 -51.25
N LEU Z 26 -59.99 -6.58 -51.35
CA LEU Z 26 -59.27 -6.12 -50.20
C LEU Z 26 -59.99 -5.00 -49.51
N TYR Z 27 -60.57 -4.10 -50.29
CA TYR Z 27 -61.38 -3.02 -49.74
C TYR Z 27 -62.55 -3.57 -48.90
N ASN Z 28 -63.33 -4.48 -49.49
CA ASN Z 28 -64.45 -5.11 -48.78
C ASN Z 28 -64.00 -5.80 -47.50
N ILE Z 29 -62.91 -6.54 -47.51
CA ILE Z 29 -62.47 -7.26 -46.32
C ILE Z 29 -62.16 -6.33 -45.19
N ARG Z 30 -61.43 -5.31 -45.52
CA ARG Z 30 -61.00 -4.31 -44.59
C ARG Z 30 -62.13 -3.50 -44.03
N GLN Z 31 -63.12 -3.23 -44.85
CA GLN Z 31 -64.28 -2.47 -44.37
C GLN Z 31 -65.24 -3.31 -43.55
N THR Z 32 -65.30 -4.61 -43.81
CA THR Z 32 -66.37 -5.44 -43.24
C THR Z 32 -65.92 -6.63 -42.42
N SER Z 33 -64.67 -7.05 -42.53
CA SER Z 33 -64.21 -8.14 -41.66
C SER Z 33 -64.16 -7.61 -40.23
N ARG Z 34 -64.42 -8.49 -39.28
CA ARG Z 34 -64.48 -8.10 -37.88
C ARG Z 34 -63.43 -8.90 -37.16
N PRO Z 35 -62.21 -8.35 -37.07
CA PRO Z 35 -61.04 -9.08 -36.52
C PRO Z 35 -61.27 -9.53 -35.08
N ASP Z 36 -62.13 -8.80 -34.36
CA ASP Z 36 -62.47 -9.08 -32.98
C ASP Z 36 -63.51 -10.21 -32.84
N VAL Z 37 -64.04 -10.66 -33.96
CA VAL Z 37 -65.21 -11.54 -33.93
C VAL Z 37 -64.92 -12.90 -34.52
N ILE Z 38 -64.94 -13.91 -33.67
CA ILE Z 38 -64.71 -15.28 -34.10
C ILE Z 38 -65.80 -15.71 -35.08
N PRO Z 39 -65.40 -16.17 -36.27
CA PRO Z 39 -66.31 -16.54 -37.35
C PRO Z 39 -66.98 -17.87 -37.08
N THR Z 40 -67.64 -17.97 -35.93
CA THR Z 40 -68.34 -19.19 -35.55
C THR Z 40 -69.65 -19.35 -36.33
N GLN Z 41 -70.02 -20.62 -36.56
CA GLN Z 41 -71.23 -21.03 -37.28
C GLN Z 41 -71.92 -22.22 -36.59
N ARG Z 44 -71.70 -23.95 -33.43
CA ARG Z 44 -70.63 -24.86 -33.87
C ARG Z 44 -69.25 -24.18 -33.98
N PRO Z 45 -68.19 -24.90 -33.56
CA PRO Z 45 -66.81 -24.38 -33.45
C PRO Z 45 -66.09 -24.15 -34.76
N VAL Z 46 -65.23 -23.14 -34.78
CA VAL Z 46 -64.33 -22.93 -35.91
C VAL Z 46 -63.28 -24.03 -35.88
N ALA Z 47 -63.15 -24.75 -36.99
CA ALA Z 47 -62.18 -25.83 -37.10
C ALA Z 47 -60.82 -25.28 -37.53
N VAL Z 48 -59.86 -25.31 -36.61
CA VAL Z 48 -58.52 -24.78 -36.91
C VAL Z 48 -57.50 -25.91 -37.11
N SER Z 49 -56.90 -25.98 -38.31
CA SER Z 49 -55.77 -26.88 -38.57
C SER Z 49 -54.46 -26.24 -38.13
N VAL Z 50 -53.66 -27.01 -37.39
CA VAL Z 50 -52.33 -26.58 -37.01
C VAL Z 50 -51.32 -27.61 -37.47
N SER Z 51 -50.29 -27.15 -38.16
CA SER Z 51 -49.24 -28.03 -38.65
C SER Z 51 -47.89 -27.30 -38.56
N LEU Z 52 -47.01 -27.79 -37.69
CA LEU Z 52 -45.68 -27.21 -37.56
C LEU Z 52 -44.73 -27.81 -38.60
N LYS Z 53 -44.10 -26.94 -39.37
CA LYS Z 53 -43.07 -27.36 -40.31
C LYS Z 53 -41.74 -26.89 -39.74
N PHE Z 54 -40.95 -27.82 -39.20
CA PHE Z 54 -39.70 -27.45 -38.57
C PHE Z 54 -38.65 -27.01 -39.56
N ILE Z 55 -38.01 -25.89 -39.28
CA ILE Z 55 -37.02 -25.31 -40.20
C ILE Z 55 -35.62 -25.44 -39.59
N ASN Z 56 -35.53 -25.20 -38.29
CA ASN Z 56 -34.25 -25.27 -37.61
C ASN Z 56 -34.36 -25.50 -36.10
N ILE Z 57 -33.34 -26.14 -35.55
CA ILE Z 57 -33.19 -26.27 -34.10
C ILE Z 57 -31.86 -25.64 -33.75
N LEU Z 58 -31.88 -24.65 -32.88
CA LEU Z 58 -30.75 -23.73 -32.77
C LEU Z 58 -29.91 -23.81 -31.51
N GLU Z 59 -30.55 -23.97 -30.36
CA GLU Z 59 -29.81 -23.87 -29.10
C GLU Z 59 -30.37 -24.81 -28.05
N VAL Z 60 -29.95 -26.07 -28.11
CA VAL Z 60 -30.39 -27.09 -27.16
C VAL Z 60 -29.61 -26.98 -25.84
N ASN Z 61 -30.30 -27.15 -24.71
CA ASN Z 61 -29.64 -27.19 -23.41
C ASN Z 61 -30.21 -28.36 -22.59
N GLU Z 62 -29.40 -29.42 -22.49
CA GLU Z 62 -29.86 -30.65 -21.85
C GLU Z 62 -29.98 -30.48 -20.34
N ILE Z 63 -29.22 -29.54 -19.80
CA ILE Z 63 -29.27 -29.25 -18.36
C ILE Z 63 -30.57 -28.56 -18.01
N THR Z 64 -30.82 -27.42 -18.64
CA THR Z 64 -32.00 -26.62 -18.34
C THR Z 64 -33.28 -27.12 -18.98
N ASN Z 65 -33.17 -28.06 -19.92
CA ASN Z 65 -34.33 -28.59 -20.65
C ASN Z 65 -35.06 -27.53 -21.49
N GLU Z 66 -34.28 -26.79 -22.26
CA GLU Z 66 -34.80 -25.71 -23.10
C GLU Z 66 -34.25 -25.85 -24.51
N VAL Z 67 -35.12 -25.63 -25.49
CA VAL Z 67 -34.70 -25.65 -26.89
C VAL Z 67 -35.16 -24.39 -27.62
N ASP Z 68 -34.41 -24.04 -28.65
CA ASP Z 68 -34.69 -22.88 -29.46
C ASP Z 68 -35.02 -23.41 -30.86
N VAL Z 69 -36.25 -23.18 -31.29
CA VAL Z 69 -36.74 -23.78 -32.53
C VAL Z 69 -37.22 -22.72 -33.50
N VAL Z 70 -36.96 -22.95 -34.79
CA VAL Z 70 -37.58 -22.16 -35.85
C VAL Z 70 -38.53 -23.05 -36.64
N PHE Z 71 -39.76 -22.61 -36.80
CA PHE Z 71 -40.77 -23.44 -37.46
C PHE Z 71 -41.86 -22.59 -38.09
N TRP Z 72 -42.40 -23.09 -39.20
CA TRP Z 72 -43.58 -22.52 -39.82
C TRP Z 72 -44.81 -23.02 -39.06
N GLN Z 73 -45.58 -22.09 -38.50
CA GLN Z 73 -46.83 -22.46 -37.84
C GLN Z 73 -47.99 -22.32 -38.83
N GLN Z 74 -48.16 -23.33 -39.67
CA GLN Z 74 -49.22 -23.31 -40.67
C GLN Z 74 -50.59 -23.46 -40.00
N THR Z 75 -51.37 -22.38 -40.07
CA THR Z 75 -52.68 -22.35 -39.44
C THR Z 75 -53.78 -22.14 -40.50
N THR Z 76 -54.82 -22.96 -40.45
CA THR Z 76 -55.85 -22.92 -41.49
C THR Z 76 -57.23 -23.00 -40.88
N TRP Z 77 -58.12 -22.11 -41.32
CA TRP Z 77 -59.47 -22.11 -40.83
C TRP Z 77 -60.40 -21.48 -41.86
N SER Z 78 -61.67 -21.38 -41.48
CA SER Z 78 -62.68 -20.94 -42.41
C SER Z 78 -63.45 -19.74 -41.85
N ASP Z 79 -63.62 -18.71 -42.68
CA ASP Z 79 -64.41 -17.54 -42.32
C ASP Z 79 -65.27 -17.14 -43.52
N ARG Z 80 -66.51 -17.63 -43.55
CA ARG Z 80 -67.42 -17.42 -44.68
C ARG Z 80 -67.73 -15.95 -44.96
N THR Z 81 -67.70 -15.14 -43.91
CA THR Z 81 -67.93 -13.69 -44.05
C THR Z 81 -66.91 -13.00 -44.97
N LEU Z 82 -65.85 -13.71 -45.35
CA LEU Z 82 -64.83 -13.17 -46.24
C LEU Z 82 -65.01 -13.67 -47.67
N ALA Z 83 -65.90 -14.62 -47.85
CA ALA Z 83 -66.12 -15.24 -49.16
C ALA Z 83 -66.61 -14.24 -50.22
N TRP Z 84 -66.30 -14.54 -51.47
CA TRP Z 84 -66.75 -13.72 -52.58
C TRP Z 84 -67.00 -14.58 -53.83
N ASN Z 85 -67.75 -14.00 -54.77
CA ASN Z 85 -68.05 -14.64 -56.05
C ASN Z 85 -66.81 -14.55 -56.96
N SER Z 86 -66.13 -15.68 -57.16
CA SER Z 86 -64.86 -15.68 -57.88
C SER Z 86 -65.01 -15.96 -59.38
N SER Z 87 -66.20 -15.74 -59.92
CA SER Z 87 -66.48 -16.03 -61.33
C SER Z 87 -65.49 -15.35 -62.26
N HIS Z 88 -65.34 -14.03 -62.12
CA HIS Z 88 -64.41 -13.26 -62.93
C HIS Z 88 -63.47 -12.48 -62.02
N SER Z 89 -63.06 -13.15 -60.95
CA SER Z 89 -62.28 -12.53 -59.88
C SER Z 89 -61.10 -13.44 -59.54
N PRO Z 90 -60.10 -12.90 -58.79
CA PRO Z 90 -59.03 -13.74 -58.25
C PRO Z 90 -59.58 -14.79 -57.29
N ASP Z 91 -58.89 -15.93 -57.17
CA ASP Z 91 -59.33 -17.00 -56.28
C ASP Z 91 -58.80 -16.78 -54.88
N GLN Z 92 -57.82 -15.89 -54.77
CA GLN Z 92 -57.03 -15.75 -53.56
C GLN Z 92 -56.45 -14.35 -53.46
N VAL Z 93 -56.41 -13.81 -52.24
CA VAL Z 93 -55.68 -12.57 -51.93
C VAL Z 93 -54.85 -12.68 -50.66
N SER Z 94 -53.86 -11.81 -50.54
CA SER Z 94 -53.04 -11.75 -49.33
C SER Z 94 -53.50 -10.56 -48.53
N VAL Z 95 -53.80 -10.82 -47.27
CA VAL Z 95 -54.40 -9.83 -46.39
C VAL Z 95 -53.59 -9.73 -45.11
N PRO Z 96 -53.29 -8.49 -44.68
CA PRO Z 96 -52.67 -8.27 -43.37
C PRO Z 96 -53.51 -8.90 -42.28
N ILE Z 97 -52.91 -9.69 -41.40
CA ILE Z 97 -53.67 -10.36 -40.35
C ILE Z 97 -54.36 -9.38 -39.40
N SER Z 98 -53.90 -8.13 -39.38
CA SER Z 98 -54.55 -7.11 -38.55
C SER Z 98 -55.96 -6.78 -39.07
N SER Z 99 -56.25 -7.15 -40.32
CA SER Z 99 -57.57 -6.97 -40.92
C SER Z 99 -58.41 -8.24 -40.89
N LEU Z 100 -57.97 -9.27 -40.20
CA LEU Z 100 -58.71 -10.54 -40.16
C LEU Z 100 -58.83 -11.03 -38.75
N TRP Z 101 -59.87 -11.80 -38.49
CA TRP Z 101 -59.89 -12.55 -37.24
C TRP Z 101 -58.86 -13.68 -37.35
N VAL Z 102 -58.12 -13.87 -36.28
CA VAL Z 102 -57.10 -14.90 -36.24
C VAL Z 102 -57.26 -15.70 -34.95
N PRO Z 103 -57.12 -17.03 -35.04
CA PRO Z 103 -57.20 -17.85 -33.83
C PRO Z 103 -56.12 -17.46 -32.81
N ASP Z 104 -56.51 -17.36 -31.54
CA ASP Z 104 -55.60 -16.99 -30.45
C ASP Z 104 -54.72 -18.16 -29.95
N LEU Z 105 -54.04 -18.82 -30.87
CA LEU Z 105 -53.21 -19.96 -30.53
C LEU Z 105 -52.00 -19.54 -29.66
N ALA Z 106 -51.61 -20.40 -28.72
CA ALA Z 106 -50.41 -20.17 -27.93
C ALA Z 106 -49.72 -21.49 -27.67
N ALA Z 107 -48.40 -21.46 -27.54
CA ALA Z 107 -47.64 -22.64 -27.14
C ALA Z 107 -47.55 -22.60 -25.64
N TYR Z 108 -48.22 -23.55 -24.98
CA TYR Z 108 -48.29 -23.61 -23.52
C TYR Z 108 -46.93 -23.68 -22.83
N ASN Z 109 -45.95 -24.30 -23.49
CA ASN Z 109 -44.66 -24.55 -22.87
C ASN Z 109 -43.58 -23.68 -23.49
N ALA Z 110 -44.03 -22.63 -24.18
CA ALA Z 110 -43.09 -21.64 -24.69
C ALA Z 110 -42.60 -20.82 -23.50
N ILE Z 111 -41.34 -20.40 -23.54
CA ILE Z 111 -40.78 -19.57 -22.46
C ILE Z 111 -40.22 -18.25 -23.00
N SER Z 112 -40.40 -18.05 -24.30
CA SER Z 112 -40.20 -16.72 -24.87
C SER Z 112 -41.42 -16.38 -25.72
N LYS Z 113 -41.64 -15.09 -25.97
CA LYS Z 113 -42.74 -14.67 -26.84
C LYS Z 113 -42.35 -14.99 -28.25
N PRO Z 114 -43.32 -15.44 -29.07
CA PRO Z 114 -42.99 -15.86 -30.44
C PRO Z 114 -42.39 -14.69 -31.26
N GLU Z 115 -41.22 -14.93 -31.84
CA GLU Z 115 -40.60 -13.95 -32.72
C GLU Z 115 -41.06 -14.29 -34.12
N VAL Z 116 -41.92 -13.44 -34.70
CA VAL Z 116 -42.41 -13.66 -36.07
C VAL Z 116 -41.40 -13.12 -37.07
N LEU Z 117 -40.86 -14.01 -37.90
CA LEU Z 117 -39.73 -13.67 -38.77
C LEU Z 117 -40.20 -13.19 -40.13
N THR Z 118 -41.45 -13.48 -40.45
CA THR Z 118 -41.97 -13.24 -41.79
C THR Z 118 -43.05 -12.14 -41.84
N PRO Z 119 -43.29 -11.57 -43.03
CA PRO Z 119 -44.38 -10.59 -43.19
C PRO Z 119 -45.72 -11.18 -42.70
N GLN Z 120 -46.45 -10.42 -41.90
CA GLN Z 120 -47.64 -10.96 -41.30
C GLN Z 120 -48.89 -10.86 -42.20
N LEU Z 121 -48.91 -11.71 -43.23
CA LEU Z 121 -49.97 -11.73 -44.23
C LEU Z 121 -50.59 -13.13 -44.27
N ALA Z 122 -51.90 -13.19 -44.50
CA ALA Z 122 -52.62 -14.46 -44.64
C ALA Z 122 -53.22 -14.61 -46.04
N HIS Z 123 -53.50 -15.84 -46.43
CA HIS Z 123 -54.20 -16.14 -47.68
C HIS Z 123 -55.67 -16.16 -47.34
N VAL Z 124 -56.46 -15.43 -48.12
CA VAL Z 124 -57.90 -15.63 -48.07
C VAL Z 124 -58.34 -16.13 -49.43
N VAL Z 125 -58.93 -17.31 -49.45
CA VAL Z 125 -59.43 -17.88 -50.70
C VAL Z 125 -60.91 -17.46 -50.86
N SER Z 126 -61.38 -17.37 -52.11
CA SER Z 126 -62.74 -16.93 -52.39
C SER Z 126 -63.84 -17.66 -51.64
N ASP Z 127 -63.63 -18.92 -51.28
CA ASP Z 127 -64.61 -19.69 -50.50
C ASP Z 127 -64.60 -19.33 -49.00
N GLY Z 128 -63.69 -18.47 -48.58
CA GLY Z 128 -63.58 -18.10 -47.18
C GLY Z 128 -62.52 -18.88 -46.38
N GLU Z 129 -61.77 -19.74 -47.06
CA GLU Z 129 -60.70 -20.46 -46.39
C GLU Z 129 -59.55 -19.49 -46.12
N VAL Z 130 -59.11 -19.44 -44.87
CA VAL Z 130 -57.98 -18.61 -44.51
C VAL Z 130 -56.76 -19.47 -44.08
N GLN Z 131 -55.60 -19.13 -44.63
CA GLN Z 131 -54.36 -19.76 -44.18
C GLN Z 131 -53.38 -18.70 -43.74
N TYR Z 132 -52.73 -18.93 -42.61
CA TYR Z 132 -51.67 -18.06 -42.10
C TYR Z 132 -50.49 -18.92 -41.65
N THR Z 133 -49.33 -18.69 -42.24
CA THR Z 133 -48.17 -19.53 -41.98
C THR Z 133 -46.94 -18.66 -41.70
N PRO Z 134 -46.92 -18.05 -40.52
CA PRO Z 134 -45.71 -17.33 -40.14
C PRO Z 134 -44.52 -18.28 -39.84
N SER Z 135 -43.31 -17.79 -40.08
CA SER Z 135 -42.15 -18.52 -39.60
C SER Z 135 -41.84 -17.95 -38.23
N ILE Z 136 -41.76 -18.83 -37.24
CA ILE Z 136 -41.56 -18.41 -35.86
C ILE Z 136 -40.28 -18.97 -35.25
N ARG Z 137 -39.53 -18.10 -34.57
CA ARG Z 137 -38.46 -18.56 -33.68
C ARG Z 137 -38.93 -18.44 -32.23
N GLN Z 138 -38.84 -19.53 -31.48
CA GLN Z 138 -39.34 -19.53 -30.12
C GLN Z 138 -38.60 -20.54 -29.23
N ARG Z 139 -38.50 -20.21 -27.95
CA ARG Z 139 -37.86 -21.05 -26.94
C ARG Z 139 -38.92 -21.88 -26.21
N PHE Z 140 -38.66 -23.17 -26.06
CA PHE Z 140 -39.58 -24.05 -25.33
C PHE Z 140 -38.92 -24.75 -24.17
N SER Z 141 -39.74 -25.04 -23.16
CA SER Z 141 -39.34 -25.89 -22.04
C SER Z 141 -39.89 -27.28 -22.32
N CYS Z 142 -38.99 -28.22 -22.60
CA CYS Z 142 -39.41 -29.58 -22.90
C CYS Z 142 -38.31 -30.59 -22.56
N ASP Z 143 -38.60 -31.87 -22.78
CA ASP Z 143 -37.67 -32.94 -22.45
C ASP Z 143 -36.58 -33.07 -23.50
N VAL Z 144 -35.37 -32.65 -23.13
CA VAL Z 144 -34.23 -32.65 -24.04
C VAL Z 144 -33.29 -33.84 -23.75
N SER Z 145 -33.67 -34.65 -22.76
CA SER Z 145 -32.88 -35.81 -22.38
C SER Z 145 -32.76 -36.82 -23.52
N GLY Z 146 -31.52 -37.20 -23.84
CA GLY Z 146 -31.27 -38.18 -24.87
C GLY Z 146 -30.97 -37.57 -26.23
N VAL Z 147 -30.80 -36.25 -26.25
CA VAL Z 147 -30.57 -35.53 -27.50
C VAL Z 147 -29.28 -36.02 -28.15
N ASP Z 148 -28.34 -36.45 -27.32
CA ASP Z 148 -27.03 -36.84 -27.82
C ASP Z 148 -26.90 -38.35 -28.04
N THR Z 149 -28.00 -39.07 -27.87
CA THR Z 149 -28.03 -40.51 -28.15
C THR Z 149 -28.60 -40.78 -29.54
N GLU Z 150 -28.76 -42.05 -29.90
CA GLU Z 150 -29.19 -42.42 -31.25
C GLU Z 150 -30.72 -42.40 -31.39
N SER Z 151 -31.38 -42.67 -30.28
CA SER Z 151 -32.84 -42.64 -30.25
C SER Z 151 -33.34 -41.20 -30.14
N GLY Z 152 -32.45 -40.31 -29.70
CA GLY Z 152 -32.71 -38.87 -29.70
C GLY Z 152 -33.55 -38.41 -28.53
N ALA Z 153 -33.78 -37.10 -28.46
CA ALA Z 153 -34.73 -36.51 -27.50
C ALA Z 153 -36.10 -36.38 -28.15
N THR Z 154 -37.14 -36.35 -27.32
CA THR Z 154 -38.48 -36.09 -27.84
C THR Z 154 -39.09 -34.90 -27.13
N CYS Z 155 -39.06 -33.76 -27.82
CA CYS Z 155 -39.63 -32.52 -27.32
C CYS Z 155 -41.11 -32.36 -27.71
N ARG Z 156 -41.95 -32.22 -26.69
CA ARG Z 156 -43.39 -32.15 -26.90
C ARG Z 156 -43.88 -30.69 -26.85
N ILE Z 157 -44.44 -30.21 -27.95
CA ILE Z 157 -44.95 -28.83 -28.02
C ILE Z 157 -46.49 -28.76 -28.02
N LYS Z 158 -47.03 -28.06 -27.03
CA LYS Z 158 -48.48 -28.01 -26.84
C LYS Z 158 -49.05 -26.67 -27.31
N ILE Z 159 -49.85 -26.73 -28.38
CA ILE Z 159 -50.45 -25.54 -28.99
C ILE Z 159 -51.97 -25.62 -29.00
N GLY Z 160 -52.61 -24.60 -28.45
CA GLY Z 160 -54.06 -24.52 -28.45
C GLY Z 160 -54.56 -23.08 -28.38
N SER Z 161 -55.88 -22.90 -28.53
CA SER Z 161 -56.50 -21.62 -28.25
C SER Z 161 -56.31 -21.22 -26.80
N TRP Z 162 -55.92 -19.97 -26.56
CA TRP Z 162 -55.73 -19.49 -25.20
C TRP Z 162 -57.08 -19.22 -24.51
N THR Z 163 -58.02 -18.65 -25.24
CA THR Z 163 -59.26 -18.21 -24.60
C THR Z 163 -60.56 -18.81 -25.16
N HIS Z 164 -60.45 -19.59 -26.23
CA HIS Z 164 -61.65 -20.19 -26.81
C HIS Z 164 -61.74 -21.69 -26.52
N HIS Z 165 -62.86 -22.11 -25.94
CA HIS Z 165 -63.04 -23.53 -25.59
C HIS Z 165 -63.50 -24.37 -26.78
N SER Z 166 -63.76 -25.65 -26.53
CA SER Z 166 -63.94 -26.63 -27.61
C SER Z 166 -65.12 -26.36 -28.52
N ARG Z 167 -66.14 -25.65 -28.03
CA ARG Z 167 -67.32 -25.37 -28.83
C ARG Z 167 -67.12 -24.13 -29.70
N GLU Z 168 -66.14 -23.30 -29.34
CA GLU Z 168 -65.79 -22.11 -30.13
C GLU Z 168 -64.63 -22.40 -31.08
N ILE Z 169 -63.57 -23.02 -30.57
CA ILE Z 169 -62.42 -23.40 -31.40
C ILE Z 169 -62.03 -24.86 -31.17
N SER Z 170 -61.94 -25.62 -32.25
CA SER Z 170 -61.38 -26.97 -32.20
C SER Z 170 -60.10 -27.02 -33.04
N VAL Z 171 -59.05 -27.61 -32.46
CA VAL Z 171 -57.78 -27.73 -33.17
C VAL Z 171 -57.57 -29.15 -33.66
N ASP Z 172 -57.04 -29.29 -34.87
CA ASP Z 172 -56.77 -30.59 -35.46
C ASP Z 172 -55.44 -30.61 -36.21
N PRO Z 173 -54.74 -31.74 -36.15
CA PRO Z 173 -53.51 -31.91 -36.95
C PRO Z 173 -53.84 -32.01 -38.44
N THR Z 174 -52.82 -31.89 -39.30
CA THR Z 174 -53.03 -31.95 -40.74
C THR Z 174 -52.70 -33.33 -41.30
N GLU Z 182 -38.93 -31.93 -43.79
CA GLU Z 182 -38.87 -31.65 -45.21
C GLU Z 182 -38.26 -30.32 -45.53
N TYR Z 183 -38.50 -29.33 -44.69
CA TYR Z 183 -37.89 -28.04 -44.90
C TYR Z 183 -36.81 -27.82 -43.91
N PHE Z 184 -36.46 -28.82 -43.16
CA PHE Z 184 -35.52 -28.64 -42.12
C PHE Z 184 -34.17 -28.29 -42.73
N SER Z 185 -33.46 -27.35 -42.14
CA SER Z 185 -32.11 -26.97 -42.54
C SER Z 185 -31.07 -28.11 -42.45
N GLN Z 186 -30.33 -28.32 -43.53
CA GLN Z 186 -29.28 -29.33 -43.53
C GLN Z 186 -28.07 -28.82 -42.75
N TYR Z 187 -28.08 -27.54 -42.40
CA TYR Z 187 -26.95 -26.93 -41.72
C TYR Z 187 -27.17 -26.84 -40.23
N SER Z 188 -28.26 -27.40 -39.74
CA SER Z 188 -28.47 -27.50 -38.31
C SER Z 188 -27.48 -28.52 -37.72
N ARG Z 189 -27.05 -28.29 -36.48
CA ARG Z 189 -26.25 -29.25 -35.73
C ARG Z 189 -27.08 -30.47 -35.43
N PHE Z 190 -28.39 -30.34 -35.62
CA PHE Z 190 -29.29 -31.43 -35.32
C PHE Z 190 -29.96 -31.97 -36.56
N GLU Z 191 -30.73 -33.05 -36.38
CA GLU Z 191 -31.48 -33.68 -37.46
C GLU Z 191 -32.77 -34.24 -36.84
N ILE Z 192 -33.81 -34.37 -37.64
CA ILE Z 192 -35.12 -34.84 -37.14
C ILE Z 192 -35.38 -36.31 -37.48
N LEU Z 193 -35.72 -37.09 -36.46
CA LEU Z 193 -35.98 -38.50 -36.67
C LEU Z 193 -37.44 -38.72 -36.98
N ASP Z 194 -38.31 -38.12 -36.18
CA ASP Z 194 -39.73 -38.27 -36.39
C ASP Z 194 -40.55 -37.11 -35.81
N VAL Z 195 -41.68 -36.80 -36.43
CA VAL Z 195 -42.64 -35.83 -35.91
C VAL Z 195 -44.00 -36.50 -35.83
N THR Z 196 -44.55 -36.57 -34.63
CA THR Z 196 -45.91 -37.08 -34.43
C THR Z 196 -46.81 -36.01 -33.79
N GLN Z 197 -48.09 -36.02 -34.18
CA GLN Z 197 -49.05 -35.03 -33.67
C GLN Z 197 -50.18 -35.74 -32.95
N LYS Z 198 -50.72 -35.11 -31.92
CA LYS Z 198 -51.76 -35.75 -31.12
C LYS Z 198 -52.69 -34.69 -30.53
N LYS Z 199 -53.98 -34.88 -30.69
CA LYS Z 199 -54.96 -33.90 -30.26
C LYS Z 199 -55.47 -34.19 -28.84
N ASN Z 200 -55.54 -33.14 -28.01
CA ASN Z 200 -56.07 -33.31 -26.66
C ASN Z 200 -57.21 -32.35 -26.35
N SER Z 201 -57.90 -32.64 -25.25
CA SER Z 201 -59.00 -31.81 -24.79
C SER Z 201 -58.92 -31.74 -23.27
N VAL Z 202 -58.57 -30.57 -22.76
CA VAL Z 202 -58.23 -30.44 -21.35
C VAL Z 202 -59.17 -29.48 -20.63
N THR Z 203 -59.52 -29.82 -19.40
CA THR Z 203 -60.27 -28.90 -18.55
C THR Z 203 -59.33 -28.24 -17.55
N TYR Z 204 -59.44 -26.93 -17.44
CA TYR Z 204 -58.60 -26.14 -16.52
C TYR Z 204 -59.41 -25.65 -15.32
N SER Z 205 -58.71 -25.34 -14.24
CA SER Z 205 -59.35 -25.01 -12.96
C SER Z 205 -60.24 -23.81 -13.07
N CYS Z 206 -59.80 -22.85 -13.88
CA CYS Z 206 -60.45 -21.57 -14.00
C CYS Z 206 -61.87 -21.68 -14.57
N CYS Z 207 -62.05 -22.63 -15.49
CA CYS Z 207 -63.21 -22.62 -16.38
C CYS Z 207 -63.84 -24.01 -16.48
N PRO Z 208 -65.17 -24.06 -16.64
CA PRO Z 208 -65.92 -25.32 -16.68
C PRO Z 208 -65.79 -26.06 -18.02
N GLU Z 209 -65.46 -25.33 -19.09
CA GLU Z 209 -65.40 -25.93 -20.43
C GLU Z 209 -64.04 -26.52 -20.74
N ALA Z 210 -63.99 -27.33 -21.80
CA ALA Z 210 -62.77 -28.01 -22.21
C ALA Z 210 -62.11 -27.24 -23.34
N TYR Z 211 -60.78 -27.11 -23.25
CA TYR Z 211 -60.00 -26.43 -24.27
C TYR Z 211 -59.17 -27.45 -25.04
N GLU Z 212 -59.23 -27.35 -26.36
CA GLU Z 212 -58.49 -28.27 -27.20
C GLU Z 212 -57.06 -27.79 -27.42
N ASP Z 213 -56.15 -28.74 -27.61
CA ASP Z 213 -54.78 -28.44 -28.00
C ASP Z 213 -54.22 -29.50 -28.94
N VAL Z 214 -53.15 -29.15 -29.64
CA VAL Z 214 -52.41 -30.15 -30.38
C VAL Z 214 -51.06 -30.29 -29.70
N GLU Z 215 -50.65 -31.53 -29.43
CA GLU Z 215 -49.28 -31.80 -28.97
C GLU Z 215 -48.42 -32.34 -30.08
N VAL Z 216 -47.45 -31.54 -30.51
CA VAL Z 216 -46.54 -31.96 -31.56
C VAL Z 216 -45.28 -32.49 -30.90
N SER Z 217 -45.02 -33.79 -31.10
CA SER Z 217 -43.82 -34.44 -30.56
C SER Z 217 -42.69 -34.41 -31.57
N LEU Z 218 -41.66 -33.65 -31.27
CA LEU Z 218 -40.49 -33.54 -32.12
C LEU Z 218 -39.39 -34.46 -31.62
N ASN Z 219 -39.15 -35.54 -32.35
CA ASN Z 219 -38.06 -36.46 -32.03
C ASN Z 219 -36.81 -36.11 -32.85
N PHE Z 220 -35.80 -35.62 -32.15
CA PHE Z 220 -34.59 -35.17 -32.83
C PHE Z 220 -33.33 -35.58 -32.08
N ARG Z 221 -32.19 -35.49 -32.76
CA ARG Z 221 -30.90 -35.77 -32.12
C ARG Z 221 -29.76 -34.93 -32.71
N LYS Z 222 -28.67 -34.80 -31.96
CA LYS Z 222 -27.49 -34.10 -32.43
C LYS Z 222 -26.77 -34.94 -33.51
N LYS Z 223 -26.50 -34.31 -34.66
CA LYS Z 223 -25.79 -34.97 -35.77
C LYS Z 223 -24.37 -35.34 -35.34
N GLY Z 224 -23.65 -36.11 -36.17
CA GLY Z 224 -22.25 -36.41 -35.93
C GLY Z 224 -21.36 -35.17 -35.79
N LEU AA 20 -79.07 -10.69 -29.85
CA LEU AA 20 -77.64 -10.40 -29.80
C LEU AA 20 -76.77 -11.59 -30.18
N ASP AA 21 -75.87 -11.40 -31.13
CA ASP AA 21 -74.81 -12.38 -31.39
C ASP AA 21 -73.45 -11.79 -30.98
N ARG AA 22 -72.38 -12.59 -31.14
CA ARG AA 22 -71.04 -12.14 -30.79
C ARG AA 22 -70.67 -10.83 -31.44
N ALA AA 23 -70.91 -10.75 -32.75
CA ALA AA 23 -70.61 -9.54 -33.53
C ALA AA 23 -71.21 -8.29 -32.88
N ASP AA 24 -72.47 -8.37 -32.49
CA ASP AA 24 -73.14 -7.21 -31.88
C ASP AA 24 -72.55 -6.86 -30.50
N ILE AA 25 -72.35 -7.88 -29.67
CA ILE AA 25 -71.77 -7.69 -28.34
C ILE AA 25 -70.37 -7.07 -28.39
N LEU AA 26 -69.53 -7.55 -29.32
CA LEU AA 26 -68.19 -7.00 -29.47
C LEU AA 26 -68.23 -5.58 -30.03
N TYR AA 27 -69.14 -5.36 -30.97
CA TYR AA 27 -69.38 -4.00 -31.46
C TYR AA 27 -69.75 -3.03 -30.32
N ASN AA 28 -70.74 -3.39 -29.52
CA ASN AA 28 -71.16 -2.51 -28.42
C ASN AA 28 -69.99 -2.24 -27.49
N ILE AA 29 -69.23 -3.26 -27.18
CA ILE AA 29 -68.16 -3.13 -26.23
C ILE AA 29 -67.15 -2.17 -26.77
N ARG AA 30 -66.85 -2.31 -28.04
CA ARG AA 30 -65.89 -1.45 -28.69
C ARG AA 30 -66.30 0.01 -28.75
N GLN AA 31 -67.55 0.22 -29.09
CA GLN AA 31 -68.13 1.52 -29.10
C GLN AA 31 -68.28 2.19 -27.77
N THR AA 32 -68.57 1.43 -26.73
CA THR AA 32 -69.01 2.03 -25.46
C THR AA 32 -68.14 1.77 -24.23
N SER AA 33 -67.28 0.77 -24.28
CA SER AA 33 -66.41 0.57 -23.13
C SER AA 33 -65.42 1.74 -23.08
N ARG AA 34 -65.03 2.11 -21.87
CA ARG AA 34 -64.15 3.24 -21.67
C ARG AA 34 -62.90 2.74 -20.97
N PRO AA 35 -61.89 2.36 -21.76
CA PRO AA 35 -60.67 1.69 -21.27
C PRO AA 35 -59.92 2.56 -20.26
N ASP AA 36 -60.08 3.86 -20.38
CA ASP AA 36 -59.44 4.82 -19.50
C ASP AA 36 -60.19 4.98 -18.17
N VAL AA 37 -61.37 4.37 -18.07
CA VAL AA 37 -62.28 4.66 -16.95
C VAL AA 37 -62.48 3.45 -16.06
N ILE AA 38 -62.09 3.57 -14.82
CA ILE AA 38 -62.25 2.49 -13.89
C ILE AA 38 -63.72 2.27 -13.59
N PRO AA 39 -64.15 0.95 -13.66
CA PRO AA 39 -65.58 0.77 -13.44
C PRO AA 39 -65.96 0.72 -11.96
N THR AA 40 -65.75 1.81 -11.28
CA THR AA 40 -66.07 1.95 -9.89
C THR AA 40 -67.57 2.09 -9.60
N ASP AA 43 -70.04 3.25 -5.61
CA ASP AA 43 -68.82 4.03 -5.61
C ASP AA 43 -67.75 3.42 -4.74
N ARG AA 44 -67.76 2.11 -4.67
CA ARG AA 44 -66.85 1.37 -3.86
C ARG AA 44 -65.77 0.81 -4.74
N PRO AA 45 -64.71 0.35 -4.15
CA PRO AA 45 -63.57 -0.12 -4.96
C PRO AA 45 -63.91 -1.30 -5.89
N VAL AA 46 -63.26 -1.32 -7.04
CA VAL AA 46 -63.29 -2.51 -7.89
C VAL AA 46 -62.52 -3.64 -7.23
N ALA AA 47 -63.19 -4.76 -6.98
CA ALA AA 47 -62.58 -5.93 -6.39
C ALA AA 47 -61.80 -6.73 -7.43
N VAL AA 48 -60.47 -6.71 -7.33
CA VAL AA 48 -59.62 -7.45 -8.26
C VAL AA 48 -59.02 -8.73 -7.62
N SER AA 49 -59.29 -9.88 -8.23
CA SER AA 49 -58.71 -11.16 -7.82
C SER AA 49 -57.40 -11.33 -8.55
N VAL AA 50 -56.36 -11.74 -7.81
CA VAL AA 50 -55.07 -12.06 -8.40
C VAL AA 50 -54.62 -13.44 -7.97
N SER AA 51 -54.26 -14.26 -8.95
CA SER AA 51 -53.85 -15.63 -8.66
C SER AA 51 -52.76 -16.05 -9.63
N LEU AA 52 -51.54 -16.25 -9.11
CA LEU AA 52 -50.43 -16.65 -9.96
C LEU AA 52 -50.38 -18.18 -10.10
N LYS AA 53 -50.37 -18.65 -11.33
CA LYS AA 53 -50.24 -20.08 -11.61
C LYS AA 53 -48.86 -20.25 -12.21
N PHE AA 54 -47.94 -20.75 -11.40
CA PHE AA 54 -46.56 -20.90 -11.85
C PHE AA 54 -46.44 -22.02 -12.88
N ILE AA 55 -45.73 -21.71 -13.97
CA ILE AA 55 -45.55 -22.60 -15.08
C ILE AA 55 -44.09 -23.08 -15.11
N ASN AA 56 -43.17 -22.15 -14.86
CA ASN AA 56 -41.76 -22.49 -14.91
C ASN AA 56 -40.87 -21.56 -14.11
N ILE AA 57 -39.72 -22.09 -13.67
CA ILE AA 57 -38.66 -21.32 -13.03
C ILE AA 57 -37.40 -21.57 -13.84
N LEU AA 58 -36.79 -20.50 -14.36
CA LEU AA 58 -35.86 -20.66 -15.47
C LEU AA 58 -34.43 -20.35 -15.14
N GLU AA 59 -34.19 -19.30 -14.35
CA GLU AA 59 -32.80 -18.84 -14.22
C GLU AA 59 -32.42 -18.28 -12.86
N VAL AA 60 -32.36 -19.15 -11.86
CA VAL AA 60 -32.06 -18.74 -10.49
C VAL AA 60 -30.61 -18.26 -10.35
N ASN AA 61 -30.40 -17.22 -9.56
CA ASN AA 61 -29.06 -16.76 -9.22
C ASN AA 61 -29.01 -16.43 -7.73
N GLU AA 62 -28.41 -17.34 -6.96
CA GLU AA 62 -28.36 -17.22 -5.51
C GLU AA 62 -27.44 -16.07 -5.06
N ILE AA 63 -26.45 -15.74 -5.89
CA ILE AA 63 -25.55 -14.63 -5.57
C ILE AA 63 -26.29 -13.29 -5.70
N THR AA 64 -26.85 -13.06 -6.89
CA THR AA 64 -27.52 -11.79 -7.18
C THR AA 64 -28.93 -11.70 -6.61
N ASN AA 65 -29.49 -12.82 -6.14
CA ASN AA 65 -30.86 -12.84 -5.61
C ASN AA 65 -31.90 -12.44 -6.66
N GLU AA 66 -31.80 -13.07 -7.83
CA GLU AA 66 -32.70 -12.80 -8.94
C GLU AA 66 -33.22 -14.13 -9.51
N VAL AA 67 -34.52 -14.17 -9.80
CA VAL AA 67 -35.12 -15.34 -10.44
C VAL AA 67 -35.90 -14.96 -11.71
N ASP AA 68 -35.96 -15.90 -12.63
CA ASP AA 68 -36.68 -15.70 -13.88
C ASP AA 68 -37.85 -16.68 -13.82
N VAL AA 69 -39.05 -16.14 -13.83
CA VAL AA 69 -40.28 -16.94 -13.64
C VAL AA 69 -41.26 -16.81 -14.80
N VAL AA 70 -41.89 -17.92 -15.15
CA VAL AA 70 -43.01 -17.91 -16.08
C VAL AA 70 -44.27 -18.28 -15.31
N PHE AA 71 -45.31 -17.47 -15.44
CA PHE AA 71 -46.53 -17.69 -14.67
C PHE AA 71 -47.75 -17.08 -15.35
N TRP AA 72 -48.90 -17.70 -15.12
CA TRP AA 72 -50.17 -17.14 -15.55
C TRP AA 72 -50.64 -16.17 -14.51
N GLN AA 73 -50.83 -14.91 -14.90
CA GLN AA 73 -51.32 -13.90 -13.98
C GLN AA 73 -52.85 -13.79 -14.12
N GLN AA 74 -53.54 -14.73 -13.51
CA GLN AA 74 -54.99 -14.78 -13.60
C GLN AA 74 -55.64 -13.61 -12.84
N THR AA 75 -56.16 -12.65 -13.59
CA THR AA 75 -56.75 -11.44 -13.04
C THR AA 75 -58.28 -11.38 -13.28
N THR AA 76 -59.05 -11.14 -12.24
CA THR AA 76 -60.50 -11.18 -12.39
C THR AA 76 -61.13 -9.98 -11.71
N TRP AA 77 -62.08 -9.35 -12.41
CA TRP AA 77 -62.79 -8.22 -11.83
C TRP AA 77 -64.12 -8.05 -12.50
N SER AA 78 -64.85 -7.04 -12.06
CA SER AA 78 -66.20 -6.83 -12.54
C SER AA 78 -66.36 -5.44 -13.17
N ASP AA 79 -66.98 -5.42 -14.35
CA ASP AA 79 -67.32 -4.17 -15.02
C ASP AA 79 -68.76 -4.25 -15.58
N ARG AA 80 -69.72 -3.72 -14.81
CA ARG AA 80 -71.14 -3.86 -15.15
C ARG AA 80 -71.50 -3.17 -16.47
N THR AA 81 -70.75 -2.12 -16.81
CA THR AA 81 -70.98 -1.39 -18.06
C THR AA 81 -70.80 -2.27 -19.30
N LEU AA 82 -70.28 -3.49 -19.12
CA LEU AA 82 -70.08 -4.41 -20.22
C LEU AA 82 -71.18 -5.45 -20.28
N ALA AA 83 -72.00 -5.49 -19.24
CA ALA AA 83 -73.03 -6.54 -19.10
C ALA AA 83 -74.06 -6.48 -20.23
N TRP AA 84 -74.66 -7.62 -20.54
CA TRP AA 84 -75.70 -7.70 -21.56
C TRP AA 84 -76.73 -8.78 -21.22
N ASN AA 85 -77.91 -8.68 -21.84
CA ASN AA 85 -78.98 -9.65 -21.68
C ASN AA 85 -78.65 -10.95 -22.44
N SER AA 86 -78.27 -12.00 -21.72
CA SER AA 86 -77.79 -13.23 -22.34
C SER AA 86 -78.89 -14.26 -22.63
N SER AA 87 -80.14 -13.80 -22.71
CA SER AA 87 -81.29 -14.69 -22.91
C SER AA 87 -81.14 -15.58 -24.14
N HIS AA 88 -80.90 -14.95 -25.28
CA HIS AA 88 -80.67 -15.68 -26.53
C HIS AA 88 -79.34 -15.26 -27.13
N SER AA 89 -78.34 -15.13 -26.26
CA SER AA 89 -77.03 -14.60 -26.63
C SER AA 89 -75.95 -15.48 -26.03
N PRO AA 90 -74.70 -15.32 -26.49
CA PRO AA 90 -73.56 -15.97 -25.87
C PRO AA 90 -73.41 -15.52 -24.42
N ASP AA 91 -72.88 -16.39 -23.55
CA ASP AA 91 -72.65 -16.05 -22.15
C ASP AA 91 -71.32 -15.32 -21.97
N GLN AA 92 -70.47 -15.45 -22.98
CA GLN AA 92 -69.05 -15.08 -22.88
C GLN AA 92 -68.44 -14.70 -24.24
N VAL AA 93 -67.64 -13.65 -24.26
CA VAL AA 93 -66.87 -13.32 -25.45
C VAL AA 93 -65.39 -13.09 -25.11
N SER AA 94 -64.54 -13.16 -26.11
CA SER AA 94 -63.14 -12.82 -25.95
C SER AA 94 -62.91 -11.43 -26.55
N VAL AA 95 -62.33 -10.54 -25.74
CA VAL AA 95 -62.16 -9.15 -26.14
C VAL AA 95 -60.70 -8.76 -26.02
N PRO AA 96 -60.15 -8.07 -27.02
CA PRO AA 96 -58.83 -7.45 -26.89
C PRO AA 96 -58.78 -6.53 -25.67
N ILE AA 97 -57.77 -6.68 -24.83
CA ILE AA 97 -57.68 -5.83 -23.64
C ILE AA 97 -57.57 -4.34 -23.95
N SER AA 98 -57.14 -4.01 -25.18
CA SER AA 98 -57.07 -2.62 -25.60
C SER AA 98 -58.47 -1.98 -25.68
N SER AA 99 -59.50 -2.83 -25.74
CA SER AA 99 -60.88 -2.37 -25.74
C SER AA 99 -61.54 -2.44 -24.37
N LEU AA 100 -60.76 -2.74 -23.33
CA LEU AA 100 -61.35 -2.85 -21.99
C LEU AA 100 -60.57 -2.03 -21.01
N TRP AA 101 -61.20 -1.64 -19.92
CA TRP AA 101 -60.42 -1.14 -18.82
C TRP AA 101 -59.77 -2.34 -18.12
N VAL AA 102 -58.50 -2.18 -17.78
CA VAL AA 102 -57.74 -3.23 -17.15
C VAL AA 102 -57.07 -2.65 -15.91
N PRO AA 103 -57.12 -3.38 -14.79
CA PRO AA 103 -56.41 -2.92 -13.59
C PRO AA 103 -54.88 -2.73 -13.82
N ASP AA 104 -54.33 -1.64 -13.28
CA ASP AA 104 -52.93 -1.29 -13.50
C ASP AA 104 -51.97 -2.03 -12.55
N LEU AA 105 -52.04 -3.37 -12.57
CA LEU AA 105 -51.25 -4.16 -11.64
C LEU AA 105 -49.77 -4.10 -12.01
N ALA AA 106 -48.91 -4.11 -10.99
CA ALA AA 106 -47.46 -4.18 -11.20
C ALA AA 106 -46.78 -5.04 -10.13
N ALA AA 107 -45.76 -5.79 -10.53
CA ALA AA 107 -44.91 -6.50 -9.56
C ALA AA 107 -43.83 -5.57 -9.03
N TYR AA 108 -43.88 -5.29 -7.72
CA TYR AA 108 -43.07 -4.20 -7.15
C TYR AA 108 -41.60 -4.53 -7.21
N ASN AA 109 -41.30 -5.82 -7.15
CA ASN AA 109 -39.92 -6.31 -7.10
C ASN AA 109 -39.52 -6.95 -8.40
N ALA AA 110 -40.23 -6.63 -9.47
CA ALA AA 110 -39.82 -7.05 -10.80
C ALA AA 110 -38.67 -6.17 -11.24
N ILE AA 111 -37.72 -6.75 -11.96
CA ILE AA 111 -36.58 -5.96 -12.43
C ILE AA 111 -36.47 -6.01 -13.96
N SER AA 112 -37.44 -6.64 -14.60
CA SER AA 112 -37.60 -6.55 -16.03
C SER AA 112 -39.04 -6.19 -16.26
N LYS AA 113 -39.36 -5.50 -17.35
CA LYS AA 113 -40.76 -5.32 -17.70
C LYS AA 113 -41.38 -6.68 -18.09
N PRO AA 114 -42.69 -6.87 -17.82
CA PRO AA 114 -43.31 -8.18 -18.08
C PRO AA 114 -43.33 -8.53 -19.57
N GLU AA 115 -42.85 -9.73 -19.89
CA GLU AA 115 -42.97 -10.27 -21.25
C GLU AA 115 -44.27 -11.07 -21.37
N VAL AA 116 -45.24 -10.52 -22.10
CA VAL AA 116 -46.49 -11.23 -22.28
C VAL AA 116 -46.36 -12.23 -23.42
N LEU AA 117 -46.55 -13.49 -23.11
CA LEU AA 117 -46.25 -14.56 -24.06
C LEU AA 117 -47.47 -14.97 -24.86
N THR AA 118 -48.64 -14.57 -24.39
CA THR AA 118 -49.90 -15.06 -24.95
C THR AA 118 -50.71 -13.92 -25.59
N PRO AA 119 -51.67 -14.29 -26.49
CA PRO AA 119 -52.57 -13.31 -27.13
C PRO AA 119 -53.27 -12.48 -26.07
N GLN AA 120 -53.30 -11.16 -26.24
CA GLN AA 120 -53.81 -10.29 -25.19
C GLN AA 120 -55.34 -10.10 -25.26
N LEU AA 121 -56.04 -11.18 -24.94
CA LEU AA 121 -57.49 -11.22 -24.96
C LEU AA 121 -58.01 -11.53 -23.56
N ALA AA 122 -59.18 -10.98 -23.25
CA ALA AA 122 -59.80 -11.25 -21.96
C ALA AA 122 -61.18 -11.88 -22.18
N HIS AA 123 -61.69 -12.52 -21.13
CA HIS AA 123 -63.04 -13.01 -21.12
C HIS AA 123 -63.95 -11.95 -20.59
N VAL AA 124 -65.04 -11.67 -21.31
CA VAL AA 124 -66.10 -10.90 -20.69
C VAL AA 124 -67.33 -11.78 -20.64
N VAL AA 125 -67.89 -11.93 -19.45
CA VAL AA 125 -69.09 -12.74 -19.25
C VAL AA 125 -70.30 -11.79 -19.22
N SER AA 126 -71.47 -12.28 -19.63
CA SER AA 126 -72.68 -11.44 -19.77
C SER AA 126 -73.04 -10.63 -18.53
N ASP AA 127 -72.74 -11.16 -17.35
CA ASP AA 127 -72.93 -10.41 -16.11
C ASP AA 127 -71.92 -9.29 -15.87
N GLY AA 128 -70.89 -9.19 -16.72
CA GLY AA 128 -69.89 -8.13 -16.60
C GLY AA 128 -68.62 -8.57 -15.87
N GLU AA 129 -68.52 -9.86 -15.58
CA GLU AA 129 -67.28 -10.36 -15.00
C GLU AA 129 -66.22 -10.45 -16.07
N VAL AA 130 -65.05 -9.88 -15.79
CA VAL AA 130 -63.93 -9.89 -16.71
C VAL AA 130 -62.77 -10.71 -16.15
N GLN AA 131 -62.23 -11.59 -16.98
CA GLN AA 131 -61.05 -12.33 -16.59
C GLN AA 131 -59.96 -12.17 -17.64
N TYR AA 132 -58.75 -11.87 -17.19
CA TYR AA 132 -57.60 -11.77 -18.07
C TYR AA 132 -56.45 -12.60 -17.46
N THR AA 133 -55.93 -13.56 -18.23
CA THR AA 133 -54.91 -14.45 -17.72
C THR AA 133 -53.75 -14.58 -18.70
N PRO AA 134 -52.94 -13.53 -18.78
CA PRO AA 134 -51.79 -13.65 -19.67
C PRO AA 134 -50.75 -14.59 -19.04
N SER AA 135 -49.99 -15.28 -19.88
CA SER AA 135 -48.77 -15.97 -19.42
C SER AA 135 -47.60 -14.99 -19.50
N ILE AA 136 -46.93 -14.79 -18.37
CA ILE AA 136 -45.88 -13.78 -18.31
C ILE AA 136 -44.54 -14.40 -17.94
N ARG AA 137 -43.50 -13.99 -18.64
CA ARG AA 137 -42.15 -14.28 -18.18
C ARG AA 137 -41.59 -13.00 -17.60
N GLN AA 138 -41.07 -13.07 -16.38
CA GLN AA 138 -40.53 -11.87 -15.74
C GLN AA 138 -39.40 -12.18 -14.75
N ARG AA 139 -38.48 -11.22 -14.57
CA ARG AA 139 -37.36 -11.36 -13.66
C ARG AA 139 -37.61 -10.58 -12.37
N PHE AA 140 -37.41 -11.26 -11.23
CA PHE AA 140 -37.69 -10.69 -9.92
C PHE AA 140 -36.45 -10.61 -9.05
N SER AA 141 -36.45 -9.64 -8.15
CA SER AA 141 -35.45 -9.52 -7.11
C SER AA 141 -36.09 -10.03 -5.84
N CYS AA 142 -35.59 -11.15 -5.35
CA CYS AA 142 -36.17 -11.78 -4.16
C CYS AA 142 -35.14 -12.66 -3.45
N ASP AA 143 -35.55 -13.25 -2.32
CA ASP AA 143 -34.68 -14.09 -1.53
C ASP AA 143 -34.57 -15.46 -2.14
N VAL AA 144 -33.40 -15.76 -2.69
CA VAL AA 144 -33.13 -17.03 -3.35
C VAL AA 144 -32.26 -17.94 -2.47
N SER AA 145 -31.91 -17.45 -1.29
CA SER AA 145 -31.12 -18.21 -0.32
C SER AA 145 -31.81 -19.51 0.10
N GLY AA 146 -31.09 -20.63 -0.03
CA GLY AA 146 -31.58 -21.92 0.39
C GLY AA 146 -32.20 -22.71 -0.74
N VAL AA 147 -32.08 -22.18 -1.96
CA VAL AA 147 -32.70 -22.80 -3.12
C VAL AA 147 -32.17 -24.21 -3.37
N ASP AA 148 -30.95 -24.45 -2.91
CA ASP AA 148 -30.30 -25.75 -3.11
C ASP AA 148 -30.39 -26.66 -1.89
N THR AA 149 -31.14 -26.25 -0.87
CA THR AA 149 -31.39 -27.08 0.29
C THR AA 149 -32.74 -27.83 0.18
N GLU AA 150 -33.09 -28.58 1.21
CA GLU AA 150 -34.30 -29.38 1.17
C GLU AA 150 -35.53 -28.55 1.55
N SER AA 151 -35.32 -27.51 2.35
CA SER AA 151 -36.42 -26.64 2.75
C SER AA 151 -36.70 -25.60 1.64
N GLY AA 152 -35.70 -25.40 0.78
CA GLY AA 152 -35.85 -24.57 -0.40
C GLY AA 152 -35.74 -23.08 -0.15
N ALA AA 153 -35.82 -22.29 -1.22
CA ALA AA 153 -35.89 -20.83 -1.07
C ALA AA 153 -37.36 -20.39 -1.04
N THR AA 154 -37.61 -19.23 -0.45
CA THR AA 154 -38.94 -18.63 -0.50
C THR AA 154 -38.88 -17.25 -1.14
N CYS AA 155 -39.29 -17.20 -2.41
CA CYS AA 155 -39.35 -15.96 -3.18
C CYS AA 155 -40.72 -15.26 -3.03
N ARG AA 156 -40.70 -14.03 -2.55
CA ARG AA 156 -41.92 -13.28 -2.28
C ARG AA 156 -42.17 -12.27 -3.42
N ILE AA 157 -43.29 -12.43 -4.12
CA ILE AA 157 -43.65 -11.53 -5.22
C ILE AA 157 -44.81 -10.61 -4.83
N LYS AA 158 -44.59 -9.30 -4.96
CA LYS AA 158 -45.53 -8.29 -4.50
C LYS AA 158 -46.25 -7.67 -5.68
N ILE AA 159 -47.55 -7.93 -5.77
CA ILE AA 159 -48.37 -7.41 -6.87
C ILE AA 159 -49.49 -6.52 -6.36
N GLY AA 160 -49.61 -5.32 -6.93
CA GLY AA 160 -50.68 -4.40 -6.57
C GLY AA 160 -50.94 -3.35 -7.62
N SER AA 161 -52.04 -2.62 -7.47
CA SER AA 161 -52.29 -1.48 -8.36
C SER AA 161 -51.18 -0.45 -8.22
N TRP AA 162 -50.65 0.01 -9.33
CA TRP AA 162 -49.64 1.07 -9.30
C TRP AA 162 -50.20 2.43 -8.89
N THR AA 163 -51.37 2.81 -9.41
CA THR AA 163 -51.87 4.19 -9.20
C THR AA 163 -53.23 4.30 -8.51
N HIS AA 164 -53.92 3.19 -8.31
CA HIS AA 164 -55.22 3.23 -7.62
C HIS AA 164 -55.15 2.75 -6.18
N HIS AA 165 -55.65 3.59 -5.26
CA HIS AA 165 -55.60 3.25 -3.84
C HIS AA 165 -56.77 2.36 -3.40
N SER AA 166 -56.82 2.05 -2.13
CA SER AA 166 -57.73 1.01 -1.61
C SER AA 166 -59.22 1.27 -1.85
N ARG AA 167 -59.62 2.54 -1.98
CA ARG AA 167 -61.04 2.89 -2.27
C ARG AA 167 -61.39 2.90 -3.77
N GLU AA 168 -60.37 2.73 -4.61
CA GLU AA 168 -60.60 2.56 -6.03
C GLU AA 168 -60.34 1.11 -6.45
N ILE AA 169 -59.21 0.54 -6.01
CA ILE AA 169 -58.92 -0.88 -6.28
C ILE AA 169 -58.51 -1.67 -5.04
N SER AA 170 -59.15 -2.81 -4.83
CA SER AA 170 -58.76 -3.70 -3.77
C SER AA 170 -58.35 -5.00 -4.41
N VAL AA 171 -57.20 -5.54 -3.97
CA VAL AA 171 -56.73 -6.81 -4.47
C VAL AA 171 -56.95 -7.92 -3.45
N ASP AA 172 -57.30 -9.11 -3.93
CA ASP AA 172 -57.53 -10.25 -3.06
C ASP AA 172 -57.03 -11.53 -3.72
N PRO AA 173 -56.49 -12.46 -2.92
CA PRO AA 173 -56.13 -13.79 -3.39
C PRO AA 173 -57.38 -14.61 -3.78
N THR AA 174 -57.16 -15.72 -4.48
CA THR AA 174 -58.25 -16.60 -4.92
C THR AA 174 -58.42 -17.80 -4.00
N SER AA 181 -48.34 -26.65 -7.97
CA SER AA 181 -47.60 -27.26 -9.07
C SER AA 181 -48.55 -27.75 -10.17
N GLU AA 182 -49.75 -27.21 -10.20
CA GLU AA 182 -50.77 -27.79 -11.06
C GLU AA 182 -50.38 -27.72 -12.54
N TYR AA 183 -49.89 -26.56 -12.98
CA TYR AA 183 -49.43 -26.41 -14.36
C TYR AA 183 -47.92 -26.28 -14.45
N PHE AA 184 -47.24 -26.53 -13.32
CA PHE AA 184 -45.79 -26.34 -13.29
C PHE AA 184 -45.07 -27.38 -14.16
N SER AA 185 -44.10 -26.92 -14.95
CA SER AA 185 -43.39 -27.78 -15.87
C SER AA 185 -42.60 -28.83 -15.14
N GLN AA 186 -42.79 -30.10 -15.52
CA GLN AA 186 -42.00 -31.21 -14.96
C GLN AA 186 -40.55 -31.16 -15.47
N TYR AA 187 -40.31 -30.35 -16.49
CA TYR AA 187 -38.97 -30.27 -17.09
C TYR AA 187 -38.13 -29.10 -16.55
N SER AA 188 -38.68 -28.38 -15.57
CA SER AA 188 -37.89 -27.38 -14.87
C SER AA 188 -36.79 -28.06 -14.04
N ARG AA 189 -35.67 -27.36 -13.83
CA ARG AA 189 -34.62 -27.84 -12.92
C ARG AA 189 -35.03 -27.62 -11.48
N PHE AA 190 -36.18 -26.99 -11.29
CA PHE AA 190 -36.64 -26.69 -9.93
C PHE AA 190 -37.96 -27.35 -9.69
N GLU AA 191 -38.39 -27.36 -8.43
CA GLU AA 191 -39.68 -27.92 -8.03
C GLU AA 191 -40.38 -27.05 -6.98
N ILE AA 192 -41.71 -26.99 -7.01
CA ILE AA 192 -42.44 -26.15 -6.07
C ILE AA 192 -42.90 -26.91 -4.84
N LEU AA 193 -42.51 -26.40 -3.67
CA LEU AA 193 -42.89 -27.03 -2.41
C LEU AA 193 -44.21 -26.49 -1.90
N ASP AA 194 -44.35 -25.18 -1.94
CA ASP AA 194 -45.57 -24.54 -1.46
C ASP AA 194 -45.77 -23.13 -2.04
N VAL AA 195 -47.02 -22.75 -2.26
CA VAL AA 195 -47.35 -21.38 -2.62
C VAL AA 195 -48.36 -20.82 -1.62
N THR AA 196 -48.01 -19.72 -0.96
CA THR AA 196 -48.94 -19.05 -0.05
C THR AA 196 -49.16 -17.60 -0.51
N GLN AA 197 -50.35 -17.06 -0.28
CA GLN AA 197 -50.66 -15.68 -0.64
CA GLN AA 197 -50.68 -15.69 -0.64
C GLN AA 197 -51.00 -14.88 0.60
N LYS AA 198 -50.48 -13.67 0.69
CA LYS AA 198 -50.94 -12.75 1.73
C LYS AA 198 -51.39 -11.41 1.13
N LYS AA 199 -52.46 -10.83 1.69
CA LYS AA 199 -52.92 -9.50 1.25
C LYS AA 199 -52.36 -8.44 2.18
N ASN AA 200 -51.91 -7.30 1.62
CA ASN AA 200 -51.40 -6.19 2.42
C ASN AA 200 -52.01 -4.87 2.01
N SER AA 201 -51.85 -3.88 2.88
CA SER AA 201 -52.33 -2.54 2.63
C SER AA 201 -51.25 -1.60 3.12
N VAL AA 202 -50.59 -0.92 2.19
CA VAL AA 202 -49.43 -0.11 2.51
C VAL AA 202 -49.67 1.39 2.23
N THR AA 203 -49.12 2.25 3.07
CA THR AA 203 -49.09 3.66 2.80
C THR AA 203 -47.70 4.07 2.33
N TYR AA 204 -47.66 4.84 1.25
CA TYR AA 204 -46.40 5.31 0.67
C TYR AA 204 -46.21 6.79 0.93
N SER AA 205 -44.95 7.23 0.93
CA SER AA 205 -44.59 8.63 1.22
C SER AA 205 -45.33 9.65 0.34
N CYS AA 206 -45.50 9.32 -0.93
CA CYS AA 206 -46.02 10.25 -1.92
C CYS AA 206 -47.47 10.66 -1.63
N CYS AA 207 -48.23 9.72 -1.09
CA CYS AA 207 -49.66 9.82 -1.10
C CYS AA 207 -50.26 9.47 0.26
N PRO AA 208 -51.38 10.13 0.60
CA PRO AA 208 -52.01 9.93 1.91
C PRO AA 208 -52.81 8.62 2.02
N GLU AA 209 -53.24 8.06 0.91
CA GLU AA 209 -54.11 6.87 0.93
C GLU AA 209 -53.31 5.59 0.99
N ALA AA 210 -54.00 4.49 1.26
CA ALA AA 210 -53.35 3.18 1.31
C ALA AA 210 -53.57 2.42 0.02
N TYR AA 211 -52.51 1.79 -0.46
CA TYR AA 211 -52.59 0.97 -1.66
C TYR AA 211 -52.49 -0.51 -1.26
N GLU AA 212 -53.39 -1.31 -1.84
CA GLU AA 212 -53.38 -2.74 -1.56
C GLU AA 212 -52.44 -3.53 -2.47
N ASP AA 213 -51.91 -4.62 -1.96
CA ASP AA 213 -51.12 -5.54 -2.77
C ASP AA 213 -51.35 -6.98 -2.32
N VAL AA 214 -50.99 -7.91 -3.18
CA VAL AA 214 -50.94 -9.31 -2.80
C VAL AA 214 -49.49 -9.76 -2.81
N GLU AA 215 -49.05 -10.39 -1.73
CA GLU AA 215 -47.72 -10.99 -1.73
C GLU AA 215 -47.84 -12.48 -1.89
N VAL AA 216 -47.39 -12.96 -3.05
CA VAL AA 216 -47.34 -14.39 -3.32
C VAL AA 216 -45.98 -14.93 -2.91
N SER AA 217 -45.95 -15.84 -1.93
CA SER AA 217 -44.71 -16.49 -1.51
C SER AA 217 -44.53 -17.81 -2.24
N LEU AA 218 -43.52 -17.86 -3.09
CA LEU AA 218 -43.19 -19.07 -3.83
C LEU AA 218 -42.04 -19.81 -3.12
N ASN AA 219 -42.36 -20.96 -2.53
CA ASN AA 219 -41.37 -21.80 -1.89
C ASN AA 219 -40.98 -22.92 -2.85
N PHE AA 220 -39.72 -22.86 -3.30
CA PHE AA 220 -39.24 -23.78 -4.33
C PHE AA 220 -37.80 -24.18 -4.05
N ARG AA 221 -37.36 -25.26 -4.69
CA ARG AA 221 -35.99 -25.74 -4.54
C ARG AA 221 -35.49 -26.43 -5.78
N LYS AA 222 -34.18 -26.64 -5.81
CA LYS AA 222 -33.54 -27.37 -6.89
C LYS AA 222 -33.77 -28.87 -6.73
N LYS AA 223 -34.11 -29.54 -7.84
CA LYS AA 223 -34.32 -30.99 -7.83
C LYS AA 223 -32.98 -31.70 -7.63
N GLY AA 224 -33.01 -32.85 -6.96
CA GLY AA 224 -31.80 -33.62 -6.73
C GLY AA 224 -31.01 -33.90 -8.00
N LEU BA 20 -69.94 16.23 -11.98
CA LEU BA 20 -68.81 15.60 -12.65
C LEU BA 20 -68.48 14.28 -12.01
N ASP BA 21 -68.38 13.22 -12.82
CA ASP BA 21 -67.79 11.97 -12.35
C ASP BA 21 -66.45 11.72 -13.09
N ARG BA 22 -65.78 10.62 -12.75
CA ARG BA 22 -64.52 10.27 -13.40
C ARG BA 22 -64.61 10.27 -14.91
N ALA BA 23 -65.63 9.58 -15.44
CA ALA BA 23 -65.84 9.50 -16.88
C ALA BA 23 -65.82 10.88 -17.55
N ASP BA 24 -66.50 11.85 -16.95
CA ASP BA 24 -66.57 13.18 -17.51
C ASP BA 24 -65.23 13.90 -17.43
N ILE BA 25 -64.58 13.82 -16.26
CA ILE BA 25 -63.27 14.45 -16.08
C ILE BA 25 -62.23 13.92 -17.06
N LEU BA 26 -62.18 12.59 -17.21
CA LEU BA 26 -61.24 11.98 -18.13
C LEU BA 26 -61.57 12.33 -19.57
N TYR BA 27 -62.88 12.41 -19.86
CA TYR BA 27 -63.33 12.84 -21.18
C TYR BA 27 -62.81 14.27 -21.49
N ASN BA 28 -63.04 15.19 -20.55
CA ASN BA 28 -62.57 16.55 -20.74
C ASN BA 28 -61.07 16.61 -20.92
N ILE BA 29 -60.35 15.85 -20.13
CA ILE BA 29 -58.91 15.89 -20.19
C ILE BA 29 -58.37 15.43 -21.51
N ARG BA 30 -58.90 14.34 -22.02
CA ARG BA 30 -58.45 13.79 -23.26
C ARG BA 30 -58.74 14.69 -24.43
N GLN BA 31 -59.92 15.25 -24.45
CA GLN BA 31 -60.32 16.20 -25.45
C GLN BA 31 -59.62 17.52 -25.44
N THR BA 32 -59.33 18.05 -24.27
CA THR BA 32 -58.82 19.42 -24.17
C THR BA 32 -57.39 19.59 -23.74
N SER BA 33 -56.81 18.59 -23.10
CA SER BA 33 -55.41 18.73 -22.70
C SER BA 33 -54.55 18.76 -23.96
N ARG BA 34 -53.46 19.50 -23.89
CA ARG BA 34 -52.62 19.68 -25.05
C ARG BA 34 -51.24 19.13 -24.70
N PRO BA 35 -51.02 17.83 -24.96
CA PRO BA 35 -49.78 17.11 -24.56
C PRO BA 35 -48.52 17.77 -25.12
N ASP BA 36 -48.67 18.39 -26.28
CA ASP BA 36 -47.58 19.09 -26.94
C ASP BA 36 -47.26 20.48 -26.31
N VAL BA 37 -48.10 20.94 -25.40
CA VAL BA 37 -48.05 22.33 -24.97
C VAL BA 37 -47.67 22.43 -23.50
N ILE BA 38 -46.51 23.00 -23.25
CA ILE BA 38 -46.04 23.20 -21.88
C ILE BA 38 -46.97 24.18 -21.14
N PRO BA 39 -47.45 23.76 -19.96
CA PRO BA 39 -48.44 24.54 -19.22
C PRO BA 39 -47.79 25.68 -18.48
N THR BA 40 -47.05 26.49 -19.22
CA THR BA 40 -46.42 27.67 -18.66
C THR BA 40 -47.50 28.71 -18.33
N GLN BA 41 -47.38 29.35 -17.17
CA GLN BA 41 -48.41 30.25 -16.70
C GLN BA 41 -47.85 31.62 -16.33
N ARG BA 42 -48.39 32.66 -16.97
CA ARG BA 42 -47.96 34.05 -16.79
C ARG BA 42 -46.50 34.19 -17.20
N ASP BA 43 -46.11 33.46 -18.24
CA ASP BA 43 -44.70 33.34 -18.68
C ASP BA 43 -43.71 33.13 -17.55
N ARG BA 44 -44.13 32.37 -16.56
CA ARG BA 44 -43.26 31.92 -15.47
C ARG BA 44 -43.05 30.42 -15.68
N PRO BA 45 -41.84 29.93 -15.40
CA PRO BA 45 -41.51 28.53 -15.64
C PRO BA 45 -42.43 27.56 -14.89
N VAL BA 46 -42.68 26.40 -15.50
CA VAL BA 46 -43.32 25.30 -14.80
C VAL BA 46 -42.36 24.73 -13.77
N ALA BA 47 -42.77 24.73 -12.50
CA ALA BA 47 -41.94 24.19 -11.43
C ALA BA 47 -42.07 22.66 -11.36
N VAL BA 48 -40.98 21.96 -11.68
CA VAL BA 48 -40.99 20.51 -11.69
C VAL BA 48 -40.19 19.95 -10.50
N SER BA 49 -40.86 19.19 -9.63
CA SER BA 49 -40.20 18.46 -8.55
C SER BA 49 -39.73 17.13 -9.05
N VAL BA 50 -38.46 16.80 -8.76
CA VAL BA 50 -37.90 15.49 -9.06
C VAL BA 50 -37.35 14.86 -7.80
N SER BA 51 -37.69 13.59 -7.58
CA SER BA 51 -37.26 12.87 -6.40
C SER BA 51 -37.09 11.39 -6.72
N LEU BA 52 -35.85 10.92 -6.73
CA LEU BA 52 -35.56 9.52 -7.01
C LEU BA 52 -35.70 8.67 -5.75
N LYS BA 53 -36.55 7.64 -5.82
CA LYS BA 53 -36.69 6.69 -4.73
C LYS BA 53 -36.02 5.43 -5.21
N PHE BA 54 -34.85 5.13 -4.68
CA PHE BA 54 -34.10 3.96 -5.14
C PHE BA 54 -34.68 2.66 -4.64
N ILE BA 55 -34.85 1.72 -5.57
CA ILE BA 55 -35.49 0.44 -5.28
C ILE BA 55 -34.47 -0.68 -5.30
N ASN BA 56 -33.57 -0.64 -6.28
CA ASN BA 56 -32.53 -1.64 -6.39
C ASN BA 56 -31.27 -1.18 -7.11
N ILE BA 57 -30.15 -1.78 -6.76
CA ILE BA 57 -28.94 -1.65 -7.52
C ILE BA 57 -28.58 -3.04 -7.96
N LEU BA 58 -28.51 -3.27 -9.25
CA LEU BA 58 -28.42 -4.59 -9.80
C LEU BA 58 -27.06 -5.10 -10.22
N GLU BA 59 -26.22 -4.24 -10.76
CA GLU BA 59 -24.90 -4.62 -11.17
C GLU BA 59 -24.05 -3.44 -11.04
N VAL BA 60 -22.81 -3.61 -10.67
CA VAL BA 60 -21.91 -2.52 -10.58
C VAL BA 60 -20.80 -3.06 -11.35
N ASN BA 61 -20.13 -2.16 -12.01
CA ASN BA 61 -18.87 -2.49 -12.56
C ASN BA 61 -17.91 -1.41 -12.23
N GLU BA 62 -16.90 -1.75 -11.46
CA GLU BA 62 -15.94 -0.75 -10.99
C GLU BA 62 -14.87 -0.44 -12.03
N ILE BA 63 -14.64 -1.39 -12.94
CA ILE BA 63 -13.72 -1.17 -14.06
C ILE BA 63 -14.30 -0.16 -15.05
N THR BA 64 -15.48 -0.49 -15.60
CA THR BA 64 -16.10 0.34 -16.64
C THR BA 64 -16.83 1.57 -16.09
N ASN BA 65 -17.00 1.66 -14.77
CA ASN BA 65 -17.72 2.79 -14.15
C ASN BA 65 -19.19 2.89 -14.59
N GLU BA 66 -19.89 1.77 -14.55
CA GLU BA 66 -21.28 1.72 -14.97
C GLU BA 66 -22.11 1.01 -13.91
N VAL BA 67 -23.28 1.56 -13.63
CA VAL BA 67 -24.20 0.91 -12.69
C VAL BA 67 -25.57 0.71 -13.31
N ASP BA 68 -26.27 -0.30 -12.81
CA ASP BA 68 -27.62 -0.60 -13.27
C ASP BA 68 -28.52 -0.39 -12.07
N VAL BA 69 -29.44 0.57 -12.17
CA VAL BA 69 -30.26 1.01 -11.05
C VAL BA 69 -31.74 0.87 -11.36
N VAL BA 70 -32.52 0.52 -10.35
CA VAL BA 70 -33.98 0.58 -10.44
C VAL BA 70 -34.47 1.62 -9.45
N PHE BA 71 -35.26 2.58 -9.95
CA PHE BA 71 -35.71 3.67 -9.10
C PHE BA 71 -37.06 4.24 -9.53
N TRP BA 72 -37.79 4.77 -8.57
CA TRP BA 72 -39.01 5.49 -8.88
C TRP BA 72 -38.61 6.91 -9.19
N GLN BA 73 -38.99 7.39 -10.37
CA GLN BA 73 -38.73 8.77 -10.75
C GLN BA 73 -39.96 9.62 -10.46
N GLN BA 74 -40.13 10.02 -9.21
CA GLN BA 74 -41.33 10.76 -8.81
C GLN BA 74 -41.25 12.18 -9.34
N THR BA 75 -42.14 12.50 -10.27
CA THR BA 75 -42.13 13.80 -10.94
C THR BA 75 -43.45 14.54 -10.67
N THR BA 76 -43.35 15.79 -10.23
CA THR BA 76 -44.53 16.53 -9.83
C THR BA 76 -44.51 17.93 -10.42
N TRP BA 77 -45.64 18.32 -11.02
CA TRP BA 77 -45.77 19.66 -11.58
C TRP BA 77 -47.21 20.08 -11.62
N SER BA 78 -47.43 21.29 -12.13
CA SER BA 78 -48.75 21.89 -12.08
C SER BA 78 -49.24 22.26 -13.50
N ASP BA 79 -50.47 21.89 -13.81
CA ASP BA 79 -51.10 22.25 -15.09
C ASP BA 79 -52.54 22.67 -14.83
N ARG BA 80 -52.80 23.94 -14.74
CA ARG BA 80 -54.14 24.41 -14.42
C ARG BA 80 -55.15 24.13 -15.50
N THR BA 81 -54.69 23.88 -16.69
CA THR BA 81 -55.59 23.63 -17.78
C THR BA 81 -56.42 22.41 -17.44
N LEU BA 82 -55.91 21.59 -16.54
CA LEU BA 82 -56.57 20.36 -16.15
C LEU BA 82 -57.46 20.45 -14.93
N ALA BA 83 -57.45 21.57 -14.26
CA ALA BA 83 -58.18 21.74 -13.01
C ALA BA 83 -59.69 21.59 -13.22
N TRP BA 84 -60.41 21.20 -12.17
CA TRP BA 84 -61.86 21.14 -12.24
C TRP BA 84 -62.46 21.43 -10.87
N ASN BA 85 -63.75 21.76 -10.85
CA ASN BA 85 -64.51 22.03 -9.63
C ASN BA 85 -64.82 20.71 -8.92
N SER BA 86 -64.14 20.46 -7.80
CA SER BA 86 -64.24 19.16 -7.12
C SER BA 86 -65.31 19.12 -6.02
N SER BA 87 -66.27 20.04 -6.10
CA SER BA 87 -67.32 20.13 -5.07
C SER BA 87 -68.06 18.81 -4.85
N HIS BA 88 -68.59 18.23 -5.93
CA HIS BA 88 -69.25 16.95 -5.84
C HIS BA 88 -68.62 15.97 -6.83
N SER BA 89 -67.29 16.00 -6.88
CA SER BA 89 -66.51 15.27 -7.86
C SER BA 89 -65.34 14.60 -7.16
N PRO BA 90 -64.69 13.64 -7.84
CA PRO BA 90 -63.44 13.06 -7.34
C PRO BA 90 -62.34 14.12 -7.20
N ASP BA 91 -61.41 13.93 -6.28
CA ASP BA 91 -60.33 14.89 -6.06
C ASP BA 91 -59.18 14.59 -6.98
N GLN BA 92 -59.18 13.35 -7.50
CA GLN BA 92 -58.03 12.81 -8.21
C GLN BA 92 -58.43 11.77 -9.25
N VAL BA 93 -57.71 11.73 -10.37
CA VAL BA 93 -57.92 10.69 -11.37
C VAL BA 93 -56.59 10.16 -11.87
N SER BA 94 -56.61 8.98 -12.47
CA SER BA 94 -55.43 8.43 -13.13
C SER BA 94 -55.56 8.58 -14.65
N VAL BA 95 -54.54 9.19 -15.26
CA VAL BA 95 -54.61 9.55 -16.66
C VAL BA 95 -53.40 8.97 -17.36
N PRO BA 96 -53.61 8.39 -18.55
CA PRO BA 96 -52.49 7.97 -19.38
C PRO BA 96 -51.60 9.17 -19.73
N ILE BA 97 -50.29 9.06 -19.53
CA ILE BA 97 -49.43 10.19 -19.81
C ILE BA 97 -49.49 10.65 -21.28
N SER BA 98 -49.95 9.77 -22.16
CA SER BA 98 -50.04 10.15 -23.57
C SER BA 98 -51.10 11.23 -23.74
N SER BA 99 -51.97 11.37 -22.76
CA SER BA 99 -53.04 12.37 -22.77
C SER BA 99 -52.67 13.64 -22.00
N LEU BA 100 -51.44 13.73 -21.54
CA LEU BA 100 -51.02 14.87 -20.74
C LEU BA 100 -49.71 15.42 -21.26
N TRP BA 101 -49.47 16.69 -20.99
CA TRP BA 101 -48.13 17.19 -21.19
C TRP BA 101 -47.26 16.69 -20.06
N VAL BA 102 -46.07 16.26 -20.42
CA VAL BA 102 -45.12 15.72 -19.46
C VAL BA 102 -43.78 16.39 -19.65
N PRO BA 103 -43.12 16.76 -18.54
CA PRO BA 103 -41.79 17.37 -18.68
C PRO BA 103 -40.79 16.42 -19.38
N ASP BA 104 -39.99 16.98 -20.29
CA ASP BA 104 -39.02 16.19 -21.08
C ASP BA 104 -37.73 15.89 -20.32
N LEU BA 105 -37.85 15.32 -19.12
CA LEU BA 105 -36.69 15.02 -18.30
C LEU BA 105 -35.82 13.92 -18.90
N ALA BA 106 -34.51 14.05 -18.73
CA ALA BA 106 -33.55 13.06 -19.20
C ALA BA 106 -32.40 12.97 -18.22
N ALA BA 107 -31.82 11.77 -18.09
CA ALA BA 107 -30.65 11.57 -17.27
C ALA BA 107 -29.46 11.76 -18.20
N TYR BA 108 -28.65 12.78 -17.92
CA TYR BA 108 -27.55 13.15 -18.81
C TYR BA 108 -26.49 12.07 -18.93
N ASN BA 109 -26.28 11.33 -17.85
CA ASN BA 109 -25.23 10.31 -17.82
C ASN BA 109 -25.79 8.89 -17.92
N ALA BA 110 -27.01 8.78 -18.41
CA ALA BA 110 -27.61 7.48 -18.69
C ALA BA 110 -26.96 6.96 -19.97
N ILE BA 111 -26.76 5.66 -20.04
CA ILE BA 111 -26.14 5.07 -21.22
C ILE BA 111 -27.04 3.97 -21.78
N SER BA 112 -28.23 3.84 -21.21
CA SER BA 112 -29.29 3.04 -21.81
C SER BA 112 -30.56 3.89 -21.82
N LYS BA 113 -31.50 3.61 -22.71
CA LYS BA 113 -32.73 4.39 -22.63
C LYS BA 113 -33.55 3.82 -21.48
N PRO BA 114 -34.35 4.68 -20.83
CA PRO BA 114 -35.06 4.24 -19.62
C PRO BA 114 -36.05 3.13 -19.92
N GLU BA 115 -35.95 2.04 -19.16
CA GLU BA 115 -36.93 0.96 -19.23
C GLU BA 115 -38.00 1.25 -18.18
N VAL BA 116 -39.19 1.64 -18.65
CA VAL BA 116 -40.31 1.90 -17.74
C VAL BA 116 -40.97 0.58 -17.38
N LEU BA 117 -41.00 0.28 -16.10
CA LEU BA 117 -41.44 -1.05 -15.65
C LEU BA 117 -42.91 -1.05 -15.33
N THR BA 118 -43.47 0.13 -15.14
CA THR BA 118 -44.81 0.26 -14.55
C THR BA 118 -45.81 0.88 -15.54
N PRO BA 119 -47.13 0.67 -15.31
CA PRO BA 119 -48.17 1.29 -16.16
C PRO BA 119 -47.98 2.79 -16.27
N GLN BA 120 -47.99 3.32 -17.48
CA GLN BA 120 -47.68 4.73 -17.65
C GLN BA 120 -48.90 5.64 -17.42
N LEU BA 121 -49.24 5.78 -16.14
CA LEU BA 121 -50.38 6.57 -15.69
C LEU BA 121 -49.92 7.65 -14.72
N ALA BA 122 -50.54 8.82 -14.78
CA ALA BA 122 -50.19 9.88 -13.85
C ALA BA 122 -51.40 10.22 -12.99
N HIS BA 123 -51.15 10.88 -11.86
CA HIS BA 123 -52.20 11.44 -11.02
CA HIS BA 123 -52.22 11.43 -11.02
C HIS BA 123 -52.52 12.86 -11.44
N VAL BA 124 -53.78 13.17 -11.64
CA VAL BA 124 -54.17 14.56 -11.82
C VAL BA 124 -55.12 14.89 -10.69
N VAL BA 125 -54.73 15.86 -9.88
CA VAL BA 125 -55.59 16.32 -8.78
C VAL BA 125 -56.45 17.49 -9.26
N SER BA 126 -57.63 17.67 -8.67
CA SER BA 126 -58.59 18.70 -9.12
C SER BA 126 -58.00 20.10 -9.23
N ASP BA 127 -57.01 20.41 -8.41
CA ASP BA 127 -56.35 21.73 -8.48
C ASP BA 127 -55.39 21.86 -9.67
N GLY BA 128 -55.15 20.77 -10.39
CA GLY BA 128 -54.27 20.80 -11.55
C GLY BA 128 -52.86 20.28 -11.27
N GLU BA 129 -52.66 19.80 -10.04
CA GLU BA 129 -51.42 19.15 -9.65
C GLU BA 129 -51.30 17.80 -10.36
N VAL BA 130 -50.19 17.62 -11.07
CA VAL BA 130 -49.91 16.35 -11.73
C VAL BA 130 -48.70 15.66 -11.12
N GLN BA 131 -48.88 14.39 -10.77
CA GLN BA 131 -47.75 13.55 -10.35
C GLN BA 131 -47.60 12.32 -11.24
N TYR BA 132 -46.37 12.05 -11.65
CA TYR BA 132 -46.07 10.84 -12.43
C TYR BA 132 -44.85 10.18 -11.80
N THR BA 133 -45.00 8.92 -11.40
CA THR BA 133 -43.92 8.21 -10.70
C THR BA 133 -43.67 6.82 -11.31
N PRO BA 134 -43.03 6.80 -12.48
CA PRO BA 134 -42.74 5.50 -13.07
C PRO BA 134 -41.61 4.80 -12.32
N SER BA 135 -41.63 3.47 -12.30
CA SER BA 135 -40.45 2.74 -11.85
C SER BA 135 -39.55 2.51 -13.06
N ILE BA 136 -38.33 2.97 -12.97
CA ILE BA 136 -37.42 2.87 -14.10
C ILE BA 136 -36.20 2.00 -13.78
N ARG BA 137 -35.84 1.12 -14.73
CA ARG BA 137 -34.52 0.49 -14.74
C ARG BA 137 -33.62 1.12 -15.77
N GLN BA 138 -32.43 1.54 -15.39
CA GLN BA 138 -31.58 2.28 -16.31
C GLN BA 138 -30.13 2.14 -15.93
N ARG BA 139 -29.26 2.18 -16.94
CA ARG BA 139 -27.81 2.06 -16.79
C ARG BA 139 -27.20 3.47 -16.76
N PHE BA 140 -26.24 3.70 -15.86
CA PHE BA 140 -25.59 5.02 -15.76
C PHE BA 140 -24.10 4.92 -15.80
N SER BA 141 -23.50 5.97 -16.34
CA SER BA 141 -22.06 6.16 -16.32
C SER BA 141 -21.74 7.07 -15.14
N CYS BA 142 -21.12 6.53 -14.10
CA CYS BA 142 -20.80 7.34 -12.95
C CYS BA 142 -19.61 6.78 -12.18
N ASP BA 143 -19.18 7.49 -11.15
CA ASP BA 143 -18.06 7.07 -10.32
C ASP BA 143 -18.40 5.92 -9.37
N VAL BA 144 -17.90 4.74 -9.69
CA VAL BA 144 -18.19 3.53 -8.92
C VAL BA 144 -17.03 3.18 -7.98
N SER BA 145 -15.99 4.00 -8.02
CA SER BA 145 -14.78 3.74 -7.24
C SER BA 145 -15.10 3.81 -5.75
N GLY BA 146 -14.67 2.80 -5.01
CA GLY BA 146 -14.89 2.74 -3.58
C GLY BA 146 -16.14 1.97 -3.17
N VAL BA 147 -16.81 1.37 -4.16
CA VAL BA 147 -18.04 0.63 -3.92
C VAL BA 147 -17.86 -0.51 -2.92
N ASP BA 148 -16.66 -1.07 -2.87
CA ASP BA 148 -16.37 -2.22 -2.03
C ASP BA 148 -15.67 -1.82 -0.72
N THR BA 149 -15.61 -0.51 -0.47
CA THR BA 149 -15.03 0.00 0.77
C THR BA 149 -16.14 0.37 1.73
N GLU BA 150 -15.75 0.83 2.92
CA GLU BA 150 -16.71 1.13 4.00
C GLU BA 150 -17.44 2.44 3.73
N SER BA 151 -16.72 3.39 3.14
CA SER BA 151 -17.25 4.72 2.83
C SER BA 151 -18.10 4.67 1.54
N GLY BA 152 -17.87 3.64 0.73
CA GLY BA 152 -18.70 3.36 -0.41
C GLY BA 152 -18.40 4.23 -1.62
N ALA BA 153 -19.11 3.96 -2.70
CA ALA BA 153 -19.04 4.78 -3.90
C ALA BA 153 -20.09 5.88 -3.85
N THR BA 154 -19.85 6.94 -4.62
CA THR BA 154 -20.84 8.01 -4.76
C THR BA 154 -21.17 8.27 -6.24
N CYS BA 155 -22.25 7.66 -6.69
CA CYS BA 155 -22.71 7.79 -8.04
C CYS BA 155 -23.65 9.02 -8.17
N ARG BA 156 -23.27 9.93 -9.05
CA ARG BA 156 -23.98 11.18 -9.25
C ARG BA 156 -24.86 11.08 -10.51
N ILE BA 157 -26.16 11.21 -10.33
CA ILE BA 157 -27.11 11.17 -11.46
C ILE BA 157 -27.71 12.55 -11.78
N LYS BA 158 -27.51 12.99 -13.02
CA LYS BA 158 -27.91 14.31 -13.46
C LYS BA 158 -29.20 14.26 -14.27
N ILE BA 159 -30.27 14.83 -13.72
CA ILE BA 159 -31.57 14.86 -14.39
C ILE BA 159 -32.05 16.28 -14.64
N GLY BA 160 -32.41 16.57 -15.88
CA GLY BA 160 -32.98 17.86 -16.22
C GLY BA 160 -33.87 17.85 -17.47
N SER BA 161 -34.48 19.00 -17.77
CA SER BA 161 -35.21 19.12 -19.03
C SER BA 161 -34.22 19.10 -20.18
N TRP BA 162 -34.49 18.25 -21.17
CA TRP BA 162 -33.64 18.17 -22.37
C TRP BA 162 -33.76 19.43 -23.23
N THR BA 163 -34.98 19.93 -23.44
CA THR BA 163 -35.18 21.04 -24.40
C THR BA 163 -35.78 22.33 -23.85
N HIS BA 164 -36.26 22.32 -22.61
CA HIS BA 164 -36.76 23.56 -22.00
C HIS BA 164 -35.77 24.22 -21.01
N HIS BA 165 -35.48 25.50 -21.24
CA HIS BA 165 -34.53 26.24 -20.40
C HIS BA 165 -35.18 26.76 -19.12
N SER BA 166 -34.38 27.47 -18.33
CA SER BA 166 -34.78 27.80 -16.94
C SER BA 166 -36.04 28.63 -16.83
N ARG BA 167 -36.29 29.42 -17.87
CA ARG BA 167 -37.47 30.25 -17.90
C ARG BA 167 -38.77 29.47 -18.24
N GLU BA 168 -38.62 28.30 -18.89
CA GLU BA 168 -39.74 27.42 -19.21
C GLU BA 168 -39.92 26.26 -18.21
N ILE BA 169 -38.81 25.63 -17.85
CA ILE BA 169 -38.87 24.56 -16.84
C ILE BA 169 -37.80 24.77 -15.78
N SER BA 170 -38.22 24.78 -14.52
CA SER BA 170 -37.29 24.76 -13.40
C SER BA 170 -37.44 23.46 -12.62
N VAL BA 171 -36.31 22.81 -12.33
CA VAL BA 171 -36.34 21.58 -11.55
C VAL BA 171 -35.89 21.82 -10.11
N ASP BA 172 -36.53 21.13 -9.18
CA ASP BA 172 -36.20 21.28 -7.76
C ASP BA 172 -36.30 19.93 -7.06
N PRO BA 173 -35.41 19.69 -6.09
CA PRO BA 173 -35.50 18.51 -5.22
C PRO BA 173 -36.72 18.56 -4.31
N THR BA 174 -37.07 17.45 -3.68
CA THR BA 174 -38.24 17.38 -2.80
C THR BA 174 -37.83 17.50 -1.33
N GLU BA 182 -35.77 3.79 1.95
CA GLU BA 182 -37.14 3.57 2.39
C GLU BA 182 -37.80 2.41 1.65
N TYR BA 183 -37.65 2.40 0.33
CA TYR BA 183 -38.18 1.32 -0.50
C TYR BA 183 -37.08 0.46 -1.11
N PHE BA 184 -35.85 0.67 -0.67
CA PHE BA 184 -34.74 -0.06 -1.23
C PHE BA 184 -34.84 -1.55 -0.85
N SER BA 185 -34.58 -2.43 -1.83
CA SER BA 185 -34.66 -3.88 -1.63
C SER BA 185 -33.63 -4.39 -0.64
N GLN BA 186 -34.10 -5.13 0.36
CA GLN BA 186 -33.18 -5.75 1.30
C GLN BA 186 -32.40 -6.90 0.66
N TYR BA 187 -32.81 -7.31 -0.53
CA TYR BA 187 -32.17 -8.44 -1.20
C TYR BA 187 -31.15 -8.01 -2.25
N SER BA 188 -30.90 -6.72 -2.33
CA SER BA 188 -29.80 -6.21 -3.14
C SER BA 188 -28.47 -6.65 -2.54
N ARG BA 189 -27.47 -6.84 -3.39
CA ARG BA 189 -26.11 -7.07 -2.89
C ARG BA 189 -25.47 -5.77 -2.38
N PHE BA 190 -26.22 -4.67 -2.45
CA PHE BA 190 -25.72 -3.38 -1.94
C PHE BA 190 -26.63 -2.77 -0.89
N GLU BA 191 -26.12 -1.73 -0.24
CA GLU BA 191 -26.88 -0.96 0.75
C GLU BA 191 -26.57 0.51 0.58
N ILE BA 192 -27.60 1.33 0.82
CA ILE BA 192 -27.50 2.77 0.61
C ILE BA 192 -27.11 3.47 1.89
N LEU BA 193 -26.02 4.23 1.82
CA LEU BA 193 -25.51 4.94 2.97
C LEU BA 193 -26.18 6.31 3.06
N ASP BA 194 -26.24 7.02 1.95
CA ASP BA 194 -26.81 8.35 1.93
C ASP BA 194 -27.26 8.77 0.52
N VAL BA 195 -28.31 9.58 0.47
CA VAL BA 195 -28.76 10.19 -0.80
C VAL BA 195 -28.89 11.71 -0.66
N THR BA 196 -28.08 12.45 -1.41
CA THR BA 196 -28.15 13.91 -1.36
C THR BA 196 -28.54 14.44 -2.72
N GLN BA 197 -29.30 15.54 -2.72
CA GLN BA 197 -29.74 16.17 -3.97
C GLN BA 197 -29.27 17.62 -4.03
N LYS BA 198 -29.01 18.12 -5.23
CA LYS BA 198 -28.43 19.45 -5.38
C LYS BA 198 -28.98 19.96 -6.71
N LYS BA 199 -29.25 21.24 -6.79
CA LYS BA 199 -29.81 21.80 -8.01
C LYS BA 199 -28.75 22.61 -8.74
N ASN BA 200 -28.69 22.47 -10.07
CA ASN BA 200 -27.74 23.25 -10.87
C ASN BA 200 -28.41 23.98 -12.02
N SER BA 201 -27.68 24.96 -12.58
CA SER BA 201 -28.13 25.74 -13.70
C SER BA 201 -26.97 25.92 -14.66
N VAL BA 202 -27.04 25.25 -15.81
CA VAL BA 202 -25.90 25.14 -16.72
C VAL BA 202 -26.21 25.77 -18.06
N THR BA 203 -25.20 26.44 -18.62
CA THR BA 203 -25.30 26.94 -19.98
C THR BA 203 -24.53 26.05 -20.93
N TYR BA 204 -25.15 25.70 -22.05
CA TYR BA 204 -24.54 24.80 -23.02
C TYR BA 204 -24.17 25.58 -24.28
N SER BA 205 -23.23 25.03 -25.04
CA SER BA 205 -22.67 25.70 -26.22
C SER BA 205 -23.73 26.06 -27.26
N CYS BA 206 -24.71 25.18 -27.40
CA CYS BA 206 -25.68 25.29 -28.47
C CYS BA 206 -26.56 26.52 -28.28
N CYS BA 207 -26.83 26.88 -27.03
CA CYS BA 207 -27.96 27.75 -26.73
C CYS BA 207 -27.53 28.80 -25.72
N PRO BA 208 -28.12 30.00 -25.84
CA PRO BA 208 -27.78 31.13 -24.96
C PRO BA 208 -28.39 31.03 -23.55
N GLU BA 209 -29.44 30.23 -23.37
CA GLU BA 209 -30.16 30.22 -22.10
C GLU BA 209 -29.60 29.15 -21.18
N ALA BA 210 -29.97 29.22 -19.91
CA ALA BA 210 -29.53 28.24 -18.94
C ALA BA 210 -30.58 27.15 -18.72
N TYR BA 211 -30.11 25.91 -18.63
CA TYR BA 211 -30.95 24.75 -18.39
C TYR BA 211 -30.68 24.23 -16.99
N GLU BA 212 -31.76 24.01 -16.24
CA GLU BA 212 -31.63 23.53 -14.87
C GLU BA 212 -31.58 22.03 -14.84
N ASP BA 213 -30.89 21.49 -13.83
CA ASP BA 213 -30.86 20.05 -13.59
C ASP BA 213 -30.84 19.78 -12.09
N VAL BA 214 -31.17 18.55 -11.73
CA VAL BA 214 -30.96 18.07 -10.38
C VAL BA 214 -29.90 17.00 -10.43
N GLU BA 215 -28.91 17.09 -9.53
CA GLU BA 215 -27.91 16.04 -9.39
C GLU BA 215 -28.19 15.27 -8.12
N VAL BA 216 -28.58 14.01 -8.30
CA VAL BA 216 -28.81 13.14 -7.18
C VAL BA 216 -27.54 12.34 -6.95
N SER BA 217 -26.96 12.49 -5.75
CA SER BA 217 -25.78 11.75 -5.36
C SER BA 217 -26.19 10.53 -4.55
N LEU BA 218 -25.94 9.37 -5.14
CA LEU BA 218 -26.23 8.11 -4.48
C LEU BA 218 -24.95 7.56 -3.85
N ASN BA 219 -24.87 7.59 -2.53
CA ASN BA 219 -23.75 6.97 -1.81
C ASN BA 219 -24.11 5.55 -1.34
N PHE BA 220 -23.46 4.56 -1.94
CA PHE BA 220 -23.80 3.17 -1.69
C PHE BA 220 -22.56 2.28 -1.63
N ARG BA 221 -22.73 1.08 -1.08
CA ARG BA 221 -21.59 0.16 -1.00
C ARG BA 221 -22.06 -1.26 -1.05
N LYS BA 222 -21.12 -2.15 -1.40
CA LYS BA 222 -21.39 -3.58 -1.43
C LYS BA 222 -21.54 -4.16 -0.03
N LYS BA 223 -22.48 -5.11 0.12
CA LYS BA 223 -22.62 -5.87 1.36
C LYS BA 223 -21.62 -7.02 1.37
N GLY BA 224 -21.37 -7.56 2.57
CA GLY BA 224 -20.62 -8.78 2.74
C GLY BA 224 -21.25 -10.01 2.09
N LEU CA 20 -50.05 35.60 -30.92
CA LEU CA 20 -49.70 34.19 -30.93
C LEU CA 20 -49.08 33.79 -29.61
N ASP CA 21 -49.60 32.75 -28.98
CA ASP CA 21 -48.89 32.09 -27.89
C ASP CA 21 -48.39 30.69 -28.31
N ARG CA 22 -47.71 29.98 -27.40
CA ARG CA 22 -47.20 28.63 -27.71
C ARG CA 22 -48.27 27.69 -28.24
N ALA CA 23 -49.41 27.62 -27.55
CA ALA CA 23 -50.52 26.78 -27.95
C ALA CA 23 -50.91 27.01 -29.42
N ASP CA 24 -51.00 28.27 -29.83
CA ASP CA 24 -51.35 28.56 -31.21
C ASP CA 24 -50.27 28.09 -32.19
N ILE CA 25 -49.02 28.43 -31.88
CA ILE CA 25 -47.89 28.09 -32.74
C ILE CA 25 -47.78 26.58 -32.95
N LEU CA 26 -47.90 25.84 -31.85
CA LEU CA 26 -47.85 24.39 -31.91
C LEU CA 26 -49.05 23.83 -32.66
N TYR CA 27 -50.21 24.44 -32.46
CA TYR CA 27 -51.39 24.04 -33.19
C TYR CA 27 -51.13 24.20 -34.69
N ASN CA 28 -50.65 25.38 -35.10
CA ASN CA 28 -50.40 25.63 -36.52
C ASN CA 28 -49.41 24.63 -37.12
N ILE CA 29 -48.34 24.36 -36.40
CA ILE CA 29 -47.29 23.48 -36.87
C ILE CA 29 -47.80 22.08 -37.08
N ARG CA 30 -48.56 21.61 -36.13
CA ARG CA 30 -49.22 20.34 -36.19
C ARG CA 30 -50.25 20.20 -37.28
N GLN CA 31 -51.01 21.23 -37.51
CA GLN CA 31 -52.00 21.22 -38.58
C GLN CA 31 -51.41 21.39 -39.99
N THR CA 32 -50.28 22.08 -40.10
CA THR CA 32 -49.80 22.49 -41.40
C THR CA 32 -48.41 22.00 -41.81
N SER CA 33 -47.59 21.59 -40.86
CA SER CA 33 -46.28 21.05 -41.25
C SER CA 33 -46.51 19.73 -41.97
N ARG CA 34 -45.64 19.46 -42.93
CA ARG CA 34 -45.79 18.27 -43.73
C ARG CA 34 -44.54 17.43 -43.52
N PRO CA 35 -44.59 16.53 -42.51
CA PRO CA 35 -43.43 15.73 -42.09
C PRO CA 35 -42.86 14.87 -43.21
N ASP CA 36 -43.71 14.48 -44.14
CA ASP CA 36 -43.31 13.73 -45.32
C ASP CA 36 -42.58 14.58 -46.39
N VAL CA 37 -42.60 15.89 -46.23
CA VAL CA 37 -42.20 16.80 -47.31
C VAL CA 37 -40.91 17.54 -46.98
N ILE CA 38 -39.88 17.27 -47.76
CA ILE CA 38 -38.61 17.96 -47.57
C ILE CA 38 -38.77 19.44 -47.90
N PRO CA 39 -38.36 20.33 -46.97
CA PRO CA 39 -38.58 21.77 -47.08
C PRO CA 39 -37.57 22.39 -48.01
N THR CA 40 -37.47 21.85 -49.21
CA THR CA 40 -36.55 22.37 -50.21
C THR CA 40 -37.04 23.70 -50.77
N ASP CA 43 -35.65 25.13 -55.59
CA ASP CA 43 -34.84 24.04 -56.12
C ASP CA 43 -33.39 24.11 -55.65
N ARG CA 44 -33.24 24.55 -54.39
CA ARG CA 44 -31.99 24.50 -53.66
C ARG CA 44 -32.09 23.37 -52.66
N PRO CA 45 -30.92 22.80 -52.28
CA PRO CA 45 -30.89 21.76 -51.24
C PRO CA 45 -31.07 22.31 -49.85
N VAL CA 46 -31.65 21.50 -48.98
CA VAL CA 46 -31.77 21.85 -47.57
C VAL CA 46 -30.39 21.68 -46.98
N ALA CA 47 -29.87 22.73 -46.39
CA ALA CA 47 -28.56 22.70 -45.76
C ALA CA 47 -28.67 22.12 -44.34
N VAL CA 48 -28.11 20.92 -44.15
CA VAL CA 48 -28.15 20.26 -42.85
C VAL CA 48 -26.79 20.30 -42.15
N SER CA 49 -26.74 20.93 -40.97
CA SER CA 49 -25.60 20.86 -40.07
C SER CA 49 -25.60 19.61 -39.22
N VAL CA 50 -24.48 18.88 -39.22
CA VAL CA 50 -24.31 17.74 -38.33
C VAL CA 50 -23.09 17.94 -37.44
N SER CA 51 -23.30 17.76 -36.14
CA SER CA 51 -22.21 17.92 -35.20
C SER CA 51 -22.34 16.88 -34.06
N LEU CA 52 -21.42 15.92 -34.01
CA LEU CA 52 -21.45 14.91 -32.94
C LEU CA 52 -20.76 15.42 -31.69
N LYS CA 53 -21.47 15.40 -30.56
CA LYS CA 53 -20.86 15.73 -29.27
C LYS CA 53 -20.74 14.43 -28.51
N PHE CA 54 -19.50 13.93 -28.40
CA PHE CA 54 -19.29 12.63 -27.76
C PHE CA 54 -19.46 12.74 -26.24
N ILE CA 55 -20.16 11.75 -25.68
CA ILE CA 55 -20.53 11.78 -24.28
C ILE CA 55 -19.81 10.63 -23.61
N ASN CA 56 -19.80 9.49 -24.28
CA ASN CA 56 -19.15 8.31 -23.73
C ASN CA 56 -18.67 7.30 -24.78
N ILE CA 57 -17.61 6.56 -24.48
CA ILE CA 57 -17.23 5.45 -25.33
C ILE CA 57 -17.22 4.28 -24.43
N LEU CA 58 -18.05 3.30 -24.71
CA LEU CA 58 -18.34 2.30 -23.73
C LEU CA 58 -17.69 0.95 -23.87
N GLU CA 59 -17.67 0.36 -25.05
CA GLU CA 59 -17.33 -1.05 -25.14
C GLU CA 59 -16.50 -1.49 -26.34
N VAL CA 60 -15.27 -1.02 -26.40
CA VAL CA 60 -14.36 -1.26 -27.49
C VAL CA 60 -13.96 -2.70 -27.62
N ASN CA 61 -13.73 -3.11 -28.84
CA ASN CA 61 -13.24 -4.46 -29.13
C ASN CA 61 -12.25 -4.40 -30.28
N GLU CA 62 -10.96 -4.51 -29.93
CA GLU CA 62 -9.89 -4.33 -30.91
C GLU CA 62 -9.81 -5.52 -31.88
N ILE CA 63 -10.27 -6.68 -31.44
CA ILE CA 63 -10.32 -7.85 -32.30
C ILE CA 63 -11.36 -7.69 -33.37
N THR CA 64 -12.61 -7.47 -32.97
CA THR CA 64 -13.75 -7.35 -33.90
C THR CA 64 -13.87 -6.00 -34.60
N ASN CA 65 -13.09 -5.02 -34.15
CA ASN CA 65 -13.17 -3.65 -34.69
C ASN CA 65 -14.56 -3.04 -34.55
N GLU CA 66 -15.09 -3.08 -33.34
CA GLU CA 66 -16.40 -2.54 -33.05
C GLU CA 66 -16.34 -1.68 -31.79
N VAL CA 67 -16.98 -0.52 -31.84
CA VAL CA 67 -17.10 0.35 -30.66
C VAL CA 67 -18.56 0.69 -30.32
N ASP CA 68 -18.80 0.99 -29.06
CA ASP CA 68 -20.12 1.35 -28.58
C ASP CA 68 -19.97 2.78 -28.09
N VAL CA 69 -20.68 3.71 -28.73
CA VAL CA 69 -20.51 5.13 -28.46
C VAL CA 69 -21.84 5.81 -28.08
N VAL CA 70 -21.76 6.74 -27.13
CA VAL CA 70 -22.88 7.57 -26.78
C VAL CA 70 -22.54 8.99 -27.18
N PHE CA 71 -23.43 9.62 -27.94
CA PHE CA 71 -23.14 10.95 -28.49
C PHE CA 71 -24.42 11.75 -28.77
N TRP CA 72 -24.34 13.06 -28.62
CA TRP CA 72 -25.42 13.92 -29.08
C TRP CA 72 -25.28 14.14 -30.59
N GLN CA 73 -26.35 13.82 -31.33
CA GLN CA 73 -26.32 14.06 -32.76
C GLN CA 73 -27.02 15.37 -33.03
N GLN CA 74 -26.29 16.47 -32.85
CA GLN CA 74 -26.84 17.80 -33.07
C GLN CA 74 -27.09 18.07 -34.55
N THR CA 75 -28.37 18.14 -34.93
CA THR CA 75 -28.77 18.30 -36.33
C THR CA 75 -29.51 19.62 -36.50
N THR CA 76 -29.11 20.40 -37.49
CA THR CA 76 -29.69 21.73 -37.64
C THR CA 76 -30.04 22.01 -39.11
N TRP CA 77 -31.25 22.51 -39.35
CA TRP CA 77 -31.65 22.85 -40.70
C TRP CA 77 -32.72 23.92 -40.67
N SER CA 78 -33.19 24.27 -41.85
CA SER CA 78 -34.16 25.34 -41.99
C SER CA 78 -35.43 24.86 -42.70
N ASP CA 79 -36.57 25.26 -42.15
CA ASP CA 79 -37.87 24.99 -42.76
C ASP CA 79 -38.76 26.22 -42.62
N ARG CA 80 -38.77 27.06 -43.66
CA ARG CA 80 -39.49 28.33 -43.63
C ARG CA 80 -41.01 28.18 -43.44
N THR CA 81 -41.57 27.07 -43.90
CA THR CA 81 -42.99 26.79 -43.72
C THR CA 81 -43.42 26.67 -42.25
N LEU CA 82 -42.46 26.72 -41.33
CA LEU CA 82 -42.77 26.69 -39.91
C LEU CA 82 -42.65 28.08 -39.29
N ALA CA 83 -42.15 29.03 -40.06
CA ALA CA 83 -41.85 30.36 -39.55
C ALA CA 83 -43.12 31.06 -39.06
N TRP CA 84 -42.96 32.03 -38.16
CA TRP CA 84 -44.08 32.83 -37.67
C TRP CA 84 -43.61 34.24 -37.26
N ASN CA 85 -44.57 35.15 -37.15
CA ASN CA 85 -44.28 36.52 -36.72
C ASN CA 85 -44.06 36.56 -35.19
N SER CA 86 -42.81 36.73 -34.77
CA SER CA 86 -42.45 36.65 -33.34
C SER CA 86 -42.52 37.98 -32.60
N SER CA 87 -43.26 38.94 -33.15
CA SER CA 87 -43.35 40.28 -32.57
C SER CA 87 -43.79 40.24 -31.10
N HIS CA 88 -44.92 39.61 -30.84
CA HIS CA 88 -45.41 39.47 -29.47
C HIS CA 88 -45.64 38.02 -29.17
N SER CA 89 -44.67 37.19 -29.61
CA SER CA 89 -44.78 35.73 -29.54
C SER CA 89 -43.47 35.16 -29.02
N PRO CA 90 -43.48 33.88 -28.60
CA PRO CA 90 -42.25 33.19 -28.25
C PRO CA 90 -41.30 33.11 -29.45
N ASP CA 91 -40.00 33.08 -29.21
CA ASP CA 91 -39.02 33.00 -30.29
C ASP CA 91 -38.80 31.54 -30.70
N GLN CA 92 -39.22 30.63 -29.82
CA GLN CA 92 -38.83 29.23 -29.91
C GLN CA 92 -39.89 28.33 -29.26
N VAL CA 93 -40.12 27.18 -29.85
CA VAL CA 93 -40.96 26.14 -29.23
C VAL CA 93 -40.29 24.76 -29.31
N SER CA 94 -40.78 23.84 -28.49
CA SER CA 94 -40.34 22.46 -28.58
C SER CA 94 -41.44 21.64 -29.24
N VAL CA 95 -41.07 20.91 -30.29
CA VAL CA 95 -42.05 20.20 -31.08
C VAL CA 95 -41.62 18.74 -31.19
N PRO CA 96 -42.58 17.82 -31.01
CA PRO CA 96 -42.33 16.39 -31.29
C PRO CA 96 -41.86 16.20 -32.73
N ILE CA 97 -40.79 15.45 -32.95
CA ILE CA 97 -40.27 15.30 -34.30
C ILE CA 97 -41.26 14.60 -35.23
N SER CA 98 -42.24 13.93 -34.64
CA SER CA 98 -43.24 13.25 -35.44
C SER CA 98 -44.13 14.27 -36.18
N SER CA 99 -44.12 15.50 -35.69
CA SER CA 99 -44.87 16.59 -36.31
C SER CA 99 -44.02 17.46 -37.22
N LEU CA 100 -42.77 17.06 -37.48
CA LEU CA 100 -41.86 17.86 -38.32
C LEU CA 100 -41.22 17.00 -39.37
N TRP CA 101 -40.81 17.62 -40.46
CA TRP CA 101 -39.93 16.92 -41.38
C TRP CA 101 -38.56 16.88 -40.75
N VAL CA 102 -37.91 15.74 -40.89
CA VAL CA 102 -36.61 15.54 -40.31
C VAL CA 102 -35.72 14.91 -41.37
N PRO CA 103 -34.46 15.37 -41.45
CA PRO CA 103 -33.54 14.76 -42.40
C PRO CA 103 -33.33 13.27 -42.10
N ASP CA 104 -33.31 12.45 -43.17
CA ASP CA 104 -33.13 10.99 -43.04
C ASP CA 104 -31.66 10.58 -42.89
N LEU CA 105 -30.99 11.15 -41.89
CA LEU CA 105 -29.59 10.84 -41.66
C LEU CA 105 -29.37 9.39 -41.18
N ALA CA 106 -28.31 8.75 -41.66
CA ALA CA 106 -27.95 7.43 -41.16
C ALA CA 106 -26.44 7.32 -41.04
N ALA CA 107 -25.99 6.56 -40.04
CA ALA CA 107 -24.57 6.22 -39.94
C ALA CA 107 -24.32 4.99 -40.80
N TYR CA 108 -23.54 5.16 -41.86
CA TYR CA 108 -23.27 4.08 -42.81
C TYR CA 108 -22.57 2.88 -42.19
N ASN CA 109 -21.72 3.12 -41.18
CA ASN CA 109 -20.95 2.03 -40.57
C ASN CA 109 -21.50 1.64 -39.19
N ALA CA 110 -22.75 2.02 -38.93
CA ALA CA 110 -23.42 1.59 -37.71
C ALA CA 110 -23.87 0.13 -37.90
N ILE CA 111 -23.78 -0.65 -36.84
CA ILE CA 111 -24.12 -2.07 -36.92
C ILE CA 111 -25.21 -2.41 -35.92
N SER CA 112 -25.71 -1.40 -35.24
CA SER CA 112 -26.92 -1.52 -34.46
C SER CA 112 -27.81 -0.33 -34.83
N LYS CA 113 -29.12 -0.46 -34.66
CA LYS CA 113 -29.95 0.69 -34.94
C LYS CA 113 -29.77 1.70 -33.81
N PRO CA 114 -29.95 2.97 -34.12
CA PRO CA 114 -29.71 3.98 -33.09
C PRO CA 114 -30.68 3.85 -31.92
N GLU CA 115 -30.14 3.78 -30.70
CA GLU CA 115 -30.96 3.84 -29.51
C GLU CA 115 -31.02 5.33 -29.11
N VAL CA 116 -32.20 5.93 -29.26
CA VAL CA 116 -32.40 7.31 -28.84
C VAL CA 116 -32.71 7.34 -27.35
N LEU CA 117 -31.85 8.01 -26.60
CA LEU CA 117 -31.94 7.97 -25.14
C LEU CA 117 -32.80 9.09 -24.58
N THR CA 118 -33.04 10.10 -25.40
CA THR CA 118 -33.69 11.33 -24.94
C THR CA 118 -35.10 11.56 -25.54
N PRO CA 119 -35.90 12.42 -24.88
CA PRO CA 119 -37.22 12.80 -25.44
C PRO CA 119 -37.09 13.35 -26.86
N GLN CA 120 -37.92 12.84 -27.79
CA GLN CA 120 -37.73 13.16 -29.19
C GLN CA 120 -38.43 14.46 -29.57
N LEU CA 121 -37.88 15.57 -29.08
CA LEU CA 121 -38.41 16.92 -29.33
C LEU CA 121 -37.37 17.76 -30.05
N ALA CA 122 -37.83 18.65 -30.91
CA ALA CA 122 -36.91 19.55 -31.62
C ALA CA 122 -37.20 20.99 -31.26
N HIS CA 123 -36.22 21.86 -31.48
CA HIS CA 123 -36.39 23.32 -31.36
C HIS CA 123 -36.89 23.85 -32.69
N VAL CA 124 -37.98 24.59 -32.67
CA VAL CA 124 -38.32 25.38 -33.84
C VAL CA 124 -38.23 26.84 -33.45
N VAL CA 125 -37.39 27.59 -34.15
CA VAL CA 125 -37.26 29.02 -33.93
C VAL CA 125 -38.19 29.78 -34.90
N SER CA 126 -38.66 30.96 -34.49
CA SER CA 126 -39.65 31.71 -35.27
C SER CA 126 -39.25 31.96 -36.72
N ASP CA 127 -37.94 32.06 -37.01
CA ASP CA 127 -37.44 32.21 -38.38
C ASP CA 127 -37.58 30.92 -39.23
N GLY CA 128 -37.91 29.80 -38.58
CA GLY CA 128 -37.99 28.51 -39.25
C GLY CA 128 -36.74 27.63 -39.13
N GLU CA 129 -35.78 28.06 -38.30
CA GLU CA 129 -34.60 27.25 -38.05
C GLU CA 129 -34.97 26.09 -37.09
N VAL CA 130 -34.65 24.87 -37.49
CA VAL CA 130 -34.93 23.69 -36.67
C VAL CA 130 -33.66 23.04 -36.14
N GLN CA 131 -33.65 22.72 -34.86
CA GLN CA 131 -32.54 21.97 -34.29
C GLN CA 131 -33.08 20.75 -33.56
N TYR CA 132 -32.49 19.60 -33.83
CA TYR CA 132 -32.82 18.36 -33.14
C TYR CA 132 -31.52 17.73 -32.65
N THR CA 133 -31.42 17.50 -31.34
CA THR CA 133 -30.21 16.97 -30.74
C THR CA 133 -30.54 15.79 -29.82
N PRO CA 134 -30.81 14.63 -30.42
CA PRO CA 134 -30.99 13.45 -29.58
C PRO CA 134 -29.65 12.93 -29.03
N SER CA 135 -29.69 12.35 -27.83
CA SER CA 135 -28.54 11.57 -27.35
C SER CA 135 -28.71 10.15 -27.82
N ILE CA 136 -27.75 9.67 -28.60
CA ILE CA 136 -27.81 8.34 -29.18
C ILE CA 136 -26.74 7.40 -28.64
N ARG CA 137 -27.13 6.17 -28.32
CA ARG CA 137 -26.17 5.09 -28.13
C ARG CA 137 -26.16 4.18 -29.35
N GLN CA 138 -24.99 3.91 -29.91
CA GLN CA 138 -24.92 3.13 -31.13
C GLN CA 138 -23.57 2.43 -31.31
N ARG CA 139 -23.61 1.26 -31.94
CA ARG CA 139 -22.41 0.47 -32.20
CA ARG CA 139 -22.42 0.46 -32.20
C ARG CA 139 -21.95 0.71 -33.63
N PHE CA 140 -20.65 0.89 -33.77
CA PHE CA 140 -20.04 1.11 -35.07
C PHE CA 140 -18.95 0.10 -35.41
N SER CA 141 -18.79 -0.12 -36.70
CA SER CA 141 -17.69 -0.90 -37.22
C SER CA 141 -16.67 0.09 -37.73
N CYS CA 142 -15.53 0.15 -37.06
CA CYS CA 142 -14.48 1.10 -37.42
C CYS CA 142 -13.11 0.63 -36.95
N ASP CA 143 -12.07 1.39 -37.30
CA ASP CA 143 -10.70 1.02 -36.98
C ASP CA 143 -10.37 1.29 -35.52
N VAL CA 144 -10.26 0.22 -34.74
CA VAL CA 144 -10.00 0.33 -33.31
C VAL CA 144 -8.54 0.03 -32.97
N SER CA 145 -7.75 -0.27 -34.01
CA SER CA 145 -6.33 -0.57 -33.83
C SER CA 145 -5.56 0.61 -33.24
N GLY CA 146 -4.82 0.34 -32.17
CA GLY CA 146 -3.99 1.35 -31.52
C GLY CA 146 -4.67 2.05 -30.36
N VAL CA 147 -5.86 1.55 -29.99
CA VAL CA 147 -6.65 2.15 -28.92
C VAL CA 147 -5.89 2.13 -27.60
N ASP CA 148 -5.02 1.13 -27.45
CA ASP CA 148 -4.27 0.99 -26.21
C ASP CA 148 -2.87 1.63 -26.25
N THR CA 149 -2.56 2.33 -27.35
CA THR CA 149 -1.30 3.06 -27.48
C THR CA 149 -1.47 4.53 -27.10
N GLU CA 150 -0.38 5.29 -27.20
CA GLU CA 150 -0.41 6.70 -26.80
C GLU CA 150 -1.05 7.56 -27.89
N SER CA 151 -0.87 7.18 -29.15
CA SER CA 151 -1.42 7.92 -30.29
C SER CA 151 -2.90 7.60 -30.47
N GLY CA 152 -3.33 6.47 -29.91
CA GLY CA 152 -4.73 6.10 -29.86
C GLY CA 152 -5.26 5.50 -31.14
N ALA CA 153 -6.53 5.07 -31.11
CA ALA CA 153 -7.22 4.63 -32.33
C ALA CA 153 -7.93 5.82 -32.98
N THR CA 154 -8.17 5.72 -34.28
CA THR CA 154 -9.00 6.71 -34.96
C THR CA 154 -10.21 6.07 -35.63
N CYS CA 155 -11.37 6.18 -34.96
CA CYS CA 155 -12.63 5.65 -35.46
C CYS CA 155 -13.34 6.69 -36.34
N ARG CA 156 -13.59 6.29 -37.58
CA ARG CA 156 -14.24 7.16 -38.57
C ARG CA 156 -15.76 6.86 -38.68
N ILE CA 157 -16.60 7.84 -38.34
CA ILE CA 157 -18.05 7.67 -38.45
C ILE CA 157 -18.69 8.45 -39.61
N LYS CA 158 -19.34 7.73 -40.51
CA LYS CA 158 -19.86 8.32 -41.75
C LYS CA 158 -21.38 8.54 -41.68
N ILE CA 159 -21.78 9.81 -41.66
CA ILE CA 159 -23.20 10.16 -41.52
C ILE CA 159 -23.67 11.00 -42.71
N GLY CA 160 -24.76 10.56 -43.34
CA GLY CA 160 -25.35 11.28 -44.45
C GLY CA 160 -26.83 10.96 -44.65
N SER CA 161 -27.48 11.68 -45.56
CA SER CA 161 -28.86 11.37 -45.89
C SER CA 161 -28.89 10.00 -46.56
N TRP CA 162 -29.81 9.16 -46.14
CA TRP CA 162 -29.95 7.85 -46.77
C TRP CA 162 -30.56 7.94 -48.20
N THR CA 163 -31.57 8.80 -48.39
CA THR CA 163 -32.31 8.77 -49.64
C THR CA 163 -32.32 10.08 -50.40
N HIS CA 164 -31.79 11.15 -49.81
CA HIS CA 164 -31.74 12.41 -50.52
C HIS CA 164 -30.33 12.73 -51.03
N HIS CA 165 -30.20 12.98 -52.33
CA HIS CA 165 -28.93 13.32 -52.95
C HIS CA 165 -28.54 14.79 -52.73
N SER CA 166 -27.40 15.19 -53.31
CA SER CA 166 -26.78 16.48 -53.00
C SER CA 166 -27.62 17.72 -53.36
N ARG CA 167 -28.51 17.57 -54.34
CA ARG CA 167 -29.37 18.70 -54.71
C ARG CA 167 -30.58 18.86 -53.78
N GLU CA 168 -30.97 17.77 -53.09
CA GLU CA 168 -32.04 17.83 -52.09
C GLU CA 168 -31.53 18.07 -50.66
N ILE CA 169 -30.48 17.34 -50.26
CA ILE CA 169 -29.86 17.55 -48.96
C ILE CA 169 -28.34 17.69 -49.06
N SER CA 170 -27.81 18.76 -48.47
CA SER CA 170 -26.37 18.88 -48.34
C SER CA 170 -26.04 18.90 -46.86
N VAL CA 171 -25.01 18.12 -46.48
CA VAL CA 171 -24.59 18.06 -45.08
C VAL CA 171 -23.29 18.81 -44.90
N ASP CA 172 -23.18 19.53 -43.79
CA ASP CA 172 -21.94 20.24 -43.46
CA ASP CA 172 -21.94 20.23 -43.46
C ASP CA 172 -21.60 20.13 -41.97
N PRO CA 173 -20.30 20.13 -41.64
CA PRO CA 173 -19.84 20.18 -40.25
C PRO CA 173 -20.13 21.54 -39.61
N THR CA 174 -20.02 21.63 -38.29
CA THR CA 174 -20.29 22.88 -37.58
C THR CA 174 -19.02 23.64 -37.23
N SER CA 178 -17.77 24.70 -30.43
CA SER CA 178 -16.99 24.45 -29.22
C SER CA 178 -15.98 23.31 -29.37
N ASP CA 179 -15.85 22.46 -28.34
CA ASP CA 179 -14.77 21.47 -28.31
C ASP CA 179 -15.18 19.99 -28.21
N ASP CA 180 -14.14 19.17 -28.11
CA ASP CA 180 -14.24 17.74 -28.32
C ASP CA 180 -14.71 17.02 -27.06
N SER CA 181 -13.87 17.02 -26.02
CA SER CA 181 -14.17 16.37 -24.76
C SER CA 181 -15.08 17.24 -23.89
N GLU CA 182 -15.81 18.15 -24.52
CA GLU CA 182 -16.55 19.16 -23.77
C GLU CA 182 -17.58 18.52 -22.83
N TYR CA 183 -18.34 17.55 -23.35
CA TYR CA 183 -19.35 16.87 -22.55
C TYR CA 183 -18.97 15.41 -22.32
N PHE CA 184 -17.75 15.06 -22.70
CA PHE CA 184 -17.29 13.67 -22.56
C PHE CA 184 -17.18 13.25 -21.09
N SER CA 185 -17.68 12.07 -20.78
CA SER CA 185 -17.67 11.58 -19.40
C SER CA 185 -16.27 11.36 -18.88
N GLN CA 186 -15.98 11.93 -17.70
CA GLN CA 186 -14.69 11.72 -17.07
C GLN CA 186 -14.58 10.31 -16.51
N TYR CA 187 -15.71 9.60 -16.49
CA TYR CA 187 -15.75 8.26 -15.91
C TYR CA 187 -15.61 7.16 -16.94
N SER CA 188 -15.41 7.54 -18.19
CA SER CA 188 -15.12 6.57 -19.22
C SER CA 188 -13.74 5.97 -18.98
N ARG CA 189 -13.56 4.72 -19.39
CA ARG CA 189 -12.25 4.09 -19.40
C ARG CA 189 -11.36 4.70 -20.48
N PHE CA 190 -11.97 5.51 -21.35
CA PHE CA 190 -11.26 6.12 -22.48
C PHE CA 190 -11.20 7.64 -22.39
N GLU CA 191 -10.38 8.25 -23.23
CA GLU CA 191 -10.27 9.71 -23.29
C GLU CA 191 -10.10 10.13 -24.74
N ILE CA 192 -10.65 11.29 -25.09
CA ILE CA 192 -10.61 11.75 -26.48
C ILE CA 192 -9.40 12.64 -26.70
N LEU CA 193 -8.64 12.33 -27.74
CA LEU CA 193 -7.47 13.13 -28.10
C LEU CA 193 -7.85 14.22 -29.08
N ASP CA 194 -8.61 13.86 -30.10
CA ASP CA 194 -9.01 14.81 -31.12
C ASP CA 194 -10.25 14.37 -31.90
N VAL CA 195 -11.02 15.35 -32.36
CA VAL CA 195 -12.16 15.07 -33.22
C VAL CA 195 -12.05 15.96 -34.45
N THR CA 196 -11.98 15.33 -35.62
CA THR CA 196 -11.95 16.09 -36.86
C THR CA 196 -13.14 15.69 -37.72
N GLN CA 197 -13.65 16.64 -38.50
CA GLN CA 197 -14.79 16.40 -39.37
C GLN CA 197 -14.41 16.70 -40.81
N LYS CA 198 -14.93 15.92 -41.74
CA LYS CA 198 -14.65 16.16 -43.14
C LYS CA 198 -15.93 15.87 -43.90
N LYS CA 199 -16.17 16.63 -44.96
CA LYS CA 199 -17.36 16.46 -45.79
C LYS CA 199 -16.98 15.73 -47.07
N ASN CA 200 -17.82 14.78 -47.49
CA ASN CA 200 -17.64 14.06 -48.75
C ASN CA 200 -18.87 14.10 -49.64
N SER CA 201 -18.65 13.76 -50.91
CA SER CA 201 -19.72 13.62 -51.88
C SER CA 201 -19.50 12.32 -52.69
N VAL CA 202 -20.36 11.33 -52.50
CA VAL CA 202 -20.11 10.01 -53.07
C VAL CA 202 -21.21 9.60 -54.03
N THR CA 203 -20.81 8.96 -55.13
CA THR CA 203 -21.76 8.38 -56.07
C THR CA 203 -21.88 6.88 -55.84
N TYR CA 204 -23.11 6.39 -55.80
CA TYR CA 204 -23.36 4.98 -55.52
C TYR CA 204 -23.86 4.29 -56.79
N SER CA 205 -23.67 2.98 -56.87
CA SER CA 205 -24.03 2.20 -58.04
C SER CA 205 -25.51 2.32 -58.42
N CYS CA 206 -26.36 2.39 -57.43
CA CYS CA 206 -27.81 2.37 -57.64
C CYS CA 206 -28.30 3.60 -58.40
N CYS CA 207 -27.67 4.74 -58.15
CA CYS CA 207 -28.26 6.03 -58.50
C CYS CA 207 -27.26 6.94 -59.16
N PRO CA 208 -27.73 7.81 -60.06
CA PRO CA 208 -26.85 8.66 -60.87
C PRO CA 208 -26.32 9.89 -60.14
N GLU CA 209 -27.01 10.28 -59.07
CA GLU CA 209 -26.68 11.51 -58.37
C GLU CA 209 -25.68 11.24 -57.25
N ALA CA 210 -25.07 12.31 -56.74
CA ALA CA 210 -24.11 12.17 -55.63
C ALA CA 210 -24.79 12.48 -54.31
N TYR CA 211 -24.44 11.68 -53.31
CA TYR CA 211 -24.99 11.86 -51.98
C TYR CA 211 -23.89 12.40 -51.08
N GLU CA 212 -24.22 13.41 -50.29
CA GLU CA 212 -23.23 13.95 -49.36
C GLU CA 212 -23.24 13.21 -48.01
N ASP CA 213 -22.08 13.16 -47.37
CA ASP CA 213 -21.95 12.65 -46.02
C ASP CA 213 -20.95 13.49 -45.21
N VAL CA 214 -20.99 13.33 -43.89
CA VAL CA 214 -19.95 13.89 -43.05
C VAL CA 214 -19.19 12.73 -42.44
N GLU CA 215 -17.87 12.75 -42.53
CA GLU CA 215 -17.03 11.78 -41.81
C GLU CA 215 -16.43 12.38 -40.57
N VAL CA 216 -16.92 11.96 -39.42
CA VAL CA 216 -16.35 12.40 -38.14
C VAL CA 216 -15.26 11.41 -37.71
N SER CA 217 -14.04 11.89 -37.57
CA SER CA 217 -12.95 11.03 -37.11
C SER CA 217 -12.73 11.22 -35.62
N LEU CA 218 -13.00 10.15 -34.86
CA LEU CA 218 -12.84 10.17 -33.42
C LEU CA 218 -11.49 9.55 -33.02
N ASN CA 219 -10.55 10.40 -32.61
CA ASN CA 219 -9.26 9.92 -32.12
C ASN CA 219 -9.27 9.76 -30.58
N PHE CA 220 -9.24 8.52 -30.12
CA PHE CA 220 -9.38 8.25 -28.70
C PHE CA 220 -8.44 7.12 -28.26
N ARG CA 221 -8.23 7.00 -26.96
CA ARG CA 221 -7.37 5.95 -26.42
C ARG CA 221 -7.79 5.53 -25.02
N LYS CA 222 -7.34 4.33 -24.64
CA LYS CA 222 -7.55 3.82 -23.30
C LYS CA 222 -6.79 4.70 -22.31
N LYS CA 223 -7.46 5.06 -21.21
CA LYS CA 223 -6.78 5.73 -20.10
C LYS CA 223 -5.80 4.80 -19.35
N GLY CA 224 -4.65 5.36 -18.94
CA GLY CA 224 -3.63 4.60 -18.26
C GLY CA 224 -2.35 4.57 -19.08
N LEU DA 20 -47.43 20.59 -60.31
CA LEU DA 20 -47.22 19.68 -59.20
C LEU DA 20 -45.89 19.97 -58.50
N ASP DA 21 -45.92 20.14 -57.19
CA ASP DA 21 -44.69 20.12 -56.40
C ASP DA 21 -44.65 18.86 -55.50
N ARG DA 22 -43.55 18.69 -54.76
CA ARG DA 22 -43.42 17.56 -53.85
C ARG DA 22 -44.60 17.39 -52.92
N ALA DA 23 -44.98 18.48 -52.25
CA ALA DA 23 -46.14 18.49 -51.35
C ALA DA 23 -47.38 17.85 -52.00
N ASP DA 24 -47.68 18.24 -53.24
CA ASP DA 24 -48.86 17.72 -53.91
C ASP DA 24 -48.73 16.23 -54.24
N ILE DA 25 -47.59 15.86 -54.81
CA ILE DA 25 -47.31 14.47 -55.13
C ILE DA 25 -47.45 13.56 -53.92
N LEU DA 26 -46.79 13.95 -52.82
CA LEU DA 26 -46.83 13.18 -51.58
C LEU DA 26 -48.25 13.12 -51.03
N TYR DA 27 -48.98 14.24 -51.15
CA TYR DA 27 -50.38 14.28 -50.76
C TYR DA 27 -51.23 13.27 -51.54
N ASN DA 28 -51.10 13.27 -52.87
CA ASN DA 28 -51.82 12.31 -53.69
C ASN DA 28 -51.47 10.86 -53.35
N ILE DA 29 -50.17 10.60 -53.17
CA ILE DA 29 -49.70 9.27 -52.83
C ILE DA 29 -50.32 8.80 -51.51
N ARG DA 30 -50.28 9.63 -50.52
CA ARG DA 30 -50.86 9.30 -49.27
C ARG DA 30 -52.35 9.14 -49.30
N GLN DA 31 -53.04 10.00 -50.02
CA GLN DA 31 -54.47 9.83 -50.21
C GLN DA 31 -54.92 8.63 -51.03
N THR DA 32 -54.17 8.22 -52.03
CA THR DA 32 -54.63 7.27 -53.03
C THR DA 32 -53.87 5.94 -53.14
N SER DA 33 -52.64 5.88 -52.66
CA SER DA 33 -51.92 4.60 -52.76
C SER DA 33 -52.60 3.60 -51.84
N ARG DA 34 -52.60 2.34 -52.25
CA ARG DA 34 -53.25 1.30 -51.49
C ARG DA 34 -52.17 0.29 -51.04
N PRO DA 35 -51.58 0.53 -49.85
CA PRO DA 35 -50.46 -0.28 -49.32
C PRO DA 35 -50.80 -1.77 -49.20
N ASP DA 36 -52.08 -2.06 -49.02
CA ASP DA 36 -52.57 -3.43 -48.91
C ASP DA 36 -52.73 -4.09 -50.29
N VAL DA 37 -52.58 -3.30 -51.35
CA VAL DA 37 -52.95 -3.79 -52.68
C VAL DA 37 -51.74 -3.95 -53.58
N ILE DA 38 -51.44 -5.19 -53.94
CA ILE DA 38 -50.37 -5.48 -54.86
C ILE DA 38 -50.68 -4.87 -56.24
N PRO DA 39 -49.73 -4.06 -56.76
CA PRO DA 39 -49.94 -3.30 -58.00
C PRO DA 39 -49.75 -4.19 -59.22
N THR DA 40 -50.51 -5.27 -59.26
CA THR DA 40 -50.46 -6.22 -60.35
C THR DA 40 -51.17 -5.64 -61.58
N GLN DA 41 -50.64 -5.99 -62.75
CA GLN DA 41 -51.16 -5.49 -64.02
C GLN DA 41 -52.05 -6.52 -64.72
N ARG DA 42 -52.54 -6.14 -65.89
CA ARG DA 42 -53.51 -6.94 -66.63
C ARG DA 42 -53.04 -8.38 -66.91
N PRO DA 45 -47.59 -10.67 -63.23
CA PRO DA 45 -46.91 -10.51 -61.94
C PRO DA 45 -46.10 -9.21 -61.84
N VAL DA 46 -46.01 -8.68 -60.63
CA VAL DA 46 -45.12 -7.57 -60.36
C VAL DA 46 -43.70 -8.08 -60.40
N ALA DA 47 -42.88 -7.48 -61.25
CA ALA DA 47 -41.46 -7.87 -61.35
C ALA DA 47 -40.63 -7.18 -60.24
N VAL DA 48 -40.19 -7.96 -59.26
CA VAL DA 48 -39.36 -7.42 -58.18
C VAL DA 48 -37.88 -7.76 -58.35
N SER DA 49 -37.04 -6.72 -58.46
CA SER DA 49 -35.58 -6.85 -58.41
C SER DA 49 -35.04 -6.91 -56.97
N VAL DA 50 -34.23 -7.92 -56.69
CA VAL DA 50 -33.57 -8.01 -55.40
C VAL DA 50 -32.08 -8.08 -55.60
N SER DA 51 -31.35 -7.22 -54.90
CA SER DA 51 -29.90 -7.16 -54.98
C SER DA 51 -29.33 -6.86 -53.59
N LEU DA 52 -28.64 -7.84 -53.01
CA LEU DA 52 -27.97 -7.64 -51.72
C LEU DA 52 -26.60 -6.99 -51.90
N LYS DA 53 -26.37 -5.86 -51.24
CA LYS DA 53 -25.07 -5.19 -51.20
C LYS DA 53 -24.51 -5.40 -49.81
N PHE DA 54 -23.55 -6.31 -49.70
CA PHE DA 54 -23.01 -6.65 -48.38
C PHE DA 54 -22.11 -5.55 -47.81
N ILE DA 55 -22.35 -5.24 -46.55
CA ILE DA 55 -21.70 -4.12 -45.89
C ILE DA 55 -20.73 -4.68 -44.85
N ASN DA 56 -21.19 -5.68 -44.11
CA ASN DA 56 -20.38 -6.27 -43.08
C ASN DA 56 -20.75 -7.71 -42.72
N ILE DA 57 -19.76 -8.46 -42.27
CA ILE DA 57 -19.98 -9.78 -41.67
C ILE DA 57 -19.44 -9.74 -40.25
N LEU DA 58 -20.29 -10.05 -39.28
CA LEU DA 58 -20.00 -9.65 -37.91
C LEU DA 58 -19.70 -10.77 -36.97
N GLU DA 59 -20.42 -11.89 -37.10
CA GLU DA 59 -20.26 -12.94 -36.09
C GLU DA 59 -20.48 -14.34 -36.62
N VAL DA 60 -19.41 -14.90 -37.16
CA VAL DA 60 -19.45 -16.22 -37.75
C VAL DA 60 -19.31 -17.24 -36.65
N ASN DA 61 -20.08 -18.33 -36.76
CA ASN DA 61 -19.93 -19.49 -35.86
C ASN DA 61 -19.90 -20.80 -36.65
N GLU DA 62 -18.70 -21.39 -36.79
CA GLU DA 62 -18.52 -22.56 -37.67
C GLU DA 62 -19.11 -23.82 -37.06
N ILE DA 63 -19.26 -23.79 -35.74
CA ILE DA 63 -19.90 -24.89 -35.05
C ILE DA 63 -21.40 -24.90 -35.31
N THR DA 64 -22.06 -23.79 -34.97
CA THR DA 64 -23.52 -23.71 -35.06
C THR DA 64 -24.04 -23.45 -36.50
N ASN DA 65 -23.14 -23.10 -37.40
CA ASN DA 65 -23.49 -22.75 -38.77
C ASN DA 65 -24.42 -21.51 -38.86
N GLU DA 66 -24.01 -20.44 -38.18
CA GLU DA 66 -24.79 -19.21 -38.12
C GLU DA 66 -23.88 -18.02 -38.39
N VAL DA 67 -24.38 -17.08 -39.20
CA VAL DA 67 -23.64 -15.85 -39.48
C VAL DA 67 -24.53 -14.63 -39.23
N ASP DA 68 -23.87 -13.52 -38.91
CA ASP DA 68 -24.54 -12.26 -38.63
C ASP DA 68 -24.07 -11.31 -39.72
N VAL DA 69 -25.00 -10.87 -40.56
CA VAL DA 69 -24.64 -10.08 -41.75
C VAL DA 69 -25.31 -8.72 -41.74
N VAL DA 70 -24.58 -7.72 -42.21
CA VAL DA 70 -25.18 -6.42 -42.51
C VAL DA 70 -25.19 -6.21 -44.02
N PHE DA 71 -26.35 -5.88 -44.58
CA PHE DA 71 -26.45 -5.73 -46.02
C PHE DA 71 -27.58 -4.79 -46.42
N TRP DA 72 -27.42 -4.13 -47.57
CA TRP DA 72 -28.46 -3.29 -48.16
C TRP DA 72 -29.32 -4.20 -49.00
N GLN DA 73 -30.63 -4.21 -48.71
CA GLN DA 73 -31.54 -5.05 -49.46
C GLN DA 73 -32.21 -4.21 -50.52
N GLN DA 74 -31.49 -3.95 -51.59
CA GLN DA 74 -32.03 -3.12 -52.67
C GLN DA 74 -33.19 -3.81 -53.40
N THR DA 75 -34.38 -3.27 -53.20
CA THR DA 75 -35.57 -3.86 -53.77
C THR DA 75 -36.21 -2.86 -54.77
N THR DA 76 -36.53 -3.32 -55.99
CA THR DA 76 -37.03 -2.43 -57.01
C THR DA 76 -38.23 -3.05 -57.72
N TRP DA 77 -39.30 -2.27 -57.82
CA TRP DA 77 -40.48 -2.72 -58.54
C TRP DA 77 -41.25 -1.55 -59.14
N SER DA 78 -42.36 -1.88 -59.78
CA SER DA 78 -43.11 -0.86 -60.50
C SER DA 78 -44.55 -0.80 -60.00
N ASP DA 79 -45.03 0.41 -59.71
CA ASP DA 79 -46.42 0.63 -59.32
C ASP DA 79 -46.95 1.84 -60.10
N ARG DA 80 -47.62 1.56 -61.21
CA ARG DA 80 -48.12 2.62 -62.11
C ARG DA 80 -49.10 3.58 -61.43
N THR DA 81 -49.88 3.08 -60.48
CA THR DA 81 -50.85 3.90 -59.77
C THR DA 81 -50.20 5.05 -59.01
N LEU DA 82 -48.88 5.11 -58.99
CA LEU DA 82 -48.16 6.18 -58.26
C LEU DA 82 -47.58 7.16 -59.25
N ALA DA 83 -47.70 6.85 -60.54
CA ALA DA 83 -47.08 7.67 -61.57
C ALA DA 83 -47.69 9.06 -61.62
N TRP DA 84 -46.93 10.02 -62.12
CA TRP DA 84 -47.43 11.38 -62.31
C TRP DA 84 -46.75 12.06 -63.47
N ASN DA 85 -47.38 13.13 -63.97
CA ASN DA 85 -46.88 13.92 -65.09
C ASN DA 85 -45.72 14.77 -64.59
N SER DA 86 -44.51 14.45 -65.00
CA SER DA 86 -43.32 15.11 -64.46
C SER DA 86 -42.84 16.28 -65.31
N SER DA 87 -43.70 16.82 -66.15
CA SER DA 87 -43.35 17.92 -67.03
C SER DA 87 -42.71 19.10 -66.29
N HIS DA 88 -43.43 19.63 -65.29
CA HIS DA 88 -42.89 20.72 -64.50
C HIS DA 88 -42.91 20.33 -63.03
N SER DA 89 -42.51 19.07 -62.80
CA SER DA 89 -42.58 18.45 -61.48
C SER DA 89 -41.26 17.77 -61.16
N PRO DA 90 -41.04 17.41 -59.88
CA PRO DA 90 -39.89 16.56 -59.51
C PRO DA 90 -39.97 15.21 -60.20
N ASP DA 91 -38.83 14.58 -60.44
CA ASP DA 91 -38.79 13.26 -61.08
C ASP DA 91 -38.91 12.14 -60.06
N GLN DA 92 -38.70 12.51 -58.80
CA GLN DA 92 -38.55 11.53 -57.74
C GLN DA 92 -38.92 12.13 -56.38
N VAL DA 93 -39.52 11.31 -55.52
CA VAL DA 93 -39.79 11.73 -54.14
C VAL DA 93 -39.42 10.61 -53.19
N SER DA 94 -39.31 10.95 -51.91
CA SER DA 94 -39.06 9.95 -50.88
C SER DA 94 -40.33 9.76 -50.07
N VAL DA 95 -40.75 8.50 -49.96
CA VAL DA 95 -42.05 8.20 -49.37
C VAL DA 95 -41.86 7.18 -48.26
N PRO DA 96 -42.45 7.45 -47.11
CA PRO DA 96 -42.53 6.42 -46.07
C PRO DA 96 -43.12 5.11 -46.63
N ILE DA 97 -42.46 3.98 -46.40
CA ILE DA 97 -42.97 2.71 -46.91
C ILE DA 97 -44.34 2.32 -46.35
N SER DA 98 -44.72 2.90 -45.22
CA SER DA 98 -46.05 2.66 -44.66
C SER DA 98 -47.14 3.21 -45.57
N SER DA 99 -46.78 4.15 -46.44
CA SER DA 99 -47.73 4.73 -47.41
C SER DA 99 -47.70 4.07 -48.78
N LEU DA 100 -46.94 2.97 -48.92
CA LEU DA 100 -46.77 2.30 -50.20
C LEU DA 100 -47.02 0.83 -50.06
N TRP DA 101 -47.36 0.18 -51.17
CA TRP DA 101 -47.34 -1.26 -51.17
C TRP DA 101 -45.89 -1.69 -51.31
N VAL DA 102 -45.53 -2.71 -50.56
CA VAL DA 102 -44.16 -3.20 -50.53
C VAL DA 102 -44.21 -4.70 -50.67
N PRO DA 103 -43.31 -5.26 -51.48
CA PRO DA 103 -43.28 -6.72 -51.63
C PRO DA 103 -42.97 -7.40 -50.30
N ASP DA 104 -43.68 -8.49 -50.01
CA ASP DA 104 -43.52 -9.22 -48.75
C ASP DA 104 -42.31 -10.18 -48.73
N LEU DA 105 -41.13 -9.65 -49.06
CA LEU DA 105 -39.93 -10.46 -49.12
C LEU DA 105 -39.52 -10.99 -47.75
N ALA DA 106 -39.02 -12.23 -47.73
CA ALA DA 106 -38.52 -12.80 -46.49
C ALA DA 106 -37.29 -13.62 -46.78
N ALA DA 107 -36.34 -13.67 -45.85
CA ALA DA 107 -35.19 -14.58 -45.95
C ALA DA 107 -35.56 -15.91 -45.29
N TYR DA 108 -35.67 -16.96 -46.09
CA TYR DA 108 -36.13 -18.27 -45.62
C TYR DA 108 -35.28 -18.85 -44.51
N ASN DA 109 -33.99 -18.53 -44.54
CA ASN DA 109 -33.01 -19.16 -43.64
C ASN DA 109 -32.50 -18.15 -42.61
N ALA DA 110 -33.27 -17.08 -42.46
CA ALA DA 110 -33.00 -16.10 -41.40
C ALA DA 110 -33.48 -16.74 -40.10
N ILE DA 111 -32.79 -16.42 -39.02
CA ILE DA 111 -33.12 -16.99 -37.71
C ILE DA 111 -33.27 -15.88 -36.69
N SER DA 112 -33.19 -14.65 -37.17
CA SER DA 112 -33.60 -13.50 -36.39
C SER DA 112 -34.51 -12.66 -37.30
N LYS DA 113 -35.46 -11.90 -36.74
CA LYS DA 113 -36.20 -10.98 -37.59
C LYS DA 113 -35.27 -9.87 -38.03
N PRO DA 114 -35.52 -9.28 -39.22
CA PRO DA 114 -34.59 -8.28 -39.77
C PRO DA 114 -34.58 -7.01 -38.95
N GLU DA 115 -33.38 -6.56 -38.55
CA GLU DA 115 -33.22 -5.29 -37.88
C GLU DA 115 -32.94 -4.25 -38.97
N VAL DA 116 -33.93 -3.38 -39.22
CA VAL DA 116 -33.75 -2.28 -40.17
C VAL DA 116 -33.01 -1.12 -39.53
N LEU DA 117 -31.86 -0.78 -40.09
CA LEU DA 117 -30.95 0.15 -39.45
C LEU DA 117 -31.19 1.58 -39.94
N THR DA 118 -31.88 1.68 -41.07
CA THR DA 118 -31.99 2.95 -41.77
C THR DA 118 -33.45 3.48 -41.80
N PRO DA 119 -33.63 4.80 -42.04
CA PRO DA 119 -34.97 5.41 -42.22
C PRO DA 119 -35.78 4.65 -43.27
N GLN DA 120 -37.01 4.27 -42.93
CA GLN DA 120 -37.79 3.41 -43.83
C GLN DA 120 -38.53 4.23 -44.90
N LEU DA 121 -37.76 4.74 -45.85
CA LEU DA 121 -38.26 5.57 -46.93
C LEU DA 121 -37.91 4.91 -48.26
N ALA DA 122 -38.79 5.08 -49.24
CA ALA DA 122 -38.54 4.52 -50.57
C ALA DA 122 -38.48 5.66 -51.60
N HIS DA 123 -37.85 5.39 -52.75
CA HIS DA 123 -37.91 6.31 -53.88
C HIS DA 123 -39.09 5.95 -54.76
N VAL DA 124 -39.90 6.95 -55.09
CA VAL DA 124 -40.89 6.77 -56.12
C VAL DA 124 -40.52 7.71 -57.24
N VAL DA 125 -40.33 7.14 -58.42
CA VAL DA 125 -40.01 7.93 -59.61
C VAL DA 125 -41.31 8.23 -60.37
N SER DA 126 -41.34 9.31 -61.14
CA SER DA 126 -42.57 9.77 -61.78
C SER DA 126 -43.22 8.71 -62.67
N ASP DA 127 -42.42 7.83 -63.25
CA ASP DA 127 -42.95 6.72 -64.05
C ASP DA 127 -43.60 5.60 -63.23
N GLY DA 128 -43.47 5.65 -61.91
CA GLY DA 128 -44.06 4.63 -61.05
C GLY DA 128 -43.06 3.58 -60.55
N GLU DA 129 -41.79 3.73 -60.92
CA GLU DA 129 -40.80 2.79 -60.41
C GLU DA 129 -40.51 3.13 -58.96
N VAL DA 130 -40.49 2.08 -58.14
CA VAL DA 130 -40.25 2.21 -56.71
C VAL DA 130 -38.96 1.46 -56.33
N GLN DA 131 -38.13 2.13 -55.55
CA GLN DA 131 -36.97 1.48 -55.02
C GLN DA 131 -36.95 1.66 -53.51
N TYR DA 132 -36.68 0.57 -52.79
CA TYR DA 132 -36.51 0.60 -51.36
C TYR DA 132 -35.21 -0.15 -50.99
N THR DA 133 -34.30 0.53 -50.31
CA THR DA 133 -33.01 -0.07 -49.99
C THR DA 133 -32.66 0.09 -48.50
N PRO DA 134 -33.33 -0.67 -47.64
CA PRO DA 134 -32.96 -0.59 -46.23
C PRO DA 134 -31.61 -1.30 -45.97
N SER DA 135 -30.86 -0.78 -45.00
CA SER DA 135 -29.72 -1.51 -44.50
C SER DA 135 -30.22 -2.43 -43.39
N ILE DA 136 -29.92 -3.72 -43.53
CA ILE DA 136 -30.44 -4.71 -42.60
C ILE DA 136 -29.32 -5.46 -41.91
N ARG DA 137 -29.45 -5.63 -40.59
CA ARG DA 137 -28.62 -6.58 -39.87
C ARG DA 137 -29.46 -7.81 -39.55
N GLN DA 138 -28.98 -8.99 -39.92
CA GLN DA 138 -29.76 -10.21 -39.72
C GLN DA 138 -28.87 -11.46 -39.54
N ARG DA 139 -29.40 -12.45 -38.83
CA ARG DA 139 -28.67 -13.66 -38.49
C ARG DA 139 -29.22 -14.79 -39.39
N PHE DA 140 -28.31 -15.50 -40.06
CA PHE DA 140 -28.70 -16.58 -40.97
C PHE DA 140 -28.17 -17.94 -40.56
N SER DA 141 -28.95 -18.98 -40.87
CA SER DA 141 -28.49 -20.35 -40.77
C SER DA 141 -28.00 -20.76 -42.16
N CYS DA 142 -26.70 -21.00 -42.29
CA CYS DA 142 -26.11 -21.40 -43.56
C CYS DA 142 -24.80 -22.17 -43.38
N ASP DA 143 -24.22 -22.58 -44.50
CA ASP DA 143 -22.99 -23.35 -44.48
C ASP DA 143 -21.77 -22.47 -44.26
N VAL DA 144 -21.17 -22.57 -43.07
CA VAL DA 144 -20.06 -21.71 -42.69
C VAL DA 144 -18.75 -22.50 -42.75
N SER DA 145 -18.86 -23.77 -43.16
CA SER DA 145 -17.69 -24.63 -43.23
C SER DA 145 -16.66 -24.13 -44.27
N GLY DA 146 -15.40 -24.03 -43.83
CA GLY DA 146 -14.33 -23.58 -44.70
C GLY DA 146 -14.09 -22.08 -44.64
N VAL DA 147 -14.77 -21.41 -43.71
CA VAL DA 147 -14.64 -19.96 -43.56
C VAL DA 147 -13.20 -19.54 -43.27
N ASP DA 148 -12.44 -20.43 -42.65
CA ASP DA 148 -11.08 -20.11 -42.24
C ASP DA 148 -10.02 -20.60 -43.26
N THR DA 149 -10.48 -21.20 -44.35
CA THR DA 149 -9.59 -21.66 -45.46
C THR DA 149 -9.49 -20.51 -46.50
N GLU DA 150 -8.74 -20.61 -47.61
CA GLU DA 150 -8.75 -19.51 -48.63
C GLU DA 150 -9.89 -19.67 -49.60
N SER DA 151 -10.31 -20.91 -49.85
CA SER DA 151 -11.45 -21.05 -50.72
C SER DA 151 -12.68 -20.45 -50.05
N GLY DA 152 -12.64 -20.40 -48.72
CA GLY DA 152 -13.66 -19.71 -47.96
C GLY DA 152 -14.95 -20.50 -47.82
N ALA DA 153 -15.89 -19.95 -47.06
CA ALA DA 153 -17.20 -20.55 -46.90
C ALA DA 153 -18.14 -20.00 -47.97
N THR DA 154 -19.19 -20.76 -48.28
CA THR DA 154 -20.21 -20.23 -49.17
C THR DA 154 -21.59 -20.25 -48.50
N CYS DA 155 -22.00 -19.10 -47.99
CA CYS DA 155 -23.29 -18.95 -47.34
C CYS DA 155 -24.39 -18.56 -48.35
N ARG DA 156 -25.43 -19.38 -48.41
CA ARG DA 156 -26.50 -19.24 -49.40
C ARG DA 156 -27.75 -18.63 -48.75
N ILE DA 157 -28.14 -17.44 -49.19
CA ILE DA 157 -29.27 -16.72 -48.61
C ILE DA 157 -30.47 -16.73 -49.55
N LYS DA 158 -31.58 -17.30 -49.07
CA LYS DA 158 -32.78 -17.48 -49.89
C LYS DA 158 -33.85 -16.42 -49.61
N ILE DA 159 -34.08 -15.54 -50.57
CA ILE DA 159 -35.07 -14.47 -50.42
C ILE DA 159 -36.17 -14.57 -51.46
N GLY DA 160 -37.42 -14.59 -50.99
CA GLY DA 160 -38.57 -14.59 -51.86
C GLY DA 160 -39.82 -14.02 -51.21
N SER DA 161 -40.88 -13.83 -52.01
CA SER DA 161 -42.16 -13.42 -51.47
C SER DA 161 -42.68 -14.49 -50.53
N TRP DA 162 -43.09 -14.10 -49.34
CA TRP DA 162 -43.69 -15.05 -48.41
C TRP DA 162 -45.07 -15.59 -48.85
N THR DA 163 -45.94 -14.72 -49.34
CA THR DA 163 -47.32 -15.13 -49.59
C THR DA 163 -47.76 -15.01 -51.05
N HIS DA 164 -46.94 -14.39 -51.89
CA HIS DA 164 -47.36 -14.18 -53.29
C HIS DA 164 -46.64 -15.15 -54.21
N HIS DA 165 -47.41 -15.91 -54.99
CA HIS DA 165 -46.82 -16.88 -55.91
C HIS DA 165 -46.33 -16.26 -57.22
N SER DA 166 -45.85 -17.11 -58.13
CA SER DA 166 -45.13 -16.65 -59.33
C SER DA 166 -45.95 -15.76 -60.27
N ARG DA 167 -47.27 -15.93 -60.27
CA ARG DA 167 -48.12 -15.09 -61.09
C ARG DA 167 -48.50 -13.73 -60.48
N GLU DA 168 -48.23 -13.57 -59.18
CA GLU DA 168 -48.42 -12.29 -58.51
C GLU DA 168 -47.09 -11.56 -58.33
N ILE DA 169 -46.07 -12.28 -57.85
CA ILE DA 169 -44.74 -11.70 -57.69
C ILE DA 169 -43.65 -12.59 -58.31
N SER DA 170 -42.83 -12.00 -59.18
CA SER DA 170 -41.64 -12.69 -59.68
C SER DA 170 -40.39 -11.94 -59.20
N VAL DA 171 -39.42 -12.69 -58.69
CA VAL DA 171 -38.19 -12.07 -58.23
C VAL DA 171 -37.06 -12.33 -59.22
N ASP DA 172 -36.20 -11.34 -59.40
CA ASP DA 172 -35.08 -11.46 -60.31
C ASP DA 172 -33.85 -10.75 -59.75
N PRO DA 173 -32.66 -11.31 -60.02
CA PRO DA 173 -31.39 -10.66 -59.65
C PRO DA 173 -31.15 -9.41 -60.51
N THR DA 174 -30.18 -8.59 -60.12
CA THR DA 174 -29.88 -7.36 -60.84
C THR DA 174 -28.67 -7.52 -61.76
N ASP DA 180 -19.07 -6.47 -55.61
CA ASP DA 180 -19.18 -7.39 -54.48
C ASP DA 180 -18.69 -6.72 -53.22
N SER DA 181 -17.44 -6.33 -53.23
CA SER DA 181 -16.83 -5.73 -52.06
C SER DA 181 -17.00 -4.23 -52.10
N GLU DA 182 -17.84 -3.77 -52.99
CA GLU DA 182 -17.95 -2.36 -53.24
C GLU DA 182 -18.19 -1.62 -51.96
N TYR DA 183 -19.24 -1.95 -51.26
CA TYR DA 183 -19.49 -1.20 -50.02
C TYR DA 183 -19.06 -1.99 -48.76
N PHE DA 184 -18.40 -3.11 -48.98
CA PHE DA 184 -18.03 -3.97 -47.87
C PHE DA 184 -16.99 -3.27 -47.00
N SER DA 185 -17.18 -3.37 -45.69
CA SER DA 185 -16.30 -2.74 -44.71
C SER DA 185 -14.88 -3.35 -44.72
N GLN DA 186 -13.88 -2.48 -44.87
CA GLN DA 186 -12.51 -2.93 -44.83
C GLN DA 186 -12.13 -3.30 -43.40
N TYR DA 187 -13.00 -2.97 -42.43
CA TYR DA 187 -12.68 -3.24 -41.03
C TYR DA 187 -13.30 -4.53 -40.50
N SER DA 188 -14.00 -5.25 -41.37
CA SER DA 188 -14.50 -6.57 -41.02
C SER DA 188 -13.32 -7.53 -40.80
N ARG DA 189 -13.53 -8.50 -39.91
CA ARG DA 189 -12.60 -9.60 -39.71
C ARG DA 189 -12.66 -10.53 -40.91
N PHE DA 190 -13.45 -10.15 -41.90
CA PHE DA 190 -13.72 -11.04 -43.03
C PHE DA 190 -13.58 -10.29 -44.36
N GLU DA 191 -13.41 -11.04 -45.45
CA GLU DA 191 -13.43 -10.44 -46.76
C GLU DA 191 -14.36 -11.22 -47.70
N ILE DA 192 -14.80 -10.61 -48.80
CA ILE DA 192 -15.67 -11.29 -49.75
C ILE DA 192 -14.91 -11.71 -51.00
N LEU DA 193 -14.99 -13.00 -51.33
CA LEU DA 193 -14.33 -13.53 -52.51
C LEU DA 193 -15.22 -13.40 -53.74
N ASP DA 194 -16.47 -13.83 -53.60
CA ASP DA 194 -17.41 -13.78 -54.70
C ASP DA 194 -18.87 -13.77 -54.24
N VAL DA 195 -19.72 -13.12 -55.02
CA VAL DA 195 -21.16 -13.14 -54.79
C VAL DA 195 -21.88 -13.54 -56.07
N THR DA 196 -22.60 -14.64 -56.01
CA THR DA 196 -23.37 -15.10 -57.17
C THR DA 196 -24.84 -15.17 -56.80
N GLN DA 197 -25.71 -14.90 -57.77
CA GLN DA 197 -27.13 -14.90 -57.52
C GLN DA 197 -27.80 -15.92 -58.43
N LYS DA 198 -28.87 -16.54 -57.92
CA LYS DA 198 -29.58 -17.55 -58.70
C LYS DA 198 -31.06 -17.53 -58.40
N LYS DA 199 -31.87 -17.57 -59.46
CA LYS DA 199 -33.31 -17.54 -59.30
C LYS DA 199 -33.91 -18.94 -59.32
N ASN DA 200 -34.84 -19.19 -58.40
CA ASN DA 200 -35.54 -20.46 -58.31
C ASN DA 200 -37.05 -20.29 -58.27
N SER DA 201 -37.74 -21.40 -58.51
CA SER DA 201 -39.18 -21.43 -58.48
C SER DA 201 -39.59 -22.73 -57.79
N VAL DA 202 -40.14 -22.61 -56.58
CA VAL DA 202 -40.37 -23.77 -55.72
C VAL DA 202 -41.85 -23.95 -55.41
N THR DA 203 -42.30 -25.20 -55.40
CA THR DA 203 -43.64 -25.55 -54.96
C THR DA 203 -43.61 -26.08 -53.53
N TYR DA 204 -44.47 -25.54 -52.68
CA TYR DA 204 -44.54 -25.96 -51.29
C TYR DA 204 -45.77 -26.81 -51.04
N SER DA 205 -45.75 -27.60 -49.97
CA SER DA 205 -46.82 -28.54 -49.66
C SER DA 205 -48.18 -27.88 -49.45
N CYS DA 206 -48.16 -26.70 -48.85
CA CYS DA 206 -49.37 -25.99 -48.49
C CYS DA 206 -50.20 -25.62 -49.71
N CYS DA 207 -49.52 -25.22 -50.79
CA CYS DA 207 -50.16 -24.49 -51.86
C CYS DA 207 -49.82 -25.11 -53.20
N PRO DA 208 -50.76 -25.02 -54.15
CA PRO DA 208 -50.58 -25.60 -55.49
C PRO DA 208 -49.68 -24.78 -56.41
N GLU DA 209 -49.49 -23.49 -56.13
CA GLU DA 209 -48.73 -22.60 -57.01
C GLU DA 209 -47.25 -22.62 -56.69
N ALA DA 210 -46.45 -22.07 -57.60
CA ALA DA 210 -45.02 -21.98 -57.38
C ALA DA 210 -44.64 -20.59 -56.88
N TYR DA 211 -43.71 -20.56 -55.92
CA TYR DA 211 -43.21 -19.32 -55.35
C TYR DA 211 -41.78 -19.12 -55.79
N GLU DA 212 -41.47 -17.93 -56.29
CA GLU DA 212 -40.13 -17.63 -56.74
C GLU DA 212 -39.26 -17.12 -55.59
N ASP DA 213 -37.96 -17.41 -55.67
CA ASP DA 213 -36.98 -16.87 -54.74
C ASP DA 213 -35.68 -16.52 -55.44
N VAL DA 214 -34.85 -15.74 -54.78
CA VAL DA 214 -33.50 -15.55 -55.25
C VAL DA 214 -32.57 -16.13 -54.20
N GLU DA 215 -31.63 -16.96 -54.65
CA GLU DA 215 -30.57 -17.45 -53.76
C GLU DA 215 -29.30 -16.67 -54.02
N VAL DA 216 -28.89 -15.88 -53.03
CA VAL DA 216 -27.63 -15.15 -53.09
C VAL DA 216 -26.58 -16.00 -52.40
N SER DA 217 -25.55 -16.41 -53.15
CA SER DA 217 -24.42 -17.15 -52.57
C SER DA 217 -23.27 -16.20 -52.20
N LEU DA 218 -23.00 -16.10 -50.91
CA LEU DA 218 -21.94 -15.24 -50.44
C LEU DA 218 -20.73 -16.12 -50.14
N ASN DA 219 -19.69 -15.98 -50.96
CA ASN DA 219 -18.44 -16.68 -50.73
C ASN DA 219 -17.47 -15.74 -49.99
N PHE DA 220 -17.15 -16.11 -48.77
CA PHE DA 220 -16.32 -15.24 -47.93
C PHE DA 220 -15.37 -16.04 -47.07
N ARG DA 221 -14.34 -15.37 -46.55
CA ARG DA 221 -13.36 -16.02 -45.66
C ARG DA 221 -12.82 -15.04 -44.62
N LYS DA 222 -12.29 -15.55 -43.52
CA LYS DA 222 -11.63 -14.74 -42.52
C LYS DA 222 -10.34 -14.20 -43.06
N LYS DA 223 -10.00 -13.00 -42.66
CA LYS DA 223 -8.76 -12.33 -43.01
C LYS DA 223 -7.56 -12.90 -42.23
N GLY DA 224 -6.36 -12.45 -42.56
CA GLY DA 224 -5.13 -12.92 -41.94
C GLY DA 224 -3.95 -11.98 -42.08
N LEU EA 20 -7.77 96.51 -34.27
CA LEU EA 20 -7.44 95.09 -34.17
C LEU EA 20 -6.73 94.71 -32.84
N ASP EA 21 -7.26 93.72 -32.13
CA ASP EA 21 -6.53 93.12 -31.02
C ASP EA 21 -6.21 91.67 -31.34
N ARG EA 22 -5.46 91.00 -30.44
CA ARG EA 22 -5.00 89.63 -30.67
C ARG EA 22 -6.16 88.71 -31.05
N ALA EA 23 -7.24 88.79 -30.28
CA ALA EA 23 -8.45 87.99 -30.54
C ALA EA 23 -8.93 88.11 -32.00
N ASP EA 24 -8.99 89.33 -32.53
CA ASP EA 24 -9.41 89.51 -33.93
C ASP EA 24 -8.41 88.93 -34.93
N ILE EA 25 -7.12 89.22 -34.71
CA ILE EA 25 -6.07 88.74 -35.58
C ILE EA 25 -6.08 87.22 -35.66
N LEU EA 26 -6.19 86.58 -34.50
CA LEU EA 26 -6.17 85.13 -34.45
C LEU EA 26 -7.44 84.56 -35.08
N TYR EA 27 -8.56 85.24 -34.85
CA TYR EA 27 -9.80 84.86 -35.49
C TYR EA 27 -9.66 84.92 -37.04
N ASN EA 28 -9.10 86.01 -37.57
CA ASN EA 28 -8.96 86.13 -39.01
C ASN EA 28 -8.05 85.04 -39.55
N ILE EA 29 -6.97 84.81 -38.85
CA ILE EA 29 -5.99 83.86 -39.27
C ILE EA 29 -6.60 82.47 -39.34
N ARG EA 30 -7.39 82.13 -38.35
CA ARG EA 30 -8.14 80.89 -38.29
C ARG EA 30 -9.22 80.77 -39.35
N GLN EA 31 -9.93 81.84 -39.57
CA GLN EA 31 -10.93 81.87 -40.61
C GLN EA 31 -10.41 81.78 -42.02
N THR EA 32 -9.23 82.32 -42.27
CA THR EA 32 -8.82 82.60 -43.65
C THR EA 32 -7.49 81.99 -44.10
N SER EA 33 -6.62 81.62 -43.16
CA SER EA 33 -5.37 81.00 -43.57
C SER EA 33 -5.69 79.64 -44.18
N ARG EA 34 -4.88 79.24 -45.15
CA ARG EA 34 -5.12 77.99 -45.85
C ARG EA 34 -3.91 77.09 -45.63
N PRO EA 35 -3.93 76.29 -44.55
CA PRO EA 35 -2.80 75.47 -44.14
C PRO EA 35 -2.35 74.54 -45.26
N ASP EA 36 -3.28 74.15 -46.11
CA ASP EA 36 -3.00 73.24 -47.22
C ASP EA 36 -2.33 73.96 -48.40
N VAL EA 37 -2.27 75.28 -48.35
CA VAL EA 37 -1.91 76.08 -49.52
C VAL EA 37 -0.58 76.79 -49.32
N ILE EA 38 0.40 76.39 -50.12
CA ILE EA 38 1.70 77.03 -50.07
C ILE EA 38 1.59 78.49 -50.51
N PRO EA 39 2.06 79.41 -49.66
CA PRO EA 39 1.95 80.85 -49.89
C PRO EA 39 2.97 81.31 -50.91
N THR EA 40 2.96 80.71 -52.08
CA THR EA 40 3.76 81.12 -53.23
C THR EA 40 3.30 82.49 -53.81
N GLN EA 41 4.20 83.33 -54.30
CA GLN EA 41 3.81 84.61 -54.93
C GLN EA 41 4.28 84.81 -56.37
N ARG EA 42 3.38 85.12 -57.28
CA ARG EA 42 3.71 85.41 -58.67
C ARG EA 42 4.50 84.29 -59.22
N ASP EA 43 4.21 83.10 -58.72
CA ASP EA 43 5.03 81.95 -59.02
C ASP EA 43 6.50 82.30 -58.88
N ARG EA 44 6.85 82.79 -57.70
CA ARG EA 44 8.21 82.84 -57.25
C ARG EA 44 8.26 82.04 -55.98
N PRO EA 45 9.36 81.21 -55.85
CA PRO EA 45 9.31 80.29 -54.72
C PRO EA 45 9.26 80.96 -53.37
N VAL EA 46 8.78 80.22 -52.40
CA VAL EA 46 8.79 80.65 -51.03
C VAL EA 46 10.13 80.39 -50.41
N ALA EA 47 10.70 81.43 -49.82
CA ALA EA 47 12.05 81.37 -49.26
C ALA EA 47 12.02 80.91 -47.80
N VAL EA 48 12.55 79.70 -47.54
CA VAL EA 48 12.55 79.13 -46.20
C VAL EA 48 13.95 79.15 -45.59
N SER EA 49 14.09 79.84 -44.46
CA SER EA 49 15.31 79.79 -43.66
C SER EA 49 15.30 78.59 -42.71
N VAL EA 50 16.39 77.84 -42.70
CA VAL EA 50 16.57 76.74 -41.74
C VAL EA 50 17.87 76.95 -40.98
N SER EA 51 17.79 76.86 -39.66
CA SER EA 51 18.95 77.04 -38.79
C SER EA 51 18.80 76.11 -37.60
N LEU EA 52 19.68 75.12 -37.51
CA LEU EA 52 19.66 74.21 -36.37
C LEU EA 52 20.46 74.79 -35.20
N LYS EA 53 19.81 74.90 -34.04
CA LYS EA 53 20.48 75.29 -32.80
C LYS EA 53 20.63 74.04 -31.92
N PHE EA 54 21.84 73.50 -31.84
CA PHE EA 54 22.04 72.24 -31.12
C PHE EA 54 21.97 72.44 -29.62
N ILE EA 55 21.21 71.57 -28.96
CA ILE EA 55 20.96 71.70 -27.54
C ILE EA 55 21.68 70.55 -26.81
N ASN EA 56 21.61 69.35 -27.40
CA ASN EA 56 22.24 68.20 -26.78
C ASN EA 56 22.54 67.09 -27.77
N ILE EA 57 23.55 66.28 -27.43
CA ILE EA 57 23.88 65.05 -28.16
C ILE EA 57 23.85 63.94 -27.13
N LEU EA 58 23.01 62.95 -27.36
CA LEU EA 58 22.60 62.05 -26.28
C LEU EA 58 23.13 60.63 -26.35
N GLU EA 59 23.11 60.04 -27.55
CA GLU EA 59 23.36 58.60 -27.65
C GLU EA 59 24.20 58.18 -28.86
N VAL EA 60 25.49 58.51 -28.85
CA VAL EA 60 26.38 58.19 -29.96
C VAL EA 60 26.72 56.68 -30.05
N ASN EA 61 26.70 56.15 -31.26
CA ASN EA 61 27.12 54.77 -31.49
C ASN EA 61 28.07 54.69 -32.68
N GLU EA 62 29.36 54.55 -32.40
CA GLU EA 62 30.37 54.60 -33.46
C GLU EA 62 30.31 53.36 -34.34
N ILE EA 63 29.79 52.26 -33.79
CA ILE EA 63 29.66 51.02 -34.55
C ILE EA 63 28.56 51.15 -35.59
N THR EA 64 27.35 51.49 -35.12
CA THR EA 64 26.17 51.55 -35.98
C THR EA 64 26.06 52.85 -36.77
N ASN EA 65 26.90 53.83 -36.44
CA ASN EA 65 26.86 55.14 -37.11
C ASN EA 65 25.52 55.86 -36.93
N GLU EA 66 25.06 55.92 -35.69
CA GLU EA 66 23.80 56.56 -35.35
C GLU EA 66 24.00 57.50 -34.17
N VAL EA 67 23.39 58.68 -34.25
CA VAL EA 67 23.43 59.64 -33.15
C VAL EA 67 22.03 60.09 -32.77
N ASP EA 68 21.89 60.47 -31.50
CA ASP EA 68 20.63 60.96 -30.98
C ASP EA 68 20.85 62.44 -30.62
N VAL EA 69 20.14 63.33 -31.31
CA VAL EA 69 20.35 64.77 -31.17
C VAL EA 69 19.08 65.52 -30.75
N VAL EA 70 19.28 66.53 -29.90
CA VAL EA 70 18.23 67.47 -29.54
C VAL EA 70 18.64 68.82 -30.09
N PHE EA 71 17.78 69.42 -30.87
CA PHE EA 71 18.11 70.68 -31.51
C PHE EA 71 16.84 71.49 -31.78
N TRP EA 72 16.97 72.81 -31.78
CA TRP EA 72 15.90 73.72 -32.20
C TRP EA 72 15.95 73.82 -33.69
N GLN EA 73 14.86 73.44 -34.34
CA GLN EA 73 14.77 73.61 -35.79
C GLN EA 73 14.11 74.94 -36.14
N GLN EA 74 14.87 76.03 -36.07
CA GLN EA 74 14.36 77.36 -36.37
C GLN EA 74 14.05 77.53 -37.84
N THR EA 75 12.77 77.65 -38.15
CA THR EA 75 12.29 77.72 -39.53
C THR EA 75 11.58 79.05 -39.77
N THR EA 76 11.97 79.76 -40.83
CA THR EA 76 11.44 81.08 -41.06
C THR EA 76 11.05 81.25 -42.51
N TRP EA 77 9.85 81.78 -42.73
CA TRP EA 77 9.35 82.04 -44.08
C TRP EA 77 8.31 83.13 -44.07
N SER EA 78 7.77 83.42 -45.25
CA SER EA 78 6.88 84.54 -45.38
C SER EA 78 5.55 84.10 -45.97
N ASP EA 79 4.46 84.59 -45.39
CA ASP EA 79 3.11 84.34 -45.90
C ASP EA 79 2.32 85.63 -45.82
N ARG EA 80 2.23 86.35 -46.94
CA ARG EA 80 1.60 87.68 -46.98
C ARG EA 80 0.11 87.64 -46.66
N THR EA 81 -0.55 86.54 -47.00
CA THR EA 81 -1.96 86.36 -46.71
C THR EA 81 -2.30 86.42 -45.22
N LEU EA 82 -1.28 86.44 -44.36
CA LEU EA 82 -1.49 86.52 -42.91
C LEU EA 82 -1.26 87.93 -42.40
N ALA EA 83 -0.75 88.80 -43.28
CA ALA EA 83 -0.35 90.16 -42.87
C ALA EA 83 -1.53 90.97 -42.39
N TRP EA 84 -1.27 91.96 -41.53
CA TRP EA 84 -2.33 92.87 -41.08
C TRP EA 84 -1.77 94.27 -40.82
N ASN EA 85 -2.66 95.25 -40.75
CA ASN EA 85 -2.29 96.62 -40.44
C ASN EA 85 -1.99 96.76 -38.95
N SER EA 86 -0.72 96.94 -38.60
CA SER EA 86 -0.28 96.93 -37.21
C SER EA 86 -0.24 98.31 -36.57
N SER EA 87 -0.95 99.27 -37.17
CA SER EA 87 -0.93 100.65 -36.68
C SER EA 87 -1.28 100.75 -35.19
N HIS EA 88 -2.42 100.21 -34.81
CA HIS EA 88 -2.83 100.20 -33.42
C HIS EA 88 -3.10 98.77 -32.99
N SER EA 89 -2.22 97.87 -33.40
CA SER EA 89 -2.40 96.45 -33.20
C SER EA 89 -1.09 95.87 -32.71
N PRO EA 90 -1.11 94.62 -32.18
CA PRO EA 90 0.13 93.89 -31.87
C PRO EA 90 0.98 93.67 -33.12
N ASP EA 91 2.29 93.55 -32.95
CA ASP EA 91 3.19 93.35 -34.09
C ASP EA 91 3.30 91.86 -34.39
N GLN EA 92 2.88 91.06 -33.41
CA GLN EA 92 3.20 89.63 -33.40
C GLN EA 92 2.15 88.84 -32.62
N VAL EA 93 1.83 87.65 -33.12
CA VAL EA 93 0.99 86.72 -32.36
C VAL EA 93 1.57 85.31 -32.41
N SER EA 94 1.12 84.47 -31.48
CA SER EA 94 1.50 83.07 -31.51
C SER EA 94 0.31 82.27 -32.01
N VAL EA 95 0.56 81.43 -33.01
CA VAL EA 95 -0.51 80.73 -33.66
C VAL EA 95 -0.14 79.27 -33.66
N PRO EA 96 -1.12 78.40 -33.35
CA PRO EA 96 -0.97 76.95 -33.55
C PRO EA 96 -0.59 76.63 -35.01
N ILE EA 97 0.45 75.84 -35.23
CA ILE EA 97 0.84 75.52 -36.60
C ILE EA 97 -0.25 74.79 -37.39
N SER EA 98 -1.21 74.20 -36.69
CA SER EA 98 -2.31 73.52 -37.38
C SER EA 98 -3.20 74.52 -38.13
N SER EA 99 -3.08 75.79 -37.74
CA SER EA 99 -3.82 76.88 -38.38
C SER EA 99 -2.99 77.62 -39.42
N LEU EA 100 -1.80 77.12 -39.73
CA LEU EA 100 -0.91 77.79 -40.67
C LEU EA 100 -0.39 76.83 -41.71
N TRP EA 101 -0.01 77.35 -42.86
CA TRP EA 101 0.76 76.53 -43.78
C TRP EA 101 2.17 76.48 -43.24
N VAL EA 102 2.76 75.29 -43.30
CA VAL EA 102 4.09 75.04 -42.77
C VAL EA 102 4.88 74.29 -43.82
N PRO EA 103 6.14 74.69 -44.05
CA PRO EA 103 6.98 73.96 -45.01
C PRO EA 103 7.14 72.47 -44.63
N ASP EA 104 7.05 71.60 -45.63
CA ASP EA 104 7.15 70.16 -45.39
C ASP EA 104 8.60 69.65 -45.28
N LEU EA 105 9.38 70.25 -44.39
CA LEU EA 105 10.78 69.89 -44.23
C LEU EA 105 10.94 68.48 -43.64
N ALA EA 106 11.96 67.77 -44.09
CA ALA EA 106 12.30 66.46 -43.53
C ALA EA 106 13.80 66.31 -43.46
N ALA EA 107 14.27 65.58 -42.47
CA ALA EA 107 15.68 65.20 -42.41
C ALA EA 107 15.84 63.89 -43.18
N TYR EA 108 16.56 63.95 -44.30
CA TYR EA 108 16.73 62.79 -45.17
C TYR EA 108 17.35 61.59 -44.49
N ASN EA 109 18.27 61.86 -43.56
CA ASN EA 109 19.01 60.77 -42.91
C ASN EA 109 18.54 60.51 -41.49
N ALA EA 110 17.35 61.01 -41.17
CA ALA EA 110 16.71 60.69 -39.90
C ALA EA 110 16.22 59.24 -39.94
N ILE EA 111 16.32 58.54 -38.82
CA ILE EA 111 15.91 57.13 -38.78
C ILE EA 111 14.85 56.93 -37.71
N SER EA 112 14.48 58.03 -37.07
CA SER EA 112 13.29 58.03 -36.20
C SER EA 112 12.46 59.19 -36.65
N LYS EA 113 11.14 59.15 -36.40
CA LYS EA 113 10.34 60.33 -36.72
C LYS EA 113 10.61 61.39 -35.65
N PRO EA 114 10.56 62.67 -36.04
CA PRO EA 114 10.92 63.75 -35.10
C PRO EA 114 10.02 63.78 -33.87
N GLU EA 115 10.64 63.76 -32.69
CA GLU EA 115 9.91 63.94 -31.44
C GLU EA 115 9.90 65.45 -31.14
N VAL EA 116 8.72 66.08 -31.27
CA VAL EA 116 8.61 67.51 -30.95
C VAL EA 116 8.41 67.66 -29.45
N LEU EA 117 9.33 68.36 -28.79
CA LEU EA 117 9.36 68.47 -27.35
C LEU EA 117 8.61 69.67 -26.83
N THR EA 118 8.36 70.64 -27.70
CA THR EA 118 7.81 71.92 -27.30
C THR EA 118 6.42 72.17 -27.87
N PRO EA 119 5.66 73.12 -27.26
CA PRO EA 119 4.33 73.52 -27.75
C PRO EA 119 4.40 73.91 -29.22
N GLN EA 120 3.48 73.38 -30.03
CA GLN EA 120 3.57 73.60 -31.48
C GLN EA 120 2.91 74.91 -31.93
N LEU EA 121 3.57 76.01 -31.59
CA LEU EA 121 3.09 77.36 -31.90
C LEU EA 121 4.16 78.08 -32.73
N ALA EA 122 3.69 78.96 -33.62
CA ALA EA 122 4.61 79.73 -34.45
C ALA EA 122 4.36 81.21 -34.19
N HIS EA 123 5.34 82.05 -34.51
CA HIS EA 123 5.18 83.50 -34.45
C HIS EA 123 4.71 83.94 -35.82
N VAL EA 124 3.67 84.75 -35.84
CA VAL EA 124 3.31 85.44 -37.07
C VAL EA 124 3.46 86.92 -36.80
N VAL EA 125 4.28 87.57 -37.61
CA VAL EA 125 4.51 89.01 -37.49
C VAL EA 125 3.55 89.73 -38.45
N SER EA 126 3.18 90.98 -38.14
CA SER EA 126 2.19 91.72 -38.92
C SER EA 126 2.51 91.81 -40.41
N ASP EA 127 3.80 91.81 -40.76
CA ASP EA 127 4.21 91.82 -42.17
C ASP EA 127 3.98 90.49 -42.89
N GLY EA 128 3.59 89.46 -42.15
CA GLY EA 128 3.41 88.14 -42.72
C GLY EA 128 4.59 87.21 -42.56
N GLU EA 129 5.61 87.63 -41.82
CA GLU EA 129 6.72 86.73 -41.58
C GLU EA 129 6.35 85.70 -40.51
N VAL EA 130 6.63 84.45 -40.81
CA VAL EA 130 6.34 83.36 -39.90
C VAL EA 130 7.62 82.69 -39.43
N GLN EA 131 7.74 82.51 -38.12
CA GLN EA 131 8.82 81.72 -37.56
C GLN EA 131 8.28 80.58 -36.72
N TYR EA 132 8.82 79.39 -36.90
CA TYR EA 132 8.47 78.23 -36.10
C TYR EA 132 9.77 77.56 -35.62
N THR EA 133 9.93 77.41 -34.31
CA THR EA 133 11.17 76.89 -33.75
C THR EA 133 10.94 75.77 -32.74
N PRO EA 134 10.54 74.58 -33.22
CA PRO EA 134 10.33 73.49 -32.28
C PRO EA 134 11.67 72.95 -31.78
N SER EA 135 11.68 72.47 -30.54
CA SER EA 135 12.81 71.68 -30.08
C SER EA 135 12.51 70.24 -30.42
N ILE EA 136 13.43 69.62 -31.14
CA ILE EA 136 13.25 68.27 -31.64
C ILE EA 136 14.33 67.30 -31.13
N ARG EA 137 13.91 66.14 -30.67
CA ARG EA 137 14.82 65.05 -30.45
C ARG EA 137 14.65 64.05 -31.58
N GLN EA 138 15.77 63.68 -32.22
CA GLN EA 138 15.71 62.79 -33.38
C GLN EA 138 17.01 61.99 -33.55
N ARG EA 139 16.89 60.76 -34.06
CA ARG EA 139 18.06 59.91 -34.27
C ARG EA 139 18.45 59.97 -35.75
N PHE EA 140 19.74 60.13 -36.03
CA PHE EA 140 20.24 60.22 -37.39
C PHE EA 140 21.25 59.13 -37.73
N SER EA 141 21.28 58.77 -39.00
CA SER EA 141 22.34 57.92 -39.56
C SER EA 141 23.38 58.83 -40.21
N CYS EA 142 24.59 58.86 -39.64
CA CYS EA 142 25.64 59.71 -40.15
C CYS EA 142 27.02 59.20 -39.72
N ASP EA 143 28.06 59.87 -40.19
CA ASP EA 143 29.43 59.46 -39.91
C ASP EA 143 29.86 59.85 -38.50
N VAL EA 144 29.93 58.84 -37.63
CA VAL EA 144 30.30 59.05 -36.24
C VAL EA 144 31.78 58.71 -35.99
N SER EA 145 32.48 58.30 -37.04
CA SER EA 145 33.89 57.95 -36.93
C SER EA 145 34.75 59.12 -36.46
N GLY EA 146 35.54 58.90 -35.41
CA GLY EA 146 36.46 59.90 -34.92
C GLY EA 146 35.89 60.71 -33.78
N VAL EA 147 34.71 60.30 -33.31
CA VAL EA 147 34.03 61.00 -32.23
C VAL EA 147 34.88 61.05 -30.96
N ASP EA 148 35.72 60.04 -30.78
CA ASP EA 148 36.55 59.94 -29.58
C ASP EA 148 37.96 60.48 -29.78
N THR EA 149 38.24 61.08 -30.93
CA THR EA 149 39.51 61.73 -31.19
C THR EA 149 39.43 63.24 -30.93
N GLU EA 150 40.53 63.94 -31.18
CA GLU EA 150 40.58 65.35 -30.85
C GLU EA 150 39.94 66.17 -31.99
N SER EA 151 40.07 65.69 -33.22
CA SER EA 151 39.47 66.37 -34.37
C SER EA 151 37.97 66.13 -34.44
N GLY EA 152 37.50 65.09 -33.76
CA GLY EA 152 36.08 64.80 -33.61
C GLY EA 152 35.44 64.12 -34.81
N ALA EA 153 34.15 63.78 -34.67
CA ALA EA 153 33.35 63.27 -35.77
C ALA EA 153 32.64 64.43 -36.48
N THR EA 154 32.31 64.23 -37.75
CA THR EA 154 31.51 65.22 -38.47
C THR EA 154 30.21 64.58 -39.00
N CYS EA 155 29.11 64.86 -38.29
CA CYS EA 155 27.82 64.33 -38.66
C CYS EA 155 27.09 65.31 -39.57
N ARG EA 156 26.70 64.83 -40.75
CA ARG EA 156 26.08 65.67 -41.76
C ARG EA 156 24.56 65.44 -41.79
N ILE EA 157 23.78 66.47 -41.48
CA ILE EA 157 22.33 66.36 -41.45
C ILE EA 157 21.70 67.07 -42.64
N LYS EA 158 20.92 66.32 -43.42
CA LYS EA 158 20.33 66.82 -44.66
C LYS EA 158 18.83 67.16 -44.51
N ILE EA 159 18.51 68.45 -44.57
CA ILE EA 159 17.11 68.91 -44.39
C ILE EA 159 16.59 69.66 -45.60
N GLY EA 160 15.45 69.22 -46.12
CA GLY EA 160 14.84 69.90 -47.26
C GLY EA 160 13.34 69.64 -47.35
N SER EA 161 12.66 70.32 -48.28
CA SER EA 161 11.25 70.05 -48.52
C SER EA 161 11.11 68.64 -49.10
N TRP EA 162 10.18 67.87 -48.55
CA TRP EA 162 9.96 66.53 -49.05
C TRP EA 162 9.26 66.50 -50.41
N THR EA 163 8.29 67.41 -50.62
CA THR EA 163 7.46 67.36 -51.83
C THR EA 163 7.46 68.60 -52.69
N HIS EA 164 8.09 69.67 -52.22
CA HIS EA 164 8.10 70.90 -53.02
C HIS EA 164 9.47 71.10 -53.64
N HIS EA 165 9.51 71.29 -54.95
CA HIS EA 165 10.78 71.50 -55.68
C HIS EA 165 11.24 72.96 -55.62
N SER EA 166 12.40 73.24 -56.24
CA SER EA 166 13.07 74.54 -56.12
C SER EA 166 12.25 75.75 -56.55
N ARG EA 167 11.28 75.57 -57.44
CA ARG EA 167 10.37 76.66 -57.87
C ARG EA 167 9.24 76.96 -56.87
N GLU EA 168 8.98 76.03 -55.97
CA GLU EA 168 7.96 76.20 -54.95
C GLU EA 168 8.58 76.53 -53.58
N ILE EA 169 9.59 75.77 -53.19
CA ILE EA 169 10.32 76.02 -51.94
C ILE EA 169 11.84 76.06 -52.16
N SER EA 170 12.45 77.16 -51.71
CA SER EA 170 13.90 77.23 -51.64
C SER EA 170 14.35 77.32 -50.19
N VAL EA 171 15.33 76.50 -49.82
CA VAL EA 171 15.87 76.53 -48.47
C VAL EA 171 17.22 77.24 -48.43
N ASP EA 172 17.45 78.01 -47.37
CA ASP EA 172 18.71 78.74 -47.20
C ASP EA 172 19.14 78.73 -45.73
N PRO EA 173 20.46 78.66 -45.50
CA PRO EA 173 21.02 78.80 -44.14
C PRO EA 173 20.82 80.24 -43.60
N THR EA 174 21.03 80.41 -42.31
CA THR EA 174 20.87 81.72 -41.69
C THR EA 174 22.19 82.44 -41.49
N GLU EA 182 25.98 77.79 -28.57
CA GLU EA 182 25.34 78.88 -27.85
C GLU EA 182 24.33 78.39 -26.81
N TYR EA 183 23.49 77.43 -27.21
CA TYR EA 183 22.52 76.86 -26.29
C TYR EA 183 22.83 75.41 -25.97
N PHE EA 184 24.02 74.97 -26.37
CA PHE EA 184 24.40 73.57 -26.17
C PHE EA 184 24.59 73.28 -24.68
N SER EA 185 24.04 72.15 -24.23
CA SER EA 185 24.12 71.75 -22.82
C SER EA 185 25.56 71.49 -22.38
N GLN EA 186 25.95 72.14 -21.29
CA GLN EA 186 27.26 71.90 -20.71
C GLN EA 186 27.33 70.52 -20.02
N TYR EA 187 26.18 69.88 -19.87
CA TYR EA 187 26.10 68.58 -19.20
C TYR EA 187 26.09 67.38 -20.16
N SER EA 188 26.21 67.66 -21.46
CA SER EA 188 26.43 66.60 -22.44
C SER EA 188 27.82 65.98 -22.25
N ARG EA 189 27.99 64.72 -22.64
CA ARG EA 189 29.30 64.05 -22.60
C ARG EA 189 30.11 64.44 -23.83
N PHE EA 190 29.47 65.23 -24.68
CA PHE EA 190 30.07 65.67 -25.93
C PHE EA 190 30.10 67.18 -25.95
N GLU EA 191 30.94 67.73 -26.83
CA GLU EA 191 31.01 69.18 -26.99
C GLU EA 191 31.08 69.46 -28.47
N ILE EA 192 30.77 70.68 -28.88
CA ILE EA 192 30.72 71.00 -30.30
C ILE EA 192 31.94 71.81 -30.69
N LEU EA 193 32.66 71.33 -31.71
CA LEU EA 193 33.82 72.03 -32.23
C LEU EA 193 33.46 73.07 -33.27
N ASP EA 194 32.59 72.69 -34.21
CA ASP EA 194 32.17 73.57 -35.29
C ASP EA 194 30.86 73.14 -35.94
N VAL EA 195 30.09 74.12 -36.41
CA VAL EA 195 28.89 73.84 -37.19
C VAL EA 195 28.98 74.63 -38.51
N THR EA 196 28.95 73.91 -39.63
CA THR EA 196 28.93 74.57 -40.94
C THR EA 196 27.68 74.15 -41.72
N GLN EA 197 27.15 75.07 -42.51
CA GLN EA 197 25.93 74.83 -43.27
C GLN EA 197 26.20 74.99 -44.77
N LYS EA 198 25.51 74.18 -45.57
CA LYS EA 198 25.77 74.11 -47.00
C LYS EA 198 24.49 73.80 -47.77
N LYS EA 199 24.19 74.66 -48.75
CA LYS EA 199 22.96 74.50 -49.53
C LYS EA 199 23.21 73.66 -50.79
N ASN EA 200 22.28 72.74 -51.07
CA ASN EA 200 22.37 71.90 -52.25
C ASN EA 200 21.08 71.89 -53.04
N SER EA 201 21.18 71.42 -54.28
CA SER EA 201 20.03 71.32 -55.16
C SER EA 201 20.17 70.00 -55.90
N VAL EA 202 19.27 69.07 -55.60
CA VAL EA 202 19.42 67.70 -56.07
C VAL EA 202 18.24 67.29 -56.95
N THR EA 203 18.54 66.53 -58.01
CA THR EA 203 17.48 65.93 -58.81
C THR EA 203 17.33 64.46 -58.45
N TYR EA 204 16.09 64.03 -58.26
CA TYR EA 204 15.78 62.67 -57.88
C TYR EA 204 15.15 61.91 -59.06
N SER EA 205 15.23 60.58 -59.00
CA SER EA 205 14.80 59.74 -60.12
C SER EA 205 13.33 59.89 -60.43
N CYS EA 206 12.54 60.08 -59.37
CA CYS EA 206 11.09 60.13 -59.50
C CYS EA 206 10.63 61.32 -60.34
N CYS EA 207 11.31 62.44 -60.21
CA CYS EA 207 10.77 63.73 -60.63
C CYS EA 207 11.79 64.49 -61.48
N PRO EA 208 11.29 65.29 -62.43
CA PRO EA 208 12.16 66.05 -63.33
C PRO EA 208 12.76 67.30 -62.68
N GLU EA 209 12.12 67.84 -61.65
CA GLU EA 209 12.58 69.09 -61.05
C GLU EA 209 13.64 68.88 -59.96
N ALA EA 210 14.29 69.97 -59.56
CA ALA EA 210 15.31 69.90 -58.53
C ALA EA 210 14.74 70.30 -57.17
N TYR EA 211 15.15 69.57 -56.15
CA TYR EA 211 14.73 69.84 -54.78
C TYR EA 211 15.90 70.37 -53.99
N GLU EA 212 15.69 71.47 -53.28
CA GLU EA 212 16.75 72.06 -52.48
C GLU EA 212 16.80 71.43 -51.09
N ASP EA 213 18.01 71.42 -50.52
CA ASP EA 213 18.21 70.98 -49.15
C ASP EA 213 19.31 71.80 -48.49
N VAL EA 214 19.35 71.76 -47.17
CA VAL EA 214 20.46 72.32 -46.43
C VAL EA 214 21.17 71.15 -45.76
N GLU EA 215 22.49 71.09 -45.91
CA GLU EA 215 23.29 70.12 -45.17
C GLU EA 215 23.99 70.82 -44.02
N VAL EA 216 23.60 70.47 -42.81
CA VAL EA 216 24.25 71.01 -41.63
C VAL EA 216 25.30 70.00 -41.20
N SER EA 217 26.56 70.43 -41.16
CA SER EA 217 27.66 69.58 -40.68
C SER EA 217 27.98 69.87 -39.24
N LEU EA 218 27.70 68.90 -38.38
CA LEU EA 218 27.96 69.03 -36.97
C LEU EA 218 29.29 68.33 -36.64
N ASN EA 219 30.29 69.13 -36.30
CA ASN EA 219 31.60 68.62 -35.88
C ASN EA 219 31.69 68.60 -34.35
N PHE EA 220 31.73 67.41 -33.78
CA PHE EA 220 31.66 67.28 -32.33
C PHE EA 220 32.57 66.13 -31.86
N ARG EA 221 32.87 66.10 -30.57
CA ARG EA 221 33.69 65.03 -30.01
C ARG EA 221 33.32 64.75 -28.57
N LYS EA 222 33.72 63.58 -28.09
CA LYS EA 222 33.51 63.18 -26.70
C LYS EA 222 34.36 64.10 -25.80
N LYS EA 223 33.89 64.35 -24.58
CA LYS EA 223 34.62 65.22 -23.65
C LYS EA 223 35.71 64.46 -22.88
N GLY EA 224 36.92 65.00 -22.87
CA GLY EA 224 38.03 64.37 -22.15
C GLY EA 224 37.75 64.07 -20.67
N LEU FA 20 -7.32 79.09 -62.64
CA LEU FA 20 -7.10 78.28 -61.46
C LEU FA 20 -5.72 78.52 -60.90
N ASP FA 21 -5.66 78.82 -59.60
CA ASP FA 21 -4.39 78.79 -58.89
C ASP FA 21 -4.39 77.62 -57.88
N ARG FA 22 -3.27 77.46 -57.16
CA ARG FA 22 -3.13 76.37 -56.19
C ARG FA 22 -4.27 76.34 -55.18
N ALA FA 23 -4.57 77.52 -54.61
CA ALA FA 23 -5.65 77.67 -53.63
C ALA FA 23 -6.96 77.09 -54.13
N ASP FA 24 -7.32 77.40 -55.38
CA ASP FA 24 -8.56 76.88 -55.96
C ASP FA 24 -8.54 75.36 -56.18
N ILE FA 25 -7.42 74.86 -56.70
CA ILE FA 25 -7.26 73.43 -56.97
C ILE FA 25 -7.34 72.64 -55.67
N LEU FA 26 -6.63 73.09 -54.65
CA LEU FA 26 -6.66 72.42 -53.37
C LEU FA 26 -8.06 72.50 -52.75
N TYR FA 27 -8.72 73.64 -52.93
CA TYR FA 27 -10.07 73.81 -52.42
C TYR FA 27 -11.02 72.79 -53.06
N ASN FA 28 -10.98 72.69 -54.38
CA ASN FA 28 -11.78 71.71 -55.10
C ASN FA 28 -11.47 70.28 -54.65
N ILE FA 29 -10.21 69.96 -54.51
CA ILE FA 29 -9.84 68.64 -54.09
C ILE FA 29 -10.34 68.34 -52.71
N ARG FA 30 -10.26 69.30 -51.82
CA ARG FA 30 -10.73 69.09 -50.47
C ARG FA 30 -12.21 68.88 -50.42
N GLN FA 31 -12.91 69.66 -51.19
CA GLN FA 31 -14.37 69.65 -51.18
C GLN FA 31 -14.97 68.47 -51.92
N THR FA 32 -14.27 67.93 -52.92
CA THR FA 32 -14.88 66.95 -53.82
C THR FA 32 -14.23 65.57 -53.87
N SER FA 33 -12.98 65.47 -53.45
CA SER FA 33 -12.34 64.15 -53.45
C SER FA 33 -13.02 63.30 -52.38
N ARG FA 34 -13.10 62.01 -52.65
CA ARG FA 34 -13.79 61.08 -51.78
C ARG FA 34 -12.78 60.05 -51.31
N PRO FA 35 -12.11 60.33 -50.19
CA PRO FA 35 -10.99 59.52 -49.68
C PRO FA 35 -11.41 58.08 -49.38
N ASP FA 36 -12.69 57.88 -49.11
CA ASP FA 36 -13.28 56.57 -48.87
C ASP FA 36 -13.59 55.80 -50.15
N VAL FA 37 -13.46 56.45 -51.30
CA VAL FA 37 -13.92 55.88 -52.56
C VAL FA 37 -12.80 55.55 -53.52
N ILE FA 38 -12.60 54.27 -53.77
CA ILE FA 38 -11.57 53.84 -54.71
C ILE FA 38 -11.90 54.36 -56.12
N PRO FA 39 -10.95 55.06 -56.76
CA PRO FA 39 -11.17 55.72 -58.05
C PRO FA 39 -11.12 54.72 -59.21
N THR FA 40 -11.91 53.65 -59.08
CA THR FA 40 -11.99 52.63 -60.10
C THR FA 40 -12.77 53.15 -61.32
N GLN FA 41 -12.51 52.58 -62.49
CA GLN FA 41 -13.30 52.89 -63.67
C GLN FA 41 -13.81 51.65 -64.42
N ARG FA 44 -12.86 47.96 -64.16
CA ARG FA 44 -11.41 48.03 -64.35
C ARG FA 44 -10.63 48.49 -63.11
N PRO FA 45 -9.59 47.74 -62.73
CA PRO FA 45 -8.83 47.99 -61.50
C PRO FA 45 -7.97 49.25 -61.54
N VAL FA 46 -7.77 49.87 -60.39
CA VAL FA 46 -6.79 50.93 -60.26
C VAL FA 46 -5.41 50.31 -60.32
N ALA FA 47 -4.60 50.78 -61.26
CA ALA FA 47 -3.22 50.30 -61.41
C ALA FA 47 -2.26 51.04 -60.44
N VAL FA 48 -1.75 50.30 -59.45
CA VAL FA 48 -0.88 50.90 -58.44
C VAL FA 48 0.56 50.44 -58.65
N SER FA 49 1.46 51.41 -58.88
CA SER FA 49 2.90 51.16 -58.91
C SER FA 49 3.50 51.20 -57.51
N VAL FA 50 4.29 50.19 -57.18
CA VAL FA 50 5.01 50.15 -55.91
C VAL FA 50 6.49 49.96 -56.18
N SER FA 51 7.30 50.83 -55.59
CA SER FA 51 8.75 50.79 -55.77
C SER FA 51 9.45 51.17 -54.45
N LEU FA 52 10.11 50.20 -53.83
CA LEU FA 52 10.84 50.47 -52.60
C LEU FA 52 12.23 51.00 -52.89
N LYS FA 53 12.54 52.18 -52.34
CA LYS FA 53 13.88 52.75 -52.43
C LYS FA 53 14.54 52.62 -51.07
N PHE FA 54 15.44 51.67 -50.93
CA PHE FA 54 16.04 51.40 -49.63
C PHE FA 54 17.01 52.49 -49.24
N ILE FA 55 16.89 52.93 -47.98
CA ILE FA 55 17.65 54.04 -47.44
C ILE FA 55 18.62 53.51 -46.41
N ASN FA 56 18.15 52.59 -45.58
CA ASN FA 56 18.99 52.04 -44.53
C ASN FA 56 18.53 50.66 -44.01
N ILE FA 57 19.50 49.91 -43.51
CA ILE FA 57 19.22 48.65 -42.81
C ILE FA 57 19.84 48.78 -41.44
N LEU FA 58 19.03 48.63 -40.40
CA LEU FA 58 19.44 49.12 -39.09
C LEU FA 58 19.74 48.06 -38.04
N GLU FA 59 18.91 47.02 -37.97
CA GLU FA 59 19.04 46.05 -36.87
C GLU FA 59 18.72 44.62 -37.30
N VAL FA 60 19.73 43.97 -37.87
CA VAL FA 60 19.63 42.60 -38.33
C VAL FA 60 19.75 41.63 -37.15
N ASN FA 61 18.97 40.56 -37.16
CA ASN FA 61 19.08 39.53 -36.15
C ASN FA 61 18.92 38.17 -36.84
N GLU FA 62 20.05 37.49 -37.03
CA GLU FA 62 20.10 36.24 -37.77
C GLU FA 62 19.45 35.08 -37.00
N ILE FA 63 19.43 35.20 -35.67
CA ILE FA 63 18.75 34.22 -34.84
C ILE FA 63 17.22 34.28 -35.02
N THR FA 64 16.65 35.46 -34.77
CA THR FA 64 15.21 35.65 -34.77
C THR FA 64 14.65 35.83 -36.18
N ASN FA 65 15.53 36.05 -37.16
CA ASN FA 65 15.10 36.30 -38.55
C ASN FA 65 14.25 37.56 -38.68
N GLU FA 66 14.75 38.64 -38.13
CA GLU FA 66 14.07 39.93 -38.14
C GLU FA 66 15.03 41.04 -38.58
N VAL FA 67 14.54 41.92 -39.45
CA VAL FA 67 15.33 43.08 -39.87
C VAL FA 67 14.56 44.38 -39.68
N ASP FA 68 15.30 45.46 -39.50
CA ASP FA 68 14.75 46.79 -39.32
C ASP FA 68 15.22 47.61 -40.52
N VAL FA 69 14.29 48.03 -41.35
CA VAL FA 69 14.61 48.67 -42.63
C VAL FA 69 13.99 50.06 -42.72
N VAL FA 70 14.73 50.98 -43.31
CA VAL FA 70 14.20 52.29 -43.68
C VAL FA 70 14.14 52.37 -45.20
N PHE FA 71 12.99 52.74 -45.73
CA PHE FA 71 12.81 52.75 -47.18
C PHE FA 71 11.73 53.73 -47.61
N TRP FA 72 11.87 54.26 -48.83
CA TRP FA 72 10.85 55.09 -49.44
C TRP FA 72 9.88 54.15 -50.10
N GLN FA 73 8.61 54.25 -49.72
CA GLN FA 73 7.57 53.46 -50.36
C GLN FA 73 6.89 54.30 -51.43
N GLN FA 74 7.55 54.43 -52.58
CA GLN FA 74 7.02 55.18 -53.70
C GLN FA 74 5.78 54.49 -54.29
N THR FA 75 4.63 55.15 -54.13
CA THR FA 75 3.37 54.58 -54.57
C THR FA 75 2.72 55.50 -55.61
N THR FA 76 2.31 54.94 -56.75
CA THR FA 76 1.80 55.78 -57.82
C THR FA 76 0.54 55.17 -58.40
N TRP FA 77 -0.49 56.01 -58.57
CA TRP FA 77 -1.74 55.57 -59.17
C TRP FA 77 -2.47 56.75 -59.80
N SER FA 78 -3.65 56.46 -60.34
CA SER FA 78 -4.37 57.45 -61.11
C SER FA 78 -5.78 57.65 -60.56
N ASP FA 79 -6.16 58.92 -60.39
CA ASP FA 79 -7.50 59.26 -59.93
C ASP FA 79 -8.01 60.44 -60.78
N ARG FA 80 -8.80 60.13 -61.81
CA ARG FA 80 -9.24 61.12 -62.78
C ARG FA 80 -10.13 62.20 -62.17
N THR FA 81 -10.85 61.83 -61.11
CA THR FA 81 -11.74 62.77 -60.43
C THR FA 81 -10.98 63.96 -59.82
N LEU FA 82 -9.65 63.90 -59.82
CA LEU FA 82 -8.81 64.97 -59.28
C LEU FA 82 -8.25 65.85 -60.38
N ALA FA 83 -8.44 65.42 -61.64
CA ALA FA 83 -7.85 66.09 -62.78
C ALA FA 83 -8.39 67.51 -62.95
N TRP FA 84 -7.59 68.37 -63.55
CA TRP FA 84 -8.00 69.74 -63.84
C TRP FA 84 -7.34 70.25 -65.12
N ASN FA 85 -7.95 71.32 -65.66
CA ASN FA 85 -7.45 72.00 -66.86
C ASN FA 85 -6.22 72.83 -66.51
N SER FA 86 -5.04 72.36 -66.90
CA SER FA 86 -3.78 72.99 -66.50
C SER FA 86 -3.27 74.05 -67.48
N SER FA 87 -4.16 74.56 -68.32
CA SER FA 87 -3.79 75.56 -69.33
C SER FA 87 -3.02 76.75 -68.74
N HIS FA 88 -3.63 77.40 -67.76
CA HIS FA 88 -2.99 78.54 -67.09
C HIS FA 88 -2.94 78.27 -65.59
N SER FA 89 -2.61 77.03 -65.25
CA SER FA 89 -2.66 76.56 -63.89
C SER FA 89 -1.38 75.81 -63.60
N PRO FA 90 -1.10 75.54 -62.31
CA PRO FA 90 0.01 74.65 -61.93
C PRO FA 90 -0.21 73.23 -62.46
N ASP FA 91 0.88 72.51 -62.72
CA ASP FA 91 0.78 71.14 -63.24
C ASP FA 91 0.63 70.14 -62.12
N GLN FA 92 0.95 70.59 -60.92
CA GLN FA 92 1.11 69.71 -59.77
C GLN FA 92 0.83 70.46 -58.47
N VAL FA 93 0.21 69.77 -57.52
CA VAL FA 93 0.06 70.30 -56.17
C VAL FA 93 0.41 69.26 -55.11
N SER FA 94 0.69 69.72 -53.90
CA SER FA 94 0.91 68.81 -52.79
C SER FA 94 -0.34 68.77 -51.91
N VAL FA 95 -0.82 67.56 -51.65
CA VAL FA 95 -2.08 67.42 -50.95
C VAL FA 95 -1.89 66.48 -49.79
N PRO FA 96 -2.47 66.83 -48.62
CA PRO FA 96 -2.52 65.92 -47.46
C PRO FA 96 -3.23 64.61 -47.85
N ILE FA 97 -2.61 63.46 -47.55
CA ILE FA 97 -3.22 62.19 -47.95
C ILE FA 97 -4.58 61.96 -47.30
N SER FA 98 -4.83 62.64 -46.18
CA SER FA 98 -6.14 62.56 -45.53
C SER FA 98 -7.26 63.14 -46.43
N SER FA 99 -6.88 63.94 -47.42
CA SER FA 99 -7.82 64.50 -48.40
C SER FA 99 -7.86 63.70 -49.69
N LEU FA 100 -7.17 62.56 -49.74
CA LEU FA 100 -7.15 61.76 -50.96
C LEU FA 100 -7.48 60.32 -50.66
N TRP FA 101 -8.02 59.62 -51.65
CA TRP FA 101 -8.07 58.19 -51.55
C TRP FA 101 -6.65 57.66 -51.72
N VAL FA 102 -6.29 56.70 -50.87
CA VAL FA 102 -4.99 56.11 -50.91
C VAL FA 102 -5.15 54.58 -50.92
N PRO FA 103 -4.35 53.90 -51.75
CA PRO FA 103 -4.38 52.42 -51.74
C PRO FA 103 -4.03 51.83 -50.36
N ASP FA 104 -4.81 50.86 -49.92
CA ASP FA 104 -4.61 50.24 -48.60
C ASP FA 104 -3.47 49.20 -48.58
N LEU FA 105 -2.27 49.62 -49.01
CA LEU FA 105 -1.12 48.70 -49.07
C LEU FA 105 -0.66 48.26 -47.68
N ALA FA 106 -0.23 47.01 -47.56
CA ALA FA 106 0.34 46.49 -46.31
C ALA FA 106 1.48 45.52 -46.61
N ALA FA 107 2.49 45.52 -45.75
CA ALA FA 107 3.54 44.53 -45.84
C ALA FA 107 3.11 43.34 -45.01
N TYR FA 108 2.93 42.22 -45.71
CA TYR FA 108 2.37 40.99 -45.10
C TYR FA 108 3.26 40.42 -44.03
N ASN FA 109 4.57 40.60 -44.18
CA ASN FA 109 5.54 40.05 -43.22
C ASN FA 109 6.16 41.12 -42.33
N ALA FA 110 5.48 42.26 -42.24
CA ALA FA 110 5.87 43.30 -41.29
C ALA FA 110 5.44 42.86 -39.90
N ILE FA 111 6.26 43.16 -38.89
CA ILE FA 111 5.96 42.75 -37.52
C ILE FA 111 5.93 43.95 -36.58
N SER FA 112 6.09 45.13 -37.17
CA SER FA 112 5.79 46.39 -36.47
C SER FA 112 4.92 47.20 -37.41
N LYS FA 113 4.12 48.11 -36.85
CA LYS FA 113 3.36 48.98 -37.76
C LYS FA 113 4.30 50.00 -38.41
N PRO FA 114 3.95 50.46 -39.61
CA PRO FA 114 4.91 51.32 -40.31
C PRO FA 114 5.06 52.66 -39.61
N GLU FA 115 6.30 53.03 -39.32
CA GLU FA 115 6.61 54.36 -38.78
C GLU FA 115 6.89 55.31 -39.95
N VAL FA 116 5.93 56.20 -40.24
CA VAL FA 116 6.10 57.19 -41.30
C VAL FA 116 6.95 58.36 -40.82
N LEU FA 117 8.11 58.54 -41.43
CA LEU FA 117 9.09 59.49 -40.93
C LEU FA 117 8.88 60.86 -41.55
N THR FA 118 8.18 60.90 -42.66
CA THR FA 118 8.08 62.12 -43.47
C THR FA 118 6.67 62.74 -43.45
N PRO FA 119 6.58 64.04 -43.85
CA PRO FA 119 5.27 64.72 -43.95
C PRO FA 119 4.35 63.94 -44.89
N GLN FA 120 3.11 63.71 -44.46
CA GLN FA 120 2.20 62.86 -45.21
C GLN FA 120 1.45 63.63 -46.30
N LEU FA 121 2.21 64.01 -47.31
CA LEU FA 121 1.70 64.72 -48.48
C LEU FA 121 1.91 63.91 -49.74
N ALA FA 122 0.99 64.03 -50.68
CA ALA FA 122 1.12 63.37 -51.97
C ALA FA 122 1.19 64.40 -53.09
N HIS FA 123 1.69 63.96 -54.24
CA HIS FA 123 1.67 64.74 -55.47
C HIS FA 123 0.39 64.46 -56.23
N VAL FA 124 -0.33 65.50 -56.60
CA VAL FA 124 -1.39 65.31 -57.57
C VAL FA 124 -1.05 66.12 -58.81
N VAL FA 125 -0.93 65.41 -59.93
CA VAL FA 125 -0.66 66.07 -61.21
C VAL FA 125 -1.99 66.37 -61.92
N SER FA 126 -2.00 67.41 -62.75
CA SER FA 126 -3.24 67.87 -63.40
C SER FA 126 -4.02 66.78 -64.15
N ASP FA 127 -3.31 65.78 -64.67
CA ASP FA 127 -3.94 64.66 -65.36
C ASP FA 127 -4.58 63.64 -64.41
N GLY FA 128 -4.36 63.82 -63.11
CA GLY FA 128 -4.98 62.94 -62.11
C GLY FA 128 -4.04 61.86 -61.62
N GLU FA 129 -2.77 61.97 -62.01
CA GLU FA 129 -1.75 61.08 -61.49
C GLU FA 129 -1.44 61.44 -60.06
N VAL FA 130 -1.49 60.44 -59.18
CA VAL FA 130 -1.12 60.65 -57.79
C VAL FA 130 0.12 59.85 -57.43
N GLN FA 131 1.07 60.52 -56.79
CA GLN FA 131 2.24 59.85 -56.22
C GLN FA 131 2.33 60.16 -54.75
N TYR FA 132 2.57 59.13 -53.94
CA TYR FA 132 2.83 59.28 -52.51
C TYR FA 132 4.09 58.45 -52.15
N THR FA 133 5.10 59.11 -51.57
CA THR FA 133 6.37 58.45 -51.29
C THR FA 133 6.84 58.73 -49.86
N PRO FA 134 6.15 58.13 -48.89
CA PRO FA 134 6.63 58.26 -47.51
C PRO FA 134 7.95 57.51 -47.28
N SER FA 135 8.76 58.05 -46.37
CA SER FA 135 9.91 57.29 -45.89
C SER FA 135 9.43 56.50 -44.68
N ILE FA 136 9.63 55.19 -44.71
CA ILE FA 136 9.10 54.33 -43.67
C ILE FA 136 10.19 53.55 -42.95
N ARG FA 137 10.14 53.53 -41.63
CA ARG FA 137 10.92 52.58 -40.87
C ARG FA 137 10.02 51.45 -40.40
N GLN FA 138 10.42 50.21 -40.68
CA GLN FA 138 9.57 49.08 -40.31
C GLN FA 138 10.40 47.83 -40.08
N ARG FA 139 9.94 46.93 -39.20
CA ARG FA 139 10.67 45.69 -38.90
C ARG FA 139 9.94 44.51 -39.54
N PHE FA 140 10.71 43.69 -40.25
CA PHE FA 140 10.17 42.57 -41.03
C PHE FA 140 10.63 41.21 -40.54
N SER FA 141 9.78 40.21 -40.75
CA SER FA 141 10.15 38.82 -40.51
C SER FA 141 10.50 38.23 -41.86
N CYS FA 142 11.79 37.90 -42.03
CA CYS FA 142 12.28 37.37 -43.31
C CYS FA 142 13.56 36.56 -43.13
N ASP FA 143 14.04 35.96 -44.23
CA ASP FA 143 15.23 35.13 -44.20
C ASP FA 143 16.51 35.98 -44.12
N VAL FA 144 17.14 35.96 -42.95
CA VAL FA 144 18.34 36.74 -42.69
C VAL FA 144 19.59 35.84 -42.77
N SER FA 145 19.39 34.56 -43.02
CA SER FA 145 20.50 33.61 -43.11
C SER FA 145 21.47 33.97 -44.23
N GLY FA 146 22.76 34.02 -43.87
CA GLY FA 146 23.81 34.31 -44.84
C GLY FA 146 24.17 35.77 -44.92
N VAL FA 147 23.60 36.58 -44.02
CA VAL FA 147 23.83 38.02 -44.02
C VAL FA 147 25.32 38.34 -43.86
N ASP FA 148 26.03 37.45 -43.16
CA ASP FA 148 27.43 37.68 -42.86
C ASP FA 148 28.32 36.97 -43.90
N THR FA 149 27.74 36.39 -44.94
CA THR FA 149 28.57 35.77 -45.98
C THR FA 149 28.76 36.72 -47.16
N GLU FA 150 29.37 36.19 -48.20
CA GLU FA 150 29.74 36.94 -49.41
C GLU FA 150 28.55 37.14 -50.33
N SER FA 151 27.73 36.11 -50.39
CA SER FA 151 26.54 36.06 -51.23
C SER FA 151 25.39 36.80 -50.55
N GLY FA 152 25.49 36.98 -49.23
CA GLY FA 152 24.55 37.77 -48.47
C GLY FA 152 23.23 37.08 -48.14
N ALA FA 153 22.38 37.78 -47.40
CA ALA FA 153 21.03 37.30 -47.13
C ALA FA 153 20.08 37.85 -48.19
N THR FA 154 18.97 37.16 -48.40
CA THR FA 154 17.92 37.67 -49.29
C THR FA 154 16.59 37.78 -48.56
N CYS FA 155 16.27 39.01 -48.14
CA CYS FA 155 15.05 39.28 -47.42
C CYS FA 155 13.92 39.62 -48.41
N ARG FA 156 12.83 38.85 -48.34
CA ARG FA 156 11.71 39.01 -49.26
C ARG FA 156 10.57 39.78 -48.58
N ILE FA 157 10.24 40.95 -49.12
CA ILE FA 157 9.16 41.79 -48.58
C ILE FA 157 7.90 41.76 -49.45
N LYS FA 158 6.79 41.32 -48.87
CA LYS FA 158 5.53 41.16 -49.61
C LYS FA 158 4.54 42.31 -49.36
N ILE FA 159 4.30 43.12 -50.38
CA ILE FA 159 3.38 44.26 -50.26
C ILE FA 159 2.20 44.17 -51.21
N GLY FA 160 0.99 44.28 -50.68
CA GLY FA 160 -0.18 44.29 -51.52
C GLY FA 160 -1.35 45.00 -50.86
N SER FA 161 -2.46 45.15 -51.60
CA SER FA 161 -3.67 45.72 -51.03
C SER FA 161 -4.20 44.75 -49.98
N TRP FA 162 -4.56 45.29 -48.82
CA TRP FA 162 -5.12 44.46 -47.77
C TRP FA 162 -6.57 43.99 -48.09
N THR FA 163 -7.39 44.89 -48.60
CA THR FA 163 -8.80 44.57 -48.75
C THR FA 163 -9.34 44.62 -50.19
N HIS FA 164 -8.53 45.08 -51.14
CA HIS FA 164 -9.01 45.15 -52.51
C HIS FA 164 -8.40 44.05 -53.36
N HIS FA 165 -9.25 43.28 -54.03
CA HIS FA 165 -8.79 42.18 -54.89
C HIS FA 165 -8.34 42.66 -56.28
N SER FA 166 -7.96 41.72 -57.14
CA SER FA 166 -7.29 42.03 -58.41
C SER FA 166 -8.10 42.88 -59.40
N ARG FA 167 -9.43 42.84 -59.31
CA ARG FA 167 -10.27 43.63 -60.20
C ARG FA 167 -10.55 45.04 -59.65
N GLU FA 168 -10.17 45.28 -58.39
CA GLU FA 168 -10.25 46.63 -57.83
C GLU FA 168 -8.87 47.27 -57.78
N ILE FA 169 -7.86 46.55 -57.28
CA ILE FA 169 -6.49 47.06 -57.25
C ILE FA 169 -5.51 46.05 -57.82
N SER FA 170 -4.71 46.51 -58.79
CA SER FA 170 -3.59 45.71 -59.30
C SER FA 170 -2.26 46.39 -58.95
N VAL FA 171 -1.33 45.62 -58.41
CA VAL FA 171 -0.01 46.15 -58.08
C VAL FA 171 1.04 45.72 -59.11
N ASP FA 172 1.94 46.64 -59.44
CA ASP FA 172 2.99 46.38 -60.40
C ASP FA 172 4.29 47.05 -59.98
N PRO FA 173 5.42 46.38 -60.24
CA PRO FA 173 6.74 46.98 -60.01
C PRO FA 173 7.00 48.15 -60.98
N THR FA 174 8.04 48.93 -60.72
CA THR FA 174 8.38 50.07 -61.57
C THR FA 174 9.53 49.75 -62.53
N GLU FA 182 20.82 53.36 -54.71
CA GLU FA 182 20.90 54.74 -55.18
C GLU FA 182 20.82 55.76 -54.04
N TYR FA 183 19.89 55.55 -53.11
CA TYR FA 183 19.78 56.43 -51.95
C TYR FA 183 20.20 55.71 -50.66
N PHE FA 184 20.78 54.53 -50.79
CA PHE FA 184 21.16 53.77 -49.62
C PHE FA 184 22.31 54.43 -48.86
N SER FA 185 22.18 54.47 -47.53
CA SER FA 185 23.16 55.15 -46.68
C SER FA 185 24.52 54.46 -46.73
N GLN FA 186 25.57 55.24 -47.00
CA GLN FA 186 26.92 54.70 -46.99
C GLN FA 186 27.37 54.41 -45.55
N TYR FA 187 26.61 54.90 -44.58
CA TYR FA 187 26.97 54.74 -43.18
C TYR FA 187 26.27 53.54 -42.51
N SER FA 188 25.51 52.81 -43.30
CA SER FA 188 24.94 51.55 -42.80
C SER FA 188 26.05 50.52 -42.56
N ARG FA 189 25.76 49.61 -41.63
CA ARG FA 189 26.63 48.48 -41.37
C ARG FA 189 26.43 47.42 -42.48
N PHE FA 190 25.58 47.76 -43.43
CA PHE FA 190 25.27 46.82 -44.48
C PHE FA 190 25.45 47.43 -45.87
N GLU FA 191 25.40 46.56 -46.88
CA GLU FA 191 25.51 46.93 -48.28
C GLU FA 191 24.49 46.14 -49.12
N ILE FA 192 23.92 46.80 -50.11
CA ILE FA 192 22.95 46.12 -50.95
C ILE FA 192 23.63 45.54 -52.20
N LEU FA 193 23.43 44.24 -52.40
CA LEU FA 193 24.01 43.57 -53.56
C LEU FA 193 23.06 43.63 -54.74
N ASP FA 194 21.79 43.36 -54.49
CA ASP FA 194 20.79 43.37 -55.54
C ASP FA 194 19.38 43.54 -54.98
N VAL FA 195 18.52 44.18 -55.79
CA VAL FA 195 17.09 44.27 -55.48
C VAL FA 195 16.30 43.79 -56.68
N THR FA 196 15.51 42.73 -56.49
CA THR FA 196 14.63 42.22 -57.53
C THR FA 196 13.16 42.29 -57.09
N GLN FA 197 12.27 42.53 -58.04
CA GLN FA 197 10.85 42.64 -57.74
C GLN FA 197 10.07 41.59 -58.55
N LYS FA 198 9.00 41.05 -57.96
CA LYS FA 198 8.24 39.98 -58.60
C LYS FA 198 6.76 40.06 -58.18
N LYS FA 199 5.87 40.11 -59.18
CA LYS FA 199 4.45 40.30 -58.93
C LYS FA 199 3.75 38.95 -58.76
N ASN FA 200 2.84 38.87 -57.79
CA ASN FA 200 2.08 37.65 -57.54
C ASN FA 200 0.59 37.91 -57.46
N SER FA 201 -0.18 36.84 -57.55
CA SER FA 201 -1.63 36.91 -57.43
C SER FA 201 -2.06 35.72 -56.59
N VAL FA 202 -2.56 35.99 -55.40
CA VAL FA 202 -2.80 34.93 -54.43
C VAL FA 202 -4.27 34.86 -54.00
N THR FA 203 -4.78 33.65 -53.87
CA THR FA 203 -6.10 33.43 -53.31
C THR FA 203 -6.00 33.02 -51.83
N TYR FA 204 -6.80 33.67 -51.00
CA TYR FA 204 -6.82 33.42 -49.58
C TYR FA 204 -8.10 32.69 -49.19
N SER FA 205 -8.06 32.00 -48.05
CA SER FA 205 -9.17 31.16 -47.60
C SER FA 205 -10.45 31.93 -47.42
N CYS FA 206 -10.33 33.16 -46.94
CA CYS FA 206 -11.46 33.96 -46.54
C CYS FA 206 -12.36 34.30 -47.73
N CYS FA 207 -11.73 34.54 -48.90
CA CYS FA 207 -12.38 35.20 -50.02
C CYS FA 207 -12.15 34.45 -51.32
N PRO FA 208 -13.14 34.50 -52.21
CA PRO FA 208 -13.07 33.80 -53.50
C PRO FA 208 -12.17 34.48 -54.54
N GLU FA 209 -11.94 35.79 -54.41
CA GLU FA 209 -11.15 36.51 -55.41
C GLU FA 209 -9.65 36.45 -55.13
N ALA FA 210 -8.87 36.87 -56.13
CA ALA FA 210 -7.41 36.88 -55.99
C ALA FA 210 -6.89 38.28 -55.67
N TYR FA 211 -5.94 38.33 -54.74
CA TYR FA 211 -5.33 39.57 -54.33
C TYR FA 211 -3.89 39.64 -54.85
N GLU FA 212 -3.55 40.75 -55.48
CA GLU FA 212 -2.20 40.91 -56.01
C GLU FA 212 -1.25 41.46 -54.95
N ASP FA 213 0.02 41.09 -55.09
CA ASP FA 213 1.08 41.63 -54.25
C ASP FA 213 2.38 41.79 -55.05
N VAL FA 214 3.28 42.59 -54.50
CA VAL FA 214 4.62 42.67 -55.05
C VAL FA 214 5.56 42.10 -54.01
N GLU FA 215 6.45 41.20 -54.45
CA GLU FA 215 7.50 40.70 -53.58
C GLU FA 215 8.82 41.32 -53.95
N VAL FA 216 9.32 42.17 -53.07
CA VAL FA 216 10.62 42.81 -53.28
C VAL FA 216 11.67 41.98 -52.55
N SER FA 217 12.62 41.45 -53.32
CA SER FA 217 13.71 40.67 -52.74
C SER FA 217 14.93 41.54 -52.53
N LEU FA 218 15.28 41.75 -51.27
CA LEU FA 218 16.42 42.57 -50.91
C LEU FA 218 17.59 41.65 -50.61
N ASN FA 219 18.59 41.64 -51.51
CA ASN FA 219 19.81 40.88 -51.29
C ASN FA 219 20.88 41.79 -50.71
N PHE FA 220 21.25 41.54 -49.45
CA PHE FA 220 22.17 42.42 -48.74
C PHE FA 220 23.14 41.62 -47.85
N ARG FA 221 24.23 42.25 -47.44
CA ARG FA 221 25.20 41.60 -46.56
C ARG FA 221 25.89 42.60 -45.62
N LYS FA 222 26.39 42.09 -44.50
CA LYS FA 222 27.06 42.91 -43.49
C LYS FA 222 28.45 43.21 -43.88
N LYS FA 223 28.70 44.44 -44.26
CA LYS FA 223 30.03 44.90 -44.62
C LYS FA 223 31.15 44.31 -43.78
N LEU GA 20 -26.80 51.98 -58.39
CA LEU GA 20 -25.87 52.20 -57.30
C LEU GA 20 -24.44 51.89 -57.73
N ASP GA 21 -23.53 52.83 -57.51
CA ASP GA 21 -22.11 52.54 -57.60
C ASP GA 21 -21.42 52.59 -56.22
N ARG GA 22 -20.11 52.35 -56.18
CA ARG GA 22 -19.38 52.32 -54.91
C ARG GA 22 -19.54 53.62 -54.12
N ALA GA 23 -19.35 54.74 -54.81
CA ALA GA 23 -19.54 56.05 -54.22
C ALA GA 23 -20.89 56.20 -53.49
N ASP GA 24 -21.97 55.78 -54.13
CA ASP GA 24 -23.28 55.85 -53.47
C ASP GA 24 -23.42 54.95 -52.25
N ILE GA 25 -22.99 53.70 -52.40
CA ILE GA 25 -23.06 52.73 -51.32
C ILE GA 25 -22.29 53.20 -50.09
N LEU GA 26 -21.06 53.64 -50.30
CA LEU GA 26 -20.23 54.18 -49.24
C LEU GA 26 -20.83 55.44 -48.61
N TYR GA 27 -21.38 56.31 -49.46
CA TYR GA 27 -22.10 57.48 -48.96
C TYR GA 27 -23.26 57.08 -48.03
N ASN GA 28 -24.08 56.12 -48.46
CA ASN GA 28 -25.20 55.70 -47.64
C ASN GA 28 -24.71 55.10 -46.33
N ILE GA 29 -23.68 54.29 -46.42
CA ILE GA 29 -23.16 53.65 -45.23
C ILE GA 29 -22.64 54.66 -44.24
N ARG GA 30 -21.96 55.69 -44.72
CA ARG GA 30 -21.49 56.72 -43.82
C ARG GA 30 -22.57 57.55 -43.16
N GLN GA 31 -23.56 57.95 -43.91
CA GLN GA 31 -24.69 58.67 -43.37
C GLN GA 31 -25.57 57.91 -42.43
N THR GA 32 -25.74 56.62 -42.70
CA THR GA 32 -26.80 55.89 -42.02
C THR GA 32 -26.36 54.77 -41.10
N SER GA 33 -25.15 54.28 -41.23
CA SER GA 33 -24.71 53.24 -40.29
C SER GA 33 -24.53 53.87 -38.92
N ARG GA 34 -24.81 53.09 -37.89
CA ARG GA 34 -24.75 53.61 -36.55
C ARG GA 34 -23.69 52.80 -35.78
N PRO GA 35 -22.44 53.27 -35.81
CA PRO GA 35 -21.28 52.52 -35.27
C PRO GA 35 -21.45 52.21 -33.79
N ASP GA 36 -22.23 53.03 -33.10
CA ASP GA 36 -22.50 52.87 -31.67
C ASP GA 36 -23.58 51.81 -31.39
N VAL GA 37 -24.27 51.38 -32.44
CA VAL GA 37 -25.49 50.57 -32.28
C VAL GA 37 -25.28 49.14 -32.75
N ILE GA 38 -25.32 48.21 -31.81
CA ILE GA 38 -25.20 46.79 -32.13
C ILE GA 38 -26.36 46.35 -33.03
N PRO GA 39 -26.04 45.73 -34.18
CA PRO GA 39 -27.06 45.34 -35.17
C PRO GA 39 -27.78 44.08 -34.75
N THR GA 40 -28.33 44.10 -33.54
CA THR GA 40 -29.09 42.97 -33.03
C THR GA 40 -30.42 42.86 -33.78
N GLN GA 41 -30.81 41.62 -34.03
CA GLN GA 41 -31.77 41.24 -35.06
C GLN GA 41 -32.96 40.49 -34.46
N ARG GA 42 -34.11 41.15 -34.34
CA ARG GA 42 -35.30 40.58 -33.69
C ARG GA 42 -34.96 40.07 -32.28
N ASP GA 43 -34.26 40.88 -31.49
CA ASP GA 43 -33.85 40.49 -30.14
C ASP GA 43 -33.10 39.15 -30.07
N ARG GA 44 -32.35 38.84 -31.10
CA ARG GA 44 -31.53 37.64 -31.15
C ARG GA 44 -30.10 38.09 -31.32
N PRO GA 45 -29.15 37.45 -30.61
CA PRO GA 45 -27.75 37.89 -30.57
C PRO GA 45 -27.09 37.97 -31.94
N VAL GA 46 -26.18 38.92 -32.12
CA VAL GA 46 -25.39 38.98 -33.33
C VAL GA 46 -24.41 37.83 -33.27
N ALA GA 47 -24.40 37.01 -34.30
CA ALA GA 47 -23.46 35.87 -34.37
C ALA GA 47 -22.09 36.31 -34.92
N VAL GA 48 -21.08 36.30 -34.06
CA VAL GA 48 -19.74 36.70 -34.47
C VAL GA 48 -18.80 35.49 -34.62
N SER GA 49 -18.25 35.32 -35.82
CA SER GA 49 -17.24 34.33 -36.10
C SER GA 49 -15.87 34.90 -35.78
N VAL GA 50 -15.07 34.16 -35.01
CA VAL GA 50 -13.69 34.52 -34.74
C VAL GA 50 -12.76 33.38 -35.16
N SER GA 51 -11.76 33.73 -35.98
CA SER GA 51 -10.80 32.75 -36.47
C SER GA 51 -9.39 33.38 -36.51
N LEU GA 52 -8.49 32.89 -35.65
CA LEU GA 52 -7.12 33.40 -35.63
C LEU GA 52 -6.26 32.68 -36.66
N LYS GA 53 -5.65 33.44 -37.57
CA LYS GA 53 -4.69 32.89 -38.53
C LYS GA 53 -3.31 33.32 -38.09
N PHE GA 54 -2.58 32.42 -37.45
CA PHE GA 54 -1.27 32.77 -36.94
C PHE GA 54 -0.25 33.02 -38.05
N ILE GA 55 0.46 34.13 -37.91
CA ILE GA 55 1.44 34.56 -38.90
C ILE GA 55 2.86 34.39 -38.37
N ASN GA 56 3.05 34.74 -37.09
CA ASN GA 56 4.37 34.62 -36.50
C ASN GA 56 4.35 34.50 -34.98
N ILE GA 57 5.38 33.87 -34.42
CA ILE GA 57 5.59 33.86 -32.98
C ILE GA 57 6.97 34.43 -32.77
N LEU GA 58 7.08 35.50 -31.98
CA LEU GA 58 8.26 36.34 -32.02
C LEU GA 58 9.15 36.31 -30.79
N GLU GA 59 8.54 36.31 -29.61
CA GLU GA 59 9.33 36.39 -28.39
C GLU GA 59 8.76 35.55 -27.27
N VAL GA 60 9.20 34.30 -27.20
CA VAL GA 60 8.77 33.40 -26.15
C VAL GA 60 9.63 33.58 -24.89
N ASN GA 61 9.00 33.53 -23.72
CA ASN GA 61 9.72 33.58 -22.45
C ASN GA 61 9.12 32.54 -21.52
N GLU GA 62 9.84 31.42 -21.38
CA GLU GA 62 9.35 30.28 -20.60
C GLU GA 62 9.36 30.58 -19.10
N ILE GA 63 10.23 31.50 -18.68
CA ILE GA 63 10.26 31.92 -17.29
C ILE GA 63 9.01 32.71 -16.93
N THR GA 64 8.81 33.82 -17.63
CA THR GA 64 7.70 34.74 -17.34
C THR GA 64 6.34 34.26 -17.87
N ASN GA 65 6.36 33.24 -18.73
CA ASN GA 65 5.14 32.73 -19.34
C ASN GA 65 4.44 33.77 -20.21
N GLU GA 66 5.21 34.38 -21.09
CA GLU GA 66 4.70 35.42 -21.97
C GLU GA 66 5.14 35.14 -23.40
N VAL GA 67 4.24 35.36 -24.35
CA VAL GA 67 4.56 35.18 -25.77
C VAL GA 67 4.14 36.40 -26.57
N ASP GA 68 4.84 36.61 -27.67
CA ASP GA 68 4.56 37.73 -28.56
C ASP GA 68 4.11 37.11 -29.88
N VAL GA 69 2.88 37.37 -30.27
CA VAL GA 69 2.30 36.69 -31.42
C VAL GA 69 1.85 37.70 -32.47
N VAL GA 70 2.00 37.33 -33.74
CA VAL GA 70 1.38 38.04 -34.84
C VAL GA 70 0.31 37.15 -35.48
N PHE GA 71 -0.90 37.69 -35.65
CA PHE GA 71 -2.00 36.88 -36.15
C PHE GA 71 -3.09 37.72 -36.83
N TRP GA 72 -3.75 37.14 -37.82
CA TRP GA 72 -4.93 37.77 -38.40
C TRP GA 72 -6.12 37.42 -37.53
N GLN GA 73 -6.79 38.44 -37.03
CA GLN GA 73 -8.02 38.21 -36.28
C GLN GA 73 -9.24 38.32 -37.21
N GLN GA 74 -9.52 37.26 -37.95
CA GLN GA 74 -10.62 37.28 -38.88
C GLN GA 74 -11.94 37.28 -38.12
N THR GA 75 -12.67 38.38 -38.22
CA THR GA 75 -13.92 38.57 -37.53
C THR GA 75 -15.08 38.74 -38.53
N THR GA 76 -16.15 37.98 -38.35
CA THR GA 76 -17.24 37.99 -39.32
C THR GA 76 -18.60 38.05 -38.63
N TRP GA 77 -19.44 38.97 -39.09
CA TRP GA 77 -20.78 39.10 -38.54
C TRP GA 77 -21.71 39.72 -39.54
N SER GA 78 -22.96 39.88 -39.13
CA SER GA 78 -24.00 40.35 -40.05
C SER GA 78 -24.65 41.64 -39.56
N ASP GA 79 -24.78 42.59 -40.46
CA ASP GA 79 -25.50 43.84 -40.16
C ASP GA 79 -26.42 44.19 -41.34
N ARG GA 80 -27.69 43.80 -41.22
CA ARG GA 80 -28.66 43.96 -42.31
C ARG GA 80 -28.87 45.42 -42.71
N THR GA 81 -28.73 46.33 -41.75
CA THR GA 81 -28.92 47.76 -42.02
C THR GA 81 -27.91 48.30 -43.02
N LEU GA 82 -26.92 47.48 -43.39
CA LEU GA 82 -25.94 47.91 -44.40
C LEU GA 82 -26.22 47.30 -45.77
N ALA GA 83 -27.18 46.39 -45.82
CA ALA GA 83 -27.47 45.65 -47.04
C ALA GA 83 -27.97 46.59 -48.14
N TRP GA 84 -27.78 46.18 -49.39
CA TRP GA 84 -28.28 46.95 -50.54
C TRP GA 84 -28.65 46.02 -51.69
N ASN GA 85 -29.43 46.53 -52.63
CA ASN GA 85 -29.82 45.81 -53.84
C ASN GA 85 -28.66 45.75 -54.83
N SER GA 86 -28.06 44.57 -54.99
CA SER GA 86 -26.83 44.43 -55.76
C SER GA 86 -27.08 44.02 -57.20
N SER GA 87 -28.29 44.27 -57.70
CA SER GA 87 -28.67 43.89 -59.06
C SER GA 87 -27.71 44.43 -60.11
N HIS GA 88 -27.47 45.74 -60.09
CA HIS GA 88 -26.53 46.36 -61.01
C HIS GA 88 -25.53 47.17 -60.22
N SER GA 89 -25.06 46.56 -59.13
CA SER GA 89 -24.19 47.22 -58.18
C SER GA 89 -23.04 46.29 -57.83
N PRO GA 90 -21.99 46.82 -57.18
CA PRO GA 90 -20.94 45.97 -56.62
C PRO GA 90 -21.48 45.03 -55.55
N ASP GA 91 -20.84 43.87 -55.36
CA ASP GA 91 -21.31 42.89 -54.38
C ASP GA 91 -20.70 43.22 -53.04
N GLN GA 92 -19.64 44.03 -53.07
CA GLN GA 92 -18.77 44.21 -51.92
C GLN GA 92 -18.10 45.59 -51.95
N VAL GA 93 -17.95 46.19 -50.78
CA VAL GA 93 -17.12 47.39 -50.66
C VAL GA 93 -16.20 47.31 -49.45
N SER GA 94 -15.20 48.19 -49.44
CA SER GA 94 -14.28 48.30 -48.30
C SER GA 94 -14.60 49.56 -47.53
N VAL GA 95 -14.84 49.41 -46.24
CA VAL GA 95 -15.33 50.50 -45.42
C VAL GA 95 -14.43 50.66 -44.20
N PRO GA 96 -14.04 51.91 -43.90
CA PRO GA 96 -13.33 52.21 -42.65
C PRO GA 96 -14.16 51.72 -41.46
N ILE GA 97 -13.56 50.97 -40.54
CA ILE GA 97 -14.30 50.45 -39.40
C ILE GA 97 -14.86 51.55 -38.50
N SER GA 98 -14.33 52.75 -38.63
CA SER GA 98 -14.86 53.88 -37.85
C SER GA 98 -16.27 54.26 -38.32
N SER GA 99 -16.64 53.79 -39.52
CA SER GA 99 -17.99 54.02 -40.06
C SER GA 99 -18.91 52.82 -39.90
N LEU GA 100 -18.49 51.81 -39.14
CA LEU GA 100 -19.30 50.61 -38.95
C LEU GA 100 -19.34 50.25 -37.49
N TRP GA 101 -20.41 49.57 -37.10
CA TRP GA 101 -20.40 48.94 -35.80
C TRP GA 101 -19.44 47.75 -35.87
N VAL GA 102 -18.66 47.59 -34.82
CA VAL GA 102 -17.69 46.51 -34.73
C VAL GA 102 -17.85 45.80 -33.39
N PRO GA 103 -17.85 44.46 -33.39
CA PRO GA 103 -17.87 43.76 -32.09
C PRO GA 103 -16.70 44.15 -31.16
N ASP GA 104 -17.00 44.39 -29.89
CA ASP GA 104 -16.02 44.79 -28.90
C ASP GA 104 -15.17 43.61 -28.35
N LEU GA 105 -14.58 42.82 -29.26
CA LEU GA 105 -13.75 41.69 -28.87
C LEU GA 105 -12.50 42.11 -28.12
N ALA GA 106 -12.12 41.32 -27.11
CA ALA GA 106 -10.88 41.54 -26.38
C ALA GA 106 -10.24 40.20 -26.04
N ALA GA 107 -8.91 40.17 -26.04
CA ALA GA 107 -8.15 39.00 -25.55
C ALA GA 107 -7.95 39.13 -24.04
N TYR GA 108 -8.61 38.26 -23.28
CA TYR GA 108 -8.62 38.33 -21.81
C TYR GA 108 -7.23 38.22 -21.20
N ASN GA 109 -6.38 37.44 -21.85
CA ASN GA 109 -5.05 37.20 -21.31
C ASN GA 109 -3.97 37.97 -22.07
N ALA GA 110 -4.40 39.00 -22.79
CA ALA GA 110 -3.46 39.91 -23.45
C ALA GA 110 -2.89 40.82 -22.38
N ILE GA 111 -1.59 41.14 -22.51
CA ILE GA 111 -0.91 41.98 -21.54
C ILE GA 111 -0.26 43.18 -22.23
N SER GA 112 -0.52 43.30 -23.53
CA SER GA 112 -0.26 44.55 -24.22
C SER GA 112 -1.51 44.92 -25.03
N LYS GA 113 -1.65 46.19 -25.37
CA LYS GA 113 -2.79 46.57 -26.21
C LYS GA 113 -2.52 46.03 -27.59
N PRO GA 114 -3.60 45.67 -28.32
CA PRO GA 114 -3.34 45.13 -29.67
C PRO GA 114 -2.72 46.18 -30.61
N GLU GA 115 -1.61 45.84 -31.22
CA GLU GA 115 -1.00 46.68 -32.25
C GLU GA 115 -1.55 46.24 -33.62
N VAL GA 116 -2.40 47.09 -34.19
CA VAL GA 116 -2.98 46.80 -35.51
C VAL GA 116 -2.00 47.20 -36.62
N LEU GA 117 -1.57 46.21 -37.39
CA LEU GA 117 -0.48 46.41 -38.35
C LEU GA 117 -1.02 46.85 -39.70
N THR GA 118 -2.29 46.60 -39.93
CA THR GA 118 -2.88 46.73 -41.25
C THR GA 118 -3.90 47.88 -41.34
N PRO GA 119 -4.18 48.35 -42.56
CA PRO GA 119 -5.24 49.35 -42.77
C PRO GA 119 -6.58 48.90 -42.17
N GLN GA 120 -7.21 49.76 -41.37
CA GLN GA 120 -8.40 49.33 -40.65
C GLN GA 120 -9.65 49.47 -41.50
N LEU GA 121 -9.75 48.55 -42.46
CA LEU GA 121 -10.90 48.51 -43.39
C LEU GA 121 -11.62 47.19 -43.27
N ALA GA 122 -12.93 47.21 -43.46
CA ALA GA 122 -13.69 45.98 -43.40
C ALA GA 122 -14.36 45.74 -44.74
N HIS GA 123 -14.77 44.50 -44.96
CA HIS GA 123 -15.58 44.11 -46.09
C HIS GA 123 -17.06 44.20 -45.73
N VAL GA 124 -17.83 44.91 -46.55
CA VAL GA 124 -19.28 44.83 -46.40
C VAL GA 124 -19.82 44.28 -47.69
N VAL GA 125 -20.51 43.15 -47.58
CA VAL GA 125 -21.11 42.49 -48.74
C VAL GA 125 -22.57 42.97 -48.85
N SER GA 126 -23.13 42.98 -50.06
CA SER GA 126 -24.48 43.49 -50.31
C SER GA 126 -25.58 42.90 -49.42
N ASP GA 127 -25.39 41.67 -48.95
CA ASP GA 127 -26.35 41.03 -48.07
C ASP GA 127 -26.27 41.52 -46.62
N GLY GA 128 -25.23 42.32 -46.31
CA GLY GA 128 -25.03 42.81 -44.96
C GLY GA 128 -23.99 42.04 -44.16
N GLU GA 129 -23.32 41.07 -44.80
CA GLU GA 129 -22.23 40.32 -44.17
C GLU GA 129 -21.02 41.23 -44.03
N VAL GA 130 -20.48 41.35 -42.81
CA VAL GA 130 -19.31 42.17 -42.58
C VAL GA 130 -18.14 41.29 -42.13
N GLN GA 131 -16.99 41.49 -42.77
CA GLN GA 131 -15.77 40.81 -42.35
C GLN GA 131 -14.68 41.82 -42.07
N TYR GA 132 -14.03 41.69 -40.93
CA TYR GA 132 -12.88 42.53 -40.60
C TYR GA 132 -11.70 41.62 -40.18
N THR GA 133 -10.57 41.74 -40.86
CA THR GA 133 -9.44 40.86 -40.59
C THR GA 133 -8.15 41.65 -40.44
N PRO GA 134 -8.00 42.34 -39.29
CA PRO GA 134 -6.75 43.05 -39.05
C PRO GA 134 -5.61 42.05 -38.72
N SER GA 135 -4.38 42.43 -39.09
CA SER GA 135 -3.23 41.68 -38.61
C SER GA 135 -2.79 42.36 -37.33
N ILE GA 136 -2.71 41.57 -36.27
CA ILE GA 136 -2.39 42.08 -34.94
C ILE GA 136 -1.12 41.49 -34.36
N ARG GA 137 -0.28 42.36 -33.79
CA ARG GA 137 0.80 41.89 -32.94
C ARG GA 137 0.43 42.16 -31.49
N GLN GA 138 0.51 41.13 -30.65
CA GLN GA 138 0.09 41.26 -29.25
C GLN GA 138 0.86 40.29 -28.34
N ARG GA 139 1.07 40.71 -27.11
CA ARG GA 139 1.72 39.90 -26.09
C ARG GA 139 0.69 39.23 -25.18
N PHE GA 140 0.84 37.93 -24.95
CA PHE GA 140 -0.07 37.20 -24.09
C PHE GA 140 0.60 36.54 -22.88
N SER GA 141 -0.18 36.41 -21.83
CA SER GA 141 0.20 35.63 -20.67
C SER GA 141 -0.44 34.26 -20.81
N CYS GA 142 0.39 33.24 -21.01
CA CYS GA 142 -0.11 31.88 -21.20
C CYS GA 142 0.93 30.84 -20.84
N ASP GA 143 0.55 29.56 -20.91
CA ASP GA 143 1.44 28.47 -20.56
C ASP GA 143 2.46 28.19 -21.65
N VAL GA 144 3.72 28.53 -21.38
CA VAL GA 144 4.80 28.40 -22.35
C VAL GA 144 5.66 27.18 -22.03
N SER GA 145 5.30 26.48 -20.95
CA SER GA 145 6.06 25.31 -20.52
C SER GA 145 6.07 24.20 -21.56
N GLY GA 146 7.25 23.73 -21.93
CA GLY GA 146 7.38 22.65 -22.87
C GLY GA 146 7.60 23.13 -24.29
N VAL GA 147 7.81 24.44 -24.44
CA VAL GA 147 8.02 25.02 -25.76
C VAL GA 147 9.25 24.42 -26.44
N ASP GA 148 10.23 23.99 -25.64
CA ASP GA 148 11.49 23.46 -26.17
C ASP GA 148 11.53 21.93 -26.28
N THR GA 149 10.39 21.29 -26.00
CA THR GA 149 10.26 19.83 -26.12
C THR GA 149 9.61 19.48 -27.45
N GLU GA 150 9.36 18.18 -27.69
CA GLU GA 150 8.83 17.75 -28.99
C GLU GA 150 7.30 17.87 -29.01
N SER GA 151 6.68 17.73 -27.85
CA SER GA 151 5.24 17.86 -27.75
C SER GA 151 4.84 19.35 -27.76
N GLY GA 152 5.79 20.21 -27.42
CA GLY GA 152 5.61 21.66 -27.52
C GLY GA 152 4.83 22.27 -26.38
N ALA GA 153 4.70 23.60 -26.40
CA ALA GA 153 3.85 24.32 -25.45
C ALA GA 153 2.43 24.48 -26.02
N THR GA 154 1.47 24.66 -25.13
CA THR GA 154 0.11 24.94 -25.58
C THR GA 154 -0.40 26.24 -24.96
N CYS GA 155 -0.30 27.31 -25.74
CA CYS GA 155 -0.77 28.62 -25.33
C CYS GA 155 -2.27 28.81 -25.65
N ARG GA 156 -3.05 29.09 -24.61
CA ARG GA 156 -4.49 29.24 -24.72
C ARG GA 156 -4.88 30.73 -24.77
N ILE GA 157 -5.48 31.17 -25.87
CA ILE GA 157 -5.90 32.57 -26.04
C ILE GA 157 -7.41 32.76 -25.95
N LYS GA 158 -7.86 33.59 -25.01
CA LYS GA 158 -9.28 33.73 -24.72
C LYS GA 158 -9.83 35.03 -25.29
N ILE GA 159 -10.72 34.92 -26.28
CA ILE GA 159 -11.26 36.09 -26.97
C ILE GA 159 -12.78 36.10 -26.88
N GLY GA 160 -13.34 37.20 -26.40
CA GLY GA 160 -14.77 37.36 -26.36
C GLY GA 160 -15.21 38.81 -26.31
N SER GA 161 -16.51 39.05 -26.38
CA SER GA 161 -17.01 40.42 -26.23
C SER GA 161 -16.73 40.93 -24.81
N TRP GA 162 -16.23 42.16 -24.71
CA TRP GA 162 -15.94 42.71 -23.41
C TRP GA 162 -17.21 43.14 -22.65
N THR GA 163 -18.17 43.71 -23.36
CA THR GA 163 -19.34 44.29 -22.69
C THR GA 163 -20.69 43.70 -23.13
N HIS GA 164 -20.70 42.88 -24.18
CA HIS GA 164 -21.97 42.30 -24.61
C HIS GA 164 -22.11 40.84 -24.18
N HIS GA 165 -23.20 40.53 -23.49
CA HIS GA 165 -23.45 39.17 -23.02
C HIS GA 165 -24.05 38.27 -24.12
N SER GA 166 -24.30 37.01 -23.77
CA SER GA 166 -24.66 35.96 -24.75
C SER GA 166 -25.94 36.24 -25.53
N ARG GA 167 -26.83 37.06 -24.99
CA ARG GA 167 -28.05 37.38 -25.71
C ARG GA 167 -27.84 38.46 -26.75
N GLU GA 168 -26.79 39.27 -26.56
CA GLU GA 168 -26.42 40.34 -27.49
C GLU GA 168 -25.33 39.90 -28.49
N ILE GA 169 -24.28 39.28 -27.99
CA ILE GA 169 -23.23 38.76 -28.87
C ILE GA 169 -22.91 37.31 -28.54
N SER GA 170 -22.95 36.46 -29.57
CA SER GA 170 -22.45 35.10 -29.45
C SER GA 170 -21.21 34.90 -30.34
N VAL GA 171 -20.16 34.30 -29.78
CA VAL GA 171 -18.95 34.03 -30.55
C VAL GA 171 -18.83 32.56 -30.91
N ASP GA 172 -18.39 32.29 -32.13
CA ASP GA 172 -18.24 30.93 -32.63
C ASP GA 172 -16.95 30.78 -33.45
N PRO GA 173 -16.30 29.62 -33.34
CA PRO GA 173 -15.14 29.31 -34.19
C PRO GA 173 -15.59 29.12 -35.63
N THR GA 174 -14.63 29.08 -36.55
CA THR GA 174 -14.92 28.91 -37.97
C THR GA 174 -14.70 27.48 -38.44
N SER GA 181 -1.75 26.49 -39.64
CA SER GA 181 -0.39 26.91 -39.90
C SER GA 181 -0.23 27.33 -41.33
N GLU GA 182 -1.33 27.65 -41.93
CA GLU GA 182 -1.39 27.95 -43.34
C GLU GA 182 -0.60 29.15 -43.77
N TYR GA 183 -0.68 30.22 -43.00
CA TYR GA 183 0.02 31.45 -43.31
C TYR GA 183 1.19 31.75 -42.40
N PHE GA 184 1.62 30.78 -41.61
CA PHE GA 184 2.66 30.97 -40.62
C PHE GA 184 3.99 31.17 -41.31
N SER GA 185 4.81 32.04 -40.78
CA SER GA 185 6.11 32.35 -41.35
C SER GA 185 7.06 31.18 -41.25
N GLN GA 186 7.68 30.82 -42.37
CA GLN GA 186 8.69 29.77 -42.33
C GLN GA 186 9.97 30.27 -41.66
N TYR GA 187 10.05 31.58 -41.42
CA TYR GA 187 11.26 32.18 -40.85
C TYR GA 187 11.18 32.39 -39.35
N SER GA 188 10.07 31.97 -38.77
CA SER GA 188 9.96 31.98 -37.32
C SER GA 188 10.91 30.97 -36.69
N ARG GA 189 11.32 31.24 -35.45
CA ARG GA 189 12.07 30.27 -34.67
C ARG GA 189 11.17 29.18 -34.15
N PHE GA 190 9.90 29.25 -34.50
CA PHE GA 190 8.93 28.28 -34.00
C PHE GA 190 8.15 27.62 -35.11
N GLU GA 191 7.33 26.66 -34.70
CA GLU GA 191 6.55 25.95 -35.67
C GLU GA 191 5.29 25.58 -34.94
N ILE GA 192 4.21 25.51 -35.71
CA ILE GA 192 2.92 25.19 -35.15
C ILE GA 192 2.61 23.72 -35.36
N LEU GA 193 2.30 23.04 -34.26
CA LEU GA 193 1.92 21.63 -34.31
C LEU GA 193 0.43 21.47 -34.53
N ASP GA 194 -0.35 22.23 -33.77
CA ASP GA 194 -1.80 22.14 -33.86
C ASP GA 194 -2.50 23.41 -33.35
N VAL GA 195 -3.65 23.73 -33.93
CA VAL GA 195 -4.51 24.80 -33.42
C VAL GA 195 -5.91 24.27 -33.21
N THR GA 196 -6.39 24.31 -31.97
CA THR GA 196 -7.74 23.89 -31.66
C THR GA 196 -8.53 25.07 -31.09
N GLN GA 197 -9.83 25.09 -31.36
CA GLN GA 197 -10.67 26.18 -30.89
C GLN GA 197 -11.78 25.63 -30.01
N LYS GA 198 -12.14 26.36 -28.95
CA LYS GA 198 -13.18 25.91 -28.03
C LYS GA 198 -14.06 27.05 -27.56
N LYS GA 199 -15.38 26.89 -27.66
CA LYS GA 199 -16.31 27.94 -27.26
C LYS GA 199 -16.74 27.77 -25.80
N ASN GA 200 -16.76 28.87 -25.06
CA ASN GA 200 -17.20 28.86 -23.66
C ASN GA 200 -18.23 29.90 -23.37
N SER GA 201 -18.89 29.75 -22.23
CA SER GA 201 -19.88 30.70 -21.78
C SER GA 201 -19.69 30.90 -20.28
N VAL GA 202 -19.23 32.09 -19.90
CA VAL GA 202 -18.81 32.33 -18.53
C VAL GA 202 -19.66 33.41 -17.85
N THR GA 203 -19.97 33.18 -16.57
CA THR GA 203 -20.59 34.20 -15.74
C THR GA 203 -19.54 34.88 -14.86
N TYR GA 204 -19.60 36.20 -14.82
CA TYR GA 204 -18.66 37.00 -14.06
C TYR GA 204 -19.36 37.64 -12.86
N SER GA 205 -18.58 37.97 -11.83
CA SER GA 205 -19.11 38.48 -10.57
C SER GA 205 -19.93 39.74 -10.75
N CYS GA 206 -19.48 40.60 -11.66
CA CYS GA 206 -20.08 41.91 -11.84
C CYS GA 206 -21.52 41.82 -12.30
N CYS GA 207 -21.82 40.83 -13.15
CA CYS GA 207 -23.03 40.84 -13.95
C CYS GA 207 -23.73 39.50 -13.90
N PRO GA 208 -25.07 39.52 -13.99
CA PRO GA 208 -25.90 38.31 -13.88
C PRO GA 208 -25.90 37.46 -15.16
N GLU GA 209 -25.59 38.06 -16.31
CA GLU GA 209 -25.67 37.34 -17.58
C GLU GA 209 -24.37 36.62 -17.91
N ALA GA 210 -24.44 35.74 -18.90
CA ALA GA 210 -23.26 34.98 -19.32
C ALA GA 210 -22.63 35.62 -20.56
N TYR GA 211 -21.31 35.67 -20.56
CA TYR GA 211 -20.56 36.21 -21.68
C TYR GA 211 -19.84 35.06 -22.40
N GLU GA 212 -19.97 35.03 -23.72
CA GLU GA 212 -19.32 34.00 -24.50
C GLU GA 212 -17.88 34.39 -24.85
N ASP GA 213 -17.04 33.37 -25.00
CA ASP GA 213 -15.69 33.56 -25.49
C ASP GA 213 -15.26 32.38 -26.38
N VAL GA 214 -14.18 32.58 -27.12
CA VAL GA 214 -13.55 31.50 -27.84
C VAL GA 214 -12.17 31.35 -27.27
N GLU GA 215 -11.81 30.11 -26.90
CA GLU GA 215 -10.45 29.81 -26.50
C GLU GA 215 -9.73 29.10 -27.63
N VAL GA 216 -8.74 29.78 -28.18
CA VAL GA 216 -7.90 29.22 -29.23
C VAL GA 216 -6.66 28.64 -28.57
N SER GA 217 -6.48 27.33 -28.69
CA SER GA 217 -5.28 26.67 -28.17
C SER GA 217 -4.22 26.56 -29.25
N LEU GA 218 -3.12 27.28 -29.06
CA LEU GA 218 -1.99 27.24 -29.97
C LEU GA 218 -0.91 26.29 -29.45
N ASN GA 219 -0.78 25.15 -30.11
CA ASN GA 219 0.26 24.18 -29.76
C ASN GA 219 1.47 24.38 -30.67
N PHE GA 220 2.57 24.86 -30.10
CA PHE GA 220 3.74 25.20 -30.87
C PHE GA 220 5.02 24.80 -30.16
N ARG GA 221 6.12 24.75 -30.91
CA ARG GA 221 7.40 24.42 -30.28
C ARG GA 221 8.53 25.13 -31.00
N LYS GA 222 9.61 25.33 -30.25
CA LYS GA 222 10.88 25.79 -30.77
C LYS GA 222 11.33 24.78 -31.85
N LYS GA 223 11.87 25.28 -32.94
CA LYS GA 223 12.39 24.42 -33.99
C LYS GA 223 13.70 23.71 -33.58
N LEU HA 20 -39.00 52.53 -27.44
CA LEU HA 20 -37.55 52.72 -27.48
C LEU HA 20 -36.77 51.45 -27.81
N ASP HA 21 -35.94 51.51 -28.84
CA ASP HA 21 -34.97 50.44 -29.05
C ASP HA 21 -33.54 50.95 -28.77
N ARG HA 22 -32.54 50.07 -28.91
CA ARG HA 22 -31.15 50.48 -28.70
C ARG HA 22 -30.74 51.71 -29.50
N ALA HA 23 -31.07 51.71 -30.80
CA ALA HA 23 -30.78 52.84 -31.70
C ALA HA 23 -31.24 54.15 -31.09
N ASP HA 24 -32.47 54.19 -30.59
CA ASP HA 24 -33.02 55.43 -30.08
C ASP HA 24 -32.32 55.87 -28.78
N ILE HA 25 -32.11 54.92 -27.88
CA ILE HA 25 -31.44 55.18 -26.61
C ILE HA 25 -30.04 55.72 -26.82
N LEU HA 26 -29.29 55.09 -27.71
CA LEU HA 26 -27.93 55.53 -28.00
C LEU HA 26 -27.95 56.90 -28.66
N TYR HA 27 -28.97 57.12 -29.50
CA TYR HA 27 -29.13 58.40 -30.18
C TYR HA 27 -29.40 59.51 -29.17
N ASN HA 28 -30.31 59.25 -28.24
CA ASN HA 28 -30.57 60.21 -27.17
C ASN HA 28 -29.33 60.49 -26.32
N ILE HA 29 -28.62 59.45 -25.92
CA ILE HA 29 -27.45 59.58 -25.08
C ILE HA 29 -26.39 60.37 -25.78
N ARG HA 30 -26.18 60.10 -27.04
CA ARG HA 30 -25.23 60.85 -27.82
C ARG HA 30 -25.61 62.29 -27.99
N GLN HA 31 -26.88 62.54 -28.23
CA GLN HA 31 -27.34 63.90 -28.38
C GLN HA 31 -27.37 64.75 -27.15
N THR HA 32 -27.63 64.15 -26.01
CA THR HA 32 -27.96 64.90 -24.80
C THR HA 32 -27.02 64.70 -23.61
N SER HA 33 -26.24 63.64 -23.59
CA SER HA 33 -25.30 63.48 -22.48
C SER HA 33 -24.23 64.58 -22.61
N ARG HA 34 -23.74 65.03 -21.46
CA ARG HA 34 -22.79 66.12 -21.42
C ARG HA 34 -21.51 65.62 -20.76
N PRO HA 35 -20.60 65.06 -21.58
CA PRO HA 35 -19.39 64.37 -21.09
C PRO HA 35 -18.54 65.27 -20.19
N ASP HA 36 -18.62 66.57 -20.43
CA ASP HA 36 -17.88 67.56 -19.68
C ASP HA 36 -18.51 67.87 -18.32
N VAL HA 37 -19.72 67.36 -18.10
CA VAL HA 37 -20.54 67.78 -16.96
C VAL HA 37 -20.74 66.68 -15.92
N ILE HA 38 -20.13 66.87 -14.76
CA ILE HA 38 -20.31 65.92 -13.68
C ILE HA 38 -21.78 65.84 -13.27
N PRO HA 39 -22.34 64.63 -13.25
CA PRO HA 39 -23.77 64.42 -12.98
C PRO HA 39 -24.07 64.49 -11.48
N THR HA 40 -23.65 65.60 -10.87
CA THR HA 40 -23.89 65.83 -9.46
C THR HA 40 -25.36 66.17 -9.23
N GLN HA 41 -25.84 65.82 -8.03
CA GLN HA 41 -27.11 66.31 -7.48
C GLN HA 41 -26.86 67.15 -6.22
N ARG HA 44 -24.55 67.69 -3.68
CA ARG HA 44 -24.35 66.30 -3.24
C ARG HA 44 -23.45 65.50 -4.21
N PRO HA 45 -22.40 64.82 -3.69
CA PRO HA 45 -21.37 64.18 -4.52
C PRO HA 45 -21.80 62.95 -5.32
N VAL HA 46 -21.21 62.75 -6.49
CA VAL HA 46 -21.41 61.52 -7.23
C VAL HA 46 -20.65 60.42 -6.50
N ALA HA 47 -21.36 59.34 -6.18
CA ALA HA 47 -20.73 58.21 -5.50
C ALA HA 47 -20.09 57.27 -6.53
N VAL HA 48 -18.76 57.19 -6.49
CA VAL HA 48 -18.03 56.33 -7.41
C VAL HA 48 -17.50 55.10 -6.69
N SER HA 49 -17.90 53.92 -7.17
CA SER HA 49 -17.32 52.66 -6.72
C SER HA 49 -16.06 52.32 -7.52
N VAL HA 50 -14.99 51.95 -6.80
CA VAL HA 50 -13.76 51.48 -7.45
C VAL HA 50 -13.40 50.13 -6.89
N SER HA 51 -13.14 49.18 -7.77
CA SER HA 51 -12.77 47.82 -7.41
C SER HA 51 -11.77 47.27 -8.43
N LEU HA 52 -10.53 47.06 -7.98
CA LEU HA 52 -9.48 46.49 -8.85
C LEU HA 52 -9.55 44.96 -8.86
N LYS HA 53 -9.67 44.38 -10.05
CA LYS HA 53 -9.64 42.93 -10.20
C LYS HA 53 -8.33 42.59 -10.87
N PHE HA 54 -7.38 42.08 -10.08
CA PHE HA 54 -6.03 41.83 -10.58
C PHE HA 54 -5.99 40.64 -11.51
N ILE HA 55 -5.35 40.84 -12.66
CA ILE HA 55 -5.31 39.84 -13.71
C ILE HA 55 -3.90 39.25 -13.78
N ASN HA 56 -2.91 40.12 -13.67
CA ASN HA 56 -1.54 39.68 -13.77
C ASN HA 56 -0.54 40.64 -13.13
N ILE HA 57 0.58 40.08 -12.68
CA ILE HA 57 1.71 40.85 -12.20
C ILE HA 57 2.89 40.45 -13.06
N LEU HA 58 3.52 41.41 -13.72
CA LEU HA 58 4.38 41.10 -14.85
C LEU HA 58 5.87 41.31 -14.63
N GLU HA 59 6.25 42.41 -14.01
CA GLU HA 59 7.68 42.70 -13.92
C GLU HA 59 7.97 43.43 -12.62
N VAL HA 60 8.29 42.65 -11.60
CA VAL HA 60 8.63 43.18 -10.29
C VAL HA 60 10.11 43.55 -10.26
N ASN HA 61 10.44 44.64 -9.58
CA ASN HA 61 11.83 45.05 -9.38
C ASN HA 61 12.01 45.51 -7.94
N GLU HA 62 12.63 44.65 -7.13
CA GLU HA 62 12.75 44.87 -5.69
C GLU HA 62 13.77 45.96 -5.37
N ILE HA 63 14.71 46.16 -6.29
CA ILE HA 63 15.69 47.26 -6.17
C ILE HA 63 15.01 48.63 -6.36
N THR HA 64 14.37 48.82 -7.52
CA THR HA 64 13.77 50.09 -7.87
C THR HA 64 12.41 50.32 -7.23
N ASN HA 65 11.83 49.26 -6.66
CA ASN HA 65 10.51 49.37 -6.05
C ASN HA 65 9.41 49.73 -7.07
N GLU HA 66 9.40 49.00 -8.18
CA GLU HA 66 8.45 49.24 -9.26
C GLU HA 66 7.82 47.92 -9.67
N VAL HA 67 6.51 47.94 -9.87
CA VAL HA 67 5.80 46.76 -10.36
C VAL HA 67 5.00 47.08 -11.61
N ASP HA 68 4.76 46.06 -12.42
CA ASP HA 68 3.98 46.20 -13.65
C ASP HA 68 2.77 45.31 -13.42
N VAL HA 69 1.59 45.92 -13.40
CA VAL HA 69 0.36 45.19 -13.08
C VAL HA 69 -0.66 45.30 -14.21
N VAL HA 70 -1.41 44.21 -14.40
CA VAL HA 70 -2.59 44.21 -15.26
C VAL HA 70 -3.82 43.99 -14.38
N PHE HA 71 -4.80 44.87 -14.50
CA PHE HA 71 -5.98 44.79 -13.65
C PHE HA 71 -7.22 45.40 -14.33
N TRP HA 72 -8.39 44.89 -13.97
CA TRP HA 72 -9.64 45.49 -14.40
C TRP HA 72 -9.94 46.58 -13.40
N GLN HA 73 -10.11 47.80 -13.90
CA GLN HA 73 -10.51 48.92 -13.04
C GLN HA 73 -12.02 49.11 -13.10
N GLN HA 74 -12.74 48.27 -12.37
CA GLN HA 74 -14.20 48.33 -12.35
C GLN HA 74 -14.68 49.61 -11.67
N THR HA 75 -15.25 50.50 -12.47
CA THR HA 75 -15.71 51.80 -11.99
C THR HA 75 -17.23 51.93 -12.16
N THR HA 76 -17.94 52.31 -11.09
CA THR HA 76 -19.38 52.34 -11.13
C THR HA 76 -19.90 53.62 -10.50
N TRP HA 77 -20.83 54.27 -11.20
CA TRP HA 77 -21.47 55.48 -10.69
C TRP HA 77 -22.83 55.66 -11.30
N SER HA 78 -23.47 56.78 -10.95
CA SER HA 78 -24.85 57.00 -11.35
C SER HA 78 -24.97 58.33 -12.06
N ASP HA 79 -25.63 58.31 -13.21
CA ASP HA 79 -25.95 59.51 -13.97
C ASP HA 79 -27.43 59.48 -14.41
N ARG HA 80 -28.30 60.12 -13.64
CA ARG HA 80 -29.75 60.05 -13.87
C ARG HA 80 -30.17 60.66 -15.22
N THR HA 81 -29.40 61.63 -15.70
CA THR HA 81 -29.67 62.24 -17.00
C THR HA 81 -29.62 61.24 -18.16
N LEU HA 82 -29.15 60.01 -17.88
CA LEU HA 82 -29.05 58.98 -18.91
C LEU HA 82 -30.20 57.99 -18.82
N ALA HA 83 -30.98 58.10 -17.76
CA ALA HA 83 -32.05 57.15 -17.48
C ALA HA 83 -33.15 57.19 -18.54
N TRP HA 84 -33.86 56.06 -18.68
CA TRP HA 84 -34.95 55.98 -19.63
C TRP HA 84 -36.00 54.99 -19.14
N ASN HA 85 -37.20 55.11 -19.72
CA ASN HA 85 -38.31 54.22 -19.39
C ASN HA 85 -38.12 52.85 -20.05
N SER HA 86 -37.77 51.85 -19.25
CA SER HA 86 -37.40 50.54 -19.80
C SER HA 86 -38.57 49.57 -19.92
N SER HA 87 -39.79 50.09 -19.96
CA SER HA 87 -40.98 49.25 -20.00
C SER HA 87 -40.96 48.24 -21.15
N HIS HA 88 -40.77 48.75 -22.37
CA HIS HA 88 -40.67 47.90 -23.56
C HIS HA 88 -39.37 48.20 -24.28
N SER HA 89 -38.31 48.34 -23.49
CA SER HA 89 -37.02 48.76 -23.99
C SER HA 89 -35.94 47.86 -23.38
N PRO HA 90 -34.72 47.90 -23.94
CA PRO HA 90 -33.58 47.22 -23.32
C PRO HA 90 -33.30 47.78 -21.92
N ASP HA 91 -32.74 46.97 -21.02
CA ASP HA 91 -32.41 47.41 -19.67
C ASP HA 91 -31.04 48.07 -19.64
N GLN HA 92 -30.27 47.83 -20.69
CA GLN HA 92 -28.84 48.13 -20.69
C GLN HA 92 -28.32 48.34 -22.12
N VAL HA 93 -27.41 49.30 -22.27
CA VAL HA 93 -26.71 49.48 -23.53
C VAL HA 93 -25.21 49.66 -23.30
N SER HA 94 -24.44 49.50 -24.37
CA SER HA 94 -23.02 49.75 -24.31
C SER HA 94 -22.75 51.05 -25.05
N VAL HA 95 -22.06 51.95 -24.36
CA VAL HA 95 -21.85 53.28 -24.89
C VAL HA 95 -20.35 53.60 -24.88
N PRO HA 96 -19.84 54.17 -25.99
CA PRO HA 96 -18.48 54.71 -26.00
C PRO HA 96 -18.30 55.73 -24.86
N ILE HA 97 -17.24 55.60 -24.07
CA ILE HA 97 -17.03 56.53 -22.95
C ILE HA 97 -16.86 57.98 -23.41
N SER HA 98 -16.43 58.18 -24.65
CA SER HA 98 -16.34 59.53 -25.21
C SER HA 98 -17.70 60.24 -25.28
N SER HA 99 -18.78 59.47 -25.22
CA SER HA 99 -20.14 60.04 -25.18
C SER HA 99 -20.72 60.12 -23.78
N LEU HA 100 -19.92 59.83 -22.75
CA LEU HA 100 -20.41 59.88 -21.38
C LEU HA 100 -19.49 60.70 -20.52
N TRP HA 101 -20.01 61.23 -19.43
CA TRP HA 101 -19.15 61.78 -18.41
C TRP HA 101 -18.53 60.60 -17.66
N VAL HA 102 -17.24 60.72 -17.37
CA VAL HA 102 -16.49 59.66 -16.71
C VAL HA 102 -15.69 60.28 -15.57
N PRO HA 103 -15.69 59.63 -14.39
CA PRO HA 103 -14.88 60.17 -13.28
C PRO HA 103 -13.41 60.29 -13.66
N ASP HA 104 -12.78 61.42 -13.31
CA ASP HA 104 -11.36 61.62 -13.59
C ASP HA 104 -10.40 60.90 -12.62
N LEU HA 105 -10.57 59.58 -12.49
CA LEU HA 105 -9.74 58.80 -11.56
C LEU HA 105 -8.28 58.74 -12.04
N ALA HA 106 -7.35 58.77 -11.09
CA ALA HA 106 -5.92 58.59 -11.40
C ALA HA 106 -5.25 57.79 -10.30
N ALA HA 107 -4.28 56.96 -10.69
CA ALA HA 107 -3.41 56.30 -9.70
C ALA HA 107 -2.27 57.23 -9.33
N TYR HA 108 -2.28 57.71 -8.09
CA TYR HA 108 -1.29 58.67 -7.60
C TYR HA 108 0.14 58.20 -7.70
N ASN HA 109 0.36 56.90 -7.54
CA ASN HA 109 1.72 56.33 -7.53
C ASN HA 109 2.02 55.56 -8.80
N ALA HA 110 1.26 55.84 -9.85
CA ALA HA 110 1.53 55.25 -11.17
C ALA HA 110 2.70 56.02 -11.77
N ILE HA 111 3.55 55.35 -12.53
CA ILE HA 111 4.72 56.01 -13.12
C ILE HA 111 4.76 55.83 -14.62
N SER HA 112 3.71 55.20 -15.14
CA SER HA 112 3.45 55.17 -16.57
C SER HA 112 2.00 55.61 -16.76
N LYS HA 113 1.67 56.17 -17.91
CA LYS HA 113 0.24 56.42 -18.17
C LYS HA 113 -0.47 55.09 -18.36
N PRO HA 114 -1.76 55.04 -18.01
CA PRO HA 114 -2.49 53.77 -18.11
C PRO HA 114 -2.62 53.28 -19.55
N GLU HA 115 -2.19 52.06 -19.81
CA GLU HA 115 -2.43 51.43 -21.11
C GLU HA 115 -3.78 50.68 -21.06
N VAL HA 116 -4.78 51.21 -21.76
CA VAL HA 116 -6.10 50.56 -21.82
C VAL HA 116 -6.12 49.46 -22.88
N LEU HA 117 -6.37 48.23 -22.43
CA LEU HA 117 -6.16 47.07 -23.31
C LEU HA 117 -7.45 46.72 -24.03
N THR HA 118 -8.55 47.22 -23.49
CA THR HA 118 -9.87 46.78 -23.91
C THR HA 118 -10.67 47.88 -24.62
N PRO HA 119 -11.71 47.49 -25.41
CA PRO HA 119 -12.60 48.47 -26.06
C PRO HA 119 -13.18 49.45 -25.04
N GLN HA 120 -13.09 50.74 -25.32
CA GLN HA 120 -13.51 51.72 -24.32
C GLN HA 120 -15.02 51.98 -24.31
N LEU HA 121 -15.77 50.97 -23.87
CA LEU HA 121 -17.23 51.03 -23.80
C LEU HA 121 -17.69 50.87 -22.35
N ALA HA 122 -18.78 51.55 -22.01
CA ALA HA 122 -19.36 51.43 -20.68
C ALA HA 122 -20.78 50.85 -20.74
N HIS HA 123 -21.26 50.31 -19.63
CA HIS HA 123 -22.66 49.90 -19.53
C HIS HA 123 -23.46 51.06 -19.00
N VAL HA 124 -24.55 51.35 -19.68
CA VAL HA 124 -25.53 52.25 -19.07
C VAL HA 124 -26.80 51.45 -18.85
N VAL HA 125 -27.27 51.44 -17.61
CA VAL HA 125 -28.49 50.74 -17.27
C VAL HA 125 -29.62 51.75 -17.27
N SER HA 126 -30.84 51.31 -17.57
CA SER HA 126 -32.00 52.20 -17.72
C SER HA 126 -32.23 53.14 -16.53
N ASP HA 127 -31.83 52.72 -15.33
CA ASP HA 127 -31.95 53.57 -14.15
C ASP HA 127 -30.89 54.67 -14.07
N GLY HA 128 -29.90 54.62 -14.97
CA GLY HA 128 -28.86 55.63 -15.01
C GLY HA 128 -27.58 55.19 -14.34
N GLU HA 129 -27.51 53.92 -13.93
CA GLU HA 129 -26.27 53.39 -13.35
C GLU HA 129 -25.28 53.13 -14.50
N VAL HA 130 -24.07 53.65 -14.34
CA VAL HA 130 -23.02 53.47 -15.33
C VAL HA 130 -21.88 52.64 -14.76
N GLN HA 131 -21.45 51.64 -15.53
CA GLN HA 131 -20.30 50.85 -15.17
C GLN HA 131 -19.27 50.85 -16.29
N TYR HA 132 -18.01 51.10 -15.95
CA TYR HA 132 -16.92 51.06 -16.91
C TYR HA 132 -15.79 50.22 -16.32
N THR HA 133 -15.38 49.18 -17.03
CA THR HA 133 -14.38 48.26 -16.49
C THR HA 133 -13.30 47.97 -17.52
N PRO HA 134 -12.41 48.95 -17.73
CA PRO HA 134 -11.31 48.71 -18.66
C PRO HA 134 -10.26 47.77 -18.04
N SER HA 135 -9.60 46.97 -18.87
CA SER HA 135 -8.43 46.23 -18.41
C SER HA 135 -7.22 47.11 -18.65
N ILE HA 136 -6.46 47.37 -17.60
CA ILE HA 136 -5.37 48.32 -17.69
C ILE HA 136 -4.06 47.67 -17.33
N ARG HA 137 -3.04 47.95 -18.14
CA ARG HA 137 -1.66 47.63 -17.76
C ARG HA 137 -0.95 48.92 -17.34
N GLN HA 138 -0.37 48.92 -16.14
CA GLN HA 138 0.25 50.11 -15.60
C GLN HA 138 1.39 49.83 -14.62
N ARG HA 139 2.34 50.75 -14.58
CA ARG HA 139 3.50 50.63 -13.72
CA ARG HA 139 3.51 50.64 -13.72
C ARG HA 139 3.40 51.48 -12.46
N PHE HA 140 3.64 50.87 -11.33
CA PHE HA 140 3.51 51.58 -10.07
C PHE HA 140 4.82 51.65 -9.29
N SER HA 141 4.93 52.71 -8.52
CA SER HA 141 6.00 52.85 -7.55
C SER HA 141 5.40 52.48 -6.21
N CYS HA 142 5.84 51.35 -5.65
CA CYS HA 142 5.33 50.88 -4.36
C CYS HA 142 6.34 50.00 -3.64
N ASP HA 143 5.98 49.58 -2.42
CA ASP HA 143 6.85 48.73 -1.62
C ASP HA 143 6.88 47.27 -2.10
N VAL HA 144 7.99 46.88 -2.70
CA VAL HA 144 8.14 45.55 -3.27
C VAL HA 144 8.99 44.64 -2.36
N SER HA 145 9.45 45.21 -1.25
CA SER HA 145 10.28 44.49 -0.29
C SER HA 145 9.54 43.27 0.30
N GLY HA 146 10.19 42.10 0.24
CA GLY HA 146 9.63 40.88 0.78
C GLY HA 146 8.85 40.06 -0.23
N VAL HA 147 8.92 40.48 -1.49
CA VAL HA 147 8.21 39.79 -2.57
C VAL HA 147 8.65 38.33 -2.67
N ASP HA 148 9.89 38.07 -2.29
CA ASP HA 148 10.46 36.73 -2.44
C ASP HA 148 10.39 35.91 -1.15
N THR HA 149 9.71 36.46 -0.13
CA THR HA 149 9.49 35.74 1.13
C THR HA 149 8.10 35.10 1.15
N GLU HA 150 7.76 34.43 2.24
CA GLU HA 150 6.49 33.70 2.34
C GLU HA 150 5.34 34.59 2.86
N SER HA 151 5.68 35.73 3.45
CA SER HA 151 4.66 36.72 3.84
C SER HA 151 4.38 37.68 2.67
N GLY HA 152 5.33 37.76 1.75
CA GLY HA 152 5.16 38.50 0.51
C GLY HA 152 5.37 40.00 0.63
N ALA HA 153 5.27 40.69 -0.51
CA ALA HA 153 5.28 42.15 -0.53
C ALA HA 153 3.86 42.68 -0.43
N THR HA 154 3.72 43.91 0.04
CA THR HA 154 2.41 44.57 0.04
C THR HA 154 2.49 45.89 -0.71
N CYS HA 155 2.01 45.87 -1.95
CA CYS HA 155 2.01 47.04 -2.81
C CYS HA 155 0.70 47.82 -2.66
N ARG HA 156 0.82 49.10 -2.31
CA ARG HA 156 -0.33 49.93 -2.02
C ARG HA 156 -0.60 50.84 -3.22
N ILE HA 157 -1.77 50.70 -3.83
CA ILE HA 157 -2.17 51.52 -4.98
C ILE HA 157 -3.25 52.55 -4.63
N LYS HA 158 -2.92 53.83 -4.83
CA LYS HA 158 -3.79 54.94 -4.43
C LYS HA 158 -4.56 55.51 -5.62
N ILE HA 159 -5.88 55.31 -5.63
CA ILE HA 159 -6.72 55.80 -6.72
C ILE HA 159 -7.78 56.75 -6.22
N GLY HA 160 -7.86 57.92 -6.87
CA GLY HA 160 -8.89 58.92 -6.57
C GLY HA 160 -9.13 59.91 -7.70
N SER HA 161 -10.14 60.76 -7.51
CA SER HA 161 -10.39 61.82 -8.48
C SER HA 161 -9.22 62.78 -8.49
N TRP HA 162 -8.77 63.17 -9.68
CA TRP HA 162 -7.69 64.11 -9.78
C TRP HA 162 -8.12 65.54 -9.47
N THR HA 163 -9.31 65.91 -9.94
CA THR HA 163 -9.71 67.33 -9.84
C THR HA 163 -10.99 67.58 -9.07
N HIS HA 164 -11.68 66.51 -8.66
CA HIS HA 164 -12.95 66.72 -7.98
C HIS HA 164 -12.81 66.36 -6.50
N HIS HA 165 -13.22 67.30 -5.63
CA HIS HA 165 -13.08 67.10 -4.19
C HIS HA 165 -14.27 66.32 -3.62
N SER HA 166 -14.26 66.12 -2.30
CA SER HA 166 -15.18 65.18 -1.66
C SER HA 166 -16.66 65.51 -1.82
N ARG HA 167 -16.98 66.79 -2.05
CA ARG HA 167 -18.37 67.22 -2.22
C ARG HA 167 -18.84 67.12 -3.66
N GLU HA 168 -17.91 66.80 -4.58
CA GLU HA 168 -18.22 66.53 -5.98
C GLU HA 168 -18.11 65.03 -6.31
N ILE HA 169 -17.01 64.43 -5.89
CA ILE HA 169 -16.81 62.98 -6.06
C ILE HA 169 -16.37 62.30 -4.76
N SER HA 170 -17.10 61.26 -4.38
CA SER HA 170 -16.66 60.39 -3.28
C SER HA 170 -16.38 59.00 -3.84
N VAL HA 171 -15.25 58.44 -3.46
CA VAL HA 171 -14.87 57.09 -3.87
C VAL HA 171 -15.06 56.10 -2.75
N ASP HA 172 -15.51 54.90 -3.10
CA ASP HA 172 -15.77 53.84 -2.12
C ASP HA 172 -15.39 52.49 -2.69
N PRO HA 173 -14.86 51.60 -1.83
CA PRO HA 173 -14.57 50.21 -2.22
C PRO HA 173 -15.86 49.44 -2.46
N THR HA 174 -15.77 48.26 -3.06
CA THR HA 174 -16.94 47.43 -3.35
C THR HA 174 -17.14 46.31 -2.33
N SER HA 178 -15.05 39.80 -0.81
CA SER HA 178 -15.36 39.01 -2.00
C SER HA 178 -14.23 38.03 -2.32
N ASP HA 179 -13.70 38.15 -3.54
CA ASP HA 179 -12.54 37.37 -3.96
C ASP HA 179 -11.35 38.30 -4.32
N ASP HA 180 -10.21 37.67 -4.62
CA ASP HA 180 -8.95 38.36 -4.93
C ASP HA 180 -8.31 37.77 -6.20
N SER HA 181 -7.89 36.52 -6.10
CA SER HA 181 -7.26 35.78 -7.20
C SER HA 181 -8.29 35.25 -8.18
N GLU HA 182 -9.47 35.86 -8.20
CA GLU HA 182 -10.59 35.31 -8.95
C GLU HA 182 -10.28 35.23 -10.44
N TYR HA 183 -9.75 36.31 -10.99
CA TYR HA 183 -9.38 36.32 -12.40
C TYR HA 183 -7.88 36.37 -12.60
N PHE HA 184 -7.14 36.19 -11.51
CA PHE HA 184 -5.69 36.28 -11.59
C PHE HA 184 -5.09 35.13 -12.40
N SER HA 185 -4.15 35.46 -13.27
CA SER HA 185 -3.54 34.45 -14.15
C SER HA 185 -2.77 33.39 -13.36
N GLN HA 186 -3.05 32.12 -13.63
CA GLN HA 186 -2.29 31.04 -13.03
C GLN HA 186 -0.89 30.93 -13.63
N TYR HA 187 -0.66 31.63 -14.73
CA TYR HA 187 0.63 31.58 -15.42
C TYR HA 187 1.56 32.73 -15.04
N SER HA 188 1.15 33.55 -14.08
CA SER HA 188 2.02 34.57 -13.52
C SER HA 188 3.13 33.90 -12.70
N ARG HA 189 4.29 34.54 -12.63
CA ARG HA 189 5.38 34.13 -11.75
C ARG HA 189 5.08 34.50 -10.31
N PHE HA 190 3.87 35.00 -10.07
CA PHE HA 190 3.48 35.46 -8.75
C PHE HA 190 2.13 34.91 -8.33
N GLU HA 191 1.79 35.11 -7.06
CA GLU HA 191 0.50 34.67 -6.53
C GLU HA 191 -0.03 35.66 -5.51
N ILE HA 192 -1.33 35.85 -5.49
CA ILE HA 192 -1.89 36.84 -4.60
C ILE HA 192 -2.27 36.20 -3.28
N LEU HA 193 -1.78 36.76 -2.19
CA LEU HA 193 -2.12 36.27 -0.88
C LEU HA 193 -3.37 36.95 -0.34
N ASP HA 194 -3.43 38.28 -0.46
CA ASP HA 194 -4.58 39.04 0.02
C ASP HA 194 -4.72 40.39 -0.68
N VAL HA 195 -5.97 40.85 -0.84
CA VAL HA 195 -6.23 42.20 -1.31
C VAL HA 195 -7.15 42.90 -0.31
N THR HA 196 -6.69 44.02 0.24
CA THR HA 196 -7.52 44.82 1.15
C THR HA 196 -7.68 46.22 0.59
N GLN HA 197 -8.83 46.83 0.85
CA GLN HA 197 -9.11 48.15 0.34
C GLN HA 197 -9.39 49.12 1.49
N LYS HA 198 -9.08 50.39 1.25
CA LYS HA 198 -9.01 51.39 2.29
C LYS HA 198 -9.49 52.71 1.70
N LYS HA 199 -10.42 53.40 2.36
CA LYS HA 199 -10.82 54.71 1.87
C LYS HA 199 -10.18 55.84 2.69
N ASN HA 200 -9.66 56.85 2.00
CA ASN HA 200 -9.04 58.00 2.65
C ASN HA 200 -9.61 59.30 2.15
N SER HA 201 -9.35 60.37 2.90
CA SER HA 201 -9.76 61.71 2.56
C SER HA 201 -8.60 62.64 2.90
N VAL HA 202 -7.96 63.19 1.87
CA VAL HA 202 -6.73 63.93 2.06
C VAL HA 202 -6.87 65.39 1.62
N THR HA 203 -6.23 66.29 2.37
CA THR HA 203 -6.15 67.69 1.96
C THR HA 203 -4.78 67.96 1.39
N TYR HA 204 -4.73 68.61 0.23
CA TYR HA 204 -3.49 68.93 -0.44
C TYR HA 204 -3.20 70.43 -0.32
N SER HA 205 -1.94 70.80 -0.49
CA SER HA 205 -1.50 72.19 -0.32
C SER HA 205 -2.21 73.17 -1.23
N CYS HA 206 -2.47 72.73 -2.46
CA CYS HA 206 -3.02 73.60 -3.50
C CYS HA 206 -4.40 74.14 -3.14
N CYS HA 207 -5.21 73.29 -2.51
CA CYS HA 207 -6.66 73.50 -2.44
C CYS HA 207 -7.17 73.30 -1.01
N PRO HA 208 -8.22 74.04 -0.66
CA PRO HA 208 -8.77 74.01 0.70
C PRO HA 208 -9.65 72.78 0.98
N GLU HA 209 -10.18 72.16 -0.06
CA GLU HA 209 -11.10 71.03 0.11
C GLU HA 209 -10.37 69.70 0.21
N ALA HA 210 -11.09 68.68 0.67
CA ALA HA 210 -10.53 67.34 0.80
C ALA HA 210 -10.88 66.46 -0.40
N TYR HA 211 -9.90 65.71 -0.87
CA TYR HA 211 -10.08 64.79 -1.99
C TYR HA 211 -10.05 63.36 -1.47
N GLU HA 212 -11.02 62.57 -1.91
CA GLU HA 212 -11.08 61.19 -1.49
C GLU HA 212 -10.25 60.29 -2.39
N ASP HA 213 -9.78 59.19 -1.84
CA ASP HA 213 -9.08 58.18 -2.63
C ASP HA 213 -9.36 56.80 -2.06
N VAL HA 214 -9.08 55.78 -2.84
CA VAL HA 214 -9.11 54.42 -2.34
C VAL HA 214 -7.69 53.89 -2.41
N GLU HA 215 -7.22 53.33 -1.30
CA GLU HA 215 -5.93 52.63 -1.29
C GLU HA 215 -6.16 51.12 -1.35
N VAL HA 216 -5.80 50.53 -2.47
CA VAL HA 216 -5.87 49.08 -2.61
C VAL HA 216 -4.52 48.49 -2.22
N SER HA 217 -4.50 47.67 -1.18
CA SER HA 217 -3.28 46.96 -0.79
C SER HA 217 -3.21 45.57 -1.41
N LEU HA 218 -2.22 45.37 -2.27
CA LEU HA 218 -2.03 44.10 -2.95
C LEU HA 218 -0.90 43.36 -2.26
N ASN HA 219 -1.26 42.31 -1.54
CA ASN HA 219 -0.29 41.44 -0.91
C ASN HA 219 0.01 40.25 -1.81
N PHE HA 220 1.22 40.19 -2.33
CA PHE HA 220 1.57 39.14 -3.28
C PHE HA 220 2.98 38.64 -3.03
N ARG HA 221 3.30 37.47 -3.60
CA ARG HA 221 4.66 36.94 -3.50
C ARG HA 221 5.08 36.14 -4.71
N LYS HA 222 6.39 35.96 -4.85
CA LYS HA 222 6.93 35.10 -5.88
C LYS HA 222 6.62 33.68 -5.46
N LYS HA 223 6.43 32.84 -6.48
CA LYS HA 223 6.21 31.41 -6.28
C LYS HA 223 7.52 30.63 -6.07
N LEU IA 20 -27.19 80.00 -12.56
CA LEU IA 20 -26.18 79.24 -13.29
C LEU IA 20 -25.87 77.95 -12.58
N ASP IA 21 -25.90 76.84 -13.30
CA ASP IA 21 -25.36 75.60 -12.77
C ASP IA 21 -24.10 75.21 -13.57
N ARG IA 22 -23.47 74.09 -13.19
CA ARG IA 22 -22.24 73.61 -13.84
C ARG IA 22 -22.40 73.45 -15.35
N ALA IA 23 -23.44 72.74 -15.77
CA ALA IA 23 -23.80 72.64 -17.18
C ALA IA 23 -23.78 74.00 -17.95
N ASP IA 24 -24.40 75.04 -17.39
CA ASP IA 24 -24.40 76.34 -18.06
C ASP IA 24 -23.02 76.97 -18.12
N ILE IA 25 -22.30 76.91 -17.01
CA ILE IA 25 -20.96 77.49 -16.92
C ILE IA 25 -20.03 76.82 -17.93
N LEU IA 26 -20.08 75.49 -17.98
CA LEU IA 26 -19.22 74.75 -18.91
C LEU IA 26 -19.62 74.99 -20.36
N TYR IA 27 -20.91 75.08 -20.60
CA TYR IA 27 -21.41 75.47 -21.92
C TYR IA 27 -20.88 76.85 -22.36
N ASN IA 28 -20.99 77.86 -21.50
CA ASN IA 28 -20.47 79.19 -21.83
C ASN IA 28 -18.96 79.15 -22.11
N ILE IA 29 -18.22 78.43 -21.30
CA ILE IA 29 -16.79 78.36 -21.45
C ILE IA 29 -16.38 77.70 -22.75
N ARG IA 30 -17.08 76.66 -23.14
CA ARG IA 30 -16.82 76.00 -24.38
C ARG IA 30 -17.11 76.82 -25.62
N GLN IA 31 -18.21 77.53 -25.60
CA GLN IA 31 -18.60 78.43 -26.66
C GLN IA 31 -17.77 79.67 -26.78
N THR IA 32 -17.35 80.22 -25.67
CA THR IA 32 -16.79 81.58 -25.70
C THR IA 32 -15.32 81.70 -25.32
N SER IA 33 -14.76 80.71 -24.64
CA SER IA 33 -13.34 80.79 -24.36
C SER IA 33 -12.57 80.68 -25.70
N ARG IA 34 -11.44 81.36 -25.76
CA ARG IA 34 -10.65 81.36 -26.98
C ARG IA 34 -9.29 80.78 -26.66
N PRO IA 35 -9.14 79.44 -26.84
CA PRO IA 35 -7.94 78.69 -26.40
C PRO IA 35 -6.69 79.18 -27.09
N ASP IA 36 -6.87 79.78 -28.26
CA ASP IA 36 -5.78 80.32 -29.07
C ASP IA 36 -5.34 81.71 -28.59
N VAL IA 37 -6.10 82.28 -27.67
CA VAL IA 37 -5.94 83.70 -27.35
C VAL IA 37 -5.43 83.89 -25.91
N ILE IA 38 -4.24 84.44 -25.80
CA ILE IA 38 -3.67 84.69 -24.49
C ILE IA 38 -4.47 85.79 -23.79
N PRO IA 39 -4.94 85.50 -22.56
CA PRO IA 39 -5.84 86.40 -21.83
C PRO IA 39 -5.07 87.52 -21.20
N THR IA 40 -4.35 88.26 -22.04
CA THR IA 40 -3.60 89.44 -21.61
C THR IA 40 -4.51 90.65 -21.38
N GLN IA 41 -4.03 91.57 -20.53
CA GLN IA 41 -4.75 92.80 -20.22
C GLN IA 41 -4.09 94.01 -20.88
N PRO IA 45 1.19 91.69 -18.84
CA PRO IA 45 1.45 90.25 -19.03
C PRO IA 45 0.57 89.38 -18.15
N VAL IA 46 0.28 88.18 -18.62
CA VAL IA 46 -0.38 87.18 -17.79
C VAL IA 46 0.64 86.68 -16.76
N ALA IA 47 0.28 86.77 -15.49
CA ALA IA 47 1.13 86.26 -14.42
C ALA IA 47 0.92 84.75 -14.20
N VAL IA 48 1.91 83.95 -14.58
CA VAL IA 48 1.82 82.50 -14.44
C VAL IA 48 2.68 82.00 -13.27
N SER IA 49 2.04 81.34 -12.31
CA SER IA 49 2.73 80.66 -11.22
C SER IA 49 3.12 79.24 -11.63
N VAL IA 50 4.37 78.87 -11.35
CA VAL IA 50 4.84 77.52 -11.62
C VAL IA 50 5.46 76.95 -10.35
N SER IA 51 5.02 75.77 -9.98
CA SER IA 51 5.51 75.11 -8.79
C SER IA 51 5.58 73.60 -9.04
N LEU IA 52 6.81 73.07 -9.05
CA LEU IA 52 6.95 71.64 -9.25
C LEU IA 52 6.81 70.91 -7.91
N LYS IA 53 5.94 69.91 -7.84
CA LYS IA 53 5.82 69.05 -6.67
C LYS IA 53 6.37 67.68 -7.05
N PHE IA 54 7.60 67.40 -6.61
CA PHE IA 54 8.24 66.17 -7.00
C PHE IA 54 7.61 64.93 -6.37
N ILE IA 55 7.32 63.94 -7.21
CA ILE IA 55 6.66 62.72 -6.78
C ILE IA 55 7.65 61.53 -6.75
N ASN IA 56 8.50 61.47 -7.76
CA ASN IA 56 9.46 60.39 -7.84
C ASN IA 56 10.69 60.68 -8.70
N ILE IA 57 11.81 60.07 -8.35
CA ILE IA 57 12.99 60.09 -9.20
C ILE IA 57 13.28 58.64 -9.58
N LEU IA 58 13.37 58.36 -10.88
CA LEU IA 58 13.25 56.98 -11.33
C LEU IA 58 14.50 56.40 -11.91
N GLU IA 59 15.18 57.17 -12.74
CA GLU IA 59 16.34 56.64 -13.41
C GLU IA 59 17.43 57.68 -13.57
N VAL IA 60 18.35 57.65 -12.62
CA VAL IA 60 19.51 58.52 -12.64
C VAL IA 60 20.66 57.85 -13.41
N ASN IA 61 21.38 58.65 -14.21
CA ASN IA 61 22.59 58.17 -14.89
C ASN IA 61 23.70 59.20 -14.74
N GLU IA 62 24.66 58.89 -13.87
CA GLU IA 62 25.71 59.85 -13.54
C GLU IA 62 26.72 60.00 -14.68
N ILE IA 63 26.81 58.99 -15.54
CA ILE IA 63 27.66 59.07 -16.72
C ILE IA 63 27.09 60.02 -17.76
N THR IA 64 25.87 59.75 -18.20
CA THR IA 64 25.23 60.53 -19.24
C THR IA 64 24.64 61.84 -18.75
N ASN IA 65 24.59 62.03 -17.43
CA ASN IA 65 23.97 63.24 -16.87
C ASN IA 65 22.47 63.41 -17.23
N GLU IA 66 21.69 62.35 -17.03
CA GLU IA 66 20.29 62.34 -17.38
C GLU IA 66 19.51 61.77 -16.20
N VAL IA 67 18.34 62.38 -15.92
CA VAL IA 67 17.45 61.91 -14.87
C VAL IA 67 16.03 61.75 -15.39
N ASP IA 68 15.29 60.83 -14.77
CA ASP IA 68 13.91 60.56 -15.12
C ASP IA 68 13.09 60.95 -13.90
N VAL IA 69 12.25 61.99 -14.05
CA VAL IA 69 11.53 62.56 -12.92
C VAL IA 69 10.00 62.50 -13.11
N VAL IA 70 9.28 62.26 -12.02
CA VAL IA 70 7.83 62.37 -11.99
C VAL IA 70 7.48 63.53 -11.06
N PHE IA 71 6.67 64.45 -11.57
CA PHE IA 71 6.36 65.66 -10.80
C PHE IA 71 5.00 66.28 -11.21
N TRP IA 72 4.34 66.90 -10.26
CA TRP IA 72 3.16 67.66 -10.55
C TRP IA 72 3.62 69.03 -11.01
N GLN IA 73 3.25 69.42 -12.22
CA GLN IA 73 3.56 70.77 -12.68
C GLN IA 73 2.39 71.73 -12.40
N GLN IA 74 2.31 72.21 -11.16
CA GLN IA 74 1.22 73.07 -10.73
C GLN IA 74 1.34 74.42 -11.41
N THR IA 75 0.39 74.71 -12.30
CA THR IA 75 0.42 75.94 -13.09
C THR IA 75 -0.84 76.77 -12.76
N THR IA 76 -0.64 78.05 -12.45
CA THR IA 76 -1.75 78.91 -12.05
C THR IA 76 -1.70 80.27 -12.75
N TRP IA 77 -2.83 80.69 -13.29
CA TRP IA 77 -2.90 81.99 -13.95
C TRP IA 77 -4.33 82.51 -13.91
N SER IA 78 -4.55 83.65 -14.55
CA SER IA 78 -5.84 84.31 -14.46
C SER IA 78 -6.37 84.62 -15.86
N ASP IA 79 -7.64 84.28 -16.07
CA ASP IA 79 -8.35 84.58 -17.31
C ASP IA 79 -9.75 85.14 -16.99
N ARG IA 80 -9.86 86.46 -16.96
CA ARG IA 80 -11.12 87.12 -16.57
C ARG IA 80 -12.29 86.85 -17.51
N THR IA 81 -12.00 86.59 -18.78
CA THR IA 81 -13.05 86.21 -19.75
C THR IA 81 -13.83 84.93 -19.37
N LEU IA 82 -13.34 84.18 -18.37
CA LEU IA 82 -13.98 82.95 -17.92
C LEU IA 82 -14.82 83.18 -16.68
N ALA IA 83 -14.67 84.35 -16.08
CA ALA IA 83 -15.31 84.65 -14.79
C ALA IA 83 -16.83 84.63 -14.89
N TRP IA 84 -17.48 84.35 -13.78
CA TRP IA 84 -18.93 84.35 -13.73
C TRP IA 84 -19.43 84.79 -12.35
N ASN IA 85 -20.70 85.20 -12.30
CA ASN IA 85 -21.35 85.60 -11.06
C ASN IA 85 -21.68 84.36 -10.22
N SER IA 86 -20.94 84.16 -9.15
CA SER IA 86 -21.06 82.93 -8.36
C SER IA 86 -22.06 83.03 -7.21
N SER IA 87 -22.97 84.01 -7.28
CA SER IA 87 -23.93 84.25 -6.21
C SER IA 87 -24.70 82.98 -5.83
N HIS IA 88 -25.34 82.35 -6.81
CA HIS IA 88 -26.09 81.11 -6.57
C HIS IA 88 -25.58 80.03 -7.51
N SER IA 89 -24.25 79.99 -7.66
CA SER IA 89 -23.60 79.13 -8.63
C SER IA 89 -22.43 78.44 -7.93
N PRO IA 90 -21.88 77.37 -8.56
CA PRO IA 90 -20.61 76.78 -8.10
C PRO IA 90 -19.46 77.79 -8.14
N ASP IA 91 -18.48 77.61 -7.26
CA ASP IA 91 -17.33 78.49 -7.18
C ASP IA 91 -16.25 78.06 -8.16
N GLN IA 92 -16.38 76.83 -8.61
CA GLN IA 92 -15.30 76.15 -9.32
C GLN IA 92 -15.85 75.07 -10.23
N VAL IA 93 -15.27 74.95 -11.43
CA VAL IA 93 -15.55 73.81 -12.30
C VAL IA 93 -14.26 73.17 -12.83
N SER IA 94 -14.40 71.96 -13.35
CA SER IA 94 -13.28 71.29 -14.00
C SER IA 94 -13.52 71.33 -15.49
N VAL IA 95 -12.53 71.82 -16.21
CA VAL IA 95 -12.65 72.04 -17.64
C VAL IA 95 -11.51 71.36 -18.38
N PRO IA 96 -11.83 70.67 -19.49
CA PRO IA 96 -10.80 70.12 -20.37
C PRO IA 96 -9.87 71.24 -20.84
N ILE IA 97 -8.56 71.04 -20.74
CA ILE IA 97 -7.65 72.10 -21.17
C ILE IA 97 -7.80 72.46 -22.66
N SER IA 98 -8.37 71.56 -23.45
CA SER IA 98 -8.54 71.84 -24.86
C SER IA 98 -9.56 72.95 -25.07
N SER IA 99 -10.36 73.23 -24.03
CA SER IA 99 -11.36 74.31 -24.07
C SER IA 99 -10.86 75.60 -23.41
N LEU IA 100 -9.60 75.66 -23.02
CA LEU IA 100 -9.05 76.81 -22.35
C LEU IA 100 -7.74 77.23 -22.98
N TRP IA 101 -7.40 78.51 -22.87
CA TRP IA 101 -6.07 78.93 -23.19
C TRP IA 101 -5.14 78.47 -22.08
N VAL IA 102 -3.99 77.95 -22.47
CA VAL IA 102 -3.03 77.40 -21.54
C VAL IA 102 -1.67 77.99 -21.87
N PRO IA 103 -0.91 78.41 -20.84
CA PRO IA 103 0.44 78.93 -21.10
C PRO IA 103 1.33 77.86 -21.78
N ASP IA 104 2.09 78.28 -22.80
CA ASP IA 104 2.96 77.38 -23.54
C ASP IA 104 4.31 77.09 -22.84
N LEU IA 105 4.23 76.61 -21.60
CA LEU IA 105 5.44 76.30 -20.83
C LEU IA 105 6.23 75.10 -21.42
N ALA IA 106 7.55 75.19 -21.38
CA ALA IA 106 8.41 74.08 -21.80
C ALA IA 106 9.60 73.99 -20.88
N ALA IA 107 10.06 72.76 -20.65
CA ALA IA 107 11.29 72.52 -19.90
C ALA IA 107 12.45 72.57 -20.90
N TYR IA 108 13.29 73.61 -20.81
CA TYR IA 108 14.37 73.82 -21.78
C TYR IA 108 15.39 72.67 -21.85
N ASN IA 109 15.57 71.97 -20.75
CA ASN IA 109 16.57 70.92 -20.68
C ASN IA 109 15.93 69.55 -20.61
N ALA IA 110 14.66 69.48 -20.98
CA ALA IA 110 14.00 68.18 -21.18
C ALA IA 110 14.54 67.53 -22.46
N ILE IA 111 14.70 66.21 -22.43
CA ILE IA 111 15.20 65.47 -23.59
C ILE IA 111 14.20 64.38 -23.99
N SER IA 112 13.04 64.38 -23.34
CA SER IA 112 11.91 63.60 -23.81
C SER IA 112 10.70 64.52 -23.80
N LYS IA 113 9.69 64.23 -24.61
CA LYS IA 113 8.53 65.10 -24.52
C LYS IA 113 7.80 64.73 -23.23
N PRO IA 114 6.97 65.65 -22.72
CA PRO IA 114 6.34 65.36 -21.43
C PRO IA 114 5.24 64.28 -21.51
N GLU IA 115 5.37 63.23 -20.69
CA GLU IA 115 4.33 62.22 -20.57
C GLU IA 115 3.34 62.69 -19.49
N VAL IA 116 2.14 63.08 -19.94
CA VAL IA 116 1.10 63.48 -19.01
C VAL IA 116 0.38 62.24 -18.50
N LEU IA 117 0.44 62.02 -17.19
CA LEU IA 117 -0.04 60.78 -16.59
C LEU IA 117 -1.49 60.90 -16.13
N THR IA 118 -1.97 62.13 -16.02
CA THR IA 118 -3.26 62.38 -15.39
C THR IA 118 -4.29 62.94 -16.38
N PRO IA 119 -5.58 62.88 -16.03
CA PRO IA 119 -6.63 63.49 -16.86
C PRO IA 119 -6.34 64.97 -17.10
N GLN IA 120 -6.42 65.42 -18.35
CA GLN IA 120 -6.05 66.79 -18.66
C GLN IA 120 -7.19 67.80 -18.46
N LEU IA 121 -7.45 68.08 -17.18
CA LEU IA 121 -8.52 68.95 -16.75
C LEU IA 121 -7.93 70.05 -15.88
N ALA IA 122 -8.55 71.23 -15.94
CA ALA IA 122 -8.07 72.37 -15.16
C ALA IA 122 -9.18 72.82 -14.26
N HIS IA 123 -8.81 73.54 -13.20
CA HIS IA 123 -9.76 74.22 -12.35
C HIS IA 123 -10.03 75.63 -12.90
N VAL IA 124 -11.30 75.97 -13.05
CA VAL IA 124 -11.61 77.35 -13.28
C VAL IA 124 -12.45 77.84 -12.09
N VAL IA 125 -11.98 78.90 -11.44
CA VAL IA 125 -12.72 79.46 -10.30
C VAL IA 125 -13.52 80.64 -10.81
N SER IA 126 -14.66 80.91 -10.17
CA SER IA 126 -15.59 81.96 -10.63
C SER IA 126 -14.95 83.33 -10.89
N ASP IA 127 -13.87 83.65 -10.19
CA ASP IA 127 -13.14 84.90 -10.41
C ASP IA 127 -12.22 84.86 -11.64
N GLY IA 128 -12.11 83.69 -12.27
CA GLY IA 128 -11.29 83.58 -13.47
C GLY IA 128 -9.90 83.02 -13.22
N GLU IA 129 -9.65 82.66 -11.96
CA GLU IA 129 -8.43 81.97 -11.57
C GLU IA 129 -8.42 80.56 -12.21
N VAL IA 130 -7.36 80.24 -12.95
CA VAL IA 130 -7.21 78.92 -13.56
C VAL IA 130 -6.00 78.18 -12.99
N GLN IA 131 -6.23 76.95 -12.57
CA GLN IA 131 -5.13 76.10 -12.14
C GLN IA 131 -5.13 74.82 -12.95
N TYR IA 132 -3.95 74.43 -13.42
CA TYR IA 132 -3.77 73.16 -14.10
C TYR IA 132 -2.56 72.48 -13.47
N THR IA 133 -2.74 71.26 -12.97
CA THR IA 133 -1.68 70.52 -12.28
C THR IA 133 -1.56 69.08 -12.79
N PRO IA 134 -0.98 68.92 -14.00
CA PRO IA 134 -0.77 67.56 -14.52
C PRO IA 134 0.39 66.88 -13.80
N SER IA 135 0.29 65.57 -13.65
CA SER IA 135 1.44 64.80 -13.18
C SER IA 135 2.22 64.37 -14.41
N ILE IA 136 3.48 64.78 -14.47
CA ILE IA 136 4.30 64.54 -15.65
C ILE IA 136 5.51 63.64 -15.33
N ARG IA 137 5.74 62.68 -16.23
CA ARG IA 137 6.99 61.98 -16.25
C ARG IA 137 7.81 62.52 -17.40
N GLN IA 138 9.05 62.94 -17.11
CA GLN IA 138 9.93 63.48 -18.14
C GLN IA 138 11.40 63.22 -17.82
N ARG IA 139 12.21 63.10 -18.88
CA ARG IA 139 13.67 62.94 -18.75
C ARG IA 139 14.36 64.29 -18.97
N PHE IA 140 15.33 64.60 -18.10
CA PHE IA 140 16.08 65.84 -18.21
C PHE IA 140 17.57 65.63 -18.34
N SER IA 141 18.21 66.59 -19.01
CA SER IA 141 19.66 66.67 -19.05
C SER IA 141 20.10 67.69 -18.00
N CYS IA 142 20.77 67.20 -16.97
CA CYS IA 142 21.21 68.06 -15.88
C CYS IA 142 22.39 67.47 -15.11
N ASP IA 143 22.91 68.23 -14.14
CA ASP IA 143 24.10 67.83 -13.40
C ASP IA 143 23.76 66.80 -12.33
N VAL IA 144 24.18 65.56 -12.59
CA VAL IA 144 23.85 64.45 -11.72
C VAL IA 144 25.05 64.09 -10.84
N SER IA 145 26.15 64.83 -11.03
CA SER IA 145 27.39 64.59 -10.26
C SER IA 145 27.20 64.75 -8.74
N GLY IA 146 27.63 63.74 -8.00
CA GLY IA 146 27.53 63.76 -6.55
C GLY IA 146 26.24 63.15 -6.03
N VAL IA 147 25.47 62.53 -6.92
CA VAL IA 147 24.20 61.92 -6.52
C VAL IA 147 24.38 60.87 -5.43
N ASP IA 148 25.56 60.25 -5.42
CA ASP IA 148 25.85 59.14 -4.51
C ASP IA 148 26.61 59.58 -3.27
N THR IA 149 26.83 60.89 -3.12
CA THR IA 149 27.45 61.46 -1.93
C THR IA 149 26.39 61.95 -0.94
N GLU IA 150 26.84 62.53 0.17
CA GLU IA 150 25.93 62.96 1.23
C GLU IA 150 25.34 64.34 0.91
N SER IA 151 26.09 65.16 0.18
CA SER IA 151 25.62 66.49 -0.18
C SER IA 151 24.69 66.41 -1.37
N GLY IA 152 24.77 65.29 -2.10
CA GLY IA 152 23.85 64.99 -3.18
C GLY IA 152 24.12 65.70 -4.49
N ALA IA 153 23.34 65.38 -5.51
CA ALA IA 153 23.41 66.09 -6.79
C ALA IA 153 22.41 67.25 -6.78
N THR IA 154 22.69 68.27 -7.59
CA THR IA 154 21.73 69.35 -7.76
C THR IA 154 21.33 69.50 -9.21
N CYS IA 155 20.15 68.98 -9.54
CA CYS IA 155 19.61 69.04 -10.89
C CYS IA 155 18.78 70.31 -11.08
N ARG IA 156 19.16 71.13 -12.06
CA ARG IA 156 18.50 72.39 -12.32
C ARG IA 156 17.52 72.25 -13.50
N ILE IA 157 16.23 72.47 -13.25
CA ILE IA 157 15.22 72.38 -14.30
C ILE IA 157 14.69 73.76 -14.72
N LYS IA 158 14.83 74.08 -16.01
CA LYS IA 158 14.45 75.40 -16.51
C LYS IA 158 13.10 75.37 -17.24
N ILE IA 159 12.12 76.06 -16.68
CA ILE IA 159 10.78 76.11 -17.25
C ILE IA 159 10.33 77.55 -17.57
N GLY IA 160 9.92 77.79 -18.80
CA GLY IA 160 9.41 79.09 -19.20
C GLY IA 160 8.49 78.99 -20.41
N SER IA 161 7.87 80.13 -20.76
CA SER IA 161 7.06 80.19 -21.97
C SER IA 161 7.94 80.01 -23.18
N TRP IA 162 7.50 79.17 -24.12
CA TRP IA 162 8.31 78.93 -25.31
C TRP IA 162 8.23 80.10 -26.29
N THR IA 163 7.06 80.70 -26.44
CA THR IA 163 6.89 81.72 -27.49
C THR IA 163 6.43 83.09 -27.00
N HIS IA 164 6.10 83.21 -25.72
CA HIS IA 164 5.64 84.51 -25.23
C HIS IA 164 6.72 85.15 -24.37
N HIS IA 165 7.07 86.39 -24.71
CA HIS IA 165 8.07 87.15 -23.97
C HIS IA 165 7.50 87.83 -22.72
N SER IA 166 8.36 88.56 -22.02
CA SER IA 166 8.08 88.99 -20.65
C SER IA 166 6.88 89.90 -20.54
N ARG IA 167 6.52 90.56 -21.64
CA ARG IA 167 5.40 91.49 -21.59
C ARG IA 167 4.07 90.81 -21.89
N GLU IA 168 4.14 89.57 -22.40
CA GLU IA 168 2.98 88.72 -22.58
C GLU IA 168 2.80 87.68 -21.44
N ILE IA 169 3.88 86.97 -21.12
CA ILE IA 169 3.86 86.01 -20.01
C ILE IA 169 5.01 86.26 -19.02
N SER IA 170 4.67 86.39 -17.75
CA SER IA 170 5.69 86.39 -16.72
C SER IA 170 5.52 85.14 -15.85
N VAL IA 171 6.63 84.47 -15.55
CA VAL IA 171 6.58 83.28 -14.69
C VAL IA 171 7.14 83.60 -13.31
N ASP IA 172 6.50 83.08 -12.27
CA ASP IA 172 6.93 83.29 -10.90
C ASP IA 172 6.81 82.00 -10.10
N PRO IA 173 7.75 81.77 -9.17
CA PRO IA 173 7.65 80.66 -8.20
C PRO IA 173 6.46 80.86 -7.24
N THR IA 174 6.10 79.83 -6.50
CA THR IA 174 5.00 79.93 -5.55
C THR IA 174 5.49 80.14 -4.11
N ASP IA 180 8.92 70.24 0.28
CA ASP IA 180 9.68 69.65 -0.82
C ASP IA 180 9.31 68.20 -1.03
N SER IA 181 9.67 67.36 -0.06
CA SER IA 181 9.38 65.93 -0.08
C SER IA 181 7.93 65.64 0.31
N GLU IA 182 7.06 66.63 0.17
CA GLU IA 182 5.72 66.52 0.71
C GLU IA 182 4.93 65.35 0.09
N TYR IA 183 5.02 65.21 -1.24
CA TYR IA 183 4.36 64.12 -1.95
C TYR IA 183 5.37 63.16 -2.55
N PHE IA 184 6.64 63.35 -2.20
CA PHE IA 184 7.69 62.48 -2.73
C PHE IA 184 7.56 61.02 -2.24
N SER IA 185 7.68 60.08 -3.17
CA SER IA 185 7.54 58.66 -2.86
C SER IA 185 8.59 58.18 -1.87
N GLN IA 186 8.15 57.56 -0.79
CA GLN IA 186 9.08 56.94 0.15
C GLN IA 186 9.74 55.69 -0.45
N TYR IA 187 9.23 55.23 -1.60
CA TYR IA 187 9.74 54.01 -2.22
C TYR IA 187 10.73 54.28 -3.34
N SER IA 188 11.09 55.54 -3.51
CA SER IA 188 12.14 55.88 -4.45
C SER IA 188 13.46 55.41 -3.88
N ARG IA 189 14.42 55.08 -4.74
CA ARG IA 189 15.78 54.82 -4.29
C ARG IA 189 16.42 56.13 -3.90
N PHE IA 190 15.73 57.22 -4.18
CA PHE IA 190 16.26 58.55 -3.94
C PHE IA 190 15.52 59.30 -2.84
N GLU IA 191 16.12 60.39 -2.37
CA GLU IA 191 15.49 61.22 -1.37
C GLU IA 191 15.84 62.65 -1.71
N ILE IA 192 14.96 63.57 -1.29
CA ILE IA 192 15.16 64.98 -1.62
C ILE IA 192 15.70 65.74 -0.42
N LEU IA 193 16.83 66.40 -0.61
CA LEU IA 193 17.42 67.20 0.45
C LEU IA 193 16.82 68.61 0.46
N ASP IA 194 16.78 69.25 -0.70
CA ASP IA 194 16.26 70.62 -0.81
C ASP IA 194 15.75 70.96 -2.21
N VAL IA 195 14.74 71.82 -2.27
CA VAL IA 195 14.25 72.35 -3.54
C VAL IA 195 14.22 73.87 -3.46
N THR IA 196 14.98 74.52 -4.35
CA THR IA 196 14.98 75.97 -4.40
C THR IA 196 14.55 76.40 -5.79
N GLN IA 197 13.91 77.55 -5.88
CA GLN IA 197 13.40 78.07 -7.15
C GLN IA 197 14.01 79.45 -7.37
N LYS IA 198 14.30 79.76 -8.63
CA LYS IA 198 14.86 81.07 -8.97
C LYS IA 198 14.26 81.54 -10.29
N LYS IA 199 13.92 82.82 -10.36
CA LYS IA 199 13.32 83.39 -11.58
C LYS IA 199 14.37 84.11 -12.43
N ASN IA 200 14.33 83.89 -13.73
CA ASN IA 200 15.27 84.53 -14.65
C ASN IA 200 14.58 85.21 -15.83
N SER IA 201 15.33 86.08 -16.48
CA SER IA 201 14.84 86.76 -17.66
C SER IA 201 15.98 86.76 -18.69
N VAL IA 202 15.77 86.03 -19.78
CA VAL IA 202 16.84 85.80 -20.74
C VAL IA 202 16.48 86.37 -22.12
N THR IA 203 17.49 86.92 -22.79
CA THR IA 203 17.33 87.31 -24.19
C THR IA 203 17.99 86.29 -25.10
N TYR IA 204 17.27 85.89 -26.14
CA TYR IA 204 17.74 84.90 -27.08
C TYR IA 204 18.09 85.56 -28.41
N SER IA 205 18.94 84.90 -29.19
CA SER IA 205 19.46 85.45 -30.43
C SER IA 205 18.37 85.81 -31.45
N CYS IA 206 17.34 84.96 -31.49
CA CYS IA 206 16.27 85.05 -32.46
C CYS IA 206 15.46 86.35 -32.32
N CYS IA 207 15.28 86.79 -31.08
CA CYS IA 207 14.25 87.76 -30.78
C CYS IA 207 14.81 88.87 -29.89
N PRO IA 208 14.28 90.09 -30.07
CA PRO IA 208 14.76 91.26 -29.32
C PRO IA 208 14.25 91.30 -27.89
N GLU IA 209 13.13 90.63 -27.58
CA GLU IA 209 12.50 90.72 -26.26
C GLU IA 209 13.07 89.68 -25.29
N ALA IA 210 12.81 89.88 -24.01
CA ALA IA 210 13.27 88.95 -22.98
C ALA IA 210 12.20 87.95 -22.61
N TYR IA 211 12.62 86.69 -22.44
CA TYR IA 211 11.71 85.61 -22.05
C TYR IA 211 12.00 85.17 -20.62
N GLU IA 212 10.96 85.09 -19.80
CA GLU IA 212 11.17 84.70 -18.43
C GLU IA 212 11.15 83.19 -18.27
N ASP IA 213 11.85 82.70 -17.26
CA ASP IA 213 11.81 81.29 -16.92
C ASP IA 213 11.90 81.13 -15.41
N VAL IA 214 11.51 79.97 -14.92
CA VAL IA 214 11.83 79.58 -13.56
C VAL IA 214 12.84 78.43 -13.57
N GLU IA 215 13.89 78.55 -12.76
CA GLU IA 215 14.85 77.47 -12.59
C GLU IA 215 14.59 76.82 -11.24
N VAL IA 216 14.14 75.57 -11.29
CA VAL IA 216 13.92 74.79 -10.09
C VAL IA 216 15.16 73.93 -9.83
N SER IA 217 15.82 74.17 -8.71
CA SER IA 217 16.99 73.37 -8.34
C SER IA 217 16.64 72.21 -7.39
N LEU IA 218 16.65 71.00 -7.93
CA LEU IA 218 16.37 69.81 -7.15
C LEU IA 218 17.69 69.22 -6.57
N ASN IA 219 17.85 69.34 -5.26
CA ASN IA 219 18.99 68.74 -4.58
C ASN IA 219 18.59 67.39 -3.98
N PHE IA 220 19.12 66.31 -4.56
CA PHE IA 220 18.71 64.97 -4.17
C PHE IA 220 19.90 64.02 -4.11
N ARG IA 221 19.75 62.90 -3.43
CA ARG IA 221 20.82 61.89 -3.35
C ARG IA 221 20.25 60.48 -3.24
N LYS IA 222 21.07 59.48 -3.54
CA LYS IA 222 20.64 58.09 -3.40
C LYS IA 222 20.71 57.58 -1.95
N LYS IA 223 19.65 56.92 -1.47
CA LYS IA 223 19.68 56.21 -0.17
C LYS IA 223 20.55 54.90 -0.16
N GLY IA 224 20.61 54.19 0.98
CA GLY IA 224 21.26 52.88 1.10
C GLY IA 224 20.57 51.67 0.44
N LEU JA 20 75.89 2.21 -61.37
CA LEU JA 20 74.80 2.53 -60.46
C LEU JA 20 73.47 2.54 -61.20
N ASP JA 21 72.50 1.79 -60.70
CA ASP JA 21 71.13 1.92 -61.16
C ASP JA 21 70.23 2.53 -60.05
N ARG JA 22 68.94 2.72 -60.34
CA ARG JA 22 68.03 3.30 -59.35
C ARG JA 22 68.07 2.54 -58.02
N ALA JA 23 67.95 1.22 -58.10
CA ALA JA 23 67.95 0.36 -56.93
C ALA JA 23 69.13 0.68 -56.00
N ASP JA 24 70.32 0.78 -56.59
CA ASP JA 24 71.52 1.07 -55.81
C ASP JA 24 71.50 2.47 -55.18
N ILE JA 25 71.14 3.46 -55.99
CA ILE JA 25 71.03 4.84 -55.52
C ILE JA 25 70.06 5.01 -54.35
N LEU JA 26 68.86 4.44 -54.50
CA LEU JA 26 67.86 4.47 -53.45
C LEU JA 26 68.32 3.69 -52.20
N TYR JA 27 69.01 2.56 -52.42
CA TYR JA 27 69.59 1.82 -51.32
C TYR JA 27 70.60 2.66 -50.53
N ASN JA 28 71.51 3.32 -51.24
CA ASN JA 28 72.49 4.16 -50.59
C ASN JA 28 71.83 5.30 -49.82
N ILE JA 29 70.84 5.89 -50.44
CA ILE JA 29 70.08 6.93 -49.78
C ILE JA 29 69.33 6.48 -48.56
N ARG JA 30 68.73 5.30 -48.60
CA ARG JA 30 68.10 4.75 -47.43
C ARG JA 30 69.04 4.44 -46.26
N GLN JA 31 70.17 3.83 -46.56
CA GLN JA 31 71.21 3.54 -45.60
C GLN JA 31 71.91 4.71 -45.01
N THR JA 32 72.14 5.76 -45.78
CA THR JA 32 73.12 6.77 -45.40
C THR JA 32 72.60 8.18 -45.20
N SER JA 33 71.44 8.49 -45.77
CA SER JA 33 70.90 9.82 -45.54
C SER JA 33 70.48 9.91 -44.06
N ARG JA 34 70.59 11.11 -43.51
CA ARG JA 34 70.31 11.33 -42.10
C ARG JA 34 69.19 12.37 -42.03
N PRO JA 35 67.93 11.89 -42.03
CA PRO JA 35 66.74 12.74 -42.09
C PRO JA 35 66.71 13.74 -40.94
N ASP JA 36 67.34 13.38 -39.83
CA ASP JA 36 67.36 14.22 -38.65
C ASP JA 36 68.41 15.32 -38.75
N VAL JA 37 69.23 15.26 -39.79
CA VAL JA 37 70.44 16.10 -39.84
C VAL JA 37 70.37 17.10 -40.97
N ILE JA 38 70.28 18.38 -40.60
CA ILE JA 38 70.27 19.44 -41.58
C ILE JA 38 71.60 19.47 -42.37
N PRO JA 39 71.51 19.40 -43.71
CA PRO JA 39 72.69 19.30 -44.58
C PRO JA 39 73.37 20.65 -44.73
N THR JA 40 73.74 21.24 -43.60
CA THR JA 40 74.45 22.52 -43.58
C THR JA 40 75.89 22.31 -44.07
N GLN JA 41 76.36 23.22 -44.93
CA GLN JA 41 77.66 23.08 -45.62
C GLN JA 41 78.62 24.24 -45.31
N ARG JA 42 79.69 23.94 -44.58
CA ARG JA 42 80.67 24.93 -44.12
C ARG JA 42 80.04 26.04 -43.27
N ASP JA 43 79.25 25.62 -42.29
CA ASP JA 43 78.52 26.52 -41.39
C ASP JA 43 77.85 27.67 -42.12
N ARG JA 44 77.40 27.36 -43.32
CA ARG JA 44 76.69 28.29 -44.18
C ARG JA 44 75.31 27.69 -44.30
N PRO JA 45 74.29 28.53 -44.16
CA PRO JA 45 72.88 28.08 -44.13
C PRO JA 45 72.46 27.31 -45.38
N VAL JA 46 71.57 26.35 -45.21
CA VAL JA 46 70.95 25.70 -46.35
C VAL JA 46 70.00 26.68 -47.03
N ALA JA 47 70.22 26.92 -48.31
CA ALA JA 47 69.33 27.81 -49.06
C ALA JA 47 68.07 27.09 -49.53
N VAL JA 48 66.93 27.45 -48.95
CA VAL JA 48 65.65 26.85 -49.31
C VAL JA 48 64.78 27.78 -50.18
N SER JA 49 64.44 27.33 -51.40
CA SER JA 49 63.51 28.02 -52.28
C SER JA 49 62.10 27.59 -51.95
N VAL JA 50 61.22 28.58 -51.80
CA VAL JA 50 59.80 28.34 -51.60
C VAL JA 50 59.00 29.08 -52.65
N SER JA 51 58.11 28.35 -53.32
CA SER JA 51 57.27 28.91 -54.38
C SER JA 51 55.89 28.28 -54.32
N LEU JA 52 54.88 29.06 -53.95
CA LEU JA 52 53.50 28.56 -53.91
C LEU JA 52 52.85 28.66 -55.28
N LYS JA 53 52.35 27.54 -55.79
CA LYS JA 53 51.58 27.52 -57.04
C LYS JA 53 50.13 27.27 -56.68
N PHE JA 54 49.32 28.33 -56.73
CA PHE JA 54 47.94 28.24 -56.29
C PHE JA 54 47.12 27.45 -57.29
N ILE JA 55 46.35 26.51 -56.76
CA ILE JA 55 45.54 25.59 -57.56
C ILE JA 55 44.06 25.93 -57.39
N ASN JA 56 43.67 26.22 -56.15
CA ASN JA 56 42.27 26.54 -55.88
C ASN JA 56 42.05 27.38 -54.61
N ILE JA 57 40.96 28.18 -54.65
CA ILE JA 57 40.48 28.88 -53.47
C ILE JA 57 39.07 28.41 -53.23
N LEU JA 58 38.80 27.85 -52.04
CA LEU JA 58 37.62 27.02 -51.85
C LEU JA 58 36.58 27.62 -50.94
N GLU JA 59 37.05 28.14 -49.81
CA GLU JA 59 36.20 28.77 -48.82
C GLU JA 59 36.79 30.11 -48.50
N VAL JA 60 36.00 31.14 -48.76
CA VAL JA 60 36.31 32.45 -48.28
C VAL JA 60 35.25 32.86 -47.25
N ASN JA 61 35.69 33.50 -46.17
CA ASN JA 61 34.77 34.03 -45.17
C ASN JA 61 35.25 35.43 -44.79
N GLU JA 62 34.55 36.44 -45.31
CA GLU JA 62 34.96 37.82 -45.12
C GLU JA 62 34.72 38.29 -43.68
N ILE JA 63 33.80 37.64 -42.98
CA ILE JA 63 33.54 37.97 -41.58
C ILE JA 63 34.65 37.48 -40.69
N THR JA 64 34.90 36.18 -40.74
CA THR JA 64 35.90 35.57 -39.88
C THR JA 64 37.33 35.78 -40.36
N ASN JA 65 37.49 36.28 -41.59
CA ASN JA 65 38.82 36.50 -42.18
C ASN JA 65 39.63 35.20 -42.30
N GLU JA 66 38.99 34.19 -42.89
CA GLU JA 66 39.60 32.89 -43.07
C GLU JA 66 39.41 32.44 -44.52
N VAL JA 67 40.45 31.85 -45.09
CA VAL JA 67 40.35 31.29 -46.44
C VAL JA 67 40.83 29.83 -46.47
N ASP JA 68 40.30 29.08 -47.42
CA ASP JA 68 40.67 27.70 -47.60
C ASP JA 68 41.34 27.60 -48.95
N VAL JA 69 42.63 27.27 -48.97
CA VAL JA 69 43.42 27.31 -50.19
C VAL JA 69 44.01 25.94 -50.53
N VAL JA 70 44.06 25.65 -51.82
CA VAL JA 70 44.83 24.51 -52.32
C VAL JA 70 46.02 25.03 -53.14
N PHE JA 71 47.22 24.56 -52.83
CA PHE JA 71 48.42 25.07 -53.51
C PHE JA 71 49.53 24.05 -53.49
N TRP JA 72 50.37 24.10 -54.52
CA TRP JA 72 51.61 23.31 -54.52
C TRP JA 72 52.66 24.10 -53.76
N GLN JA 73 53.21 23.47 -52.73
CA GLN JA 73 54.29 24.10 -51.98
C GLN JA 73 55.64 23.60 -52.51
N GLN JA 74 56.07 24.17 -53.63
CA GLN JA 74 57.33 23.78 -54.27
C GLN JA 74 58.52 24.22 -53.44
N THR JA 75 59.19 23.23 -52.85
CA THR JA 75 60.32 23.48 -51.97
C THR JA 75 61.62 22.87 -52.56
N THR JA 76 62.68 23.67 -52.62
CA THR JA 76 63.93 23.24 -53.27
C THR JA 76 65.14 23.60 -52.43
N TRP JA 77 66.03 22.62 -52.24
CA TRP JA 77 67.24 22.86 -51.49
C TRP JA 77 68.31 21.89 -51.93
N SER JA 78 69.46 21.97 -51.27
CA SER JA 78 70.62 21.19 -51.68
C SER JA 78 71.13 20.34 -50.53
N ASP JA 79 71.36 19.06 -50.81
CA ASP JA 79 71.96 18.14 -49.85
C ASP JA 79 73.06 17.32 -50.54
N ARG JA 80 74.31 17.75 -50.39
CA ARG JA 80 75.43 17.14 -51.14
C ARG JA 80 75.65 15.70 -50.74
N THR JA 81 75.31 15.34 -49.49
CA THR JA 81 75.50 13.98 -49.00
C THR JA 81 74.67 12.96 -49.77
N LEU JA 82 73.81 13.43 -50.67
CA LEU JA 82 72.96 12.54 -51.45
C LEU JA 82 73.47 12.42 -52.86
N ALA JA 83 74.47 13.24 -53.20
CA ALA JA 83 74.97 13.29 -54.57
C ALA JA 83 75.60 11.96 -54.99
N TRP JA 84 75.63 11.71 -56.29
CA TRP JA 84 76.28 10.53 -56.84
C TRP JA 84 76.84 10.79 -58.22
N ASN JA 85 77.76 9.92 -58.65
CA ASN JA 85 78.38 9.99 -59.97
C ASN JA 85 77.39 9.50 -61.03
N SER JA 86 76.85 10.44 -61.81
CA SER JA 86 75.77 10.13 -62.76
C SER JA 86 76.27 9.78 -64.16
N SER JA 87 77.55 9.39 -64.28
CA SER JA 87 78.15 9.09 -65.57
C SER JA 87 77.34 8.06 -66.36
N HIS JA 88 77.07 6.90 -65.76
CA HIS JA 88 76.27 5.86 -66.39
C HIS JA 88 75.11 5.49 -65.47
N SER JA 89 74.50 6.53 -64.89
CA SER JA 89 73.46 6.37 -63.90
C SER JA 89 72.31 7.31 -64.21
N PRO JA 90 71.16 7.11 -63.57
CA PRO JA 90 70.06 8.08 -63.68
C PRO JA 90 70.47 9.46 -63.14
N ASP JA 91 69.87 10.52 -63.65
CA ASP JA 91 70.18 11.87 -63.18
C ASP JA 91 69.35 12.20 -61.96
N GLN JA 92 68.28 11.43 -61.76
CA GLN JA 92 67.21 11.79 -60.83
C GLN JA 92 66.48 10.55 -60.32
N VAL JA 93 66.11 10.59 -59.05
CA VAL JA 93 65.25 9.55 -58.46
C VAL JA 93 64.16 10.17 -57.62
N SER JA 94 63.14 9.36 -57.34
CA SER JA 94 62.08 9.77 -56.45
C SER JA 94 62.23 9.05 -55.12
N VAL JA 95 62.26 9.82 -54.05
CA VAL JA 95 62.55 9.29 -52.74
C VAL JA 95 61.45 9.68 -51.79
N PRO JA 96 60.98 8.72 -50.97
CA PRO JA 96 60.10 9.03 -49.84
C PRO JA 96 60.73 10.10 -48.93
N ILE JA 97 60.01 11.17 -48.61
CA ILE JA 97 60.59 12.20 -47.75
C ILE JA 97 61.00 11.68 -46.36
N SER JA 98 60.41 10.56 -45.94
CA SER JA 98 60.76 9.99 -44.65
C SER JA 98 62.22 9.50 -44.66
N SER JA 99 62.78 9.35 -45.86
CA SER JA 99 64.18 8.94 -46.01
C SER JA 99 65.12 10.13 -46.27
N LEU JA 100 64.61 11.35 -46.20
CA LEU JA 100 65.43 12.53 -46.48
C LEU JA 100 65.25 13.56 -45.39
N TRP JA 101 66.23 14.43 -45.25
CA TRP JA 101 66.04 15.58 -44.41
C TRP JA 101 65.19 16.56 -45.19
N VAL JA 102 64.25 17.16 -44.49
CA VAL JA 102 63.32 18.09 -45.12
C VAL JA 102 63.26 19.34 -44.26
N PRO JA 103 63.28 20.53 -44.91
CA PRO JA 103 63.14 21.77 -44.14
C PRO JA 103 61.82 21.83 -43.33
N ASP JA 104 61.91 22.29 -42.09
CA ASP JA 104 60.76 22.33 -41.21
C ASP JA 104 59.90 23.58 -41.44
N LEU JA 105 59.48 23.79 -42.68
CA LEU JA 105 58.68 24.96 -43.01
C LEU JA 105 57.29 24.89 -42.36
N ALA JA 106 56.78 26.05 -41.97
CA ALA JA 106 55.42 26.13 -41.43
C ALA JA 106 54.76 27.45 -41.87
N ALA JA 107 53.45 27.42 -42.10
CA ALA JA 107 52.71 28.63 -42.37
C ALA JA 107 52.29 29.24 -41.05
N TYR JA 108 52.84 30.40 -40.73
CA TYR JA 108 52.61 31.05 -39.43
C TYR JA 108 51.16 31.38 -39.16
N ASN JA 109 50.42 31.72 -40.22
CA ASN JA 109 49.03 32.12 -40.08
C ASN JA 109 48.05 31.03 -40.51
N ALA JA 110 48.55 29.80 -40.61
CA ALA JA 110 47.69 28.66 -40.87
C ALA JA 110 46.89 28.36 -39.59
N ILE JA 111 45.64 27.95 -39.76
CA ILE JA 111 44.78 27.64 -38.63
C ILE JA 111 44.22 26.23 -38.73
N SER JA 112 44.71 25.50 -39.72
CA SER JA 112 44.51 24.04 -39.78
C SER JA 112 45.85 23.39 -40.11
N LYS JA 113 45.98 22.09 -39.82
CA LYS JA 113 47.22 21.36 -40.09
C LYS JA 113 47.24 21.11 -41.58
N PRO JA 114 48.44 21.19 -42.22
CA PRO JA 114 48.44 21.01 -43.67
C PRO JA 114 47.95 19.62 -44.10
N GLU JA 115 46.93 19.59 -44.95
CA GLU JA 115 46.46 18.35 -45.55
C GLU JA 115 47.26 18.08 -46.83
N VAL JA 116 48.16 17.10 -46.78
CA VAL JA 116 48.94 16.74 -47.95
C VAL JA 116 48.14 15.82 -48.86
N LEU JA 117 47.85 16.28 -50.08
CA LEU JA 117 46.93 15.58 -50.96
C LEU JA 117 47.67 14.55 -51.83
N THR JA 118 48.97 14.72 -51.94
CA THR JA 118 49.73 14.00 -52.95
C THR JA 118 50.72 13.02 -52.30
N PRO JA 119 51.18 12.00 -53.07
CA PRO JA 119 52.23 11.08 -52.59
C PRO JA 119 53.44 11.84 -52.06
N GLN JA 120 53.90 11.49 -50.87
CA GLN JA 120 55.00 12.25 -50.26
C GLN JA 120 56.38 11.77 -50.73
N LEU JA 121 56.69 12.11 -51.98
CA LEU JA 121 57.94 11.77 -52.64
C LEU JA 121 58.66 13.05 -53.04
N ALA JA 122 59.99 13.02 -52.99
CA ALA JA 122 60.79 14.15 -53.44
C ALA JA 122 61.67 13.74 -54.61
N HIS JA 123 62.12 14.74 -55.36
CA HIS JA 123 63.12 14.55 -56.39
C HIS JA 123 64.52 14.70 -55.80
N VAL JA 124 65.39 13.73 -56.03
CA VAL JA 124 66.80 13.94 -55.73
C VAL JA 124 67.58 13.86 -57.01
N VAL JA 125 68.27 14.94 -57.35
CA VAL JA 125 69.09 14.99 -58.55
C VAL JA 125 70.53 14.58 -58.21
N SER JA 126 71.26 13.98 -59.15
CA SER JA 126 72.61 13.48 -58.90
C SER JA 126 73.59 14.48 -58.27
N ASP JA 127 73.38 15.77 -58.52
CA ASP JA 127 74.20 16.81 -57.88
C ASP JA 127 73.85 17.05 -56.41
N GLY JA 128 72.77 16.44 -55.93
CA GLY JA 128 72.33 16.64 -54.56
C GLY JA 128 71.21 17.65 -54.39
N GLU JA 129 70.67 18.17 -55.50
CA GLU JA 129 69.56 19.10 -55.37
C GLU JA 129 68.31 18.30 -55.09
N VAL JA 130 67.53 18.79 -54.12
CA VAL JA 130 66.31 18.14 -53.71
C VAL JA 130 65.13 19.06 -53.95
N GLN JA 131 64.09 18.52 -54.57
CA GLN JA 131 62.85 19.25 -54.74
C GLN JA 131 61.68 18.45 -54.17
N TYR JA 132 60.84 19.11 -53.37
CA TYR JA 132 59.63 18.49 -52.85
C TYR JA 132 58.45 19.42 -53.10
N THR JA 133 57.44 18.92 -53.82
CA THR JA 133 56.33 19.77 -54.20
C THR JA 133 55.01 19.09 -53.88
N PRO JA 134 54.65 19.06 -52.58
CA PRO JA 134 53.35 18.51 -52.23
C PRO JA 134 52.19 19.46 -52.63
N SER JA 135 51.03 18.89 -52.92
CA SER JA 135 49.83 19.70 -53.06
C SER JA 135 49.14 19.74 -51.70
N ILE JA 136 48.94 20.94 -51.18
CA ILE JA 136 48.42 21.10 -49.83
C ILE JA 136 47.10 21.85 -49.80
N ARG JA 137 46.15 21.33 -49.04
CA ARG JA 137 44.94 22.08 -48.72
C ARG JA 137 45.03 22.57 -47.27
N GLN JA 138 44.85 23.88 -47.08
CA GLN JA 138 45.06 24.45 -45.77
C GLN JA 138 44.20 25.72 -45.56
N ARG JA 139 43.73 25.92 -44.33
CA ARG JA 139 43.02 27.13 -43.97
C ARG JA 139 43.95 28.19 -43.33
N PHE JA 140 43.79 29.43 -43.78
CA PHE JA 140 44.57 30.55 -43.28
C PHE JA 140 43.75 31.67 -42.66
N SER JA 141 44.36 32.34 -41.70
CA SER JA 141 43.80 33.55 -41.14
C SER JA 141 44.51 34.71 -41.84
N CYS JA 142 43.77 35.48 -42.63
CA CYS JA 142 44.36 36.61 -43.35
C CYS JA 142 43.30 37.63 -43.71
N ASP JA 143 43.73 38.72 -44.35
CA ASP JA 143 42.83 39.80 -44.73
C ASP JA 143 41.99 39.47 -45.97
N VAL JA 144 40.70 39.23 -45.77
CA VAL JA 144 39.80 38.82 -46.84
C VAL JA 144 38.92 40.01 -47.28
N SER JA 145 39.10 41.15 -46.62
CA SER JA 145 38.34 42.36 -46.94
C SER JA 145 38.56 42.82 -48.38
N GLY JA 146 37.47 43.01 -49.11
CA GLY JA 146 37.54 43.49 -50.48
C GLY JA 146 37.53 42.35 -51.50
N VAL JA 147 37.30 41.14 -51.02
CA VAL JA 147 37.28 39.97 -51.89
C VAL JA 147 36.21 40.09 -52.96
N ASP JA 148 35.13 40.82 -52.65
CA ASP JA 148 34.00 40.96 -53.56
C ASP JA 148 34.02 42.24 -54.40
N THR JA 149 35.12 42.97 -54.30
CA THR JA 149 35.35 44.18 -55.08
C THR JA 149 36.24 43.88 -56.31
N GLU JA 150 36.55 44.92 -57.07
CA GLU JA 150 37.25 44.79 -58.35
C GLU JA 150 38.76 44.84 -58.16
N SER JA 151 39.19 45.37 -57.02
CA SER JA 151 40.60 45.38 -56.66
C SER JA 151 40.95 44.11 -55.87
N GLY JA 152 39.93 43.47 -55.32
CA GLY JA 152 40.07 42.18 -54.66
C GLY JA 152 40.61 42.25 -53.24
N ALA JA 153 40.71 41.09 -52.59
CA ALA JA 153 41.39 40.96 -51.30
C ALA JA 153 42.85 40.63 -51.51
N THR JA 154 43.67 40.93 -50.51
CA THR JA 154 45.06 40.52 -50.53
C THR JA 154 45.41 39.71 -49.29
N CYS JA 155 45.40 38.38 -49.46
CA CYS JA 155 45.76 37.46 -48.39
C CYS JA 155 47.28 37.20 -48.34
N ARG JA 156 47.87 37.48 -47.18
CA ARG JA 156 49.30 37.37 -46.99
C ARG JA 156 49.63 36.08 -46.23
N ILE JA 157 50.39 35.19 -46.87
CA ILE JA 157 50.77 33.91 -46.27
C ILE JA 157 52.25 33.87 -45.90
N LYS JA 158 52.53 33.62 -44.61
CA LYS JA 158 53.88 33.69 -44.06
C LYS JA 158 54.45 32.30 -43.85
N ILE JA 159 55.47 31.96 -44.62
CA ILE JA 159 56.10 30.64 -44.54
C ILE JA 159 57.58 30.75 -44.21
N GLY JA 160 58.01 30.03 -43.18
CA GLY JA 160 59.42 29.99 -42.82
C GLY JA 160 59.78 28.75 -42.02
N SER JA 161 61.07 28.57 -41.74
CA SER JA 161 61.50 27.50 -40.88
C SER JA 161 60.97 27.72 -39.46
N TRP JA 162 60.43 26.67 -38.84
CA TRP JA 162 59.91 26.80 -37.49
C TRP JA 162 61.04 26.85 -36.48
N THR JA 163 62.09 26.04 -36.66
CA THR JA 163 63.11 25.91 -35.62
C THR JA 163 64.52 26.22 -36.05
N HIS JA 164 64.73 26.48 -37.33
CA HIS JA 164 66.07 26.85 -37.80
C HIS JA 164 66.20 28.34 -38.12
N HIS JA 165 67.19 28.98 -37.52
CA HIS JA 165 67.41 30.42 -37.73
C HIS JA 165 68.19 30.71 -39.01
N SER JA 166 68.44 31.99 -39.27
CA SER JA 166 68.97 32.45 -40.56
C SER JA 166 70.35 31.87 -40.92
N ARG JA 167 71.08 31.44 -39.90
CA ARG JA 167 72.41 30.89 -40.11
C ARG JA 167 72.42 29.35 -40.32
N GLU JA 168 71.24 28.74 -40.18
CA GLU JA 168 70.99 27.33 -40.53
C GLU JA 168 70.08 27.22 -41.77
N ILE JA 169 68.99 27.97 -41.80
CA ILE JA 169 68.10 27.94 -42.95
C ILE JA 169 67.76 29.35 -43.44
N SER JA 170 67.99 29.58 -44.73
CA SER JA 170 67.56 30.81 -45.37
C SER JA 170 66.48 30.49 -46.43
N VAL JA 171 65.39 31.23 -46.40
CA VAL JA 171 64.34 31.04 -47.39
C VAL JA 171 64.37 32.14 -48.42
N ASP JA 172 64.08 31.79 -49.68
CA ASP JA 172 64.07 32.74 -50.78
C ASP JA 172 62.95 32.41 -51.75
N PRO JA 173 62.33 33.44 -52.34
CA PRO JA 173 61.35 33.25 -53.39
C PRO JA 173 62.00 32.71 -54.67
N THR JA 174 61.19 32.25 -55.63
CA THR JA 174 61.71 31.72 -56.89
C THR JA 174 61.64 32.75 -58.02
N SER JA 181 48.32 32.44 -62.11
CA SER JA 181 47.11 31.63 -62.39
C SER JA 181 47.45 30.45 -63.28
N GLU JA 182 48.72 30.07 -63.30
CA GLU JA 182 49.18 29.08 -64.28
C GLU JA 182 48.46 27.73 -64.12
N TYR JA 183 48.37 27.24 -62.89
CA TYR JA 183 47.68 25.99 -62.62
C TYR JA 183 46.38 26.23 -61.85
N PHE JA 184 45.98 27.49 -61.73
CA PHE JA 184 44.77 27.82 -60.98
C PHE JA 184 43.49 27.32 -61.68
N SER JA 185 42.61 26.70 -60.90
CA SER JA 185 41.41 26.09 -61.45
C SER JA 185 40.48 27.11 -62.06
N GLN JA 186 40.04 26.88 -63.28
CA GLN JA 186 39.09 27.77 -63.92
C GLN JA 186 37.69 27.59 -63.31
N TYR JA 187 37.54 26.55 -62.49
CA TYR JA 187 36.23 26.24 -61.91
C TYR JA 187 36.06 26.78 -60.50
N SER JA 188 37.08 27.48 -60.01
CA SER JA 188 36.96 28.18 -58.75
C SER JA 188 35.96 29.31 -58.90
N ARG JA 189 35.26 29.62 -57.82
CA ARG JA 189 34.42 30.81 -57.78
C ARG JA 189 35.30 32.04 -57.67
N PHE JA 190 36.59 31.86 -57.94
CA PHE JA 190 37.54 32.94 -57.79
C PHE JA 190 38.52 33.02 -58.96
N GLU JA 191 39.15 34.18 -59.07
CA GLU JA 191 40.25 34.38 -59.99
C GLU JA 191 41.36 35.10 -59.24
N ILE JA 192 42.60 34.87 -59.68
CA ILE JA 192 43.78 35.49 -59.09
C ILE JA 192 44.23 36.68 -59.93
N LEU JA 193 44.38 37.83 -59.27
CA LEU JA 193 44.78 39.06 -59.95
C LEU JA 193 46.29 39.17 -59.99
N ASP JA 194 46.92 38.92 -58.84
CA ASP JA 194 48.37 39.01 -58.73
C ASP JA 194 48.93 38.20 -57.56
N VAL JA 195 50.16 37.70 -57.73
CA VAL JA 195 50.89 37.04 -56.65
C VAL JA 195 52.28 37.67 -56.50
N THR JA 196 52.55 38.23 -55.33
CA THR JA 196 53.84 38.84 -55.05
C THR JA 196 54.47 38.14 -53.85
N GLN JA 197 55.80 38.03 -53.87
CA GLN JA 197 56.52 37.36 -52.80
C GLN JA 197 57.53 38.32 -52.17
N LYS JA 198 57.76 38.18 -50.86
CA LYS JA 198 58.60 39.13 -50.11
C LYS JA 198 59.33 38.40 -49.01
N LYS JA 199 60.64 38.55 -48.96
CA LYS JA 199 61.42 37.85 -47.95
C LYS JA 199 61.59 38.72 -46.71
N ASN JA 200 61.43 38.11 -45.53
CA ASN JA 200 61.66 38.80 -44.26
C ASN JA 200 62.62 38.08 -43.33
N SER JA 201 63.08 38.79 -42.31
CA SER JA 201 63.97 38.24 -41.31
C SER JA 201 63.55 38.78 -39.96
N VAL JA 202 62.99 37.93 -39.12
CA VAL JA 202 62.33 38.37 -37.90
C VAL JA 202 63.00 37.81 -36.67
N THR JA 203 63.10 38.64 -35.63
CA THR JA 203 63.57 38.16 -34.33
C THR JA 203 62.38 37.95 -33.40
N TYR JA 204 62.36 36.81 -32.72
CA TYR JA 204 61.27 36.46 -31.81
C TYR JA 204 61.75 36.52 -30.36
N SER JA 205 60.81 36.66 -29.45
CA SER JA 205 61.11 36.87 -28.03
C SER JA 205 61.91 35.73 -27.43
N CYS JA 206 61.59 34.52 -27.87
CA CYS JA 206 62.17 33.31 -27.29
C CYS JA 206 63.67 33.21 -27.53
N CYS JA 207 64.11 33.67 -28.69
CA CYS JA 207 65.44 33.35 -29.19
C CYS JA 207 66.18 34.59 -29.65
N PRO JA 208 67.51 34.60 -29.50
CA PRO JA 208 68.35 35.74 -29.89
C PRO JA 208 68.58 35.86 -31.40
N GLU JA 209 68.46 34.76 -32.14
CA GLU JA 209 68.77 34.77 -33.57
C GLU JA 209 67.58 35.17 -34.41
N ALA JA 210 67.82 35.45 -35.68
CA ALA JA 210 66.76 35.86 -36.60
C ALA JA 210 66.31 34.68 -37.44
N TYR JA 211 65.00 34.58 -37.63
CA TYR JA 211 64.42 33.53 -38.46
C TYR JA 211 63.86 34.13 -39.75
N GLU JA 212 64.19 33.51 -40.87
CA GLU JA 212 63.72 34.03 -42.14
C GLU JA 212 62.35 33.45 -42.49
N ASP JA 213 61.59 34.23 -43.25
CA ASP JA 213 60.32 33.75 -43.80
C ASP JA 213 60.07 34.35 -45.18
N VAL JA 214 59.16 33.73 -45.92
CA VAL JA 214 58.68 34.31 -47.15
C VAL JA 214 57.22 34.67 -46.94
N GLU JA 215 56.86 35.91 -47.28
CA GLU JA 215 55.46 36.31 -47.30
C GLU JA 215 54.95 36.33 -48.74
N VAL JA 216 54.05 35.41 -49.03
CA VAL JA 216 53.40 35.36 -50.33
C VAL JA 216 52.09 36.12 -50.24
N SER JA 217 51.97 37.20 -51.02
CA SER JA 217 50.74 37.97 -51.07
C SER JA 217 49.86 37.53 -52.22
N LEU JA 218 48.71 36.94 -51.89
CA LEU JA 218 47.76 36.46 -52.87
C LEU JA 218 46.65 37.50 -53.06
N ASN JA 219 46.67 38.17 -54.20
CA ASN JA 219 45.62 39.13 -54.54
C ASN JA 219 44.57 38.44 -55.40
N PHE JA 220 43.38 38.26 -54.85
CA PHE JA 220 42.33 37.51 -55.55
C PHE JA 220 40.97 38.18 -55.34
N ARG JA 221 40.00 37.81 -56.17
CA ARG JA 221 38.65 38.33 -56.01
C ARG JA 221 37.60 37.34 -56.48
N LYS JA 222 36.38 37.51 -55.95
CA LYS JA 222 35.24 36.74 -56.41
C LYS JA 222 34.98 37.02 -57.90
N LYS JA 223 34.54 36.00 -58.63
CA LYS JA 223 34.28 36.17 -60.06
C LYS JA 223 32.98 36.91 -60.32
N LEU KA 20 82.95 17.47 -32.58
CA LEU KA 20 81.53 17.18 -32.76
C LEU KA 20 80.89 18.10 -33.79
N ASP KA 21 80.21 17.53 -34.76
CA ASP KA 21 79.32 18.30 -35.62
C ASP KA 21 77.86 17.90 -35.35
N ARG KA 22 76.92 18.52 -36.06
CA ARG KA 22 75.50 18.21 -35.88
C ARG KA 22 75.18 16.73 -36.04
N ALA KA 23 75.69 16.14 -37.12
CA ALA KA 23 75.53 14.71 -37.39
C ALA KA 23 75.87 13.83 -36.18
N ASP KA 24 77.01 14.11 -35.55
CA ASP KA 24 77.42 13.31 -34.41
C ASP KA 24 76.49 13.51 -33.20
N ILE KA 25 76.19 14.77 -32.91
CA ILE KA 25 75.33 15.13 -31.78
C ILE KA 25 73.96 14.48 -31.91
N LEU KA 26 73.34 14.60 -33.09
CA LEU KA 26 72.06 13.99 -33.35
C LEU KA 26 72.13 12.47 -33.26
N TYR KA 27 73.24 11.90 -33.74
CA TYR KA 27 73.47 10.46 -33.65
C TYR KA 27 73.53 10.03 -32.18
N ASN KA 28 74.28 10.76 -31.37
CA ASN KA 28 74.38 10.39 -29.95
C ASN KA 28 73.00 10.49 -29.28
N ILE KA 29 72.28 11.54 -29.57
CA ILE KA 29 70.98 11.74 -29.00
C ILE KA 29 69.99 10.68 -29.40
N ARG KA 30 70.01 10.29 -30.64
CA ARG KA 30 69.15 9.25 -31.11
C ARG KA 30 69.47 7.90 -30.51
N GLN KA 31 70.74 7.58 -30.39
CA GLN KA 31 71.16 6.37 -29.74
C GLN KA 31 70.98 6.27 -28.24
N THR KA 32 71.16 7.36 -27.52
CA THR KA 32 71.28 7.31 -26.06
C THR KA 32 70.17 8.00 -25.27
N SER KA 33 69.43 8.90 -25.89
CA SER KA 33 68.33 9.52 -25.15
C SER KA 33 67.28 8.45 -24.90
N ARG KA 34 66.60 8.58 -23.78
CA ARG KA 34 65.62 7.59 -23.36
C ARG KA 34 64.27 8.28 -23.25
N PRO KA 35 63.50 8.31 -24.36
CA PRO KA 35 62.26 9.11 -24.45
C PRO KA 35 61.23 8.69 -23.41
N ASP KA 36 61.30 7.43 -23.00
CA ASP KA 36 60.44 6.89 -21.95
C ASP KA 36 60.84 7.31 -20.52
N VAL KA 37 62.02 7.91 -20.37
CA VAL KA 37 62.62 8.15 -19.07
C VAL KA 37 62.70 9.62 -18.68
N ILE KA 38 61.89 9.99 -17.69
CA ILE KA 38 61.90 11.36 -17.18
C ILE KA 38 63.28 11.71 -16.61
N PRO KA 39 63.89 12.80 -17.13
CA PRO KA 39 65.25 13.19 -16.77
C PRO KA 39 65.30 13.86 -15.38
N THR KA 40 64.79 13.15 -14.39
CA THR KA 40 64.78 13.64 -13.02
C THR KA 40 66.20 13.57 -12.43
N GLN KA 41 66.52 14.53 -11.60
CA GLN KA 41 67.84 14.66 -11.08
C GLN KA 41 67.77 14.43 -9.62
N ASP KA 43 66.44 12.73 -7.46
CA ASP KA 43 65.18 12.79 -6.76
C ASP KA 43 64.79 14.23 -6.54
N ARG KA 44 64.98 15.07 -7.55
CA ARG KA 44 64.26 16.34 -7.54
C ARG KA 44 63.46 16.45 -8.83
N PRO KA 45 62.38 17.27 -8.82
CA PRO KA 45 61.50 17.35 -9.99
C PRO KA 45 62.11 18.07 -11.20
N VAL KA 46 61.72 17.65 -12.40
CA VAL KA 46 62.09 18.37 -13.60
C VAL KA 46 61.26 19.65 -13.62
N ALA KA 47 61.93 20.78 -13.73
CA ALA KA 47 61.24 22.08 -13.78
C ALA KA 47 60.78 22.40 -15.22
N VAL KA 48 59.46 22.41 -15.42
CA VAL KA 48 58.92 22.65 -16.75
C VAL KA 48 58.28 24.05 -16.85
N SER KA 49 58.79 24.86 -17.76
CA SER KA 49 58.21 26.17 -18.07
C SER KA 49 57.13 26.05 -19.11
N VAL KA 50 55.96 26.62 -18.84
CA VAL KA 50 54.87 26.65 -19.81
C VAL KA 50 54.45 28.09 -20.06
N SER KA 51 54.38 28.46 -21.33
CA SER KA 51 54.01 29.80 -21.72
C SER KA 51 53.19 29.77 -23.01
N LEU KA 52 51.90 30.09 -22.92
CA LEU KA 52 51.04 30.11 -24.10
C LEU KA 52 51.14 31.44 -24.84
N LYS KA 53 51.49 31.39 -26.13
CA LYS KA 53 51.51 32.57 -26.98
C LYS KA 53 50.32 32.47 -27.93
N PHE KA 54 49.28 33.26 -27.65
CA PHE KA 54 48.04 33.16 -28.40
C PHE KA 54 48.17 33.78 -29.77
N ILE KA 55 47.70 33.03 -30.77
CA ILE KA 55 47.90 33.40 -32.16
C ILE KA 55 46.55 33.77 -32.73
N ASN KA 56 45.52 33.02 -32.36
CA ASN KA 56 44.18 33.28 -32.88
C ASN KA 56 43.06 32.71 -32.02
N ILE KA 57 41.90 33.36 -32.10
CA ILE KA 57 40.68 32.84 -31.48
C ILE KA 57 39.67 32.71 -32.60
N LEU KA 58 39.12 31.53 -32.80
CA LEU KA 58 38.44 31.24 -34.06
C LEU KA 58 36.92 31.04 -33.97
N GLU KA 59 36.42 30.46 -32.88
CA GLU KA 59 35.05 29.93 -32.88
C GLU KA 59 34.31 30.02 -31.55
N VAL KA 60 34.08 31.23 -31.08
CA VAL KA 60 33.49 31.38 -29.77
C VAL KA 60 32.02 30.96 -29.80
N ASN KA 61 31.55 30.32 -28.74
CA ASN KA 61 30.13 29.99 -28.59
C ASN KA 61 29.72 30.29 -27.15
N GLU KA 62 28.98 31.39 -26.97
CA GLU KA 62 28.62 31.87 -25.63
C GLU KA 62 27.53 30.98 -24.99
N ILE KA 63 26.76 30.32 -25.84
CA ILE KA 63 25.75 29.39 -25.38
C ILE KA 63 26.40 28.14 -24.78
N THR KA 64 27.21 27.46 -25.59
CA THR KA 64 27.81 26.21 -25.17
C THR KA 64 29.05 26.37 -24.29
N ASN KA 65 29.54 27.61 -24.18
CA ASN KA 65 30.76 27.87 -23.41
C ASN KA 65 31.99 27.11 -23.93
N GLU KA 66 32.21 27.23 -25.24
CA GLU KA 66 33.31 26.56 -25.92
C GLU KA 66 34.05 27.54 -26.83
N VAL KA 67 35.37 27.51 -26.78
CA VAL KA 67 36.18 28.34 -27.66
C VAL KA 67 37.19 27.51 -28.45
N ASP KA 68 37.54 28.00 -29.63
CA ASP KA 68 38.53 27.35 -30.49
C ASP KA 68 39.73 28.29 -30.54
N VAL KA 69 40.86 27.82 -30.02
CA VAL KA 69 42.04 28.68 -29.90
C VAL KA 69 43.23 28.12 -30.65
N VAL KA 70 44.03 29.01 -31.22
CA VAL KA 70 45.32 28.66 -31.78
C VAL KA 70 46.41 29.34 -30.95
N PHE KA 71 47.38 28.56 -30.49
CA PHE KA 71 48.40 29.10 -29.62
C PHE KA 71 49.70 28.31 -29.71
N TRP KA 72 50.82 29.00 -29.50
CA TRP KA 72 52.10 28.32 -29.34
C TRP KA 72 52.20 27.86 -27.91
N GLN KA 73 52.40 26.56 -27.71
CA GLN KA 73 52.64 26.03 -26.38
C GLN KA 73 54.14 25.90 -26.11
N GLN KA 74 54.76 27.03 -25.77
CA GLN KA 74 56.19 27.05 -25.50
C GLN KA 74 56.52 26.30 -24.22
N THR KA 75 57.17 25.16 -24.38
CA THR KA 75 57.52 24.30 -23.25
C THR KA 75 59.04 24.22 -23.11
N THR KA 76 59.53 24.41 -21.89
CA THR KA 76 60.98 24.43 -21.66
C THR KA 76 61.36 23.63 -20.42
N TRP KA 77 62.39 22.79 -20.58
CA TRP KA 77 62.88 22.00 -19.47
C TRP KA 77 64.32 21.64 -19.68
N SER KA 78 64.86 20.87 -18.74
CA SER KA 78 66.26 20.53 -18.77
C SER KA 78 66.46 19.02 -18.72
N ASP KA 79 67.32 18.52 -19.61
CA ASP KA 79 67.73 17.12 -19.64
C ASP KA 79 69.24 17.05 -19.82
N ARG KA 80 69.96 16.90 -18.71
CA ARG KA 80 71.43 16.90 -18.72
C ARG KA 80 72.03 15.74 -19.53
N THR KA 81 71.31 14.63 -19.61
CA THR KA 81 71.78 13.47 -20.37
C THR KA 81 71.94 13.77 -21.87
N LEU KA 82 71.50 14.95 -22.29
CA LEU KA 82 71.61 15.34 -23.69
C LEU KA 82 72.76 16.31 -23.90
N ALA KA 83 73.36 16.76 -22.80
CA ALA KA 83 74.37 17.81 -22.85
C ALA KA 83 75.62 17.34 -23.58
N TRP KA 84 76.35 18.30 -24.16
CA TRP KA 84 77.61 17.97 -24.84
C TRP KA 84 78.61 19.13 -24.72
N ASN KA 85 79.87 18.81 -24.94
CA ASN KA 85 80.95 19.80 -24.93
C ASN KA 85 80.89 20.67 -26.19
N SER KA 86 80.45 21.92 -26.04
CA SER KA 86 80.21 22.78 -27.20
C SER KA 86 81.41 23.63 -27.61
N SER KA 87 82.60 23.22 -27.20
CA SER KA 87 83.83 24.00 -27.46
C SER KA 87 84.01 24.31 -28.94
N HIS KA 88 84.00 23.27 -29.76
CA HIS KA 88 84.12 23.45 -31.20
C HIS KA 88 82.95 22.78 -31.89
N SER KA 89 81.77 22.97 -31.29
CA SER KA 89 80.55 22.31 -31.72
C SER KA 89 79.41 23.33 -31.82
N PRO KA 90 78.31 22.96 -32.48
CA PRO KA 90 77.10 23.79 -32.44
C PRO KA 90 76.58 23.96 -31.01
N ASP KA 91 75.90 25.07 -30.73
CA ASP KA 91 75.36 25.31 -29.40
C ASP KA 91 73.99 24.69 -29.27
N GLN KA 92 73.40 24.35 -30.42
CA GLN KA 92 71.99 24.00 -30.50
C GLN KA 92 71.70 23.10 -31.70
N VAL KA 93 70.76 22.17 -31.52
CA VAL KA 93 70.31 21.35 -32.63
C VAL KA 93 68.79 21.22 -32.56
N SER KA 94 68.21 20.81 -33.70
CA SER KA 94 66.78 20.52 -33.78
C SER KA 94 66.58 19.02 -33.82
N VAL KA 95 65.77 18.53 -32.89
CA VAL KA 95 65.60 17.11 -32.71
C VAL KA 95 64.12 16.76 -32.79
N PRO KA 96 63.79 15.70 -33.53
CA PRO KA 96 62.43 15.16 -33.50
C PRO KA 96 62.02 14.79 -32.07
N ILE KA 97 60.85 15.22 -31.62
CA ILE KA 97 60.44 14.94 -30.24
C ILE KA 97 60.29 13.45 -29.95
N SER KA 98 60.11 12.64 -31.00
CA SER KA 98 60.05 11.19 -30.83
C SER KA 98 61.38 10.61 -30.32
N SER KA 99 62.47 11.36 -30.47
CA SER KA 99 63.78 10.96 -29.96
C SER KA 99 64.12 11.60 -28.62
N LEU KA 100 63.16 12.26 -28.00
CA LEU KA 100 63.40 12.93 -26.73
C LEU KA 100 62.34 12.59 -25.72
N TRP KA 101 62.70 12.65 -24.44
CA TRP KA 101 61.66 12.66 -23.44
C TRP KA 101 60.96 14.02 -23.48
N VAL KA 102 59.63 13.97 -23.40
CA VAL KA 102 58.82 15.17 -23.43
C VAL KA 102 57.81 15.13 -22.28
N PRO KA 103 57.65 16.26 -21.57
CA PRO KA 103 56.66 16.30 -20.49
C PRO KA 103 55.25 15.97 -20.98
N ASP KA 104 54.53 15.14 -20.23
CA ASP KA 104 53.18 14.71 -20.61
C ASP KA 104 52.11 15.75 -20.23
N LEU KA 105 52.29 16.97 -20.73
CA LEU KA 105 51.35 18.05 -20.45
C LEU KA 105 50.00 17.80 -21.10
N ALA KA 106 48.93 18.16 -20.42
CA ALA KA 106 47.58 18.10 -20.99
C ALA KA 106 46.73 19.30 -20.56
N ALA KA 107 45.86 19.77 -21.44
CA ALA KA 107 44.88 20.79 -21.06
C ALA KA 107 43.66 20.09 -20.46
N TYR KA 108 43.42 20.30 -19.17
CA TYR KA 108 42.36 19.60 -18.45
C TYR KA 108 40.98 19.90 -19.00
N ASN KA 109 40.79 21.13 -19.48
CA ASN KA 109 39.49 21.56 -19.96
C ASN KA 109 39.41 21.59 -21.49
N ALA KA 110 40.34 20.90 -22.14
CA ALA KA 110 40.29 20.72 -23.59
C ALA KA 110 39.20 19.70 -23.89
N ILE KA 111 38.49 19.89 -24.99
CA ILE KA 111 37.42 18.96 -25.37
C ILE KA 111 37.65 18.39 -26.76
N SER KA 112 38.80 18.73 -27.33
CA SER KA 112 39.28 18.10 -28.54
C SER KA 112 40.76 17.74 -28.28
N LYS KA 113 41.25 16.64 -28.86
CA LYS KA 113 42.69 16.37 -28.77
C LYS KA 113 43.45 17.48 -29.51
N PRO KA 114 44.66 17.82 -29.05
CA PRO KA 114 45.41 18.94 -29.64
C PRO KA 114 45.78 18.66 -31.10
N GLU KA 115 45.48 19.61 -31.99
CA GLU KA 115 45.91 19.53 -33.37
C GLU KA 115 47.24 20.28 -33.49
N VAL KA 116 48.33 19.53 -33.65
CA VAL KA 116 49.66 20.13 -33.83
C VAL KA 116 49.83 20.59 -35.29
N LEU KA 117 50.06 21.89 -35.46
CA LEU KA 117 50.05 22.47 -36.80
C LEU KA 117 51.44 22.51 -37.38
N THR KA 118 52.45 22.39 -36.52
CA THR KA 118 53.84 22.65 -36.91
C THR KA 118 54.69 21.38 -36.84
N PRO KA 119 55.85 21.37 -37.56
CA PRO KA 119 56.81 20.26 -37.49
C PRO KA 119 57.20 19.94 -36.06
N GLN KA 120 57.11 18.68 -35.67
CA GLN KA 120 57.34 18.32 -34.27
C GLN KA 120 58.83 18.15 -33.91
N LEU KA 121 59.52 19.29 -33.88
CA LEU KA 121 60.95 19.35 -33.58
C LEU KA 121 61.19 20.20 -32.33
N ALA KA 122 62.18 19.83 -31.53
CA ALA KA 122 62.51 20.61 -30.36
C ALA KA 122 63.92 21.16 -30.47
N HIS KA 123 64.22 22.16 -29.67
CA HIS KA 123 65.57 22.68 -29.53
C HIS KA 123 66.29 21.95 -28.42
N VAL KA 124 67.46 21.44 -28.71
CA VAL KA 124 68.32 21.00 -27.62
C VAL KA 124 69.57 21.87 -27.62
N VAL KA 125 69.83 22.51 -26.49
CA VAL KA 125 71.02 23.35 -26.35
C VAL KA 125 72.11 22.53 -25.68
N SER KA 126 73.37 22.87 -25.92
CA SER KA 126 74.50 22.07 -25.46
C SER KA 126 74.52 21.82 -23.95
N ASP KA 127 73.94 22.73 -23.17
CA ASP KA 127 73.84 22.56 -21.71
C ASP KA 127 72.73 21.59 -21.28
N GLY KA 128 71.94 21.11 -22.24
CA GLY KA 128 70.86 20.17 -21.93
C GLY KA 128 69.50 20.83 -21.79
N GLU KA 129 69.41 22.12 -22.08
CA GLU KA 129 68.11 22.77 -22.04
C GLU KA 129 67.36 22.37 -23.29
N VAL KA 130 66.10 21.95 -23.07
CA VAL KA 130 65.21 21.59 -24.18
C VAL KA 130 64.03 22.55 -24.27
N GLN KA 131 63.78 23.05 -25.47
CA GLN KA 131 62.58 23.84 -25.72
C GLN KA 131 61.76 23.23 -26.84
N TYR KA 132 60.45 23.11 -26.63
CA TYR KA 132 59.52 22.62 -27.65
C TYR KA 132 58.32 23.57 -27.73
N THR KA 133 58.09 24.14 -28.92
CA THR KA 133 57.04 25.15 -29.07
C THR KA 133 56.15 24.82 -30.27
N PRO KA 134 55.30 23.80 -30.12
CA PRO KA 134 54.34 23.53 -31.21
C PRO KA 134 53.24 24.60 -31.28
N SER KA 135 52.74 24.86 -32.49
CA SER KA 135 51.56 25.69 -32.63
C SER KA 135 50.36 24.74 -32.61
N ILE KA 136 49.46 24.98 -31.66
CA ILE KA 136 48.35 24.07 -31.46
C ILE KA 136 46.98 24.72 -31.65
N ARG KA 137 46.11 24.03 -32.39
CA ARG KA 137 44.72 24.42 -32.46
C ARG KA 137 43.93 23.46 -31.59
N GLN KA 138 43.16 24.01 -30.64
CA GLN KA 138 42.43 23.17 -29.70
C GLN KA 138 41.18 23.83 -29.19
N ARG KA 139 40.18 23.04 -28.88
CA ARG KA 139 38.91 23.55 -28.38
C ARG KA 139 38.89 23.40 -26.86
N PHE KA 140 38.36 24.40 -26.19
CA PHE KA 140 38.26 24.36 -24.74
C PHE KA 140 36.86 24.62 -24.23
N SER KA 141 36.58 24.08 -23.06
CA SER KA 141 35.36 24.36 -22.34
C SER KA 141 35.75 25.36 -21.27
N CYS KA 142 35.22 26.58 -21.39
CA CYS KA 142 35.53 27.63 -20.43
C CYS KA 142 34.44 28.72 -20.39
N ASP KA 143 34.63 29.70 -19.51
CA ASP KA 143 33.66 30.77 -19.34
C ASP KA 143 33.78 31.80 -20.46
N VAL KA 144 32.79 31.79 -21.35
CA VAL KA 144 32.78 32.68 -22.51
C VAL KA 144 31.81 33.86 -22.28
N SER KA 145 31.18 33.88 -21.11
CA SER KA 145 30.21 34.93 -20.79
C SER KA 145 30.87 36.32 -20.75
N GLY KA 146 30.27 37.26 -21.47
CA GLY KA 146 30.76 38.63 -21.49
C GLY KA 146 31.71 38.90 -22.63
N VAL KA 147 31.86 37.93 -23.53
CA VAL KA 147 32.76 38.05 -24.67
C VAL KA 147 32.39 39.26 -25.55
N ASP KA 148 31.09 39.60 -25.54
CA ASP KA 148 30.59 40.67 -26.40
C ASP KA 148 30.47 42.01 -25.67
N THR KA 149 30.96 42.05 -24.43
CA THR KA 149 31.00 43.28 -23.65
C THR KA 149 32.38 43.96 -23.71
N GLU KA 150 32.52 45.06 -22.96
CA GLU KA 150 33.71 45.91 -22.98
C GLU KA 150 34.78 45.43 -22.00
N SER KA 151 34.36 44.61 -21.05
CA SER KA 151 35.29 44.00 -20.10
C SER KA 151 35.74 42.62 -20.60
N GLY KA 152 34.95 42.07 -21.52
CA GLY KA 152 35.29 40.82 -22.19
C GLY KA 152 35.02 39.56 -21.40
N ALA KA 153 35.28 38.42 -22.03
CA ALA KA 153 35.23 37.12 -21.35
C ALA KA 153 36.59 36.78 -20.78
N THR KA 154 36.61 35.94 -19.75
CA THR KA 154 37.88 35.43 -19.22
C THR KA 154 37.90 33.90 -19.26
N CYS KA 155 38.57 33.36 -20.27
CA CYS KA 155 38.70 31.93 -20.43
C CYS KA 155 39.94 31.38 -19.72
N ARG KA 156 39.72 30.42 -18.83
CA ARG KA 156 40.77 29.88 -17.98
C ARG KA 156 41.24 28.51 -18.52
N ILE KA 157 42.49 28.43 -18.94
CA ILE KA 157 43.05 27.18 -19.46
C ILE KA 157 44.03 26.50 -18.48
N LYS KA 158 43.70 25.26 -18.11
CA LYS KA 158 44.44 24.54 -17.09
C LYS KA 158 45.38 23.48 -17.71
N ILE KA 159 46.69 23.74 -17.60
CA ILE KA 159 47.67 22.84 -18.19
C ILE KA 159 48.62 22.28 -17.16
N GLY KA 160 48.74 20.95 -17.11
CA GLY KA 160 49.65 20.29 -16.20
C GLY KA 160 50.09 18.91 -16.68
N SER KA 161 51.03 18.31 -15.94
CA SER KA 161 51.42 16.93 -16.22
C SER KA 161 50.24 16.00 -15.94
N TRP KA 162 49.94 15.12 -16.88
CA TRP KA 162 48.87 14.16 -16.67
C TRP KA 162 49.23 13.10 -15.60
N THR KA 163 50.46 12.57 -15.67
CA THR KA 163 50.80 11.41 -14.83
C THR KA 163 51.94 11.62 -13.87
N HIS KA 164 52.62 12.77 -13.93
CA HIS KA 164 53.73 12.99 -13.03
C HIS KA 164 53.37 14.00 -11.96
N HIS KA 165 53.58 13.62 -10.69
CA HIS KA 165 53.22 14.50 -9.58
C HIS KA 165 54.31 15.54 -9.27
N SER KA 166 54.07 16.36 -8.26
CA SER KA 166 54.91 17.53 -7.98
C SER KA 166 56.37 17.23 -7.72
N ARG KA 167 56.64 16.03 -7.21
CA ARG KA 167 58.01 15.56 -6.95
C ARG KA 167 58.77 15.16 -8.24
N GLU KA 168 58.03 14.82 -9.30
CA GLU KA 168 58.59 14.42 -10.58
C GLU KA 168 58.58 15.56 -11.59
N ILE KA 169 57.44 16.25 -11.69
CA ILE KA 169 57.32 17.40 -12.58
C ILE KA 169 56.70 18.61 -11.87
N SER KA 170 57.38 19.74 -11.96
CA SER KA 170 56.82 20.99 -11.50
C SER KA 170 56.66 21.95 -12.69
N VAL KA 171 55.49 22.57 -12.77
CA VAL KA 171 55.21 23.53 -13.85
C VAL KA 171 55.24 24.95 -13.32
N ASP KA 172 55.79 25.85 -14.14
CA ASP KA 172 55.92 27.25 -13.76
C ASP KA 172 55.68 28.13 -14.96
N PRO KA 173 55.04 29.30 -14.74
CA PRO KA 173 54.86 30.31 -15.79
C PRO KA 173 56.20 30.94 -16.15
N THR KA 174 56.24 31.68 -17.27
CA THR KA 174 57.48 32.30 -17.74
C THR KA 174 57.57 33.78 -17.35
N SER KA 181 49.30 40.06 -26.79
CA SER KA 181 48.87 40.14 -28.19
C SER KA 181 50.07 40.19 -29.13
N GLU KA 182 51.21 39.71 -28.66
CA GLU KA 182 52.45 39.91 -29.40
C GLU KA 182 52.41 39.25 -30.78
N TYR KA 183 51.91 38.02 -30.82
CA TYR KA 183 51.79 37.31 -32.09
C TYR KA 183 50.33 37.10 -32.46
N PHE KA 184 49.43 37.73 -31.72
CA PHE KA 184 48.02 37.55 -31.98
C PHE KA 184 47.61 38.13 -33.34
N SER KA 185 46.82 37.36 -34.09
CA SER KA 185 46.40 37.79 -35.42
C SER KA 185 45.52 39.05 -35.38
N GLN KA 186 45.89 40.05 -36.17
CA GLN KA 186 45.07 41.25 -36.30
C GLN KA 186 43.79 40.97 -37.08
N TYR KA 187 43.72 39.79 -37.70
CA TYR KA 187 42.56 39.44 -38.53
C TYR KA 187 41.54 38.60 -37.80
N SER KA 188 41.78 38.35 -36.51
CA SER KA 188 40.79 37.70 -35.68
C SER KA 188 39.60 38.64 -35.48
N ARG KA 189 38.40 38.09 -35.27
CA ARG KA 189 37.22 38.89 -34.92
C ARG KA 189 37.36 39.38 -33.48
N PHE KA 190 38.34 38.84 -32.78
CA PHE KA 190 38.48 39.14 -31.37
C PHE KA 190 39.74 39.92 -31.10
N GLU KA 191 39.95 40.29 -29.84
CA GLU KA 191 41.20 40.89 -29.43
C GLU KA 191 41.45 40.52 -27.98
N ILE KA 192 42.72 40.58 -27.61
CA ILE KA 192 43.12 40.18 -26.28
C ILE KA 192 43.34 41.37 -25.39
N LEU KA 193 42.63 41.41 -24.27
CA LEU KA 193 42.77 42.49 -23.31
C LEU KA 193 43.92 42.22 -22.35
N ASP KA 194 43.97 41.00 -21.81
CA ASP KA 194 44.99 40.64 -20.84
C ASP KA 194 45.19 39.13 -20.75
N VAL KA 195 46.42 38.72 -20.46
CA VAL KA 195 46.74 37.33 -20.17
C VAL KA 195 47.47 37.22 -18.84
N THR KA 196 46.87 36.51 -17.90
CA THR KA 196 47.51 36.28 -16.61
C THR KA 196 47.72 34.79 -16.40
N GLN KA 197 48.79 34.45 -15.69
CA GLN KA 197 49.11 33.06 -15.44
C GLN KA 197 49.18 32.82 -13.96
N LYS KA 198 48.87 31.60 -13.56
CA LYS KA 198 48.77 31.26 -12.16
C LYS KA 198 49.20 29.80 -12.00
N LYS KA 199 49.94 29.50 -10.94
CA LYS KA 199 50.36 28.13 -10.69
C LYS KA 199 49.54 27.52 -9.57
N ASN KA 200 49.10 26.27 -9.76
CA ASN KA 200 48.39 25.53 -8.72
C ASN KA 200 48.99 24.17 -8.40
N SER KA 201 48.56 23.63 -7.28
CA SER KA 201 48.98 22.30 -6.87
C SER KA 201 47.74 21.59 -6.32
N VAL KA 202 47.27 20.57 -7.03
CA VAL KA 202 46.00 19.95 -6.72
C VAL KA 202 46.18 18.47 -6.37
N THR KA 203 45.42 18.02 -5.39
CA THR KA 203 45.36 16.60 -5.07
C THR KA 203 44.10 15.99 -5.65
N TYR KA 204 44.26 14.87 -6.32
CA TYR KA 204 43.13 14.18 -6.94
C TYR KA 204 42.79 12.90 -6.16
N SER KA 205 41.54 12.44 -6.31
CA SER KA 205 41.01 11.29 -5.57
C SER KA 205 41.83 10.02 -5.78
N CYS KA 206 42.32 9.84 -7.00
CA CYS KA 206 42.99 8.61 -7.40
C CYS KA 206 44.29 8.39 -6.62
N CYS KA 207 44.99 9.48 -6.35
CA CYS KA 207 46.40 9.42 -5.97
C CYS KA 207 46.67 10.29 -4.75
N PRO KA 208 47.62 9.86 -3.92
CA PRO KA 208 47.95 10.57 -2.69
C PRO KA 208 48.80 11.84 -2.91
N GLU KA 209 49.54 11.91 -4.03
CA GLU KA 209 50.45 13.03 -4.28
C GLU KA 209 49.75 14.19 -4.93
N ALA KA 210 50.43 15.34 -4.93
CA ALA KA 210 49.89 16.55 -5.56
C ALA KA 210 50.45 16.77 -6.97
N TYR KA 211 49.56 17.15 -7.89
CA TYR KA 211 49.96 17.42 -9.26
C TYR KA 211 49.87 18.92 -9.52
N GLU KA 212 50.92 19.46 -10.13
CA GLU KA 212 50.97 20.87 -10.42
C GLU KA 212 50.32 21.18 -11.76
N ASP KA 213 49.78 22.38 -11.88
CA ASP KA 213 49.25 22.86 -13.14
C ASP KA 213 49.48 24.36 -13.27
N VAL KA 214 49.38 24.86 -14.50
CA VAL KA 214 49.37 26.29 -14.71
C VAL KA 214 47.99 26.65 -15.26
N GLU KA 215 47.35 27.65 -14.66
CA GLU KA 215 46.11 28.19 -15.19
C GLU KA 215 46.37 29.50 -15.91
N VAL KA 216 46.23 29.46 -17.23
CA VAL KA 216 46.37 30.65 -18.04
C VAL KA 216 44.98 31.28 -18.23
N SER KA 217 44.80 32.51 -17.75
CA SER KA 217 43.54 33.22 -17.91
C SER KA 217 43.62 34.15 -19.12
N LEU KA 218 42.81 33.83 -20.13
CA LEU KA 218 42.77 34.63 -21.35
C LEU KA 218 41.58 35.57 -21.30
N ASN KA 219 41.86 36.87 -21.14
CA ASN KA 219 40.81 37.86 -21.14
C ASN KA 219 40.70 38.47 -22.53
N PHE KA 220 39.59 38.18 -23.20
CA PHE KA 220 39.41 38.61 -24.59
C PHE KA 220 37.98 39.08 -24.86
N ARG KA 221 37.80 39.82 -25.95
CA ARG KA 221 36.46 40.27 -26.32
C ARG KA 221 36.29 40.41 -27.83
N LYS KA 222 35.05 40.52 -28.27
CA LYS KA 222 34.74 40.67 -29.69
C LYS KA 222 34.99 42.10 -30.11
N LYS KA 223 35.54 42.26 -31.32
CA LYS KA 223 35.82 43.58 -31.88
C LYS KA 223 34.50 44.27 -32.23
N GLY KA 224 34.46 45.60 -32.14
CA GLY KA 224 33.26 46.34 -32.48
C GLY KA 224 32.09 46.04 -31.55
N LEU LA 20 68.21 -0.14 -8.39
CA LEU LA 20 67.33 0.12 -9.53
C LEU LA 20 66.96 1.58 -9.57
N ASP LA 21 67.12 2.22 -10.74
CA ASP LA 21 66.52 3.54 -10.98
C ASP LA 21 65.42 3.43 -12.03
N ARG LA 22 64.79 4.55 -12.37
CA ARG LA 22 63.68 4.58 -13.34
C ARG LA 22 64.10 3.99 -14.69
N ALA LA 23 65.24 4.43 -15.19
CA ALA LA 23 65.81 3.89 -16.42
C ALA LA 23 65.83 2.36 -16.46
N ASP LA 24 66.32 1.73 -15.38
CA ASP LA 24 66.42 0.27 -15.33
C ASP LA 24 65.04 -0.38 -15.30
N ILE LA 25 64.14 0.19 -14.50
CA ILE LA 25 62.80 -0.36 -14.33
C ILE LA 25 62.05 -0.33 -15.65
N LEU LA 26 62.12 0.81 -16.34
CA LEU LA 26 61.46 0.98 -17.62
C LEU LA 26 62.06 0.10 -18.70
N TYR LA 27 63.39 -0.03 -18.68
CA TYR LA 27 64.09 -1.00 -19.54
C TYR LA 27 63.60 -2.45 -19.32
N ASN LA 28 63.55 -2.91 -18.07
CA ASN LA 28 63.01 -4.24 -17.80
C ASN LA 28 61.57 -4.40 -18.28
N ILE LA 29 60.72 -3.43 -18.04
CA ILE LA 29 59.34 -3.49 -18.50
C ILE LA 29 59.19 -3.53 -20.01
N ARG LA 30 59.98 -2.73 -20.68
CA ARG LA 30 59.99 -2.72 -22.10
C ARG LA 30 60.46 -4.07 -22.62
N GLN LA 31 61.47 -4.67 -21.99
CA GLN LA 31 62.07 -5.89 -22.50
C GLN LA 31 61.29 -7.15 -22.16
N THR LA 32 60.55 -7.13 -21.05
CA THR LA 32 59.95 -8.37 -20.53
C THR LA 32 58.44 -8.37 -20.37
N SER LA 33 57.80 -7.22 -20.35
CA SER LA 33 56.34 -7.22 -20.29
C SER LA 33 55.80 -7.79 -21.60
N ARG LA 34 54.67 -8.46 -21.50
CA ARG LA 34 54.08 -9.11 -22.66
C ARG LA 34 52.72 -8.50 -22.88
N PRO LA 35 52.67 -7.42 -23.68
CA PRO LA 35 51.42 -6.65 -23.88
C PRO LA 35 50.29 -7.50 -24.46
N ASP LA 36 50.63 -8.55 -25.18
CA ASP LA 36 49.69 -9.48 -25.74
C ASP LA 36 49.16 -10.50 -24.73
N VAL LA 37 49.72 -10.50 -23.52
CA VAL LA 37 49.47 -11.60 -22.58
C VAL LA 37 48.78 -11.14 -21.30
N ILE LA 38 47.53 -11.56 -21.15
CA ILE LA 38 46.76 -11.21 -19.98
C ILE LA 38 47.44 -11.78 -18.73
N PRO LA 39 47.69 -10.91 -17.74
CA PRO LA 39 48.41 -11.28 -16.52
C PRO LA 39 47.53 -12.04 -15.56
N THR LA 40 46.94 -13.13 -16.06
CA THR LA 40 46.09 -13.98 -15.24
C THR LA 40 46.94 -14.77 -14.22
N GLN LA 41 46.43 -14.80 -12.99
CA GLN LA 41 47.08 -15.46 -11.85
C GLN LA 41 46.44 -16.81 -11.56
N ARG LA 42 47.17 -17.90 -11.84
CA ARG LA 42 46.77 -19.23 -11.38
C ARG LA 42 45.33 -19.64 -11.71
N ASP LA 43 44.91 -19.34 -12.95
CA ASP LA 43 43.55 -19.64 -13.44
C ASP LA 43 42.43 -18.87 -12.68
N ARG LA 44 42.81 -17.74 -12.11
CA ARG LA 44 41.87 -16.78 -11.55
C ARG LA 44 41.86 -15.58 -12.47
N PRO LA 45 40.75 -14.85 -12.48
CA PRO LA 45 40.60 -13.69 -13.38
C PRO LA 45 41.39 -12.49 -12.90
N VAL LA 46 41.81 -11.66 -13.85
CA VAL LA 46 42.35 -10.35 -13.51
C VAL LA 46 41.22 -9.45 -13.06
N ALA LA 47 41.38 -8.88 -11.87
CA ALA LA 47 40.39 -8.00 -11.29
C ALA LA 47 40.59 -6.56 -11.80
N VAL LA 48 39.67 -6.08 -12.63
CA VAL LA 48 39.78 -4.76 -13.20
C VAL LA 48 38.77 -3.80 -12.55
N SER LA 49 39.26 -2.72 -11.94
CA SER LA 49 38.45 -1.61 -11.47
C SER LA 49 38.16 -0.59 -12.57
N VAL LA 50 36.88 -0.23 -12.73
CA VAL LA 50 36.48 0.81 -13.67
C VAL LA 50 35.68 1.89 -12.95
N SER LA 51 36.12 3.14 -13.12
CA SER LA 51 35.48 4.27 -12.46
C SER LA 51 35.46 5.48 -13.41
N LEU LA 52 34.28 5.86 -13.88
CA LEU LA 52 34.17 7.02 -14.77
C LEU LA 52 34.08 8.34 -13.98
N LYS LA 53 35.00 9.25 -14.24
CA LYS LA 53 34.97 10.57 -13.62
C LYS LA 53 34.52 11.56 -14.71
N PHE LA 54 33.26 11.99 -14.62
CA PHE LA 54 32.73 12.82 -15.69
C PHE LA 54 33.31 14.21 -15.61
N ILE LA 55 33.71 14.72 -16.77
CA ILE LA 55 34.35 16.03 -16.89
C ILE LA 55 33.41 17.01 -17.60
N ASN LA 56 32.74 16.54 -18.64
CA ASN LA 56 31.84 17.38 -19.38
C ASN LA 56 30.76 16.61 -20.15
N ILE LA 57 29.63 17.27 -20.37
CA ILE LA 57 28.59 16.77 -21.25
C ILE LA 57 28.38 17.86 -22.31
N LEU LA 58 28.52 17.49 -23.58
CA LEU LA 58 28.75 18.50 -24.60
C LEU LA 58 27.63 18.68 -25.59
N GLU LA 59 27.04 17.57 -26.01
CA GLU LA 59 26.04 17.59 -27.06
C GLU LA 59 24.97 16.60 -26.71
N VAL LA 60 23.85 17.09 -26.22
CA VAL LA 60 22.70 16.24 -25.96
C VAL LA 60 21.71 16.36 -27.11
N ASN LA 61 21.10 15.26 -27.51
CA ASN LA 61 20.05 15.27 -28.52
C ASN LA 61 18.89 14.39 -28.08
N GLU LA 62 17.82 15.01 -27.61
CA GLU LA 62 16.70 14.28 -27.03
C GLU LA 62 15.88 13.53 -28.08
N ILE LA 63 15.97 13.99 -29.32
CA ILE LA 63 15.31 13.33 -30.43
C ILE LA 63 16.02 12.02 -30.77
N THR LA 64 17.30 12.13 -31.11
CA THR LA 64 18.09 10.96 -31.52
C THR LA 64 18.55 10.06 -30.37
N ASN LA 65 18.43 10.55 -29.14
CA ASN LA 65 18.88 9.81 -27.96
C ASN LA 65 20.39 9.56 -27.98
N GLU LA 66 21.15 10.63 -28.20
CA GLU LA 66 22.60 10.54 -28.30
C GLU LA 66 23.20 11.63 -27.44
N VAL LA 67 24.28 11.29 -26.73
CA VAL LA 67 25.01 12.27 -25.92
C VAL LA 67 26.50 12.22 -26.20
N ASP LA 68 27.15 13.36 -26.00
CA ASP LA 68 28.59 13.51 -26.22
C ASP LA 68 29.20 13.79 -24.85
N VAL LA 69 30.02 12.86 -24.37
CA VAL LA 69 30.54 12.96 -23.02
C VAL LA 69 32.07 12.97 -22.99
N VAL LA 70 32.63 13.74 -22.05
CA VAL LA 70 34.04 13.72 -21.75
C VAL LA 70 34.21 13.18 -20.34
N PHE LA 71 35.06 12.18 -20.20
CA PHE LA 71 35.20 11.51 -18.90
C PHE LA 71 36.56 10.84 -18.76
N TRP LA 72 37.06 10.80 -17.53
CA TRP LA 72 38.24 10.04 -17.23
C TRP LA 72 37.80 8.60 -17.04
N GLN LA 73 38.36 7.71 -17.83
CA GLN LA 73 38.11 6.29 -17.63
C GLN LA 73 39.23 5.66 -16.76
N GLN LA 74 39.12 5.86 -15.44
CA GLN LA 74 40.10 5.33 -14.49
C GLN LA 74 40.04 3.81 -14.42
N THR LA 75 41.08 3.17 -14.95
CA THR LA 75 41.13 1.72 -15.00
C THR LA 75 42.30 1.19 -14.15
N THR LA 76 42.01 0.22 -13.29
CA THR LA 76 43.03 -0.27 -12.35
C THR LA 76 43.05 -1.80 -12.29
N TRP LA 77 44.25 -2.35 -12.39
CA TRP LA 77 44.40 -3.79 -12.32
C TRP LA 77 45.79 -4.17 -11.84
N SER LA 78 46.05 -5.47 -11.77
CA SER LA 78 47.28 -5.94 -11.20
C SER LA 78 48.04 -6.83 -12.18
N ASP LA 79 49.33 -6.56 -12.34
CA ASP LA 79 50.20 -7.41 -13.16
C ASP LA 79 51.52 -7.65 -12.41
N ARG LA 80 51.61 -8.80 -11.73
CA ARG LA 80 52.77 -9.11 -10.86
C ARG LA 80 54.08 -9.23 -11.62
N THR LA 81 54.00 -9.54 -12.88
CA THR LA 81 55.22 -9.72 -13.62
C THR LA 81 55.96 -8.42 -13.79
N LEU LA 82 55.32 -7.32 -13.43
CA LEU LA 82 55.89 -5.98 -13.58
C LEU LA 82 56.48 -5.52 -12.26
N ALA LA 83 56.21 -6.28 -11.20
CA ALA LA 83 56.65 -5.92 -9.86
C ALA LA 83 58.18 -5.86 -9.74
N TRP LA 84 58.66 -5.03 -8.82
CA TRP LA 84 60.10 -4.94 -8.54
C TRP LA 84 60.37 -4.64 -7.07
N ASN LA 85 61.61 -4.91 -6.66
CA ASN LA 85 62.05 -4.63 -5.29
C ASN LA 85 62.27 -3.13 -5.09
N SER LA 86 61.37 -2.48 -4.36
CA SER LA 86 61.39 -1.02 -4.26
C SER LA 86 62.19 -0.50 -3.07
N SER LA 87 63.08 -1.33 -2.53
CA SER LA 87 63.87 -0.97 -1.35
C SER LA 87 64.61 0.37 -1.52
N HIS LA 88 65.42 0.47 -2.57
CA HIS LA 88 66.14 1.71 -2.86
C HIS LA 88 65.82 2.17 -4.27
N SER LA 89 64.53 2.06 -4.61
CA SER LA 89 64.03 2.31 -5.96
C SER LA 89 62.79 3.20 -5.88
N PRO LA 90 62.39 3.78 -7.03
CA PRO LA 90 61.10 4.48 -7.10
C PRO LA 90 59.93 3.54 -6.81
N ASP LA 91 58.82 4.06 -6.30
CA ASP LA 91 57.65 3.24 -5.97
C ASP LA 91 56.77 3.10 -7.19
N GLN LA 92 57.00 3.98 -8.17
CA GLN LA 92 56.07 4.17 -9.27
C GLN LA 92 56.78 4.71 -10.49
N VAL LA 93 56.34 4.26 -11.67
CA VAL LA 93 56.81 4.81 -12.93
C VAL LA 93 55.65 5.03 -13.90
N SER LA 94 55.90 5.85 -14.90
CA SER LA 94 54.93 6.08 -15.95
C SER LA 94 55.41 5.35 -17.19
N VAL LA 95 54.51 4.53 -17.76
CA VAL LA 95 54.87 3.65 -18.84
C VAL LA 95 53.88 3.82 -19.96
N PRO LA 96 54.39 3.89 -21.20
CA PRO LA 96 53.52 3.88 -22.38
C PRO LA 96 52.66 2.61 -22.39
N ILE LA 97 51.36 2.77 -22.61
CA ILE LA 97 50.49 1.60 -22.59
C ILE LA 97 50.82 0.59 -23.69
N SER LA 98 51.51 1.04 -24.74
CA SER LA 98 51.95 0.11 -25.79
C SER LA 98 52.98 -0.91 -25.26
N SER LA 99 53.56 -0.61 -24.09
CA SER LA 99 54.52 -1.49 -23.47
C SER LA 99 53.91 -2.33 -22.34
N LEU LA 100 52.59 -2.29 -22.19
CA LEU LA 100 51.93 -3.03 -21.12
C LEU LA 100 50.72 -3.76 -21.68
N TRP LA 101 50.31 -4.81 -20.98
CA TRP LA 101 49.03 -5.40 -21.28
C TRP LA 101 47.97 -4.52 -20.67
N VAL LA 102 46.89 -4.36 -21.42
CA VAL LA 102 45.84 -3.46 -21.03
C VAL LA 102 44.53 -4.19 -21.24
N PRO LA 103 43.59 -4.04 -20.30
CA PRO LA 103 42.29 -4.69 -20.48
C PRO LA 103 41.55 -4.15 -21.72
N ASP LA 104 40.96 -5.05 -22.50
CA ASP LA 104 40.24 -4.66 -23.72
C ASP LA 104 38.83 -4.14 -23.44
N LEU LA 105 38.72 -3.12 -22.60
CA LEU LA 105 37.41 -2.59 -22.26
C LEU LA 105 36.78 -1.86 -23.47
N ALA LA 106 35.46 -1.96 -23.60
CA ALA LA 106 34.71 -1.22 -24.62
C ALA LA 106 33.37 -0.77 -24.04
N ALA LA 107 32.92 0.41 -24.48
CA ALA LA 107 31.56 0.85 -24.17
C ALA LA 107 30.60 0.27 -25.21
N TYR LA 108 29.72 -0.62 -24.77
CA TYR LA 108 28.80 -1.33 -25.66
C TYR LA 108 27.84 -0.43 -26.41
N ASN LA 109 27.48 0.70 -25.81
CA ASN LA 109 26.52 1.61 -26.43
C ASN LA 109 27.19 2.89 -26.94
N ALA LA 110 28.50 2.83 -27.14
CA ALA LA 110 29.24 3.90 -27.78
C ALA LA 110 28.96 3.82 -29.28
N ILE LA 111 28.86 4.99 -29.92
CA ILE LA 111 28.54 5.04 -31.35
C ILE LA 111 29.62 5.84 -32.08
N SER LA 112 30.65 6.26 -31.36
CA SER LA 112 31.88 6.74 -31.96
C SER LA 112 33.04 5.98 -31.31
N LYS LA 113 34.16 5.81 -31.99
CA LYS LA 113 35.30 5.25 -31.28
C LYS LA 113 35.80 6.28 -30.28
N PRO LA 114 36.43 5.79 -29.21
CA PRO LA 114 36.88 6.70 -28.16
C PRO LA 114 38.00 7.63 -28.63
N GLU LA 115 37.82 8.93 -28.44
CA GLU LA 115 38.87 9.92 -28.72
C GLU LA 115 39.67 10.13 -27.43
N VAL LA 116 40.91 9.64 -27.41
CA VAL LA 116 41.74 9.76 -26.21
C VAL LA 116 42.45 11.08 -26.24
N LEU LA 117 42.15 11.92 -25.25
CA LEU LA 117 42.57 13.32 -25.27
C LEU LA 117 43.91 13.52 -24.61
N THR LA 118 44.34 12.52 -23.84
CA THR LA 118 45.51 12.67 -22.99
C THR LA 118 46.65 11.75 -23.42
N PRO LA 119 47.90 12.07 -22.98
CA PRO LA 119 49.05 11.19 -23.24
C PRO LA 119 48.77 9.78 -22.76
N GLN LA 120 49.07 8.77 -23.59
CA GLN LA 120 48.69 7.40 -23.25
C GLN LA 120 49.74 6.69 -22.38
N LEU LA 121 49.81 7.11 -21.12
CA LEU LA 121 50.76 6.57 -20.15
C LEU LA 121 50.02 5.99 -18.96
N ALA LA 122 50.56 4.90 -18.40
CA ALA LA 122 49.96 4.28 -17.23
C ALA LA 122 50.91 4.37 -16.04
N HIS LA 123 50.34 4.25 -14.85
CA HIS LA 123 51.11 4.14 -13.62
C HIS LA 123 51.42 2.67 -13.36
N VAL LA 124 52.69 2.34 -13.20
CA VAL LA 124 53.01 1.02 -12.66
C VAL LA 124 53.64 1.18 -11.28
N VAL LA 125 53.02 0.58 -10.27
CA VAL LA 125 53.55 0.67 -8.91
C VAL LA 125 54.43 -0.56 -8.65
N SER LA 126 55.40 -0.44 -7.75
CA SER LA 126 56.37 -1.52 -7.55
C SER LA 126 55.76 -2.88 -7.20
N ASP LA 127 54.57 -2.88 -6.60
CA ASP LA 127 53.85 -4.13 -6.30
C ASP LA 127 53.16 -4.74 -7.52
N GLY LA 128 53.20 -4.07 -8.65
CA GLY LA 128 52.56 -4.60 -9.84
C GLY LA 128 51.15 -4.06 -10.09
N GLU LA 129 50.71 -3.11 -9.27
CA GLU LA 129 49.42 -2.48 -9.52
C GLU LA 129 49.59 -1.51 -10.68
N VAL LA 130 48.67 -1.58 -11.64
CA VAL LA 130 48.66 -0.72 -12.81
C VAL LA 130 47.40 0.14 -12.86
N GLN LA 131 47.60 1.44 -13.05
CA GLN LA 131 46.47 2.33 -13.25
C GLN LA 131 46.63 3.07 -14.57
N TYR LA 132 45.53 3.14 -15.33
CA TYR LA 132 45.49 3.89 -16.57
C TYR LA 132 44.22 4.76 -16.59
N THR LA 133 44.39 6.07 -16.71
CA THR LA 133 43.25 6.99 -16.61
C THR LA 133 43.21 8.00 -17.77
N PRO LA 134 42.85 7.51 -18.97
CA PRO LA 134 42.80 8.45 -20.09
C PRO LA 134 41.57 9.33 -19.96
N SER LA 135 41.65 10.56 -20.49
CA SER LA 135 40.46 11.38 -20.63
C SER LA 135 39.91 11.09 -22.01
N ILE LA 136 38.65 10.68 -22.05
CA ILE LA 136 38.03 10.27 -23.31
C ILE LA 136 36.81 11.13 -23.66
N ARG LA 137 36.75 11.55 -24.92
CA ARG LA 137 35.54 12.09 -25.46
C ARG LA 137 34.88 11.03 -26.32
N GLN LA 138 33.61 10.75 -26.04
CA GLN LA 138 32.91 9.72 -26.80
C GLN LA 138 31.40 9.99 -26.88
N ARG LA 139 30.80 9.55 -27.98
CA ARG LA 139 29.35 9.61 -28.12
C ARG LA 139 28.65 8.30 -27.76
N PHE LA 140 27.53 8.43 -27.08
CA PHE LA 140 26.76 7.27 -26.67
C PHE LA 140 25.32 7.32 -27.11
N SER LA 141 24.77 6.13 -27.32
CA SER LA 141 23.35 5.96 -27.54
C SER LA 141 22.74 5.57 -26.19
N CYS LA 142 21.91 6.44 -25.63
CA CYS LA 142 21.27 6.17 -24.36
C CYS LA 142 19.99 6.97 -24.18
N ASP LA 143 19.31 6.78 -23.06
CA ASP LA 143 18.05 7.44 -22.78
C ASP LA 143 18.25 8.89 -22.31
N VAL LA 144 17.92 9.82 -23.19
CA VAL LA 144 18.12 11.24 -22.93
C VAL LA 144 16.79 11.92 -22.56
N SER LA 145 15.72 11.13 -22.52
CA SER LA 145 14.38 11.63 -22.17
C SER LA 145 14.33 12.22 -20.75
N GLY LA 146 13.83 13.45 -20.66
CA GLY LA 146 13.72 14.12 -19.37
C GLY LA 146 14.92 14.96 -19.00
N VAL LA 147 15.85 15.12 -19.94
CA VAL LA 147 17.05 15.92 -19.71
C VAL LA 147 16.72 17.37 -19.33
N ASP LA 148 15.57 17.85 -19.83
CA ASP LA 148 15.16 19.23 -19.61
C ASP LA 148 14.18 19.40 -18.44
N THR LA 149 13.96 18.31 -17.72
CA THR LA 149 13.13 18.35 -16.54
C THR LA 149 13.91 18.46 -15.24
N GLU LA 150 13.12 18.42 -14.18
CA GLU LA 150 13.46 18.55 -12.79
C GLU LA 150 14.35 17.40 -12.32
N SER LA 151 13.94 16.20 -12.73
CA SER LA 151 14.49 14.93 -12.28
C SER LA 151 15.62 14.48 -13.21
N GLY LA 152 15.66 15.08 -14.39
CA GLY LA 152 16.74 14.87 -15.34
C GLY LA 152 16.64 13.59 -16.16
N ALA LA 153 17.60 13.42 -17.06
CA ALA LA 153 17.75 12.18 -17.82
C ALA LA 153 18.69 11.21 -17.09
N THR LA 154 18.52 9.91 -17.35
CA THR LA 154 19.47 8.94 -16.82
C THR LA 154 20.09 8.11 -17.93
N CYS LA 155 21.31 8.48 -18.30
CA CYS LA 155 22.04 7.80 -19.38
C CYS LA 155 22.87 6.66 -18.80
N ARG LA 156 22.63 5.46 -19.31
CA ARG LA 156 23.28 4.26 -18.82
C ARG LA 156 24.44 3.83 -19.74
N ILE LA 157 25.66 3.84 -19.21
CA ILE LA 157 26.83 3.47 -20.00
C ILE LA 157 27.40 2.09 -19.62
N LYS LA 158 27.46 1.18 -20.59
CA LYS LA 158 27.86 -0.19 -20.36
C LYS LA 158 29.30 -0.46 -20.79
N ILE LA 159 30.17 -0.71 -19.81
CA ILE LA 159 31.59 -0.96 -20.08
C ILE LA 159 32.05 -2.33 -19.59
N GLY LA 160 32.65 -3.11 -20.49
CA GLY LA 160 33.17 -4.42 -20.13
C GLY LA 160 34.28 -4.87 -21.06
N SER LA 161 34.89 -6.01 -20.73
CA SER LA 161 35.88 -6.61 -21.64
C SER LA 161 35.20 -7.11 -22.91
N TRP LA 162 35.78 -6.77 -24.05
CA TRP LA 162 35.21 -7.18 -25.31
C TRP LA 162 35.40 -8.67 -25.56
N THR LA 163 36.59 -9.19 -25.26
CA THR LA 163 36.88 -10.57 -25.63
C THR LA 163 37.20 -11.50 -24.47
N HIS LA 164 37.30 -10.96 -23.25
CA HIS LA 164 37.66 -11.84 -22.12
C HIS LA 164 36.45 -12.09 -21.24
N HIS LA 165 36.15 -13.36 -20.98
CA HIS LA 165 35.02 -13.72 -20.14
C HIS LA 165 35.33 -13.64 -18.65
N SER LA 166 34.36 -14.01 -17.82
CA SER LA 166 34.40 -13.74 -16.39
C SER LA 166 35.52 -14.44 -15.65
N ARG LA 167 35.99 -15.56 -16.19
CA ARG LA 167 37.08 -16.27 -15.54
C ARG LA 167 38.46 -15.70 -15.90
N GLU LA 168 38.53 -14.90 -16.98
CA GLU LA 168 39.72 -14.17 -17.40
C GLU LA 168 39.76 -12.70 -16.93
N ILE LA 169 38.66 -11.97 -17.15
CA ILE LA 169 38.55 -10.61 -16.64
C ILE LA 169 37.26 -10.40 -15.86
N SER LA 170 37.39 -9.89 -14.65
CA SER LA 170 36.22 -9.45 -13.89
C SER LA 170 36.29 -7.92 -13.71
N VAL LA 171 35.16 -7.24 -13.95
CA VAL LA 171 35.09 -5.79 -13.76
C VAL LA 171 34.31 -5.45 -12.51
N ASP LA 172 34.78 -4.41 -11.81
CA ASP LA 172 34.15 -3.97 -10.58
C ASP LA 172 34.17 -2.44 -10.50
N PRO LA 173 33.12 -1.87 -9.91
CA PRO LA 173 33.10 -0.42 -9.61
C PRO LA 173 34.10 -0.08 -8.50
N THR LA 174 34.38 1.19 -8.31
CA THR LA 174 35.30 1.65 -7.27
C THR LA 174 34.57 2.13 -6.02
N ASP LA 180 30.81 12.69 -7.52
CA ASP LA 180 30.24 12.65 -8.87
C ASP LA 180 30.68 13.86 -9.70
N SER LA 181 30.19 15.03 -9.30
CA SER LA 181 30.52 16.29 -9.97
C SER LA 181 31.89 16.81 -9.57
N GLU LA 182 32.75 15.92 -9.09
CA GLU LA 182 34.01 16.34 -8.48
C GLU LA 182 34.92 17.10 -9.47
N TYR LA 183 35.06 16.57 -10.68
CA TYR LA 183 35.83 17.25 -11.71
C TYR LA 183 34.94 17.77 -12.84
N PHE LA 184 33.63 17.71 -12.64
CA PHE LA 184 32.72 18.13 -13.69
C PHE LA 184 32.83 19.63 -13.95
N SER LA 185 32.86 20.00 -15.22
CA SER LA 185 32.99 21.41 -15.62
C SER LA 185 31.79 22.25 -15.18
N GLN LA 186 32.07 23.35 -14.49
CA GLN LA 186 31.03 24.28 -14.10
C GLN LA 186 30.51 25.04 -15.32
N TYR LA 187 31.21 24.93 -16.45
CA TYR LA 187 30.85 25.67 -17.66
C TYR LA 187 30.04 24.85 -18.64
N SER LA 188 29.70 23.63 -18.23
CA SER LA 188 28.78 22.82 -19.02
C SER LA 188 27.39 23.43 -18.94
N ARG LA 189 26.63 23.28 -20.03
CA ARG LA 189 25.24 23.69 -20.02
C ARG LA 189 24.45 22.75 -19.11
N PHE LA 190 25.13 21.71 -18.66
CA PHE LA 190 24.50 20.66 -17.86
C PHE LA 190 25.14 20.53 -16.49
N GLU LA 191 24.42 19.82 -15.62
CA GLU LA 191 24.82 19.55 -14.25
C GLU LA 191 24.47 18.11 -13.87
N ILE LA 192 25.28 17.49 -13.01
CA ILE LA 192 25.09 16.10 -12.65
C ILE LA 192 24.35 15.96 -11.33
N LEU LA 193 23.27 15.20 -11.34
CA LEU LA 193 22.46 14.99 -10.14
C LEU LA 193 22.98 13.81 -9.35
N ASP LA 194 23.25 12.71 -10.04
CA ASP LA 194 23.72 11.48 -9.39
C ASP LA 194 24.45 10.53 -10.35
N VAL LA 195 25.43 9.80 -9.83
CA VAL LA 195 26.08 8.74 -10.58
C VAL LA 195 26.04 7.44 -9.80
N THR LA 196 25.43 6.42 -10.37
CA THR LA 196 25.38 5.12 -9.72
C THR LA 196 26.02 4.07 -10.62
N GLN LA 197 26.63 3.06 -10.03
CA GLN LA 197 27.33 2.06 -10.82
C GLN LA 197 26.74 0.71 -10.44
N LYS LA 198 26.76 -0.23 -11.38
CA LYS LA 198 26.14 -1.54 -11.14
C LYS LA 198 26.78 -2.62 -12.00
N LYS LA 199 27.25 -3.67 -11.36
CA LYS LA 199 27.96 -4.73 -12.07
C LYS LA 199 27.03 -5.82 -12.64
N ASN LA 200 27.28 -6.24 -13.87
CA ASN LA 200 26.49 -7.30 -14.48
C ASN LA 200 27.34 -8.42 -15.04
N SER LA 201 26.68 -9.54 -15.33
CA SER LA 201 27.32 -10.69 -15.92
C SER LA 201 26.36 -11.22 -16.97
N VAL LA 202 26.74 -11.10 -18.23
CA VAL LA 202 25.85 -11.43 -19.34
C VAL LA 202 26.40 -12.54 -20.22
N THR LA 203 25.51 -13.43 -20.68
CA THR LA 203 25.89 -14.44 -21.65
C THR LA 203 25.42 -14.02 -23.03
N TYR LA 204 26.31 -14.15 -24.01
CA TYR LA 204 26.02 -13.76 -25.38
C TYR LA 204 25.85 -15.00 -26.26
N SER LA 205 25.13 -14.84 -27.37
CA SER LA 205 24.82 -15.96 -28.26
C SER LA 205 26.05 -16.66 -28.81
N CYS LA 206 27.09 -15.89 -29.07
CA CYS LA 206 28.30 -16.39 -29.72
C CYS LA 206 29.02 -17.42 -28.86
N CYS LA 207 29.00 -17.20 -27.55
CA CYS LA 207 29.95 -17.86 -26.67
C CYS LA 207 29.24 -18.43 -25.45
N PRO LA 208 29.74 -19.55 -24.92
CA PRO LA 208 29.14 -20.23 -23.78
C PRO LA 208 29.42 -19.57 -22.43
N GLU LA 209 30.48 -18.76 -22.34
CA GLU LA 209 30.88 -18.16 -21.07
C GLU LA 209 30.18 -16.82 -20.83
N ALA LA 210 30.24 -16.36 -19.58
CA ALA LA 210 29.63 -15.08 -19.22
C ALA LA 210 30.68 -13.95 -19.24
N TYR LA 211 30.27 -12.79 -19.74
CA TYR LA 211 31.14 -11.63 -19.79
C TYR LA 211 30.63 -10.59 -18.80
N GLU LA 212 31.54 -10.03 -18.01
CA GLU LA 212 31.15 -9.05 -17.03
C GLU LA 212 31.17 -7.65 -17.64
N ASP LA 213 30.36 -6.77 -17.08
CA ASP LA 213 30.37 -5.36 -17.45
C ASP LA 213 30.02 -4.50 -16.25
N VAL LA 214 30.35 -3.23 -16.35
CA VAL LA 214 29.85 -2.26 -15.38
C VAL LA 214 28.89 -1.31 -16.11
N GLU LA 215 27.70 -1.10 -15.53
CA GLU LA 215 26.77 -0.10 -16.05
C GLU LA 215 26.79 1.13 -15.18
N VAL LA 216 27.29 2.22 -15.75
CA VAL LA 216 27.37 3.48 -15.03
C VAL LA 216 26.15 4.29 -15.43
N SER LA 217 25.31 4.61 -14.46
CA SER LA 217 24.11 5.41 -14.70
C SER LA 217 24.39 6.87 -14.39
N LEU LA 218 24.39 7.69 -15.43
CA LEU LA 218 24.63 9.12 -15.29
C LEU LA 218 23.31 9.86 -15.27
N ASN LA 219 22.93 10.38 -14.11
CA ASN LA 219 21.71 11.16 -13.97
C ASN LA 219 22.03 12.65 -14.04
N PHE LA 220 21.59 13.28 -15.13
CA PHE LA 220 21.96 14.68 -15.39
C PHE LA 220 20.79 15.47 -15.99
N ARG LA 221 20.90 16.80 -15.93
CA ARG LA 221 19.86 17.66 -16.49
C ARG LA 221 20.46 18.98 -16.97
N LYS LA 222 19.75 19.69 -17.85
CA LYS LA 222 20.19 21.00 -18.31
C LYS LA 222 19.97 22.06 -17.25
N LYS LA 223 20.98 22.89 -17.01
CA LYS LA 223 20.83 24.04 -16.09
C LYS LA 223 19.78 25.09 -16.57
N GLY LA 224 19.25 25.89 -15.65
CA GLY LA 224 18.27 26.91 -15.96
C GLY LA 224 18.75 27.93 -17.00
N LEU MA 20 51.98 -26.03 -22.06
CA LEU MA 20 51.72 -24.76 -22.71
C LEU MA 20 50.83 -23.87 -21.86
N ASP MA 21 51.27 -22.63 -21.63
CA ASP MA 21 50.39 -21.61 -21.08
C ASP MA 21 50.12 -20.50 -22.12
N ARG MA 22 49.28 -19.51 -21.75
CA ARG MA 22 48.92 -18.43 -22.69
C ARG MA 22 50.14 -17.76 -23.32
N ALA MA 23 51.08 -17.38 -22.45
CA ALA MA 23 52.33 -16.77 -22.89
C ALA MA 23 53.01 -17.56 -24.02
N ASP MA 24 53.11 -18.88 -23.87
CA ASP MA 24 53.79 -19.69 -24.89
C ASP MA 24 52.97 -19.74 -26.18
N ILE MA 25 51.66 -19.92 -26.04
CA ILE MA 25 50.77 -19.96 -27.20
C ILE MA 25 50.82 -18.67 -28.02
N LEU MA 26 50.76 -17.55 -27.31
CA LEU MA 26 50.80 -16.25 -27.97
C LEU MA 26 52.18 -16.01 -28.59
N TYR MA 27 53.21 -16.49 -27.90
CA TYR MA 27 54.56 -16.39 -28.43
C TYR MA 27 54.70 -17.18 -29.74
N ASN MA 28 54.24 -18.43 -29.75
CA ASN MA 28 54.27 -19.20 -30.99
C ASN MA 28 53.46 -18.56 -32.13
N ILE MA 29 52.28 -18.06 -31.80
CA ILE MA 29 51.45 -17.42 -32.79
C ILE MA 29 52.16 -16.20 -33.38
N ARG MA 30 52.76 -15.39 -32.55
CA ARG MA 30 53.47 -14.20 -32.96
C ARG MA 30 54.70 -14.48 -33.82
N GLN MA 31 55.42 -15.51 -33.47
CA GLN MA 31 56.53 -16.00 -34.23
C GLN MA 31 56.24 -16.68 -35.52
N THR MA 32 55.16 -17.43 -35.59
CA THR MA 32 54.95 -18.34 -36.71
C THR MA 32 53.72 -18.12 -37.58
N SER MA 33 52.76 -17.33 -37.11
CA SER MA 33 51.60 -17.07 -37.96
C SER MA 33 52.06 -16.16 -39.09
N ARG MA 34 51.42 -16.31 -40.24
CA ARG MA 34 51.82 -15.55 -41.41
C ARG MA 34 50.62 -14.72 -41.86
N PRO MA 35 50.49 -13.49 -41.33
CA PRO MA 35 49.30 -12.64 -41.53
C PRO MA 35 49.07 -12.34 -43.00
N ASP MA 36 50.13 -12.36 -43.79
CA ASP MA 36 50.06 -12.13 -45.23
C ASP MA 36 49.60 -13.39 -46.00
N VAL MA 37 49.52 -14.53 -45.31
CA VAL MA 37 49.29 -15.81 -45.98
C VAL MA 37 47.94 -16.42 -45.69
N ILE MA 38 47.08 -16.47 -46.70
CA ILE MA 38 45.76 -17.07 -46.56
C ILE MA 38 45.90 -18.57 -46.21
N PRO MA 39 45.25 -18.99 -45.11
CA PRO MA 39 45.37 -20.36 -44.60
C PRO MA 39 44.52 -21.32 -45.43
N THR MA 40 44.73 -21.31 -46.73
CA THR MA 40 44.06 -22.24 -47.63
C THR MA 40 44.65 -23.65 -47.50
N GLN MA 41 43.88 -24.67 -47.82
CA GLN MA 41 44.30 -26.03 -47.46
C GLN MA 41 44.13 -27.04 -48.60
N ARG MA 42 45.24 -27.43 -49.21
CA ARG MA 42 45.21 -28.32 -50.38
C ARG MA 42 44.18 -27.81 -51.39
N ASP MA 43 44.31 -26.53 -51.72
CA ASP MA 43 43.61 -25.92 -52.83
C ASP MA 43 42.10 -26.00 -52.69
N ARG MA 44 41.62 -25.86 -51.46
CA ARG MA 44 40.20 -25.77 -51.16
C ARG MA 44 39.95 -24.57 -50.23
N PRO MA 45 39.05 -23.67 -50.65
CA PRO MA 45 38.87 -22.32 -50.10
C PRO MA 45 38.74 -22.27 -48.58
N VAL MA 46 39.16 -21.16 -47.99
CA VAL MA 46 38.86 -20.88 -46.60
C VAL MA 46 37.37 -20.54 -46.47
N ALA MA 47 36.68 -21.24 -45.59
CA ALA MA 47 35.26 -20.99 -45.37
C ALA MA 47 35.08 -19.88 -44.33
N VAL MA 48 34.56 -18.74 -44.78
CA VAL MA 48 34.37 -17.60 -43.89
C VAL MA 48 32.89 -17.40 -43.57
N SER MA 49 32.54 -17.46 -42.29
CA SER MA 49 31.21 -17.09 -41.81
C SER MA 49 31.10 -15.60 -41.56
N VAL MA 50 30.05 -14.98 -42.08
CA VAL MA 50 29.76 -13.59 -41.80
C VAL MA 50 28.36 -13.44 -41.24
N SER MA 51 28.25 -12.72 -40.13
CA SER MA 51 26.97 -12.52 -39.48
C SER MA 51 26.95 -11.13 -38.86
N LEU MA 52 26.10 -10.27 -39.40
CA LEU MA 52 25.95 -8.92 -38.85
C LEU MA 52 24.95 -8.91 -37.69
N LYS MA 53 25.37 -8.38 -36.53
CA LYS MA 53 24.49 -8.19 -35.39
C LYS MA 53 24.27 -6.70 -35.25
N PHE MA 54 23.09 -6.23 -35.66
CA PHE MA 54 22.83 -4.80 -35.66
C PHE MA 54 22.63 -4.25 -34.27
N ILE MA 55 23.31 -3.14 -33.99
CA ILE MA 55 23.33 -2.52 -32.67
C ILE MA 55 22.55 -1.22 -32.71
N ASN MA 56 22.75 -0.45 -33.77
CA ASN MA 56 22.06 0.83 -33.89
C ASN MA 56 21.95 1.31 -35.32
N ILE MA 57 20.90 2.10 -35.57
CA ILE MA 57 20.73 2.82 -36.83
C ILE MA 57 20.64 4.31 -36.51
N LEU MA 58 21.55 5.10 -37.06
CA LEU MA 58 21.80 6.42 -36.48
C LEU MA 58 21.35 7.61 -37.31
N GLU MA 59 21.51 7.54 -38.62
CA GLU MA 59 21.35 8.72 -39.44
C GLU MA 59 20.76 8.43 -40.80
N VAL MA 60 19.46 8.15 -40.85
CA VAL MA 60 18.79 7.82 -42.11
C VAL MA 60 18.57 9.09 -42.94
N ASN MA 61 18.75 8.98 -44.26
CA ASN MA 61 18.41 10.05 -45.19
C ASN MA 61 17.68 9.49 -46.41
N GLU MA 62 16.36 9.70 -46.45
CA GLU MA 62 15.53 9.09 -47.48
C GLU MA 62 15.76 9.76 -48.84
N ILE MA 63 16.17 11.02 -48.81
CA ILE MA 63 16.48 11.75 -50.03
C ILE MA 63 17.75 11.21 -50.70
N THR MA 64 18.85 11.20 -49.95
CA THR MA 64 20.15 10.78 -50.49
C THR MA 64 20.32 9.25 -50.55
N ASN MA 65 19.43 8.51 -49.90
CA ASN MA 65 19.53 7.06 -49.82
C ASN MA 65 20.80 6.57 -49.10
N GLU MA 66 21.06 7.18 -47.95
CA GLU MA 66 22.21 6.83 -47.15
C GLU MA 66 21.80 6.55 -45.69
N VAL MA 67 22.38 5.51 -45.10
CA VAL MA 67 22.15 5.17 -43.70
C VAL MA 67 23.47 5.05 -42.94
N ASP MA 68 23.40 5.34 -41.64
CA ASP MA 68 24.54 5.22 -40.76
C ASP MA 68 24.21 4.10 -39.78
N VAL MA 69 24.99 3.02 -39.83
CA VAL MA 69 24.70 1.83 -39.05
C VAL MA 69 25.85 1.45 -38.10
N VAL MA 70 25.48 0.95 -36.91
CA VAL MA 70 26.45 0.34 -36.02
C VAL MA 70 26.11 -1.13 -35.91
N PHE MA 71 27.10 -2.00 -36.10
CA PHE MA 71 26.86 -3.43 -36.13
C PHE MA 71 28.13 -4.20 -35.77
N TRP MA 72 27.93 -5.36 -35.17
CA TRP MA 72 29.01 -6.30 -34.91
C TRP MA 72 29.21 -7.13 -36.17
N GLN MA 73 30.40 -7.09 -36.73
CA GLN MA 73 30.70 -7.90 -37.91
C GLN MA 73 31.36 -9.21 -37.47
N GLN MA 74 30.55 -10.15 -37.02
CA GLN MA 74 31.06 -11.42 -36.53
C GLN MA 74 31.62 -12.24 -37.68
N THR MA 75 32.94 -12.44 -37.67
CA THR MA 75 33.63 -13.14 -38.75
C THR MA 75 34.33 -14.39 -38.22
N THR MA 76 34.08 -15.53 -38.86
CA THR MA 76 34.60 -16.78 -38.34
C THR MA 76 35.22 -17.61 -39.44
N TRP MA 77 36.41 -18.14 -39.18
CA TRP MA 77 37.11 -18.98 -40.14
C TRP MA 77 38.09 -19.88 -39.43
N SER MA 78 38.80 -20.68 -40.22
CA SER MA 78 39.67 -21.69 -39.68
C SER MA 78 41.10 -21.53 -40.22
N ASP MA 79 42.07 -21.58 -39.31
CA ASP MA 79 43.49 -21.55 -39.67
C ASP MA 79 44.24 -22.59 -38.85
N ARG MA 80 44.47 -23.76 -39.44
CA ARG MA 80 45.05 -24.90 -38.72
C ARG MA 80 46.47 -24.63 -38.23
N THR MA 81 47.13 -23.71 -38.88
CA THR MA 81 48.50 -23.39 -38.59
C THR MA 81 48.63 -22.79 -37.21
N LEU MA 82 47.51 -22.42 -36.63
CA LEU MA 82 47.47 -21.79 -35.31
C LEU MA 82 47.11 -22.80 -34.24
N ALA MA 83 46.75 -24.02 -34.64
CA ALA MA 83 46.25 -25.01 -33.69
C ALA MA 83 47.34 -25.45 -32.70
N TRP MA 84 46.90 -25.93 -31.53
CA TRP MA 84 47.84 -26.43 -30.54
C TRP MA 84 47.20 -27.54 -29.72
N ASN MA 85 48.04 -28.31 -29.03
CA ASN MA 85 47.58 -29.41 -28.17
C ASN MA 85 47.02 -28.84 -26.87
N SER MA 86 45.70 -28.88 -26.69
CA SER MA 86 45.07 -28.21 -25.56
C SER MA 86 44.89 -29.11 -24.34
N SER MA 87 45.66 -30.19 -24.28
CA SER MA 87 45.51 -31.18 -23.20
C SER MA 87 45.62 -30.54 -21.82
N HIS MA 88 46.71 -29.81 -21.57
CA HIS MA 88 46.87 -29.11 -20.31
C HIS MA 88 47.11 -27.66 -20.57
N SER MA 89 46.34 -27.11 -21.50
CA SER MA 89 46.53 -25.76 -21.98
C SER MA 89 45.17 -25.06 -22.06
N PRO MA 90 45.17 -23.72 -22.23
CA PRO MA 90 43.93 -22.99 -22.50
C PRO MA 90 43.30 -23.45 -23.82
N ASP MA 91 41.98 -23.35 -23.92
CA ASP MA 91 41.27 -23.75 -25.13
C ASP MA 91 41.27 -22.60 -26.13
N GLN MA 92 41.58 -21.41 -25.63
CA GLN MA 92 41.29 -20.17 -26.35
C GLN MA 92 42.22 -19.05 -25.88
N VAL MA 93 42.62 -18.21 -26.83
CA VAL MA 93 43.36 -17.00 -26.51
C VAL MA 93 42.82 -15.83 -27.30
N SER MA 94 43.15 -14.62 -26.86
CA SER MA 94 42.82 -13.41 -27.60
C SER MA 94 44.09 -12.90 -28.23
N VAL MA 95 44.05 -12.69 -29.54
CA VAL MA 95 45.21 -12.32 -30.30
C VAL MA 95 44.92 -11.05 -31.07
N PRO MA 96 45.86 -10.08 -31.05
CA PRO MA 96 45.79 -8.92 -31.94
C PRO MA 96 45.66 -9.37 -33.42
N ILE MA 97 44.72 -8.79 -34.15
CA ILE MA 97 44.52 -9.22 -35.54
C ILE MA 97 45.71 -8.90 -36.42
N SER MA 98 46.59 -8.01 -35.96
CA SER MA 98 47.80 -7.68 -36.72
C SER MA 98 48.75 -8.89 -36.73
N SER MA 99 48.52 -9.83 -35.81
CA SER MA 99 49.38 -11.04 -35.74
C SER MA 99 48.70 -12.22 -36.40
N LEU MA 100 47.56 -11.99 -37.05
CA LEU MA 100 46.82 -13.08 -37.69
C LEU MA 100 46.48 -12.76 -39.13
N TRP MA 101 46.34 -13.79 -39.95
CA TRP MA 101 45.73 -13.56 -41.24
C TRP MA 101 44.24 -13.31 -41.01
N VAL MA 102 43.71 -12.32 -41.72
CA VAL MA 102 42.32 -11.94 -41.59
C VAL MA 102 41.72 -11.82 -43.00
N PRO MA 103 40.48 -12.32 -43.17
CA PRO MA 103 39.85 -12.22 -44.49
C PRO MA 103 39.71 -10.75 -44.90
N ASP MA 104 40.01 -10.45 -46.15
CA ASP MA 104 39.86 -9.08 -46.67
C ASP MA 104 38.41 -8.67 -47.04
N LEU MA 105 37.48 -8.83 -46.10
CA LEU MA 105 36.09 -8.48 -46.34
C LEU MA 105 35.87 -6.96 -46.55
N ALA MA 106 34.96 -6.62 -47.45
CA ALA MA 106 34.58 -5.22 -47.65
C ALA MA 106 33.09 -5.13 -47.93
N ALA MA 107 32.50 -4.02 -47.48
CA ALA MA 107 31.13 -3.74 -47.82
C ALA MA 107 31.12 -2.95 -49.14
N TYR MA 108 30.58 -3.57 -50.19
CA TYR MA 108 30.60 -2.99 -51.53
C TYR MA 108 29.91 -1.65 -51.61
N ASN MA 109 28.85 -1.49 -50.82
CA ASN MA 109 28.04 -0.28 -50.91
C ASN MA 109 28.29 0.65 -49.74
N ALA MA 110 29.42 0.45 -49.06
CA ALA MA 110 29.83 1.36 -48.01
C ALA MA 110 30.35 2.62 -48.66
N ILE MA 111 30.06 3.78 -48.06
CA ILE MA 111 30.51 5.05 -48.60
C ILE MA 111 31.40 5.81 -47.60
N SER MA 112 31.71 5.17 -46.47
CA SER MA 112 32.71 5.67 -45.56
C SER MA 112 33.58 4.48 -45.23
N LYS MA 113 34.84 4.70 -44.84
CA LYS MA 113 35.64 3.55 -44.41
C LYS MA 113 35.10 3.12 -43.05
N PRO MA 114 35.26 1.81 -42.73
CA PRO MA 114 34.71 1.27 -41.47
C PRO MA 114 35.38 1.87 -40.25
N GLU MA 115 34.59 2.40 -39.32
CA GLU MA 115 35.11 2.90 -38.06
C GLU MA 115 35.01 1.75 -37.07
N VAL MA 116 36.15 1.19 -36.70
CA VAL MA 116 36.17 0.11 -35.73
C VAL MA 116 36.11 0.71 -34.32
N LEU MA 117 35.07 0.35 -33.58
CA LEU MA 117 34.82 0.96 -32.28
C LEU MA 117 35.44 0.19 -31.13
N THR MA 118 35.85 -1.04 -31.39
CA THR MA 118 36.28 -1.96 -30.35
C THR MA 118 37.74 -2.37 -30.49
N PRO MA 119 38.35 -2.86 -29.39
CA PRO MA 119 39.72 -3.38 -29.42
C PRO MA 119 39.89 -4.44 -30.52
N GLN MA 120 40.92 -4.32 -31.34
CA GLN MA 120 41.05 -5.22 -32.48
C GLN MA 120 41.73 -6.56 -32.13
N LEU MA 121 41.00 -7.39 -31.39
CA LEU MA 121 41.48 -8.69 -30.95
C LEU MA 121 40.57 -9.79 -31.46
N ALA MA 122 41.13 -10.96 -31.74
CA ALA MA 122 40.33 -12.09 -32.22
C ALA MA 122 40.47 -13.25 -31.23
N HIS MA 123 39.51 -14.18 -31.26
CA HIS MA 123 39.65 -15.42 -30.50
C HIS MA 123 40.31 -16.44 -31.39
N VAL MA 124 41.33 -17.09 -30.89
CA VAL MA 124 41.85 -18.27 -31.55
C VAL MA 124 41.60 -19.44 -30.61
N VAL MA 125 40.92 -20.45 -31.13
CA VAL MA 125 40.63 -21.65 -30.34
C VAL MA 125 41.71 -22.70 -30.67
N SER MA 126 41.97 -23.63 -29.74
CA SER MA 126 43.04 -24.61 -29.91
C SER MA 126 42.96 -25.43 -31.21
N ASP MA 127 41.75 -25.64 -31.72
CA ASP MA 127 41.57 -26.36 -32.99
C ASP MA 127 41.93 -25.53 -34.22
N GLY MA 128 42.20 -24.24 -34.02
CA GLY MA 128 42.53 -23.37 -35.14
C GLY MA 128 41.38 -22.52 -35.62
N GLU MA 129 40.24 -22.59 -34.93
CA GLU MA 129 39.10 -21.78 -35.30
C GLU MA 129 39.35 -20.35 -34.85
N VAL MA 130 39.16 -19.39 -35.77
CA VAL MA 130 39.35 -17.98 -35.45
C VAL MA 130 38.05 -17.24 -35.55
N GLN MA 131 37.73 -16.44 -34.54
CA GLN MA 131 36.59 -15.55 -34.59
C GLN MA 131 37.02 -14.11 -34.32
N TYR MA 132 36.54 -13.19 -35.16
CA TYR MA 132 36.80 -11.76 -34.98
C TYR MA 132 35.48 -11.02 -35.08
N THR MA 133 35.13 -10.26 -34.04
CA THR MA 133 33.83 -9.59 -34.02
C THR MA 133 33.94 -8.11 -33.65
N PRO MA 134 34.43 -7.30 -34.60
CA PRO MA 134 34.55 -5.88 -34.26
C PRO MA 134 33.18 -5.24 -34.28
N SER MA 135 32.97 -4.23 -33.45
CA SER MA 135 31.81 -3.36 -33.59
C SER MA 135 32.18 -2.22 -34.53
N ILE MA 136 31.41 -2.11 -35.62
CA ILE MA 136 31.71 -1.15 -36.68
C ILE MA 136 30.59 -0.11 -36.86
N ARG MA 137 30.99 1.17 -36.96
CA ARG MA 137 30.09 2.20 -37.46
C ARG MA 137 30.45 2.54 -38.90
N GLN MA 138 29.46 2.45 -39.79
CA GLN MA 138 29.70 2.70 -41.22
C GLN MA 138 28.47 3.29 -41.94
N ARG MA 139 28.74 4.14 -42.93
CA ARG MA 139 27.66 4.72 -43.75
C ARG MA 139 27.52 3.90 -45.02
N PHE MA 140 26.28 3.58 -45.39
CA PHE MA 140 25.99 2.79 -46.59
C PHE MA 140 25.08 3.53 -47.55
N SER MA 141 25.23 3.20 -48.83
CA SER MA 141 24.32 3.64 -49.87
C SER MA 141 23.37 2.48 -50.14
N CYS MA 142 22.10 2.69 -49.83
CA CYS MA 142 21.09 1.65 -50.03
C CYS MA 142 19.66 2.23 -50.14
N ASP MA 143 18.69 1.34 -50.36
CA ASP MA 143 17.32 1.76 -50.53
C ASP MA 143 16.66 2.09 -49.19
N VAL MA 144 16.44 3.38 -48.95
CA VAL MA 144 15.87 3.86 -47.70
C VAL MA 144 14.38 4.21 -47.88
N SER MA 145 13.88 4.02 -49.09
CA SER MA 145 12.49 4.33 -49.38
C SER MA 145 11.52 3.48 -48.56
N GLY MA 146 10.59 4.13 -47.87
CA GLY MA 146 9.58 3.43 -47.11
C GLY MA 146 9.95 3.31 -45.65
N VAL MA 147 11.03 3.96 -45.26
CA VAL MA 147 11.52 3.90 -43.88
C VAL MA 147 10.47 4.42 -42.89
N ASP MA 148 9.63 5.34 -43.35
CA ASP MA 148 8.64 5.97 -42.49
C ASP MA 148 7.27 5.32 -42.60
N THR MA 149 7.18 4.22 -43.33
CA THR MA 149 5.94 3.47 -43.45
C THR MA 149 5.94 2.28 -42.49
N GLU MA 150 4.87 1.49 -42.54
CA GLU MA 150 4.64 0.39 -41.61
C GLU MA 150 5.31 -0.90 -42.10
N SER MA 151 5.60 -0.97 -43.39
CA SER MA 151 6.33 -2.11 -43.96
C SER MA 151 7.84 -1.85 -43.90
N GLY MA 152 8.20 -0.58 -43.76
CA GLY MA 152 9.58 -0.18 -43.55
C GLY MA 152 10.45 -0.14 -44.80
N ALA MA 153 11.70 0.29 -44.63
CA ALA MA 153 12.68 0.24 -45.70
C ALA MA 153 13.43 -1.07 -45.66
N THR MA 154 14.00 -1.48 -46.79
CA THR MA 154 14.87 -2.64 -46.82
C THR MA 154 16.24 -2.29 -47.39
N CYS MA 155 17.19 -2.09 -46.49
CA CYS MA 155 18.56 -1.77 -46.88
C CYS MA 155 19.39 -3.05 -47.07
N ARG MA 156 19.97 -3.18 -48.26
CA ARG MA 156 20.71 -4.37 -48.62
C ARG MA 156 22.23 -4.08 -48.52
N ILE MA 157 22.93 -4.81 -47.64
CA ILE MA 157 24.37 -4.64 -47.44
C ILE MA 157 25.17 -5.79 -48.05
N LYS MA 158 26.07 -5.47 -48.97
CA LYS MA 158 26.84 -6.48 -49.69
C LYS MA 158 28.27 -6.64 -49.18
N ILE MA 159 28.57 -7.79 -48.55
CA ILE MA 159 29.88 -8.02 -47.95
C ILE MA 159 30.56 -9.24 -48.55
N GLY MA 160 31.79 -9.06 -49.03
CA GLY MA 160 32.57 -10.17 -49.57
C GLY MA 160 34.05 -9.88 -49.61
N SER MA 161 34.84 -10.89 -49.98
CA SER MA 161 36.28 -10.72 -50.09
C SER MA 161 36.59 -9.76 -51.23
N TRP MA 162 37.46 -8.79 -50.98
CA TRP MA 162 37.79 -7.82 -52.02
C TRP MA 162 38.71 -8.44 -53.08
N THR MA 163 39.66 -9.27 -52.65
CA THR MA 163 40.67 -9.75 -53.59
C THR MA 163 40.75 -11.26 -53.73
N HIS MA 164 40.03 -12.01 -52.90
CA HIS MA 164 40.08 -13.46 -53.03
C HIS MA 164 38.84 -14.02 -53.67
N HIS MA 165 39.00 -14.83 -54.72
CA HIS MA 165 37.87 -15.41 -55.43
C HIS MA 165 37.35 -16.67 -54.75
N SER MA 166 36.32 -17.29 -55.35
CA SER MA 166 35.56 -18.37 -54.71
C SER MA 166 36.38 -19.61 -54.36
N ARG MA 167 37.47 -19.86 -55.08
CA ARG MA 167 38.37 -21.00 -54.75
C ARG MA 167 39.46 -20.70 -53.69
N GLU MA 168 39.52 -19.47 -53.23
CA GLU MA 168 40.36 -19.06 -52.12
C GLU MA 168 39.50 -18.71 -50.89
N ILE MA 169 38.49 -17.88 -51.07
CA ILE MA 169 37.57 -17.53 -49.99
C ILE MA 169 36.10 -17.73 -50.38
N SER MA 170 35.39 -18.51 -49.56
CA SER MA 170 33.94 -18.64 -49.68
C SER MA 170 33.26 -18.03 -48.45
N VAL MA 171 32.26 -17.19 -48.68
CA VAL MA 171 31.51 -16.58 -47.60
C VAL MA 171 30.15 -17.26 -47.42
N ASP MA 172 29.74 -17.43 -46.17
CA ASP MA 172 28.47 -18.06 -45.85
C ASP MA 172 27.81 -17.38 -44.66
N PRO MA 173 26.47 -17.27 -44.69
CA PRO MA 173 25.70 -16.76 -43.55
C PRO MA 173 25.73 -17.75 -42.37
N THR MA 174 25.30 -17.29 -41.20
CA THR MA 174 25.34 -18.13 -40.01
C THR MA 174 23.96 -18.68 -39.72
N SER MA 178 18.00 -16.26 -32.46
CA SER MA 178 18.82 -15.41 -33.32
C SER MA 178 18.02 -14.19 -33.74
N ASP MA 179 17.18 -13.67 -32.83
CA ASP MA 179 16.20 -12.64 -33.19
C ASP MA 179 16.79 -11.23 -33.41
N ASP MA 180 17.44 -11.11 -34.55
CA ASP MA 180 17.68 -9.84 -35.24
C ASP MA 180 17.94 -8.64 -34.34
N GLU MA 182 18.33 -8.61 -31.37
CA GLU MA 182 18.81 -9.19 -30.13
C GLU MA 182 19.64 -8.19 -29.34
N TYR MA 183 20.59 -7.54 -30.01
CA TYR MA 183 21.44 -6.53 -29.35
C TYR MA 183 21.12 -5.12 -29.83
N PHE MA 184 20.03 -4.99 -30.59
CA PHE MA 184 19.66 -3.70 -31.13
C PHE MA 184 19.24 -2.73 -30.02
N SER MA 185 19.73 -1.49 -30.10
CA SER MA 185 19.46 -0.46 -29.10
C SER MA 185 17.97 -0.09 -29.03
N GLN MA 186 17.40 -0.17 -27.84
CA GLN MA 186 16.01 0.25 -27.65
C GLN MA 186 15.89 1.78 -27.74
N TYR MA 187 17.03 2.48 -27.75
CA TYR MA 187 17.03 3.94 -27.77
C TYR MA 187 17.24 4.52 -29.18
N SER MA 188 17.30 3.63 -30.17
CA SER MA 188 17.30 4.08 -31.56
C SER MA 188 15.95 4.68 -31.92
N ARG MA 189 15.96 5.62 -32.87
CA ARG MA 189 14.72 6.17 -33.40
C ARG MA 189 14.10 5.22 -34.41
N PHE MA 190 14.76 4.08 -34.61
CA PHE MA 190 14.27 3.10 -35.54
C PHE MA 190 14.18 1.75 -34.84
N GLU MA 191 13.48 0.82 -35.47
CA GLU MA 191 13.32 -0.53 -34.96
C GLU MA 191 13.49 -1.52 -36.12
N ILE MA 192 13.91 -2.74 -35.82
CA ILE MA 192 14.17 -3.75 -36.86
C ILE MA 192 13.02 -4.73 -37.01
N LEU MA 193 12.50 -4.86 -38.23
CA LEU MA 193 11.40 -5.76 -38.51
C LEU MA 193 11.91 -7.16 -38.87
N ASP MA 194 12.91 -7.21 -39.74
CA ASP MA 194 13.45 -8.50 -40.16
C ASP MA 194 14.85 -8.36 -40.73
N VAL MA 195 15.66 -9.40 -40.54
CA VAL MA 195 16.98 -9.48 -41.17
C VAL MA 195 17.08 -10.81 -41.92
N THR MA 196 17.31 -10.70 -43.23
CA THR MA 196 17.52 -11.90 -44.04
C THR MA 196 18.89 -11.85 -44.72
N GLN MA 197 19.52 -13.00 -44.88
CA GLN MA 197 20.85 -13.08 -45.47
C GLN MA 197 20.79 -13.94 -46.73
N LYS MA 198 21.60 -13.56 -47.72
CA LYS MA 198 21.59 -14.25 -49.01
C LYS MA 198 23.01 -14.31 -49.59
N LYS MA 199 23.42 -15.51 -49.99
CA LYS MA 199 24.75 -15.69 -50.56
C LYS MA 199 24.74 -15.57 -52.08
N ASN MA 200 25.73 -14.85 -52.63
CA ASN MA 200 25.86 -14.71 -54.07
C ASN MA 200 27.25 -15.04 -54.55
N SER MA 201 27.37 -15.24 -55.86
CA SER MA 201 28.65 -15.48 -56.52
C SER MA 201 28.68 -14.67 -57.81
N VAL MA 202 29.53 -13.66 -57.87
CA VAL MA 202 29.51 -12.69 -58.96
C VAL MA 202 30.82 -12.69 -59.73
N THR MA 203 30.71 -12.56 -61.06
CA THR MA 203 31.90 -12.37 -61.88
C THR MA 203 32.05 -10.90 -62.25
N TYR MA 204 33.26 -10.38 -62.11
CA TYR MA 204 33.54 -8.99 -62.39
C TYR MA 204 34.36 -8.86 -63.68
N SER MA 205 34.33 -7.69 -64.29
CA SER MA 205 34.95 -7.46 -65.59
C SER MA 205 36.45 -7.68 -65.54
N CYS MA 206 37.05 -7.28 -64.43
CA CYS MA 206 38.49 -7.30 -64.28
C CYS MA 206 39.06 -8.72 -64.35
N CYS MA 207 38.32 -9.68 -63.81
CA CYS MA 207 38.88 -10.98 -63.48
C CYS MA 207 37.99 -12.11 -63.99
N PRO MA 208 38.60 -13.24 -64.36
CA PRO MA 208 37.86 -14.38 -64.90
C PRO MA 208 37.14 -15.22 -63.83
N GLU MA 209 37.59 -15.15 -62.58
CA GLU MA 209 37.00 -15.98 -61.52
C GLU MA 209 35.78 -15.33 -60.86
N ALA MA 210 35.06 -16.12 -60.09
CA ALA MA 210 33.89 -15.61 -59.39
C ALA MA 210 34.21 -15.27 -57.95
N TYR MA 211 33.68 -14.15 -57.47
CA TYR MA 211 33.88 -13.72 -56.09
C TYR MA 211 32.57 -13.85 -55.33
N GLU MA 212 32.64 -14.45 -54.15
CA GLU MA 212 31.44 -14.65 -53.35
C GLU MA 212 31.17 -13.44 -52.47
N ASP MA 213 29.88 -13.20 -52.20
CA ASP MA 213 29.49 -12.19 -51.23
C ASP MA 213 28.28 -12.64 -50.42
N VAL MA 214 28.04 -11.97 -49.30
CA VAL MA 214 26.80 -12.16 -48.57
C VAL MA 214 26.02 -10.84 -48.67
N GLU MA 215 24.75 -10.92 -49.05
CA GLU MA 215 23.87 -9.76 -48.98
C GLU MA 215 22.97 -9.89 -47.76
N VAL MA 216 23.17 -8.98 -46.81
CA VAL MA 216 22.34 -8.90 -45.63
C VAL MA 216 21.26 -7.86 -45.90
N SER MA 217 20.00 -8.28 -45.89
CA SER MA 217 18.88 -7.36 -46.06
C SER MA 217 18.31 -6.92 -44.71
N LEU MA 218 18.47 -5.64 -44.42
CA LEU MA 218 18.00 -5.09 -43.17
C LEU MA 218 16.65 -4.40 -43.40
N ASN MA 219 15.58 -5.02 -42.90
CA ASN MA 219 14.26 -4.42 -42.97
C ASN MA 219 13.94 -3.67 -41.67
N PHE MA 220 13.89 -2.35 -41.76
CA PHE MA 220 13.70 -1.51 -40.58
C PHE MA 220 12.75 -0.35 -40.87
N ARG MA 221 12.26 0.28 -39.81
CA ARG MA 221 11.37 1.44 -39.95
C ARG MA 221 11.48 2.40 -38.77
N LYS MA 222 10.91 3.60 -38.94
CA LYS MA 222 10.94 4.62 -37.90
C LYS MA 222 9.89 4.38 -36.81
N LYS MA 223 10.23 4.79 -35.58
CA LYS MA 223 9.36 4.60 -34.43
C LYS MA 223 8.25 5.65 -34.38
N GLY MA 224 7.04 5.24 -34.00
CA GLY MA 224 5.97 6.18 -33.75
C GLY MA 224 6.03 6.70 -32.33
N LEU NA 20 56.68 -24.47 -54.93
CA LEU NA 20 56.28 -23.19 -54.37
C LEU NA 20 54.82 -23.20 -53.97
N ASP NA 21 54.53 -22.83 -52.73
CA ASP NA 21 53.17 -22.53 -52.33
C ASP NA 21 53.01 -21.03 -52.03
N ARG NA 22 51.80 -20.61 -51.67
CA ARG NA 22 51.55 -19.20 -51.36
C ARG NA 22 52.53 -18.65 -50.32
N ALA NA 23 52.68 -19.37 -49.22
CA ALA NA 23 53.59 -18.98 -48.14
C ALA NA 23 54.99 -18.63 -48.66
N ASP NA 24 55.53 -19.48 -49.53
CA ASP NA 24 56.87 -19.24 -50.08
C ASP NA 24 56.90 -18.00 -50.98
N ILE NA 25 55.91 -17.89 -51.86
CA ILE NA 25 55.82 -16.79 -52.81
C ILE NA 25 55.74 -15.46 -52.06
N LEU NA 26 54.88 -15.41 -51.06
CA LEU NA 26 54.69 -14.19 -50.30
C LEU NA 26 55.95 -13.88 -49.51
N TYR NA 27 56.60 -14.93 -49.01
CA TYR NA 27 57.85 -14.74 -48.28
C TYR NA 27 58.91 -14.13 -49.19
N ASN NA 28 59.05 -14.68 -50.40
CA ASN NA 28 60.02 -14.12 -51.34
C ASN NA 28 59.71 -12.66 -51.69
N ILE NA 29 58.45 -12.35 -51.93
CA ILE NA 29 58.04 -11.01 -52.26
C ILE NA 29 58.31 -10.02 -51.15
N ARG NA 30 58.04 -10.40 -49.91
CA ARG NA 30 58.35 -9.55 -48.77
C ARG NA 30 59.83 -9.30 -48.56
N GLN NA 31 60.59 -10.35 -48.66
CA GLN NA 31 62.01 -10.27 -48.56
C GLN NA 31 62.71 -9.49 -49.69
N THR NA 32 62.26 -9.63 -50.92
CA THR NA 32 63.03 -9.16 -52.07
C THR NA 32 62.42 -8.02 -52.88
N SER NA 33 61.11 -7.80 -52.76
CA SER NA 33 60.54 -6.68 -53.49
C SER NA 33 61.08 -5.38 -52.90
N ARG NA 34 61.24 -4.38 -53.76
CA ARG NA 34 61.80 -3.11 -53.34
C ARG NA 34 60.76 -2.02 -53.59
N PRO NA 35 59.89 -1.76 -52.58
CA PRO NA 35 58.72 -0.88 -52.72
C PRO NA 35 59.13 0.53 -53.10
N ASP NA 36 60.35 0.89 -52.74
CA ASP NA 36 60.93 2.20 -53.08
C ASP NA 36 61.46 2.27 -54.52
N VAL NA 37 61.51 1.14 -55.20
CA VAL NA 37 62.20 1.06 -56.49
C VAL NA 37 61.25 0.81 -57.65
N ILE NA 38 61.13 1.80 -58.53
CA ILE NA 38 60.30 1.67 -59.71
C ILE NA 38 60.84 0.56 -60.62
N PRO NA 39 59.98 -0.41 -60.96
CA PRO NA 39 60.38 -1.59 -61.74
C PRO NA 39 60.54 -1.26 -63.20
N THR NA 40 61.33 -0.23 -63.50
CA THR NA 40 61.62 0.15 -64.87
C THR NA 40 62.47 -0.95 -65.51
N GLN NA 41 62.08 -1.40 -66.70
CA GLN NA 41 62.65 -2.61 -67.30
C GLN NA 41 63.56 -2.36 -68.50
N PRO NA 45 59.86 2.98 -69.85
CA PRO NA 45 58.89 3.34 -68.80
C PRO NA 45 57.99 2.17 -68.37
N VAL NA 46 57.58 2.20 -67.11
CA VAL NA 46 56.57 1.27 -66.64
C VAL NA 46 55.22 1.70 -67.20
N ALA NA 47 54.57 0.78 -67.88
CA ALA NA 47 53.27 1.04 -68.48
C ALA NA 47 52.17 0.84 -67.44
N VAL NA 48 51.52 1.92 -67.02
CA VAL NA 48 50.44 1.86 -66.03
C VAL NA 48 49.06 2.07 -66.64
N SER NA 49 48.20 1.07 -66.49
CA SER NA 49 46.78 1.19 -66.89
C SER NA 49 45.95 1.81 -65.78
N VAL NA 50 45.15 2.81 -66.11
CA VAL NA 50 44.24 3.41 -65.15
C VAL NA 50 42.81 3.37 -65.68
N SER NA 51 41.90 2.86 -64.87
CA SER NA 51 40.52 2.72 -65.27
C SER NA 51 39.62 2.98 -64.08
N LEU NA 52 38.86 4.08 -64.13
CA LEU NA 52 37.94 4.41 -63.05
C LEU NA 52 36.61 3.71 -63.27
N LYS NA 53 36.17 2.94 -62.28
CA LYS NA 53 34.84 2.33 -62.29
C LYS NA 53 33.98 3.06 -61.27
N PHE NA 54 33.10 3.93 -61.77
CA PHE NA 54 32.30 4.76 -60.88
C PHE NA 54 31.26 3.95 -60.13
N ILE NA 55 31.20 4.16 -58.81
CA ILE NA 55 30.31 3.41 -57.94
C ILE NA 55 29.17 4.32 -57.48
N ASN NA 56 29.51 5.55 -57.14
CA ASN NA 56 28.54 6.50 -56.62
C ASN NA 56 28.95 7.97 -56.77
N ILE NA 57 27.93 8.82 -56.89
CA ILE NA 57 28.12 10.26 -56.84
C ILE NA 57 27.30 10.74 -55.67
N LEU NA 58 27.92 11.44 -54.74
CA LEU NA 58 27.28 11.65 -53.44
C LEU NA 58 26.81 13.08 -53.13
N GLU NA 59 27.64 14.09 -53.41
CA GLU NA 59 27.33 15.43 -52.96
C GLU NA 59 27.75 16.50 -53.97
N VAL NA 60 26.93 16.68 -55.00
CA VAL NA 60 27.17 17.68 -56.00
C VAL NA 60 26.85 19.09 -55.48
N ASN NA 61 27.67 20.08 -55.86
CA ASN NA 61 27.43 21.48 -55.51
C ASN NA 61 27.74 22.34 -56.74
N GLU NA 62 26.67 22.79 -57.40
CA GLU NA 62 26.79 23.49 -58.66
C GLU NA 62 27.33 24.89 -58.47
N ILE NA 63 27.11 25.45 -57.28
CA ILE NA 63 27.68 26.75 -56.93
C ILE NA 63 29.20 26.70 -56.81
N THR NA 64 29.69 25.83 -55.92
CA THR NA 64 31.12 25.73 -55.62
C THR NA 64 31.90 24.93 -56.65
N ASN NA 65 31.19 24.22 -57.53
CA ASN NA 65 31.84 23.35 -58.51
C ASN NA 65 32.68 22.21 -57.89
N GLU NA 66 32.06 21.50 -56.96
CA GLU NA 66 32.72 20.41 -56.26
C GLU NA 66 31.80 19.19 -56.26
N VAL NA 67 32.39 18.03 -56.47
CA VAL NA 67 31.65 16.77 -56.42
C VAL NA 67 32.32 15.76 -55.50
N ASP NA 68 31.51 14.88 -54.92
CA ASP NA 68 31.97 13.83 -54.04
C ASP NA 68 31.69 12.52 -54.77
N VAL NA 69 32.75 11.79 -55.12
CA VAL NA 69 32.63 10.59 -55.92
C VAL NA 69 33.21 9.37 -55.22
N VAL NA 70 32.55 8.23 -55.42
CA VAL NA 70 33.09 6.94 -55.03
C VAL NA 70 33.37 6.13 -56.29
N PHE NA 71 34.62 5.65 -56.42
CA PHE NA 71 35.05 4.94 -57.61
C PHE NA 71 36.18 3.93 -57.33
N TRP NA 72 36.21 2.86 -58.13
CA TRP NA 72 37.28 1.89 -58.07
C TRP NA 72 38.37 2.43 -58.96
N GLN NA 73 39.57 2.59 -58.40
CA GLN NA 73 40.71 3.05 -59.17
C GLN NA 73 41.54 1.84 -59.61
N GLN NA 74 41.08 1.17 -60.65
CA GLN NA 74 41.75 -0.03 -61.11
C GLN NA 74 43.07 0.35 -61.76
N THR NA 75 44.16 -0.07 -61.13
CA THR NA 75 45.50 0.28 -61.58
C THR NA 75 46.24 -0.99 -61.93
N THR NA 76 46.84 -1.03 -63.11
CA THR NA 76 47.54 -2.24 -63.56
C THR NA 76 48.90 -1.94 -64.16
N TRP NA 77 49.91 -2.69 -63.71
CA TRP NA 77 51.26 -2.52 -64.23
C TRP NA 77 52.03 -3.82 -64.13
N SER NA 78 53.30 -3.77 -64.53
CA SER NA 78 54.11 -4.96 -64.59
C SER NA 78 55.39 -4.78 -63.78
N ASP NA 79 55.71 -5.78 -62.96
CA ASP NA 79 56.96 -5.80 -62.21
C ASP NA 79 57.56 -7.21 -62.29
N ARG NA 80 58.53 -7.40 -63.19
CA ARG NA 80 59.09 -8.72 -63.48
C ARG NA 80 59.84 -9.30 -62.29
N THR NA 81 60.39 -8.43 -61.45
CA THR NA 81 61.12 -8.87 -60.27
C THR NA 81 60.25 -9.65 -59.28
N LEU NA 82 58.94 -9.69 -59.54
CA LEU NA 82 58.01 -10.40 -58.68
C LEU NA 82 57.59 -11.73 -59.31
N ALA NA 83 57.99 -11.94 -60.55
CA ALA NA 83 57.56 -13.12 -61.29
C ALA NA 83 58.08 -14.41 -60.66
N TRP NA 84 57.36 -15.50 -60.87
CA TRP NA 84 57.79 -16.81 -60.40
C TRP NA 84 57.36 -17.94 -61.35
N ASN NA 85 58.02 -19.09 -61.23
CA ASN NA 85 57.70 -20.27 -62.00
C ASN NA 85 56.40 -20.92 -61.48
N SER NA 86 55.31 -20.75 -62.24
CA SER NA 86 53.98 -21.19 -61.77
C SER NA 86 53.61 -22.60 -62.18
N SER NA 87 54.61 -23.42 -62.50
CA SER NA 87 54.39 -24.79 -62.96
C SER NA 87 53.52 -25.60 -61.99
N HIS NA 88 53.94 -25.67 -60.74
CA HIS NA 88 53.17 -26.36 -59.71
C HIS NA 88 52.87 -25.41 -58.57
N SER NA 89 52.51 -24.18 -58.92
CA SER NA 89 52.36 -23.10 -57.97
C SER NA 89 51.07 -22.36 -58.29
N PRO NA 90 50.60 -21.53 -57.35
CA PRO NA 90 49.47 -20.62 -57.64
C PRO NA 90 49.81 -19.64 -58.76
N ASP NA 91 48.80 -19.18 -59.49
CA ASP NA 91 49.03 -18.24 -60.59
C ASP NA 91 49.00 -16.80 -60.09
N GLN NA 92 48.49 -16.64 -58.88
CA GLN NA 92 48.17 -15.33 -58.36
C GLN NA 92 48.20 -15.34 -56.83
N VAL NA 93 48.70 -14.26 -56.24
CA VAL NA 93 48.57 -14.04 -54.81
C VAL NA 93 48.05 -12.62 -54.48
N SER NA 94 47.58 -12.45 -53.25
CA SER NA 94 47.22 -11.13 -52.76
C SER NA 94 48.30 -10.62 -51.83
N VAL NA 95 48.79 -9.42 -52.10
CA VAL NA 95 49.93 -8.89 -51.37
C VAL NA 95 49.58 -7.50 -50.86
N PRO NA 96 49.93 -7.23 -49.61
CA PRO NA 96 49.83 -5.88 -49.06
C PRO NA 96 50.62 -4.88 -49.91
N ILE NA 97 50.02 -3.76 -50.29
CA ILE NA 97 50.72 -2.81 -51.16
C ILE NA 97 51.96 -2.23 -50.48
N SER NA 98 51.99 -2.28 -49.15
CA SER NA 98 53.17 -1.82 -48.44
C SER NA 98 54.42 -2.70 -48.73
N SER NA 99 54.17 -3.87 -49.31
CA SER NA 99 55.23 -4.78 -49.70
C SER NA 99 55.53 -4.72 -51.19
N LEU NA 100 54.92 -3.78 -51.89
CA LEU NA 100 55.13 -3.68 -53.33
C LEU NA 100 55.44 -2.27 -53.72
N TRP NA 101 56.12 -2.10 -54.86
CA TRP NA 101 56.17 -0.77 -55.44
C TRP NA 101 54.82 -0.47 -56.06
N VAL NA 102 54.38 0.75 -55.88
CA VAL NA 102 53.09 1.18 -56.39
C VAL NA 102 53.30 2.52 -57.11
N PRO NA 103 52.65 2.68 -58.27
CA PRO NA 103 52.75 3.97 -58.97
C PRO NA 103 52.20 5.12 -58.11
N ASP NA 104 52.91 6.25 -58.09
CA ASP NA 104 52.50 7.42 -57.31
C ASP NA 104 51.40 8.27 -57.99
N LEU NA 105 50.30 7.63 -58.36
CA LEU NA 105 49.23 8.33 -59.03
C LEU NA 105 48.57 9.36 -58.10
N ALA NA 106 48.16 10.50 -58.66
CA ALA NA 106 47.39 11.51 -57.92
C ALA NA 106 46.33 12.16 -58.81
N ALA NA 107 45.21 12.52 -58.22
CA ALA NA 107 44.20 13.27 -58.95
C ALA NA 107 44.52 14.75 -58.78
N TYR NA 108 44.86 15.40 -59.89
CA TYR NA 108 45.31 16.80 -59.88
C TYR NA 108 44.25 17.77 -59.38
N ASN NA 109 42.99 17.44 -59.63
CA ASN NA 109 41.92 18.33 -59.22
C ASN NA 109 41.15 17.79 -58.01
N ALA NA 110 41.79 16.89 -57.27
CA ALA NA 110 41.19 16.41 -56.03
C ALA NA 110 41.40 17.50 -55.00
N ILE NA 111 40.44 17.67 -54.08
CA ILE NA 111 40.53 18.71 -53.07
C ILE NA 111 40.39 18.12 -51.67
N SER NA 112 40.30 16.79 -51.62
CA SER NA 112 40.43 16.05 -50.37
C SER NA 112 41.41 14.94 -50.62
N LYS NA 113 42.09 14.47 -49.59
CA LYS NA 113 42.97 13.31 -49.80
C LYS NA 113 42.07 12.11 -50.07
N PRO NA 114 42.60 11.10 -50.81
CA PRO NA 114 41.76 9.94 -51.13
C PRO NA 114 41.45 9.09 -49.89
N GLU NA 115 40.17 8.82 -49.66
CA GLU NA 115 39.72 7.92 -48.61
C GLU NA 115 39.64 6.51 -49.19
N VAL NA 116 40.58 5.64 -48.82
CA VAL NA 116 40.58 4.26 -49.29
C VAL NA 116 39.63 3.43 -48.44
N LEU NA 117 38.58 2.90 -49.08
CA LEU NA 117 37.50 2.25 -48.36
C LEU NA 117 37.75 0.75 -48.21
N THR NA 118 38.63 0.22 -49.03
CA THR NA 118 38.81 -1.21 -49.09
C THR NA 118 40.18 -1.65 -48.56
N PRO NA 119 40.32 -2.97 -48.25
CA PRO NA 119 41.61 -3.55 -47.81
C PRO NA 119 42.71 -3.27 -48.82
N GLN NA 120 43.87 -2.78 -48.37
CA GLN NA 120 44.91 -2.35 -49.31
C GLN NA 120 45.80 -3.52 -49.78
N LEU NA 121 45.18 -4.37 -50.60
CA LEU NA 121 45.85 -5.54 -51.15
C LEU NA 121 45.89 -5.47 -52.67
N ALA NA 122 46.96 -5.99 -53.25
CA ALA NA 122 47.06 -6.05 -54.71
C ALA NA 122 47.15 -7.50 -55.18
N HIS NA 123 46.84 -7.70 -56.45
CA HIS NA 123 47.01 -8.99 -57.10
C HIS NA 123 48.39 -9.00 -57.72
N VAL NA 124 49.15 -10.06 -57.44
CA VAL NA 124 50.38 -10.28 -58.22
C VAL NA 124 50.23 -11.61 -58.94
N VAL NA 125 50.36 -11.56 -60.25
CA VAL NA 125 50.24 -12.75 -61.09
C VAL NA 125 51.66 -13.29 -61.34
N SER NA 126 51.78 -14.59 -61.59
CA SER NA 126 53.10 -15.23 -61.69
C SER NA 126 54.01 -14.60 -62.75
N ASP NA 127 53.42 -13.99 -63.76
CA ASP NA 127 54.20 -13.34 -64.81
C ASP NA 127 54.72 -11.97 -64.38
N GLY NA 128 54.30 -11.50 -63.21
CA GLY NA 128 54.74 -10.22 -62.70
C GLY NA 128 53.78 -9.08 -62.97
N GLU NA 129 52.59 -9.42 -63.48
CA GLU NA 129 51.53 -8.42 -63.65
C GLU NA 129 50.89 -8.09 -62.30
N VAL NA 130 50.86 -6.80 -61.97
CA VAL NA 130 50.29 -6.33 -60.71
C VAL NA 130 49.02 -5.53 -60.98
N GLN NA 131 47.98 -5.84 -60.21
CA GLN NA 131 46.76 -5.06 -60.27
C GLN NA 131 46.39 -4.60 -58.87
N TYR NA 132 46.04 -3.34 -58.73
CA TYR NA 132 45.55 -2.80 -57.46
C TYR NA 132 44.29 -1.97 -57.74
N THR NA 133 43.18 -2.31 -57.08
CA THR NA 133 41.89 -1.68 -57.36
C THR NA 133 41.20 -1.26 -56.07
N PRO NA 134 41.70 -0.20 -55.44
CA PRO NA 134 41.02 0.29 -54.24
C PRO NA 134 39.71 0.99 -54.59
N SER NA 135 38.74 0.89 -53.69
CA SER NA 135 37.58 1.74 -53.80
C SER NA 135 37.90 3.06 -53.07
N ILE NA 136 37.76 4.18 -53.78
CA ILE NA 136 38.10 5.46 -53.20
C ILE NA 136 36.92 6.43 -53.15
N ARG NA 137 36.77 7.10 -52.01
CA ARG NA 137 35.87 8.23 -51.95
C ARG NA 137 36.70 9.51 -51.94
N GLN NA 138 36.37 10.44 -52.85
CA GLN NA 138 37.19 11.65 -52.97
C GLN NA 138 36.40 12.85 -53.49
N ARG NA 139 36.79 14.04 -53.06
CA ARG NA 139 36.17 15.29 -53.50
C ARG NA 139 36.98 15.96 -54.62
N PHE NA 140 36.30 16.30 -55.70
CA PHE NA 140 36.95 16.93 -56.84
C PHE NA 140 36.43 18.33 -57.14
N SER NA 141 37.32 19.16 -57.66
CA SER NA 141 36.97 20.44 -58.20
C SER NA 141 36.84 20.29 -59.70
N CYS NA 142 35.63 20.42 -60.21
CA CYS NA 142 35.37 20.25 -61.64
C CYS NA 142 34.09 20.98 -62.10
N ASP NA 143 33.82 20.93 -63.40
CA ASP NA 143 32.66 21.62 -63.96
C ASP NA 143 31.36 20.86 -63.71
N VAL NA 144 30.53 21.41 -62.82
CA VAL NA 144 29.30 20.76 -62.40
C VAL NA 144 28.09 21.43 -63.08
N SER NA 145 28.37 22.46 -63.89
CA SER NA 145 27.34 23.21 -64.60
C SER NA 145 26.54 22.31 -65.57
N GLY NA 146 25.21 22.35 -65.41
CA GLY NA 146 24.31 21.58 -66.25
C GLY NA 146 23.92 20.23 -65.68
N VAL NA 147 24.30 19.99 -64.42
CA VAL NA 147 24.05 18.71 -63.76
C VAL NA 147 22.56 18.43 -63.70
N ASP NA 148 21.76 19.50 -63.67
CA ASP NA 148 20.33 19.36 -63.51
C ASP NA 148 19.58 19.44 -64.85
N THR NA 149 20.33 19.47 -65.94
CA THR NA 149 19.74 19.45 -67.28
C THR NA 149 19.76 18.03 -67.83
N GLU NA 150 19.29 17.83 -69.05
CA GLU NA 150 19.23 16.48 -69.61
C GLU NA 150 20.54 16.07 -70.28
N SER NA 151 21.31 17.07 -70.73
CA SER NA 151 22.61 16.78 -71.32
C SER NA 151 23.64 16.52 -70.20
N GLY NA 152 23.31 16.99 -69.01
CA GLY NA 152 24.10 16.72 -67.81
C GLY NA 152 25.34 17.57 -67.65
N ALA NA 153 26.05 17.37 -66.54
CA ALA NA 153 27.34 18.00 -66.35
C ALA NA 153 28.46 17.06 -66.84
N THR NA 154 29.61 17.63 -67.19
CA THR NA 154 30.78 16.82 -67.53
C THR NA 154 31.97 17.15 -66.62
N CYS NA 155 32.19 16.28 -65.64
CA CYS NA 155 33.28 16.45 -64.70
C CYS NA 155 34.54 15.74 -65.19
N ARG NA 156 35.61 16.51 -65.35
CA ARG NA 156 36.85 15.99 -65.89
C ARG NA 156 37.86 15.72 -64.74
N ILE NA 157 38.23 14.44 -64.57
CA ILE NA 157 39.20 14.04 -63.53
C ILE NA 157 40.58 13.69 -64.10
N LYS NA 158 41.60 14.40 -63.62
CA LYS NA 158 42.96 14.27 -64.15
C LYS NA 158 43.86 13.45 -63.21
N ILE NA 159 44.25 12.26 -63.68
CA ILE NA 159 45.08 11.37 -62.90
C ILE NA 159 46.41 11.06 -63.58
N GLY NA 160 47.50 11.26 -62.86
CA GLY NA 160 48.82 10.92 -63.39
C GLY NA 160 49.85 10.70 -62.30
N SER NA 161 51.04 10.26 -62.70
CA SER NA 161 52.13 10.14 -61.74
C SER NA 161 52.49 11.52 -61.22
N TRP NA 162 52.69 11.62 -59.90
CA TRP NA 162 53.07 12.89 -59.30
C TRP NA 162 54.53 13.22 -59.55
N THR NA 163 55.41 12.22 -59.48
CA THR NA 163 56.85 12.51 -59.54
C THR NA 163 57.60 11.79 -60.64
N HIS NA 164 56.94 10.89 -61.36
CA HIS NA 164 57.63 10.19 -62.43
C HIS NA 164 57.20 10.72 -63.80
N HIS NA 165 58.18 11.09 -64.63
CA HIS NA 165 57.91 11.62 -65.97
C HIS NA 165 57.71 10.50 -67.00
N SER NA 166 57.46 10.91 -68.25
CA SER NA 166 57.00 9.99 -69.31
C SER NA 166 57.96 8.85 -69.64
N ARG NA 167 59.26 9.05 -69.43
CA ARG NA 167 60.26 8.01 -69.65
C ARG NA 167 60.29 6.98 -68.49
N GLU NA 168 59.75 7.34 -67.32
CA GLU NA 168 59.69 6.42 -66.16
C GLU NA 168 58.30 5.80 -65.98
N ILE NA 169 57.26 6.62 -66.06
CA ILE NA 169 55.88 6.12 -66.00
C ILE NA 169 55.01 6.65 -67.13
N SER NA 170 54.39 5.73 -67.87
CA SER NA 170 53.39 6.12 -68.86
C SER NA 170 52.01 5.60 -68.44
N VAL NA 171 51.01 6.48 -68.49
CA VAL NA 171 49.64 6.10 -68.15
C VAL NA 171 48.79 5.94 -69.39
N ASP NA 172 47.95 4.91 -69.38
CA ASP NA 172 47.07 4.62 -70.50
C ASP NA 172 45.70 4.17 -70.02
N PRO NA 173 44.64 4.59 -70.73
CA PRO NA 173 43.28 4.10 -70.45
C PRO NA 173 43.17 2.60 -70.77
N THR NA 174 42.07 1.99 -70.35
CA THR NA 174 41.85 0.56 -70.58
C THR NA 174 40.89 0.31 -71.73
N SER NA 181 28.18 2.63 -66.36
CA SER NA 181 27.28 2.47 -65.21
C SER NA 181 27.29 1.03 -64.70
N GLU NA 182 28.36 0.29 -65.01
CA GLU NA 182 28.34 -1.14 -64.77
C GLU NA 182 28.18 -1.47 -63.29
N TYR NA 183 28.94 -0.78 -62.44
CA TYR NA 183 28.84 -0.97 -60.99
C TYR NA 183 28.25 0.26 -60.30
N PHE NA 184 27.71 1.18 -61.07
CA PHE NA 184 27.19 2.40 -60.49
C PHE NA 184 25.93 2.10 -59.70
N SER NA 185 25.83 2.70 -58.51
CA SER NA 185 24.69 2.48 -57.62
C SER NA 185 23.36 2.99 -58.20
N GLN NA 186 22.36 2.12 -58.22
CA GLN NA 186 21.04 2.51 -58.68
C GLN NA 186 20.37 3.43 -57.66
N TYR NA 187 20.95 3.54 -56.47
CA TYR NA 187 20.36 4.34 -55.41
C TYR NA 187 20.96 5.75 -55.30
N SER NA 188 21.87 6.07 -56.21
CA SER NA 188 22.40 7.43 -56.29
C SER NA 188 21.29 8.36 -56.78
N ARG NA 189 21.36 9.62 -56.37
CA ARG NA 189 20.48 10.64 -56.93
C ARG NA 189 20.97 11.05 -58.31
N PHE NA 190 22.06 10.42 -58.77
CA PHE NA 190 22.58 10.74 -60.08
C PHE NA 190 22.66 9.48 -60.92
N GLU NA 191 22.80 9.70 -62.22
CA GLU NA 191 22.97 8.61 -63.16
C GLU NA 191 24.10 9.02 -64.09
N ILE NA 192 24.70 8.04 -64.75
CA ILE NA 192 25.83 8.34 -65.64
C ILE NA 192 25.42 8.18 -67.09
N LEU NA 193 25.68 9.23 -67.88
CA LEU NA 193 25.31 9.23 -69.29
C LEU NA 193 26.43 8.65 -70.12
N ASP NA 194 27.66 9.08 -69.84
CA ASP NA 194 28.82 8.62 -70.59
C ASP NA 194 30.12 8.83 -69.82
N VAL NA 195 31.07 7.93 -70.05
CA VAL NA 195 32.42 8.09 -69.52
C VAL NA 195 33.42 7.97 -70.66
N THR NA 196 34.20 9.03 -70.88
CA THR NA 196 35.24 9.00 -71.91
C THR NA 196 36.61 9.23 -71.24
N GLN NA 197 37.65 8.61 -71.79
CA GLN NA 197 38.99 8.75 -71.25
C GLN NA 197 39.94 9.30 -72.31
N LYS NA 198 40.93 10.05 -71.87
CA LYS NA 198 41.80 10.77 -72.77
C LYS NA 198 43.19 10.84 -72.14
N LYS NA 199 44.22 10.54 -72.93
CA LYS NA 199 45.57 10.59 -72.43
C LYS NA 199 46.26 11.90 -72.82
N ASN NA 200 46.99 12.48 -71.88
CA ASN NA 200 47.73 13.70 -72.15
C ASN NA 200 49.18 13.59 -71.72
N SER NA 201 50.00 14.52 -72.20
CA SER NA 201 51.39 14.63 -71.83
C SER NA 201 51.71 16.10 -71.63
N VAL NA 202 51.99 16.47 -70.40
CA VAL NA 202 52.12 17.88 -70.04
C VAL NA 202 53.52 18.19 -69.50
N THR NA 203 54.03 19.36 -69.86
CA THR NA 203 55.26 19.86 -69.27
C THR NA 203 54.93 20.92 -68.23
N TYR NA 204 55.57 20.81 -67.08
CA TYR NA 204 55.35 21.73 -65.96
C TYR NA 204 56.55 22.64 -65.79
N SER NA 205 56.33 23.79 -65.13
CA SER NA 205 57.37 24.80 -64.96
C SER NA 205 58.60 24.29 -64.23
N CYS NA 206 58.38 23.45 -63.23
CA CYS NA 206 59.42 22.97 -62.35
C CYS NA 206 60.46 22.15 -63.08
N CYS NA 207 60.01 21.36 -64.06
CA CYS NA 207 60.82 20.27 -64.61
C CYS NA 207 60.83 20.27 -66.12
N PRO NA 208 61.95 19.86 -66.70
CA PRO NA 208 62.12 19.84 -68.16
C PRO NA 208 61.38 18.69 -68.87
N GLU NA 209 61.10 17.60 -68.15
CA GLU NA 209 60.48 16.44 -68.79
C GLU NA 209 58.97 16.55 -68.80
N ALA NA 210 58.34 15.66 -69.57
CA ALA NA 210 56.89 15.65 -69.70
C ALA NA 210 56.28 14.56 -68.81
N TYR NA 211 55.17 14.91 -68.15
CA TYR NA 211 54.47 13.98 -67.29
C TYR NA 211 53.15 13.59 -67.94
N GLU NA 212 52.88 12.30 -67.99
CA GLU NA 212 51.64 11.83 -68.57
C GLU NA 212 50.51 11.82 -67.54
N ASP NA 213 49.28 12.00 -68.05
CA ASP NA 213 48.09 11.85 -67.22
C ASP NA 213 46.96 11.25 -68.04
N VAL NA 214 45.94 10.77 -67.35
CA VAL NA 214 44.69 10.38 -68.01
C VAL NA 214 43.62 11.32 -67.51
N GLU NA 215 42.87 11.89 -68.45
CA GLU NA 215 41.68 12.66 -68.10
C GLU NA 215 40.44 11.81 -68.33
N VAL NA 216 39.78 11.46 -67.23
CA VAL NA 216 38.50 10.77 -67.28
C VAL NA 216 37.35 11.79 -67.24
N SER NA 217 36.54 11.82 -68.29
CA SER NA 217 35.41 12.74 -68.37
C SER NA 217 34.12 12.03 -67.97
N LEU NA 218 33.58 12.42 -66.84
CA LEU NA 218 32.37 11.81 -66.31
C LEU NA 218 31.20 12.69 -66.68
N ASN NA 219 30.37 12.21 -67.61
CA ASN NA 219 29.14 12.91 -67.99
C ASN NA 219 27.93 12.35 -67.23
N PHE NA 220 27.40 13.14 -66.30
CA PHE NA 220 26.36 12.66 -65.42
C PHE NA 220 25.30 13.74 -65.20
N ARG NA 221 24.13 13.33 -64.70
CA ARG NA 221 23.05 14.26 -64.42
C ARG NA 221 22.17 13.77 -63.28
N LYS NA 222 21.40 14.68 -62.68
CA LYS NA 222 20.46 14.36 -61.63
C LYS NA 222 19.30 13.56 -62.19
N LYS NA 223 18.89 12.50 -61.49
CA LYS NA 223 17.67 11.77 -61.84
C LYS NA 223 16.46 12.60 -61.44
N GLY NA 224 15.25 12.18 -61.86
CA GLY NA 224 14.00 12.84 -61.46
C GLY NA 224 13.20 12.06 -60.41
#